data_3GLC
#
_entry.id   3GLC
#
_cell.length_a   78.352
_cell.length_b   105.451
_cell.length_c   173.415
_cell.angle_alpha   89.51
_cell.angle_beta   79.79
_cell.angle_gamma   90.34
#
_symmetry.space_group_name_H-M   'P 1'
#
loop_
_entity.id
_entity.type
_entity.pdbx_description
1 polymer 'Aldolase lsrF'
2 non-polymer RIBOSE-5-PHOSPHATE
3 water water
#
_entity_poly.entity_id   1
_entity_poly.type   'polypeptide(L)'
_entity_poly.pdbx_seq_one_letter_code
;GSFTMADLDDIKDGKDFRTDQPQKNIPFTLKGCGALDWGMQSRLSRIFNPKTGKTVMLAFDHGYFQGPTTGLERIDINIA
PLFEHADVLMCTRGILRSVVPPATNRPVVLRASGANSILAELSNEAVALSMDDAVRLNSCAVAAQVYIGSEYEHQSIKNI
IQLVDAGMKVGMPTMAVTGVGKDMVRDQRYFSLATRIAAEMGAQIIKTYYVEKGFERIVAGCPVPIVIAGGKKLPEREAL
EMCWQAIDQGASGVDMGRNIFQSDHPVAMMKAVQAVVHHNETADRAYELYLSEKQ
;
_entity_poly.pdbx_strand_id   A,B,C,D,E,F,G,H,I,J,K,L,M,N,O,P,Q,R,S,T
#
loop_
_chem_comp.id
_chem_comp.type
_chem_comp.name
_chem_comp.formula
R5P saccharide RIBOSE-5-PHOSPHATE 'C5 H11 O8 P'
#
# COMPACT_ATOMS: atom_id res chain seq x y z
N GLY A 14 8.72 -61.05 10.29
CA GLY A 14 7.86 -61.71 11.32
C GLY A 14 7.33 -60.79 12.42
N LYS A 15 6.97 -59.56 12.05
CA LYS A 15 6.39 -58.57 12.99
C LYS A 15 4.94 -58.28 12.63
N ASP A 16 4.10 -58.08 13.65
CA ASP A 16 2.66 -57.78 13.43
C ASP A 16 2.16 -56.46 14.03
N PHE A 17 2.00 -55.46 13.17
CA PHE A 17 1.61 -54.13 13.57
C PHE A 17 0.09 -53.93 13.63
N ARG A 18 -0.64 -54.90 13.09
CA ARG A 18 -2.10 -54.90 13.17
C ARG A 18 -2.68 -53.61 12.60
N THR A 19 -2.26 -53.30 11.38
CA THR A 19 -2.57 -52.02 10.76
C THR A 19 -4.02 -51.90 10.41
N ASP A 20 -4.75 -53.00 10.55
CA ASP A 20 -6.18 -53.04 10.25
C ASP A 20 -7.02 -52.63 11.46
N GLN A 21 -6.37 -52.44 12.60
CA GLN A 21 -7.05 -52.05 13.84
C GLN A 21 -6.40 -50.81 14.47
N PRO A 22 -7.02 -49.64 14.29
CA PRO A 22 -6.39 -48.38 14.69
C PRO A 22 -6.39 -48.23 16.21
N GLN A 23 -5.34 -47.61 16.76
CA GLN A 23 -5.24 -47.33 18.17
C GLN A 23 -6.40 -46.46 18.63
N LYS A 24 -6.88 -46.74 19.84
CA LYS A 24 -7.99 -46.01 20.38
C LYS A 24 -7.79 -45.63 21.88
N ASN A 25 -8.03 -44.37 22.22
CA ASN A 25 -7.82 -43.93 23.63
C ASN A 25 -8.89 -44.51 24.50
N ILE A 26 -8.48 -44.92 25.70
CA ILE A 26 -9.42 -45.44 26.69
C ILE A 26 -9.87 -44.33 27.63
N PRO A 27 -11.17 -43.99 27.63
CA PRO A 27 -11.66 -42.87 28.45
C PRO A 27 -11.50 -43.08 29.95
N PHE A 28 -11.18 -41.99 30.66
CA PHE A 28 -11.11 -41.97 32.13
C PHE A 28 -12.44 -41.39 32.61
N THR A 29 -13.19 -42.16 33.41
CA THR A 29 -14.58 -41.81 33.66
C THR A 29 -14.83 -41.08 34.98
N LEU A 30 -13.91 -41.20 35.93
CA LEU A 30 -14.10 -40.62 37.25
C LEU A 30 -14.59 -39.19 37.14
N LYS A 31 -15.71 -38.88 37.79
CA LYS A 31 -16.43 -37.61 37.59
C LYS A 31 -15.51 -36.36 37.64
N GLY A 32 -15.51 -35.58 36.55
CA GLY A 32 -14.76 -34.33 36.46
C GLY A 32 -13.23 -34.42 36.48
N CYS A 33 -12.69 -35.61 36.28
CA CYS A 33 -11.27 -35.82 36.30
C CYS A 33 -10.77 -36.32 34.96
N GLY A 34 -11.54 -36.02 33.93
CA GLY A 34 -11.19 -36.48 32.61
C GLY A 34 -10.11 -35.70 31.89
N ALA A 35 -9.69 -34.56 32.45
CA ALA A 35 -8.66 -33.75 31.81
C ALA A 35 -7.47 -33.50 32.74
N LEU A 36 -6.99 -34.53 33.41
CA LEU A 36 -5.83 -34.36 34.28
C LEU A 36 -4.67 -35.14 33.74
N ASP A 37 -3.47 -34.73 34.08
CA ASP A 37 -2.31 -35.51 33.65
C ASP A 37 -2.30 -36.97 34.21
N TRP A 38 -1.62 -37.88 33.50
CA TRP A 38 -1.50 -39.27 33.90
C TRP A 38 -1.29 -39.45 35.39
N GLY A 39 -0.24 -38.89 35.94
CA GLY A 39 0.08 -39.12 37.35
C GLY A 39 -1.01 -38.70 38.32
N MET A 40 -1.67 -37.58 38.07
CA MET A 40 -2.79 -37.16 38.91
C MET A 40 -3.98 -38.16 38.80
N GLN A 41 -4.31 -38.55 37.56
CA GLN A 41 -5.29 -39.60 37.34
C GLN A 41 -4.92 -40.91 37.97
N SER A 42 -3.63 -41.24 37.94
CA SER A 42 -3.17 -42.45 38.60
C SER A 42 -3.42 -42.37 40.09
N ARG A 43 -3.07 -41.25 40.70
CA ARG A 43 -3.25 -41.11 42.16
C ARG A 43 -4.73 -41.21 42.49
N LEU A 44 -5.59 -40.59 41.67
CA LEU A 44 -7.02 -40.67 41.90
C LEU A 44 -7.58 -42.11 41.78
N SER A 45 -7.00 -42.89 40.88
CA SER A 45 -7.37 -44.26 40.71
C SER A 45 -6.92 -45.16 41.86
N ARG A 46 -5.98 -44.74 42.68
CA ARG A 46 -5.67 -45.49 43.91
C ARG A 46 -6.75 -45.25 44.97
N ILE A 47 -7.45 -44.13 44.87
CA ILE A 47 -8.45 -43.75 45.86
C ILE A 47 -9.82 -44.29 45.46
N PHE A 48 -10.24 -43.98 44.25
CA PHE A 48 -11.51 -44.42 43.76
C PHE A 48 -11.26 -45.59 42.86
N ASN A 49 -11.70 -46.77 43.29
CA ASN A 49 -11.67 -47.97 42.48
C ASN A 49 -12.24 -47.70 41.10
N PRO A 50 -11.45 -47.98 40.04
CA PRO A 50 -11.84 -47.67 38.65
C PRO A 50 -13.10 -48.40 38.16
N LYS A 51 -13.29 -49.64 38.61
CA LYS A 51 -14.49 -50.42 38.26
C LYS A 51 -15.77 -49.72 38.75
N THR A 52 -15.80 -49.34 40.02
CA THR A 52 -17.02 -48.86 40.66
C THR A 52 -17.10 -47.34 40.69
N GLY A 53 -15.95 -46.68 40.61
CA GLY A 53 -15.84 -45.22 40.75
C GLY A 53 -16.02 -44.72 42.18
N LYS A 54 -15.88 -45.61 43.17
CA LYS A 54 -16.17 -45.25 44.53
C LYS A 54 -15.06 -45.63 45.48
N THR A 55 -15.15 -45.15 46.71
CA THR A 55 -14.13 -45.38 47.72
C THR A 55 -14.68 -45.53 49.14
N VAL A 56 -14.06 -46.43 49.91
CA VAL A 56 -14.23 -46.50 51.36
C VAL A 56 -12.98 -46.01 52.07
N MET A 57 -13.09 -44.91 52.79
CA MET A 57 -11.94 -44.30 53.39
C MET A 57 -12.01 -44.40 54.90
N LEU A 58 -10.92 -44.78 55.53
CA LEU A 58 -10.88 -44.82 56.98
C LEU A 58 -10.14 -43.61 57.56
N ALA A 59 -10.85 -42.68 58.17
CA ALA A 59 -10.27 -41.44 58.65
C ALA A 59 -9.97 -41.52 60.12
N PHE A 60 -8.74 -41.15 60.49
CA PHE A 60 -8.33 -41.08 61.91
C PHE A 60 -7.35 -39.94 62.19
N ASP A 61 -7.60 -38.80 61.57
CA ASP A 61 -6.76 -37.62 61.73
C ASP A 61 -7.27 -36.69 62.82
N HIS A 62 -8.36 -37.09 63.48
CA HIS A 62 -9.08 -36.25 64.44
C HIS A 62 -8.18 -35.64 65.51
N GLY A 63 -7.07 -36.33 65.81
CA GLY A 63 -6.12 -35.86 66.79
C GLY A 63 -5.44 -34.54 66.46
N TYR A 64 -5.51 -34.09 65.21
CA TYR A 64 -4.72 -32.94 64.81
C TYR A 64 -5.06 -31.68 65.60
N PHE A 65 -6.32 -31.56 66.00
CA PHE A 65 -6.75 -30.42 66.80
C PHE A 65 -7.47 -30.84 68.08
N GLN A 66 -7.71 -32.14 68.25
CA GLN A 66 -8.44 -32.63 69.40
C GLN A 66 -7.62 -33.44 70.41
N GLY A 67 -6.38 -33.79 70.09
CA GLY A 67 -5.62 -34.65 70.99
C GLY A 67 -6.22 -36.06 70.96
N PRO A 68 -5.95 -36.86 72.02
CA PRO A 68 -6.39 -38.26 72.03
C PRO A 68 -7.89 -38.34 72.23
N THR A 69 -8.61 -38.55 71.15
CA THR A 69 -10.06 -38.57 71.17
C THR A 69 -10.54 -40.03 71.32
N THR A 70 -11.77 -40.25 71.77
CA THR A 70 -12.26 -41.59 72.09
C THR A 70 -12.19 -42.53 70.90
N GLY A 71 -11.47 -43.64 71.06
CA GLY A 71 -11.29 -44.60 70.00
C GLY A 71 -9.92 -44.48 69.33
N LEU A 72 -9.34 -43.29 69.46
CA LEU A 72 -8.05 -42.99 68.85
C LEU A 72 -6.94 -42.80 69.84
N GLU A 73 -7.16 -43.16 71.11
CA GLU A 73 -6.10 -43.14 72.12
C GLU A 73 -4.88 -43.95 71.70
N ARG A 74 -5.12 -45.11 71.11
CA ARG A 74 -4.03 -46.00 70.68
C ARG A 74 -4.25 -46.47 69.24
N ILE A 75 -3.82 -45.67 68.27
CA ILE A 75 -3.94 -46.03 66.86
C ILE A 75 -3.22 -47.35 66.63
N ASP A 76 -2.07 -47.51 67.25
CA ASP A 76 -1.22 -48.67 67.04
C ASP A 76 -1.83 -50.02 67.38
N ILE A 77 -2.80 -50.02 68.28
CA ILE A 77 -3.42 -51.25 68.76
C ILE A 77 -4.82 -51.38 68.18
N ASN A 78 -5.58 -50.30 68.34
CA ASN A 78 -7.00 -50.27 68.08
C ASN A 78 -7.35 -50.15 66.62
N ILE A 79 -6.62 -49.29 65.90
CA ILE A 79 -6.92 -48.97 64.51
C ILE A 79 -6.08 -49.78 63.54
N ALA A 80 -4.86 -50.13 63.91
CA ALA A 80 -3.97 -50.89 63.03
C ALA A 80 -4.58 -52.18 62.39
N PRO A 81 -5.40 -52.95 63.14
CA PRO A 81 -6.05 -54.12 62.53
C PRO A 81 -7.11 -53.77 61.47
N LEU A 82 -7.52 -52.51 61.42
CA LEU A 82 -8.50 -52.08 60.45
C LEU A 82 -7.94 -51.73 59.08
N PHE A 83 -6.64 -51.42 59.02
CA PHE A 83 -6.07 -50.84 57.80
C PHE A 83 -6.40 -51.67 56.59
N GLU A 84 -6.19 -52.99 56.72
CA GLU A 84 -6.28 -53.90 55.58
C GLU A 84 -7.70 -53.98 55.00
N HIS A 85 -8.69 -53.54 55.77
CA HIS A 85 -10.05 -53.56 55.28
C HIS A 85 -10.50 -52.25 54.62
N ALA A 86 -9.65 -51.22 54.68
CA ALA A 86 -9.97 -49.92 54.06
C ALA A 86 -9.47 -49.80 52.63
N ASP A 87 -10.12 -48.96 51.83
CA ASP A 87 -9.57 -48.66 50.50
C ASP A 87 -8.39 -47.68 50.66
N VAL A 88 -8.61 -46.68 51.50
CA VAL A 88 -7.67 -45.61 51.68
C VAL A 88 -7.63 -45.14 53.14
N LEU A 89 -6.45 -44.79 53.61
CA LEU A 89 -6.30 -44.25 54.95
C LEU A 89 -6.26 -42.73 54.94
N MET A 90 -6.83 -42.09 55.95
CA MET A 90 -6.67 -40.64 56.09
C MET A 90 -6.12 -40.26 57.44
N CYS A 91 -4.96 -39.62 57.47
CA CYS A 91 -4.37 -39.19 58.72
C CYS A 91 -3.31 -38.10 58.57
N THR A 92 -2.69 -37.74 59.69
CA THR A 92 -1.62 -36.76 59.66
C THR A 92 -0.26 -37.45 59.45
N ARG A 93 0.75 -36.66 59.09
CA ARG A 93 2.07 -37.17 58.85
C ARG A 93 2.70 -37.68 60.12
N GLY A 94 2.26 -37.12 61.26
CA GLY A 94 2.84 -37.48 62.54
C GLY A 94 2.46 -38.91 62.92
N ILE A 95 1.18 -39.21 62.80
CA ILE A 95 0.67 -40.56 63.01
C ILE A 95 1.22 -41.50 61.94
N LEU A 96 1.20 -41.06 60.68
CA LEU A 96 1.69 -41.89 59.58
C LEU A 96 3.07 -42.46 59.88
N ARG A 97 4.03 -41.59 60.14
CA ARG A 97 5.41 -41.97 60.28
C ARG A 97 5.63 -42.78 61.54
N SER A 98 4.90 -42.42 62.60
CA SER A 98 5.16 -43.03 63.90
C SER A 98 4.48 -44.40 64.03
N VAL A 99 3.20 -44.55 63.59
CA VAL A 99 2.45 -45.79 63.87
C VAL A 99 1.70 -46.49 62.75
N VAL A 100 1.70 -45.96 61.56
CA VAL A 100 1.13 -46.67 60.42
C VAL A 100 2.26 -47.38 59.70
N PRO A 101 2.35 -48.71 59.86
CA PRO A 101 3.48 -49.42 59.22
C PRO A 101 3.48 -49.19 57.72
N PRO A 102 4.62 -48.82 57.15
CA PRO A 102 4.62 -48.62 55.69
C PRO A 102 4.24 -49.87 54.91
N ALA A 103 4.40 -51.05 55.53
CA ALA A 103 4.11 -52.32 54.89
C ALA A 103 2.63 -52.50 54.67
N THR A 104 1.84 -51.62 55.27
CA THR A 104 0.38 -51.62 55.16
C THR A 104 -0.05 -51.62 53.70
N ASN A 105 0.73 -50.95 52.86
CA ASN A 105 0.48 -50.91 51.42
C ASN A 105 -0.94 -50.48 51.07
N ARG A 106 -1.34 -49.38 51.67
CA ARG A 106 -2.67 -48.84 51.44
C ARG A 106 -2.48 -47.33 51.09
N PRO A 107 -3.23 -46.81 50.10
CA PRO A 107 -3.14 -45.39 49.72
C PRO A 107 -3.40 -44.49 50.91
N VAL A 108 -2.67 -43.39 51.07
CA VAL A 108 -3.00 -42.44 52.16
C VAL A 108 -3.32 -41.03 51.65
N VAL A 109 -4.32 -40.41 52.25
CA VAL A 109 -4.63 -39.01 52.02
C VAL A 109 -4.17 -38.28 53.26
N LEU A 110 -3.24 -37.33 53.11
CA LEU A 110 -2.69 -36.65 54.28
C LEU A 110 -3.47 -35.38 54.70
N ARG A 111 -3.76 -35.30 56.00
CA ARG A 111 -4.29 -34.09 56.57
C ARG A 111 -3.22 -33.02 56.43
N ALA A 112 -3.52 -31.94 55.74
CA ALA A 112 -2.52 -30.93 55.50
C ALA A 112 -2.89 -29.56 56.05
N SER A 113 -3.85 -29.53 56.98
CA SER A 113 -4.11 -28.28 57.68
C SER A 113 -4.04 -28.50 59.18
N GLY A 114 -4.01 -27.41 59.95
CA GLY A 114 -3.89 -27.53 61.40
C GLY A 114 -3.57 -26.19 62.03
N ALA A 115 -2.97 -26.26 63.22
CA ALA A 115 -2.62 -25.10 64.04
C ALA A 115 -3.82 -24.48 64.74
N ASN A 116 -4.94 -25.19 64.72
CA ASN A 116 -6.10 -24.87 65.55
C ASN A 116 -6.17 -25.89 66.69
N SER A 117 -7.05 -25.64 67.64
CA SER A 117 -7.38 -26.67 68.63
C SER A 117 -8.77 -26.41 69.20
N ILE A 118 -9.24 -27.40 69.98
CA ILE A 118 -10.55 -27.32 70.63
C ILE A 118 -10.60 -26.21 71.67
N LEU A 119 -9.44 -25.68 72.08
CA LEU A 119 -9.41 -24.63 73.08
C LEU A 119 -9.44 -23.23 72.50
N ALA A 120 -9.55 -23.12 71.19
CA ALA A 120 -9.60 -21.81 70.56
C ALA A 120 -10.54 -21.80 69.34
N GLU A 121 -10.54 -20.72 68.57
CA GLU A 121 -11.40 -20.65 67.39
C GLU A 121 -11.06 -21.78 66.42
N LEU A 122 -12.09 -22.51 66.03
CA LEU A 122 -11.94 -23.74 65.26
C LEU A 122 -11.43 -23.51 63.84
N SER A 123 -11.89 -22.43 63.21
CA SER A 123 -11.55 -22.14 61.83
C SER A 123 -10.15 -21.55 61.62
N ASN A 124 -9.43 -21.30 62.70
CA ASN A 124 -8.08 -20.72 62.61
C ASN A 124 -7.01 -21.74 62.20
N GLU A 125 -7.09 -22.19 60.96
CA GLU A 125 -6.18 -23.21 60.44
C GLU A 125 -5.16 -22.64 59.45
N ALA A 126 -3.98 -23.23 59.45
CA ALA A 126 -2.96 -22.91 58.46
C ALA A 126 -2.56 -24.21 57.76
N VAL A 127 -1.83 -24.12 56.66
CA VAL A 127 -1.34 -25.31 55.99
C VAL A 127 -0.32 -25.98 56.89
N ALA A 128 -0.46 -27.28 57.09
CA ALA A 128 0.32 -27.95 58.10
C ALA A 128 1.35 -28.91 57.53
N LEU A 129 1.46 -29.02 56.21
CA LEU A 129 2.60 -29.71 55.64
C LEU A 129 2.93 -29.19 54.27
N SER A 130 4.23 -29.15 53.95
CA SER A 130 4.67 -28.69 52.62
C SER A 130 4.42 -29.77 51.57
N MET A 131 4.11 -29.38 50.35
CA MET A 131 3.92 -30.33 49.25
C MET A 131 5.13 -31.24 49.10
N ASP A 132 6.29 -30.65 49.29
CA ASP A 132 7.56 -31.33 49.44
C ASP A 132 7.45 -32.64 50.24
N ASP A 133 6.88 -32.54 51.44
CA ASP A 133 6.85 -33.66 52.32
C ASP A 133 5.71 -34.61 51.97
N ALA A 134 4.63 -34.08 51.43
CA ALA A 134 3.57 -34.94 51.00
C ALA A 134 4.16 -35.92 49.98
N VAL A 135 4.93 -35.38 49.04
CA VAL A 135 5.52 -36.16 47.96
C VAL A 135 6.48 -37.19 48.57
N ARG A 136 7.33 -36.72 49.49
CA ARG A 136 8.28 -37.55 50.22
C ARG A 136 7.59 -38.73 50.88
N LEU A 137 6.35 -38.52 51.34
CA LEU A 137 5.54 -39.58 51.97
C LEU A 137 4.71 -40.37 50.98
N ASN A 138 4.85 -40.09 49.70
CA ASN A 138 4.09 -40.85 48.68
C ASN A 138 2.57 -40.76 48.82
N SER A 139 2.03 -39.60 49.18
CA SER A 139 0.56 -39.43 49.32
C SER A 139 -0.14 -39.56 48.00
N CYS A 140 -1.42 -39.87 48.08
CA CYS A 140 -2.30 -39.86 46.95
C CYS A 140 -3.06 -38.54 46.88
N ALA A 141 -3.16 -37.85 48.01
CA ALA A 141 -3.86 -36.58 48.01
C ALA A 141 -3.54 -35.90 49.33
N VAL A 142 -3.85 -34.62 49.38
CA VAL A 142 -3.67 -33.82 50.58
C VAL A 142 -4.99 -33.15 50.89
N ALA A 143 -5.28 -32.97 52.17
CA ALA A 143 -6.58 -32.47 52.58
C ALA A 143 -6.48 -31.27 53.45
N ALA A 144 -7.37 -30.31 53.24
CA ALA A 144 -7.51 -29.16 54.14
C ALA A 144 -8.96 -28.73 54.33
N GLN A 145 -9.25 -28.16 55.51
CA GLN A 145 -10.59 -27.64 55.80
C GLN A 145 -10.86 -26.29 55.18
N VAL A 146 -12.00 -26.16 54.52
CA VAL A 146 -12.54 -24.86 54.19
C VAL A 146 -13.65 -24.52 55.19
N TYR A 147 -13.68 -23.31 55.71
CA TYR A 147 -14.68 -22.90 56.72
C TYR A 147 -15.59 -21.78 56.29
N ILE A 148 -16.36 -22.00 55.22
CA ILE A 148 -17.26 -20.95 54.73
C ILE A 148 -18.16 -20.49 55.85
N GLY A 149 -18.29 -19.17 56.01
CA GLY A 149 -19.14 -18.61 57.05
C GLY A 149 -18.46 -18.42 58.40
N SER A 150 -17.25 -18.95 58.55
CA SER A 150 -16.55 -18.75 59.81
C SER A 150 -15.65 -17.53 59.88
N GLU A 151 -15.11 -17.27 61.07
CA GLU A 151 -14.26 -16.11 61.27
C GLU A 151 -13.06 -16.06 60.31
N TYR A 152 -12.40 -17.21 60.12
CA TYR A 152 -11.24 -17.34 59.26
C TYR A 152 -11.55 -18.02 57.93
N GLU A 153 -12.73 -17.79 57.42
CA GLU A 153 -13.13 -18.24 56.09
C GLU A 153 -12.08 -17.94 55.04
N HIS A 154 -11.69 -16.67 54.97
CA HIS A 154 -10.68 -16.19 54.00
C HIS A 154 -9.37 -17.01 54.02
N GLN A 155 -8.75 -17.11 55.19
CA GLN A 155 -7.54 -17.90 55.28
C GLN A 155 -7.75 -19.36 54.86
N SER A 156 -8.92 -19.91 55.20
CA SER A 156 -9.16 -21.31 54.89
C SER A 156 -9.23 -21.56 53.39
N ILE A 157 -9.75 -20.61 52.64
CA ILE A 157 -9.80 -20.75 51.18
C ILE A 157 -8.43 -20.54 50.60
N LYS A 158 -7.68 -19.58 51.16
CA LYS A 158 -6.30 -19.39 50.75
C LYS A 158 -5.50 -20.67 50.90
N ASN A 159 -5.70 -21.40 52.02
CA ASN A 159 -5.08 -22.71 52.24
C ASN A 159 -5.34 -23.65 51.08
N ILE A 160 -6.57 -23.70 50.61
CA ILE A 160 -6.93 -24.56 49.47
C ILE A 160 -6.21 -24.11 48.21
N ILE A 161 -6.25 -22.80 47.96
CA ILE A 161 -5.52 -22.22 46.83
C ILE A 161 -4.03 -22.63 46.89
N GLN A 162 -3.44 -22.51 48.05
CA GLN A 162 -2.05 -22.81 48.16
C GLN A 162 -1.73 -24.28 47.82
N LEU A 163 -2.56 -25.20 48.32
CA LEU A 163 -2.39 -26.62 48.05
C LEU A 163 -2.65 -27.01 46.62
N VAL A 164 -3.64 -26.40 46.01
CA VAL A 164 -3.82 -26.68 44.59
C VAL A 164 -2.63 -26.19 43.78
N ASP A 165 -2.19 -24.95 44.03
CA ASP A 165 -1.07 -24.35 43.31
C ASP A 165 0.11 -25.28 43.37
N ALA A 166 0.46 -25.70 44.58
CA ALA A 166 1.60 -26.59 44.78
C ALA A 166 1.34 -28.00 44.21
N GLY A 167 0.11 -28.49 44.35
CA GLY A 167 -0.24 -29.82 43.90
C GLY A 167 -0.13 -30.00 42.41
N MET A 168 -0.57 -28.99 41.65
CA MET A 168 -0.49 -29.03 40.20
C MET A 168 0.93 -29.13 39.65
N LYS A 169 1.91 -28.56 40.34
CA LYS A 169 3.29 -28.69 39.90
C LYS A 169 3.81 -30.14 39.93
N VAL A 170 3.08 -31.03 40.59
CA VAL A 170 3.63 -32.26 41.13
C VAL A 170 2.69 -33.47 40.90
N GLY A 171 1.47 -33.21 40.41
CA GLY A 171 0.51 -34.28 40.11
C GLY A 171 -0.28 -34.74 41.36
N MET A 172 -0.25 -33.95 42.42
CA MET A 172 -0.93 -34.30 43.63
C MET A 172 -2.30 -33.64 43.64
N PRO A 173 -3.36 -34.45 43.80
CA PRO A 173 -4.72 -33.97 44.00
C PRO A 173 -4.93 -33.38 45.38
N THR A 174 -5.78 -32.34 45.44
CA THR A 174 -6.17 -31.71 46.71
C THR A 174 -7.61 -32.05 47.05
N MET A 175 -7.83 -32.49 48.30
CA MET A 175 -9.18 -32.63 48.83
C MET A 175 -9.56 -31.46 49.75
N ALA A 176 -10.60 -30.72 49.40
CA ALA A 176 -11.20 -29.75 50.34
C ALA A 176 -12.30 -30.43 51.20
N VAL A 177 -12.26 -30.20 52.52
CA VAL A 177 -13.26 -30.70 53.44
C VAL A 177 -14.07 -29.53 53.99
N THR A 178 -15.40 -29.61 53.88
CA THR A 178 -16.24 -28.49 54.31
C THR A 178 -16.46 -28.51 55.82
N GLY A 179 -15.62 -27.81 56.58
CA GLY A 179 -15.81 -27.69 58.04
C GLY A 179 -16.89 -26.66 58.40
N VAL A 180 -17.62 -26.90 59.50
CA VAL A 180 -18.75 -26.05 59.87
C VAL A 180 -18.48 -25.21 61.10
N VAL A 185 -25.94 -23.34 60.49
CA VAL A 185 -27.00 -24.17 59.91
C VAL A 185 -26.48 -25.17 58.88
N ARG A 186 -26.72 -26.46 59.12
CA ARG A 186 -26.18 -27.53 58.28
C ARG A 186 -27.16 -28.01 57.19
N ASP A 187 -27.55 -27.13 56.27
CA ASP A 187 -28.54 -27.49 55.24
C ASP A 187 -27.99 -27.54 53.81
N GLN A 188 -28.82 -27.89 52.84
CA GLN A 188 -28.37 -28.07 51.46
C GLN A 188 -27.79 -26.79 50.85
N ARG A 189 -28.43 -25.65 51.05
CA ARG A 189 -27.97 -24.43 50.38
C ARG A 189 -26.60 -23.98 50.91
N TYR A 190 -26.30 -24.26 52.17
CA TYR A 190 -25.01 -24.00 52.74
C TYR A 190 -23.93 -24.91 52.12
N PHE A 191 -24.17 -26.21 52.07
CA PHE A 191 -23.15 -27.15 51.57
C PHE A 191 -22.97 -27.01 50.07
N SER A 192 -24.02 -26.60 49.37
CA SER A 192 -23.89 -26.28 47.95
C SER A 192 -22.93 -25.11 47.78
N LEU A 193 -23.09 -24.11 48.65
CA LEU A 193 -22.22 -22.96 48.58
C LEU A 193 -20.80 -23.38 48.80
N ALA A 194 -20.54 -24.04 49.94
CA ALA A 194 -19.20 -24.43 50.33
C ALA A 194 -18.56 -25.41 49.37
N THR A 195 -19.28 -26.39 48.90
CA THR A 195 -18.66 -27.38 48.04
C THR A 195 -18.28 -26.79 46.72
N ARG A 196 -19.15 -25.95 46.19
CA ARG A 196 -18.96 -25.39 44.84
C ARG A 196 -17.81 -24.37 44.84
N ILE A 197 -17.71 -23.54 45.86
CA ILE A 197 -16.56 -22.65 45.93
C ILE A 197 -15.26 -23.44 45.95
N ALA A 198 -15.18 -24.46 46.78
CA ALA A 198 -13.96 -25.29 46.90
C ALA A 198 -13.59 -25.93 45.57
N ALA A 199 -14.59 -26.42 44.84
CA ALA A 199 -14.35 -27.03 43.54
C ALA A 199 -13.90 -26.00 42.54
N GLU A 200 -14.50 -24.82 42.63
CA GLU A 200 -14.27 -23.75 41.67
C GLU A 200 -12.79 -23.24 41.84
N MET A 201 -12.30 -23.23 43.09
CA MET A 201 -10.92 -22.88 43.35
C MET A 201 -9.96 -23.98 42.92
N GLY A 202 -10.48 -25.18 42.64
CA GLY A 202 -9.68 -26.21 41.99
C GLY A 202 -9.37 -27.49 42.76
N ALA A 203 -9.95 -27.66 43.94
CA ALA A 203 -9.94 -28.96 44.62
C ALA A 203 -10.49 -30.11 43.73
N GLN A 204 -9.80 -31.23 43.71
CA GLN A 204 -10.23 -32.36 42.86
C GLN A 204 -11.18 -33.31 43.57
N ILE A 205 -11.10 -33.36 44.89
CA ILE A 205 -12.04 -34.14 45.68
C ILE A 205 -12.70 -33.23 46.72
N ILE A 206 -14.00 -33.44 46.95
CA ILE A 206 -14.70 -32.72 48.00
C ILE A 206 -15.24 -33.67 49.06
N LYS A 207 -14.97 -33.38 50.33
CA LYS A 207 -15.54 -34.14 51.41
C LYS A 207 -16.52 -33.27 52.16
N THR A 208 -17.76 -33.75 52.31
CA THR A 208 -18.83 -32.98 52.95
C THR A 208 -19.72 -33.88 53.83
N TYR A 209 -20.80 -33.34 54.38
CA TYR A 209 -21.69 -34.15 55.19
C TYR A 209 -22.93 -34.57 54.43
N TYR A 210 -23.52 -35.69 54.83
CA TYR A 210 -24.82 -36.06 54.26
C TYR A 210 -25.92 -35.18 54.84
N VAL A 211 -26.95 -34.92 54.04
CA VAL A 211 -28.05 -34.08 54.47
C VAL A 211 -29.40 -34.77 54.21
N GLU A 212 -30.31 -34.66 55.18
CA GLU A 212 -31.65 -35.33 55.12
C GLU A 212 -32.39 -35.05 53.80
N LYS A 213 -32.29 -33.80 53.34
CA LYS A 213 -32.92 -33.43 52.09
C LYS A 213 -32.08 -32.50 51.25
N GLY A 214 -32.07 -32.80 49.95
CA GLY A 214 -31.38 -32.00 48.95
C GLY A 214 -29.98 -32.47 48.62
N PHE A 215 -29.51 -33.52 49.27
CA PHE A 215 -28.17 -34.02 49.04
C PHE A 215 -27.91 -34.29 47.58
N GLU A 216 -28.94 -34.71 46.86
CA GLU A 216 -28.86 -34.87 45.40
C GLU A 216 -28.34 -33.62 44.71
N ARG A 217 -28.76 -32.45 45.19
CA ARG A 217 -28.43 -31.17 44.56
C ARG A 217 -26.97 -30.76 44.86
N ILE A 218 -26.51 -31.07 46.06
CA ILE A 218 -25.13 -30.88 46.45
C ILE A 218 -24.21 -31.59 45.47
N VAL A 219 -24.54 -32.86 45.19
CA VAL A 219 -23.79 -33.70 44.24
C VAL A 219 -23.85 -33.14 42.83
N ALA A 220 -25.05 -32.82 42.38
CA ALA A 220 -25.26 -32.34 41.00
C ALA A 220 -24.50 -31.04 40.72
N GLY A 221 -24.55 -30.11 41.66
CA GLY A 221 -23.90 -28.81 41.53
C GLY A 221 -22.38 -28.80 41.71
N CYS A 222 -21.83 -29.97 42.03
CA CYS A 222 -20.40 -30.07 42.29
C CYS A 222 -19.75 -30.88 41.19
N PRO A 223 -18.78 -30.29 40.47
CA PRO A 223 -18.29 -30.94 39.25
C PRO A 223 -17.25 -32.02 39.47
N VAL A 224 -16.97 -32.36 40.72
CA VAL A 224 -15.93 -33.33 41.02
C VAL A 224 -16.44 -34.29 42.11
N PRO A 225 -15.74 -35.42 42.34
CA PRO A 225 -16.23 -36.46 43.24
C PRO A 225 -16.47 -35.96 44.65
N ILE A 226 -17.58 -36.39 45.23
CA ILE A 226 -17.92 -36.05 46.60
C ILE A 226 -17.89 -37.29 47.50
N VAL A 227 -17.27 -37.13 48.66
CA VAL A 227 -17.15 -38.17 49.66
C VAL A 227 -17.81 -37.60 50.92
N ILE A 228 -18.59 -38.40 51.63
CA ILE A 228 -19.25 -37.92 52.84
C ILE A 228 -18.51 -38.35 54.11
N ALA A 229 -18.58 -37.50 55.12
CA ALA A 229 -18.03 -37.81 56.42
C ALA A 229 -19.10 -38.52 57.23
N GLY A 230 -18.66 -39.36 58.16
CA GLY A 230 -19.55 -40.13 59.01
C GLY A 230 -20.34 -39.34 60.04
N GLY A 231 -19.76 -38.31 60.62
CA GLY A 231 -20.41 -37.56 61.71
C GLY A 231 -20.35 -38.37 62.99
N LYS A 232 -21.00 -37.86 64.04
CA LYS A 232 -21.08 -38.55 65.35
C LYS A 232 -21.60 -40.00 65.29
N LYS A 233 -21.21 -40.80 66.30
CA LYS A 233 -21.58 -42.20 66.38
C LYS A 233 -23.10 -42.40 66.30
N LEU A 234 -23.52 -43.23 65.37
CA LEU A 234 -24.89 -43.68 65.29
C LEU A 234 -24.96 -45.22 65.56
N PRO A 235 -26.16 -45.75 65.87
CA PRO A 235 -26.33 -47.19 65.84
C PRO A 235 -26.02 -47.72 64.44
N GLU A 236 -25.32 -48.85 64.38
CA GLU A 236 -24.81 -49.38 63.13
C GLU A 236 -25.80 -49.37 61.98
N ARG A 237 -27.04 -49.75 62.22
CA ARG A 237 -27.98 -49.83 61.11
C ARG A 237 -28.32 -48.47 60.55
N GLU A 238 -28.39 -47.47 61.41
CA GLU A 238 -28.66 -46.12 60.95
C GLU A 238 -27.50 -45.58 60.12
N ALA A 239 -26.28 -45.90 60.55
CA ALA A 239 -25.08 -45.49 59.83
C ALA A 239 -25.07 -46.11 58.45
N LEU A 240 -25.46 -47.38 58.36
CA LEU A 240 -25.53 -48.04 57.05
C LEU A 240 -26.63 -47.43 56.14
N GLU A 241 -27.72 -46.96 56.74
CA GLU A 241 -28.73 -46.24 55.99
C GLU A 241 -28.17 -44.96 55.37
N MET A 242 -27.49 -44.16 56.20
CA MET A 242 -26.84 -42.93 55.76
C MET A 242 -25.96 -43.20 54.54
N CYS A 243 -25.11 -44.22 54.64
CA CYS A 243 -24.24 -44.61 53.54
C CYS A 243 -25.03 -44.94 52.33
N TRP A 244 -26.00 -45.83 52.47
CA TRP A 244 -26.84 -46.22 51.37
C TRP A 244 -27.45 -45.00 50.69
N GLN A 245 -28.01 -44.09 51.47
CA GLN A 245 -28.64 -42.89 50.91
C GLN A 245 -27.63 -42.04 50.13
N ALA A 246 -26.47 -41.82 50.74
CA ALA A 246 -25.46 -40.97 50.13
C ALA A 246 -25.06 -41.55 48.77
N ILE A 247 -24.67 -42.82 48.77
CA ILE A 247 -24.29 -43.51 47.54
C ILE A 247 -25.43 -43.49 46.52
N ASP A 248 -26.64 -43.79 46.98
CA ASP A 248 -27.77 -43.83 46.08
C ASP A 248 -28.01 -42.46 45.44
N GLN A 249 -27.71 -41.42 46.21
CA GLN A 249 -27.94 -40.06 45.75
C GLN A 249 -26.74 -39.46 45.02
N GLY A 250 -25.69 -40.26 44.79
CA GLY A 250 -24.58 -39.82 43.92
C GLY A 250 -23.21 -39.61 44.51
N ALA A 251 -23.05 -39.73 45.82
CA ALA A 251 -21.74 -39.63 46.46
C ALA A 251 -20.75 -40.65 45.87
N SER A 252 -19.47 -40.31 45.82
CA SER A 252 -18.49 -41.20 45.23
C SER A 252 -17.79 -42.02 46.31
N GLY A 253 -18.21 -41.88 47.55
CA GLY A 253 -17.62 -42.69 48.59
C GLY A 253 -17.99 -42.20 49.95
N VAL A 254 -17.56 -42.93 50.95
CA VAL A 254 -17.76 -42.50 52.32
C VAL A 254 -16.47 -42.55 53.06
N ASP A 255 -16.38 -41.71 54.08
CA ASP A 255 -15.17 -41.63 54.86
C ASP A 255 -15.61 -41.63 56.31
N MET A 256 -15.78 -42.82 56.86
CA MET A 256 -16.12 -42.95 58.24
C MET A 256 -14.93 -43.01 59.16
N GLY A 257 -15.16 -42.48 60.35
CA GLY A 257 -14.22 -42.56 61.42
C GLY A 257 -14.98 -43.16 62.56
N ARG A 258 -15.60 -42.31 63.36
CA ARG A 258 -16.24 -42.71 64.58
C ARG A 258 -17.18 -43.90 64.38
N ASN A 259 -18.04 -43.84 63.36
CA ASN A 259 -18.96 -44.95 63.08
C ASN A 259 -18.31 -46.29 62.80
N ILE A 260 -17.00 -46.31 62.64
CA ILE A 260 -16.26 -47.55 62.49
C ILE A 260 -15.42 -47.81 63.72
N PHE A 261 -14.52 -46.90 64.09
CA PHE A 261 -13.58 -47.20 65.17
C PHE A 261 -14.24 -47.14 66.56
N GLN A 262 -15.40 -46.51 66.65
CA GLN A 262 -16.14 -46.56 67.90
C GLN A 262 -17.18 -47.71 68.00
N SER A 263 -17.35 -48.48 66.92
CA SER A 263 -18.25 -49.60 66.94
C SER A 263 -17.66 -50.73 67.77
N ASP A 264 -18.50 -51.65 68.24
CA ASP A 264 -18.00 -52.81 69.00
C ASP A 264 -17.45 -53.88 68.07
N HIS A 265 -17.86 -53.83 66.81
CA HIS A 265 -17.38 -54.76 65.80
C HIS A 265 -16.90 -54.05 64.54
N PRO A 266 -15.74 -53.35 64.65
CA PRO A 266 -15.27 -52.47 63.59
C PRO A 266 -15.01 -53.19 62.28
N VAL A 267 -14.36 -54.35 62.32
CA VAL A 267 -14.09 -55.08 61.09
C VAL A 267 -15.38 -55.46 60.36
N ALA A 268 -16.38 -55.89 61.12
CA ALA A 268 -17.66 -56.26 60.55
C ALA A 268 -18.32 -55.06 59.89
N MET A 269 -18.31 -53.92 60.59
CA MET A 269 -18.92 -52.68 60.11
C MET A 269 -18.31 -52.29 58.76
N MET A 270 -17.01 -52.49 58.62
CA MET A 270 -16.31 -52.06 57.41
C MET A 270 -16.74 -52.90 56.25
N LYS A 271 -16.89 -54.20 56.50
CA LYS A 271 -17.33 -55.16 55.46
C LYS A 271 -18.73 -54.81 54.98
N ALA A 272 -19.57 -54.43 55.94
CA ALA A 272 -20.92 -53.96 55.66
C ALA A 272 -20.88 -52.69 54.79
N VAL A 273 -20.08 -51.70 55.23
CA VAL A 273 -19.94 -50.42 54.52
C VAL A 273 -19.46 -50.67 53.08
N GLN A 274 -18.48 -51.55 52.92
CA GLN A 274 -18.02 -51.96 51.61
C GLN A 274 -19.10 -52.54 50.72
N ALA A 275 -19.96 -53.39 51.27
CA ALA A 275 -21.01 -53.96 50.44
C ALA A 275 -21.91 -52.84 49.91
N VAL A 276 -22.30 -51.90 50.79
CA VAL A 276 -23.16 -50.80 50.37
C VAL A 276 -22.50 -49.97 49.27
N VAL A 277 -21.21 -49.67 49.48
CA VAL A 277 -20.51 -48.67 48.69
C VAL A 277 -20.11 -49.23 47.33
N HIS A 278 -19.52 -50.42 47.31
CA HIS A 278 -19.04 -50.99 46.07
C HIS A 278 -20.01 -51.95 45.38
N HIS A 279 -20.83 -52.64 46.16
CA HIS A 279 -21.59 -53.79 45.63
C HIS A 279 -23.10 -53.59 45.55
N ASN A 280 -23.58 -52.37 45.68
CA ASN A 280 -25.03 -52.10 45.60
C ASN A 280 -25.94 -52.85 46.58
N GLU A 281 -25.37 -53.36 47.67
CA GLU A 281 -26.19 -53.93 48.74
C GLU A 281 -27.23 -52.94 49.29
N THR A 282 -28.36 -53.46 49.74
CA THR A 282 -29.35 -52.65 50.40
C THR A 282 -28.89 -52.43 51.83
N ALA A 283 -29.48 -51.43 52.48
CA ALA A 283 -29.17 -51.15 53.87
C ALA A 283 -29.36 -52.40 54.75
N ASP A 284 -30.48 -53.10 54.52
CA ASP A 284 -30.87 -54.26 55.30
C ASP A 284 -29.92 -55.42 55.14
N ARG A 285 -29.66 -55.81 53.89
CA ARG A 285 -28.72 -56.89 53.62
C ARG A 285 -27.38 -56.61 54.27
N ALA A 286 -26.93 -55.36 54.11
CA ALA A 286 -25.70 -54.90 54.72
C ALA A 286 -25.71 -55.10 56.23
N TYR A 287 -26.81 -54.72 56.88
CA TYR A 287 -26.91 -54.89 58.32
C TYR A 287 -26.82 -56.37 58.73
N GLU A 288 -27.41 -57.26 57.92
CA GLU A 288 -27.37 -58.70 58.20
C GLU A 288 -25.97 -59.24 57.99
N LEU A 289 -25.32 -58.72 56.96
CA LEU A 289 -23.90 -59.00 56.71
C LEU A 289 -23.08 -58.58 57.92
N TYR A 290 -23.39 -57.42 58.48
CA TYR A 290 -22.76 -56.96 59.71
C TYR A 290 -22.99 -57.96 60.84
N LEU A 291 -24.25 -58.36 61.02
CA LEU A 291 -24.63 -59.22 62.12
C LEU A 291 -23.93 -60.56 62.08
N SER A 292 -23.63 -61.05 60.87
CA SER A 292 -22.89 -62.29 60.72
C SER A 292 -21.41 -62.25 61.11
N GLU A 293 -20.95 -61.11 61.65
CA GLU A 293 -19.72 -61.06 62.47
C GLU A 293 -19.94 -60.17 63.71
N GLY B 14 39.02 -68.14 47.29
CA GLY B 14 39.17 -67.99 48.77
C GLY B 14 38.29 -66.91 49.40
N LYS B 15 37.04 -66.80 48.92
CA LYS B 15 36.04 -65.84 49.44
C LYS B 15 34.87 -66.57 50.13
N ASP B 16 34.37 -65.98 51.23
CA ASP B 16 33.24 -66.57 51.96
C ASP B 16 31.96 -65.68 52.09
N PHE B 17 30.98 -65.98 51.26
CA PHE B 17 29.75 -65.22 51.19
C PHE B 17 28.69 -65.69 52.17
N ARG B 18 28.95 -66.83 52.84
CA ARG B 18 28.08 -67.31 53.90
C ARG B 18 26.65 -67.45 53.41
N THR B 19 26.47 -68.10 52.26
CA THR B 19 25.19 -68.20 51.56
C THR B 19 24.15 -69.03 52.32
N ASP B 20 24.60 -69.69 53.38
CA ASP B 20 23.73 -70.49 54.25
C ASP B 20 23.07 -69.62 55.36
N GLN B 21 23.48 -68.36 55.48
CA GLN B 21 22.92 -67.45 56.50
C GLN B 21 22.43 -66.14 55.86
N PRO B 22 21.09 -66.03 55.66
CA PRO B 22 20.55 -64.89 54.90
C PRO B 22 20.67 -63.60 55.71
N GLN B 23 20.89 -62.49 55.00
CA GLN B 23 20.93 -61.17 55.62
C GLN B 23 19.63 -60.84 56.33
N LYS B 24 19.74 -60.25 57.52
CA LYS B 24 18.57 -59.86 58.29
C LYS B 24 18.59 -58.41 58.81
N ASN B 25 17.49 -57.66 58.62
CA ASN B 25 17.46 -56.26 59.10
C ASN B 25 17.43 -56.18 60.62
N ILE B 26 18.21 -55.28 61.20
CA ILE B 26 18.16 -55.05 62.63
C ILE B 26 17.12 -53.98 62.99
N PRO B 27 16.11 -54.33 63.80
CA PRO B 27 15.05 -53.36 64.09
C PRO B 27 15.53 -52.14 64.89
N PHE B 28 14.88 -51.01 64.62
CA PHE B 28 15.11 -49.78 65.39
C PHE B 28 13.93 -49.65 66.38
N THR B 29 14.22 -49.65 67.67
CA THR B 29 13.13 -49.83 68.64
C THR B 29 12.65 -48.56 69.28
N LEU B 30 13.44 -47.48 69.24
CA LEU B 30 13.03 -46.21 69.86
C LEU B 30 11.57 -45.84 69.47
N LYS B 31 10.73 -45.64 70.49
CA LYS B 31 9.27 -45.49 70.35
C LYS B 31 8.88 -44.55 69.23
N GLY B 32 8.10 -45.05 68.27
CA GLY B 32 7.54 -44.24 67.16
C GLY B 32 8.55 -43.69 66.14
N CYS B 33 9.80 -44.14 66.19
CA CYS B 33 10.81 -43.71 65.25
C CYS B 33 11.31 -44.83 64.36
N GLY B 34 10.45 -45.82 64.08
CA GLY B 34 10.87 -46.99 63.33
C GLY B 34 10.82 -46.84 61.82
N ALA B 35 10.36 -45.69 61.34
CA ALA B 35 10.13 -45.46 59.90
C ALA B 35 10.72 -44.10 59.46
N LEU B 36 11.95 -43.83 59.87
CA LEU B 36 12.61 -42.58 59.61
C LEU B 36 13.87 -42.97 58.88
N ASP B 37 14.37 -42.02 58.08
CA ASP B 37 15.62 -42.26 57.37
C ASP B 37 16.85 -42.45 58.30
N TRP B 38 17.86 -43.16 57.80
CA TRP B 38 19.05 -43.42 58.54
C TRP B 38 19.51 -42.23 59.36
N GLY B 39 19.70 -41.11 58.69
CA GLY B 39 20.27 -39.92 59.31
C GLY B 39 19.50 -39.41 60.50
N MET B 40 18.17 -39.40 60.37
CA MET B 40 17.37 -38.96 61.45
C MET B 40 17.49 -39.94 62.63
N GLN B 41 17.40 -41.23 62.32
CA GLN B 41 17.52 -42.29 63.34
C GLN B 41 18.87 -42.17 64.00
N SER B 42 19.87 -41.80 63.23
CA SER B 42 21.21 -41.65 63.76
C SER B 42 21.30 -40.51 64.77
N ARG B 43 20.69 -39.37 64.44
CA ARG B 43 20.67 -38.22 65.34
C ARG B 43 19.89 -38.56 66.60
N LEU B 44 18.77 -39.27 66.46
CA LEU B 44 17.97 -39.69 67.61
C LEU B 44 18.71 -40.71 68.50
N SER B 45 19.52 -41.57 67.90
CA SER B 45 20.40 -42.43 68.67
C SER B 45 21.53 -41.69 69.44
N ARG B 46 21.86 -40.46 69.09
CA ARG B 46 22.82 -39.75 69.88
C ARG B 46 22.16 -39.22 71.12
N ILE B 47 20.85 -39.02 71.06
CA ILE B 47 20.12 -38.41 72.18
C ILE B 47 19.65 -39.48 73.15
N PHE B 48 18.93 -40.48 72.63
CA PHE B 48 18.46 -41.62 73.41
C PHE B 48 19.37 -42.82 73.24
N ASN B 49 20.06 -43.19 74.33
CA ASN B 49 20.96 -44.33 74.34
C ASN B 49 20.23 -45.56 73.79
N PRO B 50 20.77 -46.20 72.74
CA PRO B 50 20.12 -47.36 72.10
C PRO B 50 19.90 -48.57 73.02
N LYS B 51 20.82 -48.78 73.98
CA LYS B 51 20.66 -49.88 74.96
C LYS B 51 19.43 -49.68 75.84
N THR B 52 19.29 -48.48 76.40
CA THR B 52 18.25 -48.22 77.39
C THR B 52 17.02 -47.53 76.83
N GLY B 53 17.19 -46.82 75.70
CA GLY B 53 16.11 -46.06 75.08
C GLY B 53 15.78 -44.78 75.84
N LYS B 54 16.70 -44.34 76.67
CA LYS B 54 16.49 -43.21 77.55
C LYS B 54 17.59 -42.17 77.46
N THR B 55 17.32 -40.98 77.99
CA THR B 55 18.25 -39.87 77.93
C THR B 55 18.24 -39.02 79.17
N VAL B 56 19.39 -38.47 79.52
CA VAL B 56 19.50 -37.48 80.57
C VAL B 56 20.02 -36.21 79.93
N MET B 57 19.20 -35.17 79.95
CA MET B 57 19.49 -34.00 79.19
C MET B 57 19.74 -32.85 80.16
N LEU B 58 20.82 -32.11 79.94
CA LEU B 58 21.09 -30.91 80.70
C LEU B 58 20.64 -29.65 79.94
N ALA B 59 19.56 -29.00 80.40
CA ALA B 59 19.03 -27.80 79.74
C ALA B 59 19.49 -26.55 80.44
N PHE B 60 19.97 -25.60 79.65
CA PHE B 60 20.34 -24.28 80.13
C PHE B 60 20.05 -23.18 79.08
N ASP B 61 18.91 -23.28 78.43
CA ASP B 61 18.51 -22.28 77.43
C ASP B 61 17.65 -21.18 78.03
N HIS B 62 17.45 -21.24 79.35
CA HIS B 62 16.48 -20.38 80.04
C HIS B 62 16.66 -18.91 79.72
N GLY B 63 17.90 -18.55 79.37
CA GLY B 63 18.28 -17.17 79.13
C GLY B 63 17.60 -16.54 77.92
N TYR B 64 17.03 -17.37 77.04
CA TYR B 64 16.53 -16.89 75.76
C TYR B 64 15.39 -15.89 75.89
N PHE B 65 14.68 -15.94 76.99
CA PHE B 65 13.61 -14.97 77.23
C PHE B 65 13.69 -14.39 78.64
N GLN B 66 14.65 -14.85 79.43
CA GLN B 66 14.71 -14.46 80.84
C GLN B 66 15.94 -13.67 81.23
N GLY B 67 16.93 -13.61 80.35
CA GLY B 67 18.20 -13.00 80.71
C GLY B 67 18.93 -13.87 81.73
N PRO B 68 19.89 -13.28 82.49
CA PRO B 68 20.76 -14.06 83.38
C PRO B 68 19.99 -14.54 84.59
N THR B 69 19.51 -15.77 84.51
CA THR B 69 18.69 -16.33 85.54
C THR B 69 19.58 -17.02 86.60
N THR B 70 19.06 -17.19 87.82
CA THR B 70 19.85 -17.78 88.93
C THR B 70 20.47 -19.14 88.62
N GLY B 71 21.80 -19.19 88.68
CA GLY B 71 22.55 -20.42 88.37
C GLY B 71 23.15 -20.37 86.98
N LEU B 72 22.59 -19.52 86.13
CA LEU B 72 23.05 -19.40 84.75
C LEU B 72 23.73 -18.08 84.50
N GLU B 73 24.05 -17.35 85.54
CA GLU B 73 24.77 -16.10 85.36
C GLU B 73 26.07 -16.33 84.60
N ARG B 74 26.78 -17.43 84.89
CA ARG B 74 28.08 -17.72 84.28
C ARG B 74 28.17 -19.16 83.79
N ILE B 75 27.67 -19.40 82.59
CA ILE B 75 27.61 -20.74 82.03
C ILE B 75 29.02 -21.24 81.93
N ASP B 76 29.93 -20.34 81.63
CA ASP B 76 31.33 -20.72 81.39
C ASP B 76 32.06 -21.28 82.63
N ILE B 77 31.60 -20.92 83.82
CA ILE B 77 32.27 -21.31 85.03
C ILE B 77 31.46 -22.37 85.77
N ASN B 78 30.16 -22.08 85.88
CA ASN B 78 29.27 -22.82 86.70
C ASN B 78 28.75 -24.13 86.05
N ILE B 79 28.43 -24.05 84.77
CA ILE B 79 27.76 -25.15 84.07
C ILE B 79 28.75 -25.97 83.26
N ALA B 80 29.82 -25.34 82.80
CA ALA B 80 30.81 -26.02 81.98
C ALA B 80 31.30 -27.36 82.59
N PRO B 81 31.60 -27.37 83.91
CA PRO B 81 32.11 -28.61 84.46
C PRO B 81 31.09 -29.73 84.44
N LEU B 82 29.82 -29.41 84.18
CA LEU B 82 28.77 -30.42 84.19
C LEU B 82 28.61 -31.11 82.85
N PHE B 83 29.08 -30.51 81.76
CA PHE B 83 28.78 -31.02 80.43
C PHE B 83 29.09 -32.50 80.33
N GLU B 84 30.30 -32.89 80.72
CA GLU B 84 30.75 -34.26 80.55
C GLU B 84 29.84 -35.30 81.24
N HIS B 85 29.06 -34.88 82.24
CA HIS B 85 28.17 -35.83 82.94
C HIS B 85 26.77 -35.96 82.33
N ALA B 86 26.47 -35.16 81.30
CA ALA B 86 25.16 -35.25 80.70
C ALA B 86 25.22 -36.10 79.44
N ASP B 87 24.06 -36.62 79.02
CA ASP B 87 23.97 -37.33 77.75
C ASP B 87 23.91 -36.32 76.62
N VAL B 88 23.12 -35.27 76.79
CA VAL B 88 22.85 -34.31 75.72
C VAL B 88 22.64 -32.93 76.32
N LEU B 89 23.22 -31.92 75.67
CA LEU B 89 23.11 -30.51 76.09
C LEU B 89 21.93 -29.83 75.40
N MET B 90 21.24 -28.96 76.11
CA MET B 90 20.20 -28.15 75.43
C MET B 90 20.43 -26.70 75.67
N CYS B 91 20.58 -25.92 74.59
CA CYS B 91 20.81 -24.47 74.72
C CYS B 91 20.61 -23.69 73.43
N THR B 92 20.88 -22.38 73.49
CA THR B 92 20.74 -21.54 72.31
C THR B 92 22.04 -21.50 71.52
N ARG B 93 21.94 -21.08 70.25
CA ARG B 93 23.11 -21.00 69.39
C ARG B 93 24.05 -19.90 69.88
N GLY B 94 23.50 -18.90 70.56
CA GLY B 94 24.34 -17.85 71.12
C GLY B 94 25.25 -18.37 72.21
N ILE B 95 24.66 -19.15 73.15
CA ILE B 95 25.45 -19.72 74.25
C ILE B 95 26.38 -20.78 73.72
N LEU B 96 25.87 -21.55 72.77
CA LEU B 96 26.64 -22.62 72.18
C LEU B 96 27.94 -22.10 71.60
N ARG B 97 27.86 -21.11 70.72
CA ARG B 97 29.03 -20.64 70.01
C ARG B 97 29.95 -19.89 70.93
N SER B 98 29.40 -19.21 71.92
CA SER B 98 30.24 -18.32 72.71
C SER B 98 30.97 -19.03 73.87
N VAL B 99 30.29 -19.97 74.56
CA VAL B 99 30.89 -20.54 75.77
C VAL B 99 30.82 -22.06 75.94
N VAL B 100 30.22 -22.79 75.01
CA VAL B 100 30.24 -24.22 75.09
C VAL B 100 31.37 -24.65 74.18
N PRO B 101 32.50 -25.14 74.76
CA PRO B 101 33.65 -25.57 73.96
C PRO B 101 33.24 -26.68 73.00
N PRO B 102 33.55 -26.51 71.70
CA PRO B 102 33.19 -27.60 70.78
C PRO B 102 33.83 -28.91 71.16
N ALA B 103 34.94 -28.87 71.91
CA ALA B 103 35.67 -30.08 72.28
C ALA B 103 34.88 -30.94 73.27
N THR B 104 33.83 -30.35 73.85
CA THR B 104 32.92 -31.03 74.76
C THR B 104 32.41 -32.34 74.19
N ASN B 105 32.26 -32.42 72.87
CA ASN B 105 31.89 -33.70 72.21
C ASN B 105 30.66 -34.35 72.80
N ARG B 106 29.59 -33.56 72.94
CA ARG B 106 28.33 -34.01 73.52
C ARG B 106 27.23 -33.54 72.55
N PRO B 107 26.25 -34.40 72.25
CA PRO B 107 25.12 -34.04 71.38
C PRO B 107 24.39 -32.79 71.88
N VAL B 108 23.94 -31.93 70.95
CA VAL B 108 23.19 -30.75 71.38
C VAL B 108 21.81 -30.67 70.71
N VAL B 109 20.85 -30.21 71.51
CA VAL B 109 19.54 -29.88 71.04
C VAL B 109 19.43 -28.37 71.13
N LEU B 110 19.22 -27.73 69.99
CA LEU B 110 19.20 -26.27 69.96
C LEU B 110 17.82 -25.65 70.18
N ARG B 111 17.79 -24.68 71.07
CA ARG B 111 16.58 -23.93 71.25
C ARG B 111 16.33 -23.12 69.98
N ALA B 112 15.19 -23.32 69.35
CA ALA B 112 14.94 -22.71 68.01
C ALA B 112 13.74 -21.78 67.99
N SER B 113 13.34 -21.34 69.17
CA SER B 113 12.28 -20.36 69.25
C SER B 113 12.70 -19.23 70.19
N GLY B 114 12.01 -18.10 70.12
CA GLY B 114 12.28 -16.99 71.00
C GLY B 114 11.54 -15.76 70.52
N ALA B 115 12.11 -14.58 70.80
CA ALA B 115 11.51 -13.27 70.48
C ALA B 115 10.37 -12.92 71.41
N ASN B 116 10.31 -13.64 72.52
CA ASN B 116 9.46 -13.29 73.65
C ASN B 116 10.37 -12.84 74.80
N SER B 117 9.78 -12.42 75.91
CA SER B 117 10.56 -12.12 77.11
C SER B 117 9.64 -12.06 78.28
N ILE B 118 10.21 -12.11 79.47
CA ILE B 118 9.44 -12.00 80.71
C ILE B 118 8.74 -10.67 80.86
N LEU B 119 9.06 -9.67 80.06
CA LEU B 119 8.38 -8.38 80.16
C LEU B 119 7.16 -8.27 79.28
N ALA B 120 6.81 -9.34 78.55
CA ALA B 120 5.66 -9.26 77.65
C ALA B 120 4.90 -10.59 77.60
N GLU B 121 3.99 -10.75 76.65
CA GLU B 121 3.21 -11.98 76.54
C GLU B 121 4.15 -13.14 76.23
N LEU B 122 4.07 -14.17 77.07
CA LEU B 122 5.01 -15.28 77.06
C LEU B 122 4.94 -16.12 75.79
N SER B 123 3.73 -16.32 75.30
CA SER B 123 3.54 -17.22 74.18
C SER B 123 3.86 -16.61 72.85
N ASN B 124 4.27 -15.33 72.86
CA ASN B 124 4.57 -14.59 71.62
C ASN B 124 5.96 -14.96 71.07
N GLU B 125 6.09 -16.18 70.57
CA GLU B 125 7.36 -16.71 70.07
C GLU B 125 7.40 -16.84 68.55
N ALA B 126 8.57 -16.67 67.98
CA ALA B 126 8.80 -16.95 66.57
C ALA B 126 9.96 -17.93 66.48
N VAL B 127 10.13 -18.51 65.28
CA VAL B 127 11.31 -19.32 65.01
C VAL B 127 12.58 -18.46 65.15
N ALA B 128 13.54 -18.95 65.94
CA ALA B 128 14.71 -18.13 66.21
C ALA B 128 15.98 -18.61 65.58
N LEU B 129 15.94 -19.64 64.75
CA LEU B 129 17.12 -19.99 63.97
C LEU B 129 16.74 -20.79 62.75
N SER B 130 17.42 -20.55 61.65
CA SER B 130 17.09 -21.24 60.41
C SER B 130 17.62 -22.68 60.48
N MET B 131 16.96 -23.59 59.78
CA MET B 131 17.47 -24.95 59.71
C MET B 131 18.92 -24.96 59.17
N ASP B 132 19.17 -24.11 58.19
CA ASP B 132 20.50 -23.83 57.67
C ASP B 132 21.57 -23.77 58.76
N ASP B 133 21.27 -23.04 59.84
CA ASP B 133 22.25 -22.84 60.87
C ASP B 133 22.29 -24.03 61.84
N ALA B 134 21.13 -24.64 62.10
CA ALA B 134 21.07 -25.81 62.94
C ALA B 134 21.97 -26.89 62.37
N VAL B 135 21.89 -27.08 61.04
CA VAL B 135 22.82 -27.98 60.32
C VAL B 135 24.29 -27.55 60.43
N ARG B 136 24.56 -26.27 60.18
CA ARG B 136 25.90 -25.71 60.35
C ARG B 136 26.50 -26.04 61.73
N LEU B 137 25.68 -26.00 62.76
CA LEU B 137 26.10 -26.27 64.13
C LEU B 137 26.11 -27.74 64.50
N ASN B 138 25.73 -28.59 63.55
CA ASN B 138 25.74 -30.04 63.78
C ASN B 138 24.83 -30.47 64.94
N SER B 139 23.62 -29.89 65.01
CA SER B 139 22.65 -30.24 66.04
C SER B 139 22.17 -31.65 65.82
N CYS B 140 21.65 -32.23 66.90
CA CYS B 140 20.91 -33.47 66.83
C CYS B 140 19.43 -33.26 66.68
N ALA B 141 18.95 -32.13 67.18
CA ALA B 141 17.55 -31.77 67.12
C ALA B 141 17.36 -30.25 67.35
N VAL B 142 16.20 -29.76 66.95
CA VAL B 142 15.84 -28.37 67.22
C VAL B 142 14.58 -28.38 68.04
N ALA B 143 14.43 -27.41 68.97
CA ALA B 143 13.30 -27.34 69.90
C ALA B 143 12.52 -26.01 69.86
N ALA B 144 11.21 -26.11 70.06
CA ALA B 144 10.39 -24.93 70.06
C ALA B 144 9.18 -25.18 70.96
N GLN B 145 8.70 -24.11 71.62
CA GLN B 145 7.51 -24.17 72.48
C GLN B 145 6.24 -24.17 71.69
N VAL B 146 5.32 -25.06 72.09
CA VAL B 146 3.96 -24.94 71.66
C VAL B 146 3.24 -24.38 72.89
N TYR B 147 2.30 -23.47 72.69
CA TYR B 147 1.53 -22.90 73.80
C TYR B 147 0.04 -23.09 73.61
N ILE B 148 -0.43 -24.35 73.69
CA ILE B 148 -1.88 -24.63 73.56
C ILE B 148 -2.63 -23.87 74.65
N GLY B 149 -3.73 -23.23 74.28
CA GLY B 149 -4.50 -22.43 75.21
C GLY B 149 -4.03 -21.00 75.46
N SER B 150 -2.89 -20.62 74.90
CA SER B 150 -2.44 -19.24 75.06
C SER B 150 -2.87 -18.32 73.93
N GLU B 151 -2.59 -17.02 74.09
CA GLU B 151 -2.94 -16.02 73.11
C GLU B 151 -2.34 -16.29 71.71
N TYR B 152 -1.07 -16.69 71.67
CA TYR B 152 -0.39 -17.00 70.43
C TYR B 152 -0.27 -18.50 70.13
N GLU B 153 -1.25 -19.25 70.58
CA GLU B 153 -1.30 -20.68 70.32
C GLU B 153 -1.07 -20.98 68.86
N HIS B 154 -1.82 -20.29 67.97
CA HIS B 154 -1.77 -20.54 66.53
C HIS B 154 -0.37 -20.36 65.95
N GLN B 155 0.26 -19.22 66.24
CA GLN B 155 1.63 -19.04 65.76
C GLN B 155 2.60 -20.14 66.30
N SER B 156 2.45 -20.48 67.57
CA SER B 156 3.34 -21.46 68.18
C SER B 156 3.29 -22.84 67.50
N ILE B 157 2.10 -23.23 67.00
CA ILE B 157 1.99 -24.47 66.26
C ILE B 157 2.63 -24.30 64.90
N LYS B 158 2.34 -23.19 64.24
CA LYS B 158 2.97 -22.90 62.97
C LYS B 158 4.50 -22.97 63.07
N ASN B 159 5.10 -22.53 64.18
CA ASN B 159 6.51 -22.68 64.39
C ASN B 159 6.94 -24.16 64.33
N ILE B 160 6.15 -25.04 64.96
CA ILE B 160 6.45 -26.48 64.90
C ILE B 160 6.33 -26.97 63.46
N ILE B 161 5.27 -26.59 62.78
CA ILE B 161 5.05 -27.01 61.41
C ILE B 161 6.21 -26.61 60.56
N GLN B 162 6.72 -25.41 60.82
CA GLN B 162 7.81 -24.85 60.03
C GLN B 162 9.12 -25.61 60.22
N LEU B 163 9.45 -25.91 61.48
CA LEU B 163 10.62 -26.69 61.81
C LEU B 163 10.56 -28.13 61.28
N VAL B 164 9.40 -28.77 61.36
CA VAL B 164 9.27 -30.11 60.86
C VAL B 164 9.48 -30.11 59.34
N ASP B 165 8.79 -29.18 58.66
CA ASP B 165 8.91 -29.07 57.22
C ASP B 165 10.37 -28.96 56.80
N ALA B 166 11.11 -28.07 57.45
CA ALA B 166 12.53 -27.83 57.12
C ALA B 166 13.45 -28.97 57.62
N GLY B 167 13.16 -29.49 58.81
CA GLY B 167 13.85 -30.68 59.35
C GLY B 167 13.78 -31.93 58.49
N MET B 168 12.62 -32.19 57.89
CA MET B 168 12.48 -33.36 57.04
C MET B 168 13.36 -33.31 55.77
N LYS B 169 13.61 -32.13 55.22
CA LYS B 169 14.52 -32.04 54.05
C LYS B 169 15.96 -32.49 54.37
N VAL B 170 16.28 -32.61 55.66
CA VAL B 170 17.63 -32.47 56.11
C VAL B 170 18.03 -33.52 57.15
N GLY B 171 17.04 -34.33 57.59
CA GLY B 171 17.28 -35.37 58.57
C GLY B 171 17.26 -34.88 60.00
N MET B 172 16.72 -33.71 60.24
CA MET B 172 16.83 -33.11 61.57
C MET B 172 15.54 -33.30 62.32
N PRO B 173 15.59 -34.03 63.45
CA PRO B 173 14.43 -34.20 64.32
C PRO B 173 14.02 -32.90 64.98
N THR B 174 12.69 -32.74 65.17
CA THR B 174 12.12 -31.59 65.93
C THR B 174 11.56 -31.98 67.27
N MET B 175 11.95 -31.25 68.30
CA MET B 175 11.38 -31.37 69.64
C MET B 175 10.37 -30.27 69.94
N ALA B 176 9.11 -30.66 70.15
CA ALA B 176 8.07 -29.73 70.66
C ALA B 176 8.00 -29.73 72.19
N VAL B 177 8.07 -28.55 72.79
CA VAL B 177 8.01 -28.40 74.25
C VAL B 177 6.66 -27.79 74.58
N THR B 178 5.89 -28.43 75.46
CA THR B 178 4.60 -27.89 75.84
C THR B 178 4.75 -26.81 76.92
N GLY B 179 4.71 -25.54 76.50
CA GLY B 179 4.78 -24.41 77.43
C GLY B 179 3.39 -24.03 77.93
N VAL B 180 3.33 -23.48 79.16
CA VAL B 180 2.03 -23.24 79.78
C VAL B 180 1.65 -21.75 79.92
N VAL B 185 -4.42 -24.39 83.96
CA VAL B 185 -4.43 -25.63 84.71
C VAL B 185 -3.42 -26.65 84.17
N ARG B 186 -2.57 -27.16 85.05
CA ARG B 186 -1.56 -28.11 84.67
C ARG B 186 -1.96 -29.57 84.99
N ASP B 187 -3.03 -30.07 84.35
CA ASP B 187 -3.44 -31.46 84.57
C ASP B 187 -3.27 -32.40 83.35
N GLN B 188 -3.58 -33.68 83.55
CA GLN B 188 -3.38 -34.70 82.53
C GLN B 188 -4.14 -34.39 81.20
N ARG B 189 -5.38 -33.95 81.29
CA ARG B 189 -6.16 -33.82 80.10
C ARG B 189 -5.61 -32.69 79.22
N TYR B 190 -5.06 -31.66 79.87
CA TYR B 190 -4.37 -30.60 79.16
C TYR B 190 -3.10 -31.07 78.45
N PHE B 191 -2.19 -31.69 79.18
CA PHE B 191 -0.97 -32.20 78.58
C PHE B 191 -1.18 -33.26 77.53
N SER B 192 -2.20 -34.10 77.71
CA SER B 192 -2.60 -35.04 76.68
C SER B 192 -2.97 -34.30 75.41
N LEU B 193 -3.70 -33.19 75.55
CA LEU B 193 -4.11 -32.39 74.39
C LEU B 193 -2.86 -31.83 73.71
N ALA B 194 -2.04 -31.14 74.48
CA ALA B 194 -0.88 -30.46 73.91
C ALA B 194 0.13 -31.40 73.29
N THR B 195 0.50 -32.47 74.01
CA THR B 195 1.46 -33.42 73.52
C THR B 195 0.98 -34.11 72.26
N ARG B 196 -0.28 -34.50 72.21
CA ARG B 196 -0.77 -35.24 71.05
C ARG B 196 -0.87 -34.36 69.81
N ILE B 197 -1.33 -33.12 69.97
CA ILE B 197 -1.34 -32.20 68.81
C ILE B 197 0.08 -32.01 68.24
N ALA B 198 1.04 -31.72 69.12
CA ALA B 198 2.42 -31.60 68.68
C ALA B 198 2.91 -32.83 67.89
N ALA B 199 2.60 -34.02 68.38
CA ALA B 199 3.06 -35.23 67.75
C ALA B 199 2.39 -35.46 66.40
N GLU B 200 1.13 -35.09 66.36
CA GLU B 200 0.29 -35.25 65.18
C GLU B 200 0.76 -34.27 64.09
N MET B 201 1.25 -33.10 64.50
CA MET B 201 1.88 -32.17 63.54
C MET B 201 3.21 -32.65 63.01
N GLY B 202 3.92 -33.49 63.76
CA GLY B 202 5.09 -34.17 63.22
C GLY B 202 6.36 -34.16 64.06
N ALA B 203 6.30 -33.57 65.25
CA ALA B 203 7.45 -33.49 66.10
C ALA B 203 7.92 -34.91 66.48
N GLN B 204 9.22 -35.15 66.48
CA GLN B 204 9.67 -36.50 66.80
C GLN B 204 9.93 -36.69 68.26
N ILE B 205 10.13 -35.62 69.01
CA ILE B 205 10.34 -35.71 70.44
C ILE B 205 9.41 -34.72 71.14
N ILE B 206 8.80 -35.12 72.26
CA ILE B 206 7.96 -34.20 73.01
C ILE B 206 8.52 -34.01 74.39
N LYS B 207 8.64 -32.77 74.81
CA LYS B 207 9.03 -32.47 76.17
C LYS B 207 7.84 -31.87 76.89
N THR B 208 7.52 -32.43 78.05
CA THR B 208 6.38 -31.96 78.83
C THR B 208 6.70 -32.00 80.31
N TYR B 209 5.72 -31.73 81.17
CA TYR B 209 5.93 -31.77 82.64
C TYR B 209 5.39 -33.04 83.26
N TYR B 210 5.97 -33.47 84.39
CA TYR B 210 5.40 -34.59 85.13
C TYR B 210 4.12 -34.17 85.85
N VAL B 211 3.17 -35.09 85.94
CA VAL B 211 1.93 -34.82 86.61
C VAL B 211 1.66 -35.85 87.73
N GLU B 212 1.20 -35.36 88.90
CA GLU B 212 0.87 -36.23 90.03
C GLU B 212 0.03 -37.45 89.64
N LYS B 213 -0.99 -37.22 88.80
CA LYS B 213 -1.84 -38.32 88.39
C LYS B 213 -2.17 -38.31 86.92
N GLY B 214 -2.09 -39.48 86.31
CA GLY B 214 -2.46 -39.59 84.91
C GLY B 214 -1.30 -39.51 83.92
N PHE B 215 -0.10 -39.24 84.42
CA PHE B 215 1.06 -39.20 83.58
C PHE B 215 1.17 -40.43 82.67
N GLU B 216 0.77 -41.59 83.16
CA GLU B 216 0.76 -42.80 82.34
C GLU B 216 0.00 -42.64 81.02
N ARG B 217 -1.08 -41.87 81.07
CA ARG B 217 -1.98 -41.70 79.94
C ARG B 217 -1.37 -40.72 78.93
N ILE B 218 -0.65 -39.74 79.43
CA ILE B 218 0.07 -38.77 78.61
C ILE B 218 1.06 -39.50 77.74
N VAL B 219 1.84 -40.39 78.35
CA VAL B 219 2.77 -41.26 77.64
C VAL B 219 2.06 -42.17 76.64
N ALA B 220 1.04 -42.89 77.08
CA ALA B 220 0.38 -43.87 76.24
C ALA B 220 -0.23 -43.24 75.01
N GLY B 221 -0.80 -42.05 75.19
CA GLY B 221 -1.50 -41.36 74.09
C GLY B 221 -0.61 -40.59 73.11
N CYS B 222 0.67 -40.54 73.43
CA CYS B 222 1.65 -39.89 72.59
C CYS B 222 2.51 -40.94 71.87
N PRO B 223 2.51 -40.93 70.52
CA PRO B 223 3.20 -41.98 69.74
C PRO B 223 4.74 -41.81 69.58
N VAL B 224 5.35 -40.86 70.28
CA VAL B 224 6.76 -40.64 70.12
C VAL B 224 7.37 -40.35 71.50
N PRO B 225 8.69 -40.43 71.64
CA PRO B 225 9.32 -40.35 72.96
C PRO B 225 8.97 -39.09 73.74
N ILE B 226 8.78 -39.23 75.04
CA ILE B 226 8.50 -38.10 75.90
C ILE B 226 9.58 -37.91 76.92
N VAL B 227 9.99 -36.66 77.08
CA VAL B 227 10.98 -36.31 78.05
C VAL B 227 10.34 -35.31 78.99
N ILE B 228 10.68 -35.34 80.26
CA ILE B 228 10.06 -34.43 81.19
C ILE B 228 10.99 -33.30 81.59
N ALA B 229 10.41 -32.15 81.84
CA ALA B 229 11.15 -31.01 82.35
C ALA B 229 11.17 -31.09 83.87
N GLY B 230 12.24 -30.56 84.46
CA GLY B 230 12.45 -30.57 85.91
C GLY B 230 11.52 -29.69 86.72
N GLY B 231 11.10 -28.56 86.14
CA GLY B 231 10.33 -27.55 86.89
C GLY B 231 11.16 -26.86 87.97
N LYS B 232 10.52 -26.03 88.80
CA LYS B 232 11.19 -25.30 89.89
C LYS B 232 12.00 -26.19 90.86
N LYS B 233 12.96 -25.57 91.55
CA LYS B 233 13.88 -26.29 92.44
C LYS B 233 13.16 -27.00 93.57
N LEU B 234 13.39 -28.31 93.67
CA LEU B 234 12.90 -29.10 94.78
C LEU B 234 14.08 -29.59 95.63
N PRO B 235 13.82 -30.05 96.87
CA PRO B 235 14.84 -30.80 97.62
C PRO B 235 15.26 -32.02 96.81
N GLU B 236 16.57 -32.28 96.78
CA GLU B 236 17.14 -33.34 95.92
C GLU B 236 16.40 -34.68 95.94
N ARG B 237 15.96 -35.12 97.12
CA ARG B 237 15.27 -36.41 97.18
C ARG B 237 13.91 -36.37 96.49
N GLU B 238 13.20 -35.25 96.62
CA GLU B 238 11.91 -35.13 95.95
C GLU B 238 12.05 -35.10 94.44
N ALA B 239 13.10 -34.42 93.95
CA ALA B 239 13.44 -34.38 92.54
C ALA B 239 13.74 -35.78 92.01
N LEU B 240 14.51 -36.55 92.77
CA LEU B 240 14.78 -37.94 92.37
C LEU B 240 13.52 -38.82 92.35
N GLU B 241 12.61 -38.56 93.28
CA GLU B 241 11.29 -39.23 93.21
C GLU B 241 10.53 -38.93 91.91
N MET B 242 10.40 -37.65 91.58
CA MET B 242 9.79 -37.23 90.34
C MET B 242 10.37 -37.98 89.13
N CYS B 243 11.69 -38.00 89.05
CA CYS B 243 12.35 -38.76 87.98
C CYS B 243 11.93 -40.19 87.98
N TRP B 244 12.06 -40.82 89.16
CA TRP B 244 11.73 -42.23 89.31
C TRP B 244 10.34 -42.50 88.79
N GLN B 245 9.38 -41.68 89.26
CA GLN B 245 8.00 -41.80 88.85
C GLN B 245 7.83 -41.68 87.34
N ALA B 246 8.43 -40.64 86.76
CA ALA B 246 8.27 -40.38 85.33
C ALA B 246 8.80 -41.54 84.49
N ILE B 247 10.02 -41.99 84.80
CA ILE B 247 10.63 -43.14 84.13
C ILE B 247 9.78 -44.38 84.31
N ASP B 248 9.37 -44.62 85.56
CA ASP B 248 8.56 -45.79 85.86
C ASP B 248 7.26 -45.81 85.05
N GLN B 249 6.72 -44.62 84.80
CA GLN B 249 5.45 -44.47 84.11
C GLN B 249 5.59 -44.35 82.59
N GLY B 250 6.82 -44.54 82.09
CA GLY B 250 7.04 -44.60 80.66
C GLY B 250 7.79 -43.48 79.96
N ALA B 251 8.20 -42.44 80.68
CA ALA B 251 8.98 -41.33 80.10
C ALA B 251 10.28 -41.86 79.48
N SER B 252 10.74 -41.22 78.41
CA SER B 252 11.96 -41.67 77.74
C SER B 252 13.21 -40.96 78.24
N GLY B 253 13.05 -40.07 79.19
CA GLY B 253 14.19 -39.34 79.69
C GLY B 253 13.76 -38.18 80.51
N VAL B 254 14.71 -37.52 81.13
CA VAL B 254 14.43 -36.31 81.87
C VAL B 254 15.35 -35.23 81.37
N ASP B 255 14.88 -34.01 81.52
CA ASP B 255 15.66 -32.87 81.10
C ASP B 255 15.64 -31.85 82.23
N MET B 256 16.55 -32.02 83.16
CA MET B 256 16.60 -31.11 84.26
C MET B 256 17.47 -29.89 83.99
N GLY B 257 17.07 -28.80 84.59
CA GLY B 257 17.89 -27.62 84.65
C GLY B 257 18.06 -27.27 86.11
N ARG B 258 17.10 -26.51 86.62
CA ARG B 258 17.23 -25.89 87.92
C ARG B 258 17.60 -26.96 88.95
N ASN B 259 16.85 -28.05 88.97
CA ASN B 259 17.17 -29.15 89.91
C ASN B 259 18.59 -29.70 89.86
N ILE B 260 19.34 -29.36 88.81
CA ILE B 260 20.75 -29.73 88.77
C ILE B 260 21.63 -28.52 89.03
N PHE B 261 21.48 -27.47 88.23
CA PHE B 261 22.44 -26.37 88.34
C PHE B 261 22.21 -25.46 89.55
N GLN B 262 21.06 -25.60 90.20
CA GLN B 262 20.82 -24.86 91.43
C GLN B 262 21.07 -25.69 92.68
N SER B 263 21.45 -26.96 92.51
CA SER B 263 21.81 -27.80 93.64
C SER B 263 23.16 -27.38 94.20
N ASP B 264 23.42 -27.71 95.46
CA ASP B 264 24.76 -27.48 96.04
C ASP B 264 25.81 -28.49 95.57
N HIS B 265 25.35 -29.65 95.08
CA HIS B 265 26.26 -30.68 94.58
C HIS B 265 25.77 -31.19 93.24
N PRO B 266 25.89 -30.33 92.20
CA PRO B 266 25.34 -30.63 90.89
C PRO B 266 25.86 -31.94 90.29
N VAL B 267 27.17 -32.19 90.37
CA VAL B 267 27.75 -33.38 89.75
C VAL B 267 27.14 -34.63 90.40
N ALA B 268 26.99 -34.60 91.73
CA ALA B 268 26.42 -35.73 92.43
C ALA B 268 25.01 -35.96 91.98
N MET B 269 24.24 -34.88 91.92
CA MET B 269 22.86 -34.95 91.53
C MET B 269 22.73 -35.62 90.15
N MET B 270 23.65 -35.31 89.24
CA MET B 270 23.56 -35.88 87.90
C MET B 270 23.80 -37.38 87.92
N LYS B 271 24.78 -37.80 88.73
CA LYS B 271 25.08 -39.24 88.84
C LYS B 271 23.88 -39.98 89.40
N ALA B 272 23.25 -39.37 90.40
CA ALA B 272 22.00 -39.89 90.91
C ALA B 272 20.93 -40.00 89.82
N VAL B 273 20.68 -38.91 89.10
CA VAL B 273 19.66 -38.88 88.04
C VAL B 273 19.94 -39.96 87.03
N GLN B 274 21.22 -40.11 86.69
CA GLN B 274 21.64 -41.18 85.78
C GLN B 274 21.32 -42.59 86.22
N ALA B 275 21.56 -42.87 87.49
CA ALA B 275 21.22 -44.18 88.02
C ALA B 275 19.71 -44.45 87.87
N VAL B 276 18.88 -43.47 88.25
CA VAL B 276 17.43 -43.61 88.10
C VAL B 276 17.05 -43.86 86.64
N VAL B 277 17.56 -43.01 85.76
CA VAL B 277 17.13 -43.01 84.37
C VAL B 277 17.62 -44.21 83.57
N HIS B 278 18.90 -44.55 83.70
CA HIS B 278 19.46 -45.61 82.87
C HIS B 278 19.53 -46.97 83.55
N HIS B 279 19.73 -46.98 84.88
CA HIS B 279 20.07 -48.22 85.61
C HIS B 279 19.00 -48.77 86.56
N ASN B 280 17.76 -48.28 86.43
CA ASN B 280 16.65 -48.79 87.25
C ASN B 280 16.82 -48.66 88.75
N GLU B 281 17.71 -47.78 89.19
CA GLU B 281 17.84 -47.51 90.60
C GLU B 281 16.53 -47.04 91.20
N THR B 282 16.34 -47.35 92.47
CA THR B 282 15.19 -46.84 93.22
C THR B 282 15.50 -45.40 93.64
N ALA B 283 14.46 -44.64 93.96
CA ALA B 283 14.60 -43.27 94.43
C ALA B 283 15.55 -43.19 95.61
N ASP B 284 15.41 -44.13 96.53
CA ASP B 284 16.21 -44.16 97.77
C ASP B 284 17.67 -44.46 97.55
N ARG B 285 17.97 -45.55 96.84
CA ARG B 285 19.34 -45.86 96.51
C ARG B 285 20.01 -44.67 95.83
N ALA B 286 19.30 -44.11 94.85
CA ALA B 286 19.73 -42.93 94.13
C ALA B 286 20.09 -41.79 95.07
N TYR B 287 19.21 -41.50 96.03
CA TYR B 287 19.50 -40.47 97.02
C TYR B 287 20.74 -40.78 97.88
N GLU B 288 20.96 -42.05 98.23
CA GLU B 288 22.18 -42.45 98.93
C GLU B 288 23.42 -42.30 98.06
N LEU B 289 23.30 -42.65 96.77
CA LEU B 289 24.34 -42.41 95.77
C LEU B 289 24.71 -40.93 95.74
N TYR B 290 23.68 -40.10 95.77
CA TYR B 290 23.85 -38.66 95.83
C TYR B 290 24.62 -38.25 97.06
N LEU B 291 24.22 -38.78 98.22
CA LEU B 291 24.83 -38.42 99.48
C LEU B 291 26.28 -38.79 99.60
N SER B 292 26.69 -39.86 98.92
CA SER B 292 28.12 -40.24 98.85
C SER B 292 29.02 -39.31 98.01
N GLU B 293 28.49 -38.20 97.49
CA GLU B 293 29.30 -37.05 97.05
C GLU B 293 28.64 -35.75 97.48
N GLY C 14 67.69 -30.03 49.98
CA GLY C 14 67.89 -28.70 50.66
C GLY C 14 66.59 -28.07 51.16
N LYS C 15 65.69 -28.89 51.71
CA LYS C 15 64.43 -28.40 52.30
C LYS C 15 64.42 -28.62 53.81
N ASP C 16 63.83 -27.68 54.54
CA ASP C 16 63.73 -27.79 56.02
C ASP C 16 62.32 -27.77 56.64
N PHE C 17 61.82 -28.95 56.97
CA PHE C 17 60.47 -29.15 57.46
C PHE C 17 60.35 -28.96 58.95
N ARG C 18 61.48 -28.79 59.63
CA ARG C 18 61.52 -28.56 61.07
C ARG C 18 60.69 -29.58 61.88
N THR C 19 60.94 -30.85 61.59
CA THR C 19 60.15 -31.95 62.15
C THR C 19 60.32 -32.08 63.66
N ASP C 20 61.23 -31.32 64.22
CA ASP C 20 61.46 -31.34 65.66
C ASP C 20 60.56 -30.34 66.40
N GLN C 21 59.83 -29.53 65.64
CA GLN C 21 58.95 -28.50 66.21
C GLN C 21 57.53 -28.63 65.65
N PRO C 22 56.61 -29.18 66.45
CA PRO C 22 55.28 -29.49 65.92
C PRO C 22 54.44 -28.23 65.75
N GLN C 23 53.61 -28.23 64.72
CA GLN C 23 52.64 -27.13 64.47
C GLN C 23 51.71 -26.92 65.65
N LYS C 24 51.43 -25.66 65.95
CA LYS C 24 50.60 -25.35 67.10
C LYS C 24 49.56 -24.24 66.78
N ASN C 25 48.29 -24.50 67.08
CA ASN C 25 47.25 -23.47 66.84
C ASN C 25 47.42 -22.21 67.67
N ILE C 26 47.18 -21.07 67.06
CA ILE C 26 47.23 -19.84 67.81
C ILE C 26 45.82 -19.45 68.29
N PRO C 27 45.62 -19.36 69.62
CA PRO C 27 44.29 -19.07 70.15
C PRO C 27 43.76 -17.69 69.78
N PHE C 28 42.45 -17.63 69.58
CA PHE C 28 41.72 -16.37 69.31
C PHE C 28 41.07 -15.98 70.62
N THR C 29 41.43 -14.83 71.17
CA THR C 29 41.06 -14.56 72.55
C THR C 29 39.84 -13.67 72.73
N LEU C 30 39.41 -12.96 71.69
CA LEU C 30 38.30 -12.02 71.80
C LEU C 30 37.14 -12.71 72.49
N LYS C 31 36.60 -12.07 73.52
CA LYS C 31 35.62 -12.72 74.40
C LYS C 31 34.48 -13.36 73.63
N GLY C 32 34.30 -14.67 73.81
CA GLY C 32 33.17 -15.39 73.23
C GLY C 32 33.17 -15.61 71.72
N CYS C 33 34.29 -15.34 71.07
CA CYS C 33 34.36 -15.48 69.63
C CYS C 33 35.39 -16.51 69.22
N GLY C 34 35.65 -17.46 70.10
CA GLY C 34 36.70 -18.41 69.86
C GLY C 34 36.27 -19.61 69.05
N ALA C 35 34.96 -19.74 68.79
CA ALA C 35 34.47 -20.80 67.92
C ALA C 35 33.73 -20.31 66.64
N LEU C 36 34.30 -19.31 65.98
CA LEU C 36 33.74 -18.76 64.71
C LEU C 36 34.64 -19.08 63.52
N ASP C 37 34.04 -19.21 62.33
CA ASP C 37 34.86 -19.37 61.15
C ASP C 37 35.87 -18.22 60.90
N TRP C 38 36.93 -18.52 60.16
CA TRP C 38 38.00 -17.57 59.91
C TRP C 38 37.49 -16.13 59.51
N GLY C 39 36.64 -16.09 58.50
CA GLY C 39 36.12 -14.82 57.96
C GLY C 39 35.43 -13.96 59.01
N MET C 40 34.62 -14.58 59.82
CA MET C 40 33.93 -13.86 60.86
C MET C 40 34.89 -13.36 61.92
N GLN C 41 35.91 -14.17 62.23
CA GLN C 41 36.92 -13.78 63.19
C GLN C 41 37.77 -12.68 62.62
N SER C 42 37.98 -12.76 61.32
CA SER C 42 38.74 -11.73 60.63
C SER C 42 38.00 -10.37 60.64
N ARG C 43 36.69 -10.40 60.40
CA ARG C 43 35.90 -9.18 60.47
C ARG C 43 35.91 -8.60 61.87
N LEU C 44 35.87 -9.46 62.87
CA LEU C 44 35.81 -8.98 64.25
C LEU C 44 37.16 -8.39 64.65
N SER C 45 38.22 -8.87 63.99
CA SER C 45 39.56 -8.38 64.25
C SER C 45 39.80 -7.05 63.60
N ARG C 46 38.98 -6.66 62.63
CA ARG C 46 39.08 -5.29 62.11
C ARG C 46 38.44 -4.32 63.09
N ILE C 47 37.50 -4.80 63.90
CA ILE C 47 36.77 -3.93 64.83
C ILE C 47 37.48 -3.84 66.18
N PHE C 48 37.81 -5.00 66.75
CA PHE C 48 38.50 -5.05 68.02
C PHE C 48 39.99 -5.33 67.79
N ASN C 49 40.83 -4.36 68.15
CA ASN C 49 42.27 -4.49 67.98
C ASN C 49 42.74 -5.75 68.68
N PRO C 50 43.43 -6.65 67.95
CA PRO C 50 43.79 -7.95 68.54
C PRO C 50 44.70 -7.86 69.76
N LYS C 51 45.60 -6.85 69.77
CA LYS C 51 46.52 -6.62 70.89
C LYS C 51 45.76 -6.30 72.16
N THR C 52 44.83 -5.33 72.09
CA THR C 52 44.16 -4.82 73.29
C THR C 52 42.78 -5.43 73.54
N GLY C 53 42.20 -6.07 72.52
CA GLY C 53 40.83 -6.58 72.57
C GLY C 53 39.75 -5.48 72.64
N LYS C 54 40.12 -4.24 72.36
CA LYS C 54 39.20 -3.13 72.48
C LYS C 54 39.01 -2.35 71.18
N THR C 55 37.99 -1.48 71.16
CA THR C 55 37.65 -0.67 69.99
C THR C 55 37.16 0.72 70.39
N VAL C 56 37.54 1.72 69.59
CA VAL C 56 36.96 3.04 69.65
C VAL C 56 36.18 3.25 68.38
N MET C 57 34.89 3.46 68.51
CA MET C 57 34.01 3.46 67.36
C MET C 57 33.42 4.84 67.26
N LEU C 58 33.37 5.38 66.06
CA LEU C 58 32.71 6.66 65.82
C LEU C 58 31.35 6.41 65.18
N ALA C 59 30.28 6.73 65.91
CA ALA C 59 28.91 6.53 65.41
C ALA C 59 28.30 7.80 64.87
N PHE C 60 27.73 7.75 63.68
CA PHE C 60 26.99 8.90 63.15
C PHE C 60 25.84 8.47 62.28
N ASP C 61 25.13 7.45 62.75
CA ASP C 61 23.94 6.93 62.09
C ASP C 61 22.65 7.55 62.58
N HIS C 62 22.74 8.42 63.59
CA HIS C 62 21.56 9.07 64.21
C HIS C 62 20.48 9.58 63.23
N GLY C 63 20.90 9.94 62.01
CA GLY C 63 20.00 10.48 61.03
C GLY C 63 18.90 9.52 60.61
N TYR C 64 19.07 8.24 60.90
CA TYR C 64 18.24 7.23 60.27
C TYR C 64 16.78 7.30 60.66
N PHE C 65 16.53 7.86 61.83
CA PHE C 65 15.18 8.15 62.29
C PHE C 65 15.02 9.60 62.79
N GLN C 66 16.10 10.38 62.78
CA GLN C 66 16.05 11.72 63.38
C GLN C 66 16.20 12.86 62.37
N GLY C 67 16.66 12.55 61.18
CA GLY C 67 16.93 13.62 60.23
C GLY C 67 18.23 14.31 60.64
N PRO C 68 18.45 15.54 60.17
CA PRO C 68 19.69 16.22 60.41
C PRO C 68 19.76 16.71 61.85
N THR C 69 20.40 15.90 62.67
CA THR C 69 20.53 16.17 64.09
C THR C 69 21.77 17.08 64.39
N THR C 70 21.79 17.75 65.53
CA THR C 70 22.86 18.73 65.81
C THR C 70 24.27 18.14 65.78
N GLY C 71 25.10 18.66 64.90
CA GLY C 71 26.47 18.15 64.74
C GLY C 71 26.63 17.28 63.51
N LEU C 72 25.51 16.72 63.05
CA LEU C 72 25.48 15.85 61.89
C LEU C 72 24.79 16.49 60.67
N GLU C 73 24.63 17.81 60.69
CA GLU C 73 23.98 18.51 59.56
C GLU C 73 24.81 18.28 58.30
N ARG C 74 26.12 18.36 58.44
CA ARG C 74 27.06 18.21 57.30
C ARG C 74 28.15 17.18 57.60
N ILE C 75 27.87 15.90 57.37
CA ILE C 75 28.82 14.84 57.67
C ILE C 75 30.09 15.09 56.87
N ASP C 76 29.88 15.59 55.65
CA ASP C 76 30.95 15.74 54.67
C ASP C 76 32.03 16.75 55.10
N ILE C 77 31.65 17.69 55.96
CA ILE C 77 32.52 18.76 56.36
C ILE C 77 32.96 18.56 57.79
N ASN C 78 32.00 18.32 58.64
CA ASN C 78 32.16 18.29 60.07
C ASN C 78 32.74 16.99 60.59
N ILE C 79 32.33 15.87 60.02
CA ILE C 79 32.69 14.54 60.55
C ILE C 79 33.79 13.87 59.74
N ALA C 80 33.85 14.15 58.45
CA ALA C 80 34.91 13.62 57.60
C ALA C 80 36.36 13.76 58.15
N PRO C 81 36.73 14.90 58.77
CA PRO C 81 38.08 15.00 59.30
C PRO C 81 38.33 14.10 60.52
N LEU C 82 37.27 13.52 61.08
CA LEU C 82 37.39 12.62 62.23
C LEU C 82 37.63 11.16 61.91
N PHE C 83 37.25 10.73 60.71
CA PHE C 83 37.35 9.33 60.29
C PHE C 83 38.72 8.72 60.59
N GLU C 84 39.78 9.40 60.17
CA GLU C 84 41.10 8.82 60.36
C GLU C 84 41.46 8.53 61.83
N HIS C 85 40.78 9.19 62.77
CA HIS C 85 41.13 9.02 64.18
C HIS C 85 40.31 7.96 64.88
N ALA C 86 39.37 7.37 64.16
CA ALA C 86 38.57 6.31 64.73
C ALA C 86 39.10 4.92 64.34
N ASP C 87 38.75 3.93 65.16
CA ASP C 87 39.06 2.54 64.82
C ASP C 87 38.07 2.06 63.77
N VAL C 88 36.79 2.37 64.02
CA VAL C 88 35.68 1.89 63.19
C VAL C 88 34.55 2.91 63.06
N LEU C 89 33.97 2.98 61.87
CA LEU C 89 32.91 3.91 61.61
C LEU C 89 31.59 3.18 61.72
N MET C 90 30.58 3.85 62.29
CA MET C 90 29.23 3.35 62.25
C MET C 90 28.22 4.31 61.63
N CYS C 91 27.56 3.87 60.57
CA CYS C 91 26.58 4.71 59.89
C CYS C 91 25.65 3.88 58.98
N THR C 92 24.81 4.56 58.20
CA THR C 92 23.87 3.92 57.32
C THR C 92 24.50 3.79 55.97
N ARG C 93 23.94 2.93 55.12
CA ARG C 93 24.42 2.79 53.77
C ARG C 93 24.23 4.06 52.91
N GLY C 94 23.24 4.88 53.29
CA GLY C 94 22.93 6.07 52.53
C GLY C 94 24.02 7.07 52.70
N ILE C 95 24.43 7.28 53.94
CA ILE C 95 25.54 8.20 54.29
C ILE C 95 26.85 7.62 53.79
N LEU C 96 27.03 6.31 53.95
CA LEU C 96 28.24 5.66 53.51
C LEU C 96 28.50 5.91 52.02
N ARG C 97 27.54 5.56 51.17
CA ARG C 97 27.78 5.71 49.72
C ARG C 97 27.94 7.18 49.30
N SER C 98 27.22 8.08 49.95
CA SER C 98 27.12 9.43 49.44
C SER C 98 28.25 10.32 49.89
N VAL C 99 28.66 10.24 51.15
CA VAL C 99 29.66 11.16 51.68
C VAL C 99 30.85 10.56 52.48
N VAL C 100 30.91 9.24 52.70
CA VAL C 100 32.09 8.68 53.29
C VAL C 100 32.98 8.22 52.13
N PRO C 101 34.11 8.93 51.92
CA PRO C 101 34.98 8.50 50.82
C PRO C 101 35.46 7.06 51.05
N PRO C 102 35.34 6.19 50.05
CA PRO C 102 35.86 4.84 50.21
C PRO C 102 37.36 4.79 50.49
N ALA C 103 38.09 5.84 50.16
CA ALA C 103 39.52 5.88 50.43
C ALA C 103 39.84 5.99 51.93
N THR C 104 38.84 6.33 52.74
CA THR C 104 38.98 6.43 54.18
C THR C 104 39.65 5.19 54.81
N ASN C 105 39.45 4.04 54.19
CA ASN C 105 40.12 2.82 54.59
C ASN C 105 40.00 2.48 56.10
N ARG C 106 38.76 2.52 56.57
CA ARG C 106 38.41 2.32 57.95
C ARG C 106 37.25 1.31 57.98
N PRO C 107 37.27 0.30 58.87
CA PRO C 107 36.19 -0.67 58.99
C PRO C 107 34.85 0.01 59.25
N VAL C 108 33.76 -0.49 58.69
CA VAL C 108 32.43 0.06 58.97
C VAL C 108 31.42 -0.98 59.51
N VAL C 109 30.62 -0.55 60.47
CA VAL C 109 29.52 -1.31 60.97
C VAL C 109 28.30 -0.60 60.45
N LEU C 110 27.46 -1.30 59.70
CA LEU C 110 26.34 -0.64 59.05
C LEU C 110 25.10 -0.72 59.89
N ARG C 111 24.44 0.44 60.05
CA ARG C 111 23.11 0.42 60.67
C ARG C 111 22.16 -0.34 59.76
N ALA C 112 21.50 -1.38 60.27
CA ALA C 112 20.69 -2.23 59.42
C ALA C 112 19.24 -2.31 59.85
N SER C 113 18.82 -1.36 60.68
CA SER C 113 17.40 -1.28 61.00
C SER C 113 16.93 0.16 60.78
N GLY C 114 15.63 0.37 60.71
CA GLY C 114 15.02 1.70 60.50
C GLY C 114 13.54 1.58 60.24
N ALA C 115 13.00 2.54 59.47
CA ALA C 115 11.60 2.65 59.14
C ALA C 115 10.79 3.17 60.32
N ASN C 116 11.48 3.71 61.32
CA ASN C 116 10.86 4.43 62.44
C ASN C 116 11.21 5.88 62.25
N SER C 117 10.62 6.76 63.08
CA SER C 117 11.07 8.16 63.14
C SER C 117 10.65 8.78 64.46
N ILE C 118 11.23 9.94 64.77
CA ILE C 118 10.88 10.70 65.98
C ILE C 118 9.43 11.17 66.01
N LEU C 119 8.76 11.15 64.85
CA LEU C 119 7.34 11.47 64.81
C LEU C 119 6.39 10.30 65.13
N ALA C 120 6.91 9.12 65.42
CA ALA C 120 6.05 7.98 65.68
C ALA C 120 6.63 7.05 66.72
N GLU C 121 6.02 5.87 66.91
CA GLU C 121 6.54 4.92 67.90
C GLU C 121 7.97 4.53 67.59
N LEU C 122 8.83 4.73 68.57
CA LEU C 122 10.25 4.59 68.38
C LEU C 122 10.68 3.18 68.04
N SER C 123 10.03 2.20 68.65
CA SER C 123 10.46 0.81 68.57
C SER C 123 9.97 0.14 67.28
N ASN C 124 9.23 0.90 66.46
CA ASN C 124 8.65 0.35 65.26
C ASN C 124 9.66 0.21 64.13
N GLU C 125 10.66 -0.64 64.32
CA GLU C 125 11.76 -0.80 63.34
C GLU C 125 11.65 -2.05 62.51
N ALA C 126 12.08 -1.96 61.25
CA ALA C 126 12.24 -3.13 60.39
C ALA C 126 13.70 -3.25 59.93
N VAL C 127 14.09 -4.39 59.36
CA VAL C 127 15.40 -4.53 58.78
C VAL C 127 15.52 -3.57 57.61
N ALA C 128 16.60 -2.79 57.58
CA ALA C 128 16.69 -1.69 56.60
C ALA C 128 17.66 -1.94 55.47
N LEU C 129 18.41 -3.04 55.51
CA LEU C 129 19.26 -3.41 54.39
C LEU C 129 19.48 -4.91 54.31
N SER C 130 19.56 -5.43 53.09
CA SER C 130 19.71 -6.86 52.88
C SER C 130 21.14 -7.24 53.12
N MET C 131 21.36 -8.46 53.58
CA MET C 131 22.71 -8.97 53.80
C MET C 131 23.49 -8.83 52.49
N ASP C 132 22.80 -9.12 51.39
CA ASP C 132 23.30 -8.94 50.05
C ASP C 132 24.09 -7.61 49.90
N ASP C 133 23.49 -6.52 50.35
CA ASP C 133 24.10 -5.23 50.22
C ASP C 133 25.18 -4.94 51.25
N ALA C 134 25.05 -5.47 52.46
CA ALA C 134 26.07 -5.36 53.48
C ALA C 134 27.36 -5.98 53.00
N VAL C 135 27.22 -7.13 52.34
CA VAL C 135 28.39 -7.79 51.73
C VAL C 135 28.91 -6.94 50.57
N ARG C 136 28.02 -6.43 49.71
CA ARG C 136 28.46 -5.58 48.59
C ARG C 136 29.25 -4.36 49.10
N LEU C 137 28.91 -3.84 50.26
CA LEU C 137 29.59 -2.67 50.79
C LEU C 137 30.80 -3.02 51.66
N ASN C 138 31.13 -4.31 51.76
CA ASN C 138 32.29 -4.76 52.50
C ASN C 138 32.19 -4.35 53.98
N SER C 139 31.03 -4.55 54.59
CA SER C 139 30.89 -4.29 56.01
C SER C 139 31.72 -5.24 56.83
N CYS C 140 31.96 -4.83 58.07
CA CYS C 140 32.54 -5.70 59.08
C CYS C 140 31.53 -6.30 60.01
N ALA C 141 30.37 -5.64 60.10
CA ALA C 141 29.24 -6.04 60.94
C ALA C 141 27.98 -5.23 60.58
N VAL C 142 26.81 -5.77 60.94
CA VAL C 142 25.54 -5.08 60.74
C VAL C 142 24.92 -4.91 62.10
N ALA C 143 24.22 -3.80 62.29
CA ALA C 143 23.66 -3.44 63.59
C ALA C 143 22.17 -3.23 63.52
N ALA C 144 21.43 -3.71 64.53
CA ALA C 144 20.00 -3.42 64.66
C ALA C 144 19.63 -3.21 66.12
N GLN C 145 18.54 -2.47 66.34
CA GLN C 145 18.07 -2.17 67.70
C GLN C 145 17.17 -3.26 68.19
N VAL C 146 17.37 -3.64 69.44
CA VAL C 146 16.44 -4.48 70.13
C VAL C 146 15.73 -3.57 71.15
N TYR C 147 14.41 -3.70 71.27
CA TYR C 147 13.64 -2.87 72.20
C TYR C 147 12.89 -3.66 73.26
N ILE C 148 13.60 -4.36 74.13
CA ILE C 148 12.95 -5.12 75.17
C ILE C 148 12.07 -4.19 75.99
N GLY C 149 10.83 -4.60 76.24
CA GLY C 149 9.93 -3.80 77.04
C GLY C 149 9.10 -2.81 76.24
N SER C 150 9.41 -2.61 74.95
CA SER C 150 8.61 -1.70 74.15
C SER C 150 7.48 -2.35 73.40
N GLU C 151 6.66 -1.54 72.76
CA GLU C 151 5.51 -2.03 72.03
C GLU C 151 5.88 -3.05 70.97
N TYR C 152 6.94 -2.78 70.21
CA TYR C 152 7.36 -3.68 69.13
C TYR C 152 8.56 -4.54 69.49
N GLU C 153 8.65 -4.91 70.76
CA GLU C 153 9.73 -5.75 71.24
C GLU C 153 9.89 -7.00 70.37
N HIS C 154 8.76 -7.65 70.10
CA HIS C 154 8.73 -8.91 69.34
C HIS C 154 9.38 -8.81 67.94
N GLN C 155 8.93 -7.82 67.18
CA GLN C 155 9.52 -7.53 65.86
C GLN C 155 10.98 -7.20 65.99
N SER C 156 11.36 -6.44 67.02
CA SER C 156 12.76 -6.05 67.12
C SER C 156 13.66 -7.28 67.28
N ILE C 157 13.27 -8.25 68.10
CA ILE C 157 14.07 -9.45 68.25
C ILE C 157 14.08 -10.27 66.95
N LYS C 158 12.93 -10.40 66.30
CA LYS C 158 12.90 -10.99 64.97
C LYS C 158 13.89 -10.34 64.02
N ASN C 159 14.03 -9.02 64.08
CA ASN C 159 15.09 -8.36 63.28
C ASN C 159 16.50 -8.92 63.54
N ILE C 160 16.87 -9.05 64.81
CA ILE C 160 18.14 -9.66 65.18
C ILE C 160 18.26 -11.07 64.62
N ILE C 161 17.22 -11.88 64.84
CA ILE C 161 17.18 -13.27 64.38
C ILE C 161 17.47 -13.35 62.88
N GLN C 162 16.82 -12.46 62.14
CA GLN C 162 16.96 -12.42 60.67
C GLN C 162 18.37 -12.08 60.22
N LEU C 163 18.95 -11.07 60.84
CA LEU C 163 20.32 -10.70 60.54
C LEU C 163 21.34 -11.75 60.87
N VAL C 164 21.24 -12.34 62.08
CA VAL C 164 22.11 -13.44 62.45
C VAL C 164 21.94 -14.57 61.46
N ASP C 165 20.70 -14.99 61.17
CA ASP C 165 20.49 -16.09 60.19
C ASP C 165 21.24 -15.82 58.90
N ALA C 166 21.03 -14.63 58.33
CA ALA C 166 21.63 -14.27 57.06
C ALA C 166 23.15 -14.05 57.21
N GLY C 167 23.56 -13.46 58.34
CA GLY C 167 24.96 -13.23 58.61
C GLY C 167 25.81 -14.50 58.68
N MET C 168 25.27 -15.57 59.27
CA MET C 168 26.01 -16.84 59.41
C MET C 168 26.28 -17.51 58.05
N LYS C 169 25.42 -17.28 57.05
CA LYS C 169 25.67 -17.84 55.69
C LYS C 169 26.91 -17.25 55.02
N VAL C 170 27.40 -16.14 55.54
CA VAL C 170 28.23 -15.20 54.80
C VAL C 170 29.43 -14.69 55.61
N GLY C 171 29.55 -15.09 56.87
CA GLY C 171 30.66 -14.63 57.69
C GLY C 171 30.47 -13.27 58.34
N MET C 172 29.27 -12.72 58.31
CA MET C 172 29.07 -11.36 58.79
C MET C 172 28.57 -11.36 60.22
N PRO C 173 29.30 -10.75 61.15
CA PRO C 173 28.81 -10.57 62.52
C PRO C 173 27.61 -9.58 62.64
N THR C 174 26.77 -9.83 63.64
CA THR C 174 25.68 -8.95 63.92
C THR C 174 25.87 -8.26 65.25
N MET C 175 25.62 -6.96 65.24
CA MET C 175 25.62 -6.19 66.49
C MET C 175 24.20 -5.85 66.93
N ALA C 176 23.80 -6.31 68.11
CA ALA C 176 22.55 -5.86 68.69
C ALA C 176 22.74 -4.64 69.60
N VAL C 177 21.87 -3.64 69.41
CA VAL C 177 21.92 -2.42 70.21
C VAL C 177 20.69 -2.36 71.10
N THR C 178 20.89 -2.28 72.42
CA THR C 178 19.75 -2.22 73.34
C THR C 178 19.14 -0.82 73.36
N GLY C 179 18.10 -0.60 72.59
CA GLY C 179 17.37 0.68 72.66
C GLY C 179 16.32 0.72 73.75
N VAL C 180 16.03 1.92 74.26
CA VAL C 180 15.17 2.01 75.42
C VAL C 180 13.78 2.60 75.16
N VAL C 185 12.85 2.36 82.77
CA VAL C 185 13.91 2.44 83.80
C VAL C 185 15.25 1.92 83.29
N ARG C 186 16.28 2.75 83.38
CA ARG C 186 17.58 2.42 82.79
C ARG C 186 18.56 1.84 83.82
N ASP C 187 18.22 0.69 84.41
CA ASP C 187 19.06 0.09 85.47
C ASP C 187 19.73 -1.24 85.08
N GLN C 188 20.58 -1.77 85.97
CA GLN C 188 21.34 -2.98 85.69
C GLN C 188 20.46 -4.18 85.34
N ARG C 189 19.40 -4.38 86.08
CA ARG C 189 18.60 -5.57 85.84
C ARG C 189 17.93 -5.52 84.46
N TYR C 190 17.62 -4.31 84.00
CA TYR C 190 17.04 -4.17 82.69
C TYR C 190 18.02 -4.51 81.59
N PHE C 191 19.18 -3.89 81.66
CA PHE C 191 20.17 -4.09 80.62
C PHE C 191 20.65 -5.50 80.61
N SER C 192 20.81 -6.10 81.80
CA SER C 192 21.16 -7.52 81.90
C SER C 192 20.15 -8.36 81.12
N LEU C 193 18.87 -8.08 81.31
CA LEU C 193 17.85 -8.80 80.56
C LEU C 193 18.05 -8.62 79.06
N ALA C 194 18.11 -7.38 78.62
CA ALA C 194 18.17 -7.07 77.19
C ALA C 194 19.46 -7.60 76.53
N THR C 195 20.60 -7.41 77.18
CA THR C 195 21.86 -7.81 76.57
C THR C 195 21.95 -9.32 76.46
N ARG C 196 21.53 -10.01 77.53
CA ARG C 196 21.56 -11.45 77.53
C ARG C 196 20.64 -12.09 76.50
N ILE C 197 19.42 -11.59 76.35
CA ILE C 197 18.54 -12.15 75.33
C ILE C 197 19.16 -12.01 73.93
N ALA C 198 19.64 -10.82 73.59
CA ALA C 198 20.25 -10.55 72.30
C ALA C 198 21.42 -11.52 72.03
N ALA C 199 22.25 -11.73 73.06
CA ALA C 199 23.41 -12.59 72.88
C ALA C 199 22.95 -14.04 72.69
N GLU C 200 21.92 -14.40 73.44
CA GLU C 200 21.36 -15.73 73.42
C GLU C 200 20.82 -16.00 72.00
N MET C 201 20.17 -14.99 71.41
CA MET C 201 19.66 -15.09 70.04
C MET C 201 20.76 -15.21 69.00
N GLY C 202 21.99 -14.82 69.37
CA GLY C 202 23.17 -15.09 68.54
C GLY C 202 24.00 -13.89 68.08
N ALA C 203 23.66 -12.68 68.54
CA ALA C 203 24.42 -11.48 68.16
C ALA C 203 25.87 -11.64 68.63
N GLN C 204 26.84 -11.27 67.80
CA GLN C 204 28.22 -11.41 68.22
C GLN C 204 28.74 -10.22 68.98
N ILE C 205 28.11 -9.07 68.83
CA ILE C 205 28.52 -7.91 69.57
C ILE C 205 27.29 -7.31 70.20
N ILE C 206 27.42 -6.77 71.40
CA ILE C 206 26.33 -6.06 72.03
C ILE C 206 26.70 -4.61 72.32
N LYS C 207 25.83 -3.70 71.93
CA LYS C 207 26.04 -2.33 72.33
C LYS C 207 24.96 -1.95 73.36
N THR C 208 25.37 -1.36 74.47
CA THR C 208 24.43 -0.95 75.52
C THR C 208 24.91 0.35 76.18
N TYR C 209 24.24 0.79 77.25
CA TYR C 209 24.65 2.01 77.95
C TYR C 209 25.39 1.73 79.22
N TYR C 210 26.24 2.66 79.64
CA TYR C 210 26.91 2.53 80.91
C TYR C 210 25.93 2.83 82.03
N VAL C 211 26.10 2.17 83.17
CA VAL C 211 25.22 2.34 84.31
C VAL C 211 26.03 2.63 85.59
N GLU C 212 25.55 3.60 86.38
CA GLU C 212 26.24 4.03 87.61
C GLU C 212 26.62 2.84 88.50
N LYS C 213 25.74 1.87 88.62
CA LYS C 213 26.02 0.73 89.48
C LYS C 213 25.57 -0.59 88.87
N GLY C 214 26.47 -1.57 88.93
CA GLY C 214 26.16 -2.92 88.47
C GLY C 214 26.63 -3.19 87.07
N PHE C 215 27.27 -2.20 86.44
CA PHE C 215 27.73 -2.42 85.09
C PHE C 215 28.59 -3.66 84.99
N GLU C 216 29.36 -3.93 86.03
CA GLU C 216 30.18 -5.15 86.11
C GLU C 216 29.37 -6.44 85.84
N ARG C 217 28.12 -6.45 86.28
CA ARG C 217 27.25 -7.61 86.16
C ARG C 217 26.72 -7.77 84.77
N ILE C 218 26.46 -6.63 84.11
CA ILE C 218 25.99 -6.62 82.74
C ILE C 218 27.05 -7.31 81.89
N VAL C 219 28.31 -6.94 82.13
CA VAL C 219 29.43 -7.49 81.39
C VAL C 219 29.64 -8.98 81.63
N ALA C 220 29.65 -9.35 82.93
CA ALA C 220 29.89 -10.70 83.36
C ALA C 220 28.83 -11.64 82.84
N GLY C 221 27.57 -11.18 82.83
CA GLY C 221 26.43 -12.01 82.37
C GLY C 221 26.28 -12.15 80.86
N CYS C 222 27.11 -11.43 80.11
CA CYS C 222 27.00 -11.39 78.67
C CYS C 222 28.20 -12.12 78.07
N PRO C 223 27.95 -13.19 77.29
CA PRO C 223 29.07 -14.01 76.82
C PRO C 223 29.84 -13.46 75.63
N VAL C 224 29.51 -12.23 75.17
CA VAL C 224 30.17 -11.67 73.98
C VAL C 224 30.58 -10.22 74.24
N PRO C 225 31.43 -9.64 73.37
CA PRO C 225 31.94 -8.32 73.66
C PRO C 225 30.81 -7.30 73.84
N ILE C 226 30.99 -6.40 74.79
CA ILE C 226 30.08 -5.29 74.97
C ILE C 226 30.77 -3.96 74.68
N VAL C 227 30.06 -3.11 73.96
CA VAL C 227 30.52 -1.76 73.64
C VAL C 227 29.47 -0.80 74.23
N ILE C 228 29.92 0.32 74.78
CA ILE C 228 28.98 1.28 75.36
C ILE C 228 28.69 2.48 74.41
N ALA C 229 27.47 2.96 74.46
CA ALA C 229 27.10 4.18 73.77
C ALA C 229 27.41 5.38 74.65
N GLY C 230 27.74 6.49 74.00
CA GLY C 230 28.07 7.74 74.67
C GLY C 230 26.95 8.40 75.45
N GLY C 231 25.72 8.32 74.94
CA GLY C 231 24.61 9.05 75.53
C GLY C 231 24.73 10.54 75.25
N LYS C 232 23.87 11.34 75.88
CA LYS C 232 23.82 12.81 75.68
C LYS C 232 25.13 13.50 76.03
N LYS C 233 25.32 14.69 75.46
CA LYS C 233 26.56 15.45 75.62
C LYS C 233 26.86 15.76 77.07
N LEU C 234 28.07 15.37 77.50
CA LEU C 234 28.56 15.69 78.84
C LEU C 234 29.80 16.56 78.71
N PRO C 235 30.17 17.28 79.79
CA PRO C 235 31.48 17.95 79.81
C PRO C 235 32.57 16.91 79.59
N GLU C 236 33.57 17.30 78.80
CA GLU C 236 34.58 16.36 78.33
C GLU C 236 35.17 15.50 79.44
N ARG C 237 35.43 16.10 80.59
CA ARG C 237 36.06 15.32 81.64
C ARG C 237 35.16 14.26 82.22
N GLU C 238 33.86 14.55 82.33
CA GLU C 238 32.91 13.55 82.77
C GLU C 238 32.74 12.41 81.76
N ALA C 239 32.73 12.77 80.47
CA ALA C 239 32.68 11.77 79.42
C ALA C 239 33.86 10.81 79.52
N LEU C 240 35.04 11.37 79.76
CA LEU C 240 36.22 10.51 79.90
C LEU C 240 36.18 9.62 81.15
N GLU C 241 35.53 10.12 82.21
CA GLU C 241 35.29 9.30 83.40
C GLU C 241 34.44 8.10 83.06
N MET C 242 33.29 8.35 82.43
CA MET C 242 32.39 7.29 81.96
C MET C 242 33.16 6.22 81.17
N CYS C 243 33.99 6.64 80.21
CA CYS C 243 34.79 5.68 79.44
C CYS C 243 35.66 4.88 80.35
N TRP C 244 36.36 5.60 81.23
CA TRP C 244 37.31 4.95 82.12
C TRP C 244 36.66 3.86 82.93
N GLN C 245 35.51 4.21 83.50
CA GLN C 245 34.70 3.30 84.30
C GLN C 245 34.30 2.10 83.47
N ALA C 246 33.73 2.34 82.29
CA ALA C 246 33.20 1.25 81.44
C ALA C 246 34.30 0.27 81.10
N ILE C 247 35.41 0.82 80.65
CA ILE C 247 36.57 -0.01 80.33
C ILE C 247 37.05 -0.77 81.56
N ASP C 248 37.21 -0.06 82.67
CA ASP C 248 37.74 -0.66 83.88
C ASP C 248 36.87 -1.81 84.33
N GLN C 249 35.56 -1.69 84.11
CA GLN C 249 34.59 -2.68 84.52
C GLN C 249 34.31 -3.73 83.44
N GLY C 250 35.13 -3.79 82.40
CA GLY C 250 35.07 -4.90 81.46
C GLY C 250 34.49 -4.67 80.07
N ALA C 251 34.04 -3.46 79.75
CA ALA C 251 33.58 -3.18 78.38
C ALA C 251 34.71 -3.45 77.38
N SER C 252 34.36 -3.87 76.17
CA SER C 252 35.35 -4.08 75.11
C SER C 252 35.54 -2.84 74.19
N GLY C 253 34.92 -1.73 74.53
CA GLY C 253 35.04 -0.57 73.71
C GLY C 253 33.98 0.47 73.96
N VAL C 254 34.13 1.62 73.30
CA VAL C 254 33.13 2.66 73.43
C VAL C 254 32.79 3.12 72.06
N ASP C 255 31.57 3.59 71.95
CA ASP C 255 31.08 4.07 70.69
C ASP C 255 30.45 5.41 70.94
N MET C 256 31.29 6.44 70.90
CA MET C 256 30.77 7.79 71.08
C MET C 256 30.29 8.45 69.80
N GLY C 257 29.29 9.29 69.98
CA GLY C 257 28.81 10.09 68.88
C GLY C 257 28.87 11.49 69.42
N ARG C 258 27.75 11.92 70.02
CA ARG C 258 27.57 13.28 70.51
C ARG C 258 28.78 13.78 71.31
N ASN C 259 29.27 12.98 72.26
CA ASN C 259 30.40 13.39 73.07
C ASN C 259 31.68 13.64 72.31
N ILE C 260 31.70 13.25 71.03
CA ILE C 260 32.82 13.59 70.17
C ILE C 260 32.41 14.68 69.18
N PHE C 261 31.41 14.43 68.34
CA PHE C 261 31.13 15.38 67.30
C PHE C 261 30.50 16.70 67.76
N GLN C 262 30.01 16.75 69.00
CA GLN C 262 29.44 17.97 69.54
C GLN C 262 30.43 18.69 70.47
N SER C 263 31.62 18.13 70.65
CA SER C 263 32.66 18.80 71.41
C SER C 263 33.28 19.92 70.59
N ASP C 264 33.85 20.92 71.27
CA ASP C 264 34.55 22.00 70.54
C ASP C 264 35.91 21.56 69.98
N HIS C 265 36.45 20.47 70.50
CA HIS C 265 37.74 19.96 70.03
C HIS C 265 37.66 18.46 69.80
N PRO C 266 36.93 18.08 68.75
CA PRO C 266 36.61 16.67 68.51
C PRO C 266 37.84 15.79 68.31
N VAL C 267 38.85 16.27 67.59
CA VAL C 267 40.03 15.45 67.34
C VAL C 267 40.78 15.20 68.64
N ALA C 268 40.83 16.22 69.49
CA ALA C 268 41.48 16.10 70.78
C ALA C 268 40.73 15.08 71.62
N MET C 269 39.41 15.22 71.67
CA MET C 269 38.58 14.29 72.43
C MET C 269 38.87 12.83 72.06
N MET C 270 38.97 12.55 70.78
CA MET C 270 39.19 11.20 70.30
C MET C 270 40.52 10.66 70.75
N LYS C 271 41.53 11.51 70.76
CA LYS C 271 42.85 11.08 71.17
C LYS C 271 42.84 10.70 72.66
N ALA C 272 42.08 11.49 73.42
CA ALA C 272 41.89 11.23 74.83
C ALA C 272 41.17 9.89 75.05
N VAL C 273 40.05 9.69 74.32
CA VAL C 273 39.26 8.47 74.43
C VAL C 273 40.14 7.29 74.08
N GLN C 274 40.97 7.45 73.05
CA GLN C 274 41.86 6.37 72.67
C GLN C 274 42.82 5.98 73.74
N ALA C 275 43.36 6.97 74.46
CA ALA C 275 44.32 6.71 75.53
C ALA C 275 43.65 5.89 76.65
N VAL C 276 42.45 6.30 77.04
CA VAL C 276 41.67 5.54 78.02
C VAL C 276 41.41 4.10 77.55
N VAL C 277 40.97 3.96 76.31
CA VAL C 277 40.44 2.69 75.84
C VAL C 277 41.52 1.70 75.51
N HIS C 278 42.60 2.13 74.87
CA HIS C 278 43.64 1.19 74.42
C HIS C 278 44.86 1.19 75.32
N HIS C 279 45.13 2.31 76.00
CA HIS C 279 46.43 2.47 76.68
C HIS C 279 46.39 2.55 78.21
N ASN C 280 45.26 2.21 78.81
CA ASN C 280 45.12 2.25 80.27
C ASN C 280 45.33 3.59 80.94
N GLU C 281 45.26 4.68 80.20
CA GLU C 281 45.36 5.98 80.82
C GLU C 281 44.27 6.17 81.85
N THR C 282 44.57 6.99 82.86
CA THR C 282 43.61 7.37 83.89
C THR C 282 42.76 8.48 83.33
N ALA C 283 41.57 8.66 83.91
CA ALA C 283 40.66 9.70 83.50
C ALA C 283 41.38 11.04 83.45
N ASP C 284 42.16 11.31 84.49
CA ASP C 284 42.83 12.62 84.65
C ASP C 284 43.86 12.87 83.58
N ARG C 285 44.78 11.91 83.43
CA ARG C 285 45.81 12.00 82.41
C ARG C 285 45.19 12.23 81.07
N ALA C 286 44.13 11.46 80.78
CA ALA C 286 43.40 11.59 79.53
C ALA C 286 42.87 13.01 79.34
N TYR C 287 42.32 13.60 80.40
CA TYR C 287 41.80 14.97 80.32
C TYR C 287 42.90 16.00 80.06
N GLU C 288 44.07 15.78 80.64
CA GLU C 288 45.23 16.64 80.36
C GLU C 288 45.74 16.47 78.93
N LEU C 289 45.75 15.23 78.46
CA LEU C 289 45.99 14.92 77.04
C LEU C 289 45.02 15.68 76.12
N TYR C 290 43.73 15.66 76.48
CA TYR C 290 42.74 16.44 75.79
C TYR C 290 43.11 17.92 75.78
N LEU C 291 43.44 18.47 76.96
CA LEU C 291 43.74 19.90 77.11
C LEU C 291 44.94 20.38 76.28
N SER C 292 45.92 19.50 76.09
CA SER C 292 47.04 19.84 75.22
C SER C 292 46.73 19.88 73.72
N GLU C 293 45.44 19.78 73.33
CA GLU C 293 44.95 20.26 72.02
C GLU C 293 43.60 20.95 72.20
N GLY D 14 55.36 0.71 14.98
CA GLY D 14 54.54 1.92 14.67
C GLY D 14 53.33 2.13 15.58
N LYS D 15 53.51 1.84 16.87
CA LYS D 15 52.46 2.06 17.88
C LYS D 15 52.82 3.17 18.88
N ASP D 16 51.81 3.94 19.33
CA ASP D 16 52.07 5.03 20.27
C ASP D 16 51.30 4.96 21.59
N PHE D 17 52.00 4.54 22.64
CA PHE D 17 51.43 4.33 23.95
C PHE D 17 51.42 5.55 24.80
N ARG D 18 52.07 6.61 24.34
CA ARG D 18 52.06 7.89 25.03
C ARG D 18 52.48 7.73 26.50
N THR D 19 53.62 7.07 26.70
CA THR D 19 54.12 6.73 28.04
C THR D 19 54.51 7.93 28.87
N ASP D 20 54.58 9.09 28.23
CA ASP D 20 54.94 10.34 28.91
C ASP D 20 53.72 10.98 29.57
N GLN D 21 52.53 10.46 29.28
CA GLN D 21 51.28 11.05 29.78
C GLN D 21 50.43 10.01 30.49
N PRO D 22 50.45 10.02 31.83
CA PRO D 22 49.84 8.95 32.60
C PRO D 22 48.30 9.03 32.58
N GLN D 23 47.65 7.88 32.52
CA GLN D 23 46.19 7.81 32.57
C GLN D 23 45.61 8.47 33.83
N LYS D 24 44.49 9.20 33.67
CA LYS D 24 43.91 9.94 34.78
C LYS D 24 42.41 9.77 34.85
N ASN D 25 41.86 9.46 36.03
CA ASN D 25 40.42 9.21 36.15
C ASN D 25 39.65 10.49 36.02
N ILE D 26 38.51 10.42 35.34
CA ILE D 26 37.66 11.59 35.21
C ILE D 26 36.59 11.63 36.32
N PRO D 27 36.63 12.64 37.21
CA PRO D 27 35.69 12.63 38.34
C PRO D 27 34.22 12.69 37.91
N PHE D 28 33.36 12.06 38.69
CA PHE D 28 31.90 12.17 38.54
C PHE D 28 31.40 13.18 39.60
N THR D 29 30.73 14.24 39.16
CA THR D 29 30.51 15.37 40.05
C THR D 29 29.12 15.45 40.64
N LEU D 30 28.15 14.77 40.02
CA LEU D 30 26.75 14.77 40.48
C LEU D 30 26.67 14.53 41.97
N LYS D 31 25.99 15.42 42.67
CA LYS D 31 26.03 15.46 44.13
C LYS D 31 25.77 14.12 44.80
N GLY D 32 26.72 13.68 45.60
CA GLY D 32 26.61 12.43 46.37
C GLY D 32 26.55 11.13 45.57
N CYS D 33 26.88 11.15 44.30
CA CYS D 33 26.80 9.97 43.48
C CYS D 33 28.18 9.57 43.00
N GLY D 34 29.20 9.98 43.74
CA GLY D 34 30.56 9.74 43.30
C GLY D 34 31.15 8.37 43.54
N ALA D 35 30.38 7.52 44.22
CA ALA D 35 30.83 6.17 44.58
C ALA D 35 29.81 5.12 44.19
N LEU D 36 29.29 5.23 42.98
CA LEU D 36 28.34 4.26 42.48
C LEU D 36 28.98 3.49 41.36
N ASP D 37 28.46 2.32 41.03
CA ASP D 37 28.97 1.63 39.86
C ASP D 37 28.59 2.30 38.54
N TRP D 38 29.41 2.07 37.50
CA TRP D 38 29.24 2.64 36.17
C TRP D 38 27.78 2.74 35.75
N GLY D 39 27.06 1.62 35.75
CA GLY D 39 25.68 1.53 35.22
C GLY D 39 24.74 2.48 35.92
N MET D 40 24.81 2.46 37.25
CA MET D 40 24.01 3.40 38.01
C MET D 40 24.38 4.86 37.70
N GLN D 41 25.68 5.17 37.62
CA GLN D 41 26.10 6.51 37.25
C GLN D 41 25.64 6.89 35.81
N SER D 42 25.59 5.92 34.90
CA SER D 42 25.17 6.14 33.55
C SER D 42 23.67 6.47 33.49
N ARG D 43 22.87 5.73 34.25
CA ARG D 43 21.44 6.02 34.35
C ARG D 43 21.16 7.39 34.94
N LEU D 44 21.91 7.75 36.00
CA LEU D 44 21.76 9.09 36.62
C LEU D 44 22.15 10.19 35.62
N SER D 45 23.09 9.88 34.74
CA SER D 45 23.53 10.84 33.73
C SER D 45 22.52 11.01 32.61
N ARG D 46 21.53 10.12 32.51
CA ARG D 46 20.51 10.30 31.52
C ARG D 46 19.52 11.29 32.08
N ILE D 47 19.46 11.37 33.40
CA ILE D 47 18.48 12.19 34.08
C ILE D 47 19.01 13.60 34.28
N PHE D 48 20.20 13.69 34.87
CA PHE D 48 20.81 14.98 35.16
C PHE D 48 21.89 15.21 34.14
N ASN D 49 21.67 16.20 33.28
CA ASN D 49 22.63 16.62 32.28
C ASN D 49 24.01 16.83 32.91
N PRO D 50 25.05 16.15 32.40
CA PRO D 50 26.37 16.18 33.04
C PRO D 50 26.98 17.60 33.04
N LYS D 51 26.74 18.37 32.00
CA LYS D 51 27.24 19.74 31.91
C LYS D 51 26.70 20.59 33.03
N THR D 52 25.40 20.55 33.24
CA THR D 52 24.77 21.49 34.16
C THR D 52 24.48 20.88 35.54
N GLY D 53 24.43 19.56 35.59
CA GLY D 53 24.06 18.84 36.81
C GLY D 53 22.58 18.91 37.18
N LYS D 54 21.78 19.32 36.21
CA LYS D 54 20.38 19.62 36.46
C LYS D 54 19.45 18.88 35.50
N THR D 55 18.17 18.82 35.90
CA THR D 55 17.14 18.15 35.13
C THR D 55 15.79 18.90 35.06
N VAL D 56 15.17 18.81 33.89
CA VAL D 56 13.76 19.18 33.72
C VAL D 56 12.91 17.94 33.46
N MET D 57 12.04 17.64 34.40
CA MET D 57 11.30 16.40 34.38
C MET D 57 9.83 16.67 34.23
N LEU D 58 9.21 15.98 33.29
CA LEU D 58 7.77 16.12 33.04
C LEU D 58 7.00 14.95 33.65
N ALA D 59 6.27 15.22 34.73
CA ALA D 59 5.59 14.19 35.49
C ALA D 59 4.13 14.17 35.09
N PHE D 60 3.62 12.96 34.90
CA PHE D 60 2.23 12.74 34.58
C PHE D 60 1.74 11.38 35.08
N ASP D 61 2.20 11.02 36.26
CA ASP D 61 1.83 9.75 36.89
C ASP D 61 0.63 9.93 37.81
N HIS D 62 0.05 11.14 37.85
CA HIS D 62 -0.98 11.49 38.85
C HIS D 62 -2.14 10.50 38.87
N GLY D 63 -2.40 9.89 37.72
CA GLY D 63 -3.48 8.95 37.55
C GLY D 63 -3.44 7.75 38.49
N TYR D 64 -2.27 7.45 39.02
CA TYR D 64 -2.06 6.19 39.73
C TYR D 64 -2.94 6.03 40.95
N PHE D 65 -3.33 7.14 41.54
CA PHE D 65 -4.27 7.10 42.62
C PHE D 65 -5.43 8.08 42.47
N GLN D 66 -5.46 8.82 41.36
CA GLN D 66 -6.47 9.86 41.14
C GLN D 66 -7.39 9.65 39.96
N GLY D 67 -7.06 8.70 39.11
CA GLY D 67 -7.85 8.49 37.91
C GLY D 67 -7.59 9.64 36.98
N PRO D 68 -8.51 9.88 36.01
CA PRO D 68 -8.29 10.87 34.97
C PRO D 68 -8.40 12.29 35.55
N THR D 69 -7.25 12.85 35.89
CA THR D 69 -7.15 14.18 36.48
C THR D 69 -7.02 15.30 35.42
N THR D 70 -7.39 16.52 35.77
CA THR D 70 -7.51 17.61 34.79
C THR D 70 -6.22 17.91 34.04
N GLY D 71 -6.27 17.79 32.71
CA GLY D 71 -5.07 17.91 31.89
C GLY D 71 -4.53 16.55 31.46
N LEU D 72 -4.81 15.50 32.23
CA LEU D 72 -4.32 14.16 31.94
C LEU D 72 -5.40 13.17 31.48
N GLU D 73 -6.57 13.69 31.09
CA GLU D 73 -7.65 12.87 30.53
C GLU D 73 -7.18 12.12 29.30
N ARG D 74 -6.41 12.79 28.44
CA ARG D 74 -5.88 12.20 27.22
C ARG D 74 -4.37 12.43 27.08
N ILE D 75 -3.55 11.55 27.65
CA ILE D 75 -2.11 11.68 27.60
C ILE D 75 -1.69 11.63 26.16
N ASP D 76 -2.31 10.72 25.40
CA ASP D 76 -1.98 10.46 24.00
C ASP D 76 -2.14 11.70 23.06
N ILE D 77 -3.03 12.63 23.42
CA ILE D 77 -3.24 13.79 22.58
C ILE D 77 -2.60 15.04 23.18
N ASN D 78 -2.84 15.23 24.47
CA ASN D 78 -2.52 16.44 25.17
C ASN D 78 -1.07 16.52 25.59
N ILE D 79 -0.52 15.41 26.08
CA ILE D 79 0.82 15.37 26.67
C ILE D 79 1.86 14.86 25.66
N ALA D 80 1.47 14.01 24.73
CA ALA D 80 2.42 13.46 23.78
C ALA D 80 3.26 14.52 23.05
N PRO D 81 2.65 15.64 22.61
CA PRO D 81 3.47 16.67 21.96
C PRO D 81 4.53 17.35 22.86
N LEU D 82 4.45 17.14 24.16
CA LEU D 82 5.39 17.73 25.09
C LEU D 82 6.63 16.88 25.30
N PHE D 83 6.55 15.59 24.96
CA PHE D 83 7.61 14.67 25.37
C PHE D 83 8.98 15.16 24.94
N GLU D 84 9.06 15.56 23.68
CA GLU D 84 10.32 15.98 23.10
C GLU D 84 10.99 17.18 23.82
N HIS D 85 10.22 17.96 24.57
CA HIS D 85 10.76 19.15 25.20
C HIS D 85 11.22 18.93 26.60
N ALA D 86 11.09 17.69 27.08
CA ALA D 86 11.46 17.36 28.45
C ALA D 86 12.77 16.64 28.47
N ASP D 87 13.46 16.68 29.61
CA ASP D 87 14.71 15.93 29.76
C ASP D 87 14.37 14.47 30.05
N VAL D 88 13.39 14.30 30.91
CA VAL D 88 12.99 13.01 31.43
C VAL D 88 11.48 13.00 31.68
N LEU D 89 10.84 11.88 31.33
CA LEU D 89 9.45 11.60 31.59
C LEU D 89 9.29 10.85 32.93
N MET D 90 8.28 11.20 33.70
CA MET D 90 7.90 10.38 34.81
C MET D 90 6.47 9.92 34.69
N CYS D 91 6.25 8.60 34.76
CA CYS D 91 4.88 8.06 34.70
C CYS D 91 4.82 6.62 35.13
N THR D 92 3.62 6.02 35.09
CA THR D 92 3.45 4.60 35.43
C THR D 92 3.74 3.67 34.25
N ARG D 93 4.00 2.41 34.56
CA ARG D 93 4.22 1.42 33.51
C ARG D 93 2.99 1.25 32.63
N GLY D 94 1.80 1.44 33.22
CA GLY D 94 0.56 1.32 32.49
C GLY D 94 0.41 2.36 31.39
N ILE D 95 0.71 3.61 31.73
CA ILE D 95 0.69 4.69 30.75
C ILE D 95 1.81 4.54 29.73
N LEU D 96 2.98 4.14 30.23
CA LEU D 96 4.15 4.01 29.38
C LEU D 96 3.91 3.00 28.26
N ARG D 97 3.45 1.81 28.58
CA ARG D 97 3.32 0.79 27.54
C ARG D 97 2.19 1.15 26.62
N SER D 98 1.12 1.72 27.14
CA SER D 98 -0.06 1.96 26.33
C SER D 98 0.04 3.21 25.43
N VAL D 99 0.54 4.33 25.94
CA VAL D 99 0.47 5.58 25.16
C VAL D 99 1.71 6.43 25.01
N VAL D 100 2.80 6.05 25.67
CA VAL D 100 4.09 6.71 25.42
C VAL D 100 4.83 5.94 24.32
N PRO D 101 4.94 6.50 23.10
CA PRO D 101 5.58 5.77 22.01
C PRO D 101 7.04 5.49 22.36
N PRO D 102 7.48 4.22 22.31
CA PRO D 102 8.89 3.96 22.61
C PRO D 102 9.87 4.79 21.76
N ALA D 103 9.42 5.28 20.60
CA ALA D 103 10.26 6.10 19.73
C ALA D 103 10.57 7.47 20.32
N THR D 104 9.83 7.85 21.34
CA THR D 104 10.08 9.09 22.03
C THR D 104 11.56 9.26 22.41
N ASN D 105 12.25 8.16 22.68
CA ASN D 105 13.67 8.23 23.00
C ASN D 105 14.03 9.27 24.06
N ARG D 106 13.35 9.18 25.20
CA ARG D 106 13.51 10.09 26.32
C ARG D 106 13.60 9.22 27.60
N PRO D 107 14.56 9.49 28.47
CA PRO D 107 14.72 8.71 29.73
C PRO D 107 13.42 8.69 30.52
N VAL D 108 13.05 7.57 31.14
CA VAL D 108 11.85 7.56 32.02
C VAL D 108 12.15 7.19 33.47
N VAL D 109 11.48 7.85 34.39
CA VAL D 109 11.48 7.45 35.79
C VAL D 109 10.09 6.83 36.07
N LEU D 110 10.06 5.57 36.49
CA LEU D 110 8.79 4.89 36.70
C LEU D 110 8.24 5.07 38.10
N ARG D 111 6.97 5.42 38.17
CA ARG D 111 6.24 5.39 39.43
C ARG D 111 6.14 3.92 39.87
N ALA D 112 6.66 3.61 41.04
CA ALA D 112 6.72 2.23 41.50
C ALA D 112 5.98 2.01 42.83
N SER D 113 5.05 2.91 43.12
CA SER D 113 4.22 2.73 44.29
C SER D 113 2.76 2.98 43.88
N GLY D 114 1.83 2.50 44.68
CA GLY D 114 0.42 2.61 44.39
C GLY D 114 -0.38 1.81 45.37
N ALA D 115 -1.57 1.40 44.92
CA ALA D 115 -2.59 0.67 45.69
C ALA D 115 -3.27 1.55 46.75
N ASN D 116 -3.16 2.85 46.56
CA ASN D 116 -3.92 3.83 47.34
C ASN D 116 -4.84 4.52 46.37
N SER D 117 -5.78 5.30 46.88
CA SER D 117 -6.61 6.14 46.01
C SER D 117 -7.16 7.30 46.79
N ILE D 118 -7.68 8.29 46.06
CA ILE D 118 -8.35 9.44 46.67
C ILE D 118 -9.56 9.10 47.53
N LEU D 119 -10.14 7.90 47.38
CA LEU D 119 -11.27 7.47 48.23
C LEU D 119 -10.89 6.79 49.54
N ALA D 120 -9.59 6.70 49.84
CA ALA D 120 -9.14 6.10 51.09
C ALA D 120 -7.89 6.81 51.67
N GLU D 121 -7.29 6.23 52.70
CA GLU D 121 -6.11 6.81 53.34
C GLU D 121 -5.03 6.91 52.30
N LEU D 122 -4.48 8.11 52.17
CA LEU D 122 -3.55 8.45 51.11
C LEU D 122 -2.20 7.73 51.19
N SER D 123 -1.71 7.58 52.42
CA SER D 123 -0.42 6.98 52.70
C SER D 123 -0.39 5.47 52.58
N ASN D 124 -1.55 4.84 52.39
CA ASN D 124 -1.62 3.40 52.24
C ASN D 124 -1.08 2.87 50.90
N GLU D 125 0.20 3.06 50.68
CA GLU D 125 0.86 2.62 49.46
C GLU D 125 1.67 1.30 49.59
N ALA D 126 1.77 0.57 48.49
CA ALA D 126 2.59 -0.62 48.41
C ALA D 126 3.46 -0.49 47.16
N VAL D 127 4.49 -1.34 47.03
CA VAL D 127 5.31 -1.37 45.84
C VAL D 127 4.47 -1.83 44.67
N ALA D 128 4.49 -1.08 43.58
CA ALA D 128 3.56 -1.30 42.49
C ALA D 128 4.18 -1.88 41.22
N LEU D 129 5.48 -2.15 41.25
CA LEU D 129 6.11 -2.87 40.14
C LEU D 129 7.38 -3.52 40.62
N SER D 130 7.68 -4.68 40.08
CA SER D 130 8.86 -5.41 40.48
C SER D 130 10.07 -4.80 39.76
N MET D 131 11.25 -4.97 40.31
CA MET D 131 12.48 -4.44 39.71
C MET D 131 12.72 -5.11 38.39
N ASP D 132 12.33 -6.38 38.31
CA ASP D 132 12.29 -7.19 37.09
C ASP D 132 11.67 -6.38 35.91
N ASP D 133 10.52 -5.78 36.14
CA ASP D 133 9.82 -5.10 35.07
C ASP D 133 10.37 -3.71 34.83
N ALA D 134 10.84 -3.04 35.88
CA ALA D 134 11.57 -1.77 35.71
C ALA D 134 12.69 -1.94 34.74
N VAL D 135 13.51 -3.00 34.92
CA VAL D 135 14.63 -3.35 34.01
C VAL D 135 14.13 -3.74 32.61
N ARG D 136 13.06 -4.53 32.54
CA ARG D 136 12.44 -4.89 31.27
C ARG D 136 12.04 -3.63 30.51
N LEU D 137 11.60 -2.60 31.21
CA LEU D 137 11.16 -1.35 30.56
C LEU D 137 12.31 -0.36 30.28
N ASN D 138 13.52 -0.74 30.70
CA ASN D 138 14.69 0.12 30.51
C ASN D 138 14.57 1.47 31.23
N SER D 139 14.09 1.45 32.48
CA SER D 139 13.94 2.68 33.27
C SER D 139 15.29 3.20 33.61
N CYS D 140 15.30 4.48 33.98
CA CYS D 140 16.50 5.13 34.53
C CYS D 140 16.47 5.16 36.03
N ALA D 141 15.25 5.13 36.57
CA ALA D 141 15.04 5.18 38.00
C ALA D 141 13.62 4.72 38.30
N VAL D 142 13.39 4.37 39.58
CA VAL D 142 12.06 4.01 40.04
C VAL D 142 11.76 4.92 41.21
N ALA D 143 10.48 5.26 41.37
CA ALA D 143 10.06 6.24 42.37
C ALA D 143 9.04 5.67 43.32
N ALA D 144 9.07 6.06 44.58
CA ALA D 144 8.01 5.72 45.52
C ALA D 144 7.85 6.82 46.55
N GLN D 145 6.65 6.94 47.11
CA GLN D 145 6.37 7.96 48.10
C GLN D 145 6.78 7.53 49.46
N VAL D 146 7.37 8.44 50.21
CA VAL D 146 7.54 8.25 51.63
C VAL D 146 6.54 9.20 52.33
N TYR D 147 5.91 8.76 53.40
CA TYR D 147 4.90 9.55 54.09
C TYR D 147 5.21 9.70 55.55
N ILE D 148 6.33 10.36 55.87
CA ILE D 148 6.67 10.65 57.25
C ILE D 148 5.54 11.38 57.91
N GLY D 149 5.15 10.91 59.08
CA GLY D 149 4.09 11.57 59.83
C GLY D 149 2.71 11.02 59.58
N SER D 150 2.53 10.24 58.52
CA SER D 150 1.23 9.64 58.23
C SER D 150 0.99 8.28 58.90
N GLU D 151 -0.24 7.82 58.78
CA GLU D 151 -0.67 6.56 59.33
C GLU D 151 0.22 5.39 58.91
N TYR D 152 0.55 5.35 57.62
CA TYR D 152 1.34 4.26 57.06
C TYR D 152 2.77 4.65 56.76
N GLU D 153 3.31 5.52 57.59
CA GLU D 153 4.71 5.93 57.51
C GLU D 153 5.66 4.72 57.41
N HIS D 154 5.51 3.79 58.33
CA HIS D 154 6.38 2.64 58.42
C HIS D 154 6.42 1.83 57.13
N GLN D 155 5.27 1.48 56.59
CA GLN D 155 5.23 0.73 55.35
C GLN D 155 5.91 1.56 54.23
N SER D 156 5.66 2.87 54.23
CA SER D 156 6.18 3.67 53.12
C SER D 156 7.72 3.70 53.12
N ILE D 157 8.35 3.66 54.28
CA ILE D 157 9.80 3.57 54.31
C ILE D 157 10.29 2.17 53.93
N LYS D 158 9.53 1.14 54.25
CA LYS D 158 9.88 -0.22 53.86
C LYS D 158 9.83 -0.31 52.37
N ASN D 159 8.91 0.43 51.76
CA ASN D 159 8.85 0.48 50.28
C ASN D 159 10.15 0.95 49.70
N ILE D 160 10.74 1.98 50.30
CA ILE D 160 11.98 2.58 49.81
C ILE D 160 13.11 1.61 50.00
N ILE D 161 13.22 1.08 51.24
CA ILE D 161 14.11 0.00 51.56
C ILE D 161 14.06 -1.11 50.53
N GLN D 162 12.87 -1.58 50.17
CA GLN D 162 12.76 -2.71 49.28
C GLN D 162 13.27 -2.33 47.88
N LEU D 163 12.95 -1.13 47.40
CA LEU D 163 13.38 -0.76 46.06
C LEU D 163 14.90 -0.56 46.04
N VAL D 164 15.43 0.09 47.08
CA VAL D 164 16.87 0.28 47.10
C VAL D 164 17.59 -1.10 47.13
N ASP D 165 17.16 -2.02 48.03
CA ASP D 165 17.69 -3.40 48.02
C ASP D 165 17.67 -4.01 46.63
N ALA D 166 16.55 -3.93 45.92
CA ALA D 166 16.43 -4.58 44.64
C ALA D 166 17.17 -3.81 43.61
N GLY D 167 17.18 -2.50 43.73
CA GLY D 167 17.88 -1.64 42.76
C GLY D 167 19.39 -1.73 42.75
N MET D 168 19.98 -1.97 43.93
CA MET D 168 21.43 -2.17 44.00
C MET D 168 21.91 -3.44 43.28
N LYS D 169 21.06 -4.47 43.17
CA LYS D 169 21.46 -5.70 42.47
C LYS D 169 21.68 -5.47 40.99
N VAL D 170 21.11 -4.39 40.47
CA VAL D 170 20.79 -4.24 39.10
C VAL D 170 21.23 -2.88 38.53
N GLY D 171 21.77 -2.00 39.38
CA GLY D 171 22.26 -0.70 38.95
C GLY D 171 21.16 0.32 38.74
N MET D 172 20.00 0.10 39.35
CA MET D 172 18.85 0.98 39.19
C MET D 172 18.72 1.97 40.36
N PRO D 173 18.70 3.27 40.08
CA PRO D 173 18.61 4.24 41.15
C PRO D 173 17.16 4.33 41.62
N THR D 174 16.95 4.64 42.89
CA THR D 174 15.65 4.86 43.45
C THR D 174 15.46 6.34 43.78
N MET D 175 14.30 6.88 43.43
CA MET D 175 13.91 8.22 43.84
C MET D 175 12.84 8.17 44.91
N ALA D 176 13.10 8.75 46.07
CA ALA D 176 12.09 8.83 47.10
C ALA D 176 11.37 10.15 47.00
N VAL D 177 10.04 10.12 47.11
CA VAL D 177 9.24 11.34 46.99
C VAL D 177 8.57 11.60 48.34
N THR D 178 8.81 12.78 48.91
CA THR D 178 8.21 13.12 50.18
C THR D 178 6.75 13.55 50.01
N GLY D 179 5.82 12.61 50.23
CA GLY D 179 4.39 12.91 50.21
C GLY D 179 3.89 13.39 51.56
N VAL D 180 2.85 14.25 51.56
CA VAL D 180 2.41 14.90 52.79
C VAL D 180 1.06 14.43 53.36
N VAL D 185 1.72 20.11 58.44
CA VAL D 185 2.49 21.35 58.27
C VAL D 185 3.63 21.18 57.24
N ARG D 186 3.62 22.05 56.23
CA ARG D 186 4.59 21.95 55.15
C ARG D 186 5.77 22.91 55.30
N ASP D 187 6.59 22.76 56.37
CA ASP D 187 7.72 23.66 56.61
C ASP D 187 9.11 22.99 56.49
N GLN D 188 10.17 23.79 56.62
CA GLN D 188 11.53 23.32 56.47
C GLN D 188 11.89 22.16 57.40
N ARG D 189 11.53 22.24 58.67
CA ARG D 189 12.01 21.23 59.60
C ARG D 189 11.37 19.88 59.28
N TYR D 190 10.15 19.90 58.76
CA TYR D 190 9.49 18.68 58.35
C TYR D 190 10.18 18.08 57.13
N PHE D 191 10.39 18.87 56.07
CA PHE D 191 11.02 18.36 54.87
C PHE D 191 12.46 17.90 55.11
N SER D 192 13.12 18.55 56.06
CA SER D 192 14.47 18.19 56.40
C SER D 192 14.45 16.80 56.99
N LEU D 193 13.46 16.56 57.84
CA LEU D 193 13.30 15.22 58.44
C LEU D 193 13.02 14.19 57.34
N ALA D 194 11.99 14.43 56.54
CA ALA D 194 11.64 13.47 55.52
C ALA D 194 12.73 13.19 54.51
N THR D 195 13.33 14.24 53.94
CA THR D 195 14.37 14.05 52.93
C THR D 195 15.59 13.33 53.53
N ARG D 196 15.97 13.68 54.73
CA ARG D 196 17.17 13.07 55.25
C ARG D 196 17.01 11.58 55.57
N ILE D 197 15.89 11.21 56.18
CA ILE D 197 15.61 9.80 56.40
C ILE D 197 15.64 9.02 55.07
N ALA D 198 15.00 9.54 54.04
CA ALA D 198 14.96 8.84 52.79
C ALA D 198 16.36 8.62 52.27
N ALA D 199 17.20 9.63 52.39
CA ALA D 199 18.50 9.55 51.80
C ALA D 199 19.33 8.56 52.63
N GLU D 200 19.11 8.61 53.92
CA GLU D 200 19.83 7.80 54.85
C GLU D 200 19.51 6.29 54.62
N MET D 201 18.25 5.99 54.29
CA MET D 201 17.84 4.66 53.82
C MET D 201 18.43 4.22 52.48
N GLY D 202 18.82 5.16 51.64
CA GLY D 202 19.57 4.77 50.47
C GLY D 202 19.07 5.28 49.13
N ALA D 203 18.01 6.08 49.13
CA ALA D 203 17.51 6.63 47.86
C ALA D 203 18.58 7.53 47.23
N GLN D 204 18.79 7.37 45.93
CA GLN D 204 19.77 8.21 45.24
C GLN D 204 19.23 9.56 44.81
N ILE D 205 17.92 9.68 44.66
CA ILE D 205 17.34 10.97 44.28
C ILE D 205 16.19 11.26 45.25
N ILE D 206 16.03 12.51 45.64
CA ILE D 206 14.94 12.90 46.46
C ILE D 206 14.08 13.94 45.74
N LYS D 207 12.78 13.73 45.74
CA LYS D 207 11.89 14.74 45.26
C LYS D 207 11.10 15.30 46.43
N THR D 208 11.10 16.60 46.59
CA THR D 208 10.33 17.24 47.63
C THR D 208 9.64 18.52 47.10
N TYR D 209 9.13 19.36 48.00
CA TYR D 209 8.47 20.62 47.62
C TYR D 209 9.32 21.83 47.96
N TYR D 210 9.14 22.91 47.19
CA TYR D 210 9.80 24.17 47.50
C TYR D 210 9.14 24.82 48.71
N VAL D 211 9.92 25.55 49.50
CA VAL D 211 9.43 26.15 50.72
C VAL D 211 9.87 27.62 50.75
N GLU D 212 8.95 28.51 51.15
CA GLU D 212 9.21 29.96 51.22
C GLU D 212 10.49 30.31 51.96
N LYS D 213 10.72 29.63 53.08
CA LYS D 213 11.93 29.88 53.84
C LYS D 213 12.63 28.62 54.35
N GLY D 214 13.94 28.59 54.21
CA GLY D 214 14.72 27.50 54.72
C GLY D 214 15.08 26.46 53.69
N PHE D 215 14.58 26.60 52.47
CA PHE D 215 14.82 25.59 51.45
C PHE D 215 16.31 25.28 51.31
N GLU D 216 17.14 26.29 51.49
CA GLU D 216 18.59 26.16 51.43
C GLU D 216 19.07 25.06 52.37
N ARG D 217 18.43 24.97 53.54
CA ARG D 217 18.81 24.01 54.56
C ARG D 217 18.40 22.58 54.19
N ILE D 218 17.24 22.46 53.53
CA ILE D 218 16.74 21.18 53.06
C ILE D 218 17.77 20.61 52.09
N VAL D 219 18.23 21.45 51.15
CA VAL D 219 19.27 21.05 50.21
C VAL D 219 20.59 20.68 50.88
N ALA D 220 21.05 21.53 51.81
CA ALA D 220 22.35 21.37 52.46
C ALA D 220 22.41 20.12 53.34
N GLY D 221 21.29 19.78 53.97
CA GLY D 221 21.22 18.63 54.88
C GLY D 221 20.97 17.30 54.20
N CYS D 222 20.78 17.34 52.88
CA CYS D 222 20.51 16.17 52.09
C CYS D 222 21.69 15.85 51.19
N PRO D 223 22.34 14.69 51.38
CA PRO D 223 23.55 14.34 50.67
C PRO D 223 23.38 13.89 49.22
N VAL D 224 22.17 13.91 48.68
CA VAL D 224 21.97 13.48 47.29
C VAL D 224 21.13 14.50 46.54
N PRO D 225 21.04 14.38 45.20
CA PRO D 225 20.35 15.42 44.41
C PRO D 225 18.91 15.59 44.82
N ILE D 226 18.43 16.82 44.86
CA ILE D 226 17.02 17.13 45.16
C ILE D 226 16.33 17.76 43.97
N VAL D 227 15.13 17.27 43.68
CA VAL D 227 14.30 17.77 42.62
C VAL D 227 13.02 18.26 43.28
N ILE D 228 12.45 19.37 42.81
CA ILE D 228 11.23 19.90 43.41
C ILE D 228 10.00 19.57 42.59
N ALA D 229 8.89 19.36 43.27
CA ALA D 229 7.64 19.18 42.58
C ALA D 229 6.99 20.54 42.38
N GLY D 230 6.20 20.63 41.30
CA GLY D 230 5.47 21.83 40.90
C GLY D 230 4.39 22.32 41.86
N GLY D 231 3.66 21.40 42.46
CA GLY D 231 2.49 21.76 43.27
C GLY D 231 1.34 22.27 42.40
N LYS D 232 0.28 22.77 43.04
CA LYS D 232 -0.92 23.26 42.33
C LYS D 232 -0.64 24.36 41.30
N LYS D 233 -1.52 24.48 40.33
CA LYS D 233 -1.36 25.46 39.26
C LYS D 233 -1.22 26.89 39.78
N LEU D 234 -0.15 27.55 39.34
CA LEU D 234 0.07 28.95 39.62
C LEU D 234 0.06 29.72 38.28
N PRO D 235 -0.08 31.06 38.33
CA PRO D 235 0.17 31.88 37.14
C PRO D 235 1.61 31.68 36.68
N GLU D 236 1.81 31.54 35.37
CA GLU D 236 3.10 31.19 34.81
C GLU D 236 4.29 31.94 35.41
N ARG D 237 4.16 33.24 35.62
CA ARG D 237 5.30 33.98 36.12
C ARG D 237 5.65 33.59 37.54
N GLU D 238 4.66 33.29 38.36
CA GLU D 238 4.94 32.85 39.73
C GLU D 238 5.60 31.48 39.78
N ALA D 239 5.17 30.59 38.88
CA ALA D 239 5.75 29.27 38.74
C ALA D 239 7.22 29.35 38.33
N LEU D 240 7.52 30.21 37.36
CA LEU D 240 8.91 30.50 37.01
C LEU D 240 9.74 31.09 38.17
N GLU D 241 9.13 31.91 39.01
CA GLU D 241 9.82 32.42 40.19
C GLU D 241 10.21 31.29 41.12
N MET D 242 9.26 30.40 41.37
CA MET D 242 9.47 29.24 42.20
C MET D 242 10.65 28.40 41.70
N CYS D 243 10.67 28.09 40.41
CA CYS D 243 11.81 27.40 39.83
C CYS D 243 13.06 28.15 40.09
N TRP D 244 13.07 29.43 39.73
CA TRP D 244 14.27 30.25 39.89
C TRP D 244 14.83 30.16 41.30
N GLN D 245 13.96 30.35 42.29
CA GLN D 245 14.36 30.25 43.70
C GLN D 245 14.96 28.90 44.07
N ALA D 246 14.22 27.83 43.74
CA ALA D 246 14.69 26.46 44.00
C ALA D 246 16.07 26.18 43.39
N ILE D 247 16.24 26.46 42.11
CA ILE D 247 17.52 26.29 41.45
C ILE D 247 18.59 27.18 42.12
N ASP D 248 18.25 28.45 42.35
CA ASP D 248 19.18 29.36 42.99
C ASP D 248 19.63 28.89 44.36
N GLN D 249 18.70 28.28 45.07
CA GLN D 249 18.97 27.77 46.40
C GLN D 249 19.54 26.34 46.43
N GLY D 250 19.87 25.78 45.26
CA GLY D 250 20.62 24.50 45.20
C GLY D 250 19.89 23.23 44.76
N ALA D 251 18.62 23.33 44.40
CA ALA D 251 17.94 22.20 43.81
C ALA D 251 18.64 21.74 42.55
N SER D 252 18.63 20.43 42.31
CA SER D 252 19.20 19.82 41.10
C SER D 252 18.23 19.69 39.93
N GLY D 253 17.00 20.17 40.09
CA GLY D 253 16.08 20.19 38.97
C GLY D 253 14.66 20.41 39.40
N VAL D 254 13.76 20.47 38.45
CA VAL D 254 12.36 20.62 38.80
C VAL D 254 11.59 19.54 38.10
N ASP D 255 10.46 19.20 38.67
CA ASP D 255 9.61 18.21 38.09
C ASP D 255 8.20 18.75 38.08
N MET D 256 7.88 19.53 37.06
CA MET D 256 6.55 20.05 36.95
C MET D 256 5.57 19.13 36.25
N GLY D 257 4.34 19.24 36.70
CA GLY D 257 3.25 18.59 36.02
C GLY D 257 2.23 19.65 35.72
N ARG D 258 1.39 19.93 36.71
CA ARG D 258 0.26 20.79 36.53
C ARG D 258 0.68 22.12 35.93
N ASN D 259 1.73 22.73 36.50
CA ASN D 259 2.21 24.01 35.99
C ASN D 259 2.62 24.02 34.53
N ILE D 260 2.76 22.84 33.94
CA ILE D 260 3.03 22.73 32.52
C ILE D 260 1.81 22.25 31.74
N PHE D 261 1.26 21.10 32.10
CA PHE D 261 0.20 20.54 31.28
C PHE D 261 -1.17 21.21 31.44
N GLN D 262 -1.31 22.01 32.48
CA GLN D 262 -2.52 22.82 32.69
C GLN D 262 -2.38 24.27 32.21
N SER D 263 -1.20 24.65 31.72
CA SER D 263 -0.98 25.97 31.13
C SER D 263 -1.64 26.04 29.76
N ASP D 264 -1.93 27.25 29.29
CA ASP D 264 -2.52 27.42 27.95
C ASP D 264 -1.48 27.31 26.85
N HIS D 265 -0.20 27.49 27.20
CA HIS D 265 0.88 27.36 26.24
C HIS D 265 2.01 26.49 26.84
N PRO D 266 1.74 25.17 26.93
CA PRO D 266 2.62 24.24 27.60
C PRO D 266 4.04 24.20 27.00
N VAL D 267 4.14 24.25 25.66
CA VAL D 267 5.43 24.12 25.02
C VAL D 267 6.30 25.33 25.39
N ALA D 268 5.65 26.48 25.47
CA ALA D 268 6.32 27.72 25.78
C ALA D 268 6.79 27.71 27.22
N MET D 269 5.92 27.24 28.10
CA MET D 269 6.25 27.14 29.51
C MET D 269 7.50 26.24 29.73
N MET D 270 7.58 25.14 29.00
CA MET D 270 8.70 24.23 29.12
C MET D 270 9.99 24.88 28.68
N LYS D 271 9.95 25.62 27.59
CA LYS D 271 11.13 26.34 27.11
C LYS D 271 11.61 27.37 28.13
N ALA D 272 10.66 28.05 28.77
CA ALA D 272 10.95 29.00 29.83
C ALA D 272 11.61 28.29 31.01
N VAL D 273 10.99 27.18 31.45
CA VAL D 273 11.49 26.40 32.57
C VAL D 273 12.93 25.94 32.28
N GLN D 274 13.17 25.50 31.06
CA GLN D 274 14.48 25.06 30.66
C GLN D 274 15.54 26.15 30.79
N ALA D 275 15.16 27.37 30.41
CA ALA D 275 16.07 28.49 30.47
C ALA D 275 16.50 28.78 31.92
N VAL D 276 15.54 28.79 32.85
CA VAL D 276 15.83 28.97 34.27
C VAL D 276 16.71 27.82 34.82
N VAL D 277 16.41 26.60 34.44
CA VAL D 277 16.99 25.44 35.05
C VAL D 277 18.40 25.18 34.51
N HIS D 278 18.56 25.19 33.19
CA HIS D 278 19.85 24.88 32.59
C HIS D 278 20.75 26.09 32.30
N HIS D 279 20.14 27.24 31.97
CA HIS D 279 20.87 28.39 31.41
C HIS D 279 20.93 29.63 32.30
N ASN D 280 20.68 29.50 33.59
CA ASN D 280 20.78 30.63 34.52
C ASN D 280 19.98 31.87 34.13
N GLU D 281 18.93 31.70 33.34
CA GLU D 281 18.05 32.82 33.08
C GLU D 281 17.38 33.29 34.33
N THR D 282 17.12 34.60 34.39
CA THR D 282 16.37 35.21 35.49
C THR D 282 14.91 34.89 35.31
N ALA D 283 14.16 34.99 36.40
CA ALA D 283 12.72 34.78 36.35
C ALA D 283 12.07 35.62 35.26
N ASP D 284 12.47 36.88 35.17
CA ASP D 284 11.86 37.85 34.24
C ASP D 284 12.13 37.52 32.81
N ARG D 285 13.40 37.34 32.47
CA ARG D 285 13.78 36.99 31.12
C ARG D 285 13.02 35.75 30.68
N ALA D 286 12.97 34.77 31.59
CA ALA D 286 12.27 33.53 31.32
C ALA D 286 10.81 33.80 30.99
N TYR D 287 10.16 34.66 31.76
CA TYR D 287 8.77 35.02 31.47
C TYR D 287 8.56 35.72 30.12
N GLU D 288 9.53 36.51 29.69
CA GLU D 288 9.46 37.15 28.39
C GLU D 288 9.66 36.11 27.30
N LEU D 289 10.58 35.17 27.55
CA LEU D 289 10.81 34.03 26.66
C LEU D 289 9.52 33.25 26.48
N TYR D 290 8.82 33.05 27.59
CA TYR D 290 7.51 32.43 27.58
C TYR D 290 6.54 33.22 26.71
N LEU D 291 6.50 34.54 26.89
CA LEU D 291 5.54 35.41 26.17
C LEU D 291 5.76 35.43 24.69
N SER D 292 7.00 35.25 24.26
CA SER D 292 7.29 35.16 22.83
C SER D 292 6.83 33.84 22.14
N GLU D 293 6.12 32.97 22.86
CA GLU D 293 5.26 31.91 22.25
C GLU D 293 3.91 31.82 22.98
N GLY E 14 18.74 -18.63 -9.53
CA GLY E 14 17.24 -18.62 -9.64
C GLY E 14 16.50 -18.24 -8.37
N LYS E 15 17.02 -17.25 -7.64
CA LYS E 15 16.41 -16.75 -6.40
C LYS E 15 15.92 -15.30 -6.58
N ASP E 16 14.79 -14.96 -5.95
CA ASP E 16 14.21 -13.61 -6.05
C ASP E 16 14.01 -12.89 -4.70
N PHE E 17 14.92 -11.95 -4.43
CA PHE E 17 14.93 -11.23 -3.17
C PHE E 17 14.08 -9.98 -3.18
N ARG E 18 13.57 -9.63 -4.36
CA ARG E 18 12.65 -8.49 -4.53
C ARG E 18 13.21 -7.23 -3.91
N THR E 19 14.44 -6.90 -4.30
CA THR E 19 15.20 -5.83 -3.69
C THR E 19 14.64 -4.46 -4.01
N ASP E 20 13.70 -4.43 -4.96
CA ASP E 20 13.01 -3.19 -5.33
C ASP E 20 11.81 -2.87 -4.38
N GLN E 21 11.49 -3.80 -3.47
CA GLN E 21 10.39 -3.61 -2.54
C GLN E 21 10.81 -3.84 -1.10
N PRO E 22 11.00 -2.73 -0.35
CA PRO E 22 11.56 -2.84 1.00
C PRO E 22 10.57 -3.44 1.99
N GLN E 23 11.10 -4.23 2.91
CA GLN E 23 10.30 -4.79 3.99
C GLN E 23 9.62 -3.69 4.80
N LYS E 24 8.38 -3.93 5.19
CA LYS E 24 7.63 -2.95 5.98
C LYS E 24 6.90 -3.58 7.17
N ASN E 25 7.02 -2.97 8.35
CA ASN E 25 6.32 -3.50 9.52
C ASN E 25 4.82 -3.30 9.41
N ILE E 26 4.08 -4.32 9.82
CA ILE E 26 2.63 -4.24 9.85
C ILE E 26 2.13 -3.78 11.23
N PRO E 27 1.46 -2.62 11.29
CA PRO E 27 1.04 -2.09 12.60
C PRO E 27 0.03 -2.97 13.33
N PHE E 28 0.13 -3.02 14.65
CA PHE E 28 -0.83 -3.66 15.53
C PHE E 28 -1.73 -2.55 16.09
N THR E 29 -3.03 -2.65 15.87
CA THR E 29 -3.91 -1.50 16.09
C THR E 29 -4.77 -1.56 17.35
N LEU E 30 -4.88 -2.74 17.95
CA LEU E 30 -5.64 -2.88 19.19
C LEU E 30 -5.22 -1.79 20.20
N LYS E 31 -6.20 -0.97 20.58
CA LYS E 31 -6.00 0.17 21.48
C LYS E 31 -5.00 -0.05 22.65
N GLY E 32 -3.95 0.76 22.68
CA GLY E 32 -3.03 0.71 23.78
C GLY E 32 -2.13 -0.51 23.89
N CYS E 33 -2.15 -1.37 22.88
CA CYS E 33 -1.36 -2.59 22.90
C CYS E 33 -0.38 -2.66 21.75
N GLY E 34 -0.03 -1.51 21.17
CA GLY E 34 1.00 -1.48 20.16
C GLY E 34 2.48 -1.57 20.55
N ALA E 35 2.76 -1.69 21.85
CA ALA E 35 4.13 -1.81 22.28
C ALA E 35 4.36 -3.00 23.23
N LEU E 36 3.72 -4.14 22.92
CA LEU E 36 3.92 -5.35 23.74
C LEU E 36 4.62 -6.37 22.89
N ASP E 37 5.23 -7.36 23.54
CA ASP E 37 5.96 -8.39 22.86
C ASP E 37 5.02 -9.32 22.06
N TRP E 38 5.56 -10.05 21.10
CA TRP E 38 4.77 -10.83 20.17
C TRP E 38 3.75 -11.75 20.88
N GLY E 39 4.24 -12.54 21.84
CA GLY E 39 3.45 -13.48 22.61
C GLY E 39 2.26 -12.83 23.26
N MET E 40 2.49 -11.73 23.97
CA MET E 40 1.37 -10.97 24.55
C MET E 40 0.37 -10.43 23.45
N GLN E 41 0.88 -9.86 22.36
CA GLN E 41 -0.01 -9.41 21.30
C GLN E 41 -0.74 -10.59 20.66
N SER E 42 -0.10 -11.76 20.68
CA SER E 42 -0.72 -12.92 20.09
C SER E 42 -1.89 -13.37 20.98
N ARG E 43 -1.69 -13.32 22.28
CA ARG E 43 -2.78 -13.70 23.19
C ARG E 43 -3.94 -12.69 23.11
N LEU E 44 -3.65 -11.41 23.01
CA LEU E 44 -4.68 -10.42 22.89
C LEU E 44 -5.45 -10.57 21.59
N SER E 45 -4.79 -11.05 20.54
CA SER E 45 -5.43 -11.29 19.25
C SER E 45 -6.31 -12.54 19.20
N ARG E 46 -6.19 -13.42 20.18
CA ARG E 46 -7.14 -14.51 20.32
C ARG E 46 -8.44 -14.02 20.95
N ILE E 47 -8.35 -12.96 21.75
CA ILE E 47 -9.49 -12.42 22.46
C ILE E 47 -10.22 -11.38 21.59
N PHE E 48 -9.49 -10.38 21.09
CA PHE E 48 -10.10 -9.34 20.27
C PHE E 48 -9.80 -9.63 18.83
N ASN E 49 -10.85 -9.89 18.05
CA ASN E 49 -10.73 -10.21 16.64
C ASN E 49 -10.00 -9.08 15.92
N PRO E 50 -8.91 -9.41 15.20
CA PRO E 50 -8.05 -8.38 14.63
C PRO E 50 -8.77 -7.54 13.61
N LYS E 51 -9.73 -8.12 12.90
CA LYS E 51 -10.48 -7.37 11.87
C LYS E 51 -11.31 -6.26 12.49
N THR E 52 -12.05 -6.60 13.54
CA THR E 52 -13.01 -5.67 14.12
C THR E 52 -12.47 -4.96 15.38
N GLY E 53 -11.45 -5.53 15.99
CA GLY E 53 -10.95 -5.01 17.27
C GLY E 53 -11.86 -5.27 18.45
N LYS E 54 -12.83 -6.18 18.29
CA LYS E 54 -13.86 -6.41 19.31
C LYS E 54 -13.96 -7.85 19.74
N THR E 55 -14.62 -8.08 20.87
CA THR E 55 -14.80 -9.43 21.43
C THR E 55 -16.21 -9.66 22.03
N VAL E 56 -16.75 -10.87 21.83
CA VAL E 56 -17.88 -11.36 22.59
C VAL E 56 -17.44 -12.47 23.56
N MET E 57 -17.58 -12.19 24.83
CA MET E 57 -17.03 -13.04 25.85
C MET E 57 -18.16 -13.63 26.66
N LEU E 58 -18.11 -14.94 26.90
CA LEU E 58 -19.11 -15.62 27.68
C LEU E 58 -18.55 -15.90 29.09
N ALA E 59 -19.10 -15.22 30.08
CA ALA E 59 -18.59 -15.34 31.44
C ALA E 59 -19.45 -16.28 32.22
N PHE E 60 -18.82 -17.19 32.96
CA PHE E 60 -19.50 -18.08 33.87
C PHE E 60 -18.65 -18.50 35.07
N ASP E 61 -17.93 -17.53 35.62
CA ASP E 61 -17.08 -17.75 36.78
C ASP E 61 -17.81 -17.41 38.07
N HIS E 62 -19.04 -16.94 37.96
CA HIS E 62 -19.80 -16.42 39.10
C HIS E 62 -19.70 -17.32 40.34
N GLY E 63 -19.55 -18.61 40.11
CA GLY E 63 -19.50 -19.62 41.17
C GLY E 63 -18.37 -19.42 42.19
N TYR E 64 -17.35 -18.66 41.83
CA TYR E 64 -16.14 -18.55 42.63
C TYR E 64 -16.37 -17.97 44.01
N PHE E 65 -17.41 -17.15 44.16
CA PHE E 65 -17.78 -16.64 45.48
C PHE E 65 -19.26 -16.81 45.83
N GLN E 66 -20.03 -17.30 44.85
CA GLN E 66 -21.51 -17.41 44.98
C GLN E 66 -22.07 -18.83 45.08
N GLY E 67 -21.26 -19.85 44.83
CA GLY E 67 -21.79 -21.20 44.72
C GLY E 67 -22.65 -21.35 43.47
N PRO E 68 -23.56 -22.35 43.45
CA PRO E 68 -24.35 -22.66 42.26
C PRO E 68 -25.43 -21.62 42.03
N THR E 69 -25.13 -20.63 41.23
CA THR E 69 -26.02 -19.53 41.01
C THR E 69 -26.98 -19.87 39.87
N THR E 70 -28.13 -19.20 39.81
CA THR E 70 -29.17 -19.53 38.81
C THR E 70 -28.70 -19.50 37.39
N GLY E 71 -28.84 -20.61 36.69
CA GLY E 71 -28.37 -20.72 35.32
C GLY E 71 -27.04 -21.46 35.24
N LEU E 72 -26.30 -21.48 36.33
CA LEU E 72 -24.99 -22.13 36.35
C LEU E 72 -24.96 -23.34 37.27
N GLU E 73 -26.12 -23.86 37.63
CA GLU E 73 -26.15 -25.09 38.43
C GLU E 73 -25.40 -26.22 37.72
N ARG E 74 -25.57 -26.29 36.41
CA ARG E 74 -25.02 -27.36 35.61
C ARG E 74 -24.36 -26.79 34.35
N ILE E 75 -23.11 -26.36 34.50
CA ILE E 75 -22.32 -25.86 33.38
C ILE E 75 -22.25 -26.89 32.28
N ASP E 76 -22.12 -28.15 32.68
CA ASP E 76 -21.86 -29.24 31.75
C ASP E 76 -23.02 -29.50 30.79
N ILE E 77 -24.22 -29.10 31.20
CA ILE E 77 -25.40 -29.36 30.40
C ILE E 77 -25.89 -28.08 29.74
N ASN E 78 -25.99 -27.05 30.57
CA ASN E 78 -26.70 -25.83 30.25
C ASN E 78 -25.83 -24.87 29.45
N ILE E 79 -24.55 -24.79 29.80
CA ILE E 79 -23.64 -23.80 29.26
C ILE E 79 -22.79 -24.38 28.13
N ALA E 80 -22.43 -25.66 28.26
CA ALA E 80 -21.59 -26.31 27.24
C ALA E 80 -22.03 -26.13 25.79
N PRO E 81 -23.35 -26.15 25.51
CA PRO E 81 -23.76 -25.94 24.11
C PRO E 81 -23.53 -24.52 23.65
N LEU E 82 -23.22 -23.63 24.57
CA LEU E 82 -22.99 -22.25 24.21
C LEU E 82 -21.57 -21.95 23.79
N PHE E 83 -20.62 -22.78 24.22
CA PHE E 83 -19.21 -22.48 24.02
C PHE E 83 -18.87 -22.09 22.61
N GLU E 84 -19.27 -22.92 21.65
CA GLU E 84 -18.95 -22.71 20.25
C GLU E 84 -19.41 -21.35 19.70
N HIS E 85 -20.38 -20.71 20.35
CA HIS E 85 -20.91 -19.45 19.81
C HIS E 85 -20.22 -18.22 20.34
N ALA E 86 -19.32 -18.42 21.31
CA ALA E 86 -18.59 -17.31 21.93
C ALA E 86 -17.22 -17.11 21.29
N ASP E 87 -16.67 -15.91 21.46
CA ASP E 87 -15.34 -15.65 21.01
C ASP E 87 -14.36 -16.19 22.02
N VAL E 88 -14.69 -15.98 23.28
CA VAL E 88 -13.81 -16.32 24.39
C VAL E 88 -14.63 -16.70 25.60
N LEU E 89 -14.11 -17.67 26.35
CA LEU E 89 -14.73 -18.13 27.60
C LEU E 89 -14.05 -17.48 28.80
N MET E 90 -14.81 -17.22 29.84
CA MET E 90 -14.21 -16.77 31.07
C MET E 90 -14.74 -17.61 32.23
N CYS E 91 -13.83 -18.25 32.98
CA CYS E 91 -14.27 -19.06 34.10
C CYS E 91 -13.10 -19.34 35.01
N THR E 92 -13.33 -20.12 36.06
CA THR E 92 -12.26 -20.53 36.96
C THR E 92 -11.54 -21.79 36.50
N ARG E 93 -10.37 -22.04 37.08
CA ARG E 93 -9.59 -23.24 36.71
C ARG E 93 -10.27 -24.52 37.15
N GLY E 94 -11.07 -24.44 38.22
CA GLY E 94 -11.82 -25.59 38.73
C GLY E 94 -12.90 -26.07 37.76
N ILE E 95 -13.69 -25.12 37.22
CA ILE E 95 -14.68 -25.40 36.20
C ILE E 95 -13.96 -25.82 34.91
N LEU E 96 -12.89 -25.13 34.58
CA LEU E 96 -12.21 -25.40 33.33
C LEU E 96 -11.80 -26.86 33.21
N ARG E 97 -11.06 -27.33 34.22
CA ARG E 97 -10.51 -28.69 34.17
C ARG E 97 -11.62 -29.72 34.29
N SER E 98 -12.57 -29.43 35.16
CA SER E 98 -13.62 -30.40 35.40
C SER E 98 -14.66 -30.55 34.27
N VAL E 99 -15.19 -29.44 33.72
CA VAL E 99 -16.31 -29.58 32.80
C VAL E 99 -16.25 -28.85 31.48
N VAL E 100 -15.19 -28.10 31.22
CA VAL E 100 -15.05 -27.47 29.92
C VAL E 100 -14.18 -28.40 29.10
N PRO E 101 -14.75 -29.07 28.09
CA PRO E 101 -13.91 -29.99 27.30
C PRO E 101 -12.80 -29.26 26.59
N PRO E 102 -11.53 -29.72 26.73
CA PRO E 102 -10.43 -29.08 26.01
C PRO E 102 -10.58 -29.04 24.50
N ALA E 103 -11.38 -29.95 23.96
CA ALA E 103 -11.64 -29.94 22.53
C ALA E 103 -12.44 -28.70 22.07
N THR E 104 -13.01 -27.98 23.03
CA THR E 104 -13.80 -26.77 22.74
C THR E 104 -13.02 -25.78 21.85
N ASN E 105 -11.70 -25.78 22.00
CA ASN E 105 -10.85 -24.95 21.16
C ASN E 105 -11.33 -23.49 21.09
N ARG E 106 -11.47 -22.91 22.27
CA ARG E 106 -11.91 -21.53 22.40
C ARG E 106 -10.95 -20.83 23.40
N PRO E 107 -10.61 -19.57 23.16
CA PRO E 107 -9.72 -18.88 24.09
C PRO E 107 -10.30 -18.74 25.47
N VAL E 108 -9.50 -18.82 26.53
CA VAL E 108 -10.04 -18.65 27.87
C VAL E 108 -9.35 -17.56 28.65
N VAL E 109 -10.14 -16.79 29.37
CA VAL E 109 -9.66 -15.84 30.36
C VAL E 109 -9.94 -16.41 31.76
N LEU E 110 -8.91 -16.69 32.54
CA LEU E 110 -9.09 -17.30 33.85
C LEU E 110 -9.32 -16.36 35.02
N ARG E 111 -10.35 -16.65 35.78
CA ARG E 111 -10.59 -15.90 36.98
C ARG E 111 -9.43 -16.21 37.94
N ALA E 112 -8.72 -15.19 38.37
CA ALA E 112 -7.54 -15.42 39.19
C ALA E 112 -7.62 -14.79 40.57
N SER E 113 -8.82 -14.47 41.00
CA SER E 113 -9.00 -13.95 42.33
C SER E 113 -10.10 -14.74 43.00
N GLY E 114 -10.20 -14.65 44.31
CA GLY E 114 -11.17 -15.37 45.08
C GLY E 114 -10.86 -15.27 46.57
N ALA E 115 -11.35 -16.26 47.31
CA ALA E 115 -11.25 -16.38 48.76
C ALA E 115 -12.21 -15.48 49.52
N ASN E 116 -13.18 -14.95 48.80
CA ASN E 116 -14.31 -14.22 49.35
C ASN E 116 -15.56 -15.09 49.13
N SER E 117 -16.68 -14.72 49.74
CA SER E 117 -17.94 -15.34 49.43
C SER E 117 -19.07 -14.36 49.76
N ILE E 118 -20.29 -14.74 49.38
CA ILE E 118 -21.48 -13.92 49.62
C ILE E 118 -21.79 -13.81 51.10
N LEU E 119 -21.23 -14.71 51.91
CA LEU E 119 -21.45 -14.67 53.35
C LEU E 119 -20.51 -13.72 54.14
N ALA E 120 -19.61 -13.02 53.45
CA ALA E 120 -18.69 -12.13 54.15
C ALA E 120 -18.43 -10.87 53.33
N GLU E 121 -17.43 -10.09 53.72
CA GLU E 121 -17.07 -8.87 52.98
C GLU E 121 -16.63 -9.25 51.58
N LEU E 122 -17.32 -8.63 50.63
CA LEU E 122 -17.15 -8.94 49.22
C LEU E 122 -15.76 -8.66 48.68
N SER E 123 -15.18 -7.55 49.15
CA SER E 123 -13.90 -7.08 48.62
C SER E 123 -12.70 -7.82 49.16
N ASN E 124 -12.89 -8.74 50.10
CA ASN E 124 -11.81 -9.50 50.69
C ASN E 124 -11.28 -10.63 49.79
N GLU E 125 -10.65 -10.26 48.68
CA GLU E 125 -10.15 -11.22 47.70
C GLU E 125 -8.64 -11.38 47.76
N ALA E 126 -8.16 -12.56 47.40
CA ALA E 126 -6.74 -12.81 47.25
C ALA E 126 -6.48 -13.37 45.88
N VAL E 127 -5.22 -13.48 45.48
CA VAL E 127 -4.91 -14.11 44.18
C VAL E 127 -5.26 -15.61 44.28
N ALA E 128 -5.99 -16.13 43.30
CA ALA E 128 -6.53 -17.48 43.47
C ALA E 128 -5.91 -18.49 42.57
N LEU E 129 -4.92 -18.08 41.77
CA LEU E 129 -4.12 -19.02 41.00
C LEU E 129 -2.77 -18.46 40.63
N SER E 130 -1.77 -19.32 40.62
CA SER E 130 -0.42 -18.91 40.30
C SER E 130 -0.28 -18.75 38.80
N MET E 131 0.63 -17.90 38.36
CA MET E 131 0.85 -17.67 36.92
C MET E 131 1.32 -18.96 36.27
N ASP E 132 2.12 -19.68 37.03
CA ASP E 132 2.54 -21.04 36.74
C ASP E 132 1.40 -21.90 36.19
N ASP E 133 0.30 -21.94 36.92
CA ASP E 133 -0.84 -22.69 36.47
C ASP E 133 -1.61 -22.05 35.32
N ALA E 134 -1.65 -20.70 35.24
CA ALA E 134 -2.32 -20.02 34.11
C ALA E 134 -1.69 -20.44 32.84
N VAL E 135 -0.36 -20.52 32.88
CA VAL E 135 0.45 -20.95 31.75
C VAL E 135 0.21 -22.42 31.47
N ARG E 136 0.14 -23.22 32.52
CA ARG E 136 -0.13 -24.63 32.35
C ARG E 136 -1.45 -24.87 31.64
N LEU E 137 -2.44 -24.06 31.94
CA LEU E 137 -3.74 -24.14 31.28
C LEU E 137 -3.86 -23.42 29.93
N ASN E 138 -2.77 -22.87 29.44
CA ASN E 138 -2.81 -22.18 28.15
C ASN E 138 -3.85 -21.04 28.10
N SER E 139 -3.91 -20.23 29.16
CA SER E 139 -4.76 -19.05 29.19
C SER E 139 -4.34 -18.01 28.19
N CYS E 140 -5.30 -17.17 27.81
CA CYS E 140 -5.02 -15.97 27.08
C CYS E 140 -4.88 -14.74 27.98
N ALA E 141 -5.49 -14.79 29.15
CA ALA E 141 -5.35 -13.70 30.09
C ALA E 141 -5.76 -14.21 31.46
N VAL E 142 -5.43 -13.45 32.50
CA VAL E 142 -5.94 -13.73 33.82
C VAL E 142 -6.72 -12.51 34.31
N ALA E 143 -7.74 -12.73 35.14
CA ALA E 143 -8.60 -11.65 35.60
C ALA E 143 -8.65 -11.57 37.11
N ALA E 144 -8.63 -10.35 37.64
CA ALA E 144 -8.88 -10.15 39.07
C ALA E 144 -9.75 -8.91 39.30
N GLN E 145 -10.41 -8.86 40.45
CA GLN E 145 -11.25 -7.71 40.82
C GLN E 145 -10.43 -6.64 41.49
N VAL E 146 -10.66 -5.41 41.06
CA VAL E 146 -10.26 -4.27 41.83
C VAL E 146 -11.51 -3.65 42.52
N TYR E 147 -11.39 -3.27 43.79
CA TYR E 147 -12.52 -2.76 44.57
C TYR E 147 -12.28 -1.37 45.11
N ILE E 148 -12.13 -0.40 44.23
CA ILE E 148 -11.88 0.97 44.67
C ILE E 148 -13.04 1.40 45.56
N GLY E 149 -12.72 2.03 46.68
CA GLY E 149 -13.75 2.50 47.59
C GLY E 149 -14.16 1.49 48.65
N SER E 150 -13.71 0.24 48.55
CA SER E 150 -14.14 -0.76 49.51
C SER E 150 -13.17 -0.98 50.65
N GLU E 151 -13.56 -1.80 51.62
CA GLU E 151 -12.72 -2.05 52.75
C GLU E 151 -11.36 -2.64 52.40
N TYR E 152 -11.34 -3.54 51.43
CA TYR E 152 -10.08 -4.13 51.01
C TYR E 152 -9.58 -3.62 49.66
N GLU E 153 -9.79 -2.33 49.41
CA GLU E 153 -9.28 -1.66 48.19
C GLU E 153 -7.82 -1.93 47.98
N HIS E 154 -7.03 -1.65 49.01
CA HIS E 154 -5.58 -1.82 48.99
C HIS E 154 -5.12 -3.21 48.54
N GLN E 155 -5.62 -4.23 49.19
CA GLN E 155 -5.26 -5.59 48.79
C GLN E 155 -5.71 -5.90 47.35
N SER E 156 -6.87 -5.40 46.96
CA SER E 156 -7.36 -5.67 45.62
C SER E 156 -6.44 -5.11 44.55
N ILE E 157 -5.85 -3.94 44.80
CA ILE E 157 -4.89 -3.38 43.85
C ILE E 157 -3.60 -4.18 43.85
N LYS E 158 -3.15 -4.51 45.05
CA LYS E 158 -1.97 -5.36 45.16
C LYS E 158 -2.09 -6.63 44.34
N ASN E 159 -3.30 -7.26 44.36
CA ASN E 159 -3.56 -8.42 43.50
C ASN E 159 -3.29 -8.14 42.00
N ILE E 160 -3.78 -7.02 41.48
CA ILE E 160 -3.49 -6.62 40.11
C ILE E 160 -1.97 -6.45 39.91
N ILE E 161 -1.33 -5.72 40.81
CA ILE E 161 0.11 -5.51 40.73
C ILE E 161 0.82 -6.86 40.63
N GLN E 162 0.50 -7.76 41.53
CA GLN E 162 1.05 -9.08 41.51
C GLN E 162 0.86 -9.86 40.19
N LEU E 163 -0.34 -9.84 39.66
CA LEU E 163 -0.58 -10.51 38.40
C LEU E 163 0.17 -9.87 37.25
N VAL E 164 0.18 -8.53 37.19
CA VAL E 164 0.94 -7.85 36.12
C VAL E 164 2.42 -8.22 36.23
N ASP E 165 2.99 -8.06 37.40
CA ASP E 165 4.38 -8.51 37.63
C ASP E 165 4.69 -9.90 37.08
N ALA E 166 3.94 -10.89 37.52
CA ALA E 166 4.07 -12.26 37.00
C ALA E 166 3.71 -12.43 35.52
N GLY E 167 2.71 -11.71 35.04
CA GLY E 167 2.29 -11.81 33.67
C GLY E 167 3.31 -11.32 32.69
N MET E 168 4.00 -10.23 33.03
CA MET E 168 5.03 -9.71 32.16
C MET E 168 6.22 -10.65 31.98
N LYS E 169 6.54 -11.49 32.97
CA LYS E 169 7.62 -12.48 32.81
C LYS E 169 7.33 -13.50 31.71
N VAL E 170 6.08 -13.62 31.33
CA VAL E 170 5.61 -14.82 30.68
C VAL E 170 4.72 -14.48 29.46
N GLY E 171 4.50 -13.18 29.19
CA GLY E 171 3.62 -12.74 28.06
C GLY E 171 2.12 -12.92 28.29
N MET E 172 1.70 -12.87 29.53
CA MET E 172 0.31 -13.11 29.88
C MET E 172 -0.35 -11.78 30.22
N PRO E 173 -1.35 -11.38 29.43
CA PRO E 173 -2.12 -10.15 29.74
C PRO E 173 -2.94 -10.30 31.01
N THR E 174 -3.06 -9.22 31.76
CA THR E 174 -3.95 -9.18 32.91
C THR E 174 -5.21 -8.32 32.62
N MET E 175 -6.38 -8.84 33.00
CA MET E 175 -7.65 -8.11 32.96
C MET E 175 -8.10 -7.67 34.36
N ALA E 176 -8.22 -6.37 34.56
CA ALA E 176 -8.75 -5.87 35.83
C ALA E 176 -10.24 -5.64 35.70
N VAL E 177 -11.00 -6.15 36.69
CA VAL E 177 -12.44 -6.01 36.68
C VAL E 177 -12.85 -5.07 37.80
N THR E 178 -13.60 -4.01 37.46
CA THR E 178 -13.97 -3.04 38.48
C THR E 178 -15.19 -3.51 39.26
N GLY E 179 -14.98 -4.15 40.40
CA GLY E 179 -16.08 -4.53 41.25
C GLY E 179 -16.56 -3.42 42.16
N VAL E 180 -17.83 -3.46 42.55
CA VAL E 180 -18.41 -2.33 43.29
C VAL E 180 -18.77 -2.61 44.76
N VAL E 185 -22.03 4.28 44.80
CA VAL E 185 -22.61 5.00 43.67
C VAL E 185 -22.01 4.59 42.32
N ARG E 186 -22.86 4.14 41.41
CA ARG E 186 -22.39 3.60 40.14
C ARG E 186 -22.41 4.62 39.00
N ASP E 187 -21.62 5.69 39.11
CA ASP E 187 -21.58 6.74 38.06
C ASP E 187 -20.27 6.88 37.29
N GLN E 188 -20.26 7.79 36.31
CA GLN E 188 -19.09 7.97 35.44
C GLN E 188 -17.79 8.35 36.18
N ARG E 189 -17.84 9.33 37.07
CA ARG E 189 -16.65 9.74 37.80
C ARG E 189 -16.04 8.60 38.65
N TYR E 190 -16.87 7.68 39.15
CA TYR E 190 -16.38 6.55 39.88
C TYR E 190 -15.66 5.58 38.95
N PHE E 191 -16.30 5.19 37.87
CA PHE E 191 -15.70 4.22 37.00
C PHE E 191 -14.46 4.74 36.30
N SER E 192 -14.45 6.03 36.00
CA SER E 192 -13.27 6.71 35.49
C SER E 192 -12.14 6.54 36.48
N LEU E 193 -12.42 6.74 37.77
CA LEU E 193 -11.40 6.58 38.78
C LEU E 193 -10.84 5.14 38.78
N ALA E 194 -11.75 4.18 38.87
CA ALA E 194 -11.37 2.77 39.02
C ALA E 194 -10.67 2.23 37.79
N THR E 195 -11.19 2.53 36.60
CA THR E 195 -10.61 2.00 35.37
C THR E 195 -9.21 2.58 35.19
N ARG E 196 -9.04 3.86 35.47
CA ARG E 196 -7.80 4.51 35.15
C ARG E 196 -6.67 4.04 36.07
N ILE E 197 -6.97 3.91 37.35
CA ILE E 197 -6.00 3.38 38.29
C ILE E 197 -5.53 1.97 37.87
N ALA E 198 -6.49 1.11 37.53
CA ALA E 198 -6.19 -0.24 37.07
C ALA E 198 -5.26 -0.26 35.87
N ALA E 199 -5.55 0.61 34.89
CA ALA E 199 -4.78 0.66 33.69
C ALA E 199 -3.40 1.19 34.00
N GLU E 200 -3.37 2.20 34.86
CA GLU E 200 -2.15 2.88 35.27
C GLU E 200 -1.20 1.87 35.95
N MET E 201 -1.77 0.95 36.76
CA MET E 201 -1.00 -0.08 37.39
C MET E 201 -0.56 -1.16 36.42
N GLY E 202 -1.11 -1.19 35.22
CA GLY E 202 -0.56 -2.05 34.18
C GLY E 202 -1.44 -3.14 33.57
N ALA E 203 -2.71 -3.21 33.98
CA ALA E 203 -3.62 -4.15 33.39
C ALA E 203 -3.77 -3.85 31.90
N GLN E 204 -3.79 -4.88 31.08
CA GLN E 204 -3.92 -4.69 29.65
C GLN E 204 -5.37 -4.66 29.19
N ILE E 205 -6.28 -5.21 29.96
CA ILE E 205 -7.69 -5.16 29.62
C ILE E 205 -8.47 -4.69 30.82
N ILE E 206 -9.46 -3.84 30.59
CA ILE E 206 -10.31 -3.43 31.68
C ILE E 206 -11.74 -3.87 31.43
N LYS E 207 -12.35 -4.51 32.43
CA LYS E 207 -13.77 -4.80 32.40
C LYS E 207 -14.51 -3.91 33.40
N THR E 208 -15.56 -3.27 32.94
CA THR E 208 -16.34 -2.39 33.79
C THR E 208 -17.80 -2.44 33.35
N TYR E 209 -18.67 -1.62 33.95
CA TYR E 209 -20.11 -1.63 33.65
C TYR E 209 -20.50 -0.50 32.72
N TYR E 210 -21.56 -0.68 31.94
CA TYR E 210 -22.08 0.42 31.15
C TYR E 210 -22.81 1.43 32.02
N VAL E 211 -22.79 2.68 31.60
CA VAL E 211 -23.39 3.73 32.39
C VAL E 211 -24.25 4.60 31.50
N GLU E 212 -25.44 4.95 32.01
CA GLU E 212 -26.43 5.76 31.26
C GLU E 212 -25.84 7.02 30.62
N LYS E 213 -25.00 7.71 31.37
CA LYS E 213 -24.40 8.90 30.84
C LYS E 213 -22.94 9.03 31.20
N GLY E 214 -22.13 9.35 30.20
CA GLY E 214 -20.73 9.62 30.40
C GLY E 214 -19.84 8.45 30.03
N PHE E 215 -20.43 7.35 29.62
CA PHE E 215 -19.64 6.18 29.27
C PHE E 215 -18.52 6.51 28.27
N GLU E 216 -18.79 7.45 27.39
CA GLU E 216 -17.82 7.87 26.42
C GLU E 216 -16.53 8.33 27.08
N ARG E 217 -16.65 8.98 28.24
CA ARG E 217 -15.53 9.54 28.96
C ARG E 217 -14.73 8.44 29.63
N ILE E 218 -15.43 7.41 30.11
CA ILE E 218 -14.77 6.25 30.71
C ILE E 218 -13.84 5.60 29.71
N VAL E 219 -14.32 5.45 28.48
CA VAL E 219 -13.55 4.92 27.37
C VAL E 219 -12.40 5.80 26.99
N ALA E 220 -12.65 7.10 26.83
CA ALA E 220 -11.61 8.07 26.40
C ALA E 220 -10.47 8.19 27.41
N GLY E 221 -10.80 8.17 28.68
CA GLY E 221 -9.82 8.30 29.72
C GLY E 221 -9.08 7.01 30.07
N CYS E 222 -9.42 5.93 29.39
CA CYS E 222 -8.74 4.68 29.63
C CYS E 222 -7.87 4.32 28.43
N PRO E 223 -6.53 4.16 28.64
CA PRO E 223 -5.64 3.91 27.51
C PRO E 223 -5.58 2.48 26.97
N VAL E 224 -6.43 1.57 27.46
CA VAL E 224 -6.44 0.18 26.99
C VAL E 224 -7.87 -0.29 26.78
N PRO E 225 -8.08 -1.42 26.08
CA PRO E 225 -9.40 -1.91 25.72
C PRO E 225 -10.38 -2.05 26.86
N ILE E 226 -11.61 -1.62 26.65
CA ILE E 226 -12.66 -1.75 27.65
C ILE E 226 -13.76 -2.71 27.21
N VAL E 227 -14.10 -3.63 28.10
CA VAL E 227 -15.14 -4.63 27.88
C VAL E 227 -16.18 -4.37 28.95
N ILE E 228 -17.46 -4.49 28.61
CA ILE E 228 -18.50 -4.23 29.61
C ILE E 228 -19.09 -5.53 30.10
N ALA E 229 -19.50 -5.52 31.37
CA ALA E 229 -20.20 -6.63 31.98
C ALA E 229 -21.69 -6.44 31.74
N GLY E 230 -22.41 -7.56 31.64
CA GLY E 230 -23.84 -7.56 31.37
C GLY E 230 -24.69 -6.99 32.48
N GLY E 231 -24.36 -7.32 33.74
CA GLY E 231 -25.19 -6.95 34.88
C GLY E 231 -26.39 -7.87 35.00
N LYS E 232 -27.33 -7.52 35.89
CA LYS E 232 -28.54 -8.34 36.12
C LYS E 232 -29.38 -8.57 34.85
N LYS E 233 -30.16 -9.64 34.84
CA LYS E 233 -30.99 -10.01 33.70
C LYS E 233 -31.96 -8.90 33.27
N LEU E 234 -31.91 -8.55 31.99
CA LEU E 234 -32.84 -7.59 31.44
C LEU E 234 -33.63 -8.31 30.36
N PRO E 235 -34.77 -7.71 29.91
CA PRO E 235 -35.43 -8.18 28.70
C PRO E 235 -34.44 -8.12 27.54
N GLU E 236 -34.43 -9.14 26.70
CA GLU E 236 -33.47 -9.29 25.63
C GLU E 236 -33.30 -8.02 24.81
N ARG E 237 -34.38 -7.33 24.46
CA ARG E 237 -34.24 -6.13 23.64
C ARG E 237 -33.50 -4.98 24.34
N GLU E 238 -33.72 -4.83 25.65
CA GLU E 238 -32.99 -3.83 26.43
C GLU E 238 -31.52 -4.16 26.58
N ALA E 239 -31.22 -5.45 26.72
CA ALA E 239 -29.83 -5.94 26.79
C ALA E 239 -29.11 -5.62 25.49
N LEU E 240 -29.76 -5.88 24.36
CA LEU E 240 -29.17 -5.54 23.09
C LEU E 240 -28.97 -4.03 22.92
N GLU E 241 -29.85 -3.21 23.51
CA GLU E 241 -29.65 -1.76 23.49
C GLU E 241 -28.41 -1.35 24.23
N MET E 242 -28.28 -1.85 25.44
CA MET E 242 -27.05 -1.69 26.24
C MET E 242 -25.77 -2.03 25.45
N CYS E 243 -25.73 -3.19 24.80
CA CYS E 243 -24.59 -3.56 23.97
C CYS E 243 -24.36 -2.53 22.94
N TRP E 244 -25.41 -2.20 22.18
CA TRP E 244 -25.28 -1.27 21.08
C TRP E 244 -24.68 0.03 21.58
N GLN E 245 -25.22 0.60 22.65
CA GLN E 245 -24.71 1.86 23.20
C GLN E 245 -23.23 1.77 23.56
N ALA E 246 -22.85 0.73 24.31
CA ALA E 246 -21.47 0.53 24.76
C ALA E 246 -20.51 0.45 23.58
N ILE E 247 -20.83 -0.43 22.63
CA ILE E 247 -20.09 -0.49 21.36
C ILE E 247 -20.05 0.87 20.68
N ASP E 248 -21.20 1.46 20.49
CA ASP E 248 -21.25 2.75 19.82
C ASP E 248 -20.38 3.81 20.49
N GLN E 249 -20.30 3.76 21.80
CA GLN E 249 -19.55 4.74 22.57
C GLN E 249 -18.08 4.33 22.79
N GLY E 250 -17.61 3.27 22.13
CA GLY E 250 -16.20 2.95 22.12
C GLY E 250 -15.73 1.71 22.87
N ALA E 251 -16.62 0.96 23.52
CA ALA E 251 -16.24 -0.31 24.16
C ALA E 251 -15.63 -1.24 23.14
N SER E 252 -14.68 -2.10 23.56
CA SER E 252 -14.03 -3.03 22.66
C SER E 252 -14.69 -4.41 22.71
N GLY E 253 -15.77 -4.53 23.46
CA GLY E 253 -16.44 -5.81 23.56
C GLY E 253 -17.39 -5.90 24.73
N VAL E 254 -18.13 -7.00 24.77
CA VAL E 254 -19.05 -7.21 25.86
C VAL E 254 -18.80 -8.58 26.42
N ASP E 255 -19.05 -8.69 27.70
CA ASP E 255 -18.88 -9.91 28.42
C ASP E 255 -20.18 -10.19 29.18
N MET E 256 -21.13 -10.83 28.51
CA MET E 256 -22.37 -11.21 29.16
C MET E 256 -22.30 -12.54 29.86
N GLY E 257 -23.06 -12.63 30.93
CA GLY E 257 -23.31 -13.89 31.57
C GLY E 257 -24.81 -14.05 31.63
N ARG E 258 -25.38 -13.47 32.69
CA ARG E 258 -26.78 -13.64 33.01
C ARG E 258 -27.64 -13.34 31.81
N ASN E 259 -27.37 -12.26 31.11
CA ASN E 259 -28.19 -11.90 29.95
C ASN E 259 -28.15 -12.88 28.81
N ILE E 260 -27.23 -13.83 28.88
CA ILE E 260 -27.21 -14.93 27.93
C ILE E 260 -27.70 -16.21 28.55
N PHE E 261 -27.06 -16.67 29.64
CA PHE E 261 -27.38 -18.01 30.14
C PHE E 261 -28.69 -18.07 30.91
N GLN E 262 -29.25 -16.92 31.25
CA GLN E 262 -30.58 -16.84 31.86
C GLN E 262 -31.70 -16.50 30.88
N SER E 263 -31.38 -16.30 29.60
CA SER E 263 -32.40 -16.13 28.57
C SER E 263 -33.08 -17.46 28.22
N ASP E 264 -34.28 -17.41 27.66
CA ASP E 264 -34.94 -18.63 27.21
C ASP E 264 -34.38 -19.18 25.90
N HIS E 265 -33.72 -18.31 25.15
CA HIS E 265 -33.09 -18.69 23.89
C HIS E 265 -31.65 -18.18 23.79
N PRO E 266 -30.77 -18.80 24.58
CA PRO E 266 -29.40 -18.33 24.74
C PRO E 266 -28.63 -18.29 23.43
N VAL E 267 -28.76 -19.33 22.60
CA VAL E 267 -28.01 -19.40 21.35
C VAL E 267 -28.42 -18.25 20.46
N ALA E 268 -29.70 -17.94 20.45
CA ALA E 268 -30.22 -16.85 19.65
C ALA E 268 -29.69 -15.51 20.14
N MET E 269 -29.69 -15.31 21.45
CA MET E 269 -29.22 -14.09 22.06
C MET E 269 -27.77 -13.83 21.72
N MET E 270 -26.94 -14.87 21.74
CA MET E 270 -25.54 -14.77 21.35
C MET E 270 -25.36 -14.33 19.92
N LYS E 271 -26.13 -14.90 19.01
CA LYS E 271 -26.02 -14.51 17.62
C LYS E 271 -26.38 -13.04 17.46
N ALA E 272 -27.37 -12.59 18.24
CA ALA E 272 -27.81 -11.19 18.20
C ALA E 272 -26.70 -10.27 18.70
N VAL E 273 -26.10 -10.65 19.84
CA VAL E 273 -25.03 -9.89 20.46
C VAL E 273 -23.83 -9.81 19.51
N GLN E 274 -23.60 -10.88 18.77
CA GLN E 274 -22.52 -10.88 17.79
C GLN E 274 -22.76 -9.90 16.64
N ALA E 275 -23.99 -9.82 16.17
CA ALA E 275 -24.33 -8.87 15.14
C ALA E 275 -24.11 -7.42 15.61
N VAL E 276 -24.45 -7.13 16.84
CA VAL E 276 -24.23 -5.80 17.36
C VAL E 276 -22.73 -5.48 17.45
N VAL E 277 -21.98 -6.45 17.95
CA VAL E 277 -20.62 -6.24 18.42
C VAL E 277 -19.69 -6.26 17.26
N HIS E 278 -19.83 -7.23 16.36
CA HIS E 278 -18.89 -7.35 15.24
C HIS E 278 -19.37 -6.70 13.93
N HIS E 279 -20.68 -6.69 13.70
CA HIS E 279 -21.21 -6.36 12.38
C HIS E 279 -22.02 -5.08 12.29
N ASN E 280 -21.89 -4.20 13.28
CA ASN E 280 -22.56 -2.89 13.27
C ASN E 280 -24.07 -2.93 13.08
N GLU E 281 -24.69 -4.06 13.42
CA GLU E 281 -26.12 -4.12 13.44
C GLU E 281 -26.71 -3.10 14.41
N THR E 282 -27.90 -2.60 14.10
CA THR E 282 -28.65 -1.74 15.01
C THR E 282 -29.31 -2.61 16.07
N ALA E 283 -29.66 -2.00 17.20
CA ALA E 283 -30.36 -2.67 18.28
C ALA E 283 -31.59 -3.43 17.75
N ASP E 284 -32.39 -2.77 16.91
CA ASP E 284 -33.63 -3.32 16.35
C ASP E 284 -33.41 -4.52 15.47
N ARG E 285 -32.57 -4.36 14.44
CA ARG E 285 -32.25 -5.46 13.55
C ARG E 285 -31.77 -6.65 14.36
N ALA E 286 -30.92 -6.38 15.33
CA ALA E 286 -30.39 -7.42 16.21
C ALA E 286 -31.51 -8.16 16.91
N TYR E 287 -32.49 -7.41 17.43
CA TYR E 287 -33.64 -8.01 18.08
C TYR E 287 -34.47 -8.89 17.14
N GLU E 288 -34.60 -8.47 15.89
CA GLU E 288 -35.31 -9.27 14.89
C GLU E 288 -34.54 -10.52 14.56
N LEU E 289 -33.23 -10.39 14.46
CA LEU E 289 -32.35 -11.54 14.30
C LEU E 289 -32.55 -12.51 15.46
N TYR E 290 -32.64 -11.97 16.68
CA TYR E 290 -32.93 -12.78 17.85
C TYR E 290 -34.26 -13.52 17.70
N LEU E 291 -35.30 -12.80 17.30
CA LEU E 291 -36.63 -13.36 17.17
C LEU E 291 -36.70 -14.49 16.15
N SER E 292 -35.89 -14.43 15.11
CA SER E 292 -35.88 -15.50 14.12
C SER E 292 -35.19 -16.79 14.60
N GLU E 293 -34.83 -16.86 15.89
CA GLU E 293 -34.64 -18.16 16.58
C GLU E 293 -35.30 -18.17 17.98
N GLY F 14 -14.38 -41.98 80.31
CA GLY F 14 -14.62 -43.17 79.43
C GLY F 14 -13.62 -43.36 78.28
N LYS F 15 -12.33 -43.14 78.58
CA LYS F 15 -11.24 -43.34 77.61
C LYS F 15 -10.27 -44.44 78.03
N ASP F 16 -9.81 -45.22 77.05
CA ASP F 16 -8.91 -46.35 77.33
C ASP F 16 -7.54 -46.30 76.64
N PHE F 17 -6.54 -45.92 77.42
CA PHE F 17 -5.19 -45.71 76.91
C PHE F 17 -4.35 -46.97 76.94
N ARG F 18 -4.88 -48.02 77.54
CA ARG F 18 -4.24 -49.32 77.55
C ARG F 18 -2.80 -49.20 78.05
N THR F 19 -2.63 -48.50 79.16
CA THR F 19 -1.32 -48.22 79.73
C THR F 19 -0.54 -49.45 80.20
N ASP F 20 -1.20 -50.60 80.21
CA ASP F 20 -0.57 -51.88 80.59
C ASP F 20 0.14 -52.53 79.40
N GLN F 21 -0.07 -51.97 78.19
CA GLN F 21 0.47 -52.53 76.95
C GLN F 21 1.29 -51.48 76.16
N PRO F 22 2.63 -51.55 76.28
CA PRO F 22 3.45 -50.49 75.71
C PRO F 22 3.50 -50.54 74.20
N GLN F 23 3.54 -49.37 73.55
CA GLN F 23 3.64 -49.27 72.10
C GLN F 23 4.90 -49.97 71.60
N LYS F 24 4.79 -50.63 70.44
CA LYS F 24 5.93 -51.37 69.92
C LYS F 24 6.11 -51.19 68.42
N ASN F 25 7.32 -50.86 67.98
CA ASN F 25 7.54 -50.63 66.54
C ASN F 25 7.39 -51.91 65.73
N ILE F 26 6.74 -51.82 64.57
CA ILE F 26 6.68 -52.99 63.70
C ILE F 26 7.84 -53.00 62.70
N PRO F 27 8.72 -54.02 62.78
CA PRO F 27 9.89 -54.04 61.87
C PRO F 27 9.57 -54.12 60.36
N PHE F 28 10.37 -53.42 59.56
CA PHE F 28 10.29 -53.50 58.08
C PHE F 28 11.36 -54.49 57.62
N THR F 29 10.95 -55.55 56.93
CA THR F 29 11.87 -56.69 56.73
C THR F 29 12.55 -56.76 55.36
N LEU F 30 11.97 -56.09 54.36
CA LEU F 30 12.52 -56.09 52.99
C LEU F 30 14.02 -55.87 53.04
N LYS F 31 14.74 -56.77 52.39
CA LYS F 31 16.19 -56.86 52.52
C LYS F 31 16.88 -55.52 52.35
N GLY F 32 17.62 -55.10 53.37
CA GLY F 32 18.42 -53.87 53.29
C GLY F 32 17.68 -52.55 53.18
N CYS F 33 16.36 -52.54 53.40
CA CYS F 33 15.58 -51.32 53.31
C CYS F 33 14.99 -50.95 54.67
N GLY F 34 15.66 -51.36 55.74
CA GLY F 34 15.15 -51.17 57.09
C GLY F 34 15.47 -49.83 57.75
N ALA F 35 16.20 -48.97 57.03
CA ALA F 35 16.51 -47.64 57.54
C ALA F 35 16.20 -46.52 56.49
N LEU F 36 15.04 -46.63 55.89
CA LEU F 36 14.60 -45.66 54.90
C LEU F 36 13.38 -44.91 55.43
N ASP F 37 13.17 -43.69 54.96
CA ASP F 37 12.01 -42.97 55.40
C ASP F 37 10.66 -43.61 54.94
N TRP F 38 9.62 -43.35 55.73
CA TRP F 38 8.31 -43.88 55.46
C TRP F 38 7.98 -43.98 53.97
N GLY F 39 8.05 -42.83 53.24
CA GLY F 39 7.53 -42.74 51.88
C GLY F 39 8.27 -43.69 50.99
N MET F 40 9.57 -43.77 51.17
CA MET F 40 10.36 -44.66 50.34
C MET F 40 10.07 -46.12 50.64
N GLN F 41 9.91 -46.44 51.93
CA GLN F 41 9.46 -47.76 52.32
C GLN F 41 8.08 -48.06 51.74
N SER F 42 7.21 -47.05 51.71
CA SER F 42 5.88 -47.23 51.18
C SER F 42 5.91 -47.54 49.66
N ARG F 43 6.77 -46.82 48.94
CA ARG F 43 6.93 -47.08 47.52
C ARG F 43 7.51 -48.47 47.26
N LEU F 44 8.47 -48.90 48.08
CA LEU F 44 9.04 -50.26 47.95
C LEU F 44 8.03 -51.38 48.27
N SER F 45 7.10 -51.09 49.17
CA SER F 45 6.03 -52.04 49.52
C SER F 45 4.98 -52.16 48.44
N ARG F 46 4.90 -51.20 47.52
CA ARG F 46 4.01 -51.36 46.39
C ARG F 46 4.63 -52.33 45.42
N ILE F 47 5.94 -52.41 45.43
CA ILE F 47 6.68 -53.23 44.47
C ILE F 47 6.83 -54.67 44.95
N PHE F 48 7.39 -54.80 46.16
CA PHE F 48 7.61 -56.10 46.78
C PHE F 48 6.53 -56.35 47.80
N ASN F 49 5.70 -57.37 47.54
CA ASN F 49 4.58 -57.71 48.40
C ASN F 49 5.12 -57.95 49.81
N PRO F 50 4.57 -57.24 50.82
CA PRO F 50 5.09 -57.30 52.20
C PRO F 50 5.00 -58.70 52.81
N LYS F 51 3.97 -59.47 52.44
CA LYS F 51 3.83 -60.86 52.92
C LYS F 51 4.98 -61.75 52.47
N THR F 52 5.23 -61.75 51.17
CA THR F 52 6.22 -62.66 50.59
C THR F 52 7.63 -62.06 50.45
N GLY F 53 7.71 -60.73 50.41
CA GLY F 53 8.95 -60.01 50.08
C GLY F 53 9.40 -60.09 48.60
N LYS F 54 8.49 -60.44 47.71
CA LYS F 54 8.85 -60.70 46.31
C LYS F 54 7.97 -59.94 45.34
N THR F 55 8.40 -59.94 44.08
CA THR F 55 7.69 -59.22 43.05
C THR F 55 7.71 -59.89 41.70
N VAL F 56 6.59 -59.82 40.99
CA VAL F 56 6.51 -60.18 39.58
C VAL F 56 6.30 -58.91 38.77
N MET F 57 7.27 -58.60 37.91
CA MET F 57 7.30 -57.34 37.23
C MET F 57 7.20 -57.59 35.74
N LEU F 58 6.30 -56.88 35.08
CA LEU F 58 6.16 -57.00 33.64
C LEU F 58 6.89 -55.82 32.91
N ALA F 59 8.03 -56.09 32.28
CA ALA F 59 8.83 -55.07 31.60
C ALA F 59 8.50 -54.98 30.11
N PHE F 60 8.27 -53.76 29.62
CA PHE F 60 8.05 -53.53 28.20
C PHE F 60 8.63 -52.18 27.75
N ASP F 61 9.80 -51.83 28.29
CA ASP F 61 10.49 -50.57 27.98
C ASP F 61 11.49 -50.75 26.83
N HIS F 62 11.59 -51.95 26.30
CA HIS F 62 12.61 -52.32 25.31
C HIS F 62 12.67 -51.33 24.15
N GLY F 63 11.54 -50.69 23.87
CA GLY F 63 11.48 -49.71 22.78
C GLY F 63 12.38 -48.49 22.91
N TYR F 64 12.81 -48.19 24.13
CA TYR F 64 13.56 -46.95 24.37
C TYR F 64 14.83 -46.84 23.57
N PHE F 65 15.42 -47.98 23.20
CA PHE F 65 16.60 -47.94 22.31
C PHE F 65 16.47 -48.89 21.12
N GLN F 66 15.37 -49.64 21.04
CA GLN F 66 15.19 -50.65 19.97
C GLN F 66 14.06 -50.41 18.99
N GLY F 67 13.20 -49.42 19.28
CA GLY F 67 12.03 -49.16 18.42
C GLY F 67 11.08 -50.32 18.60
N PRO F 68 10.19 -50.56 17.61
CA PRO F 68 9.11 -51.55 17.76
C PRO F 68 9.63 -52.98 17.67
N THR F 69 9.93 -53.55 18.83
CA THR F 69 10.55 -54.86 18.92
C THR F 69 9.46 -55.95 18.93
N THR F 70 9.81 -57.16 18.51
CA THR F 70 8.81 -58.26 18.38
C THR F 70 8.01 -58.48 19.64
N GLY F 71 6.68 -58.35 19.53
CA GLY F 71 5.78 -58.51 20.65
C GLY F 71 5.35 -57.19 21.24
N LEU F 72 6.13 -56.15 21.01
CA LEU F 72 5.82 -54.82 21.50
C LEU F 72 5.39 -53.82 20.41
N GLU F 73 5.05 -54.33 19.24
CA GLU F 73 4.64 -53.47 18.16
C GLU F 73 3.43 -52.68 18.55
N ARG F 74 2.53 -53.32 19.30
CA ARG F 74 1.26 -52.71 19.71
C ARG F 74 0.98 -52.97 21.19
N ILE F 75 1.57 -52.15 22.06
CA ILE F 75 1.39 -52.26 23.51
C ILE F 75 -0.09 -52.16 23.84
N ASP F 76 -0.79 -51.29 23.12
CA ASP F 76 -2.20 -51.01 23.40
C ASP F 76 -3.14 -52.22 23.21
N ILE F 77 -2.76 -53.15 22.33
CA ILE F 77 -3.60 -54.31 22.05
C ILE F 77 -3.04 -55.57 22.71
N ASN F 78 -1.76 -55.80 22.46
CA ASN F 78 -1.10 -57.00 22.85
C ASN F 78 -0.75 -57.08 24.33
N ILE F 79 -0.27 -55.96 24.90
CA ILE F 79 0.24 -55.95 26.28
C ILE F 79 -0.79 -55.49 27.32
N ALA F 80 -1.67 -54.57 26.93
CA ALA F 80 -2.69 -54.04 27.82
C ALA F 80 -3.50 -55.11 28.58
N PRO F 81 -3.88 -56.22 27.92
CA PRO F 81 -4.61 -57.25 28.68
C PRO F 81 -3.78 -57.94 29.75
N LEU F 82 -2.46 -57.75 29.72
CA LEU F 82 -1.62 -58.39 30.73
C LEU F 82 -1.44 -57.59 32.01
N PHE F 83 -1.72 -56.29 31.95
CA PHE F 83 -1.39 -55.40 33.08
C PHE F 83 -1.94 -55.92 34.40
N GLU F 84 -3.22 -56.30 34.40
CA GLU F 84 -3.89 -56.69 35.62
C GLU F 84 -3.23 -57.91 36.30
N HIS F 85 -2.48 -58.69 35.54
CA HIS F 85 -1.86 -59.91 36.08
C HIS F 85 -0.47 -59.69 36.62
N ALA F 86 0.03 -58.48 36.47
CA ALA F 86 1.36 -58.16 36.99
C ALA F 86 1.31 -57.48 38.34
N ASP F 87 2.40 -57.56 39.09
CA ASP F 87 2.48 -56.85 40.38
C ASP F 87 2.82 -55.41 40.07
N VAL F 88 3.81 -55.22 39.21
CA VAL F 88 4.32 -53.91 38.81
C VAL F 88 4.68 -53.84 37.32
N LEU F 89 4.42 -52.69 36.72
CA LEU F 89 4.73 -52.43 35.33
C LEU F 89 6.07 -51.71 35.23
N MET F 90 6.85 -52.03 34.22
CA MET F 90 8.03 -51.28 33.91
C MET F 90 8.02 -50.79 32.49
N CYS F 91 8.12 -49.46 32.33
CA CYS F 91 8.14 -48.86 30.97
C CYS F 91 8.64 -47.41 30.94
N THR F 92 8.63 -46.80 29.76
CA THR F 92 9.09 -45.41 29.64
C THR F 92 7.91 -44.46 29.83
N ARG F 93 8.22 -43.19 30.08
CA ARG F 93 7.14 -42.21 30.29
C ARG F 93 6.30 -41.97 29.03
N GLY F 94 6.91 -42.20 27.87
CA GLY F 94 6.23 -41.98 26.61
C GLY F 94 5.20 -43.05 26.36
N ILE F 95 5.53 -44.30 26.67
CA ILE F 95 4.53 -45.35 26.59
C ILE F 95 3.45 -45.19 27.66
N LEU F 96 3.88 -44.83 28.87
CA LEU F 96 2.97 -44.73 30.00
C LEU F 96 1.90 -43.70 29.66
N ARG F 97 2.28 -42.48 29.34
CA ARG F 97 1.28 -41.47 29.09
C ARG F 97 0.39 -41.79 27.91
N SER F 98 0.97 -42.37 26.88
CA SER F 98 0.22 -42.54 25.66
C SER F 98 -0.76 -43.74 25.66
N VAL F 99 -0.33 -44.91 26.16
CA VAL F 99 -1.14 -46.13 26.00
C VAL F 99 -1.34 -47.01 27.22
N VAL F 100 -0.69 -46.74 28.36
CA VAL F 100 -1.05 -47.40 29.60
C VAL F 100 -2.17 -46.59 30.27
N PRO F 101 -3.41 -47.12 30.32
CA PRO F 101 -4.51 -46.37 30.93
C PRO F 101 -4.23 -46.13 32.41
N PRO F 102 -4.33 -44.88 32.88
CA PRO F 102 -4.10 -44.65 34.31
C PRO F 102 -5.00 -45.50 35.23
N ALA F 103 -6.17 -45.93 34.71
CA ALA F 103 -7.12 -46.72 35.49
C ALA F 103 -6.56 -48.07 35.86
N THR F 104 -5.44 -48.44 35.24
CA THR F 104 -4.84 -49.75 35.43
C THR F 104 -4.49 -50.01 36.89
N ASN F 105 -4.27 -48.93 37.61
CA ASN F 105 -4.05 -48.98 39.05
C ASN F 105 -3.00 -49.99 39.46
N ARG F 106 -1.85 -49.96 38.79
CA ARG F 106 -0.75 -50.88 39.03
C ARG F 106 0.53 -50.03 39.25
N PRO F 107 1.40 -50.41 40.21
CA PRO F 107 2.62 -49.65 40.47
C PRO F 107 3.47 -49.63 39.22
N VAL F 108 4.18 -48.52 38.95
CA VAL F 108 5.10 -48.45 37.79
C VAL F 108 6.54 -48.06 38.16
N VAL F 109 7.48 -48.69 37.48
CA VAL F 109 8.88 -48.38 37.61
C VAL F 109 9.23 -47.78 36.27
N LEU F 110 9.67 -46.51 36.27
CA LEU F 110 9.95 -45.82 35.01
C LEU F 110 11.38 -45.95 34.54
N ARG F 111 11.54 -46.36 33.29
CA ARG F 111 12.83 -46.33 32.63
C ARG F 111 13.30 -44.88 32.60
N ALA F 112 14.47 -44.61 33.19
CA ALA F 112 14.95 -43.23 33.32
C ALA F 112 16.29 -42.98 32.60
N SER F 113 16.63 -43.85 31.67
CA SER F 113 17.86 -43.67 30.93
C SER F 113 17.53 -43.95 29.49
N GLY F 114 18.39 -43.47 28.59
CA GLY F 114 18.21 -43.64 27.16
C GLY F 114 19.22 -42.80 26.39
N ALA F 115 18.80 -42.31 25.21
CA ALA F 115 19.67 -41.57 24.28
C ALA F 115 20.70 -42.47 23.57
N ASN F 116 20.54 -43.79 23.68
CA ASN F 116 21.32 -44.74 22.94
C ASN F 116 20.39 -45.37 21.92
N SER F 117 20.94 -46.18 21.03
CA SER F 117 20.15 -46.98 20.12
C SER F 117 20.94 -48.17 19.58
N ILE F 118 20.24 -49.12 18.96
CA ILE F 118 20.86 -50.31 18.40
C ILE F 118 21.78 -49.97 17.24
N LEU F 119 21.66 -48.77 16.69
CA LEU F 119 22.57 -48.35 15.62
C LEU F 119 23.89 -47.77 16.11
N ALA F 120 24.10 -47.64 17.42
CA ALA F 120 25.33 -47.02 17.93
C ALA F 120 25.82 -47.71 19.20
N GLU F 121 26.82 -47.15 19.86
CA GLU F 121 27.36 -47.78 21.08
C GLU F 121 26.25 -47.88 22.13
N LEU F 122 26.08 -49.10 22.60
CA LEU F 122 24.99 -49.46 23.49
C LEU F 122 25.04 -48.75 24.84
N SER F 123 26.24 -48.65 25.40
CA SER F 123 26.41 -48.08 26.73
C SER F 123 26.29 -46.55 26.79
N ASN F 124 26.13 -45.89 25.63
CA ASN F 124 26.10 -44.44 25.60
C ASN F 124 24.73 -43.90 26.02
N GLU F 125 24.44 -44.04 27.31
CA GLU F 125 23.16 -43.62 27.85
C GLU F 125 23.29 -42.37 28.70
N ALA F 126 22.22 -41.56 28.72
CA ALA F 126 22.08 -40.42 29.62
C ALA F 126 20.79 -40.57 30.40
N VAL F 127 20.65 -39.77 31.46
CA VAL F 127 19.39 -39.71 32.16
C VAL F 127 18.29 -39.17 31.22
N ALA F 128 17.19 -39.93 31.14
CA ALA F 128 16.13 -39.67 30.20
C ALA F 128 14.85 -39.10 30.80
N LEU F 129 14.80 -38.94 32.12
CA LEU F 129 13.69 -38.16 32.71
C LEU F 129 14.08 -37.52 34.02
N SER F 130 13.58 -36.32 34.26
CA SER F 130 13.90 -35.58 35.48
C SER F 130 13.12 -36.18 36.64
N MET F 131 13.63 -36.04 37.85
CA MET F 131 12.95 -36.58 39.03
C MET F 131 11.60 -35.92 39.22
N ASP F 132 11.57 -34.64 38.86
CA ASP F 132 10.38 -33.82 38.73
C ASP F 132 9.24 -34.61 38.08
N ASP F 133 9.53 -35.20 36.93
CA ASP F 133 8.49 -35.85 36.13
C ASP F 133 8.15 -37.23 36.63
N ALA F 134 9.14 -37.95 37.15
CA ALA F 134 8.88 -39.22 37.82
C ALA F 134 7.87 -39.03 38.91
N VAL F 135 8.06 -38.02 39.75
CA VAL F 135 7.08 -37.65 40.82
C VAL F 135 5.71 -37.24 40.26
N ARG F 136 5.70 -36.39 39.25
CA ARG F 136 4.47 -36.05 38.56
C ARG F 136 3.69 -37.32 38.07
N LEU F 137 4.42 -38.32 37.62
CA LEU F 137 3.81 -39.55 37.13
C LEU F 137 3.46 -40.55 38.25
N ASN F 138 3.77 -40.19 39.47
CA ASN F 138 3.50 -41.05 40.61
C ASN F 138 4.26 -42.42 40.56
N SER F 139 5.52 -42.40 40.13
CA SER F 139 6.33 -43.61 40.06
C SER F 139 6.54 -44.22 41.44
N CYS F 140 6.80 -45.51 41.44
CA CYS F 140 7.33 -46.18 42.65
C CYS F 140 8.83 -46.25 42.66
N ALA F 141 9.43 -46.17 41.47
CA ALA F 141 10.89 -46.19 41.32
C ALA F 141 11.29 -45.71 39.94
N VAL F 142 12.56 -45.36 39.79
CA VAL F 142 13.14 -45.06 38.50
C VAL F 142 14.29 -46.03 38.25
N ALA F 143 14.50 -46.34 36.97
CA ALA F 143 15.46 -47.34 36.56
C ALA F 143 16.46 -46.78 35.57
N ALA F 144 17.74 -47.16 35.73
CA ALA F 144 18.78 -46.84 34.75
C ALA F 144 19.79 -47.99 34.62
N GLN F 145 20.38 -48.14 33.44
CA GLN F 145 21.43 -49.12 33.21
C GLN F 145 22.78 -48.69 33.71
N VAL F 146 23.46 -49.58 34.41
CA VAL F 146 24.88 -49.42 34.64
C VAL F 146 25.59 -50.37 33.67
N TYR F 147 26.72 -49.93 33.11
CA TYR F 147 27.43 -50.72 32.08
C TYR F 147 28.87 -50.97 32.46
N ILE F 148 29.09 -51.69 33.54
CA ILE F 148 30.45 -51.94 34.02
C ILE F 148 31.21 -52.68 32.93
N GLY F 149 32.43 -52.24 32.66
CA GLY F 149 33.23 -52.84 31.60
C GLY F 149 32.99 -52.33 30.19
N SER F 150 32.01 -51.45 29.97
CA SER F 150 31.81 -50.86 28.64
C SER F 150 32.45 -49.52 28.45
N GLU F 151 32.41 -49.06 27.21
CA GLU F 151 33.04 -47.80 26.87
C GLU F 151 32.55 -46.64 27.77
N TYR F 152 31.24 -46.54 27.96
CA TYR F 152 30.66 -45.46 28.76
C TYR F 152 30.32 -45.85 30.20
N GLU F 153 31.09 -46.77 30.75
CA GLU F 153 30.90 -47.23 32.10
C GLU F 153 30.77 -46.04 33.01
N HIS F 154 31.73 -45.12 32.95
CA HIS F 154 31.82 -43.96 33.87
C HIS F 154 30.53 -43.13 33.88
N GLN F 155 30.06 -42.76 32.69
CA GLN F 155 28.84 -41.98 32.60
C GLN F 155 27.70 -42.76 33.18
N SER F 156 27.64 -44.06 32.88
CA SER F 156 26.50 -44.87 33.35
C SER F 156 26.39 -44.90 34.89
N ILE F 157 27.49 -44.85 35.60
CA ILE F 157 27.43 -44.84 37.03
C ILE F 157 27.03 -43.44 37.51
N LYS F 158 27.55 -42.42 36.85
CA LYS F 158 27.11 -41.05 37.13
C LYS F 158 25.60 -40.89 37.00
N ASN F 159 25.02 -41.58 36.01
CA ASN F 159 23.54 -41.64 35.91
C ASN F 159 22.87 -42.20 37.16
N ILE F 160 23.44 -43.24 37.73
CA ILE F 160 22.87 -43.84 38.93
C ILE F 160 23.04 -42.82 40.05
N ILE F 161 24.23 -42.23 40.16
CA ILE F 161 24.54 -41.30 41.23
C ILE F 161 23.57 -40.18 41.20
N GLN F 162 23.25 -39.72 39.99
CA GLN F 162 22.43 -38.56 39.83
C GLN F 162 21.03 -38.89 40.28
N LEU F 163 20.50 -40.03 39.82
CA LEU F 163 19.15 -40.47 40.21
C LEU F 163 18.99 -40.73 41.71
N VAL F 164 19.95 -41.38 42.33
CA VAL F 164 19.89 -41.55 43.79
C VAL F 164 19.87 -40.16 44.47
N ASP F 165 20.81 -39.29 44.10
CA ASP F 165 20.84 -37.93 44.67
C ASP F 165 19.46 -37.24 44.63
N ALA F 166 18.87 -37.19 43.44
CA ALA F 166 17.56 -36.58 43.26
C ALA F 166 16.46 -37.40 44.00
N GLY F 167 16.49 -38.72 43.88
CA GLY F 167 15.56 -39.62 44.55
C GLY F 167 15.49 -39.48 46.05
N MET F 168 16.63 -39.26 46.70
CA MET F 168 16.65 -39.09 48.15
C MET F 168 15.96 -37.82 48.63
N LYS F 169 15.90 -36.79 47.79
CA LYS F 169 15.19 -35.55 48.18
C LYS F 169 13.67 -35.75 48.30
N VAL F 170 13.18 -36.83 47.72
CA VAL F 170 11.80 -36.95 47.28
C VAL F 170 11.18 -38.31 47.67
N GLY F 171 11.97 -39.21 48.28
CA GLY F 171 11.52 -40.52 48.72
C GLY F 171 11.37 -41.51 47.57
N MET F 172 12.03 -41.26 46.43
CA MET F 172 11.91 -42.15 45.29
C MET F 172 13.08 -43.14 45.23
N PRO F 173 12.81 -44.43 45.27
CA PRO F 173 13.87 -45.45 45.13
C PRO F 173 14.43 -45.56 43.70
N THR F 174 15.70 -45.90 43.63
CA THR F 174 16.36 -46.10 42.35
C THR F 174 16.67 -47.59 42.10
N MET F 175 16.35 -48.03 40.89
CA MET F 175 16.73 -49.36 40.45
C MET F 175 17.86 -49.28 39.44
N ALA F 176 19.02 -49.88 39.77
CA ALA F 176 20.11 -50.01 38.80
C ALA F 176 19.98 -51.33 38.07
N VAL F 177 20.10 -51.31 36.75
CA VAL F 177 20.06 -52.52 35.96
C VAL F 177 21.42 -52.80 35.35
N THR F 178 22.00 -53.97 35.60
CA THR F 178 23.33 -54.29 35.08
C THR F 178 23.25 -54.68 33.60
N GLY F 179 23.52 -53.72 32.72
CA GLY F 179 23.59 -54.00 31.27
C GLY F 179 24.96 -54.53 30.86
N VAL F 180 25.01 -55.35 29.80
CA VAL F 180 26.26 -56.03 29.44
C VAL F 180 26.92 -55.57 28.13
N VAL F 185 31.83 -61.29 29.03
CA VAL F 185 31.58 -62.56 29.74
C VAL F 185 30.51 -62.42 30.80
N ARG F 186 29.47 -63.25 30.69
CA ARG F 186 28.34 -63.19 31.61
C ARG F 186 28.41 -64.18 32.81
N ASP F 187 29.42 -64.02 33.67
CA ASP F 187 29.60 -64.93 34.80
C ASP F 187 29.40 -64.27 36.19
N GLN F 188 29.54 -65.09 37.23
CA GLN F 188 29.25 -64.66 38.58
C GLN F 188 30.16 -63.54 39.01
N ARG F 189 31.46 -63.65 38.74
CA ARG F 189 32.37 -62.66 39.28
C ARG F 189 32.09 -61.27 38.65
N TYR F 190 31.56 -61.29 37.42
CA TYR F 190 31.24 -60.06 36.75
C TYR F 190 30.02 -59.41 37.40
N PHE F 191 28.95 -60.18 37.51
CA PHE F 191 27.72 -59.64 38.07
C PHE F 191 27.89 -59.24 39.52
N SER F 192 28.75 -59.95 40.24
CA SER F 192 29.06 -59.59 41.62
C SER F 192 29.70 -58.23 41.66
N LEU F 193 30.58 -57.97 40.69
CA LEU F 193 31.20 -56.67 40.60
C LEU F 193 30.14 -55.58 40.31
N ALA F 194 29.36 -55.80 39.26
CA ALA F 194 28.41 -54.81 38.78
C ALA F 194 27.35 -54.48 39.83
N THR F 195 26.79 -55.52 40.42
CA THR F 195 25.70 -55.36 41.35
C THR F 195 26.19 -54.66 42.61
N ARG F 196 27.33 -55.08 43.12
CA ARG F 196 27.83 -54.51 44.36
C ARG F 196 28.17 -53.04 44.24
N ILE F 197 28.86 -52.65 43.16
CA ILE F 197 29.12 -51.23 42.90
C ILE F 197 27.82 -50.43 42.91
N ALA F 198 26.84 -50.86 42.10
CA ALA F 198 25.55 -50.16 42.03
C ALA F 198 24.92 -50.00 43.41
N ALA F 199 25.01 -51.05 44.22
CA ALA F 199 24.41 -50.99 45.54
C ALA F 199 25.16 -50.01 46.43
N GLU F 200 26.47 -50.03 46.29
CA GLU F 200 27.37 -49.26 47.12
C GLU F 200 27.18 -47.77 46.78
N MET F 201 26.92 -47.44 45.50
CA MET F 201 26.59 -46.07 45.06
C MET F 201 25.26 -45.61 45.62
N GLY F 202 24.38 -46.55 45.97
CA GLY F 202 23.12 -46.21 46.66
C GLY F 202 21.78 -46.63 46.08
N ALA F 203 21.77 -47.31 44.94
CA ALA F 203 20.55 -47.88 44.37
C ALA F 203 19.86 -48.79 45.39
N GLN F 204 18.54 -48.69 45.47
CA GLN F 204 17.79 -49.49 46.45
C GLN F 204 17.35 -50.83 45.89
N ILE F 205 17.28 -50.96 44.57
CA ILE F 205 16.90 -52.22 43.94
C ILE F 205 17.92 -52.52 42.85
N ILE F 206 18.29 -53.78 42.70
CA ILE F 206 19.22 -54.17 41.63
C ILE F 206 18.57 -55.15 40.70
N LYS F 207 18.65 -54.90 39.41
CA LYS F 207 18.14 -55.86 38.44
C LYS F 207 19.32 -56.45 37.69
N THR F 208 19.41 -57.78 37.67
CA THR F 208 20.53 -58.46 36.99
C THR F 208 20.07 -59.71 36.25
N TYR F 209 20.98 -60.51 35.72
CA TYR F 209 20.61 -61.75 35.05
C TYR F 209 20.87 -62.96 35.92
N TYR F 210 20.10 -64.03 35.68
CA TYR F 210 20.36 -65.31 36.34
C TYR F 210 21.60 -65.95 35.74
N VAL F 211 22.36 -66.63 36.59
CA VAL F 211 23.57 -67.31 36.15
C VAL F 211 23.55 -68.81 36.56
N GLU F 212 24.02 -69.68 35.65
CA GLU F 212 24.03 -71.15 35.86
C GLU F 212 24.65 -71.54 37.17
N LYS F 213 25.74 -70.88 37.51
CA LYS F 213 26.42 -71.19 38.74
C LYS F 213 26.90 -69.96 39.49
N GLY F 214 26.69 -69.93 40.80
CA GLY F 214 27.21 -68.86 41.64
C GLY F 214 26.19 -67.79 41.95
N PHE F 215 25.00 -67.91 41.35
CA PHE F 215 23.98 -66.90 41.54
C PHE F 215 23.76 -66.61 43.01
N GLU F 216 23.85 -67.65 43.83
CA GLU F 216 23.76 -67.52 45.28
C GLU F 216 24.68 -66.45 45.83
N ARG F 217 25.88 -66.38 45.29
CA ARG F 217 26.90 -65.45 45.78
C ARG F 217 26.59 -64.01 45.36
N ILE F 218 25.98 -63.87 44.17
CA ILE F 218 25.55 -62.56 43.68
C ILE F 218 24.58 -61.99 44.72
N VAL F 219 23.63 -62.83 45.13
CA VAL F 219 22.59 -62.41 46.06
C VAL F 219 23.19 -62.08 47.39
N ALA F 220 24.03 -62.98 47.89
CA ALA F 220 24.62 -62.85 49.21
C ALA F 220 25.49 -61.62 49.34
N GLY F 221 26.23 -61.28 48.30
CA GLY F 221 27.13 -60.10 48.35
C GLY F 221 26.46 -58.76 48.00
N CYS F 222 25.16 -58.80 47.74
CA CYS F 222 24.39 -57.61 47.43
C CYS F 222 23.47 -57.27 48.60
N PRO F 223 23.66 -56.09 49.23
CA PRO F 223 22.88 -55.76 50.43
C PRO F 223 21.43 -55.32 50.21
N VAL F 224 20.94 -55.35 48.99
CA VAL F 224 19.60 -54.87 48.72
C VAL F 224 18.91 -55.86 47.77
N PRO F 225 17.58 -55.76 47.60
CA PRO F 225 16.83 -56.73 46.81
C PRO F 225 17.35 -56.86 45.41
N ILE F 226 17.40 -58.08 44.92
CA ILE F 226 17.76 -58.37 43.53
C ILE F 226 16.59 -58.95 42.73
N VAL F 227 16.38 -58.40 41.55
CA VAL F 227 15.37 -58.91 40.64
C VAL F 227 16.07 -59.41 39.40
N ILE F 228 15.58 -60.49 38.79
CA ILE F 228 16.23 -61.01 37.58
C ILE F 228 15.47 -60.66 36.33
N ALA F 229 16.20 -60.42 35.26
CA ALA F 229 15.61 -60.21 33.96
C ALA F 229 15.43 -61.56 33.27
N GLY F 230 14.40 -61.61 32.42
CA GLY F 230 14.07 -62.85 31.70
C GLY F 230 15.06 -63.34 30.67
N GLY F 231 15.72 -62.40 29.95
CA GLY F 231 16.62 -62.71 28.82
C GLY F 231 15.80 -63.16 27.62
N LYS F 232 16.49 -63.65 26.59
CA LYS F 232 15.84 -64.11 25.35
C LYS F 232 14.79 -65.22 25.57
N LYS F 233 13.85 -65.35 24.61
CA LYS F 233 12.74 -66.30 24.70
C LYS F 233 13.23 -67.75 24.87
N LEU F 234 12.71 -68.41 25.90
CA LEU F 234 12.96 -69.81 26.11
C LEU F 234 11.62 -70.57 26.00
N PRO F 235 11.67 -71.91 25.84
CA PRO F 235 10.46 -72.69 25.99
C PRO F 235 9.90 -72.47 27.40
N GLU F 236 8.58 -72.34 27.51
CA GLU F 236 7.96 -72.00 28.77
C GLU F 236 8.49 -72.77 29.99
N ARG F 237 8.69 -74.08 29.85
CA ARG F 237 9.10 -74.85 31.04
C ARG F 237 10.51 -74.50 31.51
N GLU F 238 11.37 -74.14 30.57
CA GLU F 238 12.75 -73.77 30.91
C GLU F 238 12.77 -72.41 31.58
N ALA F 239 11.91 -71.51 31.12
CA ALA F 239 11.78 -70.20 31.72
C ALA F 239 11.30 -70.32 33.17
N LEU F 240 10.33 -71.21 33.39
CA LEU F 240 9.85 -71.44 34.75
C LEU F 240 10.93 -72.05 35.65
N GLU F 241 11.79 -72.91 35.08
CA GLU F 241 12.93 -73.43 35.80
C GLU F 241 13.87 -72.33 36.28
N MET F 242 14.21 -71.46 35.34
CA MET F 242 15.06 -70.31 35.62
C MET F 242 14.51 -69.50 36.82
N CYS F 243 13.21 -69.16 36.77
CA CYS F 243 12.55 -68.46 37.86
C CYS F 243 12.72 -69.21 39.14
N TRP F 244 12.35 -70.50 39.11
CA TRP F 244 12.38 -71.31 40.30
C TRP F 244 13.78 -71.24 40.91
N GLN F 245 14.79 -71.41 40.08
CA GLN F 245 16.15 -71.41 40.55
C GLN F 245 16.52 -70.09 41.19
N ALA F 246 16.18 -68.99 40.50
CA ALA F 246 16.50 -67.63 40.97
C ALA F 246 15.88 -67.37 42.34
N ILE F 247 14.57 -67.62 42.43
CA ILE F 247 13.85 -67.46 43.69
C ILE F 247 14.41 -68.37 44.77
N ASP F 248 14.66 -69.63 44.43
CA ASP F 248 15.21 -70.57 45.39
C ASP F 248 16.55 -70.07 45.90
N GLN F 249 17.30 -69.43 45.02
CA GLN F 249 18.65 -68.99 45.35
C GLN F 249 18.71 -67.60 45.99
N GLY F 250 17.53 -67.01 46.25
CA GLY F 250 17.46 -65.77 47.01
C GLY F 250 17.03 -64.51 46.28
N ALA F 251 16.72 -64.59 44.99
CA ALA F 251 16.23 -63.42 44.26
C ALA F 251 14.95 -62.93 44.89
N SER F 252 14.68 -61.62 44.84
CA SER F 252 13.46 -61.03 45.42
C SER F 252 12.34 -60.88 44.41
N GLY F 253 12.58 -61.32 43.19
CA GLY F 253 11.53 -61.25 42.19
C GLY F 253 12.09 -61.49 40.82
N VAL F 254 11.18 -61.54 39.86
CA VAL F 254 11.57 -61.67 38.47
C VAL F 254 10.95 -60.56 37.65
N ASP F 255 11.62 -60.19 36.59
CA ASP F 255 11.09 -59.19 35.71
C ASP F 255 11.16 -59.73 34.30
N MET F 256 10.11 -60.43 33.90
CA MET F 256 10.07 -60.96 32.55
C MET F 256 9.46 -60.02 31.53
N GLY F 257 9.98 -60.11 30.32
CA GLY F 257 9.40 -59.43 29.22
C GLY F 257 9.13 -60.48 28.19
N ARG F 258 10.15 -60.70 27.38
CA ARG F 258 10.03 -61.59 26.21
C ARG F 258 9.38 -62.91 26.59
N ASN F 259 9.86 -63.54 27.67
CA ASN F 259 9.31 -64.82 28.09
C ASN F 259 7.83 -64.83 28.41
N ILE F 260 7.25 -63.65 28.55
CA ILE F 260 5.81 -63.51 28.72
C ILE F 260 5.17 -63.00 27.46
N PHE F 261 5.57 -61.83 26.97
CA PHE F 261 4.80 -61.25 25.88
C PHE F 261 5.05 -61.92 24.51
N GLN F 262 6.10 -62.73 24.43
CA GLN F 262 6.34 -63.51 23.22
C GLN F 262 5.82 -64.95 23.30
N SER F 263 5.22 -65.33 24.44
CA SER F 263 4.63 -66.66 24.59
C SER F 263 3.30 -66.74 23.86
N ASP F 264 2.84 -67.94 23.53
CA ASP F 264 1.54 -68.05 22.87
C ASP F 264 0.39 -67.93 23.84
N HIS F 265 0.68 -68.13 25.12
CA HIS F 265 -0.33 -68.00 26.18
C HIS F 265 0.16 -67.15 27.33
N PRO F 266 0.23 -65.83 27.10
CA PRO F 266 0.92 -64.90 28.03
C PRO F 266 0.26 -64.84 29.40
N VAL F 267 -1.08 -64.83 29.43
CA VAL F 267 -1.79 -64.78 30.68
C VAL F 267 -1.46 -66.01 31.52
N ALA F 268 -1.48 -67.18 30.86
CA ALA F 268 -1.17 -68.46 31.52
C ALA F 268 0.25 -68.47 32.09
N MET F 269 1.19 -68.02 31.28
CA MET F 269 2.57 -67.89 31.68
C MET F 269 2.73 -67.06 32.95
N MET F 270 2.00 -65.94 33.04
CA MET F 270 2.12 -65.06 34.19
C MET F 270 1.57 -65.71 35.45
N LYS F 271 0.46 -66.41 35.32
CA LYS F 271 -0.09 -67.13 36.46
C LYS F 271 0.91 -68.15 36.96
N ALA F 272 1.58 -68.83 36.03
CA ALA F 272 2.61 -69.83 36.38
C ALA F 272 3.77 -69.18 37.13
N VAL F 273 4.23 -68.06 36.57
CA VAL F 273 5.34 -67.30 37.15
C VAL F 273 5.00 -66.84 38.56
N GLN F 274 3.77 -66.37 38.74
CA GLN F 274 3.29 -65.99 40.07
C GLN F 274 3.34 -67.11 41.09
N ALA F 275 2.91 -68.30 40.69
CA ALA F 275 2.93 -69.46 41.57
C ALA F 275 4.34 -69.77 42.03
N VAL F 276 5.31 -69.74 41.12
CA VAL F 276 6.69 -69.95 41.50
C VAL F 276 7.18 -68.85 42.46
N VAL F 277 6.85 -67.60 42.15
CA VAL F 277 7.48 -66.47 42.81
C VAL F 277 6.89 -66.23 44.19
N HIS F 278 5.56 -66.24 44.30
CA HIS F 278 4.92 -65.93 45.57
C HIS F 278 4.55 -67.16 46.41
N HIS F 279 4.24 -68.27 45.73
CA HIS F 279 3.62 -69.40 46.37
C HIS F 279 4.47 -70.64 46.48
N ASN F 280 5.78 -70.52 46.28
CA ASN F 280 6.68 -71.69 46.43
C ASN F 280 6.33 -72.91 45.58
N GLU F 281 5.59 -72.71 44.50
CA GLU F 281 5.35 -73.81 43.59
C GLU F 281 6.64 -74.35 42.99
N THR F 282 6.65 -75.64 42.69
CA THR F 282 7.76 -76.27 42.00
C THR F 282 7.66 -75.92 40.52
N ALA F 283 8.80 -75.97 39.83
CA ALA F 283 8.85 -75.73 38.41
C ALA F 283 7.79 -76.56 37.68
N ASP F 284 7.69 -77.85 38.04
CA ASP F 284 6.78 -78.81 37.39
C ASP F 284 5.32 -78.47 37.58
N ARG F 285 4.92 -78.28 38.84
CA ARG F 285 3.54 -77.90 39.15
C ARG F 285 3.18 -76.65 38.39
N ALA F 286 4.08 -75.67 38.44
CA ALA F 286 3.91 -74.42 37.73
C ALA F 286 3.68 -74.64 36.25
N TYR F 287 4.46 -75.55 35.65
CA TYR F 287 4.26 -75.86 34.24
C TYR F 287 2.89 -76.49 33.95
N GLU F 288 2.41 -77.34 34.87
CA GLU F 288 1.11 -77.95 34.72
C GLU F 288 -0.01 -76.91 34.88
N LEU F 289 0.20 -75.98 35.82
CA LEU F 289 -0.68 -74.82 36.00
C LEU F 289 -0.75 -74.01 34.70
N TYR F 290 0.40 -73.86 34.06
CA TYR F 290 0.48 -73.19 32.77
C TYR F 290 -0.36 -73.92 31.73
N LEU F 291 -0.18 -75.24 31.67
CA LEU F 291 -0.86 -76.09 30.68
C LEU F 291 -2.37 -76.07 30.79
N SER F 292 -2.87 -75.89 32.01
CA SER F 292 -4.31 -75.81 32.22
C SER F 292 -4.96 -74.49 31.74
N GLU F 293 -4.17 -73.61 31.09
CA GLU F 293 -4.71 -72.54 30.23
C GLU F 293 -3.90 -72.45 28.93
N GLY G 14 -36.37 -21.70 42.67
CA GLY G 14 -36.41 -21.71 41.18
C GLY G 14 -35.10 -22.07 40.50
N LYS G 15 -34.44 -23.11 41.02
CA LYS G 15 -33.17 -23.62 40.46
C LYS G 15 -33.31 -25.03 39.92
N ASP G 16 -32.63 -25.32 38.81
CA ASP G 16 -32.70 -26.66 38.20
C ASP G 16 -31.36 -27.42 38.08
N PHE G 17 -31.13 -28.35 38.99
CA PHE G 17 -29.90 -29.11 39.02
C PHE G 17 -29.91 -30.33 38.14
N ARG G 18 -31.06 -30.63 37.55
CA ARG G 18 -31.20 -31.78 36.64
C ARG G 18 -30.63 -33.07 37.26
N THR G 19 -31.10 -33.40 38.47
CA THR G 19 -30.56 -34.52 39.23
C THR G 19 -30.89 -35.87 38.61
N ASP G 20 -31.74 -35.85 37.59
CA ASP G 20 -32.12 -37.06 36.87
C ASP G 20 -31.13 -37.38 35.73
N GLN G 21 -30.19 -36.48 35.48
CA GLN G 21 -29.18 -36.66 34.42
C GLN G 21 -27.75 -36.49 34.93
N PRO G 22 -27.04 -37.61 35.14
CA PRO G 22 -25.74 -37.54 35.82
C PRO G 22 -24.68 -36.94 34.91
N GLN G 23 -23.73 -36.21 35.51
CA GLN G 23 -22.63 -35.61 34.74
C GLN G 23 -21.78 -36.69 34.08
N LYS G 24 -21.30 -36.41 32.87
CA LYS G 24 -20.55 -37.42 32.11
C LYS G 24 -19.31 -36.80 31.44
N ASN G 25 -18.14 -37.41 31.62
CA ASN G 25 -16.92 -36.86 31.00
C ASN G 25 -16.96 -37.03 29.49
N ILE G 26 -16.43 -36.04 28.78
CA ILE G 26 -16.39 -36.10 27.33
C ILE G 26 -14.99 -36.56 26.90
N PRO G 27 -14.90 -37.70 26.19
CA PRO G 27 -13.59 -38.27 25.90
C PRO G 27 -12.79 -37.40 24.95
N PHE G 28 -11.47 -37.37 25.13
CA PHE G 28 -10.54 -36.74 24.22
C PHE G 28 -9.93 -37.81 23.31
N THR G 29 -10.09 -37.66 21.99
CA THR G 29 -9.82 -38.81 21.10
C THR G 29 -8.52 -38.76 20.36
N LEU G 30 -7.92 -37.59 20.30
CA LEU G 30 -6.65 -37.46 19.59
C LEU G 30 -5.66 -38.57 20.01
N LYS G 31 -5.20 -39.32 19.00
CA LYS G 31 -4.39 -40.52 19.22
C LYS G 31 -3.34 -40.35 20.28
N GLY G 32 -3.40 -41.15 21.35
CA GLY G 32 -2.35 -41.22 22.39
C GLY G 32 -2.21 -40.01 23.30
N CYS G 33 -3.18 -39.10 23.25
CA CYS G 33 -3.13 -37.90 24.06
C CYS G 33 -4.28 -37.82 25.04
N GLY G 34 -4.86 -38.96 25.35
CA GLY G 34 -6.01 -39.01 26.21
C GLY G 34 -5.72 -38.97 27.70
N ALA G 35 -4.45 -38.90 28.10
CA ALA G 35 -4.07 -38.80 29.54
C ALA G 35 -3.09 -37.62 29.81
N LEU G 36 -3.37 -36.47 29.19
CA LEU G 36 -2.61 -35.24 29.38
C LEU G 36 -3.43 -34.22 30.11
N ASP G 37 -2.78 -33.24 30.74
CA ASP G 37 -3.51 -32.20 31.44
C ASP G 37 -4.27 -31.28 30.46
N TRP G 38 -5.25 -30.54 30.98
CA TRP G 38 -6.13 -29.75 30.17
C TRP G 38 -5.36 -28.85 29.19
N GLY G 39 -4.44 -28.03 29.75
CA GLY G 39 -3.63 -27.08 28.97
C GLY G 39 -2.90 -27.72 27.80
N MET G 40 -2.25 -28.85 28.06
CA MET G 40 -1.60 -29.58 26.98
C MET G 40 -2.58 -30.10 25.92
N GLN G 41 -3.73 -30.63 26.36
CA GLN G 41 -4.75 -31.07 25.40
C GLN G 41 -5.27 -29.86 24.64
N SER G 42 -5.36 -28.74 25.34
CA SER G 42 -5.88 -27.55 24.69
C SER G 42 -4.95 -27.05 23.55
N ARG G 43 -3.64 -27.09 23.85
CA ARG G 43 -2.64 -26.74 22.87
C ARG G 43 -2.68 -27.69 21.69
N LEU G 44 -2.80 -28.99 21.96
CA LEU G 44 -2.89 -29.99 20.89
C LEU G 44 -4.13 -29.80 20.02
N SER G 45 -5.23 -29.33 20.62
CA SER G 45 -6.48 -29.07 19.91
C SER G 45 -6.42 -27.82 19.02
N ARG G 46 -5.45 -26.94 19.24
CA ARG G 46 -5.25 -25.83 18.33
C ARG G 46 -4.57 -26.32 17.06
N ILE G 47 -3.77 -27.37 17.20
CA ILE G 47 -3.00 -27.90 16.08
C ILE G 47 -3.82 -28.92 15.25
N PHE G 48 -4.39 -29.93 15.93
CA PHE G 48 -5.23 -30.94 15.29
C PHE G 48 -6.69 -30.62 15.52
N ASN G 49 -7.38 -30.26 14.45
CA ASN G 49 -8.81 -29.98 14.50
C ASN G 49 -9.55 -31.12 15.16
N PRO G 50 -10.33 -30.83 16.23
CA PRO G 50 -10.95 -31.86 17.06
C PRO G 50 -11.96 -32.70 16.26
N LYS G 51 -12.67 -32.07 15.30
CA LYS G 51 -13.64 -32.77 14.43
C LYS G 51 -12.97 -33.88 13.60
N THR G 52 -11.89 -33.51 12.92
CA THR G 52 -11.24 -34.41 11.97
C THR G 52 -10.04 -35.16 12.54
N GLY G 53 -9.49 -34.63 13.64
CA GLY G 53 -8.26 -35.19 14.21
C GLY G 53 -7.00 -34.99 13.37
N LYS G 54 -7.05 -34.04 12.42
CA LYS G 54 -5.96 -33.84 11.47
C LYS G 54 -5.51 -32.38 11.40
N THR G 55 -4.34 -32.17 10.78
CA THR G 55 -3.78 -30.83 10.65
C THR G 55 -3.13 -30.57 9.31
N VAL G 56 -3.32 -29.35 8.79
CA VAL G 56 -2.49 -28.81 7.69
C VAL G 56 -1.51 -27.76 8.22
N MET G 57 -0.23 -28.08 8.15
CA MET G 57 0.79 -27.24 8.74
C MET G 57 1.65 -26.61 7.64
N LEU G 58 1.82 -25.29 7.71
CA LEU G 58 2.74 -24.58 6.81
C LEU G 58 4.11 -24.36 7.48
N ALA G 59 5.14 -25.08 7.01
CA ALA G 59 6.47 -24.98 7.59
C ALA G 59 7.36 -24.08 6.76
N PHE G 60 8.02 -23.12 7.42
CA PHE G 60 9.00 -22.24 6.77
C PHE G 60 10.17 -21.90 7.70
N ASP G 61 10.65 -22.91 8.43
CA ASP G 61 11.75 -22.74 9.39
C ASP G 61 13.08 -23.08 8.77
N HIS G 62 13.06 -23.41 7.47
CA HIS G 62 14.21 -23.99 6.76
C HIS G 62 15.46 -23.15 6.92
N GLY G 63 15.26 -21.84 7.11
CA GLY G 63 16.35 -20.89 7.21
C GLY G 63 17.26 -21.12 8.40
N TYR G 64 16.80 -21.86 9.39
CA TYR G 64 17.56 -22.00 10.64
C TYR G 64 18.95 -22.60 10.47
N PHE G 65 19.14 -23.43 9.44
CA PHE G 65 20.48 -23.96 9.14
C PHE G 65 20.87 -23.77 7.66
N GLN G 66 19.95 -23.23 6.86
CA GLN G 66 20.17 -23.06 5.40
C GLN G 66 20.26 -21.63 4.88
N GLY G 67 19.93 -20.64 5.70
CA GLY G 67 19.92 -19.27 5.22
C GLY G 67 18.77 -19.10 4.26
N PRO G 68 18.82 -18.08 3.39
CA PRO G 68 17.70 -17.73 2.53
C PRO G 68 17.50 -18.74 1.38
N THR G 69 16.68 -19.72 1.65
CA THR G 69 16.47 -20.82 0.75
C THR G 69 15.38 -20.46 -0.29
N THR G 70 15.37 -21.11 -1.45
CA THR G 70 14.46 -20.72 -2.56
C THR G 70 12.99 -20.75 -2.17
N GLY G 71 12.32 -19.61 -2.37
CA GLY G 71 10.94 -19.43 -1.97
C GLY G 71 10.79 -18.73 -0.63
N LEU G 72 11.83 -18.75 0.20
CA LEU G 72 11.80 -18.15 1.54
C LEU G 72 12.70 -16.94 1.66
N GLU G 73 13.08 -16.37 0.53
CA GLU G 73 13.96 -15.18 0.53
C GLU G 73 13.24 -14.01 1.20
N ARG G 74 11.94 -13.92 0.96
CA ARG G 74 11.16 -12.85 1.55
C ARG G 74 9.87 -13.38 2.15
N ILE G 75 9.94 -13.85 3.41
CA ILE G 75 8.79 -14.41 4.11
C ILE G 75 7.71 -13.35 4.15
N ASP G 76 8.11 -12.11 4.37
CA ASP G 76 7.18 -11.01 4.54
C ASP G 76 6.28 -10.74 3.32
N ILE G 77 6.72 -11.12 2.14
CA ILE G 77 6.00 -10.80 0.93
C ILE G 77 5.39 -12.04 0.34
N ASN G 78 6.18 -13.09 0.29
CA ASN G 78 5.88 -14.30 -0.42
C ASN G 78 5.01 -15.25 0.40
N ILE G 79 5.34 -15.38 1.67
CA ILE G 79 4.70 -16.38 2.54
C ILE G 79 3.55 -15.78 3.35
N ALA G 80 3.65 -14.49 3.69
CA ALA G 80 2.62 -13.82 4.50
C ALA G 80 1.17 -13.98 4.01
N PRO G 81 0.93 -13.88 2.67
CA PRO G 81 -0.44 -14.12 2.18
C PRO G 81 -0.93 -15.56 2.33
N LEU G 82 -0.05 -16.49 2.65
CA LEU G 82 -0.50 -17.88 2.83
C LEU G 82 -0.97 -18.19 4.24
N PHE G 83 -0.59 -17.38 5.23
CA PHE G 83 -0.81 -17.74 6.64
C PHE G 83 -2.27 -18.10 6.87
N GLU G 84 -3.18 -17.26 6.36
CA GLU G 84 -4.58 -17.41 6.69
C GLU G 84 -5.14 -18.76 6.24
N HIS G 85 -4.50 -19.39 5.25
CA HIS G 85 -4.99 -20.67 4.69
C HIS G 85 -4.44 -21.88 5.37
N ALA G 86 -3.58 -21.69 6.37
CA ALA G 86 -2.96 -22.82 7.09
C ALA G 86 -3.64 -23.03 8.41
N ASP G 87 -3.57 -24.25 8.90
CA ASP G 87 -4.10 -24.54 10.23
C ASP G 87 -3.11 -24.04 11.26
N VAL G 88 -1.85 -24.34 11.02
CA VAL G 88 -0.79 -24.01 11.96
C VAL G 88 0.50 -23.60 11.23
N LEU G 89 1.20 -22.62 11.79
CA LEU G 89 2.47 -22.16 11.24
C LEU G 89 3.60 -22.82 11.96
N MET G 90 4.64 -23.21 11.23
CA MET G 90 5.90 -23.70 11.86
C MET G 90 7.10 -22.87 11.42
N CYS G 91 7.85 -22.30 12.38
CA CYS G 91 8.99 -21.45 12.06
C CYS G 91 9.81 -21.15 13.30
N THR G 92 10.85 -20.34 13.16
CA THR G 92 11.73 -19.99 14.27
C THR G 92 11.22 -18.73 14.97
N ARG G 93 11.63 -18.56 16.24
CA ARG G 93 11.32 -17.34 16.97
C ARG G 93 11.82 -16.06 16.29
N GLY G 94 12.88 -16.18 15.48
CA GLY G 94 13.44 -15.02 14.84
C GLY G 94 12.52 -14.51 13.75
N ILE G 95 12.10 -15.42 12.89
CA ILE G 95 11.16 -15.10 11.85
C ILE G 95 9.82 -14.71 12.46
N LEU G 96 9.46 -15.36 13.56
CA LEU G 96 8.18 -15.10 14.18
C LEU G 96 8.08 -13.67 14.66
N ARG G 97 9.07 -13.22 15.44
CA ARG G 97 9.00 -11.88 16.00
C ARG G 97 9.15 -10.83 14.93
N SER G 98 9.89 -11.14 13.89
CA SER G 98 10.31 -10.10 12.99
C SER G 98 9.30 -9.87 11.87
N VAL G 99 8.79 -10.95 11.28
CA VAL G 99 7.89 -10.83 10.10
C VAL G 99 6.56 -11.58 10.09
N VAL G 100 6.23 -12.34 11.13
CA VAL G 100 4.91 -12.92 11.23
C VAL G 100 4.07 -11.98 12.09
N PRO G 101 3.11 -11.24 11.47
CA PRO G 101 2.28 -10.30 12.24
C PRO G 101 1.52 -11.08 13.31
N PRO G 102 1.62 -10.63 14.58
CA PRO G 102 0.85 -11.34 15.62
C PRO G 102 -0.67 -11.35 15.35
N ALA G 103 -1.14 -10.38 14.56
CA ALA G 103 -2.57 -10.37 14.24
C ALA G 103 -2.99 -11.55 13.33
N THR G 104 -2.02 -12.30 12.83
CA THR G 104 -2.30 -13.50 12.04
C THR G 104 -3.23 -14.46 12.74
N ASN G 105 -3.14 -14.51 14.08
CA ASN G 105 -4.04 -15.34 14.90
C ASN G 105 -4.10 -16.79 14.45
N ARG G 106 -2.92 -17.40 14.35
CA ARG G 106 -2.78 -18.75 13.86
C ARG G 106 -1.83 -19.47 14.84
N PRO G 107 -2.17 -20.69 15.25
CA PRO G 107 -1.30 -21.47 16.16
C PRO G 107 0.11 -21.58 15.63
N VAL G 108 1.14 -21.48 16.47
CA VAL G 108 2.50 -21.72 15.97
C VAL G 108 3.24 -22.87 16.69
N VAL G 109 3.94 -23.68 15.89
CA VAL G 109 4.92 -24.64 16.41
C VAL G 109 6.34 -24.05 16.21
N LEU G 110 7.07 -23.85 17.29
CA LEU G 110 8.39 -23.21 17.17
C LEU G 110 9.51 -24.20 16.95
N ARG G 111 10.35 -23.93 15.95
CA ARG G 111 11.57 -24.71 15.79
C ARG G 111 12.47 -24.37 16.95
N ALA G 112 12.89 -25.37 17.72
CA ALA G 112 13.64 -25.15 18.96
C ALA G 112 14.98 -25.89 18.97
N SER G 113 15.48 -26.23 17.79
CA SER G 113 16.82 -26.75 17.71
C SER G 113 17.56 -25.97 16.63
N GLY G 114 18.88 -26.08 16.60
CA GLY G 114 19.70 -25.34 15.66
C GLY G 114 21.15 -25.45 16.01
N ALA G 115 21.92 -24.44 15.60
CA ALA G 115 23.38 -24.37 15.82
C ALA G 115 24.15 -25.30 14.89
N ASN G 116 23.45 -25.81 13.88
CA ASN G 116 24.07 -26.52 12.76
C ASN G 116 23.94 -25.64 11.52
N SER G 117 24.57 -26.05 10.42
CA SER G 117 24.40 -25.36 9.14
C SER G 117 24.79 -26.29 8.01
N ILE G 118 24.44 -25.87 6.79
CA ILE G 118 24.76 -26.65 5.63
C ILE G 118 26.26 -26.76 5.39
N LEU G 119 27.05 -25.88 6.01
CA LEU G 119 28.49 -25.93 5.86
C LEU G 119 29.20 -26.92 6.79
N ALA G 120 28.46 -27.61 7.66
CA ALA G 120 29.10 -28.55 8.60
C ALA G 120 28.27 -29.80 8.81
N GLU G 121 28.59 -30.56 9.84
CA GLU G 121 27.85 -31.79 10.12
C GLU G 121 26.41 -31.41 10.44
N LEU G 122 25.49 -32.00 9.69
CA LEU G 122 24.07 -31.70 9.82
C LEU G 122 23.43 -32.01 11.19
N SER G 123 23.83 -33.14 11.77
CA SER G 123 23.21 -33.62 12.98
C SER G 123 23.69 -32.88 14.23
N ASN G 124 24.63 -31.95 14.08
CA ASN G 124 25.22 -31.23 15.21
C ASN G 124 24.31 -30.12 15.73
N GLU G 125 23.18 -30.52 16.30
CA GLU G 125 22.18 -29.57 16.78
C GLU G 125 22.18 -29.43 18.30
N ALA G 126 21.81 -28.25 18.77
CA ALA G 126 21.57 -28.01 20.21
C ALA G 126 20.18 -27.38 20.35
N VAL G 127 19.68 -27.32 21.59
CA VAL G 127 18.40 -26.69 21.82
C VAL G 127 18.57 -25.20 21.53
N ALA G 128 17.69 -24.63 20.73
CA ALA G 128 17.89 -23.26 20.26
C ALA G 128 16.92 -22.23 20.88
N LEU G 129 16.03 -22.66 21.78
CA LEU G 129 15.25 -21.68 22.58
C LEU G 129 14.83 -22.30 23.90
N SER G 130 14.77 -21.48 24.94
CA SER G 130 14.41 -21.96 26.26
C SER G 130 12.89 -22.12 26.34
N MET G 131 12.42 -23.00 27.20
CA MET G 131 11.00 -23.16 27.34
C MET G 131 10.35 -21.81 27.72
N ASP G 132 11.05 -21.08 28.59
CA ASP G 132 10.72 -19.75 29.03
C ASP G 132 10.21 -18.86 27.87
N ASP G 133 10.96 -18.87 26.77
CA ASP G 133 10.62 -18.01 25.67
C ASP G 133 9.51 -18.61 24.79
N ALA G 134 9.44 -19.94 24.74
CA ALA G 134 8.35 -20.61 24.01
C ALA G 134 7.00 -20.22 24.60
N VAL G 135 6.95 -20.27 25.95
CA VAL G 135 5.81 -19.77 26.72
C VAL G 135 5.54 -18.28 26.46
N ARG G 136 6.58 -17.45 26.56
CA ARG G 136 6.46 -16.04 26.25
C ARG G 136 5.82 -15.77 24.88
N LEU G 137 6.17 -16.58 23.89
CA LEU G 137 5.65 -16.46 22.54
C LEU G 137 4.32 -17.11 22.33
N ASN G 138 3.78 -17.72 23.38
CA ASN G 138 2.49 -18.39 23.28
C ASN G 138 2.47 -19.50 22.19
N SER G 139 3.53 -20.33 22.18
CA SER G 139 3.57 -21.49 21.28
C SER G 139 2.53 -22.54 21.67
N CYS G 140 2.17 -23.36 20.67
CA CYS G 140 1.39 -24.56 20.89
C CYS G 140 2.28 -25.79 21.09
N ALA G 141 3.52 -25.71 20.61
CA ALA G 141 4.41 -26.84 20.63
C ALA G 141 5.80 -26.38 20.23
N VAL G 142 6.81 -27.14 20.61
CA VAL G 142 8.18 -26.83 20.23
C VAL G 142 8.69 -28.03 19.51
N ALA G 143 9.59 -27.83 18.57
CA ALA G 143 10.03 -28.89 17.64
C ALA G 143 11.55 -29.03 17.65
N ALA G 144 12.04 -30.27 17.67
CA ALA G 144 13.48 -30.53 17.52
C ALA G 144 13.74 -31.73 16.64
N GLN G 145 14.91 -31.79 15.99
CA GLN G 145 15.29 -32.92 15.17
C GLN G 145 15.92 -33.99 16.02
N VAL G 146 15.54 -35.22 15.75
CA VAL G 146 16.30 -36.35 16.21
C VAL G 146 17.01 -36.94 14.98
N TYR G 147 18.26 -37.36 15.15
CA TYR G 147 19.05 -37.88 14.05
C TYR G 147 19.58 -39.29 14.37
N ILE G 148 18.69 -40.27 14.42
CA ILE G 148 19.08 -41.64 14.65
C ILE G 148 20.03 -42.06 13.54
N GLY G 149 21.09 -42.77 13.91
CA GLY G 149 22.11 -43.20 12.94
C GLY G 149 23.18 -42.18 12.56
N SER G 150 23.03 -40.92 12.99
CA SER G 150 24.05 -39.90 12.67
C SER G 150 25.16 -39.74 13.72
N GLU G 151 26.15 -38.94 13.39
CA GLU G 151 27.24 -38.74 14.31
C GLU G 151 26.82 -38.21 15.67
N TYR G 152 25.85 -37.29 15.69
CA TYR G 152 25.37 -36.66 16.93
C TYR G 152 24.00 -37.16 17.41
N GLU G 153 23.71 -38.42 17.06
CA GLU G 153 22.49 -39.07 17.47
C GLU G 153 22.24 -38.82 18.94
N HIS G 154 23.22 -39.12 19.77
CA HIS G 154 23.06 -39.05 21.24
C HIS G 154 22.60 -37.65 21.72
N GLN G 155 23.29 -36.62 21.26
CA GLN G 155 22.92 -35.26 21.63
C GLN G 155 21.51 -34.93 21.14
N SER G 156 21.17 -35.39 19.93
CA SER G 156 19.85 -35.07 19.36
C SER G 156 18.70 -35.65 20.17
N ILE G 157 18.90 -36.84 20.76
CA ILE G 157 17.92 -37.43 21.66
C ILE G 157 17.87 -36.68 22.97
N LYS G 158 19.04 -36.37 23.54
CA LYS G 158 19.10 -35.51 24.74
C LYS G 158 18.33 -34.19 24.55
N ASN G 159 18.34 -33.66 23.33
CA ASN G 159 17.57 -32.44 23.03
C ASN G 159 16.07 -32.68 23.27
N ILE G 160 15.57 -33.80 22.75
CA ILE G 160 14.18 -34.18 22.93
C ILE G 160 13.89 -34.39 24.40
N ILE G 161 14.74 -35.14 25.08
CA ILE G 161 14.60 -35.31 26.50
C ILE G 161 14.42 -33.99 27.25
N GLN G 162 15.30 -33.04 26.95
CA GLN G 162 15.33 -31.75 27.60
C GLN G 162 14.05 -30.93 27.31
N LEU G 163 13.59 -30.91 26.07
CA LEU G 163 12.35 -30.25 25.78
C LEU G 163 11.16 -30.89 26.49
N VAL G 164 11.10 -32.22 26.49
CA VAL G 164 9.97 -32.90 27.13
C VAL G 164 9.95 -32.59 28.62
N ASP G 165 11.13 -32.70 29.24
CA ASP G 165 11.29 -32.35 30.67
C ASP G 165 10.74 -30.95 30.98
N ALA G 166 11.16 -29.97 30.20
CA ALA G 166 10.76 -28.56 30.42
C ALA G 166 9.31 -28.32 30.01
N GLY G 167 8.87 -29.01 28.96
CA GLY G 167 7.51 -28.89 28.44
C GLY G 167 6.46 -29.41 29.39
N MET G 168 6.79 -30.48 30.12
CA MET G 168 5.85 -31.06 31.08
C MET G 168 5.59 -30.17 32.27
N LYS G 169 6.58 -29.33 32.65
CA LYS G 169 6.39 -28.35 33.73
C LYS G 169 5.30 -27.30 33.42
N VAL G 170 4.95 -27.14 32.15
CA VAL G 170 4.39 -25.93 31.65
C VAL G 170 3.23 -26.20 30.68
N GLY G 171 2.95 -27.48 30.41
CA GLY G 171 1.83 -27.82 29.49
C GLY G 171 2.18 -27.69 28.00
N MET G 172 3.45 -27.68 27.68
CA MET G 172 3.83 -27.50 26.28
C MET G 172 4.20 -28.82 25.62
N PRO G 173 3.48 -29.21 24.58
CA PRO G 173 3.81 -30.43 23.85
C PRO G 173 5.11 -30.29 23.08
N THR G 174 5.86 -31.38 22.99
CA THR G 174 7.06 -31.44 22.13
C THR G 174 6.84 -32.23 20.83
N MET G 175 7.31 -31.67 19.72
CA MET G 175 7.31 -32.40 18.45
C MET G 175 8.73 -32.85 18.13
N ALA G 176 8.94 -34.16 17.94
CA ALA G 176 10.21 -34.66 17.45
C ALA G 176 10.11 -34.85 15.93
N VAL G 177 11.12 -34.36 15.20
CA VAL G 177 11.21 -34.53 13.75
C VAL G 177 12.39 -35.47 13.39
N THR G 178 12.11 -36.51 12.62
CA THR G 178 13.11 -37.51 12.30
C THR G 178 13.96 -37.02 11.15
N GLY G 179 15.11 -36.42 11.47
CA GLY G 179 16.04 -35.99 10.43
C GLY G 179 16.90 -37.15 9.94
N VAL G 180 17.37 -37.08 8.70
CA VAL G 180 18.11 -38.23 8.14
C VAL G 180 19.60 -37.99 7.86
N VAL G 185 19.74 -44.80 4.53
CA VAL G 185 18.63 -45.44 3.83
C VAL G 185 17.28 -45.00 4.38
N ARG G 186 16.41 -44.49 3.51
CA ARG G 186 15.10 -43.96 3.90
C ARG G 186 13.92 -44.96 3.81
N ASP G 187 13.97 -46.04 4.58
CA ASP G 187 12.91 -47.09 4.51
C ASP G 187 12.08 -47.25 5.78
N GLN G 188 11.10 -48.13 5.71
CA GLN G 188 10.16 -48.32 6.82
C GLN G 188 10.84 -48.70 8.13
N ARG G 189 11.77 -49.66 8.08
CA ARG G 189 12.35 -50.14 9.33
C ARG G 189 13.17 -49.03 10.01
N TYR G 190 13.77 -48.16 9.21
CA TYR G 190 14.48 -47.03 9.77
C TYR G 190 13.53 -46.02 10.46
N PHE G 191 12.48 -45.61 9.76
CA PHE G 191 11.57 -44.64 10.35
C PHE G 191 10.82 -45.21 11.55
N SER G 192 10.57 -46.51 11.51
CA SER G 192 9.96 -47.17 12.62
C SER G 192 10.83 -47.06 13.83
N LEU G 193 12.13 -47.26 13.64
CA LEU G 193 13.10 -47.12 14.73
C LEU G 193 13.06 -45.71 15.29
N ALA G 194 13.18 -44.74 14.39
CA ALA G 194 13.35 -43.36 14.81
C ALA G 194 12.09 -42.81 15.45
N THR G 195 10.93 -43.05 14.84
CA THR G 195 9.67 -42.53 15.37
C THR G 195 9.39 -43.15 16.76
N ARG G 196 9.66 -44.44 16.90
CA ARG G 196 9.29 -45.11 18.12
C ARG G 196 10.16 -44.70 19.32
N ILE G 197 11.48 -44.61 19.12
CA ILE G 197 12.34 -44.06 20.15
C ILE G 197 11.89 -42.66 20.56
N ALA G 198 11.63 -41.77 19.59
CA ALA G 198 11.19 -40.40 19.92
C ALA G 198 9.92 -40.41 20.81
N ALA G 199 8.95 -41.22 20.41
CA ALA G 199 7.72 -41.33 21.14
C ALA G 199 7.96 -41.89 22.53
N GLU G 200 8.81 -42.88 22.61
CA GLU G 200 9.13 -43.55 23.86
C GLU G 200 9.85 -42.60 24.87
N MET G 201 10.64 -41.66 24.34
CA MET G 201 11.28 -40.62 25.16
C MET G 201 10.27 -39.55 25.61
N GLY G 202 9.11 -39.45 24.95
CA GLY G 202 8.08 -38.59 25.48
C GLY G 202 7.50 -37.54 24.55
N ALA G 203 7.93 -37.50 23.29
CA ALA G 203 7.37 -36.51 22.35
C ALA G 203 5.92 -36.77 22.13
N GLN G 204 5.11 -35.74 22.15
CA GLN G 204 3.69 -35.93 21.89
C GLN G 204 3.34 -35.91 20.42
N ILE G 205 4.19 -35.33 19.57
CA ILE G 205 3.90 -35.30 18.12
C ILE G 205 5.15 -35.76 17.42
N ILE G 206 5.00 -36.49 16.32
CA ILE G 206 6.14 -36.97 15.58
C ILE G 206 5.97 -36.55 14.14
N LYS G 207 7.00 -35.91 13.60
CA LYS G 207 7.03 -35.60 12.19
C LYS G 207 8.06 -36.49 11.49
N THR G 208 7.63 -37.11 10.39
CA THR G 208 8.49 -38.00 9.65
C THR G 208 8.17 -37.88 8.14
N TYR G 209 8.73 -38.77 7.32
CA TYR G 209 8.54 -38.71 5.87
C TYR G 209 7.67 -39.81 5.38
N TYR G 210 6.95 -39.57 4.29
CA TYR G 210 6.18 -40.65 3.71
C TYR G 210 7.06 -41.66 3.02
N VAL G 211 6.65 -42.91 3.04
CA VAL G 211 7.43 -43.98 2.43
C VAL G 211 6.56 -44.78 1.47
N GLU G 212 7.11 -45.13 0.31
CA GLU G 212 6.40 -45.91 -0.72
C GLU G 212 5.74 -47.19 -0.18
N LYS G 213 6.44 -47.90 0.70
CA LYS G 213 5.87 -49.10 1.25
C LYS G 213 6.15 -49.27 2.73
N GLY G 214 5.10 -49.65 3.45
CA GLY G 214 5.19 -49.90 4.90
C GLY G 214 4.78 -48.72 5.78
N PHE G 215 4.42 -47.59 5.18
CA PHE G 215 4.08 -46.44 5.99
C PHE G 215 3.01 -46.75 7.03
N GLU G 216 2.08 -47.62 6.66
CA GLU G 216 1.07 -48.10 7.57
C GLU G 216 1.69 -48.58 8.89
N ARG G 217 2.83 -49.28 8.81
CA ARG G 217 3.49 -49.87 9.99
C ARG G 217 4.17 -48.82 10.85
N ILE G 218 4.66 -47.76 10.19
CA ILE G 218 5.22 -46.60 10.89
C ILE G 218 4.16 -45.96 11.79
N VAL G 219 2.97 -45.75 11.22
CA VAL G 219 1.86 -45.19 11.97
C VAL G 219 1.45 -46.13 13.10
N ALA G 220 1.24 -47.40 12.77
CA ALA G 220 0.75 -48.36 13.74
C ALA G 220 1.70 -48.47 14.92
N GLY G 221 3.00 -48.52 14.65
CA GLY G 221 3.98 -48.74 15.72
C GLY G 221 4.26 -47.51 16.57
N CYS G 222 3.64 -46.39 16.22
CA CYS G 222 3.84 -45.14 16.90
C CYS G 222 2.61 -44.74 17.72
N PRO G 223 2.74 -44.63 19.03
CA PRO G 223 1.56 -44.38 19.86
C PRO G 223 1.02 -42.95 19.89
N VAL G 224 1.55 -42.05 19.08
CA VAL G 224 1.12 -40.65 19.13
C VAL G 224 1.00 -40.14 17.70
N PRO G 225 0.38 -38.95 17.52
CA PRO G 225 0.06 -38.47 16.18
C PRO G 225 1.29 -38.34 15.30
N ILE G 226 1.16 -38.71 14.02
CA ILE G 226 2.21 -38.56 13.05
C ILE G 226 1.86 -37.57 11.99
N VAL G 227 2.79 -36.66 11.69
CA VAL G 227 2.62 -35.68 10.63
C VAL G 227 3.73 -35.89 9.60
N ILE G 228 3.43 -35.80 8.30
CA ILE G 228 4.47 -36.02 7.30
C ILE G 228 5.00 -34.73 6.73
N ALA G 229 6.30 -34.73 6.43
CA ALA G 229 6.94 -33.62 5.79
C ALA G 229 6.79 -33.81 4.28
N GLY G 230 6.70 -32.69 3.58
CA GLY G 230 6.54 -32.66 2.14
C GLY G 230 7.71 -33.17 1.33
N GLY G 231 8.95 -32.95 1.79
CA GLY G 231 10.15 -33.28 1.00
C GLY G 231 10.34 -32.36 -0.20
N LYS G 232 11.25 -32.71 -1.10
CA LYS G 232 11.56 -31.87 -2.28
C LYS G 232 10.36 -31.61 -3.17
N LYS G 233 10.42 -30.53 -3.96
CA LYS G 233 9.31 -30.11 -4.83
C LYS G 233 8.94 -31.17 -5.84
N LEU G 234 7.65 -31.54 -5.84
CA LEU G 234 7.08 -32.47 -6.82
C LEU G 234 6.06 -31.73 -7.68
N PRO G 235 5.71 -32.30 -8.86
CA PRO G 235 4.57 -31.75 -9.59
C PRO G 235 3.34 -31.84 -8.70
N GLU G 236 2.53 -30.78 -8.72
CA GLU G 236 1.37 -30.66 -7.83
C GLU G 236 0.54 -31.95 -7.69
N ARG G 237 0.25 -32.62 -8.79
CA ARG G 237 -0.60 -33.80 -8.69
C ARG G 237 0.04 -34.96 -7.93
N GLU G 238 1.35 -35.12 -8.08
CA GLU G 238 2.07 -36.16 -7.35
C GLU G 238 2.13 -35.84 -5.87
N ALA G 239 2.28 -34.56 -5.54
CA ALA G 239 2.31 -34.10 -4.14
C ALA G 239 0.98 -34.37 -3.47
N LEU G 240 -0.12 -34.11 -4.18
CA LEU G 240 -1.43 -34.45 -3.65
C LEU G 240 -1.64 -35.96 -3.49
N GLU G 241 -1.02 -36.76 -4.38
CA GLU G 241 -1.07 -38.21 -4.21
C GLU G 241 -0.40 -38.64 -2.90
N MET G 242 0.83 -38.17 -2.68
CA MET G 242 1.56 -38.40 -1.46
C MET G 242 0.73 -38.04 -0.22
N CYS G 243 0.11 -36.85 -0.21
CA CYS G 243 -0.81 -36.51 0.88
C CYS G 243 -1.91 -37.54 1.03
N TRP G 244 -2.61 -37.80 -0.07
CA TRP G 244 -3.71 -38.77 -0.05
C TRP G 244 -3.28 -40.10 0.58
N GLN G 245 -2.16 -40.65 0.11
CA GLN G 245 -1.65 -41.91 0.60
C GLN G 245 -1.37 -41.85 2.09
N ALA G 246 -0.69 -40.80 2.51
CA ALA G 246 -0.27 -40.67 3.91
C ALA G 246 -1.46 -40.60 4.83
N ILE G 247 -2.41 -39.72 4.48
CA ILE G 247 -3.66 -39.63 5.22
C ILE G 247 -4.42 -40.97 5.21
N ASP G 248 -4.55 -41.56 4.03
CA ASP G 248 -5.25 -42.82 3.89
C ASP G 248 -4.64 -43.93 4.77
N GLN G 249 -3.33 -43.86 4.95
CA GLN G 249 -2.59 -44.84 5.72
C GLN G 249 -2.44 -44.48 7.18
N GLY G 250 -3.16 -43.46 7.63
CA GLY G 250 -3.17 -43.14 9.07
C GLY G 250 -2.44 -41.90 9.59
N ALA G 251 -1.80 -41.12 8.71
CA ALA G 251 -1.12 -39.90 9.18
C ALA G 251 -2.14 -38.92 9.76
N SER G 252 -1.74 -38.18 10.79
CA SER G 252 -2.63 -37.20 11.41
C SER G 252 -2.56 -35.82 10.78
N GLY G 253 -1.84 -35.69 9.69
CA GLY G 253 -1.70 -34.41 9.01
C GLY G 253 -0.45 -34.30 8.16
N VAL G 254 -0.34 -33.20 7.44
CA VAL G 254 0.83 -33.01 6.61
C VAL G 254 1.43 -31.68 6.94
N ASP G 255 2.73 -31.58 6.73
CA ASP G 255 3.40 -30.35 6.96
C ASP G 255 4.22 -30.05 5.71
N MET G 256 3.60 -29.35 4.77
CA MET G 256 4.31 -29.00 3.58
C MET G 256 5.04 -27.68 3.69
N GLY G 257 6.15 -27.63 2.96
CA GLY G 257 6.88 -26.40 2.78
C GLY G 257 7.02 -26.22 1.30
N ARG G 258 8.11 -26.76 0.77
CA ARG G 258 8.49 -26.54 -0.60
C ARG G 258 7.30 -26.77 -1.53
N ASN G 259 6.61 -27.88 -1.35
CA ASN G 259 5.49 -28.19 -2.22
C ASN G 259 4.37 -27.18 -2.24
N ILE G 260 4.40 -26.23 -1.31
CA ILE G 260 3.45 -25.16 -1.31
C ILE G 260 4.10 -23.85 -1.74
N PHE G 261 5.16 -23.46 -1.04
CA PHE G 261 5.71 -22.13 -1.28
C PHE G 261 6.52 -22.05 -2.57
N GLN G 262 6.85 -23.20 -3.14
CA GLN G 262 7.56 -23.23 -4.43
C GLN G 262 6.62 -23.50 -5.60
N SER G 263 5.32 -23.69 -5.31
CA SER G 263 4.33 -23.86 -6.37
C SER G 263 4.06 -22.52 -7.05
N ASP G 264 3.55 -22.56 -8.28
CA ASP G 264 3.16 -21.30 -8.96
C ASP G 264 1.84 -20.77 -8.46
N HIS G 265 1.04 -21.63 -7.86
CA HIS G 265 -0.25 -21.20 -7.30
C HIS G 265 -0.41 -21.73 -5.88
N PRO G 266 0.31 -21.12 -4.94
CA PRO G 266 0.41 -21.62 -3.57
C PRO G 266 -0.94 -21.66 -2.85
N VAL G 267 -1.75 -20.63 -3.01
CA VAL G 267 -3.03 -20.59 -2.33
C VAL G 267 -3.91 -21.75 -2.83
N ALA G 268 -3.90 -21.98 -4.12
CA ALA G 268 -4.68 -23.05 -4.69
C ALA G 268 -4.22 -24.38 -4.16
N MET G 269 -2.91 -24.61 -4.16
CA MET G 269 -2.34 -25.85 -3.65
C MET G 269 -2.82 -26.17 -2.22
N MET G 270 -2.83 -25.13 -1.38
CA MET G 270 -3.21 -25.28 0.03
C MET G 270 -4.65 -25.70 0.15
N LYS G 271 -5.52 -25.09 -0.66
CA LYS G 271 -6.94 -25.46 -0.67
C LYS G 271 -7.09 -26.94 -1.05
N ALA G 272 -6.33 -27.38 -2.05
CA ALA G 272 -6.31 -28.77 -2.46
C ALA G 272 -5.86 -29.67 -1.32
N VAL G 273 -4.73 -29.34 -0.72
CA VAL G 273 -4.20 -30.13 0.41
C VAL G 273 -5.23 -30.23 1.54
N GLN G 274 -5.93 -29.14 1.78
CA GLN G 274 -6.97 -29.14 2.79
C GLN G 274 -8.09 -30.10 2.48
N ALA G 275 -8.49 -30.12 1.21
CA ALA G 275 -9.56 -31.01 0.81
C ALA G 275 -9.18 -32.47 1.05
N VAL G 276 -7.95 -32.84 0.68
CA VAL G 276 -7.42 -34.19 0.93
C VAL G 276 -7.36 -34.53 2.43
N VAL G 277 -6.85 -33.58 3.21
CA VAL G 277 -6.53 -33.83 4.61
C VAL G 277 -7.74 -33.81 5.53
N HIS G 278 -8.62 -32.83 5.36
CA HIS G 278 -9.78 -32.71 6.23
C HIS G 278 -11.06 -33.34 5.69
N HIS G 279 -11.25 -33.28 4.36
CA HIS G 279 -12.53 -33.61 3.73
C HIS G 279 -12.54 -34.88 2.88
N ASN G 280 -11.61 -35.79 3.11
CA ASN G 280 -11.59 -37.06 2.38
C ASN G 280 -11.68 -36.99 0.86
N GLU G 281 -11.30 -35.86 0.28
CA GLU G 281 -11.22 -35.76 -1.17
C GLU G 281 -10.24 -36.78 -1.74
N THR G 282 -10.54 -37.26 -2.95
CA THR G 282 -9.63 -38.14 -3.67
C THR G 282 -8.53 -37.28 -4.26
N ALA G 283 -7.39 -37.90 -4.59
CA ALA G 283 -6.28 -37.21 -5.20
C ALA G 283 -6.70 -36.42 -6.45
N ASP G 284 -7.56 -37.02 -7.26
CA ASP G 284 -7.99 -36.45 -8.54
C ASP G 284 -8.86 -35.26 -8.37
N ARG G 285 -9.92 -35.41 -7.58
CA ARG G 285 -10.82 -34.30 -7.31
C ARG G 285 -10.03 -33.13 -6.78
N ALA G 286 -9.08 -33.42 -5.87
CA ALA G 286 -8.21 -32.42 -5.26
C ALA G 286 -7.44 -31.68 -6.33
N TYR G 287 -6.89 -32.42 -7.29
CA TYR G 287 -6.17 -31.81 -8.39
C TYR G 287 -7.03 -30.90 -9.27
N GLU G 288 -8.28 -31.30 -9.49
CA GLU G 288 -9.23 -30.47 -10.21
C GLU G 288 -9.60 -29.20 -9.43
N LEU G 289 -9.77 -29.35 -8.12
CA LEU G 289 -9.97 -28.21 -7.20
C LEU G 289 -8.80 -27.24 -7.33
N TYR G 290 -7.58 -27.80 -7.37
CA TYR G 290 -6.36 -27.03 -7.58
C TYR G 290 -6.41 -26.27 -8.91
N LEU G 291 -6.77 -26.98 -9.99
CA LEU G 291 -6.82 -26.38 -11.32
C LEU G 291 -7.83 -25.26 -11.43
N SER G 292 -8.90 -25.30 -10.66
CA SER G 292 -9.88 -24.22 -10.67
C SER G 292 -9.42 -22.92 -9.98
N GLU G 293 -8.15 -22.87 -9.55
CA GLU G 293 -7.45 -21.60 -9.27
C GLU G 293 -6.04 -21.62 -9.82
N GLY H 14 -15.54 20.55 34.41
CA GLY H 14 -14.48 21.21 33.58
C GLY H 14 -13.37 20.30 33.06
N LYS H 15 -13.74 19.08 32.67
CA LYS H 15 -12.80 18.09 32.10
C LYS H 15 -13.06 17.81 30.62
N ASP H 16 -11.99 17.63 29.84
CA ASP H 16 -12.14 17.36 28.42
C ASP H 16 -11.54 16.03 27.93
N PHE H 17 -12.40 15.06 27.67
CA PHE H 17 -12.00 13.74 27.28
C PHE H 17 -11.81 13.57 25.80
N ARG H 18 -12.31 14.54 25.04
CA ARG H 18 -12.16 14.56 23.60
C ARG H 18 -12.73 13.32 22.97
N THR H 19 -13.96 13.00 23.33
CA THR H 19 -14.61 11.75 22.95
C THR H 19 -14.88 11.66 21.46
N ASP H 20 -14.70 12.77 20.76
CA ASP H 20 -14.89 12.84 19.31
C ASP H 20 -13.64 12.41 18.53
N GLN H 21 -12.54 12.18 19.25
CA GLN H 21 -11.28 11.77 18.62
C GLN H 21 -10.70 10.50 19.27
N PRO H 22 -10.86 9.36 18.59
CA PRO H 22 -10.52 8.09 19.24
C PRO H 22 -9.01 7.91 19.34
N GLN H 23 -8.55 7.32 20.43
CA GLN H 23 -7.13 6.98 20.60
C GLN H 23 -6.62 6.12 19.45
N LYS H 24 -5.39 6.40 19.02
CA LYS H 24 -4.77 5.66 17.92
C LYS H 24 -3.32 5.22 18.18
N ASN H 25 -3.01 3.95 17.98
CA ASN H 25 -1.63 3.47 18.26
C ASN H 25 -0.67 4.06 17.27
N ILE H 26 0.50 4.50 17.76
CA ILE H 26 1.57 4.97 16.88
C ILE H 26 2.55 3.87 16.45
N PRO H 27 2.59 3.54 15.14
CA PRO H 27 3.40 2.41 14.70
C PRO H 27 4.91 2.60 14.92
N PHE H 28 5.59 1.50 15.28
CA PHE H 28 7.04 1.44 15.39
C PHE H 28 7.59 0.88 14.10
N THR H 29 8.42 1.65 13.42
CA THR H 29 8.79 1.32 12.03
C THR H 29 10.13 0.62 11.84
N LEU H 30 11.01 0.68 12.83
CA LEU H 30 12.30 0.03 12.71
C LEU H 30 12.16 -1.41 12.21
N LYS H 31 12.80 -1.67 11.07
CA LYS H 31 12.67 -2.94 10.36
C LYS H 31 12.66 -4.17 11.27
N GLY H 32 11.56 -4.94 11.19
CA GLY H 32 11.44 -6.20 11.91
C GLY H 32 11.42 -6.15 13.43
N CYS H 33 11.21 -4.97 14.00
CA CYS H 33 11.14 -4.83 15.45
C CYS H 33 9.79 -4.28 15.86
N GLY H 34 8.79 -4.52 15.01
CA GLY H 34 7.42 -4.10 15.29
C GLY H 34 6.59 -4.89 16.31
N ALA H 35 7.13 -6.01 16.79
CA ALA H 35 6.43 -6.84 17.76
C ALA H 35 7.29 -7.17 18.97
N LEU H 36 7.93 -6.14 19.52
CA LEU H 36 8.77 -6.29 20.72
C LEU H 36 8.21 -5.49 21.85
N ASP H 37 8.47 -5.91 23.07
CA ASP H 37 7.99 -5.18 24.22
C ASP H 37 8.60 -3.74 24.30
N TRP H 38 7.94 -2.86 25.04
CA TRP H 38 8.30 -1.46 25.12
C TRP H 38 9.78 -1.25 25.39
N GLY H 39 10.30 -1.92 26.38
CA GLY H 39 11.68 -1.74 26.83
C GLY H 39 12.69 -2.15 25.79
N MET H 40 12.45 -3.25 25.12
CA MET H 40 13.29 -3.63 24.05
C MET H 40 13.21 -2.65 22.87
N GLN H 41 12.00 -2.21 22.48
CA GLN H 41 11.88 -1.14 21.49
C GLN H 41 12.53 0.17 21.95
N SER H 42 12.50 0.44 23.24
CA SER H 42 13.10 1.64 23.77
C SER H 42 14.61 1.59 23.69
N ARG H 43 15.20 0.45 24.01
CA ARG H 43 16.64 0.26 23.83
C ARG H 43 17.07 0.37 22.37
N LEU H 44 16.31 -0.24 21.46
CA LEU H 44 16.60 -0.14 20.04
C LEU H 44 16.48 1.32 19.51
N SER H 45 15.63 2.11 20.15
CA SER H 45 15.45 3.49 19.72
C SER H 45 16.58 4.41 20.22
N ARG H 46 17.40 3.91 21.13
CA ARG H 46 18.54 4.69 21.55
C ARG H 46 19.63 4.45 20.53
N ILE H 47 19.57 3.31 19.85
CA ILE H 47 20.61 2.91 18.89
C ILE H 47 20.30 3.48 17.50
N PHE H 48 19.11 3.18 16.99
CA PHE H 48 18.67 3.66 15.70
C PHE H 48 17.76 4.86 15.86
N ASN H 49 18.26 6.02 15.46
CA ASN H 49 17.49 7.26 15.48
C ASN H 49 16.11 7.04 14.84
N PRO H 50 15.04 7.29 15.61
CA PRO H 50 13.68 6.99 15.13
C PRO H 50 13.31 7.78 13.85
N LYS H 51 13.84 9.00 13.70
CA LYS H 51 13.55 9.82 12.53
C LYS H 51 14.09 9.15 11.27
N THR H 52 15.34 8.71 11.32
CA THR H 52 16.01 8.23 10.11
C THR H 52 16.07 6.73 10.03
N GLY H 53 15.88 6.08 11.17
CA GLY H 53 15.99 4.62 11.26
C GLY H 53 17.39 4.08 11.13
N LYS H 54 18.38 4.94 11.38
CA LYS H 54 19.79 4.63 11.13
C LYS H 54 20.69 4.91 12.33
N THR H 55 21.90 4.39 12.29
CA THR H 55 22.82 4.60 13.37
C THR H 55 24.24 4.74 12.89
N VAL H 56 24.99 5.58 13.59
CA VAL H 56 26.45 5.64 13.44
C VAL H 56 27.09 5.13 14.73
N MET H 57 27.83 4.04 14.61
CA MET H 57 28.33 3.37 15.80
C MET H 57 29.86 3.43 15.83
N LEU H 58 30.43 3.85 16.95
CA LEU H 58 31.87 3.85 17.09
C LEU H 58 32.40 2.63 17.85
N ALA H 59 33.00 1.69 17.14
CA ALA H 59 33.46 0.44 17.77
C ALA H 59 34.91 0.44 18.17
N PHE H 60 35.17 0.10 19.42
CA PHE H 60 36.54 -0.01 19.89
C PHE H 60 36.77 -1.19 20.87
N ASP H 61 36.17 -2.32 20.55
CA ASP H 61 36.25 -3.53 21.37
C ASP H 61 37.35 -4.49 20.90
N HIS H 62 38.07 -4.09 19.84
CA HIS H 62 39.05 -4.95 19.18
C HIS H 62 40.05 -5.57 20.16
N GLY H 63 40.30 -4.87 21.27
CA GLY H 63 41.18 -5.34 22.30
C GLY H 63 40.86 -6.71 22.87
N TYR H 64 39.62 -7.17 22.73
CA TYR H 64 39.17 -8.32 23.49
C TYR H 64 39.87 -9.61 23.10
N PHE H 65 40.39 -9.66 21.89
CA PHE H 65 41.17 -10.82 21.52
C PHE H 65 42.50 -10.39 20.90
N GLN H 66 42.71 -9.08 20.77
CA GLN H 66 43.88 -8.58 20.06
C GLN H 66 44.90 -7.84 20.93
N GLY H 67 44.53 -7.47 22.16
CA GLY H 67 45.40 -6.65 22.97
C GLY H 67 45.46 -5.24 22.38
N PRO H 68 46.53 -4.49 22.68
CA PRO H 68 46.54 -3.06 22.33
C PRO H 68 46.81 -2.94 20.85
N THR H 69 45.76 -2.78 20.07
CA THR H 69 45.83 -2.71 18.62
C THR H 69 46.02 -1.24 18.18
N THR H 70 46.56 -1.02 16.98
CA THR H 70 46.95 0.34 16.52
C THR H 70 45.79 1.33 16.52
N GLY H 71 45.95 2.43 17.25
CA GLY H 71 44.87 3.39 17.40
C GLY H 71 44.15 3.27 18.73
N LEU H 72 44.26 2.09 19.34
CA LEU H 72 43.54 1.80 20.57
C LEU H 72 44.46 1.58 21.74
N GLU H 73 45.72 1.97 21.59
CA GLU H 73 46.67 1.83 22.68
C GLU H 73 46.21 2.63 23.88
N ARG H 74 45.65 3.81 23.68
CA ARG H 74 45.18 4.67 24.75
C ARG H 74 43.77 5.20 24.46
N ILE H 75 42.75 4.39 24.79
CA ILE H 75 41.36 4.75 24.61
C ILE H 75 41.07 6.06 25.32
N ASP H 76 41.67 6.23 26.49
CA ASP H 76 41.41 7.37 27.38
C ASP H 76 41.83 8.71 26.83
N ILE H 77 42.81 8.70 25.93
CA ILE H 77 43.33 9.92 25.36
C ILE H 77 42.83 10.08 23.92
N ASN H 78 43.02 9.02 23.14
CA ASN H 78 42.83 9.02 21.71
C ASN H 78 41.35 8.89 21.29
N ILE H 79 40.57 8.07 22.00
CA ILE H 79 39.21 7.77 21.59
C ILE H 79 38.19 8.58 22.37
N ALA H 80 38.51 8.89 23.62
CA ALA H 80 37.59 9.70 24.45
C ALA H 80 37.02 10.96 23.79
N PRO H 81 37.84 11.72 23.07
CA PRO H 81 37.27 12.93 22.46
C PRO H 81 36.27 12.63 21.33
N LEU H 82 36.20 11.38 20.89
CA LEU H 82 35.30 10.99 19.80
C LEU H 82 33.88 10.60 20.25
N PHE H 83 33.72 10.26 21.52
CA PHE H 83 32.48 9.70 22.04
C PHE H 83 31.32 10.60 21.69
N GLU H 84 31.43 11.89 21.99
CA GLU H 84 30.34 12.83 21.76
C GLU H 84 29.86 12.90 20.32
N HIS H 85 30.67 12.46 19.37
CA HIS H 85 30.26 12.54 17.97
C HIS H 85 29.63 11.28 17.44
N ALA H 86 29.55 10.26 18.27
CA ALA H 86 28.94 9.01 17.87
C ALA H 86 27.50 8.91 18.34
N ASP H 87 26.72 8.09 17.64
CA ASP H 87 25.39 7.78 18.12
C ASP H 87 25.46 6.78 19.29
N VAL H 88 26.31 5.76 19.13
CA VAL H 88 26.39 4.68 20.07
C VAL H 88 27.82 4.17 20.17
N LEU H 89 28.21 3.80 21.38
CA LEU H 89 29.54 3.21 21.63
C LEU H 89 29.51 1.69 21.67
N MET H 90 30.50 1.05 21.10
CA MET H 90 30.63 -0.37 21.23
C MET H 90 31.98 -0.78 21.81
N CYS H 91 31.95 -1.44 22.96
CA CYS H 91 33.18 -1.91 23.61
C CYS H 91 32.93 -2.98 24.65
N THR H 92 33.99 -3.40 25.34
CA THR H 92 33.87 -4.40 26.38
C THR H 92 33.55 -3.74 27.71
N ARG H 93 33.15 -4.57 28.68
CA ARG H 93 32.87 -4.06 30.03
C ARG H 93 34.13 -3.62 30.77
N GLY H 94 35.29 -4.16 30.40
CA GLY H 94 36.55 -3.83 31.02
C GLY H 94 36.96 -2.40 30.66
N ILE H 95 36.91 -2.09 29.36
CA ILE H 95 37.13 -0.75 28.87
C ILE H 95 36.08 0.24 29.40
N LEU H 96 34.82 -0.18 29.38
CA LEU H 96 33.71 0.68 29.75
C LEU H 96 33.87 1.17 31.15
N ARG H 97 34.08 0.25 32.08
CA ARG H 97 34.18 0.65 33.49
C ARG H 97 35.46 1.42 33.80
N SER H 98 36.52 1.10 33.09
CA SER H 98 37.80 1.66 33.44
C SER H 98 38.05 3.03 32.84
N VAL H 99 37.72 3.22 31.55
CA VAL H 99 38.06 4.48 30.88
C VAL H 99 36.97 5.22 30.10
N VAL H 100 35.76 4.66 29.98
CA VAL H 100 34.67 5.40 29.37
C VAL H 100 33.93 6.15 30.47
N PRO H 101 34.04 7.47 30.53
CA PRO H 101 33.36 8.16 31.62
C PRO H 101 31.85 7.98 31.54
N PRO H 102 31.19 7.56 32.64
CA PRO H 102 29.76 7.42 32.58
C PRO H 102 29.03 8.71 32.18
N ALA H 103 29.65 9.87 32.41
CA ALA H 103 29.04 11.14 32.07
C ALA H 103 28.93 11.35 30.56
N THR H 104 29.59 10.50 29.79
CA THR H 104 29.56 10.52 28.31
C THR H 104 28.11 10.52 27.81
N ASN H 105 27.22 9.83 28.52
CA ASN H 105 25.79 9.83 28.22
C ASN H 105 25.49 9.42 26.80
N ARG H 106 26.07 8.29 26.43
CA ARG H 106 25.93 7.77 25.07
C ARG H 106 25.53 6.27 25.20
N PRO H 107 24.59 5.80 24.36
CA PRO H 107 24.17 4.39 24.40
C PRO H 107 25.34 3.45 24.15
N VAL H 108 25.44 2.34 24.89
CA VAL H 108 26.53 1.37 24.64
C VAL H 108 26.06 -0.02 24.27
N VAL H 109 26.71 -0.61 23.28
CA VAL H 109 26.47 -2.00 22.93
C VAL H 109 27.67 -2.79 23.49
N LEU H 110 27.43 -3.74 24.36
CA LEU H 110 28.57 -4.43 24.97
C LEU H 110 29.03 -5.65 24.20
N ARG H 111 30.32 -5.74 23.95
CA ARG H 111 30.91 -6.97 23.45
C ARG H 111 30.70 -8.08 24.50
N ALA H 112 29.99 -9.13 24.15
CA ALA H 112 29.66 -10.17 25.13
C ALA H 112 30.25 -11.55 24.82
N SER H 113 31.26 -11.60 23.96
CA SER H 113 31.92 -12.86 23.63
C SER H 113 33.40 -12.63 23.75
N GLY H 114 34.16 -13.72 23.84
CA GLY H 114 35.60 -13.64 24.08
C GLY H 114 36.19 -14.99 24.39
N ALA H 115 37.32 -14.94 25.07
CA ALA H 115 38.12 -16.12 25.44
C ALA H 115 38.81 -16.77 24.25
N ASN H 116 38.89 -16.02 23.14
CA ASN H 116 39.81 -16.33 22.03
C ASN H 116 40.96 -15.33 22.04
N SER H 117 41.99 -15.58 21.25
CA SER H 117 43.01 -14.57 21.00
C SER H 117 43.63 -14.79 19.65
N ILE H 118 44.43 -13.81 19.20
CA ILE H 118 45.15 -13.92 17.92
C ILE H 118 46.21 -15.01 17.91
N LEU H 119 46.55 -15.54 19.07
CA LEU H 119 47.49 -16.64 19.17
C LEU H 119 46.88 -18.03 19.00
N ALA H 120 45.55 -18.13 18.85
CA ALA H 120 44.90 -19.46 18.75
C ALA H 120 43.78 -19.43 17.75
N GLU H 121 42.97 -20.50 17.70
CA GLU H 121 41.85 -20.55 16.79
C GLU H 121 40.88 -19.44 17.11
N LEU H 122 40.51 -18.68 16.06
CA LEU H 122 39.78 -17.41 16.17
C LEU H 122 38.35 -17.61 16.60
N SER H 123 37.76 -18.69 16.13
CA SER H 123 36.35 -18.93 16.35
C SER H 123 36.03 -19.55 17.71
N ASN H 124 37.06 -19.84 18.49
CA ASN H 124 36.89 -20.43 19.82
C ASN H 124 36.44 -19.43 20.88
N GLU H 125 35.22 -18.94 20.71
CA GLU H 125 34.68 -17.93 21.61
C GLU H 125 33.66 -18.51 22.58
N ALA H 126 33.60 -17.95 23.78
CA ALA H 126 32.53 -18.25 24.73
C ALA H 126 31.83 -16.94 25.10
N VAL H 127 30.68 -17.01 25.75
CA VAL H 127 30.01 -15.83 26.27
C VAL H 127 30.88 -15.16 27.34
N ALA H 128 31.10 -13.86 27.23
CA ALA H 128 32.07 -13.23 28.08
C ALA H 128 31.50 -12.32 29.13
N LEU H 129 30.18 -12.22 29.21
CA LEU H 129 29.55 -11.50 30.32
C LEU H 129 28.12 -11.98 30.54
N SER H 130 27.69 -11.95 31.78
CA SER H 130 26.37 -12.46 32.12
C SER H 130 25.38 -11.35 31.85
N MET H 131 24.16 -11.71 31.46
CA MET H 131 23.12 -10.71 31.20
C MET H 131 22.91 -9.84 32.43
N ASP H 132 23.03 -10.46 33.60
CA ASP H 132 23.07 -9.81 34.90
C ASP H 132 23.95 -8.54 34.88
N ASP H 133 25.13 -8.64 34.32
CA ASP H 133 26.02 -7.55 34.36
C ASP H 133 25.73 -6.57 33.23
N ALA H 134 25.26 -7.03 32.07
CA ALA H 134 24.85 -6.14 30.99
C ALA H 134 23.75 -5.23 31.49
N VAL H 135 22.83 -5.76 32.24
CA VAL H 135 21.78 -4.95 32.86
C VAL H 135 22.38 -3.97 33.87
N ARG H 136 23.29 -4.47 34.69
CA ARG H 136 23.95 -3.65 35.70
C ARG H 136 24.63 -2.46 35.05
N LEU H 137 25.11 -2.67 33.83
CA LEU H 137 25.82 -1.61 33.11
C LEU H 137 24.92 -0.71 32.26
N ASN H 138 23.63 -0.99 32.28
CA ASN H 138 22.66 -0.21 31.49
C ASN H 138 22.93 -0.25 30.01
N SER H 139 23.32 -1.41 29.46
CA SER H 139 23.54 -1.53 28.01
C SER H 139 22.26 -1.34 27.28
N CYS H 140 22.38 -1.10 25.99
CA CYS H 140 21.27 -1.10 25.08
C CYS H 140 21.24 -2.36 24.27
N ALA H 141 22.36 -3.05 24.16
CA ALA H 141 22.42 -4.33 23.45
C ALA H 141 23.64 -5.15 23.88
N VAL H 142 23.68 -6.41 23.54
CA VAL H 142 24.86 -7.19 23.76
C VAL H 142 25.24 -7.80 22.42
N ALA H 143 26.53 -8.01 22.20
CA ALA H 143 27.03 -8.48 20.91
C ALA H 143 27.87 -9.69 21.02
N ALA H 144 27.74 -10.61 20.06
CA ALA H 144 28.63 -11.75 20.03
C ALA H 144 28.83 -12.23 18.62
N GLN H 145 29.99 -12.86 18.38
CA GLN H 145 30.38 -13.33 17.05
C GLN H 145 29.76 -14.64 16.71
N VAL H 146 29.24 -14.76 15.51
CA VAL H 146 28.89 -16.04 14.96
C VAL H 146 29.95 -16.36 13.89
N TYR H 147 30.43 -17.60 13.86
CA TYR H 147 31.47 -18.01 12.90
C TYR H 147 31.05 -19.14 11.98
N ILE H 148 30.02 -18.92 11.16
CA ILE H 148 29.55 -19.96 10.22
C ILE H 148 30.73 -20.42 9.36
N GLY H 149 30.87 -21.72 9.20
CA GLY H 149 31.96 -22.28 8.43
C GLY H 149 33.26 -22.48 9.19
N SER H 150 33.36 -21.95 10.41
CA SER H 150 34.58 -22.19 11.16
C SER H 150 34.58 -23.45 12.05
N GLU H 151 35.73 -23.74 12.66
CA GLU H 151 35.84 -24.91 13.51
C GLU H 151 34.83 -24.95 14.68
N TYR H 152 34.64 -23.81 15.34
CA TYR H 152 33.71 -23.70 16.44
C TYR H 152 32.43 -23.02 16.07
N GLU H 153 31.97 -23.24 14.85
CA GLU H 153 30.70 -22.70 14.38
C GLU H 153 29.58 -23.00 15.36
N HIS H 154 29.47 -24.28 15.75
CA HIS H 154 28.41 -24.74 16.64
C HIS H 154 28.34 -23.94 17.95
N GLN H 155 29.47 -23.87 18.65
CA GLN H 155 29.51 -23.14 19.91
C GLN H 155 29.10 -21.68 19.69
N SER H 156 29.55 -21.10 18.58
CA SER H 156 29.29 -19.66 18.33
C SER H 156 27.79 -19.40 18.18
N ILE H 157 27.06 -20.29 17.51
CA ILE H 157 25.61 -20.16 17.47
C ILE H 157 24.95 -20.35 18.84
N LYS H 158 25.41 -21.34 19.58
CA LYS H 158 24.95 -21.53 20.93
C LYS H 158 25.14 -20.30 21.79
N ASN H 159 26.26 -19.59 21.63
CA ASN H 159 26.44 -18.28 22.29
C ASN H 159 25.31 -17.28 21.96
N ILE H 160 24.88 -17.22 20.70
CA ILE H 160 23.82 -16.32 20.31
C ILE H 160 22.53 -16.77 20.97
N ILE H 161 22.30 -18.10 20.93
CA ILE H 161 21.09 -18.67 21.49
C ILE H 161 21.01 -18.29 22.96
N GLN H 162 22.15 -18.36 23.62
CA GLN H 162 22.16 -18.16 25.04
C GLN H 162 21.82 -16.70 25.37
N LEU H 163 22.33 -15.79 24.55
CA LEU H 163 22.18 -14.37 24.81
C LEU H 163 20.76 -13.93 24.52
N VAL H 164 20.21 -14.41 23.42
CA VAL H 164 18.80 -14.19 23.13
C VAL H 164 17.89 -14.75 24.24
N ASP H 165 18.12 -16.00 24.67
CA ASP H 165 17.35 -16.55 25.80
C ASP H 165 17.40 -15.63 27.00
N ALA H 166 18.58 -15.20 27.36
CA ALA H 166 18.70 -14.36 28.55
C ALA H 166 18.22 -12.95 28.31
N GLY H 167 18.41 -12.46 27.09
CA GLY H 167 17.96 -11.14 26.69
C GLY H 167 16.48 -10.95 26.76
N MET H 168 15.74 -11.96 26.30
CA MET H 168 14.27 -11.89 26.28
C MET H 168 13.66 -11.77 27.67
N LYS H 169 14.29 -12.34 28.69
CA LYS H 169 13.79 -12.22 30.07
C LYS H 169 13.80 -10.78 30.57
N VAL H 170 14.56 -9.93 29.89
CA VAL H 170 15.04 -8.70 30.50
C VAL H 170 14.86 -7.46 29.57
N GLY H 171 14.45 -7.70 28.33
CA GLY H 171 14.23 -6.61 27.38
C GLY H 171 15.48 -6.13 26.65
N MET H 172 16.54 -6.95 26.70
CA MET H 172 17.84 -6.61 26.12
C MET H 172 18.00 -7.24 24.73
N PRO H 173 18.09 -6.41 23.65
CA PRO H 173 18.39 -6.85 22.32
C PRO H 173 19.79 -7.46 22.17
N THR H 174 19.91 -8.46 21.29
CA THR H 174 21.16 -9.13 20.98
C THR H 174 21.57 -8.77 19.54
N MET H 175 22.84 -8.41 19.40
CA MET H 175 23.47 -8.21 18.10
C MET H 175 24.41 -9.38 17.76
N ALA H 176 24.16 -10.02 16.62
CA ALA H 176 25.01 -11.07 16.15
C ALA H 176 25.92 -10.45 15.14
N VAL H 177 27.22 -10.77 15.23
CA VAL H 177 28.23 -10.25 14.30
C VAL H 177 28.78 -11.41 13.50
N THR H 178 28.76 -11.30 12.17
CA THR H 178 29.22 -12.41 11.32
C THR H 178 30.73 -12.39 11.16
N GLY H 179 31.44 -13.10 12.02
CA GLY H 179 32.89 -13.17 11.88
C GLY H 179 33.33 -14.19 10.84
N VAL H 180 34.51 -13.96 10.24
CA VAL H 180 34.93 -14.80 9.10
C VAL H 180 36.10 -15.76 9.35
N VAL H 185 35.89 -17.52 1.88
CA VAL H 185 35.35 -16.63 0.84
C VAL H 185 34.33 -15.58 1.38
N ARG H 186 34.61 -14.29 1.11
CA ARG H 186 33.78 -13.21 1.61
C ARG H 186 32.75 -12.69 0.59
N ASP H 187 31.85 -13.55 0.12
CA ASP H 187 30.85 -13.16 -0.89
C ASP H 187 29.39 -13.12 -0.41
N GLN H 188 28.47 -12.72 -1.29
CA GLN H 188 27.06 -12.55 -0.94
C GLN H 188 26.41 -13.83 -0.40
N ARG H 189 26.61 -14.95 -1.08
CA ARG H 189 25.91 -16.16 -0.71
C ARG H 189 26.35 -16.65 0.67
N TYR H 190 27.61 -16.37 1.04
CA TYR H 190 28.07 -16.66 2.38
C TYR H 190 27.45 -15.75 3.45
N PHE H 191 27.51 -14.44 3.27
CA PHE H 191 26.90 -13.56 4.24
C PHE H 191 25.38 -13.69 4.35
N SER H 192 24.71 -14.04 3.24
CA SER H 192 23.28 -14.37 3.25
C SER H 192 23.03 -15.52 4.18
N LEU H 193 23.83 -16.57 4.08
CA LEU H 193 23.72 -17.71 4.98
C LEU H 193 23.90 -17.26 6.41
N ALA H 194 25.03 -16.64 6.72
CA ALA H 194 25.36 -16.29 8.10
C ALA H 194 24.38 -15.30 8.75
N THR H 195 24.00 -14.24 8.03
CA THR H 195 23.08 -13.26 8.58
C THR H 195 21.71 -13.89 8.85
N ARG H 196 21.19 -14.64 7.87
CA ARG H 196 19.89 -15.25 8.02
C ARG H 196 19.79 -16.28 9.17
N ILE H 197 20.73 -17.21 9.27
CA ILE H 197 20.77 -18.09 10.46
C ILE H 197 20.73 -17.32 11.80
N ALA H 198 21.62 -16.39 11.99
CA ALA H 198 21.61 -15.53 13.16
C ALA H 198 20.27 -14.84 13.40
N ALA H 199 19.62 -14.34 12.35
CA ALA H 199 18.35 -13.67 12.55
C ALA H 199 17.31 -14.69 12.96
N GLU H 200 17.41 -15.85 12.34
CA GLU H 200 16.45 -16.93 12.53
C GLU H 200 16.54 -17.47 13.98
N MET H 201 17.76 -17.56 14.52
CA MET H 201 17.94 -17.85 15.93
C MET H 201 17.44 -16.77 16.87
N GLY H 202 17.17 -15.57 16.37
CA GLY H 202 16.53 -14.53 17.17
C GLY H 202 17.28 -13.24 17.53
N ALA H 203 18.48 -13.06 17.00
CA ALA H 203 19.19 -11.78 17.16
C ALA H 203 18.36 -10.62 16.55
N GLN H 204 18.30 -9.50 17.24
CA GLN H 204 17.50 -8.38 16.78
C GLN H 204 18.29 -7.46 15.88
N ILE H 205 19.62 -7.49 16.01
CA ILE H 205 20.49 -6.68 15.15
C ILE H 205 21.56 -7.58 14.55
N ILE H 206 21.87 -7.35 13.28
CA ILE H 206 22.94 -8.08 12.63
C ILE H 206 24.04 -7.13 12.12
N LYS H 207 25.28 -7.43 12.49
CA LYS H 207 26.41 -6.70 11.93
C LYS H 207 27.20 -7.58 10.98
N THR H 208 27.43 -7.09 9.77
CA THR H 208 28.09 -7.88 8.75
C THR H 208 29.02 -6.94 7.99
N TYR H 209 29.58 -7.41 6.85
CA TYR H 209 30.48 -6.61 6.02
C TYR H 209 29.82 -6.20 4.73
N TYR H 210 30.26 -5.09 4.16
CA TYR H 210 29.79 -4.69 2.86
C TYR H 210 30.45 -5.54 1.80
N VAL H 211 29.72 -5.76 0.72
CA VAL H 211 30.18 -6.59 -0.36
C VAL H 211 29.98 -5.87 -1.70
N GLU H 212 30.98 -5.99 -2.57
CA GLU H 212 31.00 -5.31 -3.88
C GLU H 212 29.72 -5.56 -4.67
N LYS H 213 29.26 -6.80 -4.65
CA LYS H 213 28.05 -7.14 -5.38
C LYS H 213 27.12 -8.04 -4.60
N GLY H 214 25.83 -7.73 -4.67
CA GLY H 214 24.79 -8.54 -4.04
C GLY H 214 24.41 -8.10 -2.64
N PHE H 215 25.07 -7.09 -2.10
CA PHE H 215 24.74 -6.57 -0.77
C PHE H 215 23.26 -6.32 -0.62
N GLU H 216 22.62 -5.87 -1.70
CA GLU H 216 21.17 -5.67 -1.71
C GLU H 216 20.43 -6.91 -1.21
N ARG H 217 20.91 -8.08 -1.61
CA ARG H 217 20.26 -9.35 -1.32
C ARG H 217 20.50 -9.77 0.12
N ILE H 218 21.65 -9.44 0.64
CA ILE H 218 21.94 -9.67 2.02
C ILE H 218 20.91 -8.94 2.88
N VAL H 219 20.67 -7.66 2.56
CA VAL H 219 19.71 -6.84 3.28
C VAL H 219 18.30 -7.39 3.15
N ALA H 220 17.89 -7.65 1.92
CA ALA H 220 16.53 -8.11 1.62
C ALA H 220 16.19 -9.43 2.32
N GLY H 221 17.14 -10.36 2.31
CA GLY H 221 16.95 -11.66 2.95
C GLY H 221 17.02 -11.70 4.47
N CYS H 222 17.35 -10.57 5.08
CA CYS H 222 17.49 -10.49 6.53
C CYS H 222 16.35 -9.68 7.12
N PRO H 223 15.52 -10.28 7.97
CA PRO H 223 14.32 -9.59 8.47
C PRO H 223 14.54 -8.57 9.60
N VAL H 224 15.79 -8.29 9.97
CA VAL H 224 16.03 -7.33 11.03
C VAL H 224 17.10 -6.35 10.55
N PRO H 225 17.36 -5.26 11.32
CA PRO H 225 18.34 -4.23 10.90
C PRO H 225 19.74 -4.77 10.69
N ILE H 226 20.37 -4.32 9.62
CA ILE H 226 21.77 -4.65 9.36
C ILE H 226 22.69 -3.43 9.47
N VAL H 227 23.79 -3.61 10.16
CA VAL H 227 24.80 -2.58 10.31
C VAL H 227 26.09 -3.15 9.71
N ILE H 228 26.86 -2.31 9.04
CA ILE H 228 28.10 -2.80 8.44
C ILE H 228 29.32 -2.43 9.29
N ALA H 229 30.32 -3.32 9.27
CA ALA H 229 31.61 -3.04 9.83
C ALA H 229 32.48 -2.32 8.81
N GLY H 230 33.36 -1.44 9.31
CA GLY H 230 34.30 -0.70 8.47
C GLY H 230 35.34 -1.50 7.69
N GLY H 231 35.87 -2.56 8.29
CA GLY H 231 36.99 -3.31 7.70
C GLY H 231 38.29 -2.55 7.88
N LYS H 232 39.34 -3.03 7.21
CA LYS H 232 40.67 -2.41 7.28
C LYS H 232 40.68 -0.95 6.77
N LYS H 233 41.66 -0.20 7.22
CA LYS H 233 41.77 1.22 6.90
C LYS H 233 41.82 1.49 5.40
N LEU H 234 40.92 2.33 4.94
CA LEU H 234 40.92 2.78 3.55
C LEU H 234 41.20 4.29 3.52
N PRO H 235 41.61 4.82 2.36
CA PRO H 235 41.61 6.27 2.18
C PRO H 235 40.22 6.83 2.44
N GLU H 236 40.14 7.95 3.18
CA GLU H 236 38.87 8.51 3.62
C GLU H 236 37.76 8.56 2.55
N ARG H 237 38.08 8.93 1.33
CA ARG H 237 37.04 9.03 0.34
C ARG H 237 36.49 7.69 -0.04
N GLU H 238 37.33 6.67 -0.08
CA GLU H 238 36.86 5.31 -0.40
C GLU H 238 35.98 4.74 0.70
N ALA H 239 36.33 5.04 1.94
CA ALA H 239 35.56 4.66 3.08
C ALA H 239 34.17 5.29 3.04
N LEU H 240 34.10 6.59 2.69
CA LEU H 240 32.81 7.25 2.55
C LEU H 240 31.98 6.69 1.39
N GLU H 241 32.63 6.24 0.33
CA GLU H 241 31.92 5.54 -0.74
C GLU H 241 31.26 4.23 -0.28
N MET H 242 32.03 3.39 0.43
CA MET H 242 31.53 2.19 1.08
C MET H 242 30.31 2.47 1.95
N CYS H 243 30.40 3.45 2.85
CA CYS H 243 29.20 3.88 3.56
C CYS H 243 28.06 4.22 2.66
N TRP H 244 28.30 5.08 1.69
CA TRP H 244 27.24 5.54 0.82
C TRP H 244 26.54 4.36 0.17
N GLN H 245 27.32 3.42 -0.36
CA GLN H 245 26.79 2.26 -1.02
C GLN H 245 25.94 1.40 -0.08
N ALA H 246 26.49 1.05 1.08
CA ALA H 246 25.77 0.25 2.08
C ALA H 246 24.46 0.89 2.46
N ILE H 247 24.48 2.16 2.86
CA ILE H 247 23.26 2.89 3.16
C ILE H 247 22.28 2.88 1.98
N ASP H 248 22.77 3.20 0.79
CA ASP H 248 21.93 3.26 -0.40
C ASP H 248 21.30 1.92 -0.73
N GLN H 249 22.00 0.83 -0.39
CA GLN H 249 21.52 -0.51 -0.64
C GLN H 249 20.69 -1.11 0.52
N GLY H 250 20.42 -0.32 1.55
CA GLY H 250 19.51 -0.72 2.60
C GLY H 250 20.07 -1.00 3.98
N ALA H 251 21.36 -0.79 4.20
CA ALA H 251 21.92 -0.97 5.54
C ALA H 251 21.30 0.02 6.51
N SER H 252 21.16 -0.38 7.78
CA SER H 252 20.54 0.48 8.79
C SER H 252 21.56 1.35 9.52
N GLY H 253 22.81 1.21 9.17
CA GLY H 253 23.85 1.98 9.83
C GLY H 253 25.23 1.43 9.54
N VAL H 254 26.21 2.13 10.05
CA VAL H 254 27.57 1.68 9.92
C VAL H 254 28.19 1.67 11.29
N ASP H 255 29.17 0.79 11.43
CA ASP H 255 29.90 0.69 12.64
C ASP H 255 31.38 0.69 12.31
N MET H 256 31.94 1.88 12.18
CA MET H 256 33.35 2.01 11.92
C MET H 256 34.21 2.02 13.16
N GLY H 257 35.40 1.46 12.98
CA GLY H 257 36.43 1.56 13.97
C GLY H 257 37.63 2.16 13.30
N ARG H 258 38.41 1.30 12.67
CA ARG H 258 39.71 1.67 12.10
C ARG H 258 39.54 2.88 11.19
N ASN H 259 38.56 2.84 10.31
CA ASN H 259 38.34 3.95 9.41
C ASN H 259 38.09 5.29 10.04
N ILE H 260 37.85 5.31 11.35
CA ILE H 260 37.71 6.53 12.09
C ILE H 260 38.87 6.77 13.00
N PHE H 261 39.18 5.84 13.91
CA PHE H 261 40.22 6.09 14.89
C PHE H 261 41.65 6.03 14.35
N GLN H 262 41.82 5.44 13.16
CA GLN H 262 43.11 5.45 12.47
C GLN H 262 43.28 6.58 11.42
N SER H 263 42.25 7.39 11.23
CA SER H 263 42.33 8.55 10.34
C SER H 263 43.09 9.66 11.02
N ASP H 264 43.67 10.56 10.22
CA ASP H 264 44.40 11.69 10.79
C ASP H 264 43.47 12.75 11.34
N HIS H 265 42.21 12.76 10.86
CA HIS H 265 41.21 13.74 11.31
C HIS H 265 39.92 13.00 11.68
N PRO H 266 39.94 12.28 12.82
CA PRO H 266 38.85 11.41 13.21
C PRO H 266 37.54 12.13 13.41
N VAL H 267 37.55 13.30 14.05
CA VAL H 267 36.33 14.06 14.26
C VAL H 267 35.73 14.49 12.92
N ALA H 268 36.56 14.91 11.98
CA ALA H 268 36.04 15.33 10.70
C ALA H 268 35.38 14.14 10.01
N MET H 269 36.03 12.97 10.09
CA MET H 269 35.59 11.77 9.40
C MET H 269 34.21 11.32 9.91
N MET H 270 33.99 11.47 11.20
CA MET H 270 32.73 11.11 11.83
C MET H 270 31.63 12.01 11.37
N LYS H 271 31.90 13.31 11.22
CA LYS H 271 30.89 14.26 10.75
C LYS H 271 30.49 13.93 9.31
N ALA H 272 31.47 13.51 8.53
CA ALA H 272 31.25 13.12 7.15
C ALA H 272 30.37 11.87 7.11
N VAL H 273 30.75 10.84 7.89
CA VAL H 273 30.00 9.60 8.00
C VAL H 273 28.54 9.87 8.43
N GLN H 274 28.37 10.76 9.39
CA GLN H 274 27.05 11.18 9.77
C GLN H 274 26.23 11.80 8.67
N ALA H 275 26.86 12.63 7.83
CA ALA H 275 26.13 13.23 6.74
C ALA H 275 25.64 12.17 5.79
N VAL H 276 26.50 11.19 5.47
CA VAL H 276 26.11 10.06 4.59
C VAL H 276 24.97 9.22 5.17
N VAL H 277 25.06 8.93 6.46
CA VAL H 277 24.20 7.97 7.11
C VAL H 277 22.84 8.53 7.48
N HIS H 278 22.79 9.73 8.05
CA HIS H 278 21.53 10.33 8.46
C HIS H 278 20.92 11.33 7.46
N HIS H 279 21.73 11.98 6.65
CA HIS H 279 21.25 13.15 5.90
C HIS H 279 21.24 12.99 4.39
N ASN H 280 21.45 11.77 3.90
CA ASN H 280 21.44 11.52 2.46
C ASN H 280 22.50 12.25 1.64
N GLU H 281 23.59 12.68 2.26
CA GLU H 281 24.68 13.31 1.53
C GLU H 281 25.27 12.34 0.55
N THR H 282 25.77 12.86 -0.57
CA THR H 282 26.47 12.03 -1.57
C THR H 282 27.88 11.78 -1.05
N ALA H 283 28.55 10.76 -1.60
CA ALA H 283 29.91 10.45 -1.22
C ALA H 283 30.81 11.68 -1.36
N ASP H 284 30.67 12.41 -2.48
CA ASP H 284 31.46 13.59 -2.80
C ASP H 284 31.28 14.76 -1.85
N ARG H 285 30.04 15.19 -1.67
CA ARG H 285 29.77 16.25 -0.71
C ARG H 285 30.33 15.91 0.65
N ALA H 286 30.14 14.66 1.06
CA ALA H 286 30.63 14.17 2.31
C ALA H 286 32.13 14.33 2.43
N TYR H 287 32.86 13.96 1.37
CA TYR H 287 34.30 14.13 1.36
C TYR H 287 34.71 15.59 1.44
N GLU H 288 33.95 16.49 0.84
CA GLU H 288 34.22 17.91 0.94
C GLU H 288 33.95 18.43 2.34
N LEU H 289 32.88 17.94 2.94
CA LEU H 289 32.57 18.19 4.35
C LEU H 289 33.73 17.75 5.25
N TYR H 290 34.28 16.56 4.97
CA TYR H 290 35.45 16.08 5.65
C TYR H 290 36.61 17.04 5.49
N LEU H 291 36.87 17.47 4.26
CA LEU H 291 38.02 18.33 3.94
C LEU H 291 37.93 19.64 4.68
N SER H 292 36.73 20.16 4.89
CA SER H 292 36.58 21.41 5.62
C SER H 292 36.85 21.34 7.11
N GLU H 293 37.37 20.19 7.60
CA GLU H 293 38.11 20.08 8.89
C GLU H 293 39.32 19.16 8.75
N GLY I 14 19.39 26.36 66.86
CA GLY I 14 20.85 26.19 67.09
C GLY I 14 21.51 25.11 66.24
N LYS I 15 21.11 25.04 64.97
CA LYS I 15 21.71 24.10 63.99
C LYS I 15 22.47 24.83 62.87
N ASP I 16 23.58 24.23 62.42
CA ASP I 16 24.41 24.85 61.37
C ASP I 16 24.61 23.99 60.11
N PHE I 17 23.84 24.33 59.06
CA PHE I 17 23.84 23.60 57.80
C PHE I 17 24.90 24.06 56.82
N ARG I 18 25.57 25.15 57.16
CA ARG I 18 26.67 25.67 56.35
C ARG I 18 26.25 25.81 54.87
N THR I 19 25.13 26.52 54.65
CA THR I 19 24.55 26.66 53.31
C THR I 19 25.39 27.49 52.36
N ASP I 20 26.42 28.12 52.88
CA ASP I 20 27.33 28.91 52.09
C ASP I 20 28.46 28.04 51.51
N GLN I 21 28.53 26.78 51.89
CA GLN I 21 29.58 25.88 51.39
C GLN I 21 28.97 24.58 50.83
N PRO I 22 28.89 24.46 49.48
CA PRO I 22 28.17 23.35 48.86
C PRO I 22 28.94 22.05 48.98
N GLN I 23 28.22 20.96 49.16
CA GLN I 23 28.80 19.63 49.23
C GLN I 23 29.58 19.33 47.97
N LYS I 24 30.69 18.61 48.12
CA LYS I 24 31.52 18.31 46.97
C LYS I 24 32.04 16.85 47.00
N ASN I 25 31.90 16.11 45.90
CA ASN I 25 32.36 14.72 45.89
C ASN I 25 33.87 14.63 45.92
N ILE I 26 34.37 13.67 46.66
CA ILE I 26 35.81 13.44 46.73
C ILE I 26 36.25 12.39 45.72
N PRO I 27 37.10 12.76 44.75
CA PRO I 27 37.42 11.80 43.69
C PRO I 27 38.22 10.60 44.18
N PHE I 28 38.02 9.48 43.50
CA PHE I 28 38.74 8.23 43.76
C PHE I 28 39.77 8.08 42.66
N THR I 29 41.04 8.09 43.02
CA THR I 29 42.08 8.21 42.02
C THR I 29 42.69 6.91 41.53
N LEU I 30 42.50 5.82 42.26
CA LEU I 30 43.17 4.56 41.88
C LEU I 30 42.91 4.27 40.40
N LYS I 31 44.01 4.09 39.66
CA LYS I 31 43.96 3.96 38.20
C LYS I 31 42.83 3.04 37.71
N GLY I 32 41.92 3.56 36.92
CA GLY I 32 40.91 2.74 36.29
C GLY I 32 39.78 2.24 37.17
N CYS I 33 39.70 2.71 38.41
CA CYS I 33 38.71 2.22 39.35
C CYS I 33 37.79 3.34 39.83
N GLY I 34 37.63 4.37 39.00
CA GLY I 34 36.85 5.53 39.36
C GLY I 34 35.35 5.41 39.19
N ALA I 35 34.92 4.30 38.60
CA ALA I 35 33.51 4.06 38.39
C ALA I 35 33.01 2.71 38.96
N LEU I 36 33.43 2.40 40.17
CA LEU I 36 33.04 1.16 40.83
C LEU I 36 32.20 1.52 42.05
N ASP I 37 31.34 0.62 42.45
CA ASP I 37 30.55 0.82 43.65
C ASP I 37 31.43 0.93 44.93
N TRP I 38 30.91 1.62 45.93
CA TRP I 38 31.58 1.91 47.15
C TRP I 38 32.32 0.72 47.74
N GLY I 39 31.64 -0.42 47.87
CA GLY I 39 32.26 -1.59 48.45
C GLY I 39 33.44 -2.13 47.67
N MET I 40 33.36 -2.05 46.35
CA MET I 40 34.45 -2.57 45.57
C MET I 40 35.63 -1.65 45.74
N GLN I 41 35.37 -0.33 45.71
CA GLN I 41 36.41 0.67 45.90
C GLN I 41 37.02 0.52 47.30
N SER I 42 36.20 0.05 48.24
CA SER I 42 36.63 -0.03 49.62
C SER I 42 37.56 -1.24 49.74
N ARG I 43 37.22 -2.32 49.07
CA ARG I 43 38.12 -3.45 49.04
C ARG I 43 39.45 -3.11 48.36
N LEU I 44 39.41 -2.37 47.26
CA LEU I 44 40.63 -1.97 46.56
C LEU I 44 41.49 -1.00 47.39
N SER I 45 40.87 -0.17 48.21
CA SER I 45 41.57 0.67 49.14
C SER I 45 42.22 -0.08 50.31
N ARG I 46 41.82 -1.32 50.55
CA ARG I 46 42.50 -2.08 51.57
C ARG I 46 43.80 -2.62 50.99
N ILE I 47 43.78 -2.87 49.67
CA ILE I 47 44.95 -3.36 48.95
C ILE I 47 45.98 -2.25 48.62
N PHE I 48 45.54 -1.22 47.89
CA PHE I 48 46.39 -0.10 47.43
C PHE I 48 46.17 1.06 48.34
N ASN I 49 47.20 1.38 49.13
CA ASN I 49 47.17 2.51 50.06
C ASN I 49 46.71 3.79 49.34
N PRO I 50 45.67 4.45 49.84
CA PRO I 50 45.05 5.57 49.12
C PRO I 50 46.00 6.74 48.96
N LYS I 51 46.86 6.95 49.95
CA LYS I 51 47.89 8.01 49.88
C LYS I 51 48.81 7.80 48.68
N THR I 52 49.41 6.63 48.60
CA THR I 52 50.44 6.40 47.60
C THR I 52 49.94 5.74 46.31
N GLY I 53 48.79 5.06 46.39
CA GLY I 53 48.23 4.31 45.29
C GLY I 53 48.96 3.03 44.98
N LYS I 54 49.74 2.54 45.94
CA LYS I 54 50.61 1.38 45.75
C LYS I 54 50.41 0.30 46.81
N THR I 55 50.94 -0.90 46.53
CA THR I 55 50.82 -2.01 47.44
C THR I 55 52.06 -2.91 47.52
N VAL I 56 52.37 -3.36 48.73
CA VAL I 56 53.35 -4.42 48.92
C VAL I 56 52.61 -5.69 49.32
N MET I 57 52.69 -6.69 48.47
CA MET I 57 51.91 -7.89 48.66
C MET I 57 52.83 -9.07 48.92
N LEU I 58 52.54 -9.85 49.96
CA LEU I 58 53.30 -11.05 50.29
C LEU I 58 52.60 -12.34 49.81
N ALA I 59 53.11 -12.96 48.75
CA ALA I 59 52.45 -14.11 48.16
C ALA I 59 53.09 -15.40 48.64
N PHE I 60 52.26 -16.34 49.05
CA PHE I 60 52.72 -17.65 49.42
C PHE I 60 51.65 -18.71 49.10
N ASP I 61 51.10 -18.65 47.90
CA ASP I 61 50.11 -19.59 47.43
C ASP I 61 50.74 -20.65 46.57
N HIS I 62 52.05 -20.61 46.41
CA HIS I 62 52.77 -21.47 45.45
C HIS I 62 52.48 -22.93 45.62
N GLY I 63 52.10 -23.30 46.85
CA GLY I 63 51.74 -24.68 47.17
C GLY I 63 50.60 -25.26 46.36
N TYR I 64 49.76 -24.40 45.74
CA TYR I 64 48.48 -24.86 45.22
C TYR I 64 48.65 -25.86 44.11
N PHE I 65 49.80 -25.80 43.42
CA PHE I 65 50.11 -26.76 42.36
C PHE I 65 51.53 -27.36 42.47
N GLN I 66 52.26 -26.90 43.48
CA GLN I 66 53.65 -27.33 43.66
C GLN I 66 53.92 -28.12 44.95
N GLY I 67 52.96 -28.21 45.84
CA GLY I 67 53.21 -28.84 47.11
C GLY I 67 54.18 -28.01 47.90
N PRO I 68 54.88 -28.65 48.88
CA PRO I 68 55.74 -27.88 49.82
C PRO I 68 57.03 -27.42 49.14
N THR I 69 56.99 -26.22 48.61
CA THR I 69 58.08 -25.63 47.87
C THR I 69 59.09 -24.98 48.84
N THR I 70 60.34 -24.79 48.40
CA THR I 70 61.40 -24.28 49.30
C THR I 70 61.05 -22.95 49.93
N GLY I 71 61.07 -22.88 51.26
CA GLY I 71 60.75 -21.63 52.01
C GLY I 71 59.33 -21.67 52.56
N LEU I 72 58.49 -22.49 51.94
CA LEU I 72 57.08 -22.60 52.30
C LEU I 72 56.72 -23.93 52.92
N GLU I 73 57.74 -24.70 53.37
CA GLU I 73 57.51 -25.99 54.01
C GLU I 73 56.69 -25.80 55.26
N ARG I 74 56.99 -24.73 56.01
CA ARG I 74 56.26 -24.45 57.25
C ARG I 74 55.81 -23.00 57.36
N ILE I 75 54.67 -22.67 56.70
CA ILE I 75 54.12 -21.31 56.70
C ILE I 75 53.93 -20.83 58.14
N ASP I 76 53.55 -21.75 59.01
CA ASP I 76 53.23 -21.41 60.42
C ASP I 76 54.39 -20.86 61.23
N ILE I 77 55.60 -21.24 60.82
CA ILE I 77 56.81 -20.89 61.58
C ILE I 77 57.60 -19.84 60.83
N ASN I 78 57.82 -20.13 59.55
CA ASN I 78 58.68 -19.38 58.69
C ASN I 78 58.07 -18.06 58.18
N ILE I 79 56.79 -18.12 57.77
CA ILE I 79 56.14 -16.99 57.09
C ILE I 79 55.33 -16.17 58.04
N ALA I 80 54.78 -16.79 59.06
CA ALA I 80 53.93 -16.08 60.02
C ALA I 80 54.53 -14.81 60.60
N PRO I 81 55.84 -14.81 60.92
CA PRO I 81 56.40 -13.57 61.48
C PRO I 81 56.49 -12.43 60.46
N LEU I 82 56.29 -12.75 59.19
CA LEU I 82 56.33 -11.75 58.16
C LEU I 82 55.01 -11.01 57.95
N PHE I 83 53.89 -11.59 58.36
CA PHE I 83 52.59 -11.06 58.02
C PHE I 83 52.49 -9.58 58.36
N GLU I 84 52.87 -9.23 59.58
CA GLU I 84 52.67 -7.89 60.04
C GLU I 84 53.40 -6.83 59.22
N HIS I 85 54.40 -7.25 58.46
CA HIS I 85 55.16 -6.32 57.65
C HIS I 85 54.65 -6.15 56.23
N ALA I 86 53.65 -6.93 55.83
CA ALA I 86 53.09 -6.82 54.48
C ALA I 86 51.85 -5.92 54.46
N ASP I 87 51.54 -5.34 53.31
CA ASP I 87 50.29 -4.60 53.15
C ASP I 87 49.12 -5.58 53.00
N VAL I 88 49.36 -6.64 52.21
CA VAL I 88 48.35 -7.61 51.88
C VAL I 88 48.96 -9.00 51.75
N LEU I 89 48.22 -10.01 52.18
CA LEU I 89 48.60 -11.40 52.04
C LEU I 89 47.94 -12.04 50.83
N MET I 90 48.65 -12.90 50.13
CA MET I 90 48.04 -13.70 49.11
C MET I 90 48.32 -15.17 49.30
N CYS I 91 47.24 -15.95 49.36
CA CYS I 91 47.34 -17.40 49.51
C CYS I 91 46.03 -18.12 49.20
N THR I 92 46.01 -19.43 49.52
CA THR I 92 44.85 -20.24 49.27
C THR I 92 43.98 -20.26 50.52
N ARG I 93 42.70 -20.65 50.33
CA ARG I 93 41.80 -20.82 51.45
C ARG I 93 42.26 -21.92 52.41
N GLY I 94 42.99 -22.91 51.89
CA GLY I 94 43.45 -24.02 52.70
C GLY I 94 44.47 -23.54 53.70
N ILE I 95 45.42 -22.73 53.22
CA ILE I 95 46.44 -22.19 54.08
C ILE I 95 45.84 -21.13 55.02
N LEU I 96 44.99 -20.28 54.47
CA LEU I 96 44.37 -19.25 55.23
C LEU I 96 43.68 -19.79 56.48
N ARG I 97 42.78 -20.74 56.31
CA ARG I 97 42.02 -21.23 57.45
C ARG I 97 42.93 -21.98 58.43
N SER I 98 43.81 -22.80 57.89
CA SER I 98 44.62 -23.68 58.73
C SER I 98 45.77 -22.98 59.50
N VAL I 99 46.50 -22.07 58.89
CA VAL I 99 47.66 -21.47 59.56
C VAL I 99 47.88 -19.97 59.52
N VAL I 100 47.01 -19.22 58.85
CA VAL I 100 47.06 -17.77 59.00
C VAL I 100 46.09 -17.40 60.11
N PRO I 101 46.61 -16.95 61.27
CA PRO I 101 45.74 -16.50 62.37
C PRO I 101 44.84 -15.39 61.92
N PRO I 102 43.52 -15.53 62.11
CA PRO I 102 42.65 -14.41 61.74
C PRO I 102 42.99 -13.08 62.45
N ALA I 103 43.65 -13.16 63.60
CA ALA I 103 44.03 -11.96 64.37
C ALA I 103 45.08 -11.14 63.65
N THR I 104 45.68 -11.73 62.61
CA THR I 104 46.67 -11.06 61.80
C THR I 104 46.16 -9.71 61.28
N ASN I 105 44.86 -9.60 61.04
CA ASN I 105 44.24 -8.31 60.66
C ASN I 105 44.92 -7.64 59.47
N ARG I 106 44.96 -8.35 58.34
CA ARG I 106 45.71 -7.91 57.15
C ARG I 106 44.84 -8.36 55.99
N PRO I 107 44.61 -7.49 55.02
CA PRO I 107 43.81 -7.83 53.83
C PRO I 107 44.33 -9.09 53.13
N VAL I 108 43.45 -9.94 52.63
CA VAL I 108 43.91 -11.08 51.83
C VAL I 108 43.32 -11.17 50.44
N VAL I 109 44.17 -11.58 49.50
CA VAL I 109 43.75 -11.84 48.13
C VAL I 109 43.82 -13.35 48.01
N LEU I 110 42.70 -13.97 47.68
CA LEU I 110 42.63 -15.43 47.64
C LEU I 110 42.92 -16.01 46.27
N ARG I 111 43.80 -17.01 46.26
CA ARG I 111 44.03 -17.78 45.07
C ARG I 111 42.76 -18.52 44.71
N ALA I 112 42.24 -18.31 43.54
CA ALA I 112 40.95 -18.91 43.24
C ALA I 112 40.99 -19.82 42.04
N SER I 113 42.19 -20.28 41.69
CA SER I 113 42.31 -21.25 40.61
C SER I 113 43.25 -22.37 41.07
N GLY I 114 43.18 -23.52 40.38
CA GLY I 114 43.95 -24.68 40.72
C GLY I 114 43.52 -25.87 39.91
N ALA I 115 43.66 -27.07 40.50
CA ALA I 115 43.43 -28.35 39.81
C ALA I 115 44.47 -28.69 38.73
N ASN I 116 45.57 -27.96 38.74
CA ASN I 116 46.77 -28.31 37.96
C ASN I 116 47.83 -28.80 38.93
N SER I 117 48.95 -29.28 38.41
CA SER I 117 50.10 -29.56 39.25
C SER I 117 51.35 -29.63 38.40
N ILE I 118 52.51 -29.60 39.07
CA ILE I 118 53.79 -29.74 38.36
C ILE I 118 53.98 -31.07 37.62
N LEU I 119 53.11 -32.04 37.85
CA LEU I 119 53.25 -33.30 37.15
C LEU I 119 52.46 -33.37 35.86
N ALA I 120 51.73 -32.32 35.52
CA ALA I 120 50.91 -32.34 34.29
C ALA I 120 50.92 -30.99 33.60
N GLU I 121 50.06 -30.82 32.61
CA GLU I 121 49.99 -29.55 31.86
C GLU I 121 49.67 -28.39 32.79
N LEU I 122 50.51 -27.36 32.75
CA LEU I 122 50.46 -26.29 33.72
C LEU I 122 49.19 -25.43 33.59
N SER I 123 48.79 -25.20 32.35
CA SER I 123 47.67 -24.31 32.07
C SER I 123 46.31 -24.95 32.32
N ASN I 124 46.31 -26.22 32.73
CA ASN I 124 45.06 -26.92 33.00
C ASN I 124 44.42 -26.55 34.34
N GLU I 125 43.90 -25.32 34.44
CA GLU I 125 43.34 -24.80 35.69
C GLU I 125 41.85 -24.63 35.63
N ALA I 126 41.21 -24.77 36.78
CA ALA I 126 39.78 -24.54 36.92
C ALA I 126 39.61 -23.60 38.11
N VAL I 127 38.39 -23.07 38.27
CA VAL I 127 38.12 -22.18 39.39
C VAL I 127 38.16 -23.04 40.64
N ALA I 128 38.87 -22.58 41.66
CA ALA I 128 39.12 -23.41 42.83
C ALA I 128 38.42 -22.97 44.10
N LEU I 129 37.63 -21.91 44.03
CA LEU I 129 36.74 -21.59 45.15
C LEU I 129 35.55 -20.83 44.66
N SER I 130 34.43 -21.01 45.33
CA SER I 130 33.23 -20.33 44.94
C SER I 130 33.27 -18.91 45.52
N MET I 131 32.62 -17.95 44.86
CA MET I 131 32.56 -16.57 45.37
C MET I 131 31.90 -16.55 46.77
N ASP I 132 30.93 -17.43 46.93
CA ASP I 132 30.29 -17.71 48.19
C ASP I 132 31.36 -17.78 49.32
N ASP I 133 32.43 -18.54 49.08
CA ASP I 133 33.38 -18.79 50.14
C ASP I 133 34.35 -17.64 50.25
N ALA I 134 34.70 -17.03 49.11
CA ALA I 134 35.55 -15.86 49.17
C ALA I 134 34.91 -14.83 50.05
N VAL I 135 33.61 -14.58 49.87
CA VAL I 135 32.86 -13.64 50.73
C VAL I 135 32.86 -14.11 52.18
N ARG I 136 32.61 -15.41 52.37
CA ARG I 136 32.65 -16.00 53.72
C ARG I 136 33.99 -15.69 54.40
N LEU I 137 35.07 -15.76 53.63
CA LEU I 137 36.40 -15.51 54.17
C LEU I 137 36.82 -14.05 54.24
N ASN I 138 35.92 -13.15 53.82
CA ASN I 138 36.17 -11.70 53.89
C ASN I 138 37.35 -11.28 53.03
N SER I 139 37.49 -11.87 51.84
CA SER I 139 38.59 -11.50 50.95
C SER I 139 38.43 -10.08 50.47
N CYS I 140 39.55 -9.48 50.05
CA CYS I 140 39.52 -8.21 49.34
C CYS I 140 39.50 -8.41 47.86
N ALA I 141 39.98 -9.57 47.42
CA ALA I 141 40.01 -9.93 46.00
C ALA I 141 40.19 -11.42 45.78
N VAL I 142 39.91 -11.88 44.57
CA VAL I 142 40.18 -13.24 44.21
C VAL I 142 41.03 -13.23 42.98
N ALA I 143 41.93 -14.22 42.89
CA ALA I 143 42.94 -14.25 41.84
C ALA I 143 42.85 -15.52 41.02
N ALA I 144 43.10 -15.43 39.72
CA ALA I 144 43.23 -16.62 38.88
C ALA I 144 44.24 -16.39 37.76
N GLN I 145 44.84 -17.46 37.28
CA GLN I 145 45.79 -17.35 36.18
C GLN I 145 45.09 -17.32 34.86
N VAL I 146 45.56 -16.43 34.00
CA VAL I 146 45.28 -16.54 32.58
C VAL I 146 46.56 -17.08 31.87
N TYR I 147 46.38 -17.95 30.87
CA TYR I 147 47.50 -18.56 30.18
C TYR I 147 47.42 -18.34 28.70
N ILE I 148 47.54 -17.08 28.26
CA ILE I 148 47.51 -16.79 26.83
C ILE I 148 48.61 -17.56 26.11
N GLY I 149 48.27 -18.21 25.01
CA GLY I 149 49.25 -18.98 24.25
C GLY I 149 49.50 -20.40 24.71
N SER I 150 48.87 -20.82 25.81
CA SER I 150 48.97 -22.22 26.26
C SER I 150 47.84 -23.09 25.77
N GLU I 151 47.98 -24.39 26.04
CA GLU I 151 47.01 -25.36 25.58
C GLU I 151 45.56 -25.11 26.06
N TYR I 152 45.41 -24.69 27.33
CA TYR I 152 44.10 -24.40 27.92
C TYR I 152 43.84 -22.89 28.07
N GLU I 153 44.35 -22.11 27.13
CA GLU I 153 44.17 -20.67 27.16
C GLU I 153 42.69 -20.35 27.29
N HIS I 154 41.88 -21.01 26.48
CA HIS I 154 40.41 -20.76 26.43
C HIS I 154 39.76 -20.88 27.81
N GLN I 155 39.99 -22.02 28.47
CA GLN I 155 39.41 -22.26 29.79
C GLN I 155 39.90 -21.21 30.77
N SER I 156 41.17 -20.84 30.68
CA SER I 156 41.74 -19.92 31.66
C SER I 156 41.09 -18.51 31.57
N ILE I 157 40.67 -18.12 30.36
CA ILE I 157 39.97 -16.87 30.24
C ILE I 157 38.51 -17.03 30.75
N LYS I 158 37.88 -18.15 30.43
CA LYS I 158 36.59 -18.38 31.01
C LYS I 158 36.65 -18.29 32.50
N ASN I 159 37.69 -18.84 33.14
CA ASN I 159 37.82 -18.70 34.59
C ASN I 159 37.73 -17.26 35.08
N ILE I 160 38.46 -16.37 34.41
CA ILE I 160 38.39 -14.93 34.67
C ILE I 160 36.99 -14.39 34.48
N ILE I 161 36.40 -14.75 33.33
CA ILE I 161 35.03 -14.37 33.03
C ILE I 161 34.13 -14.78 34.14
N GLN I 162 34.31 -16.00 34.63
CA GLN I 162 33.41 -16.50 35.67
C GLN I 162 33.53 -15.73 37.01
N LEU I 163 34.75 -15.44 37.40
CA LEU I 163 34.99 -14.78 38.65
C LEU I 163 34.53 -13.35 38.56
N VAL I 164 34.73 -12.70 37.40
CA VAL I 164 34.27 -11.32 37.29
C VAL I 164 32.76 -11.25 37.39
N ASP I 165 32.08 -12.16 36.66
CA ASP I 165 30.62 -12.28 36.71
C ASP I 165 30.14 -12.39 38.12
N ALA I 166 30.71 -13.31 38.90
CA ALA I 166 30.30 -13.52 40.27
C ALA I 166 30.73 -12.41 41.19
N GLY I 167 31.92 -11.87 40.95
CA GLY I 167 32.45 -10.80 41.76
C GLY I 167 31.64 -9.53 41.65
N MET I 168 31.09 -9.24 40.47
CA MET I 168 30.30 -8.02 40.32
C MET I 168 29.01 -8.02 41.13
N LYS I 169 28.40 -9.22 41.33
CA LYS I 169 27.20 -9.35 42.14
C LYS I 169 27.42 -8.93 43.60
N VAL I 170 28.68 -8.84 44.01
CA VAL I 170 29.03 -9.00 45.39
C VAL I 170 30.05 -7.95 45.86
N GLY I 171 30.55 -7.13 44.90
CA GLY I 171 31.53 -6.10 45.22
C GLY I 171 32.95 -6.62 45.33
N MET I 172 33.23 -7.76 44.73
CA MET I 172 34.53 -8.39 44.92
C MET I 172 35.36 -8.21 43.66
N PRO I 173 36.50 -7.52 43.78
CA PRO I 173 37.41 -7.35 42.67
C PRO I 173 38.10 -8.66 42.32
N THR I 174 38.35 -8.84 41.02
CA THR I 174 39.12 -9.97 40.50
C THR I 174 40.52 -9.54 40.01
N MET I 175 41.53 -10.33 40.40
CA MET I 175 42.91 -10.17 39.91
C MET I 175 43.27 -11.28 38.93
N ALA I 176 43.55 -10.90 37.70
CA ALA I 176 44.07 -11.85 36.71
C ALA I 176 45.60 -11.82 36.77
N VAL I 177 46.21 -13.02 36.77
CA VAL I 177 47.65 -13.20 36.84
C VAL I 177 48.08 -13.82 35.54
N THR I 178 49.04 -13.18 34.85
CA THR I 178 49.46 -13.67 33.53
C THR I 178 50.51 -14.78 33.73
N GLY I 179 50.07 -16.03 33.57
CA GLY I 179 50.97 -17.14 33.66
C GLY I 179 51.54 -17.49 32.29
N VAL I 180 52.74 -18.08 32.28
CA VAL I 180 53.43 -18.28 31.01
C VAL I 180 53.55 -19.75 30.57
N VAL I 185 58.02 -17.11 24.93
CA VAL I 185 58.83 -15.89 24.97
C VAL I 185 58.29 -14.80 25.93
N ARG I 186 59.12 -14.33 26.85
CA ARG I 186 58.67 -13.44 27.91
C ARG I 186 58.99 -11.98 27.60
N ASP I 187 58.41 -11.45 26.52
CA ASP I 187 58.67 -10.07 26.10
C ASP I 187 57.47 -9.14 26.19
N GLN I 188 57.70 -7.86 25.88
CA GLN I 188 56.68 -6.81 26.04
C GLN I 188 55.43 -7.04 25.21
N ARG I 189 55.58 -7.44 23.96
CA ARG I 189 54.42 -7.62 23.12
C ARG I 189 53.52 -8.75 23.60
N TYR I 190 54.11 -9.78 24.21
CA TYR I 190 53.34 -10.86 24.78
C TYR I 190 52.57 -10.38 26.01
N PHE I 191 53.24 -9.72 26.95
CA PHE I 191 52.55 -9.32 28.14
C PHE I 191 51.50 -8.27 27.85
N SER I 192 51.77 -7.42 26.87
CA SER I 192 50.81 -6.43 26.44
C SER I 192 49.53 -7.11 26.00
N LEU I 193 49.67 -8.16 25.20
CA LEU I 193 48.55 -8.98 24.76
C LEU I 193 47.79 -9.56 25.96
N ALA I 194 48.51 -10.28 26.84
CA ALA I 194 47.87 -10.98 27.95
C ALA I 194 47.23 -10.05 28.97
N THR I 195 47.92 -8.99 29.36
CA THR I 195 47.38 -8.06 30.34
C THR I 195 46.18 -7.32 29.78
N ARG I 196 46.20 -7.00 28.50
CA ARG I 196 45.09 -6.20 27.96
C ARG I 196 43.85 -7.05 27.77
N ILE I 197 44.01 -8.26 27.24
CA ILE I 197 42.87 -9.17 27.19
C ILE I 197 42.20 -9.37 28.55
N ALA I 198 43.00 -9.65 29.58
CA ALA I 198 42.46 -9.83 30.91
C ALA I 198 41.68 -8.61 31.40
N ALA I 199 42.19 -7.41 31.11
CA ALA I 199 41.57 -6.16 31.60
C ALA I 199 40.29 -5.88 30.86
N GLU I 200 40.32 -6.26 29.59
CA GLU I 200 39.21 -6.07 28.68
C GLU I 200 38.05 -7.00 29.13
N MET I 201 38.39 -8.21 29.59
CA MET I 201 37.38 -9.14 30.12
C MET I 201 36.81 -8.70 31.45
N GLY I 202 37.49 -7.81 32.16
CA GLY I 202 36.90 -7.17 33.33
C GLY I 202 37.66 -7.27 34.62
N ALA I 203 38.84 -7.90 34.62
CA ALA I 203 39.64 -7.98 35.85
C ALA I 203 39.99 -6.59 36.33
N GLN I 204 39.91 -6.35 37.63
CA GLN I 204 40.20 -5.01 38.18
C GLN I 204 41.68 -4.81 38.49
N ILE I 205 42.41 -5.89 38.75
CA ILE I 205 43.83 -5.84 39.03
C ILE I 205 44.51 -6.85 38.14
N ILE I 206 45.67 -6.46 37.61
CA ILE I 206 46.49 -7.35 36.80
C ILE I 206 47.83 -7.58 37.46
N LYS I 207 48.22 -8.85 37.57
CA LYS I 207 49.55 -9.17 38.02
C LYS I 207 50.34 -9.76 36.86
N THR I 208 51.54 -9.24 36.64
CA THR I 208 52.35 -9.71 35.53
C THR I 208 53.81 -9.64 35.95
N TYR I 209 54.73 -9.88 35.01
CA TYR I 209 56.17 -9.89 35.31
C TYR I 209 56.87 -8.63 34.83
N TYR I 210 57.96 -8.23 35.51
CA TYR I 210 58.75 -7.10 35.02
C TYR I 210 59.51 -7.53 33.78
N VAL I 211 59.73 -6.57 32.88
CA VAL I 211 60.44 -6.84 31.65
C VAL I 211 61.56 -5.82 31.45
N GLU I 212 62.74 -6.30 31.03
CA GLU I 212 63.93 -5.46 30.79
C GLU I 212 63.63 -4.22 29.96
N LYS I 213 62.88 -4.40 28.89
CA LYS I 213 62.53 -3.30 28.03
C LYS I 213 61.06 -3.26 27.59
N GLY I 214 60.46 -2.08 27.68
CA GLY I 214 59.10 -1.91 27.24
C GLY I 214 58.05 -2.02 28.33
N PHE I 215 58.48 -2.27 29.55
CA PHE I 215 57.54 -2.40 30.65
C PHE I 215 56.62 -1.19 30.72
N GLU I 216 57.15 -0.03 30.38
CA GLU I 216 56.37 1.21 30.34
C GLU I 216 55.12 1.08 29.48
N ARG I 217 55.24 0.34 28.40
CA ARG I 217 54.16 0.18 27.45
C ARG I 217 53.11 -0.80 27.96
N ILE I 218 53.57 -1.82 28.70
CA ILE I 218 52.66 -2.75 29.36
C ILE I 218 51.73 -1.97 30.29
N VAL I 219 52.30 -1.12 31.13
CA VAL I 219 51.54 -0.29 32.05
C VAL I 219 50.57 0.67 31.31
N ALA I 220 51.07 1.36 30.28
CA ALA I 220 50.32 2.40 29.61
C ALA I 220 49.11 1.82 28.88
N GLY I 221 49.28 0.63 28.31
CA GLY I 221 48.25 -0.02 27.52
C GLY I 221 47.22 -0.80 28.34
N CYS I 222 47.45 -0.87 29.65
CA CYS I 222 46.54 -1.53 30.56
C CYS I 222 45.77 -0.48 31.39
N PRO I 223 44.44 -0.49 31.29
CA PRO I 223 43.64 0.56 31.96
C PRO I 223 43.41 0.40 33.46
N VAL I 224 44.04 -0.60 34.10
CA VAL I 224 43.79 -0.87 35.52
C VAL I 224 45.13 -1.15 36.20
N PRO I 225 45.18 -1.16 37.55
CA PRO I 225 46.43 -1.29 38.29
C PRO I 225 47.20 -2.54 37.95
N ILE I 226 48.50 -2.38 37.78
CA ILE I 226 49.39 -3.52 37.58
C ILE I 226 50.30 -3.72 38.78
N VAL I 227 50.44 -4.99 39.16
CA VAL I 227 51.34 -5.41 40.21
C VAL I 227 52.31 -6.42 39.58
N ILE I 228 53.56 -6.37 39.99
CA ILE I 228 54.54 -7.31 39.42
C ILE I 228 54.84 -8.47 40.35
N ALA I 229 55.09 -9.62 39.75
CA ALA I 229 55.55 -10.78 40.50
C ALA I 229 57.08 -10.75 40.62
N GLY I 230 57.60 -11.30 41.72
CA GLY I 230 59.04 -11.31 42.00
C GLY I 230 59.89 -12.18 41.09
N GLY I 231 59.36 -13.31 40.64
CA GLY I 231 60.13 -14.29 39.86
C GLY I 231 61.13 -15.01 40.75
N LYS I 232 61.99 -15.84 40.15
CA LYS I 232 63.02 -16.61 40.88
C LYS I 232 63.95 -15.75 41.78
N LYS I 233 64.56 -16.40 42.77
CA LYS I 233 65.38 -15.72 43.76
C LYS I 233 66.56 -14.98 43.11
N LEU I 234 66.72 -13.71 43.46
CA LEU I 234 67.85 -12.90 42.96
C LEU I 234 68.59 -12.40 44.18
N PRO I 235 69.85 -11.99 44.01
CA PRO I 235 70.54 -11.31 45.11
C PRO I 235 69.72 -10.09 45.51
N GLU I 236 69.62 -9.84 46.81
CA GLU I 236 68.76 -8.78 47.33
C GLU I 236 68.84 -7.45 46.59
N ARG I 237 70.05 -6.99 46.27
CA ARG I 237 70.18 -5.70 45.63
C ARG I 237 69.58 -5.65 44.22
N GLU I 238 69.72 -6.74 43.49
CA GLU I 238 69.15 -6.83 42.14
C GLU I 238 67.64 -6.85 42.21
N ALA I 239 67.11 -7.53 43.22
CA ALA I 239 65.66 -7.60 43.45
C ALA I 239 65.09 -6.23 43.75
N LEU I 240 65.79 -5.46 44.59
CA LEU I 240 65.40 -4.09 44.86
C LEU I 240 65.48 -3.21 43.61
N GLU I 241 66.42 -3.50 42.71
CA GLU I 241 66.51 -2.76 41.45
C GLU I 241 65.26 -3.03 40.63
N MET I 242 64.90 -4.30 40.53
CA MET I 242 63.72 -4.68 39.78
C MET I 242 62.50 -3.94 40.30
N CYS I 243 62.33 -3.90 41.62
CA CYS I 243 61.23 -3.14 42.20
C CYS I 243 61.26 -1.71 41.81
N TRP I 244 62.41 -1.09 42.06
CA TRP I 244 62.60 0.33 41.75
C TRP I 244 62.19 0.68 40.30
N GLN I 245 62.66 -0.13 39.35
CA GLN I 245 62.36 0.04 37.92
C GLN I 245 60.87 -0.07 37.66
N ALA I 246 60.25 -1.13 38.20
CA ALA I 246 58.83 -1.39 37.97
C ALA I 246 57.98 -0.23 38.46
N ILE I 247 58.25 0.19 39.70
CA ILE I 247 57.55 1.31 40.30
C ILE I 247 57.79 2.58 39.48
N ASP I 248 59.06 2.87 39.23
CA ASP I 248 59.40 4.04 38.45
C ASP I 248 58.67 4.07 37.07
N GLN I 249 58.46 2.90 36.48
CA GLN I 249 57.86 2.80 35.17
C GLN I 249 56.33 2.69 35.22
N GLY I 250 55.76 2.87 36.41
CA GLY I 250 54.30 2.94 36.55
C GLY I 250 53.54 1.80 37.21
N ALA I 251 54.21 0.72 37.63
CA ALA I 251 53.52 -0.35 38.34
C ALA I 251 52.85 0.18 39.62
N SER I 252 51.76 -0.46 40.03
CA SER I 252 51.03 -0.01 41.24
C SER I 252 51.44 -0.80 42.51
N GLY I 253 52.37 -1.75 42.35
CA GLY I 253 52.91 -2.45 43.50
C GLY I 253 53.68 -3.66 43.11
N VAL I 254 54.19 -4.36 44.10
CA VAL I 254 54.96 -5.55 43.82
C VAL I 254 54.40 -6.60 44.69
N ASP I 255 54.54 -7.82 44.21
CA ASP I 255 54.09 -8.98 44.95
C ASP I 255 55.24 -9.99 44.97
N MET I 256 56.10 -9.85 45.96
CA MET I 256 57.16 -10.81 46.06
C MET I 256 56.83 -12.02 46.89
N GLY I 257 57.43 -13.13 46.49
CA GLY I 257 57.40 -14.32 47.28
C GLY I 257 58.83 -14.71 47.54
N ARG I 258 59.36 -15.49 46.61
CA ARG I 258 60.66 -16.10 46.80
C ARG I 258 61.67 -15.06 47.25
N ASN I 259 61.74 -13.93 46.57
CA ASN I 259 62.71 -12.89 46.93
C ASN I 259 62.60 -12.36 48.35
N ILE I 260 61.52 -12.71 49.04
CA ILE I 260 61.39 -12.36 50.43
C ILE I 260 61.55 -13.60 51.32
N PHE I 261 60.75 -14.63 51.09
CA PHE I 261 60.79 -15.72 52.04
C PHE I 261 62.01 -16.63 51.86
N GLN I 262 62.70 -16.50 50.74
CA GLN I 262 63.95 -17.25 50.55
C GLN I 262 65.20 -16.42 50.90
N SER I 263 65.02 -15.17 51.31
CA SER I 263 66.15 -14.33 51.76
C SER I 263 66.59 -14.78 53.13
N ASP I 264 67.83 -14.49 53.48
CA ASP I 264 68.32 -14.78 54.83
C ASP I 264 67.79 -13.80 55.89
N HIS I 265 67.36 -12.63 55.43
CA HIS I 265 66.83 -11.59 56.34
C HIS I 265 65.52 -11.03 55.73
N PRO I 266 64.44 -11.85 55.81
CA PRO I 266 63.17 -11.55 55.17
C PRO I 266 62.53 -10.29 55.72
N VAL I 267 62.57 -10.07 57.02
CA VAL I 267 62.00 -8.85 57.59
C VAL I 267 62.67 -7.61 57.05
N ALA I 268 63.99 -7.66 56.91
CA ALA I 268 64.73 -6.51 56.46
C ALA I 268 64.38 -6.25 55.00
N MET I 269 64.31 -7.32 54.21
CA MET I 269 64.04 -7.22 52.79
C MET I 269 62.72 -6.53 52.57
N MET I 270 61.73 -6.88 53.40
CA MET I 270 60.40 -6.27 53.29
C MET I 270 60.41 -4.79 53.59
N LYS I 271 61.14 -4.39 54.62
CA LYS I 271 61.25 -2.98 54.96
C LYS I 271 61.86 -2.23 53.79
N ALA I 272 62.84 -2.87 53.15
CA ALA I 272 63.53 -2.28 52.00
C ALA I 272 62.54 -2.07 50.84
N VAL I 273 61.84 -3.14 50.49
CA VAL I 273 60.83 -3.14 49.43
C VAL I 273 59.77 -2.08 49.73
N GLN I 274 59.40 -1.94 50.99
CA GLN I 274 58.47 -0.91 51.37
C GLN I 274 58.95 0.50 51.11
N ALA I 275 60.22 0.77 51.45
CA ALA I 275 60.80 2.07 51.17
C ALA I 275 60.78 2.42 49.66
N VAL I 276 61.20 1.48 48.81
CA VAL I 276 61.12 1.64 47.35
C VAL I 276 59.70 1.91 46.89
N VAL I 277 58.75 1.09 47.36
CA VAL I 277 57.41 1.08 46.82
C VAL I 277 56.58 2.28 47.30
N HIS I 278 56.62 2.60 48.58
CA HIS I 278 55.78 3.66 49.10
C HIS I 278 56.47 5.01 49.27
N HIS I 279 57.79 5.01 49.48
CA HIS I 279 58.51 6.20 49.90
C HIS I 279 59.53 6.75 48.92
N ASN I 280 59.49 6.30 47.67
CA ASN I 280 60.39 6.81 46.64
C ASN I 280 61.89 6.68 46.92
N GLU I 281 62.25 5.74 47.77
CA GLU I 281 63.65 5.47 47.99
C GLU I 281 64.29 4.97 46.73
N THR I 282 65.57 5.28 46.56
CA THR I 282 66.37 4.77 45.46
C THR I 282 66.76 3.33 45.80
N ALA I 283 67.08 2.55 44.77
CA ALA I 283 67.54 1.19 44.93
C ALA I 283 68.67 1.09 45.96
N ASP I 284 69.63 2.04 45.89
CA ASP I 284 70.83 2.03 46.74
C ASP I 284 70.47 2.28 48.19
N ARG I 285 69.78 3.38 48.47
CA ARG I 285 69.38 3.70 49.82
C ARG I 285 68.61 2.54 50.42
N ALA I 286 67.69 1.98 49.63
CA ALA I 286 66.94 0.80 50.03
C ALA I 286 67.85 -0.35 50.44
N TYR I 287 68.87 -0.65 49.64
CA TYR I 287 69.83 -1.71 49.96
C TYR I 287 70.63 -1.45 51.23
N GLU I 288 70.95 -0.19 51.51
CA GLU I 288 71.60 0.22 52.76
C GLU I 288 70.66 0.06 53.95
N LEU I 289 69.40 0.48 53.77
CA LEU I 289 68.31 0.18 54.73
C LEU I 289 68.16 -1.32 55.03
N TYR I 290 68.23 -2.13 53.99
CA TYR I 290 68.30 -3.57 54.13
C TYR I 290 69.47 -4.01 54.98
N LEU I 291 70.68 -3.51 54.68
CA LEU I 291 71.92 -3.91 55.37
C LEU I 291 71.95 -3.55 56.85
N SER I 292 71.25 -2.47 57.20
CA SER I 292 71.11 -2.10 58.62
C SER I 292 70.21 -3.02 59.46
N GLU I 293 69.72 -4.12 58.86
CA GLU I 293 69.20 -5.30 59.61
C GLU I 293 69.67 -6.62 58.98
N GLY J 14 20.17 -12.27 95.29
CA GLY J 14 20.80 -13.61 95.46
C GLY J 14 21.39 -14.23 94.18
N LYS J 15 21.98 -13.40 93.32
CA LYS J 15 22.63 -13.86 92.09
C LYS J 15 24.14 -13.64 92.13
N ASP J 16 24.90 -14.57 91.54
CA ASP J 16 26.37 -14.49 91.59
C ASP J 16 27.04 -14.49 90.22
N PHE J 17 27.45 -13.30 89.78
CA PHE J 17 28.03 -13.12 88.45
C PHE J 17 29.54 -13.33 88.41
N ARG J 18 30.15 -13.47 89.58
CA ARG J 18 31.58 -13.80 89.69
C ARG J 18 32.42 -12.81 88.92
N THR J 19 32.16 -11.54 89.17
CA THR J 19 32.76 -10.44 88.42
C THR J 19 34.26 -10.32 88.65
N ASP J 20 34.78 -11.08 89.62
CA ASP J 20 36.21 -11.10 89.94
C ASP J 20 36.96 -12.13 89.07
N GLN J 21 36.22 -12.91 88.29
CA GLN J 21 36.82 -13.91 87.42
C GLN J 21 36.36 -13.76 85.96
N PRO J 22 37.23 -13.20 85.10
CA PRO J 22 36.76 -12.85 83.76
C PRO J 22 36.64 -14.09 82.87
N GLN J 23 35.68 -14.07 81.95
CA GLN J 23 35.45 -15.17 81.03
C GLN J 23 36.69 -15.42 80.19
N LYS J 24 36.97 -16.66 79.87
CA LYS J 24 38.14 -16.98 79.07
C LYS J 24 37.85 -18.02 77.99
N ASN J 25 38.23 -17.75 76.74
CA ASN J 25 37.99 -18.74 75.69
C ASN J 25 38.84 -19.98 75.88
N ILE J 26 38.24 -21.14 75.65
CA ILE J 26 38.97 -22.39 75.68
C ILE J 26 39.52 -22.78 74.28
N PRO J 27 40.86 -22.85 74.13
CA PRO J 27 41.45 -23.12 72.81
C PRO J 27 41.13 -24.50 72.24
N PHE J 28 40.98 -24.55 70.93
CA PHE J 28 40.74 -25.77 70.20
C PHE J 28 42.09 -26.11 69.60
N THR J 29 42.64 -27.27 69.95
CA THR J 29 44.03 -27.60 69.63
C THR J 29 44.22 -28.49 68.38
N LEU J 30 43.18 -29.18 67.95
CA LEU J 30 43.34 -30.08 66.80
C LEU J 30 44.08 -29.39 65.67
N LYS J 31 45.16 -30.02 65.22
CA LYS J 31 46.11 -29.41 64.27
C LYS J 31 45.40 -28.74 63.10
N GLY J 32 45.62 -27.43 62.96
CA GLY J 32 45.13 -26.61 61.82
C GLY J 32 43.59 -26.45 61.70
N CYS J 33 42.87 -26.69 62.79
CA CYS J 33 41.44 -26.53 62.78
C CYS J 33 40.98 -25.52 63.81
N GLY J 34 41.90 -24.63 64.20
CA GLY J 34 41.61 -23.62 65.23
C GLY J 34 40.81 -22.39 64.77
N ALA J 35 40.57 -22.25 63.46
CA ALA J 35 39.75 -21.16 62.96
C ALA J 35 38.59 -21.67 62.10
N LEU J 36 37.84 -22.64 62.64
CA LEU J 36 36.64 -23.18 61.98
C LEU J 36 35.46 -22.83 62.82
N ASP J 37 34.28 -22.78 62.17
CA ASP J 37 33.02 -22.56 62.90
C ASP J 37 32.67 -23.72 63.87
N TRP J 38 31.92 -23.43 64.93
CA TRP J 38 31.58 -24.40 65.95
C TRP J 38 31.22 -25.75 65.36
N GLY J 39 30.25 -25.76 64.44
CA GLY J 39 29.70 -27.02 63.92
C GLY J 39 30.76 -27.88 63.28
N MET J 40 31.63 -27.24 62.50
CA MET J 40 32.71 -27.97 61.85
C MET J 40 33.70 -28.56 62.88
N GLN J 41 34.03 -27.74 63.89
CA GLN J 41 34.90 -28.16 64.97
C GLN J 41 34.22 -29.26 65.77
N SER J 42 32.91 -29.17 65.88
CA SER J 42 32.17 -30.21 66.60
C SER J 42 32.23 -31.52 65.83
N ARG J 43 32.05 -31.48 64.51
CA ARG J 43 32.14 -32.69 63.71
C ARG J 43 33.54 -33.30 63.78
N LEU J 44 34.53 -32.43 63.85
CA LEU J 44 35.90 -32.92 63.84
C LEU J 44 36.20 -33.58 65.19
N SER J 45 35.57 -33.08 66.24
CA SER J 45 35.75 -33.64 67.57
C SER J 45 35.07 -34.97 67.76
N ARG J 46 34.12 -35.33 66.91
CA ARG J 46 33.55 -36.66 66.95
C ARG J 46 34.54 -37.66 66.33
N ILE J 47 35.39 -37.16 65.44
CA ILE J 47 36.34 -38.00 64.73
C ILE J 47 37.63 -38.18 65.54
N PHE J 48 38.24 -37.06 65.91
CA PHE J 48 39.48 -37.05 66.68
C PHE J 48 39.13 -36.76 68.10
N ASN J 49 39.39 -37.74 68.95
CA ASN J 49 39.18 -37.62 70.39
C ASN J 49 39.90 -36.38 70.93
N PRO J 50 39.19 -35.49 71.62
CA PRO J 50 39.74 -34.20 72.06
C PRO J 50 40.89 -34.33 73.04
N LYS J 51 40.82 -35.36 73.88
CA LYS J 51 41.91 -35.66 74.86
C LYS J 51 43.23 -35.98 74.16
N THR J 52 43.18 -36.91 73.21
CA THR J 52 44.39 -37.43 72.60
C THR J 52 44.72 -36.78 71.26
N GLY J 53 43.73 -36.15 70.64
CA GLY J 53 43.89 -35.60 69.30
C GLY J 53 44.02 -36.66 68.22
N LYS J 54 43.63 -37.91 68.53
CA LYS J 54 43.81 -39.01 67.57
C LYS J 54 42.52 -39.80 67.27
N THR J 55 42.59 -40.64 66.24
CA THR J 55 41.42 -41.42 65.82
C THR J 55 41.78 -42.79 65.30
N VAL J 56 40.95 -43.76 65.63
CA VAL J 56 41.01 -45.08 65.02
C VAL J 56 39.79 -45.24 64.16
N MET J 57 39.99 -45.43 62.87
CA MET J 57 38.92 -45.44 61.93
C MET J 57 38.82 -46.77 61.29
N LEU J 58 37.62 -47.31 61.22
CA LEU J 58 37.41 -48.56 60.52
C LEU J 58 36.83 -48.33 59.10
N ALA J 59 37.62 -48.60 58.09
CA ALA J 59 37.19 -48.39 56.71
C ALA J 59 36.70 -49.66 56.07
N PHE J 60 35.58 -49.57 55.37
CA PHE J 60 35.06 -50.70 54.61
C PHE J 60 34.31 -50.24 53.36
N ASP J 61 34.81 -49.21 52.71
CA ASP J 61 34.16 -48.64 51.52
C ASP J 61 34.74 -49.25 50.25
N HIS J 62 35.65 -50.22 50.39
CA HIS J 62 36.38 -50.77 49.26
C HIS J 62 35.45 -51.25 48.13
N GLY J 63 34.21 -51.59 48.48
CA GLY J 63 33.27 -52.09 47.49
C GLY J 63 32.94 -51.09 46.40
N TYR J 64 33.21 -49.79 46.63
CA TYR J 64 32.66 -48.76 45.75
C TYR J 64 33.14 -48.84 44.30
N PHE J 65 34.34 -49.40 44.13
CA PHE J 65 34.87 -49.67 42.81
C PHE J 65 35.36 -51.12 42.65
N GLN J 66 35.33 -51.92 43.73
CA GLN J 66 35.90 -53.28 43.68
C GLN J 66 34.88 -54.40 43.78
N GLY J 67 33.63 -54.08 44.14
CA GLY J 67 32.66 -55.14 44.34
C GLY J 67 32.99 -55.87 45.62
N PRO J 68 32.44 -57.10 45.79
CA PRO J 68 32.59 -57.83 47.05
C PRO J 68 34.03 -58.31 47.20
N THR J 69 34.83 -57.51 47.88
CA THR J 69 36.23 -57.80 48.07
C THR J 69 36.40 -58.72 49.32
N THR J 70 37.53 -59.43 49.41
CA THR J 70 37.76 -60.43 50.48
C THR J 70 37.66 -59.88 51.90
N GLY J 71 36.72 -60.42 52.68
CA GLY J 71 36.48 -59.92 54.03
C GLY J 71 35.23 -59.05 54.10
N LEU J 72 34.84 -58.48 52.96
CA LEU J 72 33.71 -57.57 52.91
C LEU J 72 32.56 -58.17 52.14
N GLU J 73 32.59 -59.48 51.95
CA GLU J 73 31.51 -60.12 51.23
C GLU J 73 30.20 -59.90 52.01
N ARG J 74 30.28 -59.96 53.34
CA ARG J 74 29.11 -59.85 54.20
C ARG J 74 29.39 -58.88 55.32
N ILE J 75 29.17 -57.59 55.04
CA ILE J 75 29.37 -56.53 56.03
C ILE J 75 28.49 -56.79 57.25
N ASP J 76 27.27 -57.25 56.98
CA ASP J 76 26.23 -57.43 57.99
C ASP J 76 26.58 -58.50 59.03
N ILE J 77 27.42 -59.45 58.65
CA ILE J 77 27.77 -60.55 59.54
C ILE J 77 29.17 -60.37 60.09
N ASN J 78 30.10 -60.11 59.19
CA ASN J 78 31.52 -60.13 59.46
C ASN J 78 32.01 -58.86 60.13
N ILE J 79 31.55 -57.71 59.61
CA ILE J 79 32.04 -56.39 60.03
C ILE J 79 31.22 -55.75 61.15
N ALA J 80 29.92 -56.05 61.16
CA ALA J 80 28.98 -55.50 62.14
C ALA J 80 29.47 -55.63 63.61
N PRO J 81 30.01 -56.80 64.00
CA PRO J 81 30.48 -56.93 65.38
C PRO J 81 31.69 -56.04 65.72
N LEU J 82 32.29 -55.42 64.71
CA LEU J 82 33.45 -54.58 64.94
C LEU J 82 33.12 -53.12 65.19
N PHE J 83 31.92 -52.69 64.78
CA PHE J 83 31.57 -51.26 64.82
C PHE J 83 31.82 -50.67 66.19
N GLU J 84 31.38 -51.35 67.23
CA GLU J 84 31.47 -50.80 68.58
C GLU J 84 32.90 -50.56 69.04
N HIS J 85 33.86 -51.21 68.39
CA HIS J 85 35.26 -51.06 68.82
C HIS J 85 36.02 -49.97 68.08
N ALA J 86 35.37 -49.35 67.10
CA ALA J 86 36.00 -48.28 66.31
C ALA J 86 35.64 -46.91 66.84
N ASP J 87 36.46 -45.92 66.56
CA ASP J 87 36.12 -44.56 66.90
C ASP J 87 35.14 -44.02 65.88
N VAL J 88 35.42 -44.29 64.59
CA VAL J 88 34.66 -43.78 63.46
C VAL J 88 34.58 -44.79 62.33
N LEU J 89 33.43 -44.87 61.66
CA LEU J 89 33.24 -45.77 60.54
C LEU J 89 33.43 -45.03 59.24
N MET J 90 33.96 -45.69 58.22
CA MET J 90 34.07 -45.09 56.93
C MET J 90 33.50 -46.02 55.88
N CYS J 91 32.50 -45.56 55.14
CA CYS J 91 31.86 -46.38 54.12
C CYS J 91 31.03 -45.54 53.17
N THR J 92 30.29 -46.21 52.29
CA THR J 92 29.48 -45.54 51.29
C THR J 92 28.07 -45.41 51.81
N ARG J 93 27.29 -44.52 51.22
CA ARG J 93 25.89 -44.37 51.64
C ARG J 93 25.03 -45.62 51.35
N GLY J 94 25.35 -46.37 50.30
CA GLY J 94 24.63 -47.59 50.02
C GLY J 94 24.82 -48.63 51.12
N ILE J 95 26.04 -48.83 51.59
CA ILE J 95 26.27 -49.76 52.68
C ILE J 95 25.68 -49.23 54.00
N LEU J 96 25.89 -47.96 54.25
CA LEU J 96 25.40 -47.35 55.47
C LEU J 96 23.87 -47.58 55.62
N ARG J 97 23.10 -47.23 54.61
CA ARG J 97 21.63 -47.31 54.76
C ARG J 97 21.18 -48.76 54.81
N SER J 98 21.86 -49.61 54.07
CA SER J 98 21.36 -50.96 53.92
C SER J 98 21.77 -51.90 55.09
N VAL J 99 23.00 -51.81 55.59
CA VAL J 99 23.43 -52.75 56.61
C VAL J 99 24.16 -52.20 57.83
N VAL J 100 24.41 -50.90 57.90
CA VAL J 100 24.92 -50.37 59.15
C VAL J 100 23.72 -49.91 60.02
N PRO J 101 23.49 -50.59 61.15
CA PRO J 101 22.33 -50.20 61.96
C PRO J 101 22.50 -48.81 62.48
N PRO J 102 21.52 -47.90 62.26
CA PRO J 102 21.70 -46.57 62.80
C PRO J 102 21.93 -46.55 64.31
N ALA J 103 21.41 -47.55 65.03
CA ALA J 103 21.64 -47.66 66.48
C ALA J 103 23.11 -47.80 66.89
N THR J 104 23.97 -48.14 65.92
CA THR J 104 25.41 -48.27 66.13
C THR J 104 25.97 -47.06 66.89
N ASN J 105 25.38 -45.88 66.67
CA ASN J 105 25.79 -44.66 67.36
C ASN J 105 27.28 -44.41 67.30
N ARG J 106 27.82 -44.43 66.10
CA ARG J 106 29.24 -44.25 65.86
C ARG J 106 29.39 -43.23 64.70
N PRO J 107 30.33 -42.27 64.81
CA PRO J 107 30.49 -41.22 63.78
C PRO J 107 30.85 -41.86 62.45
N VAL J 108 30.30 -41.36 61.33
CA VAL J 108 30.68 -41.88 60.01
C VAL J 108 31.32 -40.83 59.09
N VAL J 109 32.32 -41.30 58.33
CA VAL J 109 32.90 -40.54 57.25
C VAL J 109 32.45 -41.19 55.96
N LEU J 110 31.73 -40.42 55.12
CA LEU J 110 31.13 -40.99 53.92
C LEU J 110 32.02 -40.94 52.70
N ARG J 111 32.12 -42.07 52.01
CA ARG J 111 32.84 -42.10 50.73
C ARG J 111 31.98 -41.29 49.74
N ALA J 112 32.56 -40.24 49.15
CA ALA J 112 31.81 -39.32 48.31
C ALA J 112 32.32 -39.25 46.86
N SER J 113 33.13 -40.23 46.49
CA SER J 113 33.60 -40.35 45.10
C SER J 113 33.37 -41.77 44.59
N GLY J 114 33.42 -41.93 43.27
CA GLY J 114 33.13 -43.23 42.67
C GLY J 114 32.98 -43.10 41.17
N ALA J 115 32.24 -44.02 40.57
CA ALA J 115 32.05 -44.06 39.13
C ALA J 115 33.26 -44.59 38.36
N ASN J 116 34.24 -45.12 39.09
CA ASN J 116 35.34 -45.89 38.53
C ASN J 116 35.12 -47.35 38.87
N SER J 117 35.94 -48.22 38.29
CA SER J 117 35.96 -49.62 38.70
C SER J 117 37.31 -50.24 38.35
N ILE J 118 37.58 -51.42 38.91
CA ILE J 118 38.79 -52.16 38.65
C ILE J 118 38.87 -52.60 37.19
N LEU J 119 37.76 -52.55 36.46
CA LEU J 119 37.80 -52.90 35.04
C LEU J 119 38.23 -51.77 34.11
N ALA J 120 38.49 -50.57 34.67
CA ALA J 120 38.86 -49.39 33.84
C ALA J 120 39.89 -48.51 34.52
N GLU J 121 40.08 -47.30 34.00
CA GLU J 121 41.04 -46.39 34.56
C GLU J 121 40.62 -46.03 35.97
N LEU J 122 41.56 -46.20 36.88
CA LEU J 122 41.28 -46.12 38.31
C LEU J 122 40.97 -44.70 38.76
N SER J 123 41.60 -43.73 38.12
CA SER J 123 41.51 -42.34 38.56
C SER J 123 40.26 -41.68 38.02
N ASN J 124 39.50 -42.41 37.19
CA ASN J 124 38.31 -41.84 36.59
C ASN J 124 37.14 -41.72 37.55
N GLU J 125 37.27 -40.85 38.54
CA GLU J 125 36.25 -40.70 39.59
C GLU J 125 35.47 -39.41 39.43
N ALA J 126 34.20 -39.48 39.83
CA ALA J 126 33.32 -38.30 39.95
C ALA J 126 32.79 -38.19 41.40
N VAL J 127 32.20 -37.06 41.76
CA VAL J 127 31.55 -36.93 43.05
C VAL J 127 30.34 -37.89 43.08
N ALA J 128 30.23 -38.66 44.15
CA ALA J 128 29.27 -39.74 44.17
C ALA J 128 28.12 -39.53 45.12
N LEU J 129 28.12 -38.44 45.88
CA LEU J 129 26.93 -38.06 46.64
C LEU J 129 26.86 -36.58 46.86
N SER J 130 25.65 -36.02 46.85
CA SER J 130 25.48 -34.58 47.02
C SER J 130 25.66 -34.21 48.48
N MET J 131 26.05 -32.98 48.77
CA MET J 131 26.23 -32.53 50.16
C MET J 131 24.89 -32.63 50.89
N ASP J 132 23.84 -32.39 50.13
CA ASP J 132 22.45 -32.54 50.57
C ASP J 132 22.26 -33.88 51.29
N ASP J 133 22.70 -34.95 50.65
CA ASP J 133 22.54 -36.24 51.22
C ASP J 133 23.47 -36.55 52.37
N ALA J 134 24.68 -36.01 52.33
CA ALA J 134 25.65 -36.19 53.42
C ALA J 134 25.10 -35.63 54.70
N VAL J 135 24.53 -34.44 54.62
CA VAL J 135 23.80 -33.82 55.74
C VAL J 135 22.59 -34.65 56.19
N ARG J 136 21.75 -35.08 55.23
CA ARG J 136 20.66 -35.98 55.51
C ARG J 136 21.12 -37.23 56.36
N LEU J 137 22.30 -37.80 56.08
CA LEU J 137 22.76 -39.00 56.74
C LEU J 137 23.55 -38.67 58.02
N ASN J 138 23.56 -37.40 58.40
CA ASN J 138 24.29 -36.98 59.57
C ASN J 138 25.79 -37.37 59.58
N SER J 139 26.48 -37.23 58.44
CA SER J 139 27.93 -37.49 58.38
C SER J 139 28.71 -36.56 59.22
N CYS J 140 29.92 -36.99 59.56
CA CYS J 140 30.90 -36.12 60.20
C CYS J 140 31.86 -35.55 59.24
N ALA J 141 32.01 -36.21 58.09
CA ALA J 141 32.91 -35.76 57.04
C ALA J 141 32.58 -36.49 55.75
N VAL J 142 33.01 -35.93 54.63
CA VAL J 142 32.90 -36.65 53.36
C VAL J 142 34.31 -36.86 52.78
N ALA J 143 34.50 -37.95 52.03
CA ALA J 143 35.83 -38.28 51.53
C ALA J 143 35.86 -38.47 50.01
N ALA J 144 36.96 -38.04 49.39
CA ALA J 144 37.18 -38.28 47.97
C ALA J 144 38.67 -38.49 47.67
N GLN J 145 38.93 -39.25 46.62
CA GLN J 145 40.28 -39.51 46.18
C GLN J 145 40.86 -38.36 45.35
N VAL J 146 42.07 -37.95 45.69
CA VAL J 146 42.84 -37.16 44.76
C VAL J 146 43.86 -38.13 44.11
N TYR J 147 44.05 -38.00 42.80
CA TYR J 147 45.00 -38.82 42.03
C TYR J 147 46.08 -38.01 41.33
N ILE J 148 46.97 -37.37 42.10
CA ILE J 148 48.07 -36.61 41.53
C ILE J 148 48.90 -37.54 40.69
N GLY J 149 49.25 -37.09 39.49
CA GLY J 149 50.09 -37.89 38.63
C GLY J 149 49.34 -38.85 37.74
N SER J 150 48.04 -39.03 37.94
CA SER J 150 47.28 -39.93 37.05
C SER J 150 46.57 -39.23 35.91
N GLU J 151 45.98 -40.04 35.04
CA GLU J 151 45.29 -39.52 33.87
C GLU J 151 44.22 -38.45 34.18
N TYR J 152 43.43 -38.70 35.22
CA TYR J 152 42.33 -37.81 35.58
C TYR J 152 42.64 -37.01 36.81
N GLU J 153 43.89 -36.64 36.95
CA GLU J 153 44.35 -35.82 38.06
C GLU J 153 43.48 -34.59 38.23
N HIS J 154 43.24 -33.90 37.11
CA HIS J 154 42.52 -32.61 37.10
C HIS J 154 41.13 -32.76 37.66
N GLN J 155 40.37 -33.70 37.12
CA GLN J 155 39.04 -33.95 37.62
C GLN J 155 39.07 -34.31 39.12
N SER J 156 40.03 -35.13 39.54
CA SER J 156 40.04 -35.55 40.93
C SER J 156 40.20 -34.35 41.86
N ILE J 157 40.99 -33.36 41.46
CA ILE J 157 41.12 -32.18 42.31
C ILE J 157 39.82 -31.35 42.30
N LYS J 158 39.17 -31.28 41.14
CA LYS J 158 37.93 -30.56 41.06
C LYS J 158 36.91 -31.15 42.01
N ASN J 159 36.89 -32.49 42.09
CA ASN J 159 36.08 -33.19 43.09
C ASN J 159 36.31 -32.66 44.49
N ILE J 160 37.56 -32.38 44.87
CA ILE J 160 37.84 -31.93 46.22
C ILE J 160 37.34 -30.51 46.36
N ILE J 161 37.66 -29.70 45.33
CA ILE J 161 37.20 -28.31 45.26
C ILE J 161 35.68 -28.24 45.44
N GLN J 162 34.98 -29.11 44.71
CA GLN J 162 33.53 -29.13 44.79
C GLN J 162 33.03 -29.44 46.19
N LEU J 163 33.57 -30.50 46.82
CA LEU J 163 33.15 -30.90 48.16
C LEU J 163 33.45 -29.87 49.23
N VAL J 164 34.63 -29.25 49.19
CA VAL J 164 34.96 -28.21 50.12
C VAL J 164 33.98 -27.03 49.93
N ASP J 165 33.73 -26.61 48.67
CA ASP J 165 32.80 -25.50 48.43
C ASP J 165 31.46 -25.73 49.11
N ALA J 166 30.92 -26.95 48.90
CA ALA J 166 29.59 -27.31 49.38
C ALA J 166 29.68 -27.53 50.89
N GLY J 167 30.80 -28.10 51.34
CA GLY J 167 31.00 -28.39 52.77
C GLY J 167 31.04 -27.15 53.66
N MET J 168 31.67 -26.09 53.15
CA MET J 168 31.74 -24.87 53.89
C MET J 168 30.40 -24.19 54.10
N LYS J 169 29.45 -24.38 53.18
CA LYS J 169 28.10 -23.83 53.37
C LYS J 169 27.37 -24.43 54.56
N VAL J 170 27.88 -25.55 55.05
CA VAL J 170 27.06 -26.49 55.80
C VAL J 170 27.80 -27.00 57.04
N GLY J 171 29.07 -26.65 57.22
CA GLY J 171 29.82 -27.08 58.39
C GLY J 171 30.41 -28.48 58.30
N MET J 172 30.44 -29.03 57.08
CA MET J 172 30.87 -30.40 56.85
C MET J 172 32.31 -30.40 56.43
N PRO J 173 33.19 -31.07 57.20
CA PRO J 173 34.60 -31.25 56.82
C PRO J 173 34.79 -32.21 55.64
N THR J 174 35.81 -31.92 54.82
CA THR J 174 36.17 -32.79 53.70
C THR J 174 37.48 -33.49 53.96
N MET J 175 37.51 -34.78 53.65
CA MET J 175 38.74 -35.58 53.72
C MET J 175 39.20 -35.92 52.30
N ALA J 176 40.41 -35.49 51.98
CA ALA J 176 41.08 -35.89 50.75
C ALA J 176 42.00 -37.11 50.95
N VAL J 177 41.83 -38.11 50.11
CA VAL J 177 42.59 -39.36 50.20
C VAL J 177 43.52 -39.44 48.98
N THR J 178 44.82 -39.57 49.24
CA THR J 178 45.80 -39.57 48.15
C THR J 178 45.89 -40.94 47.49
N GLY J 179 45.16 -41.14 46.40
CA GLY J 179 45.16 -42.41 45.69
C GLY J 179 46.32 -42.46 44.73
N VAL J 180 46.82 -43.65 44.42
CA VAL J 180 48.07 -43.77 43.63
C VAL J 180 47.90 -44.41 42.27
N VAL J 185 55.55 -44.16 41.72
CA VAL J 185 56.49 -44.30 42.83
C VAL J 185 55.91 -43.80 44.16
N ARG J 186 55.94 -44.67 45.18
CA ARG J 186 55.31 -44.36 46.47
C ARG J 186 56.27 -43.80 47.55
N ASP J 187 56.91 -42.67 47.26
CA ASP J 187 57.90 -42.11 48.19
C ASP J 187 57.51 -40.76 48.81
N GLN J 188 58.36 -40.25 49.69
CA GLN J 188 58.07 -39.06 50.47
C GLN J 188 57.80 -37.81 49.63
N ARG J 189 58.59 -37.59 48.61
CA ARG J 189 58.40 -36.37 47.83
C ARG J 189 57.04 -36.39 47.07
N TYR J 190 56.59 -37.58 46.68
CA TYR J 190 55.32 -37.70 46.04
C TYR J 190 54.17 -37.39 46.99
N PHE J 191 54.14 -38.06 48.13
CA PHE J 191 53.08 -37.81 49.09
C PHE J 191 53.09 -36.41 49.64
N SER J 192 54.25 -35.82 49.79
CA SER J 192 54.33 -34.43 50.20
C SER J 192 53.63 -33.52 49.17
N LEU J 193 53.84 -33.80 47.88
CA LEU J 193 53.17 -33.07 46.81
C LEU J 193 51.66 -33.26 46.95
N ALA J 194 51.21 -34.51 47.02
CA ALA J 194 49.77 -34.78 46.95
C ALA J 194 49.05 -34.29 48.19
N THR J 195 49.63 -34.49 49.36
CA THR J 195 49.01 -34.08 50.58
C THR J 195 48.91 -32.57 50.66
N ARG J 196 49.98 -31.87 50.28
CA ARG J 196 49.99 -30.43 50.42
C ARG J 196 49.01 -29.78 49.42
N ILE J 197 48.98 -30.25 48.18
CA ILE J 197 48.01 -29.70 47.25
C ILE J 197 46.59 -29.79 47.78
N ALA J 198 46.23 -30.99 48.28
CA ALA J 198 44.90 -31.24 48.77
C ALA J 198 44.57 -30.31 49.93
N ALA J 199 45.54 -30.11 50.83
CA ALA J 199 45.30 -29.26 52.00
C ALA J 199 45.13 -27.80 51.56
N GLU J 200 45.91 -27.42 50.55
CA GLU J 200 45.94 -26.08 50.02
C GLU J 200 44.58 -25.75 49.38
N MET J 201 44.03 -26.73 48.67
CA MET J 201 42.67 -26.61 48.14
C MET J 201 41.57 -26.55 49.22
N GLY J 202 41.88 -26.93 50.46
CA GLY J 202 40.95 -26.72 51.56
C GLY J 202 40.34 -27.93 52.29
N ALA J 203 40.82 -29.15 51.98
CA ALA J 203 40.42 -30.34 52.70
C ALA J 203 40.87 -30.18 54.14
N GLN J 204 40.02 -30.57 55.10
CA GLN J 204 40.37 -30.44 56.52
C GLN J 204 41.07 -31.66 57.06
N ILE J 205 40.94 -32.78 56.39
CA ILE J 205 41.59 -34.01 56.79
C ILE J 205 42.25 -34.64 55.57
N ILE J 206 43.47 -35.16 55.78
CA ILE J 206 44.17 -35.85 54.74
C ILE J 206 44.44 -37.29 55.14
N LYS J 207 44.07 -38.21 54.26
CA LYS J 207 44.43 -39.59 54.39
C LYS J 207 45.48 -40.02 53.35
N THR J 208 46.55 -40.64 53.84
CA THR J 208 47.65 -40.99 52.97
C THR J 208 48.26 -42.31 53.47
N TYR J 209 49.38 -42.73 52.88
CA TYR J 209 50.03 -43.98 53.27
C TYR J 209 51.27 -43.73 54.12
N TYR J 210 51.63 -44.71 54.95
CA TYR J 210 52.88 -44.62 55.69
C TYR J 210 54.05 -44.93 54.75
N VAL J 211 55.19 -44.29 55.04
CA VAL J 211 56.38 -44.43 54.20
C VAL J 211 57.61 -44.74 55.07
N GLU J 212 58.40 -45.70 54.62
CA GLU J 212 59.62 -46.18 55.35
C GLU J 212 60.50 -45.04 55.83
N LYS J 213 60.68 -44.07 54.96
CA LYS J 213 61.49 -42.92 55.31
C LYS J 213 60.90 -41.59 54.85
N GLY J 214 60.95 -40.62 55.76
CA GLY J 214 60.53 -39.26 55.46
C GLY J 214 59.08 -38.97 55.81
N PHE J 215 58.40 -39.96 56.38
CA PHE J 215 57.05 -39.72 56.81
C PHE J 215 56.95 -38.48 57.72
N GLU J 216 57.96 -38.24 58.53
CA GLU J 216 57.97 -37.07 59.38
C GLU J 216 57.75 -35.78 58.61
N ARG J 217 58.27 -35.74 57.37
CA ARG J 217 58.26 -34.55 56.50
C ARG J 217 56.87 -34.35 55.91
N ILE J 218 56.23 -35.46 55.54
CA ILE J 218 54.85 -35.46 55.05
C ILE J 218 53.94 -34.81 56.07
N VAL J 219 54.09 -35.21 57.31
CA VAL J 219 53.33 -34.65 58.41
C VAL J 219 53.62 -33.17 58.61
N ALA J 220 54.91 -32.83 58.76
CA ALA J 220 55.31 -31.48 59.05
C ALA J 220 54.87 -30.48 57.95
N GLY J 221 54.88 -30.94 56.70
CA GLY J 221 54.57 -30.10 55.55
C GLY J 221 53.09 -29.93 55.31
N CYS J 222 52.29 -30.69 56.04
CA CYS J 222 50.84 -30.66 55.90
C CYS J 222 50.18 -29.94 57.07
N PRO J 223 49.44 -28.85 56.80
CA PRO J 223 48.95 -28.01 57.90
C PRO J 223 47.69 -28.50 58.57
N VAL J 224 47.19 -29.70 58.19
CA VAL J 224 45.98 -30.27 58.80
C VAL J 224 46.21 -31.76 59.19
N PRO J 225 45.32 -32.34 60.02
CA PRO J 225 45.51 -33.72 60.51
C PRO J 225 45.73 -34.74 59.40
N ILE J 226 46.70 -35.64 59.64
CA ILE J 226 46.94 -36.75 58.75
C ILE J 226 46.56 -38.12 59.34
N VAL J 227 45.91 -38.94 58.53
CA VAL J 227 45.50 -40.26 58.94
C VAL J 227 46.08 -41.20 57.89
N ILE J 228 46.60 -42.33 58.33
CA ILE J 228 47.20 -43.27 57.40
C ILE J 228 46.26 -44.40 57.07
N ALA J 229 46.32 -44.86 55.82
CA ALA J 229 45.66 -46.06 55.40
C ALA J 229 46.54 -47.30 55.73
N GLY J 230 45.88 -48.43 55.96
CA GLY J 230 46.55 -49.68 56.37
C GLY J 230 47.35 -50.37 55.28
N GLY J 231 46.91 -50.27 54.04
CA GLY J 231 47.54 -50.99 52.92
C GLY J 231 47.20 -52.47 52.98
N LYS J 232 47.83 -53.27 52.11
CA LYS J 232 47.64 -54.72 52.04
C LYS J 232 47.90 -55.43 53.37
N LYS J 233 47.31 -56.63 53.51
CA LYS J 233 47.37 -57.40 54.75
C LYS J 233 48.81 -57.74 55.15
N LEU J 234 49.18 -57.39 56.37
CA LEU J 234 50.47 -57.73 56.90
C LEU J 234 50.24 -58.65 58.09
N PRO J 235 51.30 -59.35 58.55
CA PRO J 235 51.21 -60.06 59.83
C PRO J 235 50.97 -59.07 60.95
N GLU J 236 50.07 -59.43 61.86
CA GLU J 236 49.61 -58.51 62.89
C GLU J 236 50.69 -57.66 63.57
N ARG J 237 51.84 -58.24 63.90
CA ARG J 237 52.87 -57.46 64.62
C ARG J 237 53.51 -56.42 63.74
N GLU J 238 53.65 -56.70 62.46
CA GLU J 238 54.20 -55.71 61.54
C GLU J 238 53.24 -54.53 61.32
N ALA J 239 51.95 -54.84 61.19
CA ALA J 239 50.89 -53.84 61.11
C ALA J 239 50.93 -52.93 62.33
N LEU J 240 51.08 -53.51 63.52
CA LEU J 240 51.17 -52.69 64.72
C LEU J 240 52.43 -51.82 64.73
N GLU J 241 53.50 -52.31 64.11
CA GLU J 241 54.73 -51.51 64.03
C GLU J 241 54.49 -50.30 63.17
N MET J 242 53.87 -50.54 62.01
CA MET J 242 53.50 -49.47 61.10
C MET J 242 52.72 -48.39 61.86
N CYS J 243 51.71 -48.79 62.62
CA CYS J 243 50.91 -47.82 63.36
C CYS J 243 51.78 -47.09 64.32
N TRP J 244 52.59 -47.84 65.06
CA TRP J 244 53.42 -47.23 66.09
C TRP J 244 54.29 -46.15 65.46
N GLN J 245 54.92 -46.48 64.34
CA GLN J 245 55.80 -45.54 63.64
C GLN J 245 55.03 -44.29 63.18
N ALA J 246 53.87 -44.51 62.53
CA ALA J 246 53.09 -43.39 61.96
C ALA J 246 52.69 -42.43 63.08
N ILE J 247 52.14 -42.99 64.16
CA ILE J 247 51.75 -42.16 65.30
C ILE J 247 52.97 -41.44 65.87
N ASP J 248 54.05 -42.21 66.10
CA ASP J 248 55.26 -41.65 66.72
C ASP J 248 55.83 -40.49 65.86
N GLN J 249 55.68 -40.62 64.56
CA GLN J 249 56.13 -39.59 63.62
C GLN J 249 55.09 -38.50 63.34
N GLY J 250 53.97 -38.51 64.08
CA GLY J 250 53.05 -37.37 64.02
C GLY J 250 51.69 -37.56 63.38
N ALA J 251 51.40 -38.73 62.83
CA ALA J 251 50.06 -39.02 62.31
C ALA J 251 49.02 -38.78 63.40
N SER J 252 47.82 -38.34 62.98
CA SER J 252 46.72 -38.04 63.90
C SER J 252 45.77 -39.25 64.04
N GLY J 253 46.11 -40.36 63.39
CA GLY J 253 45.26 -41.53 63.46
C GLY J 253 45.55 -42.51 62.36
N VAL J 254 44.83 -43.62 62.39
CA VAL J 254 45.05 -44.66 61.41
C VAL J 254 43.72 -45.08 60.99
N ASP J 255 43.65 -45.56 59.78
CA ASP J 255 42.42 -46.02 59.21
C ASP J 255 42.68 -47.36 58.56
N MET J 256 42.56 -48.41 59.35
CA MET J 256 42.73 -49.73 58.82
C MET J 256 41.46 -50.33 58.27
N GLY J 257 41.66 -51.15 57.26
CA GLY J 257 40.62 -51.98 56.73
C GLY J 257 41.15 -53.39 56.80
N ARG J 258 41.83 -53.79 55.73
CA ARG J 258 42.27 -55.16 55.53
C ARG J 258 43.00 -55.70 56.75
N ASN J 259 43.93 -54.91 57.29
CA ASN J 259 44.67 -55.34 58.48
C ASN J 259 43.83 -55.60 59.72
N ILE J 260 42.56 -55.27 59.67
CA ILE J 260 41.64 -55.61 60.74
C ILE J 260 40.63 -56.67 60.29
N PHE J 261 39.87 -56.38 59.24
CA PHE J 261 38.82 -57.31 58.85
C PHE J 261 39.31 -58.58 58.19
N GLN J 262 40.57 -58.61 57.78
CA GLN J 262 41.16 -59.84 57.23
C GLN J 262 41.98 -60.64 58.23
N SER J 263 42.11 -60.10 59.45
CA SER J 263 42.79 -60.80 60.54
C SER J 263 41.92 -61.93 61.04
N ASP J 264 42.55 -62.92 61.69
CA ASP J 264 41.80 -64.02 62.31
C ASP J 264 41.15 -63.60 63.64
N HIS J 265 41.68 -62.55 64.26
CA HIS J 265 41.13 -62.02 65.51
C HIS J 265 40.90 -60.50 65.46
N PRO J 266 39.94 -60.06 64.62
CA PRO J 266 39.72 -58.64 64.31
C PRO J 266 39.47 -57.78 65.56
N VAL J 267 38.62 -58.26 66.48
CA VAL J 267 38.38 -57.52 67.73
C VAL J 267 39.67 -57.31 68.50
N ALA J 268 40.50 -58.34 68.55
CA ALA J 268 41.74 -58.25 69.33
C ALA J 268 42.64 -57.24 68.70
N MET J 269 42.75 -57.33 67.38
CA MET J 269 43.58 -56.42 66.61
C MET J 269 43.22 -54.93 66.89
N MET J 270 41.93 -54.63 66.87
CA MET J 270 41.44 -53.26 67.11
C MET J 270 41.81 -52.74 68.48
N LYS J 271 41.69 -53.58 69.51
CA LYS J 271 42.07 -53.19 70.86
C LYS J 271 43.56 -52.89 70.91
N ALA J 272 44.34 -53.68 70.16
CA ALA J 272 45.80 -53.46 70.07
C ALA J 272 46.09 -52.13 69.38
N VAL J 273 45.49 -51.93 68.21
CA VAL J 273 45.59 -50.66 67.46
C VAL J 273 45.23 -49.45 68.33
N GLN J 274 44.14 -49.57 69.09
CA GLN J 274 43.74 -48.55 70.04
C GLN J 274 44.77 -48.23 71.09
N ALA J 275 45.44 -49.25 71.64
CA ALA J 275 46.45 -49.00 72.66
C ALA J 275 47.58 -48.18 72.06
N VAL J 276 48.04 -48.57 70.87
CA VAL J 276 49.09 -47.82 70.18
C VAL J 276 48.67 -46.39 69.91
N VAL J 277 47.45 -46.23 69.41
CA VAL J 277 47.01 -44.93 68.88
C VAL J 277 46.68 -43.94 69.96
N HIS J 278 45.91 -44.39 70.97
CA HIS J 278 45.47 -43.47 72.01
C HIS J 278 46.35 -43.47 73.28
N HIS J 279 46.93 -44.63 73.60
CA HIS J 279 47.53 -44.83 74.92
C HIS J 279 49.03 -44.98 74.93
N ASN J 280 49.71 -44.61 73.86
CA ASN J 280 51.18 -44.64 73.83
C ASN J 280 51.81 -46.01 74.11
N GLU J 281 51.06 -47.08 73.91
CA GLU J 281 51.65 -48.40 73.99
C GLU J 281 52.75 -48.61 72.97
N THR J 282 53.73 -49.43 73.33
CA THR J 282 54.79 -49.80 72.40
C THR J 282 54.25 -50.88 71.50
N ALA J 283 54.84 -51.01 70.32
CA ALA J 283 54.46 -52.04 69.37
C ALA J 283 54.39 -53.43 70.04
N ASP J 284 55.39 -53.73 70.88
CA ASP J 284 55.51 -55.05 71.53
C ASP J 284 54.38 -55.30 72.50
N ARG J 285 54.21 -54.38 73.46
CA ARG J 285 53.14 -54.50 74.45
C ARG J 285 51.82 -54.69 73.75
N ALA J 286 51.60 -53.89 72.71
CA ALA J 286 50.40 -53.96 71.90
C ALA J 286 50.22 -55.35 71.31
N TYR J 287 51.30 -55.94 70.81
CA TYR J 287 51.22 -57.29 70.27
C TYR J 287 50.90 -58.36 71.32
N GLU J 288 51.40 -58.17 72.53
CA GLU J 288 51.06 -59.06 73.65
C GLU J 288 49.62 -58.88 74.09
N LEU J 289 49.16 -57.63 74.13
CA LEU J 289 47.74 -57.31 74.31
C LEU J 289 46.88 -58.04 73.26
N TYR J 290 47.33 -58.02 72.00
CA TYR J 290 46.66 -58.74 70.93
C TYR J 290 46.59 -60.24 71.22
N LEU J 291 47.74 -60.81 71.58
CA LEU J 291 47.85 -62.27 71.88
C LEU J 291 46.94 -62.76 73.02
N SER J 292 46.70 -61.90 74.01
CA SER J 292 45.76 -62.21 75.09
C SER J 292 44.27 -62.25 74.67
N GLU J 293 43.99 -62.11 73.36
CA GLU J 293 42.69 -62.52 72.77
C GLU J 293 42.94 -63.17 71.42
N GLY K 14 -10.41 33.90 -93.97
CA GLY K 14 -11.77 34.52 -93.94
C GLY K 14 -12.31 34.91 -92.57
N LYS K 15 -11.42 35.38 -91.69
CA LYS K 15 -11.80 35.83 -90.33
C LYS K 15 -11.56 37.35 -90.14
N ASP K 16 -12.45 38.01 -89.39
CA ASP K 16 -12.31 39.45 -89.10
C ASP K 16 -12.22 39.85 -87.62
N PHE K 17 -10.99 40.15 -87.18
CA PHE K 17 -10.72 40.45 -85.79
C PHE K 17 -10.91 41.91 -85.44
N ARG K 18 -11.13 42.73 -86.47
CA ARG K 18 -11.36 44.16 -86.30
C ARG K 18 -10.27 44.82 -85.44
N THR K 19 -9.02 44.56 -85.81
CA THR K 19 -7.84 45.01 -85.06
C THR K 19 -7.70 46.54 -85.00
N ASP K 20 -8.46 47.22 -85.85
CA ASP K 20 -8.48 48.69 -85.87
C ASP K 20 -9.42 49.31 -84.81
N GLN K 21 -10.17 48.46 -84.10
CA GLN K 21 -11.13 48.91 -83.08
C GLN K 21 -10.96 48.18 -81.75
N PRO K 22 -10.30 48.83 -80.79
CA PRO K 22 -9.91 48.11 -79.60
C PRO K 22 -11.11 47.85 -78.70
N GLN K 23 -11.12 46.70 -78.03
CA GLN K 23 -12.14 46.35 -77.05
C GLN K 23 -12.26 47.44 -75.98
N LYS K 24 -13.50 47.70 -75.54
CA LYS K 24 -13.72 48.71 -74.52
C LYS K 24 -14.73 48.27 -73.44
N ASN K 25 -14.37 48.40 -72.15
CA ASN K 25 -15.29 47.96 -71.07
C ASN K 25 -16.52 48.84 -71.02
N ILE K 26 -17.68 48.24 -70.87
CA ILE K 26 -18.90 49.01 -70.70
C ILE K 26 -19.16 49.28 -69.20
N PRO K 27 -19.24 50.58 -68.80
CA PRO K 27 -19.38 50.93 -67.37
C PRO K 27 -20.73 50.51 -66.79
N PHE K 28 -20.70 50.12 -65.50
CA PHE K 28 -21.91 49.80 -64.75
C PHE K 28 -22.24 51.03 -63.93
N THR K 29 -23.43 51.60 -64.13
CA THR K 29 -23.70 52.92 -63.56
C THR K 29 -24.50 52.96 -62.25
N LEU K 30 -25.23 51.90 -61.95
CA LEU K 30 -26.03 51.83 -60.74
C LEU K 30 -25.22 52.32 -59.53
N LYS K 31 -25.74 53.34 -58.85
CA LYS K 31 -25.03 54.04 -57.80
C LYS K 31 -24.34 53.14 -56.82
N GLY K 32 -23.03 53.29 -56.66
CA GLY K 32 -22.24 52.55 -55.67
C GLY K 32 -22.01 51.06 -55.87
N CYS K 33 -22.42 50.53 -57.03
CA CYS K 33 -22.32 49.12 -57.35
C CYS K 33 -21.34 48.85 -58.48
N GLY K 34 -20.44 49.81 -58.70
CA GLY K 34 -19.51 49.71 -59.82
C GLY K 34 -18.32 48.79 -59.62
N ALA K 35 -18.18 48.20 -58.42
CA ALA K 35 -17.04 47.35 -58.13
C ALA K 35 -17.48 46.02 -57.51
N LEU K 36 -18.53 45.43 -58.08
CA LEU K 36 -19.06 44.16 -57.61
C LEU K 36 -18.87 43.12 -58.68
N ASP K 37 -18.82 41.85 -58.26
CA ASP K 37 -18.67 40.79 -59.23
C ASP K 37 -19.87 40.71 -60.18
N TRP K 38 -19.65 40.11 -61.35
CA TRP K 38 -20.68 39.98 -62.38
C TRP K 38 -22.02 39.53 -61.85
N GLY K 39 -22.05 38.43 -61.08
CA GLY K 39 -23.28 37.78 -60.65
C GLY K 39 -24.10 38.69 -59.75
N MET K 40 -23.40 39.39 -58.86
CA MET K 40 -24.06 40.36 -57.98
C MET K 40 -24.59 41.55 -58.80
N GLN K 41 -23.78 42.06 -59.72
CA GLN K 41 -24.27 43.11 -60.63
C GLN K 41 -25.45 42.59 -61.44
N SER K 42 -25.40 41.33 -61.83
CA SER K 42 -26.50 40.78 -62.62
C SER K 42 -27.79 40.74 -61.81
N ARG K 43 -27.67 40.33 -60.55
CA ARG K 43 -28.84 40.29 -59.66
C ARG K 43 -29.43 41.69 -59.40
N LEU K 44 -28.56 42.68 -59.17
CA LEU K 44 -28.97 44.08 -59.02
C LEU K 44 -29.67 44.64 -60.28
N SER K 45 -29.21 44.22 -61.46
CA SER K 45 -29.85 44.61 -62.72
C SER K 45 -31.21 43.95 -62.97
N ARG K 46 -31.55 42.88 -62.25
CA ARG K 46 -32.91 42.35 -62.32
C ARG K 46 -33.83 43.22 -61.50
N ILE K 47 -33.28 43.83 -60.45
CA ILE K 47 -34.06 44.70 -59.58
C ILE K 47 -34.24 46.12 -60.17
N PHE K 48 -33.12 46.79 -60.45
CA PHE K 48 -33.10 48.16 -60.94
C PHE K 48 -32.89 48.12 -62.44
N ASN K 49 -33.91 48.56 -63.18
CA ASN K 49 -33.87 48.62 -64.64
C ASN K 49 -32.63 49.38 -65.09
N PRO K 50 -31.80 48.79 -65.98
CA PRO K 50 -30.51 49.38 -66.33
C PRO K 50 -30.64 50.70 -67.07
N LYS K 51 -31.69 50.82 -67.88
CA LYS K 51 -31.99 52.06 -68.60
C LYS K 51 -32.26 53.21 -67.66
N THR K 52 -33.11 53.00 -66.68
CA THR K 52 -33.56 54.09 -65.82
C THR K 52 -32.86 54.19 -64.49
N GLY K 53 -32.23 53.09 -64.08
CA GLY K 53 -31.61 52.95 -62.78
C GLY K 53 -32.56 52.93 -61.61
N LYS K 54 -33.84 52.61 -61.89
CA LYS K 54 -34.91 52.64 -60.88
C LYS K 54 -35.72 51.35 -60.81
N THR K 55 -36.46 51.21 -59.72
CA THR K 55 -37.29 50.03 -59.50
C THR K 55 -38.63 50.36 -58.89
N VAL K 56 -39.65 49.60 -59.30
CA VAL K 56 -40.95 49.57 -58.62
C VAL K 56 -41.12 48.19 -57.98
N MET K 57 -41.20 48.18 -56.67
CA MET K 57 -41.18 46.93 -55.93
C MET K 57 -42.49 46.76 -55.18
N LEU K 58 -43.11 45.58 -55.32
CA LEU K 58 -44.34 45.27 -54.64
C LEU K 58 -44.06 44.41 -53.40
N ALA K 59 -44.26 45.00 -52.22
CA ALA K 59 -43.94 44.34 -50.97
C ALA K 59 -45.19 43.76 -50.30
N PHE K 60 -45.12 42.49 -49.90
CA PHE K 60 -46.21 41.87 -49.17
C PHE K 60 -45.72 40.86 -48.11
N ASP K 61 -44.67 41.24 -47.39
CA ASP K 61 -44.04 40.38 -46.39
C ASP K 61 -44.55 40.71 -44.99
N HIS K 62 -45.46 41.68 -44.92
CA HIS K 62 -45.91 42.22 -43.64
C HIS K 62 -46.34 41.15 -42.67
N GLY K 63 -46.82 40.03 -43.18
CA GLY K 63 -47.26 38.90 -42.39
C GLY K 63 -46.21 38.27 -41.50
N TYR K 64 -44.94 38.52 -41.78
CA TYR K 64 -43.90 37.82 -41.05
C TYR K 64 -43.89 38.11 -39.56
N PHE K 65 -44.45 39.25 -39.16
CA PHE K 65 -44.59 39.51 -37.72
C PHE K 65 -45.99 40.01 -37.37
N GLN K 66 -46.83 40.21 -38.38
CA GLN K 66 -48.18 40.72 -38.14
C GLN K 66 -49.34 39.75 -38.35
N GLY K 67 -49.09 38.60 -38.95
CA GLY K 67 -50.18 37.69 -39.31
C GLY K 67 -50.98 38.27 -40.46
N PRO K 68 -52.23 37.83 -40.64
CA PRO K 68 -53.00 38.24 -41.81
C PRO K 68 -53.45 39.68 -41.66
N THR K 69 -52.71 40.58 -42.27
CA THR K 69 -52.95 41.99 -42.17
C THR K 69 -53.90 42.45 -43.30
N THR K 70 -54.58 43.57 -43.10
CA THR K 70 -55.62 44.04 -44.06
C THR K 70 -55.11 44.18 -45.48
N GLY K 71 -55.72 43.46 -46.42
CA GLY K 71 -55.29 43.47 -47.81
C GLY K 71 -54.49 42.24 -48.17
N LEU K 72 -53.89 41.61 -47.15
CA LEU K 72 -53.02 40.44 -47.35
C LEU K 72 -53.58 39.16 -46.74
N GLU K 73 -54.89 39.13 -46.51
CA GLU K 73 -55.55 37.96 -45.97
C GLU K 73 -55.39 36.86 -46.98
N ARG K 74 -55.57 37.18 -48.26
CA ARG K 74 -55.52 36.17 -49.31
C ARG K 74 -54.61 36.60 -50.46
N ILE K 75 -53.31 36.32 -50.31
CA ILE K 75 -52.32 36.70 -51.29
C ILE K 75 -52.70 36.05 -52.62
N ASP K 76 -53.17 34.81 -52.52
CA ASP K 76 -53.43 34.01 -53.70
C ASP K 76 -54.51 34.56 -54.63
N ILE K 77 -55.40 35.39 -54.09
CA ILE K 77 -56.53 35.92 -54.85
C ILE K 77 -56.35 37.39 -55.12
N ASN K 78 -56.04 38.10 -54.07
CA ASN K 78 -56.02 39.54 -54.05
C ASN K 78 -54.73 40.12 -54.68
N ILE K 79 -53.58 39.52 -54.35
CA ILE K 79 -52.26 40.07 -54.73
C ILE K 79 -51.70 39.42 -55.98
N ALA K 80 -52.03 38.15 -56.22
CA ALA K 80 -51.57 37.44 -57.42
C ALA K 80 -51.80 38.17 -58.75
N PRO K 81 -52.95 38.84 -58.94
CA PRO K 81 -53.15 39.55 -60.22
C PRO K 81 -52.26 40.76 -60.38
N LEU K 82 -51.63 41.21 -59.31
CA LEU K 82 -50.71 42.36 -59.37
C LEU K 82 -49.28 42.03 -59.76
N PHE K 83 -48.85 40.77 -59.58
CA PHE K 83 -47.45 40.39 -59.80
C PHE K 83 -46.91 40.89 -61.12
N GLU K 84 -47.63 40.59 -62.21
CA GLU K 84 -47.16 40.95 -63.54
C GLU K 84 -46.88 42.46 -63.74
N HIS K 85 -47.47 43.31 -62.90
CA HIS K 85 -47.31 44.77 -63.05
C HIS K 85 -46.15 45.34 -62.23
N ALA K 86 -45.48 44.48 -61.45
CA ALA K 86 -44.39 44.95 -60.62
C ALA K 86 -43.07 44.63 -61.27
N ASP K 87 -42.03 45.39 -60.92
CA ASP K 87 -40.68 45.07 -61.38
C ASP K 87 -40.15 43.90 -60.54
N VAL K 88 -40.39 43.94 -59.24
CA VAL K 88 -39.80 42.97 -58.33
C VAL K 88 -40.75 42.72 -57.16
N LEU K 89 -40.80 41.47 -56.69
CA LEU K 89 -41.68 41.07 -55.58
C LEU K 89 -40.88 40.99 -54.30
N MET K 90 -41.47 41.41 -53.19
CA MET K 90 -40.80 41.23 -51.92
C MET K 90 -41.69 40.50 -50.95
N CYS K 91 -41.21 39.40 -50.39
CA CYS K 91 -42.01 38.57 -49.51
C CYS K 91 -41.17 37.53 -48.80
N THR K 92 -41.79 36.70 -47.96
CA THR K 92 -41.08 35.65 -47.21
C THR K 92 -41.05 34.34 -47.99
N ARG K 93 -40.16 33.44 -47.58
CA ARG K 93 -40.05 32.18 -48.28
C ARG K 93 -41.30 31.33 -48.11
N GLY K 94 -42.04 31.56 -47.04
CA GLY K 94 -43.24 30.78 -46.80
C GLY K 94 -44.33 31.15 -47.76
N ILE K 95 -44.50 32.43 -48.01
CA ILE K 95 -45.48 32.88 -48.97
C ILE K 95 -45.03 32.54 -50.38
N LEU K 96 -43.74 32.69 -50.64
CA LEU K 96 -43.20 32.43 -51.97
C LEU K 96 -43.51 31.02 -52.42
N ARG K 97 -43.18 30.05 -51.57
CA ARG K 97 -43.28 28.65 -51.96
C ARG K 97 -44.73 28.23 -52.06
N SER K 98 -45.52 28.74 -51.14
CA SER K 98 -46.90 28.28 -51.06
C SER K 98 -47.84 28.92 -52.10
N VAL K 99 -47.73 30.22 -52.37
CA VAL K 99 -48.77 30.90 -53.20
C VAL K 99 -48.30 31.85 -54.29
N VAL K 100 -47.00 32.14 -54.38
CA VAL K 100 -46.47 32.82 -55.55
C VAL K 100 -46.07 31.82 -56.63
N PRO K 101 -46.87 31.70 -57.73
CA PRO K 101 -46.56 30.73 -58.77
C PRO K 101 -45.17 30.98 -59.34
N PRO K 102 -44.30 29.96 -59.39
CA PRO K 102 -42.98 30.21 -59.96
C PRO K 102 -43.03 30.73 -61.39
N ALA K 103 -44.10 30.41 -62.12
CA ALA K 103 -44.27 30.90 -63.51
C ALA K 103 -44.39 32.39 -63.61
N THR K 104 -44.64 33.07 -62.50
CA THR K 104 -44.72 34.53 -62.45
C THR K 104 -43.53 35.21 -63.09
N ASN K 105 -42.35 34.59 -63.01
CA ASN K 105 -41.13 35.04 -63.69
C ASN K 105 -40.80 36.50 -63.42
N ARG K 106 -40.73 36.81 -62.14
CA ARG K 106 -40.50 38.16 -61.65
C ARG K 106 -39.42 38.03 -60.54
N PRO K 107 -38.45 38.95 -60.49
CA PRO K 107 -37.40 38.92 -59.49
C PRO K 107 -37.97 39.02 -58.09
N VAL K 108 -37.40 38.28 -57.13
CA VAL K 108 -37.85 38.38 -55.72
C VAL K 108 -36.75 38.80 -54.78
N VAL K 109 -37.14 39.63 -53.83
CA VAL K 109 -36.26 40.01 -52.72
C VAL K 109 -36.82 39.30 -51.50
N LEU K 110 -36.06 38.42 -50.88
CA LEU K 110 -36.64 37.64 -49.76
C LEU K 110 -36.48 38.31 -48.39
N ARG K 111 -37.57 38.37 -47.63
CA ARG K 111 -37.48 38.84 -46.26
C ARG K 111 -36.67 37.79 -45.50
N ALA K 112 -35.56 38.22 -44.90
CA ALA K 112 -34.67 37.25 -44.24
C ALA K 112 -34.48 37.49 -42.74
N SER K 113 -35.37 38.26 -42.14
CA SER K 113 -35.37 38.44 -40.70
C SER K 113 -36.77 38.12 -40.14
N GLY K 114 -36.83 37.82 -38.85
CA GLY K 114 -38.11 37.57 -38.22
C GLY K 114 -37.92 37.18 -36.78
N ALA K 115 -38.85 36.33 -36.30
CA ALA K 115 -38.89 35.86 -34.92
C ALA K 115 -39.33 36.95 -33.92
N ASN K 116 -39.91 38.02 -34.43
CA ASN K 116 -40.58 39.02 -33.62
C ASN K 116 -42.07 38.88 -33.92
N SER K 117 -42.91 39.63 -33.19
CA SER K 117 -44.33 39.75 -33.53
C SER K 117 -44.92 40.96 -32.85
N ILE K 118 -46.09 41.39 -33.30
CA ILE K 118 -46.75 42.58 -32.77
C ILE K 118 -47.09 42.42 -31.28
N LEU K 119 -47.07 41.21 -30.74
CA LEU K 119 -47.32 41.00 -29.32
C LEU K 119 -46.11 41.21 -28.41
N ALA K 120 -44.95 41.51 -28.96
CA ALA K 120 -43.73 41.66 -28.15
C ALA K 120 -42.86 42.80 -28.65
N GLU K 121 -41.61 42.85 -28.19
CA GLU K 121 -40.67 43.89 -28.62
C GLU K 121 -40.35 43.78 -30.11
N LEU K 122 -40.63 44.87 -30.83
CA LEU K 122 -40.60 44.87 -32.27
C LEU K 122 -39.20 44.63 -32.84
N SER K 123 -38.18 45.15 -32.18
CA SER K 123 -36.84 45.06 -32.70
C SER K 123 -36.18 43.71 -32.45
N ASN K 124 -36.85 42.81 -31.73
CA ASN K 124 -36.24 41.52 -31.38
C ASN K 124 -36.24 40.52 -32.53
N GLU K 125 -35.47 40.81 -33.55
CA GLU K 125 -35.46 40.01 -34.78
C GLU K 125 -34.22 39.15 -34.88
N ALA K 126 -34.33 38.01 -35.55
CA ALA K 126 -33.16 37.16 -35.86
C ALA K 126 -33.14 36.88 -37.34
N VAL K 127 -32.08 36.26 -37.81
CA VAL K 127 -32.04 35.94 -39.23
C VAL K 127 -33.00 34.80 -39.42
N ALA K 128 -33.85 34.92 -40.44
CA ALA K 128 -34.94 33.97 -40.61
C ALA K 128 -34.77 33.01 -41.75
N LEU K 129 -33.69 33.11 -42.51
CA LEU K 129 -33.43 32.11 -43.56
C LEU K 129 -31.96 32.08 -43.87
N SER K 130 -31.45 30.88 -44.10
CA SER K 130 -30.04 30.68 -44.42
C SER K 130 -29.77 31.10 -45.87
N MET K 131 -28.55 31.53 -46.15
CA MET K 131 -28.19 31.94 -47.50
C MET K 131 -28.37 30.78 -48.45
N ASP K 132 -28.05 29.60 -47.95
CA ASP K 132 -28.36 28.32 -48.59
C ASP K 132 -29.73 28.28 -49.26
N ASP K 133 -30.74 28.66 -48.50
CA ASP K 133 -32.09 28.63 -49.03
C ASP K 133 -32.42 29.79 -49.97
N ALA K 134 -31.80 30.96 -49.74
CA ALA K 134 -32.03 32.13 -50.60
C ALA K 134 -31.55 31.80 -51.97
N VAL K 135 -30.37 31.17 -52.04
CA VAL K 135 -29.82 30.62 -53.29
C VAL K 135 -30.72 29.55 -53.92
N ARG K 136 -31.17 28.62 -53.08
CA ARG K 136 -32.09 27.58 -53.53
C ARG K 136 -33.37 28.17 -54.17
N LEU K 137 -33.86 29.29 -53.62
CA LEU K 137 -35.04 29.94 -54.18
C LEU K 137 -34.72 30.91 -55.33
N ASN K 138 -33.44 31.04 -55.70
CA ASN K 138 -33.08 31.93 -56.80
C ASN K 138 -33.41 33.41 -56.52
N SER K 139 -33.31 33.84 -55.27
CA SER K 139 -33.48 35.28 -54.92
C SER K 139 -32.55 36.18 -55.66
N CYS K 140 -32.97 37.44 -55.79
CA CYS K 140 -32.08 38.52 -56.27
C CYS K 140 -31.42 39.26 -55.16
N ALA K 141 -32.03 39.22 -53.98
CA ALA K 141 -31.49 39.87 -52.81
C ALA K 141 -32.14 39.30 -51.54
N VAL K 142 -31.53 39.57 -50.39
CA VAL K 142 -32.16 39.25 -49.11
C VAL K 142 -32.30 40.54 -48.30
N ALA K 143 -33.34 40.62 -47.47
CA ALA K 143 -33.62 41.81 -46.73
C ALA K 143 -33.71 41.53 -45.25
N ALA K 144 -33.13 42.40 -44.42
CA ALA K 144 -33.33 42.40 -42.95
C ALA K 144 -33.55 43.82 -42.37
N GLN K 145 -34.29 43.91 -41.28
CA GLN K 145 -34.42 45.17 -40.59
C GLN K 145 -33.26 45.50 -39.70
N VAL K 146 -32.81 46.73 -39.79
CA VAL K 146 -31.93 47.29 -38.78
C VAL K 146 -32.81 48.21 -37.92
N TYR K 147 -32.56 48.21 -36.62
CA TYR K 147 -33.38 49.01 -35.67
C TYR K 147 -32.56 49.96 -34.83
N ILE K 148 -31.91 50.92 -35.47
CA ILE K 148 -31.07 51.87 -34.74
C ILE K 148 -31.92 52.57 -33.66
N GLY K 149 -31.39 52.65 -32.45
CA GLY K 149 -32.08 53.32 -31.36
C GLY K 149 -33.04 52.44 -30.57
N SER K 150 -33.25 51.20 -31.02
CA SER K 150 -34.15 50.30 -30.31
C SER K 150 -33.43 49.38 -29.35
N GLU K 151 -34.19 48.68 -28.53
CA GLU K 151 -33.63 47.82 -27.54
C GLU K 151 -32.65 46.76 -28.12
N TYR K 152 -32.98 46.20 -29.27
CA TYR K 152 -32.14 45.18 -29.90
C TYR K 152 -31.38 45.69 -31.12
N GLU K 153 -31.01 46.96 -31.04
CA GLU K 153 -30.23 47.58 -32.09
C GLU K 153 -29.02 46.72 -32.43
N HIS K 154 -28.31 46.26 -31.40
CA HIS K 154 -27.06 45.52 -31.61
C HIS K 154 -27.24 44.24 -32.39
N GLN K 155 -28.17 43.41 -31.95
CA GLN K 155 -28.50 42.19 -32.68
C GLN K 155 -28.94 42.51 -34.12
N SER K 156 -29.76 43.55 -34.30
CA SER K 156 -30.19 43.87 -35.64
C SER K 156 -29.06 44.16 -36.62
N ILE K 157 -28.00 44.81 -36.16
CA ILE K 157 -26.90 45.13 -37.05
C ILE K 157 -26.10 43.87 -37.29
N LYS K 158 -25.89 43.07 -36.25
CA LYS K 158 -25.33 41.76 -36.42
C LYS K 158 -26.04 40.92 -37.49
N ASN K 159 -27.38 41.02 -37.56
CA ASN K 159 -28.10 40.35 -38.62
C ASN K 159 -27.64 40.79 -40.01
N ILE K 160 -27.44 42.10 -40.19
CA ILE K 160 -27.00 42.62 -41.50
C ILE K 160 -25.57 42.08 -41.73
N ILE K 161 -24.75 42.12 -40.69
CA ILE K 161 -23.35 41.68 -40.84
C ILE K 161 -23.31 40.25 -41.32
N GLN K 162 -24.20 39.43 -40.76
CA GLN K 162 -24.25 38.03 -41.08
C GLN K 162 -24.70 37.77 -42.52
N LEU K 163 -25.73 38.48 -42.95
CA LEU K 163 -26.20 38.32 -44.31
C LEU K 163 -25.19 38.80 -45.34
N VAL K 164 -24.52 39.92 -45.07
CA VAL K 164 -23.54 40.42 -46.03
C VAL K 164 -22.40 39.42 -46.09
N ASP K 165 -21.92 38.94 -44.94
CA ASP K 165 -20.88 37.91 -44.90
C ASP K 165 -21.21 36.71 -45.80
N ALA K 166 -22.36 36.12 -45.57
CA ALA K 166 -22.78 34.96 -46.37
C ALA K 166 -23.10 35.34 -47.82
N GLY K 167 -23.74 36.49 -48.02
CA GLY K 167 -24.04 37.03 -49.35
C GLY K 167 -22.86 37.21 -50.26
N MET K 168 -21.74 37.73 -49.75
CA MET K 168 -20.50 37.87 -50.53
C MET K 168 -19.91 36.54 -51.03
N LYS K 169 -20.06 35.45 -50.28
CA LYS K 169 -19.57 34.13 -50.77
C LYS K 169 -20.27 33.63 -52.05
N VAL K 170 -21.40 34.26 -52.42
CA VAL K 170 -22.38 33.64 -53.25
C VAL K 170 -22.97 34.64 -54.28
N GLY K 171 -22.61 35.92 -54.16
CA GLY K 171 -23.03 36.87 -55.13
C GLY K 171 -24.37 37.46 -54.81
N MET K 172 -24.80 37.28 -53.57
CA MET K 172 -26.14 37.73 -53.20
C MET K 172 -26.14 39.09 -52.53
N PRO K 173 -26.80 40.08 -53.13
CA PRO K 173 -26.87 41.40 -52.51
C PRO K 173 -27.76 41.40 -51.27
N THR K 174 -27.41 42.22 -50.27
CA THR K 174 -28.22 42.41 -49.06
C THR K 174 -28.95 43.76 -49.01
N MET K 175 -30.23 43.75 -48.70
CA MET K 175 -30.98 44.98 -48.49
C MET K 175 -31.25 45.22 -47.01
N ALA K 176 -30.74 46.32 -46.47
CA ALA K 176 -31.08 46.73 -45.13
C ALA K 176 -32.31 47.64 -45.10
N VAL K 177 -33.23 47.37 -44.20
CA VAL K 177 -34.42 48.18 -44.07
C VAL K 177 -34.39 48.89 -42.72
N THR K 178 -34.50 50.21 -42.72
CA THR K 178 -34.44 50.99 -41.49
C THR K 178 -35.78 50.96 -40.78
N GLY K 179 -35.95 50.04 -39.82
CA GLY K 179 -37.16 49.97 -39.01
C GLY K 179 -37.09 50.95 -37.86
N VAL K 180 -38.25 51.41 -37.37
CA VAL K 180 -38.27 52.49 -36.36
C VAL K 180 -38.81 52.06 -34.99
N VAL K 185 -38.45 59.45 -33.08
CA VAL K 185 -38.56 60.58 -34.00
C VAL K 185 -38.14 60.22 -35.43
N ARG K 186 -39.02 60.46 -36.39
CA ARG K 186 -38.78 60.09 -37.79
C ARG K 186 -38.27 61.24 -38.66
N ASP K 187 -37.09 61.78 -38.34
CA ASP K 187 -36.51 62.92 -39.08
C ASP K 187 -35.24 62.60 -39.86
N GLN K 188 -34.72 63.60 -40.57
CA GLN K 188 -33.60 63.41 -41.48
C GLN K 188 -32.36 62.92 -40.74
N ARG K 189 -32.06 63.51 -39.59
CA ARG K 189 -30.81 63.18 -38.96
C ARG K 189 -30.83 61.73 -38.48
N TYR K 190 -32.01 61.24 -38.14
CA TYR K 190 -32.12 59.88 -37.71
C TYR K 190 -31.89 58.95 -38.89
N PHE K 191 -32.57 59.20 -39.99
CA PHE K 191 -32.47 58.29 -41.10
C PHE K 191 -31.10 58.33 -41.71
N SER K 192 -30.46 59.47 -41.63
CA SER K 192 -29.09 59.61 -42.10
C SER K 192 -28.16 58.69 -41.28
N LEU K 193 -28.32 58.75 -39.98
CA LEU K 193 -27.62 57.83 -39.10
C LEU K 193 -27.84 56.36 -39.47
N ALA K 194 -29.11 55.95 -39.54
CA ALA K 194 -29.47 54.55 -39.79
C ALA K 194 -29.03 54.06 -41.16
N THR K 195 -29.31 54.83 -42.21
CA THR K 195 -29.00 54.41 -43.58
C THR K 195 -27.50 54.28 -43.77
N ARG K 196 -26.74 55.25 -43.28
CA ARG K 196 -25.30 55.24 -43.44
C ARG K 196 -24.63 54.08 -42.67
N ILE K 197 -25.01 53.83 -41.44
CA ILE K 197 -24.44 52.69 -40.73
C ILE K 197 -24.65 51.38 -41.49
N ALA K 198 -25.88 51.18 -41.97
CA ALA K 198 -26.20 50.01 -42.78
C ALA K 198 -25.34 49.90 -44.05
N ALA K 199 -25.17 51.03 -44.74
CA ALA K 199 -24.36 50.99 -45.92
C ALA K 199 -22.91 50.68 -45.59
N GLU K 200 -22.43 51.26 -44.49
CA GLU K 200 -21.08 51.17 -44.05
C GLU K 200 -20.79 49.72 -43.65
N MET K 201 -21.79 49.05 -43.05
CA MET K 201 -21.64 47.61 -42.74
C MET K 201 -21.67 46.68 -43.96
N GLY K 202 -22.17 47.18 -45.08
CA GLY K 202 -21.97 46.48 -46.33
C GLY K 202 -23.21 46.12 -47.14
N ALA K 203 -24.37 46.59 -46.70
CA ALA K 203 -25.61 46.38 -47.44
C ALA K 203 -25.55 47.10 -48.79
N GLN K 204 -26.05 46.47 -49.85
CA GLN K 204 -25.92 47.02 -51.18
C GLN K 204 -27.12 47.84 -51.53
N ILE K 205 -28.24 47.60 -50.85
CA ILE K 205 -29.47 48.35 -51.08
C ILE K 205 -29.96 48.83 -49.74
N ILE K 206 -30.47 50.04 -49.67
CA ILE K 206 -31.08 50.53 -48.43
C ILE K 206 -32.55 50.88 -48.67
N LYS K 207 -33.42 50.37 -47.81
CA LYS K 207 -34.80 50.77 -47.84
C LYS K 207 -35.10 51.66 -46.64
N THR K 208 -35.68 52.83 -46.87
CA THR K 208 -35.99 53.74 -45.77
C THR K 208 -37.28 54.50 -46.08
N TYR K 209 -37.65 55.47 -45.27
CA TYR K 209 -38.92 56.19 -45.47
C TYR K 209 -38.65 57.55 -46.06
N TYR K 210 -39.61 58.07 -46.83
CA TYR K 210 -39.58 59.46 -47.27
C TYR K 210 -39.78 60.43 -46.10
N VAL K 211 -39.15 61.59 -46.21
CA VAL K 211 -39.22 62.59 -45.16
C VAL K 211 -39.58 63.95 -45.78
N GLU K 212 -40.45 64.70 -45.11
CA GLU K 212 -40.92 66.00 -45.60
C GLU K 212 -39.76 66.93 -45.97
N LYS K 213 -38.73 66.95 -45.12
CA LYS K 213 -37.58 67.81 -45.39
C LYS K 213 -36.23 67.13 -45.14
N GLY K 214 -35.31 67.31 -46.06
CA GLY K 214 -33.98 66.78 -45.88
C GLY K 214 -33.74 65.47 -46.57
N PHE K 215 -34.77 64.90 -47.19
CA PHE K 215 -34.61 63.62 -47.85
C PHE K 215 -33.44 63.64 -48.82
N GLU K 216 -33.22 64.76 -49.48
CA GLU K 216 -32.06 64.93 -50.36
C GLU K 216 -30.73 64.55 -49.68
N ARG K 217 -30.58 64.92 -48.41
CA ARG K 217 -29.38 64.67 -47.64
C ARG K 217 -29.20 63.18 -47.25
N ILE K 218 -30.31 62.53 -46.91
CA ILE K 218 -30.35 61.08 -46.74
C ILE K 218 -29.78 60.36 -47.96
N VAL K 219 -30.25 60.72 -49.15
CA VAL K 219 -29.76 60.16 -50.40
C VAL K 219 -28.31 60.47 -50.63
N ALA K 220 -27.94 61.74 -50.50
CA ALA K 220 -26.58 62.16 -50.80
C ALA K 220 -25.54 61.52 -49.88
N GLY K 221 -25.86 61.32 -48.60
CA GLY K 221 -24.93 60.73 -47.62
C GLY K 221 -24.89 59.20 -47.60
N CYS K 222 -25.70 58.58 -48.44
CA CYS K 222 -25.74 57.15 -48.59
C CYS K 222 -25.09 56.72 -49.91
N PRO K 223 -24.02 55.90 -49.85
CA PRO K 223 -23.27 55.55 -51.06
C PRO K 223 -23.88 54.46 -51.95
N VAL K 224 -25.06 53.94 -51.59
CA VAL K 224 -25.69 52.88 -52.39
C VAL K 224 -27.19 53.20 -52.57
N PRO K 225 -27.87 52.49 -53.51
CA PRO K 225 -29.20 52.86 -53.94
C PRO K 225 -30.15 52.88 -52.77
N ILE K 226 -31.04 53.89 -52.74
CA ILE K 226 -32.09 53.97 -51.73
C ILE K 226 -33.49 53.78 -52.32
N VAL K 227 -34.27 52.93 -51.66
CA VAL K 227 -35.64 52.66 -52.07
C VAL K 227 -36.52 53.10 -50.91
N ILE K 228 -37.68 53.72 -51.18
CA ILE K 228 -38.55 54.17 -50.09
C ILE K 228 -39.73 53.25 -49.90
N ALA K 229 -40.13 53.09 -48.65
CA ALA K 229 -41.32 52.36 -48.31
C ALA K 229 -42.53 53.31 -48.38
N GLY K 230 -43.69 52.72 -48.71
CA GLY K 230 -44.93 53.47 -48.85
C GLY K 230 -45.49 54.06 -47.56
N GLY K 231 -45.34 53.36 -46.43
CA GLY K 231 -45.96 53.76 -45.16
C GLY K 231 -47.47 53.54 -45.21
N LYS K 232 -48.19 54.04 -44.20
CA LYS K 232 -49.67 53.88 -44.10
C LYS K 232 -50.44 54.38 -45.32
N LYS K 233 -51.64 53.84 -45.52
CA LYS K 233 -52.46 54.19 -46.67
C LYS K 233 -52.75 55.68 -46.75
N LEU K 234 -52.50 56.25 -47.93
CA LEU K 234 -52.84 57.64 -48.19
C LEU K 234 -53.79 57.70 -49.37
N PRO K 235 -54.48 58.84 -49.53
CA PRO K 235 -55.26 59.02 -50.77
C PRO K 235 -54.32 58.90 -51.97
N GLU K 236 -54.76 58.19 -53.00
CA GLU K 236 -53.91 57.90 -54.14
C GLU K 236 -53.09 59.09 -54.60
N ARG K 237 -53.70 60.27 -54.72
CA ARG K 237 -52.93 61.39 -55.26
C ARG K 237 -51.79 61.85 -54.36
N GLU K 238 -51.97 61.71 -53.04
CA GLU K 238 -50.92 62.10 -52.10
C GLU K 238 -49.80 61.08 -52.08
N ALA K 239 -50.16 59.82 -52.30
CA ALA K 239 -49.15 58.77 -52.43
C ALA K 239 -48.28 59.00 -53.68
N LEU K 240 -48.92 59.37 -54.79
CA LEU K 240 -48.17 59.69 -56.02
C LEU K 240 -47.28 60.92 -55.85
N GLU K 241 -47.71 61.89 -55.05
CA GLU K 241 -46.86 63.02 -54.72
C GLU K 241 -45.60 62.57 -53.97
N MET K 242 -45.79 61.74 -52.96
CA MET K 242 -44.68 61.18 -52.20
C MET K 242 -43.65 60.48 -53.11
N CYS K 243 -44.13 59.61 -54.01
CA CYS K 243 -43.26 58.97 -55.00
C CYS K 243 -42.52 59.99 -55.79
N TRP K 244 -43.27 60.93 -56.38
CA TRP K 244 -42.69 61.96 -57.23
C TRP K 244 -41.59 62.68 -56.50
N GLN K 245 -41.84 63.11 -55.26
CA GLN K 245 -40.83 63.83 -54.48
C GLN K 245 -39.62 62.96 -54.26
N ALA K 246 -39.84 61.70 -53.86
CA ALA K 246 -38.72 60.80 -53.52
C ALA K 246 -37.82 60.59 -54.73
N ILE K 247 -38.43 60.27 -55.86
CA ILE K 247 -37.71 60.09 -57.10
C ILE K 247 -36.98 61.35 -57.49
N ASP K 248 -37.67 62.49 -57.46
CA ASP K 248 -37.10 63.78 -57.81
C ASP K 248 -35.90 64.15 -56.90
N GLN K 249 -35.94 63.69 -55.66
CA GLN K 249 -34.87 63.98 -54.73
C GLN K 249 -33.75 62.92 -54.70
N GLY K 250 -33.81 61.95 -55.64
CA GLY K 250 -32.74 60.99 -55.82
C GLY K 250 -32.97 59.54 -55.37
N ALA K 251 -34.14 59.18 -54.84
CA ALA K 251 -34.45 57.78 -54.57
C ALA K 251 -34.31 56.94 -55.84
N SER K 252 -33.89 55.68 -55.67
CA SER K 252 -33.68 54.77 -56.79
C SER K 252 -34.89 53.90 -57.03
N GLY K 253 -35.93 54.09 -56.24
CA GLY K 253 -37.15 53.34 -56.48
C GLY K 253 -38.11 53.47 -55.34
N VAL K 254 -39.27 52.87 -55.51
CA VAL K 254 -40.22 52.85 -54.42
C VAL K 254 -40.63 51.42 -54.20
N ASP K 255 -40.99 51.13 -52.96
CA ASP K 255 -41.50 49.82 -52.62
C ASP K 255 -42.80 50.02 -51.86
N MET K 256 -43.90 50.11 -52.61
CA MET K 256 -45.19 50.22 -51.98
C MET K 256 -45.85 48.90 -51.64
N GLY K 257 -46.57 48.91 -50.54
CA GLY K 257 -47.42 47.81 -50.18
C GLY K 257 -48.81 48.36 -50.03
N ARG K 258 -49.10 48.90 -48.86
CA ARG K 258 -50.43 49.29 -48.45
C ARG K 258 -51.03 50.20 -49.52
N ASN K 259 -50.27 51.23 -49.89
CA ASN K 259 -50.72 52.18 -50.93
C ASN K 259 -51.10 51.58 -52.28
N ILE K 260 -50.73 50.32 -52.50
CA ILE K 260 -51.17 49.62 -53.69
C ILE K 260 -52.26 48.59 -53.37
N PHE K 261 -51.98 47.67 -52.47
CA PHE K 261 -52.89 46.57 -52.29
C PHE K 261 -54.13 46.96 -51.47
N GLN K 262 -54.09 48.12 -50.80
CA GLN K 262 -55.28 48.60 -50.09
C GLN K 262 -56.05 49.63 -50.91
N SER K 263 -55.58 49.95 -52.11
CA SER K 263 -56.30 50.86 -53.00
C SER K 263 -57.49 50.16 -53.62
N ASP K 264 -58.50 50.92 -54.06
CA ASP K 264 -59.65 50.31 -54.72
C ASP K 264 -59.35 49.89 -56.15
N HIS K 265 -58.31 50.49 -56.73
CA HIS K 265 -57.90 50.16 -58.10
C HIS K 265 -56.38 49.94 -58.13
N PRO K 266 -55.95 48.77 -57.60
CA PRO K 266 -54.52 48.48 -57.44
C PRO K 266 -53.74 48.48 -58.74
N VAL K 267 -54.26 47.81 -59.77
CA VAL K 267 -53.55 47.76 -61.05
C VAL K 267 -53.31 49.19 -61.57
N ALA K 268 -54.32 50.05 -61.43
CA ALA K 268 -54.24 51.42 -61.97
C ALA K 268 -53.19 52.18 -61.22
N MET K 269 -53.21 52.06 -59.91
CA MET K 269 -52.23 52.71 -59.05
C MET K 269 -50.81 52.29 -59.43
N MET K 270 -50.62 51.02 -59.77
CA MET K 270 -49.28 50.55 -60.14
C MET K 270 -48.83 51.18 -61.44
N LYS K 271 -49.72 51.24 -62.42
CA LYS K 271 -49.38 51.89 -63.69
C LYS K 271 -49.02 53.37 -63.50
N ALA K 272 -49.74 54.04 -62.61
CA ALA K 272 -49.42 55.42 -62.21
C ALA K 272 -48.04 55.52 -61.59
N VAL K 273 -47.76 54.63 -60.62
CA VAL K 273 -46.49 54.63 -59.90
C VAL K 273 -45.35 54.40 -60.88
N GLN K 274 -45.56 53.49 -61.80
CA GLN K 274 -44.56 53.25 -62.83
C GLN K 274 -44.23 54.45 -63.68
N ALA K 275 -45.25 55.21 -64.08
CA ALA K 275 -45.04 56.44 -64.85
C ALA K 275 -44.20 57.50 -64.10
N VAL K 276 -44.48 57.70 -62.82
CA VAL K 276 -43.67 58.57 -62.00
C VAL K 276 -42.23 58.05 -61.89
N VAL K 277 -42.07 56.74 -61.68
CA VAL K 277 -40.79 56.19 -61.29
C VAL K 277 -39.88 56.00 -62.48
N HIS K 278 -40.42 55.45 -63.56
CA HIS K 278 -39.59 55.17 -64.74
C HIS K 278 -39.62 56.23 -65.85
N HIS K 279 -40.72 56.97 -65.93
CA HIS K 279 -40.96 57.81 -67.10
C HIS K 279 -41.03 59.31 -66.83
N ASN K 280 -40.56 59.76 -65.67
CA ASN K 280 -40.58 61.19 -65.37
C ASN K 280 -41.93 61.91 -65.46
N GLU K 281 -43.03 61.17 -65.38
CA GLU K 281 -44.33 61.79 -65.23
C GLU K 281 -44.46 62.65 -63.99
N THR K 282 -45.25 63.72 -64.13
CA THR K 282 -45.55 64.59 -63.01
C THR K 282 -46.59 63.92 -62.15
N ALA K 283 -46.68 64.34 -60.90
CA ALA K 283 -47.65 63.82 -59.97
C ALA K 283 -49.06 63.87 -60.58
N ASP K 284 -49.37 65.02 -61.21
CA ASP K 284 -50.72 65.28 -61.78
C ASP K 284 -51.08 64.37 -62.93
N ARG K 285 -50.20 64.33 -63.93
CA ARG K 285 -50.38 63.45 -65.09
C ARG K 285 -50.53 62.00 -64.65
N ALA K 286 -49.71 61.59 -63.70
CA ALA K 286 -49.80 60.27 -63.11
C ALA K 286 -51.17 60.03 -62.51
N TYR K 287 -51.71 60.99 -61.77
CA TYR K 287 -53.04 60.86 -61.17
C TYR K 287 -54.15 60.76 -62.20
N GLU K 288 -53.99 61.46 -63.32
CA GLU K 288 -54.94 61.36 -64.42
C GLU K 288 -54.87 60.00 -65.12
N LEU K 289 -53.64 59.52 -65.30
CA LEU K 289 -53.39 58.16 -65.76
C LEU K 289 -54.10 57.13 -64.86
N TYR K 290 -53.96 57.31 -63.54
CA TYR K 290 -54.67 56.49 -62.58
C TYR K 290 -56.17 56.57 -62.82
N LEU K 291 -56.71 57.78 -62.97
CA LEU K 291 -58.17 57.99 -63.13
C LEU K 291 -58.75 57.33 -64.39
N SER K 292 -57.95 57.26 -65.44
CA SER K 292 -58.36 56.54 -66.65
C SER K 292 -58.43 55.01 -66.54
N GLU K 293 -58.21 54.44 -65.33
CA GLU K 293 -58.69 53.08 -64.96
C GLU K 293 -59.31 53.07 -63.56
N GLY L 14 29.51 27.22 -68.38
CA GLY L 14 29.35 28.71 -68.29
C GLY L 14 28.35 29.21 -67.26
N LYS L 15 28.31 28.56 -66.09
CA LYS L 15 27.43 28.95 -64.98
C LYS L 15 28.22 29.47 -63.77
N ASP L 16 27.70 30.49 -63.09
CA ASP L 16 28.39 31.03 -61.94
C ASP L 16 27.60 31.01 -60.63
N PHE L 17 27.99 30.08 -59.76
CA PHE L 17 27.31 29.85 -58.48
C PHE L 17 27.87 30.67 -57.33
N ARG L 18 28.98 31.35 -57.58
CA ARG L 18 29.53 32.31 -56.62
C ARG L 18 29.72 31.62 -55.30
N THR L 19 30.40 30.48 -55.32
CA THR L 19 30.56 29.63 -54.14
C THR L 19 31.47 30.24 -53.09
N ASP L 20 32.11 31.35 -53.43
CA ASP L 20 32.99 32.06 -52.52
C ASP L 20 32.20 33.04 -51.65
N GLN L 21 30.91 33.21 -51.99
CA GLN L 21 30.03 34.14 -51.27
C GLN L 21 28.77 33.46 -50.74
N PRO L 22 28.77 33.16 -49.43
CA PRO L 22 27.68 32.34 -48.91
C PRO L 22 26.38 33.15 -48.80
N GLN L 23 25.25 32.48 -49.01
CA GLN L 23 23.93 33.11 -48.90
C GLN L 23 23.68 33.66 -47.49
N LYS L 24 23.02 34.80 -47.40
CA LYS L 24 22.80 35.44 -46.10
C LYS L 24 21.35 35.95 -45.99
N ASN L 25 20.69 35.68 -44.86
CA ASN L 25 19.32 36.16 -44.67
C ASN L 25 19.30 37.66 -44.40
N ILE L 26 18.37 38.36 -45.04
CA ILE L 26 18.18 39.77 -44.80
C ILE L 26 17.16 39.99 -43.68
N PRO L 27 17.58 40.65 -42.58
CA PRO L 27 16.69 40.80 -41.42
C PRO L 27 15.47 41.72 -41.71
N PHE L 28 14.38 41.42 -41.01
CA PHE L 28 13.17 42.20 -41.07
C PHE L 28 13.15 42.95 -39.77
N THR L 29 13.15 44.28 -39.85
CA THR L 29 13.40 45.09 -38.65
C THR L 29 12.15 45.69 -37.99
N LEU L 30 11.00 45.64 -38.68
CA LEU L 30 9.77 46.27 -38.15
C LEU L 30 9.50 45.72 -36.78
N LYS L 31 9.44 46.61 -35.79
CA LYS L 31 9.39 46.26 -34.36
C LYS L 31 8.46 45.10 -34.06
N GLY L 32 9.01 44.04 -33.50
CA GLY L 32 8.23 42.91 -32.99
C GLY L 32 7.58 42.04 -34.06
N CYS L 33 7.93 42.23 -35.32
CA CYS L 33 7.36 41.45 -36.40
C CYS L 33 8.43 40.58 -37.08
N GLY L 34 9.51 40.30 -36.33
CA GLY L 34 10.63 39.56 -36.92
C GLY L 34 10.45 38.05 -37.03
N ALA L 35 9.34 37.54 -36.50
CA ALA L 35 9.08 36.10 -36.51
C ALA L 35 7.71 35.76 -37.08
N LEU L 36 7.32 36.42 -38.18
CA LEU L 36 6.04 36.17 -38.84
C LEU L 36 6.31 35.57 -40.20
N ASP L 37 5.37 34.81 -40.72
CA ASP L 37 5.54 34.24 -42.04
C ASP L 37 5.60 35.34 -43.17
N TRP L 38 6.17 34.96 -44.31
CA TRP L 38 6.36 35.86 -45.41
C TRP L 38 5.15 36.76 -45.71
N GLY L 39 3.99 36.15 -45.93
CA GLY L 39 2.81 36.88 -46.37
C GLY L 39 2.42 37.94 -45.35
N MET L 40 2.44 37.59 -44.09
CA MET L 40 2.11 38.57 -43.06
C MET L 40 3.10 39.71 -43.04
N GLN L 41 4.39 39.39 -43.13
CA GLN L 41 5.41 40.41 -43.19
C GLN L 41 5.23 41.29 -44.43
N SER L 42 4.81 40.68 -45.53
CA SER L 42 4.60 41.38 -46.79
C SER L 42 3.46 42.37 -46.60
N ARG L 43 2.37 41.92 -45.99
CA ARG L 43 1.25 42.84 -45.73
C ARG L 43 1.69 44.00 -44.83
N LEU L 44 2.44 43.72 -43.78
CA LEU L 44 2.89 44.76 -42.89
C LEU L 44 3.78 45.77 -43.62
N SER L 45 4.57 45.29 -44.57
CA SER L 45 5.44 46.13 -45.36
C SER L 45 4.70 47.02 -46.32
N ARG L 46 3.44 46.74 -46.60
CA ARG L 46 2.66 47.62 -47.43
C ARG L 46 2.19 48.81 -46.58
N ILE L 47 2.05 48.56 -45.29
CA ILE L 47 1.59 49.56 -44.33
C ILE L 47 2.75 50.44 -43.85
N PHE L 48 3.76 49.81 -43.28
CA PHE L 48 4.91 50.53 -42.76
C PHE L 48 6.01 50.49 -43.79
N ASN L 49 6.33 51.66 -44.36
CA ASN L 49 7.43 51.79 -45.31
C ASN L 49 8.72 51.18 -44.76
N PRO L 50 9.33 50.22 -45.49
CA PRO L 50 10.49 49.47 -45.00
C PRO L 50 11.72 50.33 -44.72
N LYS L 51 11.91 51.38 -45.52
CA LYS L 51 13.00 52.33 -45.30
C LYS L 51 12.90 53.01 -43.93
N THR L 52 11.74 53.60 -43.65
CA THR L 52 11.57 54.46 -42.48
C THR L 52 10.99 53.73 -41.26
N GLY L 53 10.30 52.61 -41.52
CA GLY L 53 9.54 51.87 -40.48
C GLY L 53 8.28 52.57 -40.01
N LYS L 54 7.75 53.50 -40.80
CA LYS L 54 6.66 54.34 -40.34
C LYS L 54 5.54 54.41 -41.36
N THR L 55 4.37 54.87 -40.92
CA THR L 55 3.21 54.98 -41.81
C THR L 55 2.36 56.22 -41.56
N VAL L 56 1.83 56.79 -42.65
CA VAL L 56 0.82 57.83 -42.60
C VAL L 56 -0.49 57.25 -43.09
N MET L 57 -1.45 57.14 -42.19
CA MET L 57 -2.68 56.46 -42.48
C MET L 57 -3.84 57.46 -42.53
N LEU L 58 -4.67 57.37 -43.55
CA LEU L 58 -5.87 58.20 -43.61
C LEU L 58 -7.13 57.44 -43.19
N ALA L 59 -7.66 57.74 -42.00
CA ALA L 59 -8.83 57.04 -41.48
C ALA L 59 -10.10 57.78 -41.78
N PHE L 60 -11.09 57.06 -42.30
CA PHE L 60 -12.43 57.61 -42.53
C PHE L 60 -13.55 56.56 -42.31
N ASP L 61 -13.44 55.79 -41.23
CA ASP L 61 -14.38 54.71 -40.95
C ASP L 61 -15.41 55.19 -39.93
N HIS L 62 -15.27 56.45 -39.51
CA HIS L 62 -16.06 56.98 -38.39
C HIS L 62 -17.56 56.70 -38.54
N GLY L 63 -18.00 56.58 -39.80
CA GLY L 63 -19.39 56.33 -40.15
C GLY L 63 -19.98 55.08 -39.54
N TYR L 64 -19.13 54.13 -39.17
CA TYR L 64 -19.59 52.79 -38.79
C TYR L 64 -20.53 52.79 -37.60
N PHE L 65 -20.37 53.77 -36.72
CA PHE L 65 -21.27 53.90 -35.57
C PHE L 65 -21.83 55.33 -35.44
N GLN L 66 -21.38 56.23 -36.30
CA GLN L 66 -21.74 57.64 -36.21
C GLN L 66 -22.60 58.15 -37.34
N GLY L 67 -22.77 57.39 -38.42
CA GLY L 67 -23.48 57.90 -39.57
C GLY L 67 -22.65 59.01 -40.20
N PRO L 68 -23.30 59.91 -40.99
CA PRO L 68 -22.57 60.89 -41.80
C PRO L 68 -22.03 62.01 -40.93
N THR L 69 -20.81 61.82 -40.46
CA THR L 69 -20.12 62.76 -39.58
C THR L 69 -19.48 63.93 -40.40
N THR L 70 -19.25 65.08 -39.74
CA THR L 70 -18.75 66.30 -40.41
C THR L 70 -17.44 66.08 -41.17
N GLY L 71 -17.46 66.34 -42.47
CA GLY L 71 -16.30 66.10 -43.32
C GLY L 71 -16.42 64.82 -44.14
N LEU L 72 -17.19 63.87 -43.62
CA LEU L 72 -17.39 62.56 -44.25
C LEU L 72 -18.78 62.38 -44.87
N GLU L 73 -19.51 63.49 -45.04
CA GLU L 73 -20.85 63.42 -45.66
C GLU L 73 -20.74 62.83 -47.04
N ARG L 74 -19.71 63.23 -47.78
CA ARG L 74 -19.52 62.76 -49.15
C ARG L 74 -18.08 62.27 -49.37
N ILE L 75 -17.81 60.99 -49.08
CA ILE L 75 -16.45 60.44 -49.21
C ILE L 75 -16.02 60.55 -50.64
N ASP L 76 -16.98 60.33 -51.54
CA ASP L 76 -16.71 60.27 -52.96
C ASP L 76 -16.17 61.58 -53.55
N ILE L 77 -16.50 62.71 -52.93
CA ILE L 77 -16.14 64.01 -53.45
C ILE L 77 -15.05 64.62 -52.61
N ASN L 78 -15.26 64.63 -51.32
CA ASN L 78 -14.41 65.30 -50.38
C ASN L 78 -13.10 64.56 -50.07
N ILE L 79 -13.19 63.24 -49.92
CA ILE L 79 -12.07 62.43 -49.42
C ILE L 79 -11.31 61.74 -50.55
N ALA L 80 -12.01 61.42 -51.63
CA ALA L 80 -11.41 60.77 -52.79
C ALA L 80 -10.13 61.44 -53.31
N PRO L 81 -10.08 62.78 -53.42
CA PRO L 81 -8.83 63.43 -53.86
C PRO L 81 -7.68 63.31 -52.89
N LEU L 82 -7.93 62.87 -51.66
CA LEU L 82 -6.84 62.66 -50.68
C LEU L 82 -6.14 61.28 -50.75
N PHE L 83 -6.83 60.30 -51.33
CA PHE L 83 -6.31 58.92 -51.32
C PHE L 83 -4.83 58.87 -51.72
N GLU L 84 -4.52 59.44 -52.88
CA GLU L 84 -3.19 59.33 -53.45
C GLU L 84 -2.09 59.89 -52.53
N HIS L 85 -2.46 60.74 -51.57
CA HIS L 85 -1.47 61.32 -50.68
C HIS L 85 -1.25 60.54 -49.41
N ALA L 86 -2.00 59.44 -49.25
CA ALA L 86 -1.86 58.63 -48.04
C ALA L 86 -1.00 57.41 -48.30
N ASP L 87 -0.39 56.88 -47.24
CA ASP L 87 0.31 55.61 -47.33
C ASP L 87 -0.73 54.47 -47.37
N VAL L 88 -1.72 54.56 -46.50
CA VAL L 88 -2.72 53.54 -46.31
C VAL L 88 -4.08 54.15 -45.95
N LEU L 89 -5.15 53.53 -46.47
CA LEU L 89 -6.51 53.93 -46.20
C LEU L 89 -7.11 53.04 -45.13
N MET L 90 -7.97 53.61 -44.30
CA MET L 90 -8.66 52.83 -43.31
C MET L 90 -10.11 53.17 -43.40
N CYS L 91 -10.93 52.14 -43.64
CA CYS L 91 -12.37 52.32 -43.71
C CYS L 91 -13.11 50.99 -43.62
N THR L 92 -14.43 51.05 -43.77
CA THR L 92 -15.27 49.90 -43.70
C THR L 92 -15.42 49.26 -45.08
N ARG L 93 -15.82 47.99 -45.10
CA ARG L 93 -16.06 47.32 -46.38
C ARG L 93 -17.19 47.94 -47.20
N GLY L 94 -18.12 48.60 -46.53
CA GLY L 94 -19.23 49.22 -47.23
C GLY L 94 -18.84 50.44 -48.02
N ILE L 95 -18.02 51.30 -47.39
CA ILE L 95 -17.44 52.47 -48.04
C ILE L 95 -16.48 52.05 -49.13
N LEU L 96 -15.65 51.05 -48.83
CA LEU L 96 -14.64 50.55 -49.73
C LEU L 96 -15.23 50.13 -51.06
N ARG L 97 -16.21 49.22 -51.00
CA ARG L 97 -16.81 48.71 -52.23
C ARG L 97 -17.56 49.82 -52.96
N SER L 98 -18.23 50.67 -52.22
CA SER L 98 -19.17 51.58 -52.87
C SER L 98 -18.52 52.81 -53.49
N VAL L 99 -17.61 53.47 -52.77
CA VAL L 99 -17.00 54.71 -53.24
C VAL L 99 -15.47 54.82 -53.25
N VAL L 100 -14.73 53.83 -52.78
CA VAL L 100 -13.27 53.88 -52.97
C VAL L 100 -12.93 53.13 -54.26
N PRO L 101 -12.45 53.85 -55.28
CA PRO L 101 -12.17 53.19 -56.57
C PRO L 101 -11.05 52.20 -56.42
N PRO L 102 -11.25 50.94 -56.83
CA PRO L 102 -10.17 49.97 -56.69
C PRO L 102 -8.89 50.40 -57.39
N ALA L 103 -9.02 51.27 -58.39
CA ALA L 103 -7.84 51.80 -59.11
C ALA L 103 -6.96 52.69 -58.24
N THR L 104 -7.47 53.10 -57.09
CA THR L 104 -6.70 53.88 -56.13
C THR L 104 -5.35 53.25 -55.81
N ASN L 105 -5.26 51.91 -55.89
CA ASN L 105 -3.99 51.21 -55.66
C ASN L 105 -3.24 51.66 -54.39
N ARG L 106 -3.95 51.65 -53.29
CA ARG L 106 -3.39 52.04 -51.98
C ARG L 106 -3.79 50.94 -50.95
N PRO L 107 -2.87 50.53 -50.06
CA PRO L 107 -3.17 49.48 -49.08
C PRO L 107 -4.35 49.87 -48.21
N VAL L 108 -5.24 48.94 -47.87
CA VAL L 108 -6.34 49.27 -46.93
C VAL L 108 -6.34 48.43 -45.62
N VAL L 109 -6.70 49.07 -44.51
CA VAL L 109 -6.90 48.41 -43.26
C VAL L 109 -8.40 48.48 -43.04
N LEU L 110 -9.07 47.33 -42.93
CA LEU L 110 -10.51 47.32 -42.84
C LEU L 110 -11.02 47.37 -41.42
N ARG L 111 -12.00 48.25 -41.20
CA ARG L 111 -12.71 48.30 -39.91
C ARG L 111 -13.49 47.00 -39.81
N ALA L 112 -13.21 46.20 -38.78
CA ALA L 112 -13.82 44.86 -38.65
C ALA L 112 -14.67 44.70 -37.38
N SER L 113 -15.06 45.81 -36.78
CA SER L 113 -15.97 45.75 -35.66
C SER L 113 -17.12 46.75 -35.89
N GLY L 114 -18.19 46.55 -35.15
CA GLY L 114 -19.35 47.41 -35.28
C GLY L 114 -20.49 46.89 -34.44
N ALA L 115 -21.68 47.25 -34.89
CA ALA L 115 -22.96 46.91 -34.28
C ALA L 115 -23.26 47.75 -33.03
N ASN L 116 -22.46 48.78 -32.80
CA ASN L 116 -22.76 49.82 -31.81
C ASN L 116 -23.21 51.09 -32.55
N SER L 117 -23.70 52.06 -31.80
CA SER L 117 -23.97 53.37 -32.37
C SER L 117 -23.94 54.44 -31.29
N ILE L 118 -23.95 55.70 -31.71
CA ILE L 118 -23.94 56.83 -30.80
C ILE L 118 -25.19 56.91 -29.94
N LEU L 119 -26.24 56.18 -30.33
CA LEU L 119 -27.47 56.14 -29.57
C LEU L 119 -27.50 55.09 -28.48
N ALA L 120 -26.44 54.31 -28.31
CA ALA L 120 -26.41 53.27 -27.27
C ALA L 120 -25.03 53.16 -26.63
N GLU L 121 -24.85 52.15 -25.77
CA GLU L 121 -23.54 51.89 -25.16
C GLU L 121 -22.47 51.72 -26.24
N LEU L 122 -21.42 52.50 -26.11
CA LEU L 122 -20.38 52.61 -27.12
C LEU L 122 -19.54 51.36 -27.28
N SER L 123 -19.34 50.64 -26.17
CA SER L 123 -18.44 49.51 -26.15
C SER L 123 -19.11 48.25 -26.62
N ASN L 124 -20.40 48.31 -26.93
CA ASN L 124 -21.12 47.15 -27.38
C ASN L 124 -20.87 46.78 -28.81
N GLU L 125 -19.65 46.34 -29.09
CA GLU L 125 -19.22 45.98 -30.44
C GLU L 125 -19.10 44.49 -30.68
N ALA L 126 -19.36 44.08 -31.91
CA ALA L 126 -19.17 42.70 -32.35
C ALA L 126 -18.29 42.72 -33.58
N VAL L 127 -17.77 41.57 -33.97
CA VAL L 127 -16.99 41.47 -35.21
C VAL L 127 -17.92 41.75 -36.38
N ALA L 128 -17.49 42.63 -37.27
CA ALA L 128 -18.37 43.11 -38.32
C ALA L 128 -17.98 42.63 -39.71
N LEU L 129 -16.93 41.84 -39.83
CA LEU L 129 -16.70 41.16 -41.10
C LEU L 129 -15.92 39.89 -40.92
N SER L 130 -16.23 38.89 -41.73
CA SER L 130 -15.57 37.61 -41.64
C SER L 130 -14.20 37.74 -42.26
N MET L 131 -13.25 36.91 -41.83
CA MET L 131 -11.90 36.95 -42.39
C MET L 131 -11.98 36.62 -43.89
N ASP L 132 -12.86 35.69 -44.21
CA ASP L 132 -13.22 35.33 -45.55
C ASP L 132 -13.34 36.55 -46.48
N ASP L 133 -14.07 37.57 -46.05
CA ASP L 133 -14.32 38.75 -46.87
C ASP L 133 -13.11 39.72 -46.82
N ALA L 134 -12.43 39.80 -45.69
CA ALA L 134 -11.18 40.61 -45.63
C ALA L 134 -10.20 40.17 -46.70
N VAL L 135 -10.01 38.85 -46.79
CA VAL L 135 -9.18 38.25 -47.86
C VAL L 135 -9.74 38.54 -49.28
N ARG L 136 -11.04 38.37 -49.45
CA ARG L 136 -11.70 38.67 -50.72
C ARG L 136 -11.42 40.13 -51.19
N LEU L 137 -11.45 41.07 -50.25
CA LEU L 137 -11.15 42.47 -50.52
C LEU L 137 -9.67 42.83 -50.54
N ASN L 138 -8.78 41.86 -50.33
CA ASN L 138 -7.36 42.09 -50.40
C ASN L 138 -6.84 43.10 -49.37
N SER L 139 -7.34 43.03 -48.15
CA SER L 139 -6.85 43.83 -47.04
C SER L 139 -5.43 43.54 -46.69
N CYS L 140 -4.83 44.55 -46.06
CA CYS L 140 -3.52 44.39 -45.44
C CYS L 140 -3.61 44.10 -43.97
N ALA L 141 -4.72 44.48 -43.37
CA ALA L 141 -4.96 44.26 -41.95
C ALA L 141 -6.44 44.44 -41.64
N VAL L 142 -6.84 43.95 -40.48
CA VAL L 142 -8.20 44.17 -40.00
C VAL L 142 -8.11 44.87 -38.67
N ALA L 143 -9.10 45.72 -38.35
CA ALA L 143 -9.05 46.51 -37.13
C ALA L 143 -10.27 46.31 -36.28
N ALA L 144 -10.08 46.25 -34.95
CA ALA L 144 -11.21 46.20 -34.02
C ALA L 144 -10.90 46.96 -32.73
N GLN L 145 -11.93 47.53 -32.09
CA GLN L 145 -11.75 48.27 -30.86
C GLN L 145 -11.67 47.34 -29.67
N VAL L 146 -10.76 47.62 -28.78
CA VAL L 146 -10.79 47.03 -27.48
C VAL L 146 -11.26 48.15 -26.51
N TYR L 147 -12.10 47.83 -25.55
CA TYR L 147 -12.61 48.82 -24.62
C TYR L 147 -12.31 48.50 -23.16
N ILE L 148 -11.04 48.50 -22.78
CA ILE L 148 -10.66 48.18 -21.41
C ILE L 148 -11.34 49.16 -20.48
N GLY L 149 -11.93 48.65 -19.42
CA GLY L 149 -12.61 49.50 -18.47
C GLY L 149 -14.07 49.76 -18.79
N SER L 150 -14.55 49.38 -19.97
CA SER L 150 -15.97 49.60 -20.29
C SER L 150 -16.88 48.44 -19.97
N GLU L 151 -18.17 48.66 -20.14
CA GLU L 151 -19.16 47.65 -19.81
C GLU L 151 -18.91 46.36 -20.58
N TYR L 152 -18.61 46.48 -21.88
CA TYR L 152 -18.39 45.31 -22.73
C TYR L 152 -16.94 45.03 -23.01
N GLU L 153 -16.11 45.28 -22.01
CA GLU L 153 -14.68 45.03 -22.10
C GLU L 153 -14.40 43.62 -22.58
N HIS L 154 -15.09 42.65 -21.95
CA HIS L 154 -14.85 41.22 -22.17
C HIS L 154 -15.08 40.85 -23.63
N GLN L 155 -16.24 41.19 -24.15
CA GLN L 155 -16.54 40.93 -25.55
C GLN L 155 -15.52 41.59 -26.51
N SER L 156 -15.10 42.80 -26.18
CA SER L 156 -14.20 43.52 -27.08
C SER L 156 -12.87 42.81 -27.21
N ILE L 157 -12.37 42.23 -26.12
CA ILE L 157 -11.13 41.45 -26.22
C ILE L 157 -11.40 40.16 -26.98
N LYS L 158 -12.56 39.53 -26.74
CA LYS L 158 -12.91 38.32 -27.49
C LYS L 158 -12.87 38.60 -28.96
N ASN L 159 -13.43 39.74 -29.38
CA ASN L 159 -13.32 40.19 -30.77
C ASN L 159 -11.89 40.15 -31.29
N ILE L 160 -10.94 40.69 -30.52
CA ILE L 160 -9.52 40.68 -30.94
C ILE L 160 -8.97 39.23 -31.04
N ILE L 161 -9.21 38.43 -30.01
CA ILE L 161 -8.90 37.01 -30.05
C ILE L 161 -9.44 36.34 -31.33
N GLN L 162 -10.70 36.60 -31.63
CA GLN L 162 -11.31 35.96 -32.79
C GLN L 162 -10.56 36.34 -34.08
N LEU L 163 -10.35 37.64 -34.30
CA LEU L 163 -9.67 38.11 -35.51
C LEU L 163 -8.24 37.62 -35.61
N VAL L 164 -7.52 37.56 -34.48
CA VAL L 164 -6.16 37.03 -34.49
C VAL L 164 -6.21 35.55 -34.88
N ASP L 165 -7.07 34.77 -34.22
CA ASP L 165 -7.23 33.34 -34.58
C ASP L 165 -7.48 33.12 -36.07
N ALA L 166 -8.41 33.88 -36.63
CA ALA L 166 -8.75 33.75 -38.03
C ALA L 166 -7.67 34.31 -38.93
N GLY L 167 -6.98 35.37 -38.46
CA GLY L 167 -5.90 36.06 -39.21
C GLY L 167 -4.65 35.22 -39.40
N MET L 168 -4.27 34.48 -38.36
CA MET L 168 -3.13 33.60 -38.42
C MET L 168 -3.26 32.46 -39.41
N LYS L 169 -4.47 32.01 -39.69
CA LYS L 169 -4.67 30.95 -40.70
C LYS L 169 -4.33 31.43 -42.11
N VAL L 170 -4.19 32.74 -42.29
CA VAL L 170 -4.41 33.38 -43.59
C VAL L 170 -3.32 34.43 -43.86
N GLY L 171 -2.51 34.71 -42.82
CA GLY L 171 -1.45 35.69 -42.92
C GLY L 171 -1.94 37.14 -42.86
N MET L 172 -3.09 37.37 -42.25
CA MET L 172 -3.66 38.69 -42.14
C MET L 172 -3.39 39.24 -40.74
N PRO L 173 -2.69 40.38 -40.66
CA PRO L 173 -2.40 41.03 -39.40
C PRO L 173 -3.65 41.67 -38.81
N THR L 174 -3.71 41.72 -37.49
CA THR L 174 -4.82 42.39 -36.80
C THR L 174 -4.31 43.64 -36.09
N MET L 175 -5.08 44.73 -36.22
CA MET L 175 -4.83 45.96 -35.50
C MET L 175 -5.85 46.14 -34.40
N ALA L 176 -5.39 46.25 -33.17
CA ALA L 176 -6.28 46.58 -32.06
C ALA L 176 -6.26 48.10 -31.82
N VAL L 177 -7.43 48.68 -31.65
CA VAL L 177 -7.53 50.10 -31.38
C VAL L 177 -8.06 50.31 -29.97
N THR L 178 -7.36 51.08 -29.14
CA THR L 178 -7.79 51.27 -27.77
C THR L 178 -8.84 52.32 -27.66
N GLY L 179 -10.10 51.91 -27.61
CA GLY L 179 -11.23 52.87 -27.46
C GLY L 179 -11.50 53.19 -26.00
N VAL L 180 -12.04 54.37 -25.74
CA VAL L 180 -12.17 54.83 -24.34
C VAL L 180 -13.59 54.96 -23.81
N VAL L 185 -10.53 58.15 -17.54
CA VAL L 185 -9.28 58.91 -17.47
C VAL L 185 -8.30 58.51 -18.60
N ARG L 186 -7.88 59.50 -19.40
CA ARG L 186 -6.99 59.25 -20.55
C ARG L 186 -5.48 59.43 -20.28
N ASP L 187 -4.92 58.66 -19.34
CA ASP L 187 -3.51 58.81 -18.96
C ASP L 187 -2.61 57.62 -19.37
N GLN L 188 -1.32 57.74 -19.08
CA GLN L 188 -0.33 56.74 -19.46
C GLN L 188 -0.59 55.35 -18.86
N ARG L 189 -0.90 55.30 -17.58
CA ARG L 189 -1.05 54.01 -16.96
C ARG L 189 -2.25 53.25 -17.57
N TYR L 190 -3.29 53.98 -17.98
CA TYR L 190 -4.43 53.36 -18.64
C TYR L 190 -4.07 52.82 -20.03
N PHE L 191 -3.37 53.61 -20.81
CA PHE L 191 -3.06 53.17 -22.16
C PHE L 191 -2.01 52.11 -22.16
N SER L 192 -1.14 52.12 -21.15
CA SER L 192 -0.18 51.05 -20.99
C SER L 192 -0.91 49.74 -20.72
N LEU L 193 -1.94 49.81 -19.87
CA LEU L 193 -2.77 48.64 -19.60
C LEU L 193 -3.42 48.09 -20.87
N ALA L 194 -4.16 48.96 -21.57
CA ALA L 194 -4.89 48.60 -22.76
C ALA L 194 -4.02 48.10 -23.88
N THR L 195 -2.94 48.82 -24.16
CA THR L 195 -2.08 48.47 -25.30
C THR L 195 -1.36 47.17 -25.06
N ARG L 196 -0.82 47.00 -23.87
CA ARG L 196 -0.14 45.76 -23.55
C ARG L 196 -1.07 44.52 -23.59
N ILE L 197 -2.29 44.63 -23.05
CA ILE L 197 -3.22 43.52 -23.11
C ILE L 197 -3.49 43.09 -24.55
N ALA L 198 -3.86 44.05 -25.39
CA ALA L 198 -4.08 43.79 -26.79
C ALA L 198 -2.87 43.09 -27.45
N ALA L 199 -1.67 43.59 -27.20
CA ALA L 199 -0.48 43.01 -27.82
C ALA L 199 -0.29 41.56 -27.36
N GLU L 200 -0.57 41.34 -26.08
CA GLU L 200 -0.33 40.10 -25.41
C GLU L 200 -1.32 39.05 -25.97
N MET L 201 -2.53 39.49 -26.33
CA MET L 201 -3.53 38.63 -26.99
C MET L 201 -3.12 38.33 -28.43
N GLY L 202 -2.24 39.14 -29.00
CA GLY L 202 -1.65 38.80 -30.30
C GLY L 202 -1.87 39.76 -31.46
N ALA L 203 -2.46 40.92 -31.20
CA ALA L 203 -2.61 41.96 -32.25
C ALA L 203 -1.21 42.37 -32.71
N GLN L 204 -1.03 42.51 -34.02
CA GLN L 204 0.28 42.86 -34.56
C GLN L 204 0.49 44.36 -34.62
N ILE L 205 -0.59 45.12 -34.72
CA ILE L 205 -0.49 46.57 -34.69
C ILE L 205 -1.39 47.10 -33.58
N ILE L 206 -0.92 48.10 -32.85
CA ILE L 206 -1.78 48.78 -31.90
C ILE L 206 -1.96 50.26 -32.25
N LYS L 207 -3.20 50.72 -32.24
CA LYS L 207 -3.53 52.11 -32.41
C LYS L 207 -4.07 52.70 -31.09
N THR L 208 -3.47 53.82 -30.68
CA THR L 208 -3.82 54.43 -29.40
C THR L 208 -3.72 55.94 -29.52
N TYR L 209 -3.88 56.64 -28.40
CA TYR L 209 -3.87 58.11 -28.45
C TYR L 209 -2.58 58.66 -27.89
N TYR L 210 -2.16 59.82 -28.42
CA TYR L 210 -1.00 60.49 -27.83
C TYR L 210 -1.32 61.05 -26.45
N VAL L 211 -0.32 61.05 -25.57
CA VAL L 211 -0.51 61.53 -24.21
C VAL L 211 0.54 62.56 -23.82
N GLU L 212 0.12 63.62 -23.12
CA GLU L 212 1.02 64.74 -22.75
C GLU L 212 2.30 64.27 -22.06
N LYS L 213 2.14 63.30 -21.17
CA LYS L 213 3.29 62.77 -20.48
C LYS L 213 3.28 61.25 -20.34
N GLY L 214 4.44 60.65 -20.58
CA GLY L 214 4.61 59.22 -20.40
C GLY L 214 4.43 58.42 -21.66
N PHE L 215 4.10 59.08 -22.78
CA PHE L 215 3.87 58.38 -24.01
C PHE L 215 5.04 57.46 -24.32
N GLU L 216 6.24 57.88 -23.96
CA GLU L 216 7.43 57.08 -24.18
C GLU L 216 7.30 55.70 -23.57
N ARG L 217 6.63 55.62 -22.42
CA ARG L 217 6.47 54.38 -21.66
C ARG L 217 5.43 53.44 -22.31
N ILE L 218 4.41 54.05 -22.91
CA ILE L 218 3.42 53.30 -23.65
C ILE L 218 4.13 52.56 -24.79
N VAL L 219 5.02 53.25 -25.48
CA VAL L 219 5.73 52.68 -26.62
C VAL L 219 6.69 51.61 -26.14
N ALA L 220 7.40 51.89 -25.07
CA ALA L 220 8.44 50.97 -24.59
C ALA L 220 7.81 49.66 -24.10
N GLY L 221 6.64 49.79 -23.47
CA GLY L 221 6.00 48.65 -22.87
C GLY L 221 5.21 47.81 -23.86
N CYS L 222 5.15 48.26 -25.11
CA CYS L 222 4.37 47.57 -26.11
C CYS L 222 5.30 46.93 -27.14
N PRO L 223 5.26 45.58 -27.31
CA PRO L 223 6.25 44.90 -28.16
C PRO L 223 5.98 44.98 -29.65
N VAL L 224 4.98 45.74 -30.07
CA VAL L 224 4.66 45.82 -31.50
C VAL L 224 4.40 47.27 -31.92
N PRO L 225 4.37 47.55 -33.23
CA PRO L 225 4.25 48.92 -33.71
C PRO L 225 3.04 49.65 -33.14
N ILE L 226 3.25 50.90 -32.73
CA ILE L 226 2.15 51.74 -32.28
C ILE L 226 1.84 52.89 -33.26
N VAL L 227 0.56 53.07 -33.57
CA VAL L 227 0.12 54.17 -34.39
C VAL L 227 -0.82 55.05 -33.54
N ILE L 228 -0.75 56.36 -33.71
CA ILE L 228 -1.60 57.23 -32.92
C ILE L 228 -2.79 57.74 -33.70
N ALA L 229 -3.91 57.89 -33.03
CA ALA L 229 -5.06 58.51 -33.62
C ALA L 229 -4.94 60.02 -33.43
N GLY L 230 -5.51 60.75 -34.39
CA GLY L 230 -5.52 62.21 -34.39
C GLY L 230 -6.31 62.90 -33.27
N GLY L 231 -7.48 62.34 -32.94
CA GLY L 231 -8.36 62.97 -31.95
C GLY L 231 -9.10 64.12 -32.61
N LYS L 232 -9.84 64.90 -31.81
CA LYS L 232 -10.62 66.06 -32.27
C LYS L 232 -9.76 67.12 -32.98
N LYS L 233 -10.43 67.90 -33.81
CA LYS L 233 -9.76 68.89 -34.67
C LYS L 233 -9.01 69.92 -33.85
N LEU L 234 -7.75 70.09 -34.20
CA LEU L 234 -6.89 71.09 -33.55
C LEU L 234 -6.45 72.07 -34.65
N PRO L 235 -5.92 73.24 -34.26
CA PRO L 235 -5.25 74.12 -35.24
C PRO L 235 -4.07 73.38 -35.87
N GLU L 236 -3.91 73.49 -37.18
CA GLU L 236 -2.92 72.70 -37.90
C GLU L 236 -1.55 72.63 -37.20
N ARG L 237 -1.06 73.75 -36.68
CA ARG L 237 0.27 73.72 -36.12
C ARG L 237 0.33 72.84 -34.88
N GLU L 238 -0.71 72.85 -34.08
CA GLU L 238 -0.71 72.03 -32.86
C GLU L 238 -0.81 70.54 -33.21
N ALA L 239 -1.57 70.25 -34.26
CA ALA L 239 -1.69 68.89 -34.74
C ALA L 239 -0.32 68.39 -35.21
N LEU L 240 0.42 69.25 -35.92
CA LEU L 240 1.75 68.87 -36.34
C LEU L 240 2.72 68.70 -35.17
N GLU L 241 2.48 69.41 -34.08
CA GLU L 241 3.30 69.24 -32.89
C GLU L 241 3.06 67.88 -32.28
N MET L 242 1.79 67.52 -32.16
CA MET L 242 1.40 66.21 -31.65
C MET L 242 2.08 65.09 -32.44
N CYS L 243 1.99 65.12 -33.77
CA CYS L 243 2.68 64.16 -34.60
C CYS L 243 4.16 64.13 -34.28
N TRP L 244 4.78 65.31 -34.31
CA TRP L 244 6.20 65.41 -34.06
C TRP L 244 6.54 64.72 -32.75
N GLN L 245 5.81 65.04 -31.70
CA GLN L 245 6.08 64.47 -30.39
C GLN L 245 5.92 62.94 -30.38
N ALA L 246 4.83 62.46 -30.99
CA ALA L 246 4.54 61.02 -31.03
C ALA L 246 5.64 60.26 -31.77
N ILE L 247 5.98 60.76 -32.95
CA ILE L 247 7.08 60.17 -33.72
C ILE L 247 8.37 60.22 -32.92
N ASP L 248 8.68 61.38 -32.37
CA ASP L 248 9.94 61.56 -31.64
C ASP L 248 10.02 60.58 -30.47
N GLN L 249 8.87 60.32 -29.87
CA GLN L 249 8.82 59.45 -28.70
C GLN L 249 8.65 57.96 -29.04
N GLY L 250 8.70 57.61 -30.32
CA GLY L 250 8.73 56.20 -30.72
C GLY L 250 7.55 55.60 -31.44
N ALA L 251 6.49 56.36 -31.67
CA ALA L 251 5.38 55.92 -32.49
C ALA L 251 5.87 55.48 -33.87
N SER L 252 5.20 54.49 -34.46
CA SER L 252 5.53 54.00 -35.79
C SER L 252 4.68 54.65 -36.90
N GLY L 253 3.80 55.56 -36.51
CA GLY L 253 3.02 56.25 -37.52
C GLY L 253 1.89 57.01 -36.90
N VAL L 254 1.16 57.71 -37.74
CA VAL L 254 -0.01 58.43 -37.27
C VAL L 254 -1.15 58.12 -38.19
N ASP L 255 -2.34 58.20 -37.64
CA ASP L 255 -3.52 57.90 -38.38
C ASP L 255 -4.47 59.01 -38.09
N MET L 256 -4.38 60.05 -38.90
CA MET L 256 -5.31 61.15 -38.79
C MET L 256 -6.58 60.99 -39.60
N GLY L 257 -7.65 61.54 -39.04
CA GLY L 257 -8.90 61.66 -39.73
C GLY L 257 -9.28 63.11 -39.69
N ARG L 258 -9.95 63.49 -38.62
CA ARG L 258 -10.49 64.84 -38.51
C ARG L 258 -9.45 65.91 -38.83
N ASN L 259 -8.25 65.79 -38.22
CA ASN L 259 -7.21 66.79 -38.41
C ASN L 259 -6.78 66.95 -39.84
N ILE L 260 -7.19 66.04 -40.70
CA ILE L 260 -6.92 66.16 -42.15
C ILE L 260 -8.17 66.55 -42.91
N PHE L 261 -9.23 65.76 -42.81
CA PHE L 261 -10.40 65.98 -43.66
C PHE L 261 -11.26 67.17 -43.22
N GLN L 262 -11.05 67.61 -41.97
CA GLN L 262 -11.71 68.82 -41.49
C GLN L 262 -10.88 70.10 -41.64
N SER L 263 -9.65 69.98 -42.12
CA SER L 263 -8.80 71.16 -42.38
C SER L 263 -9.28 71.89 -43.62
N ASP L 264 -8.97 73.17 -43.74
CA ASP L 264 -9.30 73.91 -44.96
C ASP L 264 -8.38 73.57 -46.14
N HIS L 265 -7.19 73.06 -45.82
CA HIS L 265 -6.23 72.65 -46.85
C HIS L 265 -5.72 71.24 -46.59
N PRO L 266 -6.57 70.23 -46.82
CA PRO L 266 -6.27 68.84 -46.48
C PRO L 266 -5.02 68.29 -47.18
N VAL L 267 -4.87 68.55 -48.48
CA VAL L 267 -3.74 68.02 -49.22
C VAL L 267 -2.43 68.56 -48.63
N ALA L 268 -2.44 69.84 -48.26
CA ALA L 268 -1.24 70.49 -47.71
C ALA L 268 -0.90 69.88 -46.36
N MET L 269 -1.93 69.69 -45.55
CA MET L 269 -1.76 69.11 -44.21
C MET L 269 -1.14 67.69 -44.28
N MET L 270 -1.55 66.90 -45.26
CA MET L 270 -1.00 65.57 -45.44
C MET L 270 0.45 65.61 -45.82
N LYS L 271 0.81 66.55 -46.69
CA LYS L 271 2.21 66.71 -47.11
C LYS L 271 3.03 67.09 -45.91
N ALA L 272 2.49 67.94 -45.05
CA ALA L 272 3.19 68.35 -43.84
C ALA L 272 3.37 67.15 -42.92
N VAL L 273 2.28 66.41 -42.73
CA VAL L 273 2.29 65.23 -41.85
C VAL L 273 3.35 64.23 -42.33
N GLN L 274 3.41 64.06 -43.64
CA GLN L 274 4.40 63.18 -44.22
C GLN L 274 5.82 63.58 -43.95
N ALA L 275 6.08 64.89 -44.01
CA ALA L 275 7.43 65.41 -43.71
C ALA L 275 7.83 65.09 -42.28
N VAL L 276 6.92 65.34 -41.33
CA VAL L 276 7.18 64.98 -39.94
C VAL L 276 7.43 63.48 -39.75
N VAL L 277 6.59 62.67 -40.38
CA VAL L 277 6.56 61.23 -40.12
C VAL L 277 7.70 60.45 -40.78
N HIS L 278 7.91 60.71 -42.07
CA HIS L 278 8.95 60.01 -42.81
C HIS L 278 10.31 60.72 -42.91
N HIS L 279 10.32 62.04 -42.86
CA HIS L 279 11.52 62.79 -43.20
C HIS L 279 12.13 63.60 -42.06
N ASN L 280 11.76 63.31 -40.82
CA ASN L 280 12.37 63.99 -39.66
C ASN L 280 12.27 65.51 -39.62
N GLU L 281 11.33 66.05 -40.38
CA GLU L 281 11.07 67.49 -40.30
C GLU L 281 10.69 67.92 -38.90
N THR L 282 11.02 69.14 -38.55
CA THR L 282 10.62 69.72 -37.28
C THR L 282 9.18 70.18 -37.44
N ALA L 283 8.52 70.37 -36.30
CA ALA L 283 7.14 70.86 -36.29
C ALA L 283 7.00 72.17 -37.08
N ASP L 284 7.94 73.09 -36.86
CA ASP L 284 7.95 74.40 -37.50
C ASP L 284 8.11 74.32 -39.00
N ARG L 285 9.18 73.69 -39.47
CA ARG L 285 9.42 73.54 -40.91
C ARG L 285 8.20 72.93 -41.55
N ALA L 286 7.66 71.88 -40.93
CA ALA L 286 6.44 71.23 -41.37
C ALA L 286 5.29 72.22 -41.54
N TYR L 287 5.09 73.08 -40.53
CA TYR L 287 4.07 74.13 -40.61
C TYR L 287 4.28 75.12 -41.77
N GLU L 288 5.53 75.46 -42.05
CA GLU L 288 5.85 76.34 -43.15
C GLU L 288 5.63 75.63 -44.46
N LEU L 289 5.96 74.33 -44.50
CA LEU L 289 5.66 73.48 -45.66
C LEU L 289 4.15 73.49 -45.93
N TYR L 290 3.39 73.41 -44.84
CA TYR L 290 1.92 73.50 -44.91
C TYR L 290 1.46 74.82 -45.52
N LEU L 291 1.98 75.92 -44.97
CA LEU L 291 1.63 77.28 -45.42
C LEU L 291 1.91 77.58 -46.89
N SER L 292 2.95 76.95 -47.44
CA SER L 292 3.24 77.04 -48.87
C SER L 292 2.22 76.34 -49.81
N GLU L 293 1.15 75.75 -49.26
CA GLU L 293 -0.07 75.41 -50.02
C GLU L 293 -1.34 75.80 -49.25
N GLY M 14 24.25 -13.24 -42.75
CA GLY M 14 24.98 -12.37 -41.78
C GLY M 14 24.12 -11.32 -41.06
N LYS M 15 22.91 -11.74 -40.65
CA LYS M 15 22.00 -10.87 -39.88
C LYS M 15 21.76 -11.40 -38.45
N ASP M 16 21.66 -10.49 -37.48
CA ASP M 16 21.47 -10.91 -36.06
C ASP M 16 20.20 -10.36 -35.39
N PHE M 17 19.18 -11.22 -35.33
CA PHE M 17 17.88 -10.90 -34.76
C PHE M 17 17.79 -11.07 -33.24
N ARG M 18 18.82 -11.62 -32.65
CA ARG M 18 18.91 -11.76 -31.21
C ARG M 18 17.64 -12.40 -30.65
N THR M 19 17.26 -13.53 -31.25
CA THR M 19 16.05 -14.26 -30.89
C THR M 19 16.06 -14.84 -29.47
N ASP M 20 17.20 -14.76 -28.81
CA ASP M 20 17.32 -15.25 -27.44
C ASP M 20 16.92 -14.15 -26.43
N GLN M 21 16.73 -12.93 -26.91
CA GLN M 21 16.39 -11.81 -26.03
C GLN M 21 15.12 -11.08 -26.50
N PRO M 22 13.99 -11.32 -25.80
CA PRO M 22 12.71 -10.84 -26.28
C PRO M 22 12.59 -9.33 -26.07
N GLN M 23 11.92 -8.66 -27.01
CA GLN M 23 11.65 -7.22 -26.94
C GLN M 23 10.85 -6.88 -25.69
N LYS M 24 11.17 -5.75 -25.08
CA LYS M 24 10.53 -5.37 -23.84
C LYS M 24 10.14 -3.87 -23.82
N ASN M 25 8.89 -3.57 -23.44
CA ASN M 25 8.43 -2.18 -23.39
C ASN M 25 9.08 -1.41 -22.25
N ILE M 26 9.51 -0.18 -22.56
CA ILE M 26 10.08 0.66 -21.55
C ILE M 26 8.99 1.55 -20.88
N PRO M 27 8.77 1.36 -19.58
CA PRO M 27 7.71 2.11 -18.91
C PRO M 27 7.90 3.62 -18.93
N PHE M 28 6.79 4.37 -19.03
CA PHE M 28 6.80 5.81 -18.87
C PHE M 28 6.34 6.08 -17.45
N THR M 29 7.12 6.81 -16.66
CA THR M 29 6.84 6.83 -15.23
C THR M 29 6.25 8.15 -14.72
N LEU M 30 6.30 9.20 -15.54
CA LEU M 30 5.63 10.48 -15.18
C LEU M 30 4.24 10.24 -14.59
N LYS M 31 4.06 10.69 -13.35
CA LYS M 31 2.83 10.45 -12.61
C LYS M 31 1.57 10.65 -13.43
N GLY M 32 0.78 9.59 -13.57
CA GLY M 32 -0.54 9.66 -14.20
C GLY M 32 -0.54 9.87 -15.70
N CYS M 33 0.62 9.66 -16.33
CA CYS M 33 0.73 9.92 -17.74
C CYS M 33 1.14 8.70 -18.48
N GLY M 34 0.94 7.56 -17.84
CA GLY M 34 1.38 6.32 -18.46
C GLY M 34 0.49 5.69 -19.54
N ALA M 35 -0.66 6.31 -19.82
CA ALA M 35 -1.58 5.78 -20.83
C ALA M 35 -1.97 6.85 -21.87
N LEU M 36 -0.98 7.66 -22.27
CA LEU M 36 -1.17 8.66 -23.32
C LEU M 36 -0.42 8.24 -24.56
N ASP M 37 -0.86 8.73 -25.71
CA ASP M 37 -0.22 8.44 -26.99
C ASP M 37 1.17 9.04 -27.04
N TRP M 38 2.02 8.46 -27.88
CA TRP M 38 3.42 8.86 -28.01
C TRP M 38 3.66 10.38 -28.02
N GLY M 39 2.98 11.09 -28.92
CA GLY M 39 3.19 12.52 -29.10
C GLY M 39 2.90 13.32 -27.85
N MET M 40 1.78 13.06 -27.19
CA MET M 40 1.51 13.66 -25.91
C MET M 40 2.58 13.34 -24.85
N GLN M 41 3.02 12.10 -24.77
CA GLN M 41 4.12 11.74 -23.81
C GLN M 41 5.44 12.42 -24.19
N SER M 42 5.65 12.56 -25.48
CA SER M 42 6.80 13.31 -25.97
C SER M 42 6.77 14.78 -25.56
N ARG M 43 5.62 15.43 -25.68
CA ARG M 43 5.54 16.84 -25.27
C ARG M 43 5.71 16.96 -23.76
N LEU M 44 5.09 16.06 -22.99
CA LEU M 44 5.28 16.07 -21.51
C LEU M 44 6.74 15.84 -21.13
N SER M 45 7.45 15.08 -21.93
CA SER M 45 8.86 14.81 -21.64
C SER M 45 9.75 16.00 -21.93
N ARG M 46 9.28 16.95 -22.75
CA ARG M 46 10.03 18.16 -22.96
C ARG M 46 9.92 19.04 -21.73
N ILE M 47 8.79 18.93 -21.03
CA ILE M 47 8.51 19.79 -19.89
C ILE M 47 9.15 19.20 -18.62
N PHE M 48 8.80 17.95 -18.31
CA PHE M 48 9.33 17.26 -17.15
C PHE M 48 10.51 16.37 -17.53
N ASN M 49 11.70 16.75 -17.06
CA ASN M 49 12.90 15.96 -17.31
C ASN M 49 12.70 14.50 -16.95
N PRO M 50 12.92 13.59 -17.91
CA PRO M 50 12.60 12.16 -17.68
C PRO M 50 13.41 11.52 -16.55
N LYS M 51 14.64 11.99 -16.35
CA LYS M 51 15.50 11.45 -15.29
C LYS M 51 14.92 11.78 -13.92
N THR M 52 14.57 13.04 -13.71
CA THR M 52 14.16 13.49 -12.37
C THR M 52 12.63 13.54 -12.19
N GLY M 53 11.91 13.55 -13.31
CA GLY M 53 10.47 13.74 -13.28
C GLY M 53 10.00 15.13 -12.84
N LYS M 54 10.90 16.12 -12.92
CA LYS M 54 10.61 17.48 -12.43
C LYS M 54 10.88 18.56 -13.45
N THR M 55 10.35 19.75 -13.20
CA THR M 55 10.51 20.84 -14.11
C THR M 55 10.76 22.17 -13.36
N VAL M 56 11.60 23.02 -13.95
CA VAL M 56 11.68 24.42 -13.56
C VAL M 56 11.12 25.28 -14.69
N MET M 57 10.08 26.03 -14.38
CA MET M 57 9.36 26.74 -15.40
C MET M 57 9.46 28.22 -15.11
N LEU M 58 9.77 29.01 -16.14
CA LEU M 58 9.83 30.45 -16.00
C LEU M 58 8.58 31.12 -16.61
N ALA M 59 7.69 31.60 -15.75
CA ALA M 59 6.44 32.21 -16.19
C ALA M 59 6.52 33.72 -16.28
N PHE M 60 6.10 34.25 -17.41
CA PHE M 60 6.01 35.68 -17.61
C PHE M 60 4.80 36.08 -18.50
N ASP M 61 3.64 35.51 -18.20
CA ASP M 61 2.42 35.74 -18.96
C ASP M 61 1.52 36.70 -18.23
N HIS M 62 2.02 37.26 -17.13
CA HIS M 62 1.24 38.11 -16.25
C HIS M 62 0.56 39.27 -16.94
N GLY M 63 1.19 39.75 -18.01
CA GLY M 63 0.67 40.86 -18.81
C GLY M 63 -0.70 40.63 -19.42
N TYR M 64 -1.16 39.36 -19.49
CA TYR M 64 -2.36 39.04 -20.26
C TYR M 64 -3.59 39.71 -19.72
N PHE M 65 -3.59 39.97 -18.43
CA PHE M 65 -4.67 40.75 -17.82
C PHE M 65 -4.20 41.94 -16.98
N GLN M 66 -2.87 42.07 -16.83
CA GLN M 66 -2.33 43.12 -15.94
C GLN M 66 -1.58 44.23 -16.65
N GLY M 67 -1.30 44.07 -17.94
CA GLY M 67 -0.51 45.02 -18.69
C GLY M 67 0.92 44.93 -18.20
N PRO M 68 1.72 46.03 -18.37
CA PRO M 68 3.16 46.00 -18.02
C PRO M 68 3.37 45.99 -16.51
N THR M 69 3.47 44.80 -15.95
CA THR M 69 3.64 44.62 -14.53
C THR M 69 5.12 44.70 -14.16
N THR M 70 5.43 45.02 -12.90
CA THR M 70 6.82 45.25 -12.46
C THR M 70 7.78 44.09 -12.73
N GLY M 71 8.84 44.36 -13.48
CA GLY M 71 9.82 43.34 -13.82
C GLY M 71 9.57 42.83 -15.22
N LEU M 72 8.35 43.05 -15.73
CA LEU M 72 7.97 42.62 -17.09
C LEU M 72 7.69 43.76 -18.07
N GLU M 73 8.21 44.96 -17.75
CA GLU M 73 8.03 46.13 -18.62
C GLU M 73 8.74 45.88 -19.94
N ARG M 74 9.90 45.22 -19.87
CA ARG M 74 10.71 44.94 -21.09
C ARG M 74 11.17 43.50 -21.10
N ILE M 75 10.35 42.61 -21.65
CA ILE M 75 10.65 41.19 -21.68
C ILE M 75 11.92 41.01 -22.48
N ASP M 76 12.01 41.79 -23.56
CA ASP M 76 13.11 41.71 -24.51
C ASP M 76 14.51 41.97 -23.94
N ILE M 77 14.58 42.72 -22.84
CA ILE M 77 15.86 43.14 -22.28
C ILE M 77 16.09 42.40 -21.00
N ASN M 78 15.08 42.44 -20.15
CA ASN M 78 15.15 42.00 -18.78
C ASN M 78 15.04 40.48 -18.62
N ILE M 79 14.14 39.86 -19.39
CA ILE M 79 13.79 38.44 -19.22
C ILE M 79 14.49 37.55 -20.24
N ALA M 80 14.70 38.08 -21.43
CA ALA M 80 15.45 37.37 -22.48
C ALA M 80 16.77 36.66 -22.04
N PRO M 81 17.61 37.33 -21.19
CA PRO M 81 18.83 36.62 -20.73
C PRO M 81 18.55 35.43 -19.82
N LEU M 82 17.35 35.32 -19.28
CA LEU M 82 16.99 34.22 -18.40
C LEU M 82 16.56 32.93 -19.10
N PHE M 83 16.14 33.03 -20.36
CA PHE M 83 15.52 31.92 -21.06
C PHE M 83 16.39 30.69 -20.96
N GLU M 84 17.66 30.83 -21.31
CA GLU M 84 18.56 29.70 -21.38
C GLU M 84 18.71 28.92 -20.07
N HIS M 85 18.37 29.56 -18.96
CA HIS M 85 18.47 28.89 -17.66
C HIS M 85 17.20 28.20 -17.19
N ALA M 86 16.13 28.33 -17.96
CA ALA M 86 14.88 27.66 -17.58
C ALA M 86 14.73 26.32 -18.31
N ASP M 87 13.94 25.40 -17.74
CA ASP M 87 13.53 24.19 -18.43
C ASP M 87 12.44 24.47 -19.47
N VAL M 88 11.47 25.31 -19.09
CA VAL M 88 10.35 25.62 -19.98
C VAL M 88 9.88 27.05 -19.77
N LEU M 89 9.49 27.71 -20.85
CA LEU M 89 8.94 29.06 -20.82
C LEU M 89 7.43 29.07 -20.80
N MET M 90 6.84 29.97 -20.03
CA MET M 90 5.40 30.13 -20.08
C MET M 90 5.00 31.55 -20.38
N CYS M 91 4.21 31.75 -21.43
CA CYS M 91 3.80 33.10 -21.81
C CYS M 91 2.67 33.10 -22.85
N THR M 92 2.30 34.29 -23.34
CA THR M 92 1.25 34.40 -24.31
C THR M 92 1.79 34.34 -25.73
N ARG M 93 0.91 34.05 -26.69
CA ARG M 93 1.35 33.99 -28.08
C ARG M 93 1.80 35.36 -28.60
N GLY M 94 1.31 36.42 -27.94
CA GLY M 94 1.64 37.77 -28.33
C GLY M 94 3.07 38.07 -27.98
N ILE M 95 3.45 37.75 -26.75
CA ILE M 95 4.83 37.93 -26.34
C ILE M 95 5.76 36.97 -27.08
N LEU M 96 5.32 35.74 -27.28
CA LEU M 96 6.13 34.73 -27.91
C LEU M 96 6.52 35.12 -29.30
N ARG M 97 5.55 35.49 -30.14
CA ARG M 97 5.89 35.91 -31.53
C ARG M 97 6.72 37.18 -31.59
N SER M 98 6.41 38.12 -30.69
CA SER M 98 7.04 39.44 -30.79
C SER M 98 8.47 39.52 -30.22
N VAL M 99 8.73 38.90 -29.06
CA VAL M 99 10.03 39.12 -28.39
C VAL M 99 10.75 37.89 -27.82
N VAL M 100 10.14 36.71 -27.93
CA VAL M 100 10.87 35.49 -27.62
C VAL M 100 11.53 34.97 -28.89
N PRO M 101 12.88 35.04 -28.98
CA PRO M 101 13.51 34.59 -30.22
C PRO M 101 13.30 33.12 -30.42
N PRO M 102 12.78 32.72 -31.59
CA PRO M 102 12.58 31.26 -31.82
C PRO M 102 13.84 30.41 -31.67
N ALA M 103 15.00 31.01 -31.88
CA ALA M 103 16.29 30.33 -31.64
C ALA M 103 16.50 29.91 -30.18
N THR M 104 15.73 30.47 -29.26
CA THR M 104 15.88 30.17 -27.83
C THR M 104 15.87 28.66 -27.58
N ASN M 105 15.12 27.92 -28.42
CA ASN M 105 15.12 26.45 -28.38
C ASN M 105 14.81 25.89 -27.02
N ARG M 106 13.71 26.38 -26.45
CA ARG M 106 13.22 26.01 -25.12
C ARG M 106 11.70 25.68 -25.23
N PRO M 107 11.24 24.60 -24.59
CA PRO M 107 9.80 24.23 -24.68
C PRO M 107 8.91 25.37 -24.15
N VAL M 108 7.74 25.57 -24.75
CA VAL M 108 6.84 26.61 -24.26
C VAL M 108 5.45 26.11 -23.94
N VAL M 109 4.95 26.57 -22.79
CA VAL M 109 3.57 26.37 -22.41
C VAL M 109 2.83 27.69 -22.67
N LEU M 110 1.83 27.66 -23.54
CA LEU M 110 1.12 28.89 -23.91
C LEU M 110 -0.06 29.19 -23.02
N ARG M 111 -0.12 30.42 -22.52
CA ARG M 111 -1.32 30.91 -21.81
C ARG M 111 -2.45 30.96 -22.82
N ALA M 112 -3.55 30.25 -22.55
CA ALA M 112 -4.61 30.12 -23.53
C ALA M 112 -5.96 30.64 -23.03
N SER M 113 -5.92 31.44 -21.98
CA SER M 113 -7.12 32.09 -21.49
C SER M 113 -6.84 33.56 -21.31
N GLY M 114 -7.90 34.36 -21.24
CA GLY M 114 -7.75 35.81 -21.22
C GLY M 114 -9.10 36.45 -21.33
N ALA M 115 -9.10 37.71 -21.76
CA ALA M 115 -10.30 38.57 -21.91
C ALA M 115 -10.84 39.08 -20.57
N ASN M 116 -10.04 38.90 -19.53
CA ASN M 116 -10.29 39.57 -18.25
C ASN M 116 -9.25 40.69 -18.11
N SER M 117 -9.39 41.50 -17.08
CA SER M 117 -8.34 42.47 -16.71
C SER M 117 -8.48 42.87 -15.27
N ILE M 118 -7.45 43.54 -14.75
CA ILE M 118 -7.48 44.04 -13.36
C ILE M 118 -8.56 45.09 -13.11
N LEU M 119 -9.15 45.66 -14.15
CA LEU M 119 -10.22 46.62 -13.97
C LEU M 119 -11.63 46.01 -13.88
N ALA M 120 -11.75 44.69 -13.95
CA ALA M 120 -13.07 44.08 -13.87
C ALA M 120 -13.01 42.76 -13.11
N GLU M 121 -14.11 41.99 -13.15
CA GLU M 121 -14.14 40.69 -12.51
C GLU M 121 -13.03 39.77 -13.03
N LEU M 122 -12.25 39.24 -12.09
CA LEU M 122 -11.04 38.50 -12.41
C LEU M 122 -11.28 37.16 -13.08
N SER M 123 -12.36 36.49 -12.65
CA SER M 123 -12.67 35.18 -13.14
C SER M 123 -13.31 35.18 -14.51
N ASN M 124 -13.66 36.35 -15.04
CA ASN M 124 -14.29 36.47 -16.36
C ASN M 124 -13.39 36.15 -17.56
N GLU M 125 -12.90 34.92 -17.65
CA GLU M 125 -12.00 34.53 -18.73
C GLU M 125 -12.67 33.70 -19.84
N ALA M 126 -12.14 33.84 -21.05
CA ALA M 126 -12.51 33.03 -22.20
C ALA M 126 -11.25 32.39 -22.79
N VAL M 127 -11.40 31.40 -23.68
CA VAL M 127 -10.27 30.77 -24.32
C VAL M 127 -9.65 31.83 -25.22
N ALA M 128 -8.35 32.02 -25.08
CA ALA M 128 -7.70 33.09 -25.79
C ALA M 128 -6.86 32.70 -26.99
N LEU M 129 -6.79 31.43 -27.33
CA LEU M 129 -6.15 31.00 -28.58
C LEU M 129 -6.72 29.67 -29.05
N SER M 130 -6.81 29.50 -30.37
CA SER M 130 -7.31 28.28 -30.94
C SER M 130 -6.23 27.21 -30.89
N MET M 131 -6.62 25.92 -30.78
CA MET M 131 -5.65 24.82 -30.71
C MET M 131 -4.83 24.78 -32.01
N ASP M 132 -5.50 25.19 -33.08
CA ASP M 132 -4.92 25.48 -34.39
C ASP M 132 -3.62 26.29 -34.26
N ASP M 133 -3.67 27.38 -33.48
CA ASP M 133 -2.52 28.23 -33.36
C ASP M 133 -1.48 27.72 -32.37
N ALA M 134 -1.94 27.03 -31.32
CA ALA M 134 -1.04 26.41 -30.40
C ALA M 134 -0.15 25.43 -31.16
N VAL M 135 -0.78 24.60 -32.00
CA VAL M 135 -0.03 23.68 -32.87
C VAL M 135 0.93 24.43 -33.81
N ARG M 136 0.43 25.50 -34.44
CA ARG M 136 1.23 26.30 -35.34
C ARG M 136 2.48 26.82 -34.61
N LEU M 137 2.36 27.13 -33.34
CA LEU M 137 3.45 27.65 -32.57
C LEU M 137 4.33 26.58 -31.94
N ASN M 138 4.02 25.32 -32.23
CA ASN M 138 4.76 24.20 -31.68
C ASN M 138 4.81 24.25 -30.14
N SER M 139 3.67 24.40 -29.49
CA SER M 139 3.61 24.39 -28.04
C SER M 139 3.84 23.01 -27.50
N CYS M 140 4.21 22.91 -26.23
CA CYS M 140 4.22 21.62 -25.52
C CYS M 140 2.99 21.47 -24.67
N ALA M 141 2.39 22.59 -24.26
CA ALA M 141 1.14 22.55 -23.56
C ALA M 141 0.38 23.86 -23.73
N VAL M 142 -0.90 23.85 -23.38
CA VAL M 142 -1.70 25.07 -23.30
C VAL M 142 -2.25 25.21 -21.90
N ALA M 143 -2.39 26.44 -21.42
CA ALA M 143 -2.79 26.65 -20.02
C ALA M 143 -4.00 27.54 -19.91
N ALA M 144 -4.87 27.22 -18.96
CA ALA M 144 -6.00 28.10 -18.65
C ALA M 144 -6.31 28.08 -17.17
N GLN M 145 -6.92 29.16 -16.68
CA GLN M 145 -7.30 29.27 -15.28
C GLN M 145 -8.63 28.65 -15.02
N VAL M 146 -8.73 27.94 -13.92
CA VAL M 146 -9.99 27.52 -13.40
C VAL M 146 -10.24 28.34 -12.11
N TYR M 147 -11.48 28.82 -11.92
CA TYR M 147 -11.76 29.69 -10.79
C TYR M 147 -12.86 29.14 -9.91
N ILE M 148 -12.58 28.02 -9.26
CA ILE M 148 -13.56 27.39 -8.38
C ILE M 148 -13.96 28.42 -7.31
N GLY M 149 -15.26 28.57 -7.05
CA GLY M 149 -15.74 29.49 -6.04
C GLY M 149 -15.96 30.92 -6.51
N SER M 150 -15.56 31.24 -7.74
CA SER M 150 -15.79 32.59 -8.23
C SER M 150 -17.03 32.76 -9.07
N GLU M 151 -17.32 34.00 -9.42
CA GLU M 151 -18.52 34.29 -10.17
C GLU M 151 -18.62 33.52 -11.51
N TYR M 152 -17.51 33.39 -12.22
CA TYR M 152 -17.52 32.70 -13.51
C TYR M 152 -16.82 31.36 -13.43
N GLU M 153 -16.98 30.68 -12.29
CA GLU M 153 -16.52 29.32 -12.11
C GLU M 153 -16.90 28.43 -13.30
N HIS M 154 -18.19 28.43 -13.65
CA HIS M 154 -18.75 27.54 -14.67
C HIS M 154 -18.02 27.71 -16.00
N GLN M 155 -17.88 28.96 -16.46
CA GLN M 155 -17.23 29.23 -17.72
C GLN M 155 -15.77 28.81 -17.67
N SER M 156 -15.15 29.00 -16.53
CA SER M 156 -13.74 28.64 -16.46
C SER M 156 -13.53 27.13 -16.56
N ILE M 157 -14.47 26.32 -16.08
CA ILE M 157 -14.32 24.89 -16.29
C ILE M 157 -14.61 24.51 -17.74
N LYS M 158 -15.62 25.12 -18.30
CA LYS M 158 -15.86 24.93 -19.72
C LYS M 158 -14.63 25.23 -20.57
N ASN M 159 -13.85 26.22 -20.18
CA ASN M 159 -12.60 26.53 -20.88
C ASN M 159 -11.59 25.38 -20.87
N ILE M 160 -11.39 24.76 -19.71
CA ILE M 160 -10.59 23.54 -19.60
C ILE M 160 -11.18 22.43 -20.47
N ILE M 161 -12.49 22.19 -20.32
CA ILE M 161 -13.12 21.15 -21.08
C ILE M 161 -12.77 21.37 -22.54
N GLN M 162 -12.87 22.62 -22.99
CA GLN M 162 -12.77 22.89 -24.40
C GLN M 162 -11.36 22.59 -24.90
N LEU M 163 -10.38 22.99 -24.11
CA LEU M 163 -9.02 22.78 -24.49
C LEU M 163 -8.66 21.31 -24.45
N VAL M 164 -9.01 20.58 -23.40
CA VAL M 164 -8.79 19.13 -23.41
C VAL M 164 -9.47 18.44 -24.64
N ASP M 165 -10.70 18.80 -24.95
CA ASP M 165 -11.35 18.25 -26.15
C ASP M 165 -10.51 18.47 -27.40
N ALA M 166 -10.03 19.70 -27.59
CA ALA M 166 -9.28 20.05 -28.77
C ALA M 166 -7.84 19.49 -28.68
N GLY M 167 -7.27 19.52 -27.49
CA GLY M 167 -5.93 18.95 -27.29
C GLY M 167 -5.82 17.47 -27.60
N MET M 168 -6.84 16.68 -27.21
CA MET M 168 -6.83 15.24 -27.45
C MET M 168 -6.84 14.87 -28.92
N LYS M 169 -7.40 15.72 -29.78
CA LYS M 169 -7.39 15.45 -31.23
C LYS M 169 -5.97 15.48 -31.79
N VAL M 170 -5.05 16.08 -31.04
CA VAL M 170 -3.86 16.70 -31.59
C VAL M 170 -2.62 16.37 -30.78
N GLY M 171 -2.76 15.68 -29.65
CA GLY M 171 -1.61 15.28 -28.83
C GLY M 171 -1.09 16.36 -27.90
N MET M 172 -1.88 17.41 -27.69
CA MET M 172 -1.47 18.56 -26.92
C MET M 172 -1.98 18.48 -25.48
N PRO M 173 -1.09 18.45 -24.50
CA PRO M 173 -1.48 18.46 -23.10
C PRO M 173 -2.06 19.79 -22.67
N THR M 174 -3.01 19.74 -21.75
CA THR M 174 -3.59 20.96 -21.14
C THR M 174 -3.15 21.07 -19.69
N MET M 175 -2.78 22.30 -19.31
CA MET M 175 -2.47 22.63 -17.91
C MET M 175 -3.58 23.52 -17.29
N ALA M 176 -4.18 23.07 -16.24
CA ALA M 176 -5.17 23.87 -15.56
C ALA M 176 -4.53 24.56 -14.38
N VAL M 177 -4.76 25.87 -14.27
CA VAL M 177 -4.18 26.66 -13.20
C VAL M 177 -5.27 27.10 -12.25
N THR M 178 -5.09 26.77 -10.97
CA THR M 178 -6.11 27.10 -9.97
C THR M 178 -5.98 28.57 -9.55
N GLY M 179 -6.77 29.43 -10.17
CA GLY M 179 -6.82 30.84 -9.75
C GLY M 179 -7.78 31.05 -8.58
N VAL M 180 -7.58 32.10 -7.78
CA VAL M 180 -8.36 32.29 -6.56
C VAL M 180 -9.26 33.55 -6.56
N VAL M 185 -10.53 31.95 0.80
CA VAL M 185 -9.63 31.24 1.72
C VAL M 185 -8.65 30.27 1.02
N ARG M 186 -7.36 30.48 1.22
CA ARG M 186 -6.34 29.73 0.49
C ARG M 186 -5.79 28.54 1.27
N ASP M 187 -6.65 27.58 1.61
CA ASP M 187 -6.23 26.40 2.41
C ASP M 187 -6.23 25.07 1.64
N GLN M 188 -5.92 23.97 2.33
CA GLN M 188 -5.75 22.66 1.70
C GLN M 188 -7.05 22.12 1.14
N ARG M 189 -8.12 22.22 1.89
CA ARG M 189 -9.38 21.67 1.42
C ARG M 189 -9.87 22.40 0.14
N TYR M 190 -9.55 23.69 0.01
CA TYR M 190 -9.92 24.42 -1.19
C TYR M 190 -9.12 23.99 -2.41
N PHE M 191 -7.82 23.89 -2.25
CA PHE M 191 -6.99 23.48 -3.37
C PHE M 191 -7.18 22.01 -3.75
N SER M 192 -7.48 21.18 -2.77
CA SER M 192 -7.86 19.82 -3.05
C SER M 192 -9.08 19.80 -3.98
N LEU M 193 -10.10 20.60 -3.64
CA LEU M 193 -11.29 20.65 -4.45
C LEU M 193 -10.92 21.05 -5.88
N ALA M 194 -10.23 22.20 -6.02
CA ALA M 194 -9.96 22.78 -7.29
C ALA M 194 -9.04 21.93 -8.16
N THR M 195 -7.98 21.37 -7.56
CA THR M 195 -7.04 20.57 -8.32
C THR M 195 -7.67 19.28 -8.81
N ARG M 196 -8.47 18.66 -7.95
CA ARG M 196 -9.08 17.38 -8.30
C ARG M 196 -10.16 17.52 -9.39
N ILE M 197 -11.08 18.48 -9.26
CA ILE M 197 -12.00 18.77 -10.35
C ILE M 197 -11.29 18.94 -11.71
N ALA M 198 -10.27 19.80 -11.75
CA ALA M 198 -9.58 20.06 -13.01
C ALA M 198 -8.96 18.79 -13.58
N ALA M 199 -8.47 17.90 -12.71
CA ALA M 199 -7.81 16.71 -13.18
C ALA M 199 -8.86 15.75 -13.67
N GLU M 200 -9.97 15.73 -12.96
CA GLU M 200 -11.07 14.84 -13.24
C GLU M 200 -11.64 15.21 -14.62
N MET M 201 -11.67 16.52 -14.94
CA MET M 201 -12.10 17.01 -16.27
C MET M 201 -11.11 16.63 -17.38
N GLY M 202 -9.88 16.33 -17.04
CA GLY M 202 -8.96 15.84 -18.05
C GLY M 202 -7.65 16.55 -18.24
N ALA M 203 -7.36 17.58 -17.42
CA ALA M 203 -6.13 18.32 -17.57
C ALA M 203 -4.98 17.39 -17.23
N GLN M 204 -3.90 17.43 -18.00
CA GLN M 204 -2.77 16.57 -17.73
C GLN M 204 -1.79 17.15 -16.74
N ILE M 205 -1.73 18.48 -16.63
CA ILE M 205 -0.86 19.10 -15.63
C ILE M 205 -1.69 20.04 -14.79
N ILE M 206 -1.44 20.07 -13.49
CA ILE M 206 -2.10 21.04 -12.64
C ILE M 206 -1.12 22.05 -12.03
N LYS M 207 -1.44 23.34 -12.11
CA LYS M 207 -0.63 24.32 -11.39
C LYS M 207 -1.44 24.87 -10.25
N THR M 208 -0.85 24.86 -9.05
CA THR M 208 -1.50 25.39 -7.86
C THR M 208 -0.51 26.13 -6.93
N TYR M 209 -0.96 26.56 -5.76
CA TYR M 209 -0.09 27.27 -4.84
C TYR M 209 0.37 26.38 -3.73
N TYR M 210 1.54 26.67 -3.17
CA TYR M 210 1.99 25.94 -1.98
C TYR M 210 1.20 26.38 -0.77
N VAL M 211 1.02 25.45 0.15
CA VAL M 211 0.26 25.70 1.36
C VAL M 211 1.05 25.26 2.61
N GLU M 212 0.98 26.06 3.67
CA GLU M 212 1.76 25.83 4.90
C GLU M 212 1.53 24.43 5.45
N LYS M 213 0.28 24.01 5.45
CA LYS M 213 -0.06 22.68 5.95
C LYS M 213 -1.06 21.91 5.06
N GLY M 214 -0.73 20.65 4.82
CA GLY M 214 -1.61 19.77 4.08
C GLY M 214 -1.25 19.64 2.62
N PHE M 215 -0.21 20.35 2.19
CA PHE M 215 0.17 20.29 0.78
C PHE M 215 0.35 18.85 0.27
N GLU M 216 0.81 17.98 1.19
CA GLU M 216 0.99 16.56 0.92
C GLU M 216 -0.30 15.92 0.39
N ARG M 217 -1.41 16.36 0.94
CA ARG M 217 -2.72 15.82 0.60
C ARG M 217 -3.19 16.31 -0.78
N ILE M 218 -2.88 17.57 -1.09
CA ILE M 218 -3.20 18.13 -2.40
C ILE M 218 -2.54 17.26 -3.47
N VAL M 219 -1.27 16.92 -3.24
CA VAL M 219 -0.49 16.12 -4.16
C VAL M 219 -1.06 14.71 -4.25
N ALA M 220 -1.28 14.08 -3.09
CA ALA M 220 -1.73 12.69 -3.03
C ALA M 220 -3.10 12.51 -3.69
N GLY M 221 -3.99 13.48 -3.52
CA GLY M 221 -5.33 13.41 -4.06
C GLY M 221 -5.45 13.78 -5.54
N CYS M 222 -4.33 14.21 -6.14
CA CYS M 222 -4.32 14.62 -7.54
C CYS M 222 -3.61 13.59 -8.40
N PRO M 223 -4.30 12.96 -9.35
CA PRO M 223 -3.66 11.87 -10.10
C PRO M 223 -2.69 12.25 -11.20
N VAL M 224 -2.41 13.55 -11.38
CA VAL M 224 -1.48 13.99 -12.40
C VAL M 224 -0.46 14.98 -11.83
N PRO M 225 0.59 15.33 -12.61
CA PRO M 225 1.68 16.17 -12.07
C PRO M 225 1.22 17.52 -11.54
N ILE M 226 1.78 17.93 -10.39
CA ILE M 226 1.49 19.26 -9.85
C ILE M 226 2.71 20.12 -9.82
N VAL M 227 2.53 21.36 -10.28
CA VAL M 227 3.57 22.36 -10.34
C VAL M 227 3.06 23.49 -9.47
N ILE M 228 3.97 24.13 -8.71
CA ILE M 228 3.55 25.24 -7.86
C ILE M 228 3.87 26.61 -8.44
N ALA M 229 3.01 27.58 -8.16
CA ALA M 229 3.29 28.96 -8.55
C ALA M 229 4.09 29.64 -7.43
N GLY M 230 4.92 30.61 -7.81
CA GLY M 230 5.76 31.32 -6.86
C GLY M 230 5.02 32.21 -5.88
N GLY M 231 3.96 32.88 -6.36
CA GLY M 231 3.24 33.89 -5.57
C GLY M 231 4.06 35.17 -5.46
N LYS M 232 3.63 36.10 -4.61
CA LYS M 232 4.31 37.41 -4.44
C LYS M 232 5.81 37.27 -4.05
N LYS M 233 6.58 38.33 -4.34
CA LYS M 233 8.01 38.36 -4.04
C LYS M 233 8.33 38.09 -2.55
N LEU M 234 9.19 37.12 -2.33
CA LEU M 234 9.69 36.84 -0.99
C LEU M 234 11.20 37.06 -0.98
N PRO M 235 11.80 37.20 0.20
CA PRO M 235 13.26 37.14 0.28
C PRO M 235 13.75 35.81 -0.30
N GLU M 236 14.79 35.86 -1.10
CA GLU M 236 15.31 34.69 -1.79
C GLU M 236 15.39 33.43 -0.94
N ARG M 237 15.85 33.52 0.30
CA ARG M 237 15.98 32.30 1.11
C ARG M 237 14.64 31.69 1.47
N GLU M 238 13.65 32.52 1.73
CA GLU M 238 12.32 32.02 2.01
C GLU M 238 11.66 31.38 0.80
N ALA M 239 11.90 31.96 -0.38
CA ALA M 239 11.43 31.41 -1.65
C ALA M 239 12.02 30.05 -1.90
N LEU M 240 13.33 29.91 -1.69
CA LEU M 240 13.96 28.60 -1.78
C LEU M 240 13.39 27.59 -0.78
N GLU M 241 13.05 28.03 0.43
CA GLU M 241 12.41 27.12 1.42
C GLU M 241 11.10 26.59 0.87
N MET M 242 10.24 27.49 0.40
CA MET M 242 8.99 27.16 -0.25
C MET M 242 9.22 26.09 -1.33
N CYS M 243 10.15 26.31 -2.25
CA CYS M 243 10.47 25.29 -3.24
C CYS M 243 10.85 23.98 -2.60
N TRP M 244 11.75 24.04 -1.63
CA TRP M 244 12.23 22.83 -1.05
C TRP M 244 11.08 22.04 -0.49
N GLN M 245 10.24 22.72 0.28
CA GLN M 245 9.08 22.09 0.90
C GLN M 245 8.17 21.41 -0.15
N ALA M 246 7.73 22.18 -1.15
CA ALA M 246 6.86 21.71 -2.20
C ALA M 246 7.42 20.46 -2.86
N ILE M 247 8.68 20.51 -3.28
CA ILE M 247 9.34 19.34 -3.88
C ILE M 247 9.38 18.14 -2.90
N ASP M 248 9.77 18.44 -1.68
CA ASP M 248 9.89 17.40 -0.70
C ASP M 248 8.53 16.74 -0.44
N GLN M 249 7.48 17.53 -0.58
CA GLN M 249 6.13 17.03 -0.31
C GLN M 249 5.46 16.43 -1.55
N GLY M 250 6.19 16.29 -2.65
CA GLY M 250 5.67 15.62 -3.84
C GLY M 250 5.33 16.43 -5.08
N ALA M 251 5.54 17.76 -5.07
CA ALA M 251 5.35 18.57 -6.29
C ALA M 251 6.30 18.13 -7.40
N SER M 252 5.84 18.24 -8.65
CA SER M 252 6.63 17.82 -9.82
C SER M 252 7.44 18.95 -10.42
N GLY M 253 7.33 20.12 -9.82
CA GLY M 253 8.10 21.27 -10.33
C GLY M 253 7.62 22.56 -9.74
N VAL M 254 8.30 23.64 -10.11
CA VAL M 254 7.90 24.96 -9.66
C VAL M 254 7.88 25.83 -10.87
N ASP M 255 7.02 26.83 -10.78
CA ASP M 255 6.91 27.78 -11.84
C ASP M 255 6.98 29.13 -11.18
N MET M 256 8.19 29.66 -11.09
CA MET M 256 8.37 31.00 -10.55
C MET M 256 8.34 32.10 -11.58
N GLY M 257 7.82 33.24 -11.15
CA GLY M 257 7.84 34.42 -11.98
C GLY M 257 8.50 35.47 -11.13
N ARG M 258 7.69 36.13 -10.30
CA ARG M 258 8.14 37.28 -9.54
C ARG M 258 9.39 36.96 -8.74
N ASN M 259 9.38 35.86 -8.00
CA ASN M 259 10.54 35.46 -7.21
C ASN M 259 11.83 35.26 -7.99
N ILE M 260 11.74 35.23 -9.31
CA ILE M 260 12.93 35.24 -10.14
C ILE M 260 13.15 36.60 -10.81
N PHE M 261 12.16 37.08 -11.57
CA PHE M 261 12.41 38.26 -12.38
C PHE M 261 12.40 39.56 -11.58
N GLN M 262 11.93 39.48 -10.35
CA GLN M 262 12.01 40.62 -9.43
C GLN M 262 13.16 40.53 -8.42
N SER M 263 13.97 39.48 -8.50
CA SER M 263 15.21 39.39 -7.69
C SER M 263 16.30 40.29 -8.26
N ASP M 264 17.23 40.69 -7.42
CA ASP M 264 18.38 41.47 -7.90
C ASP M 264 19.36 40.61 -8.67
N HIS M 265 19.33 39.29 -8.43
CA HIS M 265 20.23 38.37 -9.10
C HIS M 265 19.46 37.18 -9.66
N PRO M 266 18.69 37.44 -10.72
CA PRO M 266 17.80 36.47 -11.29
C PRO M 266 18.51 35.20 -11.78
N VAL M 267 19.65 35.32 -12.47
CA VAL M 267 20.34 34.13 -12.96
C VAL M 267 20.80 33.27 -11.80
N ALA M 268 21.22 33.89 -10.72
CA ALA M 268 21.70 33.16 -9.58
C ALA M 268 20.56 32.43 -8.93
N MET M 269 19.44 33.13 -8.79
CA MET M 269 18.24 32.55 -8.19
C MET M 269 17.80 31.28 -8.93
N MET M 270 17.85 31.32 -10.25
CA MET M 270 17.42 30.18 -11.07
C MET M 270 18.32 28.97 -10.87
N LYS M 271 19.63 29.23 -10.77
CA LYS M 271 20.57 28.14 -10.53
C LYS M 271 20.28 27.48 -9.18
N ALA M 272 19.86 28.30 -8.20
CA ALA M 272 19.55 27.81 -6.86
C ALA M 272 18.31 26.96 -6.91
N VAL M 273 17.25 27.51 -7.51
CA VAL M 273 15.98 26.81 -7.69
C VAL M 273 16.20 25.50 -8.42
N GLN M 274 17.03 25.48 -9.47
CA GLN M 274 17.40 24.23 -10.13
C GLN M 274 18.07 23.19 -9.24
N ALA M 275 18.95 23.63 -8.36
CA ALA M 275 19.57 22.69 -7.43
C ALA M 275 18.56 22.06 -6.50
N VAL M 276 17.62 22.85 -5.98
CA VAL M 276 16.57 22.32 -5.13
C VAL M 276 15.66 21.34 -5.90
N VAL M 277 15.32 21.71 -7.13
CA VAL M 277 14.27 21.00 -7.87
C VAL M 277 14.79 19.71 -8.48
N HIS M 278 15.93 19.75 -9.14
CA HIS M 278 16.44 18.57 -9.80
C HIS M 278 17.45 17.76 -8.97
N HIS M 279 18.21 18.43 -8.11
CA HIS M 279 19.43 17.82 -7.50
C HIS M 279 19.37 17.58 -6.00
N ASN M 280 18.17 17.66 -5.43
CA ASN M 280 17.96 17.36 -4.02
C ASN M 280 18.77 18.23 -3.06
N GLU M 281 19.20 19.40 -3.51
CA GLU M 281 19.87 20.32 -2.61
C GLU M 281 18.96 20.74 -1.47
N THR M 282 19.57 20.98 -0.31
CA THR M 282 18.83 21.48 0.83
C THR M 282 18.61 22.96 0.59
N ALA M 283 17.63 23.54 1.29
CA ALA M 283 17.33 24.97 1.22
C ALA M 283 18.57 25.81 1.46
N ASP M 284 19.36 25.43 2.48
CA ASP M 284 20.56 26.14 2.90
C ASP M 284 21.65 26.12 1.84
N ARG M 285 22.05 24.94 1.41
CA ARG M 285 23.07 24.81 0.37
C ARG M 285 22.67 25.62 -0.85
N ALA M 286 21.39 25.53 -1.21
CA ALA M 286 20.83 26.28 -2.33
C ALA M 286 21.02 27.78 -2.16
N TYR M 287 20.73 28.29 -0.96
CA TYR M 287 20.94 29.70 -0.67
C TYR M 287 22.41 30.12 -0.77
N GLU M 288 23.33 29.26 -0.32
CA GLU M 288 24.78 29.52 -0.46
C GLU M 288 25.19 29.50 -1.92
N LEU M 289 24.63 28.57 -2.68
CA LEU M 289 24.82 28.51 -4.13
C LEU M 289 24.38 29.82 -4.77
N TYR M 290 23.25 30.34 -4.28
CA TYR M 290 22.74 31.62 -4.70
C TYR M 290 23.73 32.72 -4.39
N LEU M 291 24.24 32.76 -3.15
CA LEU M 291 25.15 33.81 -2.70
C LEU M 291 26.44 33.83 -3.48
N SER M 292 26.91 32.67 -3.93
CA SER M 292 28.11 32.61 -4.78
C SER M 292 27.95 33.19 -6.20
N GLU M 293 26.78 33.78 -6.51
CA GLU M 293 26.63 34.74 -7.64
C GLU M 293 25.75 35.93 -7.24
N GLY N 14 -18.92 -31.17 -52.64
CA GLY N 14 -18.81 -31.51 -51.18
C GLY N 14 -19.13 -30.34 -50.24
N LYS N 15 -20.15 -29.54 -50.60
CA LYS N 15 -20.60 -28.39 -49.80
C LYS N 15 -22.01 -28.61 -49.24
N ASP N 16 -22.24 -28.16 -48.00
CA ASP N 16 -23.54 -28.35 -47.35
C ASP N 16 -24.24 -27.05 -46.90
N PHE N 17 -25.21 -26.65 -47.71
CA PHE N 17 -25.93 -25.40 -47.50
C PHE N 17 -27.10 -25.52 -46.56
N ARG N 18 -27.43 -26.76 -46.19
CA ARG N 18 -28.49 -27.04 -45.24
C ARG N 18 -29.79 -26.32 -45.65
N THR N 19 -30.16 -26.51 -46.91
CA THR N 19 -31.32 -25.84 -47.49
C THR N 19 -32.66 -26.24 -46.86
N ASP N 20 -32.63 -27.28 -46.02
CA ASP N 20 -33.81 -27.75 -45.33
C ASP N 20 -34.03 -26.99 -44.03
N GLN N 21 -33.08 -26.17 -43.63
CA GLN N 21 -33.18 -25.39 -42.39
C GLN N 21 -33.00 -23.89 -42.64
N PRO N 22 -34.11 -23.13 -42.63
CA PRO N 22 -34.03 -21.73 -43.04
C PRO N 22 -33.39 -20.88 -41.97
N GLN N 23 -32.63 -19.87 -42.40
CA GLN N 23 -31.99 -18.91 -41.49
C GLN N 23 -33.00 -18.20 -40.62
N LYS N 24 -32.64 -17.97 -39.37
CA LYS N 24 -33.58 -17.35 -38.43
C LYS N 24 -32.90 -16.30 -37.55
N ASN N 25 -33.50 -15.11 -37.44
CA ASN N 25 -32.87 -14.02 -36.66
C ASN N 25 -32.94 -14.32 -35.19
N ILE N 26 -31.86 -14.05 -34.47
CA ILE N 26 -31.88 -14.20 -33.03
C ILE N 26 -32.28 -12.89 -32.36
N PRO N 27 -33.41 -12.88 -31.65
CA PRO N 27 -33.91 -11.62 -31.04
C PRO N 27 -33.00 -11.09 -29.95
N PHE N 28 -32.95 -9.76 -29.83
CA PHE N 28 -32.19 -9.04 -28.82
C PHE N 28 -33.19 -8.59 -27.76
N THR N 29 -32.99 -9.06 -26.52
CA THR N 29 -34.06 -8.94 -25.53
C THR N 29 -33.96 -7.79 -24.59
N LEU N 30 -32.76 -7.21 -24.42
CA LEU N 30 -32.58 -6.08 -23.52
C LEU N 30 -33.67 -5.03 -23.69
N LYS N 31 -34.36 -4.74 -22.57
CA LYS N 31 -35.53 -3.89 -22.57
C LYS N 31 -35.38 -2.64 -23.40
N GLY N 32 -36.23 -2.48 -24.41
CA GLY N 32 -36.30 -1.25 -25.22
C GLY N 32 -35.17 -0.97 -26.19
N CYS N 33 -34.25 -1.92 -26.38
CA CYS N 33 -33.11 -1.76 -27.24
C CYS N 33 -33.13 -2.74 -28.40
N GLY N 34 -34.31 -3.23 -28.75
CA GLY N 34 -34.45 -4.19 -29.83
C GLY N 34 -34.45 -3.59 -31.24
N ALA N 35 -34.38 -2.26 -31.36
CA ALA N 35 -34.31 -1.58 -32.67
C ALA N 35 -33.08 -0.63 -32.81
N LEU N 36 -31.92 -1.05 -32.33
CA LEU N 36 -30.69 -0.28 -32.47
C LEU N 36 -29.75 -1.00 -33.39
N ASP N 37 -28.82 -0.26 -33.98
CA ASP N 37 -27.80 -0.85 -34.80
C ASP N 37 -26.86 -1.82 -34.04
N TRP N 38 -26.31 -2.79 -34.76
CA TRP N 38 -25.38 -3.77 -34.19
C TRP N 38 -24.40 -3.19 -33.17
N GLY N 39 -23.70 -2.14 -33.55
CA GLY N 39 -22.64 -1.57 -32.68
C GLY N 39 -23.18 -1.07 -31.36
N MET N 40 -24.28 -0.32 -31.44
CA MET N 40 -24.89 0.16 -30.22
C MET N 40 -25.36 -0.98 -29.35
N GLN N 41 -25.98 -2.00 -29.96
CA GLN N 41 -26.40 -3.19 -29.23
C GLN N 41 -25.20 -3.93 -28.67
N SER N 42 -24.10 -3.94 -29.41
CA SER N 42 -22.91 -4.58 -28.93
C SER N 42 -22.33 -3.89 -27.68
N ARG N 43 -22.32 -2.56 -27.67
CA ARG N 43 -21.84 -1.81 -26.52
C ARG N 43 -22.75 -2.03 -25.33
N LEU N 44 -24.08 -2.07 -25.56
CA LEU N 44 -25.02 -2.30 -24.47
C LEU N 44 -24.84 -3.71 -23.88
N SER N 45 -24.34 -4.64 -24.69
CA SER N 45 -24.15 -6.02 -24.29
C SER N 45 -22.88 -6.20 -23.51
N ARG N 46 -22.04 -5.19 -23.51
CA ARG N 46 -20.84 -5.22 -22.62
C ARG N 46 -21.25 -4.80 -21.24
N ILE N 47 -22.29 -3.97 -21.17
CA ILE N 47 -22.76 -3.40 -19.92
C ILE N 47 -23.71 -4.37 -19.21
N PHE N 48 -24.80 -4.72 -19.89
CA PHE N 48 -25.78 -5.64 -19.38
C PHE N 48 -25.50 -7.02 -19.91
N ASN N 49 -25.09 -7.92 -19.00
CA ASN N 49 -24.90 -9.35 -19.31
C ASN N 49 -26.10 -9.97 -20.06
N PRO N 50 -25.86 -10.53 -21.25
CA PRO N 50 -26.97 -10.98 -22.11
C PRO N 50 -27.81 -12.10 -21.50
N LYS N 51 -27.17 -12.99 -20.74
CA LYS N 51 -27.86 -14.05 -20.03
C LYS N 51 -28.88 -13.49 -19.06
N THR N 52 -28.45 -12.58 -18.18
CA THR N 52 -29.30 -12.12 -17.09
C THR N 52 -30.02 -10.78 -17.36
N GLY N 53 -29.55 -10.05 -18.37
CA GLY N 53 -30.05 -8.71 -18.67
C GLY N 53 -29.74 -7.66 -17.60
N LYS N 54 -28.76 -7.95 -16.76
CA LYS N 54 -28.49 -7.09 -15.63
C LYS N 54 -27.00 -6.69 -15.54
N THR N 55 -26.72 -5.72 -14.66
CA THR N 55 -25.36 -5.19 -14.55
C THR N 55 -25.03 -4.75 -13.14
N VAL N 56 -23.79 -4.98 -12.76
CA VAL N 56 -23.23 -4.43 -11.53
C VAL N 56 -22.18 -3.39 -11.89
N MET N 57 -22.44 -2.16 -11.54
CA MET N 57 -21.60 -1.09 -11.98
C MET N 57 -20.90 -0.46 -10.79
N LEU N 58 -19.59 -0.25 -10.91
CA LEU N 58 -18.85 0.41 -9.86
C LEU N 58 -18.54 1.86 -10.25
N ALA N 59 -19.21 2.78 -9.57
CA ALA N 59 -19.11 4.21 -9.87
C ALA N 59 -18.11 4.91 -8.96
N PHE N 60 -17.19 5.65 -9.55
CA PHE N 60 -16.26 6.50 -8.80
C PHE N 60 -15.94 7.81 -9.52
N ASP N 61 -16.95 8.50 -10.01
CA ASP N 61 -16.78 9.72 -10.75
C ASP N 61 -17.09 10.91 -9.87
N HIS N 62 -17.40 10.63 -8.61
CA HIS N 62 -17.87 11.66 -7.66
C HIS N 62 -16.96 12.89 -7.61
N GLY N 63 -15.68 12.68 -7.91
CA GLY N 63 -14.71 13.75 -7.85
C GLY N 63 -15.02 14.90 -8.77
N TYR N 64 -15.83 14.65 -9.81
CA TYR N 64 -15.96 15.62 -10.92
C TYR N 64 -16.48 16.98 -10.46
N PHE N 65 -17.28 16.98 -9.42
CA PHE N 65 -17.70 18.25 -8.83
C PHE N 65 -17.42 18.32 -7.33
N GLN N 66 -16.85 17.25 -6.75
CA GLN N 66 -16.66 17.18 -5.30
C GLN N 66 -15.20 17.18 -4.84
N GLY N 67 -14.26 16.99 -5.75
CA GLY N 67 -12.88 16.87 -5.32
C GLY N 67 -12.72 15.55 -4.57
N PRO N 68 -11.65 15.41 -3.77
CA PRO N 68 -11.29 14.11 -3.19
C PRO N 68 -12.23 13.78 -2.07
N THR N 69 -13.27 13.04 -2.41
CA THR N 69 -14.33 12.67 -1.52
C THR N 69 -13.93 11.39 -0.71
N THR N 70 -14.51 11.17 0.47
CA THR N 70 -14.07 10.06 1.34
C THR N 70 -14.16 8.70 0.68
N GLY N 71 -13.04 8.00 0.59
CA GLY N 71 -13.00 6.68 -0.06
C GLY N 71 -12.33 6.76 -1.42
N LEU N 72 -12.39 7.95 -2.01
CA LEU N 72 -11.84 8.18 -3.34
C LEU N 72 -10.61 9.07 -3.34
N GLU N 73 -9.99 9.24 -2.18
CA GLU N 73 -8.77 10.04 -2.11
C GLU N 73 -7.69 9.43 -2.99
N ARG N 74 -7.57 8.10 -2.96
CA ARG N 74 -6.57 7.41 -3.75
C ARG N 74 -7.20 6.28 -4.54
N ILE N 75 -7.68 6.60 -5.74
CA ILE N 75 -8.32 5.60 -6.60
C ILE N 75 -7.32 4.50 -6.91
N ASP N 76 -6.08 4.91 -7.12
CA ASP N 76 -5.01 4.01 -7.52
C ASP N 76 -4.71 2.91 -6.53
N ILE N 77 -5.05 3.15 -5.27
CA ILE N 77 -4.66 2.19 -4.24
C ILE N 77 -5.90 1.49 -3.74
N ASN N 78 -6.87 2.30 -3.39
CA ASN N 78 -8.08 1.88 -2.73
C ASN N 78 -9.12 1.21 -3.65
N ILE N 79 -9.30 1.77 -4.86
CA ILE N 79 -10.34 1.32 -5.79
C ILE N 79 -9.83 0.36 -6.85
N ALA N 80 -8.58 0.53 -7.27
CA ALA N 80 -7.97 -0.36 -8.27
C ALA N 80 -8.17 -1.88 -8.01
N PRO N 81 -8.06 -2.34 -6.75
CA PRO N 81 -8.24 -3.78 -6.53
C PRO N 81 -9.69 -4.24 -6.69
N LEU N 82 -10.61 -3.29 -6.86
CA LEU N 82 -12.02 -3.65 -6.98
C LEU N 82 -12.45 -3.83 -8.42
N PHE N 83 -11.67 -3.30 -9.37
CA PHE N 83 -12.07 -3.27 -10.77
C PHE N 83 -12.53 -4.64 -11.26
N GLU N 84 -11.70 -5.66 -10.98
CA GLU N 84 -11.88 -6.99 -11.53
C GLU N 84 -13.18 -7.62 -11.06
N HIS N 85 -13.75 -7.10 -9.98
CA HIS N 85 -15.00 -7.65 -9.47
C HIS N 85 -16.23 -6.95 -9.98
N ALA N 86 -16.08 -5.89 -10.78
CA ALA N 86 -17.25 -5.20 -11.32
C ALA N 86 -17.56 -5.62 -12.75
N ASP N 87 -18.80 -5.46 -13.18
CA ASP N 87 -19.15 -5.70 -14.56
C ASP N 87 -18.69 -4.52 -15.41
N VAL N 88 -18.96 -3.30 -14.93
CA VAL N 88 -18.61 -2.09 -15.66
C VAL N 88 -18.12 -0.99 -14.72
N LEU N 89 -17.15 -0.19 -15.17
CA LEU N 89 -16.61 0.94 -14.42
C LEU N 89 -17.25 2.24 -14.86
N MET N 90 -17.50 3.14 -13.92
CA MET N 90 -17.98 4.45 -14.30
C MET N 90 -17.12 5.51 -13.66
N CYS N 91 -16.52 6.37 -14.51
CA CYS N 91 -15.70 7.45 -14.04
C CYS N 91 -15.46 8.50 -15.13
N THR N 92 -14.60 9.48 -14.83
CA THR N 92 -14.29 10.56 -15.74
C THR N 92 -13.10 10.19 -16.60
N ARG N 93 -12.92 10.92 -17.70
CA ARG N 93 -11.78 10.66 -18.57
C ARG N 93 -10.46 10.98 -17.89
N GLY N 94 -10.51 11.90 -16.91
CA GLY N 94 -9.30 12.30 -16.21
C GLY N 94 -8.78 11.17 -15.34
N ILE N 95 -9.69 10.55 -14.62
CA ILE N 95 -9.31 9.43 -13.78
C ILE N 95 -8.99 8.22 -14.64
N LEU N 96 -9.74 8.05 -15.72
CA LEU N 96 -9.56 6.91 -16.56
C LEU N 96 -8.16 6.89 -17.09
N ARG N 97 -7.75 7.98 -17.73
CA ARG N 97 -6.45 7.99 -18.37
C ARG N 97 -5.34 7.89 -17.36
N SER N 98 -5.56 8.53 -16.22
CA SER N 98 -4.45 8.75 -15.31
C SER N 98 -4.16 7.51 -14.41
N VAL N 99 -5.22 6.84 -13.91
CA VAL N 99 -5.04 5.78 -12.91
C VAL N 99 -5.86 4.51 -13.07
N VAL N 100 -6.71 4.42 -14.07
CA VAL N 100 -7.33 3.15 -14.41
C VAL N 100 -6.46 2.43 -15.47
N PRO N 101 -5.72 1.36 -15.07
CA PRO N 101 -4.86 0.72 -16.06
C PRO N 101 -5.71 0.25 -17.22
N PRO N 102 -5.34 0.57 -18.46
CA PRO N 102 -6.09 0.00 -19.57
C PRO N 102 -6.17 -1.53 -19.56
N ALA N 103 -5.19 -2.20 -18.95
CA ALA N 103 -5.16 -3.68 -18.89
C ALA N 103 -6.32 -4.28 -18.08
N THR N 104 -7.02 -3.44 -17.33
CA THR N 104 -8.18 -3.81 -16.54
C THR N 104 -9.23 -4.59 -17.37
N ASN N 105 -9.33 -4.24 -18.63
CA ASN N 105 -10.19 -4.95 -19.58
C ASN N 105 -11.65 -5.06 -19.10
N ARG N 106 -12.18 -3.92 -18.70
CA ARG N 106 -13.52 -3.84 -18.14
C ARG N 106 -14.23 -2.68 -18.87
N PRO N 107 -15.49 -2.87 -19.27
CA PRO N 107 -16.25 -1.83 -19.99
C PRO N 107 -16.35 -0.54 -19.18
N VAL N 108 -16.27 0.63 -19.83
CA VAL N 108 -16.42 1.88 -19.06
C VAL N 108 -17.55 2.78 -19.54
N VAL N 109 -18.24 3.39 -18.59
CA VAL N 109 -19.23 4.40 -18.88
C VAL N 109 -18.62 5.72 -18.44
N LEU N 110 -18.40 6.62 -19.40
CA LEU N 110 -17.74 7.88 -19.07
C LEU N 110 -18.69 8.95 -18.59
N ARG N 111 -18.31 9.64 -17.51
CA ARG N 111 -19.05 10.78 -17.02
C ARG N 111 -18.79 11.86 -18.03
N ALA N 112 -19.84 12.38 -18.64
CA ALA N 112 -19.66 13.37 -19.70
C ALA N 112 -20.28 14.73 -19.39
N SER N 113 -20.56 14.99 -18.11
CA SER N 113 -21.03 16.30 -17.73
C SER N 113 -20.19 16.85 -16.58
N GLY N 114 -20.23 18.17 -16.38
CA GLY N 114 -19.48 18.78 -15.29
C GLY N 114 -19.52 20.28 -15.37
N ALA N 115 -18.45 20.92 -14.88
CA ALA N 115 -18.36 22.39 -14.80
C ALA N 115 -19.22 22.99 -13.66
N ASN N 116 -19.72 22.13 -12.80
CA ASN N 116 -20.35 22.53 -11.56
C ASN N 116 -19.39 22.17 -10.41
N SER N 117 -19.71 22.60 -9.19
CA SER N 117 -18.97 22.13 -8.01
C SER N 117 -19.82 22.31 -6.77
N ILE N 118 -19.36 21.73 -5.68
CA ILE N 118 -20.07 21.86 -4.42
C ILE N 118 -20.13 23.30 -3.89
N LEU N 119 -19.30 24.18 -4.41
CA LEU N 119 -19.32 25.57 -3.97
C LEU N 119 -20.34 26.47 -4.71
N ALA N 120 -21.04 25.93 -5.70
CA ALA N 120 -22.00 26.75 -6.43
C ALA N 120 -23.28 25.98 -6.73
N GLU N 121 -24.14 26.52 -7.60
CA GLU N 121 -25.38 25.84 -7.94
C GLU N 121 -25.08 24.50 -8.61
N LEU N 122 -25.69 23.46 -8.06
CA LEU N 122 -25.37 22.07 -8.42
C LEU N 122 -25.77 21.68 -9.84
N SER N 123 -26.91 22.22 -10.27
CA SER N 123 -27.47 21.88 -11.57
C SER N 123 -26.80 22.60 -12.74
N ASN N 124 -25.83 23.47 -12.44
CA ASN N 124 -25.14 24.21 -13.48
C ASN N 124 -24.07 23.38 -14.23
N GLU N 125 -24.53 22.40 -14.98
CA GLU N 125 -23.63 21.48 -15.67
C GLU N 125 -23.56 21.75 -17.16
N ALA N 126 -22.38 21.58 -17.74
CA ALA N 126 -22.23 21.55 -19.20
C ALA N 126 -21.69 20.19 -19.67
N VAL N 127 -21.72 19.95 -20.97
CA VAL N 127 -21.13 18.71 -21.48
C VAL N 127 -19.63 18.78 -21.25
N ALA N 128 -19.03 17.73 -20.73
CA ALA N 128 -17.64 17.79 -20.29
C ALA N 128 -16.67 16.98 -21.12
N LEU N 129 -17.16 16.22 -22.09
CA LEU N 129 -16.27 15.62 -23.09
C LEU N 129 -16.95 15.47 -24.45
N SER N 130 -16.18 15.69 -25.52
CA SER N 130 -16.70 15.53 -26.86
C SER N 130 -16.92 14.04 -27.21
N MET N 131 -17.91 13.73 -28.05
CA MET N 131 -18.10 12.36 -28.49
C MET N 131 -16.84 11.80 -29.14
N ASP N 132 -16.15 12.65 -29.88
CA ASP N 132 -14.82 12.39 -30.43
C ASP N 132 -13.92 11.65 -29.40
N ASP N 133 -13.89 12.16 -28.17
CA ASP N 133 -12.99 11.62 -27.20
C ASP N 133 -13.52 10.37 -26.57
N ALA N 134 -14.83 10.31 -26.37
CA ALA N 134 -15.49 9.10 -25.87
C ALA N 134 -15.17 7.92 -26.76
N VAL N 135 -15.20 8.14 -28.08
CA VAL N 135 -14.88 7.12 -29.04
C VAL N 135 -13.40 6.77 -28.95
N ARG N 136 -12.56 7.80 -28.85
CA ARG N 136 -11.11 7.62 -28.70
C ARG N 136 -10.79 6.70 -27.54
N LEU N 137 -11.55 6.82 -26.45
CA LEU N 137 -11.34 6.06 -25.21
C LEU N 137 -12.06 4.74 -25.21
N ASN N 138 -12.74 4.44 -26.31
CA ASN N 138 -13.43 3.16 -26.42
C ASN N 138 -14.50 2.92 -25.36
N SER N 139 -15.30 3.94 -25.05
CA SER N 139 -16.37 3.82 -24.05
C SER N 139 -17.46 2.90 -24.55
N CYS N 140 -18.23 2.38 -23.62
CA CYS N 140 -19.50 1.73 -23.95
C CYS N 140 -20.70 2.63 -23.89
N ALA N 141 -20.57 3.74 -23.16
CA ALA N 141 -21.63 4.71 -23.02
C ALA N 141 -21.09 6.02 -22.43
N VAL N 142 -21.89 7.09 -22.57
CA VAL N 142 -21.56 8.35 -21.94
C VAL N 142 -22.69 8.72 -21.03
N ALA N 143 -22.39 9.45 -19.97
CA ALA N 143 -23.39 9.77 -18.93
C ALA N 143 -23.48 11.24 -18.65
N ALA N 144 -24.68 11.75 -18.42
CA ALA N 144 -24.84 13.14 -17.99
C ALA N 144 -26.04 13.27 -17.09
N GLN N 145 -26.01 14.27 -16.20
CA GLN N 145 -27.10 14.49 -15.25
C GLN N 145 -28.21 15.28 -15.85
N VAL N 146 -29.42 14.88 -15.55
CA VAL N 146 -30.55 15.72 -15.84
C VAL N 146 -31.04 16.21 -14.47
N TYR N 147 -31.42 17.49 -14.38
CA TYR N 147 -31.89 18.09 -13.11
C TYR N 147 -33.29 18.67 -13.21
N ILE N 148 -34.29 17.82 -13.47
CA ILE N 148 -35.66 18.28 -13.54
C ILE N 148 -36.01 19.00 -12.26
N GLY N 149 -36.62 20.17 -12.39
CA GLY N 149 -37.03 20.94 -11.24
C GLY N 149 -35.99 21.91 -10.68
N SER N 150 -34.73 21.77 -11.13
CA SER N 150 -33.69 22.73 -10.72
C SER N 150 -33.58 24.00 -11.57
N GLU N 151 -32.71 24.90 -11.12
CA GLU N 151 -32.53 26.17 -11.79
C GLU N 151 -32.07 26.03 -13.26
N TYR N 152 -31.13 25.11 -13.51
CA TYR N 152 -30.62 24.85 -14.86
C TYR N 152 -31.22 23.58 -15.51
N GLU N 153 -32.47 23.28 -15.18
CA GLU N 153 -33.16 22.13 -15.77
C GLU N 153 -33.00 22.13 -17.29
N HIS N 154 -33.34 23.26 -17.93
CA HIS N 154 -33.32 23.44 -19.38
C HIS N 154 -31.98 23.04 -20.01
N GLN N 155 -30.89 23.70 -19.59
CA GLN N 155 -29.56 23.32 -20.03
C GLN N 155 -29.22 21.84 -19.81
N SER N 156 -29.60 21.27 -18.67
CA SER N 156 -29.33 19.85 -18.41
C SER N 156 -30.01 18.92 -19.43
N ILE N 157 -31.24 19.20 -19.82
CA ILE N 157 -31.87 18.42 -20.87
C ILE N 157 -31.20 18.62 -22.24
N LYS N 158 -30.83 19.86 -22.56
CA LYS N 158 -30.04 20.11 -23.74
C LYS N 158 -28.75 19.30 -23.76
N ASN N 159 -28.13 19.10 -22.60
CA ASN N 159 -26.95 18.25 -22.55
C ASN N 159 -27.24 16.83 -23.03
N ILE N 160 -28.37 16.26 -22.60
CA ILE N 160 -28.77 14.92 -23.02
C ILE N 160 -29.03 14.91 -24.52
N ILE N 161 -29.81 15.89 -24.99
CA ILE N 161 -30.07 16.08 -26.39
C ILE N 161 -28.81 16.03 -27.23
N GLN N 162 -27.83 16.81 -26.81
CA GLN N 162 -26.58 16.91 -27.54
C GLN N 162 -25.81 15.58 -27.58
N LEU N 163 -25.74 14.88 -26.42
CA LEU N 163 -25.08 13.59 -26.36
C LEU N 163 -25.78 12.53 -27.22
N VAL N 164 -27.11 12.48 -27.14
CA VAL N 164 -27.84 11.53 -27.97
C VAL N 164 -27.60 11.86 -29.47
N ASP N 165 -27.79 13.12 -29.87
CA ASP N 165 -27.47 13.50 -31.25
C ASP N 165 -26.09 13.00 -31.70
N ALA N 166 -25.06 13.28 -30.92
CA ALA N 166 -23.70 12.93 -31.29
C ALA N 166 -23.50 11.43 -31.19
N GLY N 167 -24.11 10.82 -30.19
CA GLY N 167 -24.00 9.38 -29.96
C GLY N 167 -24.62 8.54 -31.08
N MET N 168 -25.71 9.02 -31.65
CA MET N 168 -26.34 8.30 -32.77
C MET N 168 -25.49 8.26 -34.03
N LYS N 169 -24.64 9.25 -34.28
CA LYS N 169 -23.78 9.18 -35.44
C LYS N 169 -22.78 8.03 -35.34
N VAL N 170 -22.60 7.48 -34.15
CA VAL N 170 -21.36 6.81 -33.82
C VAL N 170 -21.58 5.49 -33.11
N GLY N 171 -22.82 5.17 -32.78
CA GLY N 171 -23.11 3.91 -32.17
C GLY N 171 -22.96 3.97 -30.69
N MET N 172 -22.82 5.17 -30.14
CA MET N 172 -22.60 5.31 -28.69
C MET N 172 -23.92 5.52 -27.95
N PRO N 173 -24.27 4.63 -26.98
CA PRO N 173 -25.38 4.85 -26.07
C PRO N 173 -25.15 5.99 -25.06
N THR N 174 -26.23 6.73 -24.75
CA THR N 174 -26.24 7.72 -23.70
C THR N 174 -26.98 7.26 -22.43
N MET N 175 -26.36 7.45 -21.28
CA MET N 175 -27.04 7.28 -20.00
C MET N 175 -27.43 8.64 -19.39
N ALA N 176 -28.72 8.88 -19.18
CA ALA N 176 -29.17 9.99 -18.37
C ALA N 176 -29.26 9.61 -16.88
N VAL N 177 -28.72 10.46 -16.01
CA VAL N 177 -28.77 10.28 -14.54
C VAL N 177 -29.65 11.35 -13.91
N THR N 178 -30.68 10.94 -13.20
CA THR N 178 -31.63 11.89 -12.60
C THR N 178 -31.07 12.48 -11.31
N GLY N 179 -30.43 13.65 -11.42
CA GLY N 179 -29.93 14.32 -10.23
C GLY N 179 -31.00 15.16 -9.56
N VAL N 180 -30.86 15.34 -8.24
CA VAL N 180 -31.91 16.02 -7.48
C VAL N 180 -31.56 17.42 -6.95
N VAL N 185 -38.35 17.09 -3.23
CA VAL N 185 -39.00 15.84 -2.81
C VAL N 185 -38.57 14.60 -3.66
N ARG N 186 -38.07 13.56 -2.99
CA ARG N 186 -37.57 12.36 -3.65
C ARG N 186 -38.60 11.23 -3.73
N ASP N 187 -39.73 11.46 -4.39
CA ASP N 187 -40.80 10.45 -4.49
C ASP N 187 -41.04 9.88 -5.89
N GLN N 188 -41.93 8.90 -6.01
CA GLN N 188 -42.17 8.20 -7.27
C GLN N 188 -42.66 9.13 -8.38
N ARG N 189 -43.58 10.04 -8.08
CA ARG N 189 -44.13 10.87 -9.14
C ARG N 189 -43.06 11.80 -9.73
N TYR N 190 -42.10 12.20 -8.90
CA TYR N 190 -40.97 12.98 -9.38
C TYR N 190 -40.05 12.15 -10.27
N PHE N 191 -39.61 11.01 -9.79
CA PHE N 191 -38.72 10.18 -10.61
C PHE N 191 -39.36 9.66 -11.89
N SER N 192 -40.67 9.46 -11.86
CA SER N 192 -41.40 9.03 -13.04
C SER N 192 -41.31 10.16 -14.06
N LEU N 193 -41.42 11.39 -13.58
CA LEU N 193 -41.33 12.53 -14.50
C LEU N 193 -39.95 12.59 -15.12
N ALA N 194 -38.92 12.56 -14.29
CA ALA N 194 -37.55 12.77 -14.75
C ALA N 194 -37.05 11.64 -15.63
N THR N 195 -37.28 10.40 -15.21
CA THR N 195 -36.87 9.23 -16.01
C THR N 195 -37.57 9.20 -17.38
N ARG N 196 -38.87 9.43 -17.39
CA ARG N 196 -39.61 9.39 -18.65
C ARG N 196 -39.19 10.49 -19.65
N ILE N 197 -39.01 11.72 -19.15
CA ILE N 197 -38.51 12.80 -20.01
C ILE N 197 -37.17 12.43 -20.63
N ALA N 198 -36.25 11.97 -19.81
CA ALA N 198 -34.93 11.57 -20.31
C ALA N 198 -34.99 10.45 -21.38
N ALA N 199 -35.87 9.46 -21.16
CA ALA N 199 -36.04 8.39 -22.13
C ALA N 199 -36.67 8.92 -23.42
N GLU N 200 -37.58 9.86 -23.26
CA GLU N 200 -38.33 10.41 -24.36
C GLU N 200 -37.41 11.22 -25.28
N MET N 201 -36.47 11.94 -24.67
CA MET N 201 -35.41 12.66 -25.41
C MET N 201 -34.39 11.75 -26.08
N GLY N 202 -34.20 10.52 -25.58
CA GLY N 202 -33.50 9.53 -26.38
C GLY N 202 -32.42 8.74 -25.68
N ALA N 203 -32.28 8.95 -24.39
CA ALA N 203 -31.27 8.26 -23.63
C ALA N 203 -31.57 6.77 -23.68
N GLN N 204 -30.53 5.94 -23.81
CA GLN N 204 -30.74 4.49 -23.88
C GLN N 204 -30.68 3.82 -22.56
N ILE N 205 -30.05 4.46 -21.57
CA ILE N 205 -29.99 3.90 -20.20
C ILE N 205 -30.39 4.97 -19.23
N ILE N 206 -31.08 4.65 -18.15
CA ILE N 206 -31.45 5.63 -17.17
C ILE N 206 -30.96 5.18 -15.78
N LYS N 207 -30.26 6.08 -15.10
CA LYS N 207 -29.89 5.84 -13.75
C LYS N 207 -30.72 6.70 -12.83
N THR N 208 -31.25 6.11 -11.77
CA THR N 208 -32.11 6.87 -10.86
C THR N 208 -31.94 6.28 -9.48
N TYR N 209 -32.74 6.73 -8.51
CA TYR N 209 -32.61 6.23 -7.11
C TYR N 209 -33.73 5.26 -6.78
N TYR N 210 -33.49 4.37 -5.81
CA TYR N 210 -34.54 3.50 -5.33
C TYR N 210 -35.51 4.28 -4.43
N VAL N 211 -36.76 3.87 -4.41
CA VAL N 211 -37.78 4.57 -3.65
C VAL N 211 -38.57 3.53 -2.85
N GLU N 212 -38.87 3.88 -1.60
CA GLU N 212 -39.60 3.00 -0.67
C GLU N 212 -40.88 2.48 -1.27
N LYS N 213 -41.63 3.36 -1.93
CA LYS N 213 -42.87 2.96 -2.54
C LYS N 213 -43.09 3.51 -3.95
N GLY N 214 -43.53 2.63 -4.84
CA GLY N 214 -43.87 3.01 -6.20
C GLY N 214 -42.76 2.78 -7.20
N PHE N 215 -41.62 2.25 -6.75
CA PHE N 215 -40.50 2.03 -7.65
C PHE N 215 -40.89 1.18 -8.83
N GLU N 216 -41.78 0.21 -8.61
CA GLU N 216 -42.38 -0.57 -9.68
C GLU N 216 -42.92 0.28 -10.83
N ARG N 217 -43.55 1.40 -10.49
CA ARG N 217 -44.16 2.31 -11.47
C ARG N 217 -43.12 3.10 -12.28
N ILE N 218 -42.06 3.55 -11.61
CA ILE N 218 -40.91 4.15 -12.24
C ILE N 218 -40.35 3.24 -13.34
N VAL N 219 -40.11 1.97 -13.01
CA VAL N 219 -39.66 0.97 -13.98
C VAL N 219 -40.64 0.77 -15.13
N ALA N 220 -41.91 0.55 -14.79
CA ALA N 220 -42.92 0.24 -15.79
C ALA N 220 -43.09 1.37 -16.78
N GLY N 221 -43.04 2.60 -16.30
CA GLY N 221 -43.29 3.77 -17.15
C GLY N 221 -42.09 4.21 -17.98
N CYS N 222 -40.97 3.52 -17.78
CA CYS N 222 -39.73 3.86 -18.47
C CYS N 222 -39.40 2.79 -19.52
N PRO N 223 -39.34 3.16 -20.80
CA PRO N 223 -39.20 2.15 -21.84
C PRO N 223 -37.79 1.59 -22.05
N VAL N 224 -36.84 2.00 -21.24
CA VAL N 224 -35.46 1.55 -21.43
C VAL N 224 -34.86 1.16 -20.08
N PRO N 225 -33.72 0.44 -20.05
CA PRO N 225 -33.20 -0.14 -18.81
C PRO N 225 -32.96 0.88 -17.72
N ILE N 226 -33.35 0.58 -16.50
CA ILE N 226 -33.07 1.44 -15.35
C ILE N 226 -32.05 0.84 -14.43
N VAL N 227 -31.09 1.66 -14.04
CA VAL N 227 -30.08 1.26 -13.08
C VAL N 227 -30.21 2.16 -11.86
N ILE N 228 -30.02 1.60 -10.66
CA ILE N 228 -30.16 2.42 -9.46
C ILE N 228 -28.84 2.85 -8.90
N ALA N 229 -28.82 4.05 -8.35
CA ALA N 229 -27.67 4.56 -7.61
C ALA N 229 -27.75 4.10 -6.16
N GLY N 230 -26.58 3.91 -5.56
CA GLY N 230 -26.45 3.48 -4.17
C GLY N 230 -26.94 4.46 -3.10
N GLY N 231 -26.79 5.76 -3.32
CA GLY N 231 -27.04 6.75 -2.28
C GLY N 231 -26.03 6.67 -1.16
N LYS N 232 -26.27 7.41 -0.08
CA LYS N 232 -25.36 7.45 1.09
C LYS N 232 -25.10 6.09 1.74
N LYS N 233 -24.01 5.98 2.48
CA LYS N 233 -23.59 4.72 3.08
C LYS N 233 -24.64 4.20 4.03
N LEU N 234 -25.01 2.95 3.83
CA LEU N 234 -25.89 2.25 4.74
C LEU N 234 -25.14 1.06 5.34
N PRO N 235 -25.66 0.50 6.43
CA PRO N 235 -25.15 -0.80 6.89
C PRO N 235 -25.29 -1.85 5.79
N GLU N 236 -24.25 -2.66 5.58
CA GLU N 236 -24.20 -3.62 4.49
C GLU N 236 -25.51 -4.39 4.26
N ARG N 237 -26.16 -4.85 5.33
CA ARG N 237 -27.34 -5.64 5.13
C ARG N 237 -28.50 -4.83 4.57
N GLU N 238 -28.63 -3.58 4.99
CA GLU N 238 -29.68 -2.72 4.46
C GLU N 238 -29.45 -2.38 3.00
N ALA N 239 -28.17 -2.21 2.64
CA ALA N 239 -27.79 -1.93 1.26
C ALA N 239 -28.14 -3.13 0.36
N LEU N 240 -27.85 -4.33 0.83
CA LEU N 240 -28.27 -5.54 0.11
C LEU N 240 -29.81 -5.68 -0.02
N GLU N 241 -30.54 -5.22 0.99
CA GLU N 241 -31.99 -5.18 0.88
C GLU N 241 -32.44 -4.25 -0.20
N MET N 242 -31.85 -3.06 -0.24
CA MET N 242 -32.14 -2.07 -1.27
C MET N 242 -31.95 -2.69 -2.66
N CYS N 243 -30.82 -3.32 -2.86
CA CYS N 243 -30.55 -4.01 -4.12
C CYS N 243 -31.55 -5.06 -4.43
N TRP N 244 -31.82 -5.95 -3.47
CA TRP N 244 -32.78 -7.00 -3.66
C TRP N 244 -34.11 -6.43 -4.11
N GLN N 245 -34.59 -5.41 -3.41
CA GLN N 245 -35.88 -4.80 -3.74
C GLN N 245 -35.90 -4.23 -5.17
N ALA N 246 -34.86 -3.47 -5.50
CA ALA N 246 -34.78 -2.81 -6.79
C ALA N 246 -34.82 -3.84 -7.91
N ILE N 247 -33.96 -4.84 -7.82
CA ILE N 247 -33.92 -5.92 -8.78
C ILE N 247 -35.25 -6.68 -8.86
N ASP N 248 -35.78 -7.05 -7.70
CA ASP N 248 -37.09 -7.69 -7.65
C ASP N 248 -38.17 -6.87 -8.31
N GLN N 249 -38.11 -5.54 -8.15
CA GLN N 249 -39.11 -4.63 -8.74
C GLN N 249 -38.84 -4.19 -10.20
N GLY N 250 -37.81 -4.76 -10.81
CA GLY N 250 -37.60 -4.59 -12.24
C GLY N 250 -36.36 -3.83 -12.69
N ALA N 251 -35.54 -3.31 -11.78
CA ALA N 251 -34.30 -2.62 -12.16
C ALA N 251 -33.37 -3.53 -12.95
N SER N 252 -32.61 -2.97 -13.89
CA SER N 252 -31.74 -3.79 -14.74
C SER N 252 -30.33 -3.81 -14.19
N GLY N 253 -30.12 -3.18 -13.06
CA GLY N 253 -28.82 -3.28 -12.41
C GLY N 253 -28.65 -2.26 -11.31
N VAL N 254 -27.50 -2.29 -10.66
CA VAL N 254 -27.26 -1.35 -9.61
C VAL N 254 -25.91 -0.75 -9.86
N ASP N 255 -25.76 0.47 -9.40
CA ASP N 255 -24.52 1.17 -9.58
C ASP N 255 -24.16 1.75 -8.24
N MET N 256 -23.53 0.93 -7.42
CA MET N 256 -23.05 1.42 -6.16
C MET N 256 -21.69 2.12 -6.23
N GLY N 257 -21.52 3.03 -5.29
CA GLY N 257 -20.25 3.67 -5.07
C GLY N 257 -20.01 3.54 -3.60
N ARG N 258 -20.53 4.51 -2.85
CA ARG N 258 -20.24 4.65 -1.45
C ARG N 258 -20.46 3.34 -0.72
N ASN N 259 -21.60 2.70 -0.98
CA ASN N 259 -21.90 1.43 -0.31
C ASN N 259 -20.91 0.28 -0.54
N ILE N 260 -20.01 0.46 -1.50
CA ILE N 260 -18.96 -0.50 -1.74
C ILE N 260 -17.63 0.06 -1.29
N PHE N 261 -17.24 1.23 -1.80
CA PHE N 261 -15.90 1.69 -1.52
C PHE N 261 -15.70 2.23 -0.11
N GLN N 262 -16.81 2.52 0.58
CA GLN N 262 -16.74 2.96 1.97
C GLN N 262 -17.01 1.83 2.96
N SER N 263 -17.21 0.62 2.47
CA SER N 263 -17.37 -0.54 3.34
C SER N 263 -16.02 -0.96 3.86
N ASP N 264 -16.02 -1.72 4.96
CA ASP N 264 -14.76 -2.26 5.48
C ASP N 264 -14.29 -3.49 4.71
N HIS N 265 -15.22 -4.15 4.01
CA HIS N 265 -14.87 -5.31 3.17
C HIS N 265 -15.50 -5.15 1.79
N PRO N 266 -14.93 -4.24 0.98
CA PRO N 266 -15.48 -3.90 -0.31
C PRO N 266 -15.57 -5.10 -1.26
N VAL N 267 -14.53 -5.93 -1.31
CA VAL N 267 -14.53 -7.08 -2.20
C VAL N 267 -15.68 -8.01 -1.84
N ALA N 268 -15.88 -8.21 -0.54
CA ALA N 268 -16.92 -9.08 -0.07
C ALA N 268 -18.27 -8.50 -0.41
N MET N 269 -18.43 -7.20 -0.16
CA MET N 269 -19.69 -6.53 -0.51
C MET N 269 -20.08 -6.67 -2.00
N MET N 270 -19.09 -6.63 -2.89
CA MET N 270 -19.34 -6.74 -4.34
C MET N 270 -19.81 -8.14 -4.70
N LYS N 271 -19.21 -9.14 -4.07
CA LYS N 271 -19.58 -10.52 -4.34
C LYS N 271 -21.03 -10.76 -3.93
N ALA N 272 -21.40 -10.17 -2.79
CA ALA N 272 -22.76 -10.21 -2.30
C ALA N 272 -23.71 -9.54 -3.28
N VAL N 273 -23.40 -8.30 -3.68
CA VAL N 273 -24.20 -7.54 -4.64
C VAL N 273 -24.38 -8.33 -5.93
N GLN N 274 -23.32 -8.99 -6.38
CA GLN N 274 -23.42 -9.82 -7.55
C GLN N 274 -24.39 -10.98 -7.45
N ALA N 275 -24.42 -11.62 -6.29
CA ALA N 275 -25.31 -12.72 -6.07
C ALA N 275 -26.75 -12.22 -6.14
N VAL N 276 -27.05 -11.08 -5.52
CA VAL N 276 -28.38 -10.52 -5.57
C VAL N 276 -28.77 -10.20 -6.99
N VAL N 277 -27.86 -9.54 -7.71
CA VAL N 277 -28.17 -8.97 -9.00
C VAL N 277 -28.25 -10.02 -10.10
N HIS N 278 -27.29 -10.92 -10.17
CA HIS N 278 -27.24 -11.87 -11.26
C HIS N 278 -27.87 -13.21 -10.92
N HIS N 279 -27.81 -13.62 -9.67
CA HIS N 279 -28.11 -15.01 -9.32
C HIS N 279 -29.36 -15.18 -8.45
N ASN N 280 -30.23 -14.18 -8.39
CA ASN N 280 -31.47 -14.32 -7.61
C ASN N 280 -31.31 -14.72 -6.14
N GLU N 281 -30.15 -14.47 -5.56
CA GLU N 281 -29.99 -14.63 -4.13
C GLU N 281 -30.94 -13.74 -3.33
N THR N 282 -31.31 -14.23 -2.14
CA THR N 282 -32.14 -13.45 -1.24
C THR N 282 -31.22 -12.47 -0.50
N ALA N 283 -31.80 -11.38 -0.01
CA ALA N 283 -31.06 -10.45 0.82
C ALA N 283 -30.24 -11.15 1.91
N ASP N 284 -30.87 -12.09 2.62
CA ASP N 284 -30.25 -12.82 3.73
C ASP N 284 -29.08 -13.68 3.32
N ARG N 285 -29.28 -14.58 2.36
CA ARG N 285 -28.19 -15.41 1.86
C ARG N 285 -27.02 -14.55 1.44
N ALA N 286 -27.35 -13.47 0.73
CA ALA N 286 -26.35 -12.51 0.25
C ALA N 286 -25.56 -11.99 1.43
N TYR N 287 -26.25 -11.55 2.47
CA TYR N 287 -25.54 -11.06 3.66
C TYR N 287 -24.63 -12.10 4.30
N GLU N 288 -25.03 -13.38 4.27
CA GLU N 288 -24.21 -14.45 4.81
C GLU N 288 -23.02 -14.72 3.92
N LEU N 289 -23.24 -14.59 2.62
CA LEU N 289 -22.16 -14.66 1.63
C LEU N 289 -21.15 -13.56 1.92
N TYR N 290 -21.66 -12.37 2.22
CA TYR N 290 -20.83 -11.24 2.63
C TYR N 290 -20.01 -11.55 3.87
N LEU N 291 -20.67 -12.06 4.91
CA LEU N 291 -20.01 -12.40 6.18
C LEU N 291 -18.91 -13.43 6.05
N SER N 292 -19.05 -14.36 5.10
CA SER N 292 -17.99 -15.36 4.84
C SER N 292 -16.71 -14.79 4.18
N GLU N 293 -16.64 -13.46 3.96
CA GLU N 293 -15.37 -12.72 3.75
C GLU N 293 -15.32 -11.42 4.59
N GLY O 14 -40.70 -2.10 -84.19
CA GLY O 14 -41.85 -2.47 -83.32
C GLY O 14 -41.97 -1.71 -82.00
N LYS O 15 -41.72 -0.40 -82.04
CA LYS O 15 -41.80 0.47 -80.86
C LYS O 15 -42.91 1.52 -81.01
N ASP O 16 -43.57 1.86 -79.90
CA ASP O 16 -44.68 2.83 -79.96
C ASP O 16 -44.51 4.04 -79.03
N PHE O 17 -44.17 5.16 -79.62
CA PHE O 17 -43.88 6.36 -78.86
C PHE O 17 -45.11 7.20 -78.65
N ARG O 18 -46.20 6.81 -79.28
CA ARG O 18 -47.49 7.52 -79.14
C ARG O 18 -47.33 9.03 -79.35
N THR O 19 -46.76 9.40 -80.50
CA THR O 19 -46.40 10.79 -80.79
C THR O 19 -47.63 11.67 -81.03
N ASP O 20 -48.80 11.05 -81.09
CA ASP O 20 -50.07 11.75 -81.24
C ASP O 20 -50.64 12.20 -79.88
N GLN O 21 -50.02 11.78 -78.79
CA GLN O 21 -50.48 12.15 -77.43
C GLN O 21 -49.35 12.76 -76.59
N PRO O 22 -49.37 14.09 -76.42
CA PRO O 22 -48.23 14.75 -75.81
C PRO O 22 -48.18 14.53 -74.31
N GLN O 23 -46.99 14.42 -73.75
CA GLN O 23 -46.81 14.24 -72.31
C GLN O 23 -47.43 15.39 -71.53
N LYS O 24 -48.04 15.11 -70.38
CA LYS O 24 -48.74 16.12 -69.60
C LYS O 24 -48.44 15.99 -68.10
N ASN O 25 -48.04 17.08 -67.45
CA ASN O 25 -47.75 17.04 -66.02
C ASN O 25 -49.02 16.81 -65.20
N ILE O 26 -48.92 15.94 -64.20
CA ILE O 26 -50.00 15.74 -63.26
C ILE O 26 -49.90 16.67 -62.05
N PRO O 27 -50.89 17.56 -61.86
CA PRO O 27 -50.78 18.57 -60.79
C PRO O 27 -50.80 17.96 -59.38
N PHE O 28 -50.04 18.56 -58.46
CA PHE O 28 -50.04 18.19 -57.04
C PHE O 28 -50.97 19.22 -56.37
N THR O 29 -52.02 18.78 -55.67
CA THR O 29 -53.09 19.68 -55.24
C THR O 29 -53.04 20.00 -53.77
N LEU O 30 -52.30 19.21 -52.98
CA LEU O 30 -52.24 19.49 -51.53
C LEU O 30 -52.01 20.99 -51.30
N LYS O 31 -52.92 21.62 -50.55
CA LYS O 31 -52.89 23.07 -50.34
C LYS O 31 -51.50 23.66 -50.05
N GLY O 32 -51.06 24.57 -50.91
CA GLY O 32 -49.78 25.28 -50.73
C GLY O 32 -48.47 24.49 -50.88
N CYS O 33 -48.54 23.28 -51.39
CA CYS O 33 -47.37 22.44 -51.55
C CYS O 33 -47.10 22.12 -53.01
N GLY O 34 -47.59 22.98 -53.90
CA GLY O 34 -47.50 22.74 -55.32
C GLY O 34 -46.17 23.07 -55.93
N ALA O 35 -45.28 23.71 -55.16
CA ALA O 35 -43.98 24.07 -55.64
C ALA O 35 -42.85 23.55 -54.76
N LEU O 36 -42.94 22.29 -54.36
CA LEU O 36 -41.87 21.65 -53.60
C LEU O 36 -41.22 20.55 -54.40
N ASP O 37 -40.00 20.20 -54.05
CA ASP O 37 -39.31 19.10 -54.72
C ASP O 37 -40.06 17.74 -54.58
N TRP O 38 -39.79 16.81 -55.49
CA TRP O 38 -40.39 15.50 -55.45
C TRP O 38 -40.38 14.86 -54.04
N GLY O 39 -39.21 14.68 -53.45
CA GLY O 39 -39.07 14.03 -52.15
C GLY O 39 -39.92 14.67 -51.06
N MET O 40 -39.97 16.00 -51.01
CA MET O 40 -40.75 16.66 -49.99
C MET O 40 -42.22 16.42 -50.26
N GLN O 41 -42.60 16.44 -51.54
CA GLN O 41 -43.99 16.16 -51.92
C GLN O 41 -44.33 14.73 -51.59
N SER O 42 -43.33 13.86 -51.69
CA SER O 42 -43.57 12.46 -51.45
C SER O 42 -43.79 12.22 -49.96
N ARG O 43 -43.00 12.88 -49.13
CA ARG O 43 -43.18 12.77 -47.71
C ARG O 43 -44.54 13.31 -47.29
N LEU O 44 -44.96 14.44 -47.84
CA LEU O 44 -46.28 15.01 -47.55
C LEU O 44 -47.43 14.08 -47.97
N SER O 45 -47.26 13.37 -49.09
CA SER O 45 -48.22 12.38 -49.54
C SER O 45 -48.33 11.10 -48.66
N ARG O 46 -47.34 10.83 -47.83
CA ARG O 46 -47.47 9.75 -46.88
C ARG O 46 -48.34 10.22 -45.76
N ILE O 47 -48.33 11.52 -45.49
CA ILE O 47 -49.11 12.11 -44.39
C ILE O 47 -50.57 12.39 -44.77
N PHE O 48 -50.75 13.11 -45.87
CA PHE O 48 -52.07 13.51 -46.34
C PHE O 48 -52.40 12.64 -47.51
N ASN O 49 -53.40 11.78 -47.33
CA ASN O 49 -53.86 10.89 -48.38
C ASN O 49 -54.17 11.72 -49.62
N PRO O 50 -53.57 11.35 -50.77
CA PRO O 50 -53.70 12.11 -52.02
C PRO O 50 -55.13 12.18 -52.55
N LYS O 51 -55.93 11.13 -52.33
CA LYS O 51 -57.33 11.11 -52.77
C LYS O 51 -58.16 12.15 -52.03
N THR O 52 -58.01 12.22 -50.71
CA THR O 52 -58.88 13.05 -49.90
C THR O 52 -58.27 14.37 -49.50
N GLY O 53 -56.94 14.44 -49.57
CA GLY O 53 -56.21 15.59 -49.07
C GLY O 53 -56.20 15.73 -47.55
N LYS O 54 -56.56 14.66 -46.84
CA LYS O 54 -56.70 14.72 -45.39
C LYS O 54 -55.89 13.68 -44.62
N THR O 55 -55.76 13.87 -43.31
CA THR O 55 -54.97 12.99 -42.46
C THR O 55 -55.59 12.78 -41.10
N VAL O 56 -55.50 11.53 -40.60
CA VAL O 56 -55.81 11.20 -39.21
C VAL O 56 -54.50 10.80 -38.55
N MET O 57 -54.10 11.63 -37.60
CA MET O 57 -52.83 11.48 -36.94
C MET O 57 -53.02 11.05 -35.49
N LEU O 58 -52.27 10.04 -35.06
CA LEU O 58 -52.30 9.62 -33.65
C LEU O 58 -51.07 10.19 -32.92
N ALA O 59 -51.30 11.15 -32.02
CA ALA O 59 -50.23 11.79 -31.27
C ALA O 59 -50.04 11.17 -29.88
N PHE O 60 -48.82 10.80 -29.55
CA PHE O 60 -48.49 10.35 -28.19
C PHE O 60 -47.09 10.80 -27.73
N ASP O 61 -46.73 12.05 -28.06
CA ASP O 61 -45.44 12.64 -27.70
C ASP O 61 -45.51 13.41 -26.39
N HIS O 62 -46.69 13.48 -25.78
CA HIS O 62 -46.95 14.26 -24.56
C HIS O 62 -45.89 14.09 -23.47
N GLY O 63 -45.24 12.92 -23.44
CA GLY O 63 -44.25 12.58 -22.42
C GLY O 63 -43.02 13.47 -22.44
N TYR O 64 -42.80 14.18 -23.55
CA TYR O 64 -41.55 14.92 -23.75
C TYR O 64 -41.30 16.00 -22.74
N PHE O 65 -42.38 16.54 -22.17
CA PHE O 65 -42.26 17.52 -21.10
C PHE O 65 -43.16 17.21 -19.91
N GLN O 66 -43.94 16.14 -20.03
CA GLN O 66 -44.89 15.77 -18.98
C GLN O 66 -44.59 14.48 -18.22
N GLY O 67 -43.66 13.67 -18.69
CA GLY O 67 -43.45 12.35 -18.10
C GLY O 67 -44.66 11.48 -18.39
N PRO O 68 -44.86 10.39 -17.61
CA PRO O 68 -45.87 9.36 -17.89
C PRO O 68 -47.29 9.88 -17.62
N THR O 69 -47.90 10.41 -18.65
CA THR O 69 -49.19 11.08 -18.54
C THR O 69 -50.31 10.04 -18.67
N THR O 70 -51.51 10.35 -18.17
CA THR O 70 -52.62 9.37 -18.15
C THR O 70 -52.99 8.79 -19.51
N GLY O 71 -52.86 7.48 -19.64
CA GLY O 71 -53.12 6.80 -20.92
C GLY O 71 -51.84 6.41 -21.62
N LEU O 72 -50.74 7.10 -21.31
CA LEU O 72 -49.48 6.89 -21.97
C LEU O 72 -48.44 6.27 -21.03
N GLU O 73 -48.90 5.71 -19.93
CA GLU O 73 -47.99 5.09 -18.99
C GLU O 73 -47.27 3.95 -19.65
N ARG O 74 -47.99 3.16 -20.44
CA ARG O 74 -47.41 2.02 -21.14
C ARG O 74 -47.73 2.04 -22.64
N ILE O 75 -46.92 2.75 -23.44
CA ILE O 75 -47.15 2.91 -24.88
C ILE O 75 -47.16 1.51 -25.52
N ASP O 76 -46.31 0.64 -24.99
CA ASP O 76 -46.08 -0.66 -25.57
C ASP O 76 -47.27 -1.59 -25.48
N ILE O 77 -48.15 -1.33 -24.50
CA ILE O 77 -49.30 -2.20 -24.28
C ILE O 77 -50.59 -1.53 -24.73
N ASN O 78 -50.76 -0.31 -24.28
CA ASN O 78 -51.97 0.44 -24.45
C ASN O 78 -52.16 1.07 -25.84
N ILE O 79 -51.07 1.62 -26.40
CA ILE O 79 -51.13 2.40 -27.64
C ILE O 79 -50.73 1.57 -28.85
N ALA O 80 -49.82 0.61 -28.65
CA ALA O 80 -49.36 -0.26 -29.76
C ALA O 80 -50.49 -0.93 -30.60
N PRO O 81 -51.58 -1.39 -29.97
CA PRO O 81 -52.67 -1.92 -30.82
C PRO O 81 -53.38 -0.87 -31.65
N LEU O 82 -53.12 0.42 -31.41
CA LEU O 82 -53.81 1.47 -32.16
C LEU O 82 -53.09 1.87 -33.44
N PHE O 83 -51.80 1.53 -33.53
CA PHE O 83 -50.96 2.07 -34.60
C PHE O 83 -51.60 1.80 -35.96
N GLU O 84 -51.95 0.52 -36.20
CA GLU O 84 -52.45 0.10 -37.50
C GLU O 84 -53.70 0.86 -37.95
N HIS O 85 -54.42 1.50 -37.03
CA HIS O 85 -55.63 2.27 -37.39
C HIS O 85 -55.41 3.74 -37.68
N ALA O 86 -54.16 4.19 -37.53
CA ALA O 86 -53.84 5.59 -37.76
C ALA O 86 -53.21 5.76 -39.13
N ASP O 87 -53.37 6.93 -39.73
CA ASP O 87 -52.67 7.26 -40.96
C ASP O 87 -51.21 7.49 -40.63
N VAL O 88 -50.96 8.30 -39.59
CA VAL O 88 -49.61 8.74 -39.22
C VAL O 88 -49.45 8.78 -37.69
N LEU O 89 -48.27 8.36 -37.22
CA LEU O 89 -47.94 8.41 -35.83
C LEU O 89 -47.18 9.69 -35.55
N MET O 90 -47.35 10.24 -34.36
CA MET O 90 -46.53 11.38 -33.91
C MET O 90 -45.95 11.11 -32.54
N CYS O 91 -44.63 11.17 -32.41
CA CYS O 91 -43.99 10.88 -31.14
C CYS O 91 -42.52 11.29 -31.15
N THR O 92 -41.83 11.10 -30.03
CA THR O 92 -40.43 11.43 -29.92
C THR O 92 -39.55 10.31 -30.42
N ARG O 93 -38.28 10.61 -30.71
CA ARG O 93 -37.35 9.56 -31.10
C ARG O 93 -37.10 8.53 -30.00
N GLY O 94 -37.35 8.91 -28.76
CA GLY O 94 -37.01 8.04 -27.66
C GLY O 94 -38.04 6.95 -27.54
N ILE O 95 -39.30 7.32 -27.69
CA ILE O 95 -40.38 6.39 -27.73
C ILE O 95 -40.29 5.58 -29.01
N LEU O 96 -39.95 6.24 -30.12
CA LEU O 96 -39.95 5.57 -31.40
C LEU O 96 -38.98 4.39 -31.38
N ARG O 97 -37.74 4.65 -31.02
CA ARG O 97 -36.77 3.59 -31.06
C ARG O 97 -37.10 2.50 -30.06
N SER O 98 -37.70 2.86 -28.94
CA SER O 98 -37.70 1.90 -27.82
C SER O 98 -38.93 0.99 -27.87
N VAL O 99 -40.09 1.54 -28.19
CA VAL O 99 -41.31 0.76 -28.17
C VAL O 99 -42.25 0.78 -29.39
N VAL O 100 -41.99 1.61 -30.39
CA VAL O 100 -42.74 1.55 -31.63
C VAL O 100 -42.00 0.55 -32.52
N PRO O 101 -42.58 -0.66 -32.72
CA PRO O 101 -41.91 -1.63 -33.61
C PRO O 101 -41.79 -1.04 -35.02
N PRO O 102 -40.59 -1.13 -35.62
CA PRO O 102 -40.42 -0.58 -36.98
C PRO O 102 -41.31 -1.30 -38.00
N ALA O 103 -41.72 -2.53 -37.71
CA ALA O 103 -42.60 -3.30 -38.59
C ALA O 103 -43.98 -2.69 -38.70
N THR O 104 -44.28 -1.72 -37.85
CA THR O 104 -45.54 -1.00 -37.87
C THR O 104 -45.83 -0.45 -39.25
N ASN O 105 -44.80 -0.03 -39.97
CA ASN O 105 -44.97 0.47 -41.36
C ASN O 105 -46.02 1.59 -41.49
N ARG O 106 -45.84 2.62 -40.69
CA ARG O 106 -46.73 3.76 -40.64
C ARG O 106 -45.81 5.00 -40.64
N PRO O 107 -46.17 6.04 -41.41
CA PRO O 107 -45.43 7.29 -41.46
C PRO O 107 -45.32 7.92 -40.08
N VAL O 108 -44.14 8.43 -39.71
CA VAL O 108 -44.01 9.16 -38.42
C VAL O 108 -43.66 10.64 -38.51
N VAL O 109 -44.25 11.47 -37.67
CA VAL O 109 -43.86 12.85 -37.55
C VAL O 109 -43.13 12.96 -36.20
N LEU O 110 -41.86 13.34 -36.21
CA LEU O 110 -41.09 13.36 -34.98
C LEU O 110 -41.20 14.69 -34.23
N ARG O 111 -41.47 14.60 -32.94
CA ARG O 111 -41.38 15.75 -32.04
C ARG O 111 -39.92 16.16 -31.99
N ALA O 112 -39.64 17.38 -32.43
CA ALA O 112 -38.27 17.83 -32.52
C ALA O 112 -37.94 19.01 -31.59
N SER O 113 -38.78 19.24 -30.59
CA SER O 113 -38.48 20.26 -29.60
C SER O 113 -38.61 19.65 -28.23
N GLY O 114 -38.03 20.31 -27.24
CA GLY O 114 -38.15 19.88 -25.84
C GLY O 114 -37.25 20.72 -24.95
N ALA O 115 -36.77 20.10 -23.85
CA ALA O 115 -35.95 20.73 -22.82
C ALA O 115 -36.75 21.64 -21.92
N ASN O 116 -38.06 21.50 -21.98
CA ASN O 116 -38.98 22.17 -21.05
C ASN O 116 -39.63 21.09 -20.20
N SER O 117 -40.35 21.50 -19.17
CA SER O 117 -41.11 20.53 -18.39
C SER O 117 -42.21 21.26 -17.63
N ILE O 118 -43.14 20.48 -17.13
CA ILE O 118 -44.28 21.01 -16.37
C ILE O 118 -43.85 21.69 -15.07
N LEU O 119 -42.62 21.44 -14.61
CA LEU O 119 -42.10 22.10 -13.43
C LEU O 119 -41.47 23.46 -13.69
N ALA O 120 -41.44 23.94 -14.94
CA ALA O 120 -40.84 25.26 -15.25
C ALA O 120 -41.62 26.02 -16.34
N GLU O 121 -41.00 27.07 -16.88
CA GLU O 121 -41.66 27.84 -17.91
C GLU O 121 -41.85 26.95 -19.11
N LEU O 122 -43.09 26.92 -19.59
CA LEU O 122 -43.51 26.01 -20.63
C LEU O 122 -42.88 26.29 -21.97
N SER O 123 -42.78 27.58 -22.33
CA SER O 123 -42.30 27.99 -23.63
C SER O 123 -40.78 27.85 -23.79
N ASN O 124 -40.09 27.44 -22.74
CA ASN O 124 -38.62 27.32 -22.76
C ASN O 124 -38.15 26.08 -23.49
N GLU O 125 -38.37 26.07 -24.80
CA GLU O 125 -38.04 24.91 -25.62
C GLU O 125 -36.82 25.14 -26.49
N ALA O 126 -36.05 24.09 -26.74
CA ALA O 126 -34.96 24.08 -27.70
C ALA O 126 -35.21 22.98 -28.72
N VAL O 127 -34.54 23.01 -29.86
CA VAL O 127 -34.61 21.92 -30.82
C VAL O 127 -34.06 20.66 -30.14
N ALA O 128 -34.79 19.55 -30.26
CA ALA O 128 -34.46 18.35 -29.49
C ALA O 128 -33.93 17.19 -30.32
N LEU O 129 -33.77 17.38 -31.63
CA LEU O 129 -33.10 16.37 -32.45
C LEU O 129 -32.56 16.98 -33.70
N SER O 130 -31.41 16.49 -34.14
CA SER O 130 -30.76 17.02 -35.32
C SER O 130 -31.47 16.48 -36.55
N MET O 131 -31.45 17.24 -37.64
CA MET O 131 -32.06 16.79 -38.91
C MET O 131 -31.39 15.47 -39.34
N ASP O 132 -30.08 15.40 -39.13
CA ASP O 132 -29.29 14.17 -39.23
C ASP O 132 -30.08 12.93 -38.76
N ASP O 133 -30.62 13.01 -37.55
CA ASP O 133 -31.23 11.87 -36.94
C ASP O 133 -32.63 11.68 -37.43
N ALA O 134 -33.32 12.77 -37.75
CA ALA O 134 -34.64 12.67 -38.36
C ALA O 134 -34.54 11.89 -39.65
N VAL O 135 -33.50 12.14 -40.41
CA VAL O 135 -33.30 11.42 -41.66
C VAL O 135 -32.95 9.97 -41.36
N ARG O 136 -32.03 9.77 -40.44
CA ARG O 136 -31.71 8.41 -40.00
C ARG O 136 -32.97 7.59 -39.67
N LEU O 137 -33.97 8.24 -39.09
CA LEU O 137 -35.15 7.54 -38.61
C LEU O 137 -36.24 7.48 -39.63
N ASN O 138 -35.99 8.01 -40.81
CA ASN O 138 -36.93 7.99 -41.94
C ASN O 138 -38.23 8.70 -41.60
N SER O 139 -38.15 9.87 -40.99
CA SER O 139 -39.35 10.62 -40.69
C SER O 139 -40.01 11.12 -41.95
N CYS O 140 -41.26 11.50 -41.82
CA CYS O 140 -41.95 12.23 -42.86
C CYS O 140 -42.00 13.69 -42.60
N ALA O 141 -41.88 14.06 -41.32
CA ALA O 141 -41.84 15.44 -40.92
C ALA O 141 -41.28 15.56 -39.53
N VAL O 142 -40.83 16.76 -39.18
CA VAL O 142 -40.41 17.09 -37.81
C VAL O 142 -41.30 18.20 -37.29
N ALA O 143 -41.54 18.18 -35.98
CA ALA O 143 -42.47 19.11 -35.36
C ALA O 143 -41.84 19.90 -34.21
N ALA O 144 -42.18 21.17 -34.12
CA ALA O 144 -41.77 21.98 -33.00
C ALA O 144 -42.85 22.99 -32.60
N GLN O 145 -42.89 23.37 -31.33
CA GLN O 145 -43.85 24.38 -30.85
C GLN O 145 -43.40 25.77 -31.09
N VAL O 146 -44.34 26.60 -31.54
CA VAL O 146 -44.12 28.02 -31.53
C VAL O 146 -45.00 28.59 -30.41
N TYR O 147 -44.47 29.52 -29.62
CA TYR O 147 -45.20 30.07 -28.49
C TYR O 147 -45.42 31.56 -28.58
N ILE O 148 -46.20 32.01 -29.57
CA ILE O 148 -46.43 33.44 -29.77
C ILE O 148 -47.05 33.98 -28.50
N GLY O 149 -46.56 35.13 -28.03
CA GLY O 149 -47.06 35.75 -26.81
C GLY O 149 -46.44 35.26 -25.52
N SER O 150 -45.66 34.18 -25.55
CA SER O 150 -44.99 33.71 -24.33
C SER O 150 -43.62 34.33 -24.05
N GLU O 151 -43.07 34.02 -22.88
CA GLU O 151 -41.76 34.55 -22.51
C GLU O 151 -40.67 34.23 -23.52
N TYR O 152 -40.64 33.00 -24.03
CA TYR O 152 -39.62 32.54 -24.98
C TYR O 152 -40.15 32.44 -26.42
N GLU O 153 -41.08 33.32 -26.76
CA GLU O 153 -41.57 33.42 -28.12
C GLU O 153 -40.44 33.47 -29.16
N HIS O 154 -39.46 34.33 -28.91
CA HIS O 154 -38.37 34.56 -29.87
C HIS O 154 -37.62 33.27 -30.15
N GLN O 155 -37.19 32.58 -29.10
CA GLN O 155 -36.46 31.34 -29.27
C GLN O 155 -37.31 30.30 -30.01
N SER O 156 -38.59 30.22 -29.70
CA SER O 156 -39.44 29.21 -30.34
C SER O 156 -39.57 29.41 -31.83
N ILE O 157 -39.63 30.68 -32.30
CA ILE O 157 -39.62 30.93 -33.74
C ILE O 157 -38.29 30.56 -34.35
N LYS O 158 -37.21 30.92 -33.65
CA LYS O 158 -35.86 30.50 -34.06
C LYS O 158 -35.78 28.99 -34.26
N ASN O 159 -36.41 28.22 -33.38
CA ASN O 159 -36.48 26.74 -33.54
C ASN O 159 -37.11 26.35 -34.91
N ILE O 160 -38.17 27.03 -35.27
CA ILE O 160 -38.85 26.75 -36.54
C ILE O 160 -37.94 27.11 -37.70
N ILE O 161 -37.38 28.32 -37.66
CA ILE O 161 -36.42 28.74 -38.64
C ILE O 161 -35.32 27.68 -38.81
N GLN O 162 -34.80 27.18 -37.69
CA GLN O 162 -33.70 26.28 -37.76
C GLN O 162 -34.10 24.95 -38.43
N LEU O 163 -35.27 24.45 -38.08
CA LEU O 163 -35.74 23.21 -38.65
C LEU O 163 -36.04 23.32 -40.13
N VAL O 164 -36.72 24.40 -40.54
CA VAL O 164 -36.94 24.68 -41.96
C VAL O 164 -35.63 24.78 -42.72
N ASP O 165 -34.69 25.59 -42.23
CA ASP O 165 -33.35 25.65 -42.83
C ASP O 165 -32.75 24.27 -43.10
N ALA O 166 -32.76 23.42 -42.07
CA ALA O 166 -32.10 22.12 -42.15
C ALA O 166 -32.94 21.13 -42.97
N GLY O 167 -34.25 21.29 -42.86
CA GLY O 167 -35.21 20.49 -43.62
C GLY O 167 -35.17 20.71 -45.12
N MET O 168 -34.95 21.95 -45.57
CA MET O 168 -34.89 22.22 -47.00
C MET O 168 -33.68 21.56 -47.67
N LYS O 169 -32.60 21.36 -46.90
CA LYS O 169 -31.41 20.73 -47.49
C LYS O 169 -31.70 19.28 -47.86
N VAL O 170 -32.76 18.72 -47.32
CA VAL O 170 -32.88 17.29 -47.16
C VAL O 170 -34.23 16.74 -47.64
N GLY O 171 -35.18 17.63 -47.92
CA GLY O 171 -36.48 17.24 -48.38
C GLY O 171 -37.43 16.98 -47.24
N MET O 172 -37.08 17.44 -46.05
CA MET O 172 -37.90 17.13 -44.88
C MET O 172 -38.85 18.27 -44.54
N PRO O 173 -40.17 18.03 -44.58
CA PRO O 173 -41.15 19.06 -44.18
C PRO O 173 -41.11 19.35 -42.69
N THR O 174 -41.39 20.58 -42.33
CA THR O 174 -41.46 20.97 -40.92
C THR O 174 -42.88 21.32 -40.52
N MET O 175 -43.30 20.83 -39.35
CA MET O 175 -44.63 21.13 -38.81
C MET O 175 -44.49 22.04 -37.60
N ALA O 176 -45.12 23.22 -37.68
CA ALA O 176 -45.14 24.14 -36.54
C ALA O 176 -46.41 23.96 -35.77
N VAL O 177 -46.31 23.82 -34.44
CA VAL O 177 -47.48 23.57 -33.58
C VAL O 177 -47.66 24.80 -32.71
N THR O 178 -48.84 25.43 -32.75
CA THR O 178 -49.09 26.67 -31.99
C THR O 178 -49.40 26.36 -30.53
N GLY O 179 -48.39 26.39 -29.66
CA GLY O 179 -48.61 26.18 -28.24
C GLY O 179 -49.04 27.47 -27.58
N VAL O 180 -49.77 27.38 -26.47
CA VAL O 180 -50.36 28.57 -25.84
C VAL O 180 -49.80 28.93 -24.45
N VAL O 185 -55.37 34.14 -24.08
CA VAL O 185 -56.70 34.04 -24.72
C VAL O 185 -56.69 33.17 -25.97
N ARG O 186 -57.54 32.15 -26.01
CA ARG O 186 -57.56 31.21 -27.11
C ARG O 186 -58.59 31.52 -28.19
N ASP O 187 -58.48 32.66 -28.86
CA ASP O 187 -59.44 33.06 -29.90
C ASP O 187 -58.91 33.08 -31.34
N GLN O 188 -59.76 33.46 -32.29
CA GLN O 188 -59.39 33.43 -33.72
C GLN O 188 -58.26 34.38 -34.04
N ARG O 189 -58.31 35.60 -33.51
CA ARG O 189 -57.30 36.57 -33.89
C ARG O 189 -55.91 36.14 -33.39
N TYR O 190 -55.86 35.46 -32.25
CA TYR O 190 -54.60 34.95 -31.78
C TYR O 190 -54.05 33.85 -32.69
N PHE O 191 -54.88 32.86 -33.01
CA PHE O 191 -54.44 31.73 -33.79
C PHE O 191 -54.12 32.10 -35.21
N SER O 192 -54.85 33.07 -35.73
CA SER O 192 -54.51 33.69 -37.01
C SER O 192 -53.10 34.27 -36.99
N LEU O 193 -52.77 35.04 -35.95
CA LEU O 193 -51.45 35.58 -35.84
C LEU O 193 -50.41 34.45 -35.82
N ALA O 194 -50.59 33.50 -34.91
CA ALA O 194 -49.59 32.46 -34.71
C ALA O 194 -49.44 31.58 -35.93
N THR O 195 -50.57 31.13 -36.50
CA THR O 195 -50.49 30.22 -37.63
C THR O 195 -49.81 30.90 -38.81
N ARG O 196 -50.19 32.16 -39.06
CA ARG O 196 -49.64 32.91 -40.21
C ARG O 196 -48.15 33.20 -40.09
N ILE O 197 -47.70 33.60 -38.90
CA ILE O 197 -46.25 33.78 -38.71
C ILE O 197 -45.48 32.49 -39.04
N ALA O 198 -45.90 31.37 -38.44
CA ALA O 198 -45.26 30.07 -38.65
C ALA O 198 -45.18 29.69 -40.15
N ALA O 199 -46.26 29.93 -40.87
CA ALA O 199 -46.30 29.62 -42.28
C ALA O 199 -45.37 30.53 -43.03
N GLU O 200 -45.33 31.79 -42.61
CA GLU O 200 -44.53 32.80 -43.28
C GLU O 200 -43.04 32.52 -43.10
N MET O 201 -42.66 32.00 -41.93
CA MET O 201 -41.29 31.53 -41.68
C MET O 201 -40.92 30.24 -42.43
N GLY O 202 -41.93 29.47 -42.87
CA GLY O 202 -41.68 28.43 -43.86
C GLY O 202 -42.12 27.02 -43.53
N ALA O 203 -42.79 26.86 -42.38
CA ALA O 203 -43.34 25.58 -41.99
C ALA O 203 -44.30 25.10 -43.06
N GLN O 204 -44.24 23.81 -43.41
CA GLN O 204 -45.12 23.30 -44.47
C GLN O 204 -46.45 22.81 -43.92
N ILE O 205 -46.49 22.47 -42.64
CA ILE O 205 -47.71 22.05 -41.99
C ILE O 205 -47.88 22.85 -40.72
N ILE O 206 -49.13 23.19 -40.40
CA ILE O 206 -49.45 23.91 -39.16
C ILE O 206 -50.44 23.12 -38.32
N LYS O 207 -50.10 22.86 -37.07
CA LYS O 207 -51.04 22.27 -36.18
C LYS O 207 -51.54 23.34 -35.22
N THR O 208 -52.86 23.48 -35.09
CA THR O 208 -53.43 24.47 -34.18
C THR O 208 -54.66 23.90 -33.49
N TYR O 209 -55.41 24.71 -32.77
CA TYR O 209 -56.62 24.23 -32.05
C TYR O 209 -57.88 24.68 -32.75
N TYR O 210 -58.95 23.89 -32.64
CA TYR O 210 -60.25 24.32 -33.16
C TYR O 210 -60.82 25.46 -32.31
N VAL O 211 -61.51 26.38 -32.95
CA VAL O 211 -62.11 27.50 -32.24
C VAL O 211 -63.62 27.59 -32.54
N GLU O 212 -64.43 27.83 -31.49
CA GLU O 212 -65.90 27.92 -31.61
C GLU O 212 -66.36 28.82 -32.74
N LYS O 213 -65.66 29.95 -32.92
CA LYS O 213 -66.01 30.89 -33.99
C LYS O 213 -64.80 31.53 -34.69
N GLY O 214 -64.90 31.61 -36.00
CA GLY O 214 -63.83 32.15 -36.81
C GLY O 214 -62.83 31.15 -37.36
N PHE O 215 -62.93 29.87 -36.98
CA PHE O 215 -61.98 28.89 -37.46
C PHE O 215 -61.80 28.93 -38.97
N GLU O 216 -62.88 29.21 -39.68
CA GLU O 216 -62.83 29.38 -41.13
C GLU O 216 -61.73 30.36 -41.56
N ARG O 217 -61.57 31.43 -40.78
CA ARG O 217 -60.62 32.50 -41.08
C ARG O 217 -59.18 32.08 -40.82
N ILE O 218 -59.00 31.29 -39.77
CA ILE O 218 -57.69 30.71 -39.47
C ILE O 218 -57.23 29.87 -40.66
N VAL O 219 -58.12 29.06 -41.20
CA VAL O 219 -57.80 28.26 -42.38
C VAL O 219 -57.54 29.15 -43.61
N ALA O 220 -58.42 30.10 -43.85
CA ALA O 220 -58.32 30.87 -45.09
C ALA O 220 -57.05 31.71 -45.13
N GLY O 221 -56.65 32.25 -43.97
CA GLY O 221 -55.47 33.09 -43.88
C GLY O 221 -54.16 32.31 -43.85
N CYS O 222 -54.23 31.00 -43.82
CA CYS O 222 -53.02 30.20 -43.72
C CYS O 222 -52.78 29.51 -45.06
N PRO O 223 -51.66 29.79 -45.71
CA PRO O 223 -51.45 29.24 -47.05
C PRO O 223 -51.03 27.77 -47.10
N VAL O 224 -50.99 27.05 -45.97
CA VAL O 224 -50.54 25.64 -45.98
C VAL O 224 -51.47 24.81 -45.14
N PRO O 225 -51.38 23.46 -45.24
CA PRO O 225 -52.35 22.57 -44.58
C PRO O 225 -52.43 22.80 -43.10
N ILE O 226 -53.64 22.88 -42.55
CA ILE O 226 -53.83 22.95 -41.10
C ILE O 226 -54.40 21.66 -40.54
N VAL O 227 -53.80 21.20 -39.43
CA VAL O 227 -54.29 20.03 -38.71
C VAL O 227 -54.68 20.53 -37.31
N ILE O 228 -55.77 20.01 -36.74
CA ILE O 228 -56.18 20.41 -35.41
C ILE O 228 -55.76 19.40 -34.33
N ALA O 229 -55.48 19.92 -33.14
CA ALA O 229 -55.18 19.10 -31.99
C ALA O 229 -56.48 18.83 -31.25
N GLY O 230 -56.54 17.67 -30.60
CA GLY O 230 -57.73 17.20 -29.91
C GLY O 230 -58.09 18.00 -28.68
N GLY O 231 -57.09 18.46 -27.92
CA GLY O 231 -57.32 19.10 -26.62
C GLY O 231 -57.71 18.10 -25.55
N LYS O 232 -58.16 18.58 -24.38
CA LYS O 232 -58.59 17.70 -23.25
C LYS O 232 -59.73 16.73 -23.61
N LYS O 233 -59.81 15.64 -22.87
CA LYS O 233 -60.80 14.61 -23.10
C LYS O 233 -62.22 15.17 -23.09
N LEU O 234 -62.96 14.89 -24.15
CA LEU O 234 -64.39 15.21 -24.20
C LEU O 234 -65.20 13.90 -24.31
N PRO O 235 -66.51 13.97 -24.03
CA PRO O 235 -67.37 12.83 -24.39
C PRO O 235 -67.27 12.54 -25.90
N GLU O 236 -67.14 11.28 -26.25
CA GLU O 236 -66.90 10.89 -27.64
C GLU O 236 -67.74 11.66 -28.67
N ARG O 237 -69.04 11.84 -28.42
CA ARG O 237 -69.88 12.48 -29.43
C ARG O 237 -69.51 13.94 -29.64
N GLU O 238 -69.11 14.63 -28.58
CA GLU O 238 -68.68 16.03 -28.70
C GLU O 238 -67.34 16.16 -29.44
N ALA O 239 -66.45 15.21 -29.16
CA ALA O 239 -65.19 15.11 -29.87
C ALA O 239 -65.41 14.91 -31.36
N LEU O 240 -66.30 14.00 -31.74
CA LEU O 240 -66.62 13.84 -33.16
C LEU O 240 -67.27 15.09 -33.78
N GLU O 241 -68.04 15.85 -33.01
CA GLU O 241 -68.57 17.14 -33.50
C GLU O 241 -67.45 18.13 -33.84
N MET O 242 -66.51 18.28 -32.90
CA MET O 242 -65.32 19.10 -33.11
C MET O 242 -64.62 18.71 -34.41
N CYS O 243 -64.34 17.43 -34.61
CA CYS O 243 -63.72 16.99 -35.86
C CYS O 243 -64.57 17.41 -37.04
N TRP O 244 -65.86 17.10 -36.98
CA TRP O 244 -66.76 17.40 -38.08
C TRP O 244 -66.68 18.87 -38.44
N GLN O 245 -66.78 19.74 -37.44
CA GLN O 245 -66.74 21.17 -37.67
C GLN O 245 -65.39 21.60 -38.29
N ALA O 246 -64.28 21.10 -37.74
CA ALA O 246 -62.94 21.46 -38.23
C ALA O 246 -62.77 21.07 -39.70
N ILE O 247 -63.08 19.82 -40.02
CA ILE O 247 -63.04 19.35 -41.40
C ILE O 247 -63.97 20.17 -42.28
N ASP O 248 -65.20 20.35 -41.83
CA ASP O 248 -66.18 21.09 -42.62
C ASP O 248 -65.68 22.51 -42.93
N GLN O 249 -64.97 23.09 -41.96
CA GLN O 249 -64.48 24.46 -42.10
C GLN O 249 -63.11 24.59 -42.78
N GLY O 250 -62.60 23.48 -43.32
CA GLY O 250 -61.34 23.55 -44.09
C GLY O 250 -60.08 22.92 -43.53
N ALA O 251 -60.09 22.41 -42.30
CA ALA O 251 -58.93 21.70 -41.78
C ALA O 251 -58.53 20.55 -42.71
N SER O 252 -57.25 20.21 -42.74
CA SER O 252 -56.78 19.13 -43.61
C SER O 252 -56.60 17.84 -42.80
N GLY O 253 -56.98 17.86 -41.54
CA GLY O 253 -56.79 16.67 -40.73
C GLY O 253 -56.93 16.92 -39.26
N VAL O 254 -56.88 15.85 -38.48
CA VAL O 254 -56.96 16.01 -37.07
C VAL O 254 -55.88 15.17 -36.47
N ASP O 255 -55.44 15.61 -35.32
CA ASP O 255 -54.43 14.91 -34.63
C ASP O 255 -54.89 14.75 -33.20
N MET O 256 -55.60 13.66 -32.94
CA MET O 256 -56.04 13.39 -31.58
C MET O 256 -55.07 12.58 -30.76
N GLY O 257 -55.06 12.86 -29.48
CA GLY O 257 -54.33 12.07 -28.53
C GLY O 257 -55.32 11.64 -27.50
N ARG O 258 -55.50 12.49 -26.50
CA ARG O 258 -56.32 12.16 -25.35
C ARG O 258 -57.69 11.61 -25.76
N ASN O 259 -58.37 12.31 -26.66
CA ASN O 259 -59.68 11.88 -27.09
C ASN O 259 -59.73 10.50 -27.74
N ILE O 260 -58.56 9.94 -28.03
CA ILE O 260 -58.50 8.57 -28.51
C ILE O 260 -57.97 7.64 -27.43
N PHE O 261 -56.77 7.90 -26.91
CA PHE O 261 -56.15 6.95 -26.03
C PHE O 261 -56.70 6.95 -24.59
N GLN O 262 -57.47 7.98 -24.27
CA GLN O 262 -58.20 7.99 -23.01
C GLN O 262 -59.69 7.56 -23.12
N SER O 263 -60.14 7.17 -24.31
CA SER O 263 -61.49 6.64 -24.50
C SER O 263 -61.55 5.20 -24.03
N ASP O 264 -62.74 4.72 -23.67
CA ASP O 264 -62.88 3.32 -23.26
C ASP O 264 -62.85 2.37 -24.45
N HIS O 265 -63.12 2.91 -25.64
CA HIS O 265 -63.10 2.12 -26.86
C HIS O 265 -62.29 2.84 -27.95
N PRO O 266 -60.95 2.84 -27.78
CA PRO O 266 -60.07 3.62 -28.64
C PRO O 266 -60.16 3.21 -30.12
N VAL O 267 -60.16 1.91 -30.40
CA VAL O 267 -60.19 1.46 -31.78
C VAL O 267 -61.47 1.91 -32.45
N ALA O 268 -62.57 1.90 -31.72
CA ALA O 268 -63.84 2.34 -32.29
C ALA O 268 -63.79 3.82 -32.58
N MET O 269 -63.28 4.58 -31.62
CA MET O 269 -63.18 6.03 -31.76
C MET O 269 -62.43 6.43 -33.02
N MET O 270 -61.31 5.75 -33.26
CA MET O 270 -60.51 5.99 -34.45
C MET O 270 -61.23 5.72 -35.74
N LYS O 271 -61.98 4.60 -35.80
CA LYS O 271 -62.78 4.30 -36.98
C LYS O 271 -63.78 5.42 -37.22
N ALA O 272 -64.38 5.91 -36.14
CA ALA O 272 -65.35 7.00 -36.25
C ALA O 272 -64.70 8.28 -36.79
N VAL O 273 -63.57 8.66 -36.19
CA VAL O 273 -62.81 9.81 -36.62
C VAL O 273 -62.44 9.70 -38.08
N GLN O 274 -61.99 8.52 -38.49
CA GLN O 274 -61.73 8.28 -39.91
C GLN O 274 -62.92 8.53 -40.83
N ALA O 275 -64.10 8.05 -40.43
CA ALA O 275 -65.27 8.27 -41.26
C ALA O 275 -65.54 9.77 -41.44
N VAL O 276 -65.48 10.52 -40.35
CA VAL O 276 -65.66 11.99 -40.43
C VAL O 276 -64.61 12.67 -41.34
N VAL O 277 -63.34 12.27 -41.15
CA VAL O 277 -62.20 12.95 -41.79
C VAL O 277 -62.07 12.59 -43.25
N HIS O 278 -62.11 11.31 -43.59
CA HIS O 278 -61.92 10.89 -45.00
C HIS O 278 -63.18 10.66 -45.84
N HIS O 279 -64.29 10.31 -45.18
CA HIS O 279 -65.47 9.85 -45.90
C HIS O 279 -66.70 10.73 -45.77
N ASN O 280 -66.54 11.95 -45.29
CA ASN O 280 -67.67 12.89 -45.21
C ASN O 280 -68.87 12.45 -44.36
N GLU O 281 -68.66 11.52 -43.44
CA GLU O 281 -69.70 11.15 -42.50
C GLU O 281 -70.13 12.33 -41.67
N THR O 282 -71.41 12.35 -41.31
CA THR O 282 -71.94 13.36 -40.38
C THR O 282 -71.50 12.96 -38.96
N ALA O 283 -71.58 13.91 -38.04
CA ALA O 283 -71.21 13.65 -36.65
C ALA O 283 -72.02 12.50 -36.06
N ASP O 284 -73.31 12.47 -36.37
CA ASP O 284 -74.25 11.48 -35.84
C ASP O 284 -73.94 10.09 -36.34
N ARG O 285 -73.88 9.94 -37.66
CA ARG O 285 -73.58 8.63 -38.26
C ARG O 285 -72.30 8.10 -37.67
N ALA O 286 -71.32 9.00 -37.56
CA ALA O 286 -70.03 8.65 -37.00
C ALA O 286 -70.19 8.12 -35.59
N TYR O 287 -70.99 8.79 -34.77
CA TYR O 287 -71.18 8.33 -33.40
C TYR O 287 -71.88 6.98 -33.33
N GLU O 288 -72.77 6.71 -34.29
CA GLU O 288 -73.42 5.40 -34.37
C GLU O 288 -72.45 4.31 -34.81
N LEU O 289 -71.57 4.68 -35.74
CA LEU O 289 -70.47 3.82 -36.15
C LEU O 289 -69.59 3.46 -34.94
N TYR O 290 -69.38 4.46 -34.08
CA TYR O 290 -68.64 4.29 -32.84
C TYR O 290 -69.33 3.31 -31.92
N LEU O 291 -70.62 3.53 -31.69
CA LEU O 291 -71.45 2.66 -30.83
C LEU O 291 -71.49 1.20 -31.27
N SER O 292 -71.42 0.95 -32.58
CA SER O 292 -71.36 -0.42 -33.07
C SER O 292 -70.04 -1.18 -32.80
N GLU O 293 -69.12 -0.55 -32.06
CA GLU O 293 -68.01 -1.26 -31.36
C GLU O 293 -67.80 -0.68 -29.96
N GLY P 14 -63.13 44.60 -40.00
CA GLY P 14 -63.09 44.97 -41.45
C GLY P 14 -62.06 44.20 -42.27
N LYS P 15 -61.99 42.88 -42.06
CA LYS P 15 -61.10 42.00 -42.84
C LYS P 15 -61.88 40.99 -43.70
N ASP P 16 -61.39 40.71 -44.90
CA ASP P 16 -62.05 39.76 -45.79
C ASP P 16 -61.22 38.54 -46.22
N PHE P 17 -61.51 37.39 -45.60
CA PHE P 17 -60.77 36.15 -45.83
C PHE P 17 -61.33 35.33 -46.99
N ARG P 18 -62.48 35.72 -47.49
CA ARG P 18 -63.07 35.07 -48.64
C ARG P 18 -63.19 33.58 -48.41
N THR P 19 -63.80 33.20 -47.28
CA THR P 19 -63.90 31.82 -46.86
C THR P 19 -64.82 30.99 -47.76
N ASP P 20 -65.50 31.64 -48.68
CA ASP P 20 -66.39 30.96 -49.62
C ASP P 20 -65.64 30.50 -50.87
N GLN P 21 -64.37 30.90 -50.97
CA GLN P 21 -63.53 30.56 -52.12
C GLN P 21 -62.20 29.92 -51.71
N PRO P 22 -62.13 28.58 -51.81
CA PRO P 22 -60.99 27.87 -51.25
C PRO P 22 -59.73 28.13 -52.09
N GLN P 23 -58.58 28.15 -51.44
CA GLN P 23 -57.30 28.29 -52.12
C GLN P 23 -57.03 27.13 -53.08
N LYS P 24 -56.45 27.45 -54.23
CA LYS P 24 -56.19 26.42 -55.23
C LYS P 24 -54.80 26.52 -55.84
N ASN P 25 -54.08 25.40 -55.94
CA ASN P 25 -52.69 25.44 -56.47
C ASN P 25 -52.71 25.69 -57.95
N ILE P 26 -51.78 26.51 -58.42
CA ILE P 26 -51.66 26.75 -59.85
C ILE P 26 -50.64 25.80 -60.48
N PRO P 27 -51.10 24.95 -61.43
CA PRO P 27 -50.19 23.93 -62.00
C PRO P 27 -49.03 24.53 -62.77
N PHE P 28 -47.87 23.89 -62.70
CA PHE P 28 -46.69 24.22 -63.52
C PHE P 28 -46.64 23.24 -64.68
N THR P 29 -46.72 23.75 -65.90
CA THR P 29 -46.97 22.90 -67.07
C THR P 29 -45.73 22.52 -67.88
N LEU P 30 -44.63 23.23 -67.68
CA LEU P 30 -43.42 22.92 -68.43
C LEU P 30 -43.10 21.43 -68.38
N LYS P 31 -43.00 20.83 -69.57
CA LYS P 31 -42.92 19.37 -69.71
C LYS P 31 -41.91 18.73 -68.75
N GLY P 32 -42.38 17.80 -67.93
CA GLY P 32 -41.53 17.05 -66.99
C GLY P 32 -40.92 17.78 -65.81
N CYS P 33 -41.33 19.01 -65.55
CA CYS P 33 -40.73 19.82 -64.50
C CYS P 33 -41.77 20.18 -63.43
N GLY P 34 -42.85 19.41 -63.35
CA GLY P 34 -43.93 19.68 -62.41
C GLY P 34 -43.67 19.23 -60.98
N ALA P 35 -42.54 18.57 -60.74
CA ALA P 35 -42.18 18.13 -59.40
C ALA P 35 -40.80 18.64 -58.95
N LEU P 36 -40.50 19.90 -59.26
CA LEU P 36 -39.25 20.47 -58.78
C LEU P 36 -39.48 21.56 -57.77
N ASP P 37 -38.49 21.85 -56.95
CA ASP P 37 -38.64 22.94 -55.99
C ASP P 37 -38.88 24.34 -56.64
N TRP P 38 -39.43 25.28 -55.88
CA TRP P 38 -39.76 26.61 -56.40
C TRP P 38 -38.62 27.26 -57.16
N GLY P 39 -37.45 27.40 -56.52
CA GLY P 39 -36.29 27.99 -57.13
C GLY P 39 -35.92 27.42 -58.47
N MET P 40 -35.85 26.08 -58.55
CA MET P 40 -35.56 25.39 -59.80
C MET P 40 -36.62 25.69 -60.87
N GLN P 41 -37.87 25.70 -60.46
CA GLN P 41 -38.95 26.02 -61.42
C GLN P 41 -38.86 27.48 -61.84
N SER P 42 -38.43 28.32 -60.93
CA SER P 42 -38.26 29.75 -61.21
C SER P 42 -37.15 29.98 -62.20
N ARG P 43 -36.02 29.28 -62.02
CA ARG P 43 -34.94 29.35 -63.02
C ARG P 43 -35.38 28.82 -64.39
N LEU P 44 -36.05 27.68 -64.44
CA LEU P 44 -36.63 27.18 -65.71
C LEU P 44 -37.61 28.16 -66.39
N SER P 45 -38.36 28.93 -65.60
CA SER P 45 -39.31 29.89 -66.12
C SER P 45 -38.63 31.13 -66.71
N ARG P 46 -37.37 31.36 -66.35
CA ARG P 46 -36.63 32.44 -67.01
C ARG P 46 -36.22 31.99 -68.40
N ILE P 47 -36.03 30.70 -68.56
CA ILE P 47 -35.56 30.15 -69.82
C ILE P 47 -36.71 29.92 -70.79
N PHE P 48 -37.72 29.17 -70.34
CA PHE P 48 -38.90 28.86 -71.16
C PHE P 48 -40.04 29.75 -70.75
N ASN P 49 -40.43 30.67 -71.65
CA ASN P 49 -41.56 31.57 -71.44
C ASN P 49 -42.80 30.79 -71.01
N PRO P 50 -43.36 31.15 -69.85
CA PRO P 50 -44.43 30.36 -69.25
C PRO P 50 -45.68 30.32 -70.11
N LYS P 51 -45.96 31.41 -70.83
CA LYS P 51 -47.09 31.49 -71.76
C LYS P 51 -46.96 30.44 -72.88
N THR P 52 -45.81 30.39 -73.52
CA THR P 52 -45.68 29.56 -74.71
C THR P 52 -44.99 28.25 -74.46
N GLY P 53 -44.27 28.16 -73.36
CA GLY P 53 -43.50 26.97 -72.99
C GLY P 53 -42.28 26.78 -73.86
N LYS P 54 -41.85 27.82 -74.55
CA LYS P 54 -40.74 27.71 -75.47
C LYS P 54 -39.68 28.76 -75.25
N THR P 55 -38.54 28.57 -75.92
CA THR P 55 -37.38 29.44 -75.76
C THR P 55 -36.58 29.67 -77.05
N VAL P 56 -36.06 30.88 -77.19
CA VAL P 56 -35.10 31.20 -78.23
C VAL P 56 -33.81 31.56 -77.55
N MET P 57 -32.79 30.77 -77.83
CA MET P 57 -31.54 30.86 -77.12
C MET P 57 -30.44 31.25 -78.09
N LEU P 58 -29.65 32.24 -77.76
CA LEU P 58 -28.51 32.58 -78.56
C LEU P 58 -27.24 31.96 -77.99
N ALA P 59 -26.64 31.01 -78.70
CA ALA P 59 -25.41 30.34 -78.21
C ALA P 59 -24.13 30.90 -78.79
N PHE P 60 -23.17 31.23 -77.97
CA PHE P 60 -21.86 31.65 -78.44
C PHE P 60 -20.72 31.16 -77.55
N ASP P 61 -20.80 29.91 -77.14
CA ASP P 61 -19.79 29.30 -76.30
C ASP P 61 -18.76 28.51 -77.12
N HIS P 62 -18.88 28.55 -78.44
CA HIS P 62 -18.10 27.72 -79.36
C HIS P 62 -16.60 27.85 -79.11
N GLY P 63 -16.21 28.97 -78.51
CA GLY P 63 -14.81 29.28 -78.24
C GLY P 63 -14.15 28.36 -77.24
N TYR P 64 -14.95 27.68 -76.43
CA TYR P 64 -14.38 26.89 -75.32
C TYR P 64 -13.44 25.74 -75.74
N PHE P 65 -13.63 25.18 -76.92
CA PHE P 65 -12.67 24.21 -77.46
C PHE P 65 -12.21 24.60 -78.89
N GLN P 66 -12.72 25.71 -79.44
CA GLN P 66 -12.40 26.10 -80.85
C GLN P 66 -11.58 27.38 -81.05
N GLY P 67 -11.42 28.16 -79.99
CA GLY P 67 -10.76 29.42 -80.12
C GLY P 67 -11.66 30.34 -80.93
N PRO P 68 -11.07 31.38 -81.54
CA PRO P 68 -11.88 32.42 -82.17
C PRO P 68 -12.45 31.90 -83.46
N THR P 69 -13.68 31.46 -83.40
CA THR P 69 -14.35 30.87 -84.55
C THR P 69 -15.10 31.97 -85.38
N THR P 70 -15.37 31.69 -86.65
CA THR P 70 -15.93 32.70 -87.56
C THR P 70 -17.24 33.30 -87.08
N GLY P 71 -17.26 34.60 -86.88
CA GLY P 71 -18.44 35.26 -86.36
C GLY P 71 -18.25 35.64 -84.89
N LEU P 72 -17.35 34.93 -84.21
CA LEU P 72 -17.18 35.09 -82.76
C LEU P 72 -15.83 35.64 -82.42
N GLU P 73 -15.16 36.21 -83.41
CA GLU P 73 -13.85 36.77 -83.18
C GLU P 73 -13.99 37.89 -82.17
N ARG P 74 -15.07 38.66 -82.29
CA ARG P 74 -15.28 39.85 -81.45
C ARG P 74 -16.68 39.88 -80.85
N ILE P 75 -16.87 39.20 -79.72
CA ILE P 75 -18.19 39.05 -79.13
C ILE P 75 -18.69 40.42 -78.76
N ASP P 76 -17.77 41.26 -78.30
CA ASP P 76 -18.09 42.56 -77.77
C ASP P 76 -18.66 43.54 -78.79
N ILE P 77 -18.37 43.31 -80.07
CA ILE P 77 -18.80 44.21 -81.12
C ILE P 77 -19.92 43.59 -81.94
N ASN P 78 -19.67 42.36 -82.35
CA ASN P 78 -20.49 41.63 -83.28
C ASN P 78 -21.75 41.05 -82.67
N ILE P 79 -21.61 40.46 -81.48
CA ILE P 79 -22.67 39.70 -80.83
C ILE P 79 -23.44 40.55 -79.82
N ALA P 80 -22.75 41.43 -79.11
CA ALA P 80 -23.40 42.31 -78.11
C ALA P 80 -24.72 43.02 -78.55
N PRO P 81 -24.83 43.46 -79.82
CA PRO P 81 -26.09 44.07 -80.24
C PRO P 81 -27.23 43.07 -80.37
N LEU P 82 -26.94 41.77 -80.35
CA LEU P 82 -27.97 40.75 -80.45
C LEU P 82 -28.62 40.33 -79.13
N PHE P 83 -27.93 40.61 -78.03
CA PHE P 83 -28.34 40.12 -76.71
C PHE P 83 -29.80 40.44 -76.47
N GLU P 84 -30.15 41.71 -76.66
CA GLU P 84 -31.49 42.17 -76.33
C GLU P 84 -32.61 41.48 -77.11
N HIS P 85 -32.27 40.82 -78.23
CA HIS P 85 -33.29 40.11 -78.99
C HIS P 85 -33.43 38.65 -78.65
N ALA P 86 -32.62 38.15 -77.72
CA ALA P 86 -32.68 36.73 -77.35
C ALA P 86 -33.46 36.55 -76.07
N ASP P 87 -34.02 35.36 -75.90
CA ASP P 87 -34.66 35.00 -74.65
C ASP P 87 -33.58 34.69 -73.61
N VAL P 88 -32.56 33.94 -74.01
CA VAL P 88 -31.53 33.47 -73.08
C VAL P 88 -30.20 33.36 -73.80
N LEU P 89 -29.13 33.70 -73.09
CA LEU P 89 -27.78 33.66 -73.62
C LEU P 89 -27.15 32.37 -73.21
N MET P 90 -26.31 31.82 -74.07
CA MET P 90 -25.51 30.68 -73.67
C MET P 90 -24.04 30.91 -73.97
N CYS P 91 -23.21 30.88 -72.94
CA CYS P 91 -21.76 31.06 -73.11
C CYS P 91 -20.94 30.59 -71.91
N THR P 92 -19.64 30.82 -71.95
CA THR P 92 -18.75 30.41 -70.87
C THR P 92 -18.57 31.52 -69.84
N ARG P 93 -18.10 31.17 -68.65
CA ARG P 93 -17.90 32.17 -67.60
C ARG P 93 -16.81 33.18 -67.95
N GLY P 94 -15.90 32.81 -68.86
CA GLY P 94 -14.81 33.70 -69.25
C GLY P 94 -15.34 34.80 -70.13
N ILE P 95 -16.17 34.43 -71.10
CA ILE P 95 -16.78 35.41 -71.99
C ILE P 95 -17.80 36.24 -71.23
N LEU P 96 -18.49 35.62 -70.29
CA LEU P 96 -19.56 36.29 -69.55
C LEU P 96 -18.98 37.45 -68.74
N ARG P 97 -17.92 37.17 -67.99
CA ARG P 97 -17.39 38.16 -67.09
C ARG P 97 -16.69 39.24 -67.86
N SER P 98 -16.03 38.83 -68.93
CA SER P 98 -15.20 39.79 -69.65
C SER P 98 -15.97 40.72 -70.58
N VAL P 99 -16.90 40.19 -71.37
CA VAL P 99 -17.56 41.03 -72.38
C VAL P 99 -19.09 40.98 -72.46
N VAL P 100 -19.75 40.23 -71.59
CA VAL P 100 -21.20 40.33 -71.55
C VAL P 100 -21.53 41.32 -70.43
N PRO P 101 -21.99 42.55 -70.79
CA PRO P 101 -22.36 43.52 -69.75
C PRO P 101 -23.44 42.95 -68.85
N PRO P 102 -23.22 42.99 -67.51
CA PRO P 102 -24.26 42.53 -66.61
C PRO P 102 -25.55 43.27 -66.78
N ALA P 103 -25.49 44.51 -67.25
CA ALA P 103 -26.73 45.30 -67.49
C ALA P 103 -27.62 44.69 -68.58
N THR P 104 -27.10 43.72 -69.33
CA THR P 104 -27.85 43.05 -70.37
C THR P 104 -29.19 42.53 -69.86
N ASN P 105 -29.23 42.11 -68.59
CA ASN P 105 -30.45 41.63 -67.94
C ASN P 105 -31.16 40.52 -68.71
N ARG P 106 -30.40 39.51 -69.08
CA ARG P 106 -30.90 38.42 -69.85
C ARG P 106 -30.43 37.11 -69.16
N PRO P 107 -31.33 36.10 -69.02
CA PRO P 107 -30.97 34.83 -68.36
C PRO P 107 -29.77 34.18 -69.03
N VAL P 108 -28.84 33.56 -68.28
CA VAL P 108 -27.72 32.87 -68.93
C VAL P 108 -27.63 31.38 -68.60
N VAL P 109 -27.31 30.56 -69.59
CA VAL P 109 -27.01 29.19 -69.39
C VAL P 109 -25.51 29.04 -69.55
N LEU P 110 -24.80 28.63 -68.51
CA LEU P 110 -23.32 28.58 -68.59
C LEU P 110 -22.75 27.26 -69.11
N ARG P 111 -21.82 27.36 -70.04
CA ARG P 111 -21.12 26.17 -70.50
C ARG P 111 -20.29 25.71 -69.31
N ALA P 112 -20.47 24.46 -68.89
CA ALA P 112 -19.77 23.95 -67.71
C ALA P 112 -18.91 22.73 -67.97
N SER P 113 -18.62 22.48 -69.24
CA SER P 113 -17.63 21.45 -69.56
C SER P 113 -16.56 22.05 -70.47
N GLY P 114 -15.44 21.34 -70.62
CA GLY P 114 -14.34 21.82 -71.42
C GLY P 114 -13.13 20.96 -71.21
N ALA P 115 -11.94 21.56 -71.42
CA ALA P 115 -10.66 20.86 -71.35
C ALA P 115 -10.37 19.96 -72.55
N ASN P 116 -11.19 20.05 -73.57
CA ASN P 116 -10.90 19.48 -74.88
C ASN P 116 -10.49 20.60 -75.83
N SER P 117 -10.10 20.24 -77.05
CA SER P 117 -9.89 21.22 -78.12
C SER P 117 -9.93 20.51 -79.46
N ILE P 118 -9.92 21.31 -80.53
CA ILE P 118 -10.02 20.77 -81.88
C ILE P 118 -8.76 20.06 -82.29
N LEU P 119 -7.68 20.23 -81.52
CA LEU P 119 -6.42 19.55 -81.78
C LEU P 119 -6.26 18.20 -81.12
N ALA P 120 -7.29 17.73 -80.41
CA ALA P 120 -7.23 16.41 -79.74
C ALA P 120 -8.60 15.71 -79.77
N GLU P 121 -8.74 14.62 -79.02
CA GLU P 121 -10.00 13.87 -79.00
C GLU P 121 -11.10 14.77 -78.46
N LEU P 122 -12.17 14.86 -79.23
CA LEU P 122 -13.24 15.79 -78.98
C LEU P 122 -14.02 15.54 -77.69
N SER P 123 -14.22 14.26 -77.39
CA SER P 123 -15.03 13.83 -76.26
C SER P 123 -14.33 13.92 -74.92
N ASN P 124 -13.06 14.30 -74.91
CA ASN P 124 -12.27 14.31 -73.71
C ASN P 124 -12.54 15.57 -72.90
N GLU P 125 -13.75 15.67 -72.38
CA GLU P 125 -14.21 16.81 -71.59
C GLU P 125 -14.21 16.54 -70.08
N ALA P 126 -13.94 17.59 -69.30
CA ALA P 126 -14.16 17.56 -67.84
C ALA P 126 -15.12 18.68 -67.46
N VAL P 127 -15.57 18.68 -66.21
CA VAL P 127 -16.40 19.76 -65.71
C VAL P 127 -15.56 21.01 -65.63
N ALA P 128 -16.09 22.10 -66.15
CA ALA P 128 -15.23 23.26 -66.34
C ALA P 128 -15.56 24.43 -65.42
N LEU P 129 -16.59 24.28 -64.60
CA LEU P 129 -16.83 25.26 -63.54
C LEU P 129 -17.54 24.63 -62.34
N SER P 130 -17.23 25.12 -61.15
CA SER P 130 -17.85 24.58 -59.94
C SER P 130 -19.24 25.18 -59.79
N MET P 131 -20.15 24.41 -59.24
CA MET P 131 -21.51 24.90 -59.00
C MET P 131 -21.48 26.21 -58.19
N ASP P 132 -20.54 26.26 -57.23
CA ASP P 132 -20.17 27.44 -56.46
C ASP P 132 -20.13 28.71 -57.32
N ASP P 133 -19.39 28.64 -58.41
CA ASP P 133 -19.29 29.78 -59.31
C ASP P 133 -20.51 30.00 -60.15
N ALA P 134 -21.24 28.94 -60.49
CA ALA P 134 -22.42 29.11 -61.35
C ALA P 134 -23.41 29.93 -60.58
N VAL P 135 -23.48 29.65 -59.28
CA VAL P 135 -24.39 30.34 -58.36
C VAL P 135 -23.92 31.76 -58.18
N ARG P 136 -22.60 31.94 -58.04
CA ARG P 136 -22.01 33.26 -57.90
C ARG P 136 -22.34 34.14 -59.13
N LEU P 137 -22.39 33.56 -60.32
CA LEU P 137 -22.74 34.29 -61.55
C LEU P 137 -24.23 34.35 -61.80
N ASN P 138 -25.05 33.84 -60.89
CA ASN P 138 -26.49 33.92 -61.09
C ASN P 138 -27.02 33.22 -62.36
N SER P 139 -26.46 32.07 -62.72
CA SER P 139 -26.93 31.32 -63.86
C SER P 139 -28.34 30.86 -63.66
N CYS P 140 -28.99 30.55 -64.78
CA CYS P 140 -30.26 29.84 -64.77
C CYS P 140 -30.08 28.34 -64.94
N ALA P 141 -28.99 27.92 -65.58
CA ALA P 141 -28.74 26.51 -65.80
C ALA P 141 -27.28 26.36 -66.15
N VAL P 142 -26.76 25.14 -65.99
CA VAL P 142 -25.39 24.81 -66.42
C VAL P 142 -25.49 23.73 -67.47
N ALA P 143 -24.54 23.69 -68.40
CA ALA P 143 -24.61 22.81 -69.56
C ALA P 143 -23.33 22.04 -69.75
N ALA P 144 -23.46 20.77 -70.11
CA ALA P 144 -22.30 19.93 -70.41
C ALA P 144 -22.64 18.95 -71.56
N GLN P 145 -21.62 18.56 -72.31
CA GLN P 145 -21.78 17.59 -73.42
C GLN P 145 -21.76 16.17 -72.91
N VAL P 146 -22.70 15.38 -73.40
CA VAL P 146 -22.60 13.95 -73.26
C VAL P 146 -22.18 13.44 -74.63
N TYR P 147 -21.21 12.51 -74.65
CA TYR P 147 -20.72 11.91 -75.92
C TYR P 147 -20.97 10.40 -76.05
N ILE P 148 -22.24 10.00 -76.14
CA ILE P 148 -22.56 8.56 -76.28
C ILE P 148 -21.89 8.02 -77.53
N GLY P 149 -21.22 6.89 -77.40
CA GLY P 149 -20.60 6.29 -78.56
C GLY P 149 -19.15 6.68 -78.72
N SER P 150 -18.70 7.71 -77.98
CA SER P 150 -17.32 8.18 -78.15
C SER P 150 -16.33 7.53 -77.21
N GLU P 151 -15.05 7.83 -77.41
CA GLU P 151 -14.03 7.25 -76.57
C GLU P 151 -14.24 7.56 -75.09
N TYR P 152 -14.53 8.82 -74.77
CA TYR P 152 -14.77 9.26 -73.38
C TYR P 152 -16.25 9.38 -73.00
N GLU P 153 -17.07 8.50 -73.58
CA GLU P 153 -18.48 8.42 -73.24
C GLU P 153 -18.69 8.40 -71.73
N HIS P 154 -17.98 7.49 -71.06
CA HIS P 154 -18.14 7.26 -69.60
C HIS P 154 -17.90 8.53 -68.81
N GLN P 155 -16.78 9.18 -69.06
CA GLN P 155 -16.49 10.36 -68.30
C GLN P 155 -17.56 11.41 -68.60
N SER P 156 -18.02 11.50 -69.84
CA SER P 156 -18.95 12.55 -70.17
C SER P 156 -20.24 12.40 -69.39
N ILE P 157 -20.70 11.15 -69.19
CA ILE P 157 -21.90 10.93 -68.37
C ILE P 157 -21.63 11.25 -66.89
N LYS P 158 -20.46 10.83 -66.41
CA LYS P 158 -20.06 11.23 -65.06
C LYS P 158 -20.12 12.72 -64.84
N ASN P 159 -19.71 13.50 -65.86
CA ASN P 159 -19.86 14.95 -65.84
C ASN P 159 -21.30 15.39 -65.60
N ILE P 160 -22.25 14.75 -66.27
CA ILE P 160 -23.64 15.10 -66.09
C ILE P 160 -24.09 14.75 -64.68
N ILE P 161 -23.69 13.55 -64.25
CA ILE P 161 -24.03 13.08 -62.91
C ILE P 161 -23.53 14.10 -61.89
N GLN P 162 -22.29 14.55 -62.06
CA GLN P 162 -21.70 15.46 -61.11
C GLN P 162 -22.44 16.81 -61.01
N LEU P 163 -22.79 17.38 -62.17
CA LEU P 163 -23.55 18.63 -62.22
C LEU P 163 -24.97 18.49 -61.66
N VAL P 164 -25.68 17.38 -61.98
CA VAL P 164 -27.00 17.20 -61.42
C VAL P 164 -26.90 17.07 -59.90
N ASP P 165 -25.94 16.28 -59.40
CA ASP P 165 -25.73 16.14 -57.95
C ASP P 165 -25.53 17.49 -57.31
N ALA P 166 -24.66 18.29 -57.87
CA ALA P 166 -24.35 19.58 -57.24
C ALA P 166 -25.51 20.58 -57.42
N GLY P 167 -26.20 20.46 -58.55
CA GLY P 167 -27.32 21.32 -58.89
C GLY P 167 -28.51 21.17 -58.00
N MET P 168 -28.79 19.91 -57.64
CA MET P 168 -29.90 19.62 -56.75
C MET P 168 -29.74 20.22 -55.37
N LYS P 169 -28.51 20.40 -54.91
CA LYS P 169 -28.28 21.03 -53.59
C LYS P 169 -28.73 22.48 -53.55
N VAL P 170 -28.90 23.09 -54.73
CA VAL P 170 -28.80 24.52 -54.89
C VAL P 170 -29.91 25.13 -55.78
N GLY P 171 -30.77 24.26 -56.32
CA GLY P 171 -31.85 24.64 -57.22
C GLY P 171 -31.44 24.96 -58.65
N MET P 172 -30.28 24.47 -59.10
CA MET P 172 -29.75 24.80 -60.39
C MET P 172 -30.04 23.69 -61.40
N PRO P 173 -30.79 23.96 -62.47
CA PRO P 173 -31.09 22.98 -63.51
C PRO P 173 -29.87 22.66 -64.33
N THR P 174 -29.77 21.43 -64.82
CA THR P 174 -28.66 21.00 -65.67
C THR P 174 -29.14 20.73 -67.08
N MET P 175 -28.40 21.24 -68.05
CA MET P 175 -28.69 20.93 -69.47
C MET P 175 -27.62 19.97 -69.99
N ALA P 176 -28.08 18.82 -70.51
CA ALA P 176 -27.19 17.91 -71.22
C ALA P 176 -27.24 18.17 -72.73
N VAL P 177 -26.10 18.29 -73.37
CA VAL P 177 -26.03 18.47 -74.80
C VAL P 177 -25.46 17.20 -75.46
N THR P 178 -26.19 16.63 -76.41
CA THR P 178 -25.74 15.41 -77.06
C THR P 178 -24.71 15.73 -78.12
N GLY P 179 -23.42 15.65 -77.78
CA GLY P 179 -22.35 15.80 -78.77
C GLY P 179 -22.10 14.53 -79.58
N VAL P 180 -21.59 14.67 -80.80
CA VAL P 180 -21.49 13.51 -81.69
C VAL P 180 -20.07 13.04 -82.00
N VAL P 185 -23.00 8.13 -86.97
CA VAL P 185 -24.30 8.23 -87.64
C VAL P 185 -25.31 9.12 -86.89
N ARG P 186 -25.78 10.16 -87.55
CA ARG P 186 -26.69 11.11 -86.92
C ARG P 186 -28.19 10.85 -87.18
N ASP P 187 -28.70 9.69 -86.71
CA ASP P 187 -30.12 9.33 -86.92
C ASP P 187 -30.98 9.25 -85.65
N GLN P 188 -32.26 8.96 -85.83
CA GLN P 188 -33.23 8.99 -84.71
C GLN P 188 -32.89 7.99 -83.59
N ARG P 189 -32.51 6.78 -83.95
CA ARG P 189 -32.26 5.78 -82.91
C ARG P 189 -31.06 6.15 -82.07
N TYR P 190 -30.09 6.86 -82.67
CA TYR P 190 -28.95 7.32 -81.92
C TYR P 190 -29.32 8.45 -80.93
N PHE P 191 -30.05 9.46 -81.41
CA PHE P 191 -30.42 10.55 -80.54
C PHE P 191 -31.42 10.15 -79.48
N SER P 192 -32.24 9.17 -79.78
CA SER P 192 -33.17 8.63 -78.77
C SER P 192 -32.36 8.02 -77.64
N LEU P 193 -31.31 7.30 -78.01
CA LEU P 193 -30.47 6.65 -77.01
C LEU P 193 -29.82 7.73 -76.14
N ALA P 194 -29.24 8.73 -76.80
CA ALA P 194 -28.43 9.72 -76.06
C ALA P 194 -29.30 10.63 -75.20
N THR P 195 -30.43 11.09 -75.74
CA THR P 195 -31.26 12.02 -75.02
C THR P 195 -31.83 11.30 -73.83
N ARG P 196 -32.30 10.08 -74.05
CA ARG P 196 -32.96 9.35 -72.97
C ARG P 196 -32.02 8.97 -71.83
N ILE P 197 -30.82 8.51 -72.12
CA ILE P 197 -29.85 8.32 -71.06
C ILE P 197 -29.62 9.60 -70.23
N ALA P 198 -29.37 10.71 -70.91
CA ALA P 198 -29.12 11.97 -70.23
C ALA P 198 -30.27 12.36 -69.30
N ALA P 199 -31.49 12.21 -69.79
CA ALA P 199 -32.66 12.57 -69.00
C ALA P 199 -32.81 11.64 -67.78
N GLU P 200 -32.48 10.37 -68.00
CA GLU P 200 -32.61 9.33 -67.01
C GLU P 200 -31.61 9.59 -65.90
N MET P 201 -30.41 10.03 -66.25
CA MET P 201 -29.42 10.46 -65.22
C MET P 201 -29.77 11.74 -64.49
N GLY P 202 -30.70 12.53 -65.00
CA GLY P 202 -31.31 13.59 -64.20
C GLY P 202 -31.31 14.98 -64.81
N ALA P 203 -30.78 15.13 -66.01
CA ALA P 203 -30.73 16.45 -66.62
C ALA P 203 -32.14 16.99 -66.80
N GLN P 204 -32.35 18.26 -66.51
CA GLN P 204 -33.66 18.88 -66.68
C GLN P 204 -33.91 19.44 -68.09
N ILE P 205 -32.86 19.71 -68.82
CA ILE P 205 -33.07 20.16 -70.18
C ILE P 205 -32.15 19.36 -71.07
N ILE P 206 -32.64 19.08 -72.28
CA ILE P 206 -31.84 18.33 -73.25
C ILE P 206 -31.70 19.12 -74.54
N LYS P 207 -30.47 19.27 -75.00
CA LYS P 207 -30.21 19.91 -76.28
C LYS P 207 -29.67 18.88 -77.24
N THR P 208 -30.30 18.79 -78.40
CA THR P 208 -29.92 17.83 -79.41
C THR P 208 -30.10 18.42 -80.82
N TYR P 209 -29.90 17.62 -81.86
CA TYR P 209 -30.01 18.10 -83.23
C TYR P 209 -31.31 17.70 -83.86
N TYR P 210 -31.79 18.50 -84.81
CA TYR P 210 -32.97 18.13 -85.57
C TYR P 210 -32.63 17.03 -86.56
N VAL P 211 -33.60 16.18 -86.85
CA VAL P 211 -33.39 15.06 -87.72
C VAL P 211 -34.52 14.99 -88.77
N GLU P 212 -34.13 14.72 -90.02
CA GLU P 212 -35.06 14.71 -91.15
C GLU P 212 -36.28 13.82 -90.87
N LYS P 213 -36.04 12.66 -90.28
CA LYS P 213 -37.12 11.77 -89.96
C LYS P 213 -37.00 11.13 -88.58
N GLY P 214 -38.14 11.11 -87.88
CA GLY P 214 -38.24 10.49 -86.58
C GLY P 214 -38.03 11.42 -85.40
N PHE P 215 -37.77 12.70 -85.68
CA PHE P 215 -37.60 13.66 -84.60
C PHE P 215 -38.76 13.62 -83.61
N GLU P 216 -39.97 13.43 -84.11
CA GLU P 216 -41.14 13.25 -83.27
C GLU P 216 -40.90 12.25 -82.14
N ARG P 217 -40.18 11.17 -82.45
CA ARG P 217 -39.97 10.07 -81.52
C ARG P 217 -38.94 10.44 -80.48
N ILE P 218 -37.94 11.22 -80.90
CA ILE P 218 -36.92 11.74 -79.98
C ILE P 218 -37.62 12.55 -78.87
N VAL P 219 -38.57 13.39 -79.27
CA VAL P 219 -39.31 14.26 -78.36
C VAL P 219 -40.16 13.42 -77.44
N ALA P 220 -40.94 12.51 -78.01
CA ALA P 220 -41.88 11.71 -77.23
C ALA P 220 -41.17 10.85 -76.20
N GLY P 221 -40.07 10.23 -76.60
CA GLY P 221 -39.29 9.37 -75.74
C GLY P 221 -38.44 10.08 -74.68
N CYS P 222 -38.41 11.41 -74.73
CA CYS P 222 -37.69 12.19 -73.74
C CYS P 222 -38.65 12.90 -72.76
N PRO P 223 -38.52 12.61 -71.44
CA PRO P 223 -39.49 13.14 -70.48
C PRO P 223 -39.30 14.60 -70.10
N VAL P 224 -38.31 15.28 -70.67
CA VAL P 224 -38.04 16.67 -70.29
C VAL P 224 -37.87 17.54 -71.53
N PRO P 225 -37.82 18.89 -71.38
CA PRO P 225 -37.83 19.78 -72.55
C PRO P 225 -36.63 19.52 -73.44
N ILE P 226 -36.86 19.52 -74.74
CA ILE P 226 -35.78 19.44 -75.73
C ILE P 226 -35.66 20.73 -76.54
N VAL P 227 -34.41 21.14 -76.71
CA VAL P 227 -34.02 22.32 -77.45
C VAL P 227 -33.09 21.83 -78.56
N ILE P 228 -33.26 22.36 -79.78
CA ILE P 228 -32.40 21.95 -80.90
C ILE P 228 -31.29 22.95 -81.18
N ALA P 229 -30.13 22.41 -81.50
CA ALA P 229 -29.03 23.22 -81.95
C ALA P 229 -29.20 23.56 -83.44
N GLY P 230 -28.69 24.73 -83.83
CA GLY P 230 -28.73 25.18 -85.22
C GLY P 230 -27.95 24.35 -86.25
N GLY P 231 -26.77 23.82 -85.87
CA GLY P 231 -25.85 23.17 -86.82
C GLY P 231 -25.20 24.19 -87.75
N LYS P 232 -24.51 23.70 -88.78
CA LYS P 232 -23.80 24.55 -89.74
C LYS P 232 -24.71 25.56 -90.45
N LYS P 233 -24.10 26.65 -90.92
CA LYS P 233 -24.82 27.73 -91.59
C LYS P 233 -25.64 27.23 -92.80
N LEU P 234 -26.91 27.55 -92.79
CA LEU P 234 -27.77 27.27 -93.93
C LEU P 234 -28.32 28.57 -94.47
N PRO P 235 -28.87 28.54 -95.70
CA PRO P 235 -29.58 29.71 -96.21
C PRO P 235 -30.73 30.04 -95.27
N GLU P 236 -30.95 31.33 -95.02
CA GLU P 236 -31.93 31.76 -94.02
C GLU P 236 -33.26 31.02 -94.09
N ARG P 237 -33.80 30.82 -95.29
CA ARG P 237 -35.11 30.22 -95.40
C ARG P 237 -35.14 28.77 -95.00
N GLU P 238 -34.04 28.06 -95.27
CA GLU P 238 -33.94 26.65 -94.89
C GLU P 238 -33.82 26.53 -93.37
N ALA P 239 -33.11 27.48 -92.77
CA ALA P 239 -32.90 27.51 -91.33
C ALA P 239 -34.23 27.69 -90.65
N LEU P 240 -35.02 28.61 -91.17
CA LEU P 240 -36.37 28.82 -90.65
C LEU P 240 -37.28 27.61 -90.85
N GLU P 241 -37.06 26.84 -91.91
CA GLU P 241 -37.81 25.58 -92.09
C GLU P 241 -37.47 24.55 -91.01
N MET P 242 -36.18 24.34 -90.78
CA MET P 242 -35.70 23.50 -89.70
C MET P 242 -36.36 23.87 -88.35
N CYS P 243 -36.35 25.15 -87.98
CA CYS P 243 -37.06 25.60 -86.77
C CYS P 243 -38.51 25.24 -86.80
N TRP P 244 -39.18 25.62 -87.86
CA TRP P 244 -40.61 25.36 -87.98
C TRP P 244 -40.93 23.88 -87.79
N GLN P 245 -40.13 23.00 -88.41
CA GLN P 245 -40.31 21.58 -88.28
C GLN P 245 -40.09 21.14 -86.83
N ALA P 246 -38.97 21.53 -86.24
CA ALA P 246 -38.62 21.13 -84.86
C ALA P 246 -39.73 21.50 -83.88
N ILE P 247 -40.18 22.76 -83.96
CA ILE P 247 -41.26 23.27 -83.10
C ILE P 247 -42.53 22.49 -83.33
N ASP P 248 -42.89 22.35 -84.60
CA ASP P 248 -44.10 21.63 -84.99
C ASP P 248 -44.08 20.19 -84.52
N GLN P 249 -42.88 19.61 -84.41
CA GLN P 249 -42.76 18.23 -83.97
C GLN P 249 -42.55 18.06 -82.46
N GLY P 250 -42.71 19.16 -81.73
CA GLY P 250 -42.64 19.12 -80.25
C GLY P 250 -41.41 19.69 -79.53
N ALA P 251 -40.42 20.22 -80.24
CA ALA P 251 -39.28 20.86 -79.57
C ALA P 251 -39.79 21.99 -78.70
N SER P 252 -39.08 22.26 -77.61
CA SER P 252 -39.47 23.33 -76.67
C SER P 252 -38.72 24.62 -76.99
N GLY P 253 -37.86 24.57 -77.99
CA GLY P 253 -37.12 25.77 -78.36
C GLY P 253 -35.96 25.48 -79.29
N VAL P 254 -35.27 26.55 -79.68
CA VAL P 254 -34.13 26.41 -80.55
C VAL P 254 -33.04 27.22 -79.99
N ASP P 255 -31.83 26.78 -80.28
CA ASP P 255 -30.65 27.41 -79.81
C ASP P 255 -29.74 27.55 -81.00
N MET P 256 -29.94 28.62 -81.75
CA MET P 256 -29.05 28.94 -82.85
C MET P 256 -27.80 29.72 -82.47
N GLY P 257 -26.75 29.41 -83.19
CA GLY P 257 -25.55 30.18 -83.12
C GLY P 257 -25.28 30.61 -84.54
N ARG P 258 -24.59 29.75 -85.28
CA ARG P 258 -24.07 30.09 -86.57
C ARG P 258 -25.17 30.69 -87.46
N ASN P 259 -26.31 30.02 -87.51
CA ASN P 259 -27.41 30.50 -88.34
C ASN P 259 -27.91 31.89 -88.02
N ILE P 260 -27.48 32.44 -86.89
CA ILE P 260 -27.81 33.81 -86.55
C ILE P 260 -26.59 34.70 -86.68
N PHE P 261 -25.51 34.40 -85.97
CA PHE P 261 -24.40 35.33 -85.96
C PHE P 261 -23.59 35.35 -87.26
N GLN P 262 -23.76 34.32 -88.09
CA GLN P 262 -23.09 34.28 -89.41
C GLN P 262 -24.02 34.75 -90.55
N SER P 263 -25.26 35.14 -90.23
CA SER P 263 -26.16 35.74 -91.21
C SER P 263 -25.77 37.17 -91.50
N ASP P 264 -26.18 37.68 -92.67
CA ASP P 264 -25.90 39.07 -93.03
C ASP P 264 -26.81 40.06 -92.31
N HIS P 265 -27.94 39.57 -91.85
CA HIS P 265 -28.90 40.37 -91.11
C HIS P 265 -29.34 39.64 -89.85
N PRO P 266 -28.44 39.60 -88.82
CA PRO P 266 -28.66 38.78 -87.62
C PRO P 266 -29.90 39.21 -86.83
N VAL P 267 -30.11 40.52 -86.66
CA VAL P 267 -31.27 40.98 -85.90
C VAL P 267 -32.58 40.59 -86.59
N ALA P 268 -32.59 40.63 -87.91
CA ALA P 268 -33.78 40.25 -88.65
C ALA P 268 -34.04 38.75 -88.49
N MET P 269 -32.98 37.94 -88.64
CA MET P 269 -33.08 36.48 -88.49
C MET P 269 -33.68 36.10 -87.14
N MET P 270 -33.30 36.84 -86.10
CA MET P 270 -33.77 36.54 -84.75
C MET P 270 -35.25 36.82 -84.62
N LYS P 271 -35.70 37.93 -85.19
CA LYS P 271 -37.12 38.26 -85.12
C LYS P 271 -37.94 37.20 -85.88
N ALA P 272 -37.37 36.70 -86.98
CA ALA P 272 -38.00 35.65 -87.75
C ALA P 272 -38.10 34.37 -86.93
N VAL P 273 -36.98 33.98 -86.32
CA VAL P 273 -36.92 32.78 -85.47
C VAL P 273 -37.94 32.88 -84.33
N GLN P 274 -38.01 34.04 -83.70
CA GLN P 274 -39.02 34.29 -82.66
C GLN P 274 -40.46 34.13 -83.13
N ALA P 275 -40.77 34.60 -84.33
CA ALA P 275 -42.14 34.43 -84.86
C ALA P 275 -42.45 32.95 -84.99
N VAL P 276 -41.52 32.17 -85.54
CA VAL P 276 -41.73 30.72 -85.66
C VAL P 276 -41.92 30.08 -84.29
N VAL P 277 -41.05 30.43 -83.35
CA VAL P 277 -40.94 29.69 -82.07
C VAL P 277 -42.05 30.07 -81.12
N HIS P 278 -42.33 31.35 -80.95
CA HIS P 278 -43.32 31.75 -79.98
C HIS P 278 -44.70 31.98 -80.56
N HIS P 279 -44.77 32.41 -81.83
CA HIS P 279 -46.04 32.90 -82.40
C HIS P 279 -46.68 32.07 -83.50
N ASN P 280 -46.28 30.82 -83.65
CA ASN P 280 -46.87 29.90 -84.64
C ASN P 280 -46.84 30.37 -86.10
N GLU P 281 -45.94 31.31 -86.42
CA GLU P 281 -45.75 31.69 -87.81
C GLU P 281 -45.33 30.52 -88.67
N THR P 282 -45.72 30.55 -89.94
CA THR P 282 -45.30 29.55 -90.90
C THR P 282 -43.90 29.92 -91.33
N ALA P 283 -43.20 28.95 -91.92
CA ALA P 283 -41.84 29.17 -92.40
C ALA P 283 -41.79 30.33 -93.38
N ASP P 284 -42.80 30.39 -94.27
CA ASP P 284 -42.86 31.40 -95.31
C ASP P 284 -43.07 32.80 -94.76
N ARG P 285 -44.13 32.98 -93.98
CA ARG P 285 -44.39 34.28 -93.36
C ARG P 285 -43.18 34.77 -92.61
N ALA P 286 -42.55 33.87 -91.86
CA ALA P 286 -41.33 34.17 -91.13
C ALA P 286 -40.25 34.72 -92.08
N TYR P 287 -40.06 34.05 -93.23
CA TYR P 287 -39.04 34.47 -94.18
C TYR P 287 -39.35 35.85 -94.74
N GLU P 288 -40.62 36.16 -94.96
CA GLU P 288 -41.02 37.48 -95.41
C GLU P 288 -40.81 38.55 -94.33
N LEU P 289 -41.04 38.17 -93.08
CA LEU P 289 -40.73 39.00 -91.91
C LEU P 289 -39.25 39.30 -91.90
N TYR P 290 -38.46 38.28 -92.19
CA TYR P 290 -37.00 38.42 -92.29
C TYR P 290 -36.61 39.43 -93.36
N LEU P 291 -37.17 39.24 -94.55
CA LEU P 291 -36.89 40.11 -95.70
C LEU P 291 -37.22 41.57 -95.46
N SER P 292 -38.25 41.83 -94.64
CA SER P 292 -38.61 43.21 -94.29
C SER P 292 -37.62 43.93 -93.35
N GLU P 293 -36.51 43.27 -93.03
CA GLU P 293 -35.28 43.96 -92.52
C GLU P 293 -34.02 43.37 -93.16
N GLY Q 14 -55.04 7.90 -10.17
CA GLY Q 14 -55.80 7.20 -11.25
C GLY Q 14 -54.98 6.84 -12.50
N LYS Q 15 -53.75 6.38 -12.28
CA LYS Q 15 -52.87 5.95 -13.38
C LYS Q 15 -52.59 4.44 -13.32
N ASP Q 16 -52.46 3.81 -14.49
CA ASP Q 16 -52.21 2.36 -14.53
C ASP Q 16 -50.96 1.90 -15.28
N PHE Q 17 -49.92 1.58 -14.52
CA PHE Q 17 -48.63 1.25 -15.08
C PHE Q 17 -48.49 -0.21 -15.43
N ARG Q 18 -49.46 -1.02 -15.02
CA ARG Q 18 -49.51 -2.43 -15.34
C ARG Q 18 -48.22 -3.13 -14.96
N THR Q 19 -47.80 -2.92 -13.71
CA THR Q 19 -46.51 -3.42 -13.22
C THR Q 19 -46.41 -4.93 -13.12
N ASP Q 20 -47.53 -5.59 -13.33
CA ASP Q 20 -47.61 -7.05 -13.33
C ASP Q 20 -47.26 -7.63 -14.71
N GLN Q 21 -47.16 -6.77 -15.74
CA GLN Q 21 -46.84 -7.19 -17.11
C GLN Q 21 -45.59 -6.48 -17.68
N PRO Q 22 -44.44 -7.19 -17.69
CA PRO Q 22 -43.19 -6.54 -18.06
C PRO Q 22 -43.15 -6.24 -19.53
N GLN Q 23 -42.50 -5.12 -19.89
CA GLN Q 23 -42.32 -4.76 -21.26
C GLN Q 23 -41.51 -5.82 -22.00
N LYS Q 24 -41.85 -6.07 -23.26
CA LYS Q 24 -41.16 -7.08 -24.06
C LYS Q 24 -40.88 -6.60 -25.51
N ASN Q 25 -39.66 -6.79 -25.99
CA ASN Q 25 -39.28 -6.35 -27.32
C ASN Q 25 -39.94 -7.20 -28.36
N ILE Q 26 -40.46 -6.54 -29.40
CA ILE Q 26 -41.02 -7.27 -30.54
C ILE Q 26 -39.96 -7.57 -31.61
N PRO Q 27 -39.72 -8.85 -31.91
CA PRO Q 27 -38.63 -9.19 -32.84
C PRO Q 27 -38.90 -8.69 -34.28
N PHE Q 28 -37.82 -8.39 -34.99
CA PHE Q 28 -37.87 -8.04 -36.39
C PHE Q 28 -37.39 -9.27 -37.14
N THR Q 29 -38.23 -9.81 -38.02
CA THR Q 29 -37.93 -11.13 -38.53
C THR Q 29 -37.33 -11.15 -39.92
N LEU Q 30 -37.48 -10.07 -40.69
CA LEU Q 30 -36.89 -10.01 -42.03
C LEU Q 30 -35.46 -10.55 -42.07
N LYS Q 31 -35.26 -11.54 -42.93
CA LYS Q 31 -34.00 -12.29 -43.00
C LYS Q 31 -32.73 -11.41 -42.94
N GLY Q 32 -31.87 -11.64 -41.98
CA GLY Q 32 -30.62 -10.91 -41.87
C GLY Q 32 -30.63 -9.42 -41.51
N CYS Q 33 -31.79 -8.86 -41.18
CA CYS Q 33 -31.89 -7.46 -40.87
C CYS Q 33 -32.30 -7.23 -39.43
N GLY Q 34 -32.01 -8.20 -38.57
CA GLY Q 34 -32.40 -8.09 -37.19
C GLY Q 34 -31.52 -7.22 -36.30
N ALA Q 35 -30.39 -6.76 -36.82
CA ALA Q 35 -29.52 -5.85 -36.05
C ALA Q 35 -29.26 -4.52 -36.75
N LEU Q 36 -30.31 -3.89 -37.27
CA LEU Q 36 -30.19 -2.59 -37.94
C LEU Q 36 -30.95 -1.55 -37.16
N ASP Q 37 -30.64 -0.28 -37.41
CA ASP Q 37 -31.27 0.79 -36.67
C ASP Q 37 -32.72 0.96 -37.10
N TRP Q 38 -33.53 1.51 -36.22
CA TRP Q 38 -34.93 1.71 -36.48
C TRP Q 38 -35.21 2.23 -37.89
N GLY Q 39 -34.55 3.29 -38.32
CA GLY Q 39 -34.87 3.90 -39.61
C GLY Q 39 -34.60 2.96 -40.77
N MET Q 40 -33.49 2.26 -40.69
CA MET Q 40 -33.17 1.32 -41.74
C MET Q 40 -34.13 0.12 -41.78
N GLN Q 41 -34.51 -0.38 -40.61
CA GLN Q 41 -35.56 -1.37 -40.53
C GLN Q 41 -36.90 -0.80 -41.01
N SER Q 42 -37.15 0.46 -40.74
CA SER Q 42 -38.39 1.06 -41.19
C SER Q 42 -38.44 1.17 -42.73
N ARG Q 43 -37.32 1.54 -43.34
CA ARG Q 43 -37.25 1.57 -44.80
C ARG Q 43 -37.45 0.18 -45.45
N LEU Q 44 -36.86 -0.86 -44.85
CA LEU Q 44 -36.95 -2.20 -45.35
C LEU Q 44 -38.38 -2.72 -45.26
N SER Q 45 -39.12 -2.26 -44.26
CA SER Q 45 -40.48 -2.64 -44.04
C SER Q 45 -41.45 -1.94 -44.98
N ARG Q 46 -41.01 -0.88 -45.63
CA ARG Q 46 -41.80 -0.34 -46.72
C ARG Q 46 -41.66 -1.19 -47.98
N ILE Q 47 -40.51 -1.85 -48.13
CA ILE Q 47 -40.25 -2.69 -49.27
C ILE Q 47 -40.84 -4.11 -49.12
N PHE Q 48 -40.45 -4.81 -48.04
CA PHE Q 48 -40.93 -6.14 -47.73
C PHE Q 48 -42.03 -6.06 -46.71
N ASN Q 49 -43.25 -6.44 -47.13
CA ASN Q 49 -44.44 -6.47 -46.28
C ASN Q 49 -44.12 -7.28 -45.02
N PRO Q 50 -44.37 -6.71 -43.83
CA PRO Q 50 -43.95 -7.34 -42.57
C PRO Q 50 -44.69 -8.64 -42.29
N LYS Q 51 -45.96 -8.70 -42.71
CA LYS Q 51 -46.74 -9.93 -42.55
C LYS Q 51 -46.15 -11.08 -43.33
N THR Q 52 -45.82 -10.85 -44.60
CA THR Q 52 -45.43 -11.96 -45.46
C THR Q 52 -43.92 -12.10 -45.65
N GLY Q 53 -43.19 -11.04 -45.34
CA GLY Q 53 -41.74 -10.98 -45.55
C GLY Q 53 -41.31 -10.89 -46.99
N LYS Q 54 -42.23 -10.51 -47.87
CA LYS Q 54 -42.00 -10.56 -49.32
C LYS Q 54 -42.36 -9.25 -50.04
N THR Q 55 -41.95 -9.14 -51.31
CA THR Q 55 -42.17 -7.93 -52.08
C THR Q 55 -42.42 -8.17 -53.56
N VAL Q 56 -43.37 -7.42 -54.11
CA VAL Q 56 -43.55 -7.34 -55.55
C VAL Q 56 -43.09 -5.99 -56.08
N MET Q 57 -42.03 -6.02 -56.87
CA MET Q 57 -41.36 -4.80 -57.26
C MET Q 57 -41.48 -4.57 -58.77
N LEU Q 58 -41.95 -3.38 -59.15
CA LEU Q 58 -42.06 -3.02 -60.56
C LEU Q 58 -40.86 -2.18 -61.01
N ALA Q 59 -40.01 -2.77 -61.86
CA ALA Q 59 -38.74 -2.15 -62.27
C ALA Q 59 -38.86 -1.51 -63.65
N PHE Q 60 -38.46 -0.26 -63.78
CA PHE Q 60 -38.45 0.39 -65.08
C PHE Q 60 -37.31 1.42 -65.25
N ASP Q 61 -36.12 1.01 -64.81
CA ASP Q 61 -34.92 1.81 -64.85
C ASP Q 61 -34.07 1.45 -66.05
N HIS Q 62 -34.53 0.48 -66.84
CA HIS Q 62 -33.79 -0.03 -68.02
C HIS Q 62 -33.21 1.06 -68.91
N GLY Q 63 -33.91 2.20 -68.98
CA GLY Q 63 -33.47 3.32 -69.80
C GLY Q 63 -32.10 3.86 -69.47
N TYR Q 64 -31.58 3.56 -68.28
CA TYR Q 64 -30.38 4.25 -67.77
C TYR Q 64 -29.18 3.98 -68.61
N PHE Q 65 -29.20 2.87 -69.33
CA PHE Q 65 -28.09 2.55 -70.22
C PHE Q 65 -28.58 2.09 -71.59
N GLN Q 66 -29.90 1.98 -71.72
CA GLN Q 66 -30.48 1.44 -72.96
C GLN Q 66 -31.29 2.45 -73.77
N GLY Q 67 -31.60 3.60 -73.21
CA GLY Q 67 -32.46 4.51 -73.93
C GLY Q 67 -33.88 3.96 -73.97
N PRO Q 68 -34.73 4.46 -74.86
CA PRO Q 68 -36.14 4.10 -74.85
C PRO Q 68 -36.30 2.66 -75.34
N THR Q 69 -36.32 1.74 -74.38
CA THR Q 69 -36.50 0.32 -74.63
C THR Q 69 -38.00 -0.06 -74.79
N THR Q 70 -38.26 -1.18 -75.45
CA THR Q 70 -39.66 -1.58 -75.77
C THR Q 70 -40.54 -1.73 -74.56
N GLY Q 71 -41.61 -0.93 -74.50
CA GLY Q 71 -42.56 -0.95 -73.39
C GLY Q 71 -42.36 0.24 -72.50
N LEU Q 72 -41.15 0.79 -72.53
CA LEU Q 72 -40.79 1.95 -71.72
C LEU Q 72 -40.60 3.23 -72.54
N GLU Q 73 -41.11 3.25 -73.76
CA GLU Q 73 -41.06 4.47 -74.56
C GLU Q 73 -41.78 5.61 -73.85
N ARG Q 74 -42.93 5.31 -73.28
CA ARG Q 74 -43.70 6.34 -72.62
C ARG Q 74 -44.11 5.86 -71.23
N ILE Q 75 -43.24 6.08 -70.23
CA ILE Q 75 -43.52 5.71 -68.84
C ILE Q 75 -44.79 6.40 -68.39
N ASP Q 76 -44.97 7.64 -68.81
CA ASP Q 76 -46.08 8.49 -68.38
C ASP Q 76 -47.46 7.98 -68.77
N ILE Q 77 -47.51 7.18 -69.82
CA ILE Q 77 -48.80 6.69 -70.33
C ILE Q 77 -49.00 5.20 -70.05
N ASN Q 78 -47.95 4.45 -70.35
CA ASN Q 78 -47.97 3.02 -70.39
C ASN Q 78 -47.77 2.41 -69.00
N ILE Q 79 -46.84 2.99 -68.22
CA ILE Q 79 -46.44 2.42 -66.92
C ILE Q 79 -47.15 3.09 -65.74
N ALA Q 80 -47.47 4.36 -65.87
CA ALA Q 80 -48.17 5.08 -64.82
C ALA Q 80 -49.43 4.39 -64.25
N PRO Q 81 -50.27 3.74 -65.10
CA PRO Q 81 -51.45 3.05 -64.55
C PRO Q 81 -51.10 1.80 -63.75
N LEU Q 82 -49.87 1.32 -63.84
CA LEU Q 82 -49.44 0.15 -63.06
C LEU Q 82 -48.96 0.44 -61.66
N PHE Q 83 -48.59 1.71 -61.37
CA PHE Q 83 -47.92 2.02 -60.09
C PHE Q 83 -48.72 1.50 -58.91
N GLU Q 84 -50.03 1.78 -58.90
CA GLU Q 84 -50.86 1.45 -57.76
C GLU Q 84 -50.92 -0.05 -57.44
N HIS Q 85 -50.58 -0.88 -58.42
CA HIS Q 85 -50.61 -2.31 -58.21
C HIS Q 85 -49.31 -2.92 -57.73
N ALA Q 86 -48.27 -2.10 -57.62
CA ALA Q 86 -46.97 -2.60 -57.17
C ALA Q 86 -46.75 -2.32 -55.70
N ASP Q 87 -45.87 -3.09 -55.08
CA ASP Q 87 -45.50 -2.84 -53.70
C ASP Q 87 -44.51 -1.68 -53.68
N VAL Q 88 -43.54 -1.76 -54.59
CA VAL Q 88 -42.44 -0.81 -54.66
C VAL Q 88 -42.04 -0.57 -56.13
N LEU Q 89 -41.68 0.68 -56.44
CA LEU Q 89 -41.19 1.13 -57.74
C LEU Q 89 -39.68 1.14 -57.77
N MET Q 90 -39.10 0.78 -58.91
CA MET Q 90 -37.66 0.92 -59.07
C MET Q 90 -37.39 1.68 -60.35
N CYS Q 91 -36.67 2.79 -60.23
CA CYS Q 91 -36.32 3.59 -61.41
C CYS Q 91 -35.18 4.56 -61.11
N THR Q 92 -34.90 5.43 -62.09
CA THR Q 92 -33.85 6.42 -61.90
C THR Q 92 -34.44 7.72 -61.40
N ARG Q 93 -33.58 8.60 -60.87
CA ARG Q 93 -34.07 9.88 -60.36
C ARG Q 93 -34.62 10.75 -61.46
N GLY Q 94 -34.08 10.58 -62.66
CA GLY Q 94 -34.54 11.37 -63.80
C GLY Q 94 -35.98 11.07 -64.14
N ILE Q 95 -36.33 9.78 -64.20
CA ILE Q 95 -37.68 9.34 -64.49
C ILE Q 95 -38.58 9.66 -63.32
N LEU Q 96 -38.06 9.48 -62.09
CA LEU Q 96 -38.83 9.75 -60.91
C LEU Q 96 -39.30 11.18 -60.89
N ARG Q 97 -38.38 12.13 -61.02
CA ARG Q 97 -38.75 13.53 -60.88
C ARG Q 97 -39.64 13.96 -62.00
N SER Q 98 -39.36 13.47 -63.19
CA SER Q 98 -40.04 13.98 -64.38
C SER Q 98 -41.44 13.41 -64.59
N VAL Q 99 -41.61 12.09 -64.44
CA VAL Q 99 -42.92 11.46 -64.78
C VAL Q 99 -43.61 10.56 -63.75
N VAL Q 100 -42.97 10.26 -62.61
CA VAL Q 100 -43.64 9.52 -61.57
C VAL Q 100 -44.30 10.53 -60.64
N PRO Q 101 -45.63 10.69 -60.70
CA PRO Q 101 -46.27 11.65 -59.80
C PRO Q 101 -45.96 11.37 -58.33
N PRO Q 102 -45.54 12.38 -57.57
CA PRO Q 102 -45.25 12.10 -56.16
C PRO Q 102 -46.45 11.63 -55.36
N ALA Q 103 -47.64 11.95 -55.84
CA ALA Q 103 -48.87 11.50 -55.20
C ALA Q 103 -49.07 9.98 -55.27
N THR Q 104 -48.24 9.29 -56.05
CA THR Q 104 -48.32 7.87 -56.22
C THR Q 104 -48.21 7.16 -54.89
N ASN Q 105 -47.45 7.74 -53.97
CA ASN Q 105 -47.39 7.22 -52.59
C ASN Q 105 -47.01 5.73 -52.52
N ARG Q 106 -45.92 5.38 -53.16
CA ARG Q 106 -45.43 4.04 -53.28
C ARG Q 106 -43.92 4.13 -53.01
N PRO Q 107 -43.37 3.19 -52.22
CA PRO Q 107 -41.94 3.19 -51.91
C PRO Q 107 -41.10 3.12 -53.17
N VAL Q 108 -39.96 3.82 -53.22
CA VAL Q 108 -39.10 3.72 -54.39
C VAL Q 108 -37.70 3.25 -54.06
N VAL Q 109 -37.15 2.36 -54.88
CA VAL Q 109 -35.74 1.99 -54.84
C VAL Q 109 -35.04 2.69 -56.02
N LEU Q 110 -34.01 3.51 -55.76
CA LEU Q 110 -33.41 4.31 -56.81
C LEU Q 110 -32.21 3.67 -57.46
N ARG Q 111 -32.19 3.66 -58.78
CA ARG Q 111 -31.05 3.13 -59.50
C ARG Q 111 -29.93 4.11 -59.25
N ALA Q 112 -28.83 3.64 -58.71
CA ALA Q 112 -27.76 4.57 -58.32
C ALA Q 112 -26.45 4.31 -59.03
N SER Q 113 -26.51 3.56 -60.13
CA SER Q 113 -25.33 3.36 -60.94
C SER Q 113 -25.67 3.67 -62.37
N GLY Q 114 -24.63 3.89 -63.17
CA GLY Q 114 -24.81 4.31 -64.56
C GLY Q 114 -23.49 4.68 -65.20
N ALA Q 115 -23.60 5.50 -66.25
CA ALA Q 115 -22.47 5.97 -67.04
C ALA Q 115 -21.93 4.91 -67.99
N ASN Q 116 -22.72 3.85 -68.20
CA ASN Q 116 -22.41 2.83 -69.20
C ASN Q 116 -23.50 2.98 -70.21
N SER Q 117 -23.38 2.27 -71.33
CA SER Q 117 -24.45 2.20 -72.34
C SER Q 117 -24.27 0.96 -73.19
N ILE Q 118 -25.29 0.63 -73.97
CA ILE Q 118 -25.29 -0.52 -74.88
C ILE Q 118 -24.28 -0.39 -76.00
N LEU Q 119 -23.77 0.83 -76.24
CA LEU Q 119 -22.72 1.02 -77.23
C LEU Q 119 -21.29 0.79 -76.72
N ALA Q 120 -21.11 0.46 -75.45
CA ALA Q 120 -19.75 0.24 -74.92
C ALA Q 120 -19.70 -0.92 -73.89
N GLU Q 121 -18.58 -1.06 -73.19
CA GLU Q 121 -18.45 -2.11 -72.17
C GLU Q 121 -19.49 -1.92 -71.09
N LEU Q 122 -20.29 -2.97 -70.92
CA LEU Q 122 -21.46 -2.98 -70.05
C LEU Q 122 -21.16 -2.75 -68.55
N SER Q 123 -20.04 -3.32 -68.10
CA SER Q 123 -19.68 -3.26 -66.71
C SER Q 123 -19.08 -1.94 -66.29
N ASN Q 124 -18.84 -1.06 -67.24
CA ASN Q 124 -18.19 0.21 -66.93
C ASN Q 124 -19.14 1.20 -66.24
N GLU Q 125 -19.48 0.91 -65.00
CA GLU Q 125 -20.48 1.70 -64.29
C GLU Q 125 -19.85 2.50 -63.17
N ALA Q 126 -20.44 3.68 -62.92
CA ALA Q 126 -20.03 4.51 -61.79
C ALA Q 126 -21.24 4.79 -60.92
N VAL Q 127 -21.02 5.37 -59.74
CA VAL Q 127 -22.14 5.76 -58.91
C VAL Q 127 -22.85 6.91 -59.59
N ALA Q 128 -24.16 6.82 -59.73
CA ALA Q 128 -24.85 7.80 -60.53
C ALA Q 128 -25.73 8.72 -59.71
N LEU Q 129 -25.74 8.57 -58.40
CA LEU Q 129 -26.39 9.59 -57.56
C LEU Q 129 -25.82 9.67 -56.14
N SER Q 130 -25.81 10.87 -55.59
CA SER Q 130 -25.20 11.05 -54.29
C SER Q 130 -26.23 10.61 -53.27
N MET Q 131 -25.78 10.13 -52.11
CA MET Q 131 -26.67 9.76 -51.01
C MET Q 131 -27.55 10.93 -50.58
N ASP Q 132 -26.92 12.09 -50.50
CA ASP Q 132 -27.57 13.41 -50.43
C ASP Q 132 -28.89 13.49 -51.21
N ASP Q 133 -28.86 13.12 -52.48
CA ASP Q 133 -30.04 13.21 -53.30
C ASP Q 133 -31.02 12.06 -53.09
N ALA Q 134 -30.49 10.88 -52.76
CA ALA Q 134 -31.37 9.73 -52.40
C ALA Q 134 -32.22 10.07 -51.21
N VAL Q 135 -31.63 10.70 -50.21
CA VAL Q 135 -32.38 11.19 -49.05
C VAL Q 135 -33.33 12.31 -49.44
N ARG Q 136 -32.86 13.27 -50.23
CA ARG Q 136 -33.76 14.33 -50.72
C ARG Q 136 -35.01 13.75 -51.41
N LEU Q 137 -34.86 12.64 -52.12
CA LEU Q 137 -36.00 12.04 -52.80
C LEU Q 137 -36.80 11.09 -51.94
N ASN Q 138 -36.40 10.93 -50.69
CA ASN Q 138 -37.11 10.04 -49.80
C ASN Q 138 -37.10 8.59 -50.30
N SER Q 139 -35.95 8.12 -50.77
CA SER Q 139 -35.83 6.71 -51.17
C SER Q 139 -35.93 5.74 -50.01
N CYS Q 140 -36.29 4.49 -50.31
CA CYS Q 140 -36.24 3.42 -49.35
C CYS Q 140 -34.98 2.63 -49.47
N ALA Q 141 -34.35 2.69 -50.64
CA ALA Q 141 -33.09 2.02 -50.87
C ALA Q 141 -32.45 2.58 -52.12
N VAL Q 142 -31.16 2.31 -52.30
CA VAL Q 142 -30.46 2.64 -53.52
C VAL Q 142 -29.87 1.36 -54.10
N ALA Q 143 -29.73 1.32 -55.43
CA ALA Q 143 -29.33 0.09 -56.11
C ALA Q 143 -28.17 0.33 -57.03
N ALA Q 144 -27.25 -0.61 -57.09
CA ALA Q 144 -26.16 -0.58 -58.06
C ALA Q 144 -25.84 -2.00 -58.54
N GLN Q 145 -25.34 -2.11 -59.76
CA GLN Q 145 -24.86 -3.39 -60.27
C GLN Q 145 -23.49 -3.79 -59.75
N VAL Q 146 -23.36 -5.05 -59.37
CA VAL Q 146 -22.04 -5.66 -59.26
C VAL Q 146 -21.81 -6.58 -60.48
N TYR Q 147 -20.58 -6.59 -61.03
CA TYR Q 147 -20.28 -7.34 -62.26
C TYR Q 147 -19.14 -8.31 -62.07
N ILE Q 148 -19.30 -9.28 -61.15
CA ILE Q 148 -18.25 -10.27 -60.91
C ILE Q 148 -17.88 -10.97 -62.21
N GLY Q 149 -16.59 -11.14 -62.44
CA GLY Q 149 -16.17 -11.77 -63.68
C GLY Q 149 -16.07 -10.86 -64.90
N SER Q 150 -16.48 -9.60 -64.79
CA SER Q 150 -16.34 -8.67 -65.92
C SER Q 150 -15.10 -7.79 -65.88
N GLU Q 151 -14.89 -7.04 -66.95
CA GLU Q 151 -13.71 -6.20 -67.02
C GLU Q 151 -13.62 -5.19 -65.86
N TYR Q 152 -14.73 -4.57 -65.52
CA TYR Q 152 -14.76 -3.58 -64.46
C TYR Q 152 -15.36 -4.10 -63.16
N GLU Q 153 -15.10 -5.37 -62.86
CA GLU Q 153 -15.57 -6.01 -61.63
C GLU Q 153 -15.17 -5.20 -60.43
N HIS Q 154 -13.89 -4.79 -60.40
CA HIS Q 154 -13.30 -4.10 -59.24
C HIS Q 154 -14.04 -2.81 -58.93
N GLN Q 155 -14.27 -2.00 -59.96
CA GLN Q 155 -14.92 -0.72 -59.77
C GLN Q 155 -16.32 -0.98 -59.27
N SER Q 156 -17.00 -1.97 -59.86
CA SER Q 156 -18.42 -2.23 -59.52
C SER Q 156 -18.59 -2.59 -58.04
N ILE Q 157 -17.65 -3.35 -57.48
CA ILE Q 157 -17.72 -3.63 -56.07
C ILE Q 157 -17.43 -2.38 -55.26
N LYS Q 158 -16.44 -1.57 -55.69
CA LYS Q 158 -16.20 -0.28 -55.02
C LYS Q 158 -17.46 0.59 -54.97
N ASN Q 159 -18.23 0.59 -56.05
CA ASN Q 159 -19.54 1.28 -56.05
C ASN Q 159 -20.43 0.83 -54.88
N ILE Q 160 -20.51 -0.49 -54.68
CA ILE Q 160 -21.29 -1.04 -53.57
C ILE Q 160 -20.76 -0.54 -52.24
N ILE Q 161 -19.46 -0.73 -52.03
CA ILE Q 161 -18.75 -0.25 -50.83
C ILE Q 161 -19.09 1.23 -50.55
N GLN Q 162 -19.02 2.06 -51.60
CA GLN Q 162 -19.30 3.46 -51.46
C GLN Q 162 -20.74 3.72 -50.98
N LEU Q 163 -21.70 3.10 -51.65
CA LEU Q 163 -23.10 3.31 -51.27
C LEU Q 163 -23.38 2.78 -49.86
N VAL Q 164 -22.86 1.61 -49.53
CA VAL Q 164 -23.03 1.12 -48.16
C VAL Q 164 -22.47 2.11 -47.16
N ASP Q 165 -21.21 2.53 -47.36
CA ASP Q 165 -20.56 3.53 -46.49
C ASP Q 165 -21.44 4.74 -46.28
N ALA Q 166 -21.91 5.34 -47.37
CA ALA Q 166 -22.75 6.53 -47.28
C ALA Q 166 -24.14 6.22 -46.73
N GLY Q 167 -24.72 5.08 -47.12
CA GLY Q 167 -26.00 4.64 -46.59
C GLY Q 167 -26.10 4.40 -45.09
N MET Q 168 -25.07 3.80 -44.49
CA MET Q 168 -25.06 3.59 -43.04
C MET Q 168 -25.07 4.91 -42.23
N LYS Q 169 -24.51 5.99 -42.77
CA LYS Q 169 -24.55 7.30 -42.06
C LYS Q 169 -25.98 7.83 -41.92
N VAL Q 170 -26.92 7.22 -42.61
CA VAL Q 170 -28.13 7.91 -42.96
C VAL Q 170 -29.35 7.03 -42.86
N GLY Q 171 -29.14 5.74 -42.57
CA GLY Q 171 -30.24 4.77 -42.48
C GLY Q 171 -30.73 4.25 -43.85
N MET Q 172 -29.92 4.36 -44.91
CA MET Q 172 -30.41 3.98 -46.22
C MET Q 172 -29.85 2.62 -46.55
N PRO Q 173 -30.74 1.65 -46.84
CA PRO Q 173 -30.30 0.32 -47.28
C PRO Q 173 -29.77 0.35 -48.72
N THR Q 174 -28.76 -0.47 -48.98
CA THR Q 174 -28.26 -0.66 -50.34
C THR Q 174 -28.66 -2.01 -50.94
N MET Q 175 -29.13 -1.99 -52.18
CA MET Q 175 -29.43 -3.21 -52.95
C MET Q 175 -28.35 -3.47 -54.00
N ALA Q 176 -27.67 -4.60 -53.92
CA ALA Q 176 -26.72 -4.97 -54.94
C ALA Q 176 -27.41 -5.85 -55.98
N VAL Q 177 -27.17 -5.60 -57.26
CA VAL Q 177 -27.80 -6.35 -58.34
C VAL Q 177 -26.70 -7.07 -59.07
N THR Q 178 -26.78 -8.40 -59.20
CA THR Q 178 -25.72 -9.15 -59.85
C THR Q 178 -25.93 -9.10 -61.36
N GLY Q 179 -25.19 -8.23 -62.04
CA GLY Q 179 -25.25 -8.15 -63.50
C GLY Q 179 -24.28 -9.14 -64.13
N VAL Q 180 -24.54 -9.53 -65.39
CA VAL Q 180 -23.75 -10.61 -65.98
C VAL Q 180 -22.88 -10.22 -67.17
N VAL Q 185 -21.30 -17.63 -68.01
CA VAL Q 185 -22.14 -18.76 -67.65
C VAL Q 185 -23.09 -18.43 -66.50
N ARG Q 186 -24.38 -18.61 -66.73
CA ARG Q 186 -25.38 -18.23 -65.74
C ARG Q 186 -25.86 -19.37 -64.79
N ASP Q 187 -24.95 -19.91 -63.99
CA ASP Q 187 -25.27 -21.07 -63.13
C ASP Q 187 -25.19 -20.78 -61.64
N GLN Q 188 -25.48 -21.79 -60.82
CA GLN Q 188 -25.60 -21.60 -59.38
C GLN Q 188 -24.29 -21.17 -58.75
N ARG Q 189 -23.20 -21.84 -59.12
CA ARG Q 189 -21.94 -21.53 -58.46
C ARG Q 189 -21.51 -20.10 -58.75
N TYR Q 190 -21.88 -19.58 -59.91
CA TYR Q 190 -21.59 -18.20 -60.24
C TYR Q 190 -22.42 -17.26 -59.39
N PHE Q 191 -23.72 -17.41 -59.40
CA PHE Q 191 -24.53 -16.52 -58.63
C PHE Q 191 -24.29 -16.61 -57.15
N SER Q 192 -23.88 -17.77 -56.66
CA SER Q 192 -23.52 -17.95 -55.27
C SER Q 192 -22.33 -17.06 -54.96
N LEU Q 193 -21.34 -17.05 -55.85
CA LEU Q 193 -20.16 -16.22 -55.67
C LEU Q 193 -20.58 -14.75 -55.60
N ALA Q 194 -21.34 -14.30 -56.61
CA ALA Q 194 -21.64 -12.90 -56.76
C ALA Q 194 -22.53 -12.40 -55.64
N THR Q 195 -23.55 -13.16 -55.28
CA THR Q 195 -24.47 -12.72 -54.24
C THR Q 195 -23.76 -12.66 -52.88
N ARG Q 196 -22.87 -13.61 -52.63
CA ARG Q 196 -22.28 -13.70 -51.31
C ARG Q 196 -21.26 -12.58 -51.11
N ILE Q 197 -20.46 -12.31 -52.13
CA ILE Q 197 -19.53 -11.20 -52.05
C ILE Q 197 -20.30 -9.92 -51.73
N ALA Q 198 -21.36 -9.64 -52.49
CA ALA Q 198 -22.12 -8.40 -52.32
C ALA Q 198 -22.64 -8.28 -50.90
N ALA Q 199 -23.07 -9.40 -50.33
CA ALA Q 199 -23.68 -9.41 -49.02
C ALA Q 199 -22.61 -9.21 -47.99
N GLU Q 200 -21.48 -9.86 -48.23
CA GLU Q 200 -20.33 -9.78 -47.37
C GLU Q 200 -19.80 -8.31 -47.31
N MET Q 201 -19.84 -7.59 -48.44
CA MET Q 201 -19.46 -6.17 -48.50
C MET Q 201 -20.46 -5.29 -47.79
N GLY Q 202 -21.68 -5.75 -47.60
CA GLY Q 202 -22.60 -5.01 -46.74
C GLY Q 202 -23.97 -4.63 -47.29
N ALA Q 203 -24.28 -5.08 -48.51
CA ALA Q 203 -25.56 -4.75 -49.13
C ALA Q 203 -26.63 -5.43 -48.31
N GLN Q 204 -27.72 -4.72 -48.07
CA GLN Q 204 -28.82 -5.27 -47.29
C GLN Q 204 -29.80 -6.10 -48.14
N ILE Q 205 -29.90 -5.82 -49.43
CA ILE Q 205 -30.79 -6.55 -50.31
C ILE Q 205 -29.99 -7.00 -51.51
N ILE Q 206 -30.26 -8.21 -51.99
CA ILE Q 206 -29.56 -8.70 -53.16
C ILE Q 206 -30.58 -9.01 -54.21
N LYS Q 207 -30.38 -8.52 -55.44
CA LYS Q 207 -31.20 -8.90 -56.59
C LYS Q 207 -30.38 -9.75 -57.54
N THR Q 208 -30.91 -10.93 -57.89
CA THR Q 208 -30.22 -11.83 -58.78
C THR Q 208 -31.20 -12.49 -59.76
N TYR Q 209 -30.75 -13.49 -60.50
CA TYR Q 209 -31.63 -14.19 -61.43
C TYR Q 209 -32.04 -15.57 -60.92
N TYR Q 210 -33.22 -16.05 -61.34
CA TYR Q 210 -33.64 -17.40 -61.00
C TYR Q 210 -32.81 -18.39 -61.82
N VAL Q 211 -32.57 -19.56 -61.25
CA VAL Q 211 -31.79 -20.58 -61.92
C VAL Q 211 -32.51 -21.93 -61.88
N GLU Q 212 -32.50 -22.63 -63.02
CA GLU Q 212 -33.18 -23.95 -63.15
C GLU Q 212 -32.84 -24.92 -62.01
N LYS Q 213 -31.58 -24.95 -61.62
CA LYS Q 213 -31.18 -25.83 -60.55
C LYS Q 213 -30.17 -25.18 -59.60
N GLY Q 214 -30.42 -25.38 -58.31
CA GLY Q 214 -29.51 -24.91 -57.26
C GLY Q 214 -29.94 -23.59 -56.65
N PHE Q 215 -30.99 -22.97 -57.17
CA PHE Q 215 -31.42 -21.71 -56.63
C PHE Q 215 -31.55 -21.76 -55.11
N GLU Q 216 -31.99 -22.88 -54.59
CA GLU Q 216 -32.11 -23.07 -53.15
C GLU Q 216 -30.81 -22.73 -52.43
N ARG Q 217 -29.69 -23.08 -53.04
CA ARG Q 217 -28.36 -22.91 -52.47
C ARG Q 217 -27.92 -21.45 -52.48
N ILE Q 218 -28.26 -20.76 -53.56
CA ILE Q 218 -28.03 -19.33 -53.67
C ILE Q 218 -28.68 -18.61 -52.47
N VAL Q 219 -29.96 -18.92 -52.21
CA VAL Q 219 -30.70 -18.36 -51.10
C VAL Q 219 -30.10 -18.73 -49.75
N ALA Q 220 -29.81 -20.01 -49.56
CA ALA Q 220 -29.28 -20.48 -48.29
C ALA Q 220 -27.94 -19.88 -47.94
N GLY Q 221 -27.10 -19.66 -48.96
CA GLY Q 221 -25.76 -19.12 -48.76
C GLY Q 221 -25.70 -17.60 -48.66
N CYS Q 222 -26.85 -16.97 -48.84
CA CYS Q 222 -26.92 -15.52 -48.76
C CYS Q 222 -27.64 -15.04 -47.48
N PRO Q 223 -26.94 -14.31 -46.58
CA PRO Q 223 -27.52 -13.93 -45.30
C PRO Q 223 -28.58 -12.81 -45.31
N VAL Q 224 -28.93 -12.29 -46.48
CA VAL Q 224 -29.89 -11.21 -46.53
C VAL Q 224 -30.90 -11.49 -47.63
N PRO Q 225 -32.06 -10.79 -47.61
CA PRO Q 225 -33.15 -11.07 -48.53
C PRO Q 225 -32.71 -11.08 -50.00
N ILE Q 226 -33.21 -12.02 -50.78
CA ILE Q 226 -32.94 -12.09 -52.20
C ILE Q 226 -34.19 -11.87 -53.01
N VAL Q 227 -34.09 -11.03 -54.04
CA VAL Q 227 -35.20 -10.71 -54.93
C VAL Q 227 -34.73 -11.10 -56.31
N ILE Q 228 -35.61 -11.65 -57.15
CA ILE Q 228 -35.21 -12.16 -58.46
C ILE Q 228 -35.65 -11.19 -59.53
N ALA Q 229 -34.83 -11.09 -60.57
CA ALA Q 229 -35.20 -10.32 -61.75
C ALA Q 229 -36.01 -11.18 -62.72
N GLY Q 230 -36.90 -10.53 -63.46
CA GLY Q 230 -37.76 -11.21 -64.42
C GLY Q 230 -37.06 -11.81 -65.62
N GLY Q 231 -36.06 -11.12 -66.15
CA GLY Q 231 -35.36 -11.55 -67.37
C GLY Q 231 -36.24 -11.28 -68.58
N LYS Q 232 -35.80 -11.74 -69.75
CA LYS Q 232 -36.55 -11.56 -71.01
C LYS Q 232 -38.02 -12.07 -70.95
N LYS Q 233 -38.85 -11.54 -71.85
CA LYS Q 233 -40.29 -11.83 -71.90
C LYS Q 233 -40.57 -13.29 -72.14
N LEU Q 234 -41.41 -13.84 -71.30
CA LEU Q 234 -41.83 -15.22 -71.45
C LEU Q 234 -43.33 -15.17 -71.62
N PRO Q 235 -43.94 -16.30 -72.06
CA PRO Q 235 -45.41 -16.46 -71.98
C PRO Q 235 -45.85 -16.36 -70.54
N GLU Q 236 -46.96 -15.66 -70.30
CA GLU Q 236 -47.44 -15.39 -68.94
C GLU Q 236 -47.39 -16.58 -67.99
N ARG Q 237 -47.89 -17.73 -68.42
CA ARG Q 237 -47.89 -18.90 -67.53
C ARG Q 237 -46.51 -19.39 -67.11
N GLU Q 238 -45.52 -19.33 -68.01
CA GLU Q 238 -44.15 -19.70 -67.66
C GLU Q 238 -43.54 -18.72 -66.69
N ALA Q 239 -43.87 -17.42 -66.84
CA ALA Q 239 -43.37 -16.38 -65.95
C ALA Q 239 -43.91 -16.61 -64.53
N LEU Q 240 -45.20 -16.95 -64.44
CA LEU Q 240 -45.75 -17.28 -63.14
C LEU Q 240 -45.14 -18.55 -62.53
N GLU Q 241 -44.72 -19.51 -63.36
CA GLU Q 241 -44.03 -20.66 -62.84
C GLU Q 241 -42.73 -20.25 -62.23
N MET Q 242 -41.96 -19.44 -62.96
CA MET Q 242 -40.68 -18.92 -62.47
C MET Q 242 -40.86 -18.28 -61.09
N CYS Q 243 -41.87 -17.41 -60.96
CA CYS Q 243 -42.13 -16.78 -59.67
C CYS Q 243 -42.36 -17.81 -58.61
N TRP Q 244 -43.29 -18.71 -58.92
CA TRP Q 244 -43.68 -19.73 -57.98
C TRP Q 244 -42.45 -20.48 -57.52
N GLN Q 245 -41.63 -20.93 -58.44
CA GLN Q 245 -40.43 -21.65 -58.05
C GLN Q 245 -39.51 -20.84 -57.13
N ALA Q 246 -39.24 -19.59 -57.51
CA ALA Q 246 -38.33 -18.71 -56.76
C ALA Q 246 -38.84 -18.50 -55.34
N ILE Q 247 -40.12 -18.17 -55.22
CA ILE Q 247 -40.74 -17.98 -53.92
C ILE Q 247 -40.69 -19.28 -53.13
N ASP Q 248 -41.07 -20.38 -53.77
CA ASP Q 248 -41.07 -21.65 -53.10
C ASP Q 248 -39.70 -22.04 -52.60
N GLN Q 249 -38.67 -21.67 -53.36
CA GLN Q 249 -37.30 -21.99 -52.98
C GLN Q 249 -36.62 -20.95 -52.07
N GLY Q 250 -37.38 -19.95 -51.60
CA GLY Q 250 -36.87 -19.02 -50.59
C GLY Q 250 -36.57 -17.57 -50.96
N ALA Q 251 -36.75 -17.18 -52.20
CA ALA Q 251 -36.71 -15.77 -52.59
C ALA Q 251 -37.65 -14.92 -51.76
N SER Q 252 -37.26 -13.69 -51.44
CA SER Q 252 -38.07 -12.78 -50.64
C SER Q 252 -38.94 -11.89 -51.51
N GLY Q 253 -38.88 -12.07 -52.81
CA GLY Q 253 -39.70 -11.24 -53.68
C GLY Q 253 -39.29 -11.33 -55.13
N VAL Q 254 -40.06 -10.70 -55.98
CA VAL Q 254 -39.73 -10.68 -57.38
C VAL Q 254 -39.76 -9.26 -57.88
N ASP Q 255 -38.92 -9.02 -58.87
CA ASP Q 255 -38.84 -7.73 -59.46
C ASP Q 255 -38.97 -7.87 -60.96
N MET Q 256 -40.22 -7.92 -61.42
CA MET Q 256 -40.44 -7.97 -62.85
C MET Q 256 -40.47 -6.61 -63.54
N GLY Q 257 -40.02 -6.64 -64.78
CA GLY Q 257 -40.18 -5.51 -65.67
C GLY Q 257 -40.86 -6.03 -66.91
N ARG Q 258 -40.04 -6.53 -67.83
CA ARG Q 258 -40.50 -6.92 -69.13
C ARG Q 258 -41.71 -7.81 -69.01
N ASN Q 259 -41.64 -8.82 -68.16
CA ASN Q 259 -42.74 -9.77 -68.04
C ASN Q 259 -44.05 -9.16 -67.60
N ILE Q 260 -44.01 -7.90 -67.17
CA ILE Q 260 -45.22 -7.17 -66.82
C ILE Q 260 -45.51 -6.12 -67.88
N PHE Q 261 -44.55 -5.24 -68.13
CA PHE Q 261 -44.92 -4.09 -68.96
C PHE Q 261 -44.97 -4.42 -70.45
N GLN Q 262 -44.43 -5.58 -70.83
CA GLN Q 262 -44.54 -6.05 -72.21
C GLN Q 262 -45.72 -7.02 -72.41
N SER Q 263 -46.44 -7.35 -71.34
CA SER Q 263 -47.60 -8.24 -71.44
C SER Q 263 -48.76 -7.48 -72.07
N ASP Q 264 -49.69 -8.18 -72.68
CA ASP Q 264 -50.89 -7.54 -73.22
C ASP Q 264 -51.90 -7.15 -72.15
N HIS Q 265 -51.78 -7.76 -70.96
CA HIS Q 265 -52.68 -7.45 -69.83
C HIS Q 265 -51.88 -7.26 -68.55
N PRO Q 266 -51.12 -6.13 -68.48
CA PRO Q 266 -50.18 -5.88 -67.40
C PRO Q 266 -50.82 -5.88 -66.01
N VAL Q 267 -51.97 -5.22 -65.86
CA VAL Q 267 -52.62 -5.15 -64.56
C VAL Q 267 -52.98 -6.55 -64.08
N ALA Q 268 -53.50 -7.39 -64.99
CA ALA Q 268 -53.88 -8.76 -64.64
C ALA Q 268 -52.64 -9.52 -64.20
N MET Q 269 -51.56 -9.35 -64.95
CA MET Q 269 -50.34 -10.09 -64.66
C MET Q 269 -49.86 -9.78 -63.27
N MET Q 270 -49.99 -8.51 -62.87
CA MET Q 270 -49.50 -8.08 -61.55
C MET Q 270 -50.32 -8.68 -60.42
N LYS Q 271 -51.64 -8.70 -60.60
CA LYS Q 271 -52.50 -9.37 -59.63
C LYS Q 271 -52.15 -10.87 -59.51
N ALA Q 272 -51.85 -11.51 -60.63
CA ALA Q 272 -51.43 -12.92 -60.60
C ALA Q 272 -50.12 -13.07 -59.82
N VAL Q 273 -49.13 -12.24 -60.16
CA VAL Q 273 -47.82 -12.26 -59.49
C VAL Q 273 -47.98 -12.03 -57.97
N GLN Q 274 -48.86 -11.09 -57.61
CA GLN Q 274 -49.15 -10.85 -56.20
C GLN Q 274 -49.66 -12.06 -55.47
N ALA Q 275 -50.59 -12.79 -56.09
CA ALA Q 275 -51.15 -14.00 -55.51
C ALA Q 275 -50.06 -15.05 -55.27
N VAL Q 276 -49.19 -15.28 -56.25
CA VAL Q 276 -48.05 -16.20 -56.04
C VAL Q 276 -47.16 -15.73 -54.90
N VAL Q 277 -46.82 -14.45 -54.89
CA VAL Q 277 -45.80 -13.93 -53.98
C VAL Q 277 -46.29 -13.77 -52.54
N HIS Q 278 -47.45 -13.18 -52.35
CA HIS Q 278 -47.93 -12.91 -50.99
C HIS Q 278 -48.90 -13.97 -50.44
N HIS Q 279 -49.66 -14.60 -51.32
CA HIS Q 279 -50.77 -15.45 -50.90
C HIS Q 279 -50.62 -16.95 -51.14
N ASN Q 280 -49.39 -17.39 -51.42
CA ASN Q 280 -49.12 -18.81 -51.65
C ASN Q 280 -49.94 -19.49 -52.76
N GLU Q 281 -50.50 -18.73 -53.69
CA GLU Q 281 -51.20 -19.34 -54.79
C GLU Q 281 -50.28 -20.26 -55.55
N THR Q 282 -50.86 -21.31 -56.14
CA THR Q 282 -50.14 -22.18 -57.07
C THR Q 282 -50.02 -21.49 -58.42
N ALA Q 283 -49.04 -21.91 -59.21
CA ALA Q 283 -48.81 -21.37 -60.56
C ALA Q 283 -50.10 -21.39 -61.38
N ASP Q 284 -50.82 -22.51 -61.30
CA ASP Q 284 -52.04 -22.73 -62.07
C ASP Q 284 -53.15 -21.79 -61.67
N ARG Q 285 -53.50 -21.79 -60.38
CA ARG Q 285 -54.52 -20.88 -59.89
C ARG Q 285 -54.21 -19.43 -60.27
N ALA Q 286 -52.96 -19.04 -60.06
CA ALA Q 286 -52.48 -17.73 -60.48
C ALA Q 286 -52.77 -17.44 -61.96
N TYR Q 287 -52.46 -18.39 -62.84
CA TYR Q 287 -52.73 -18.22 -64.27
C TYR Q 287 -54.20 -18.07 -64.58
N GLU Q 288 -55.05 -18.77 -63.83
CA GLU Q 288 -56.50 -18.63 -64.01
C GLU Q 288 -56.97 -17.28 -63.52
N LEU Q 289 -56.37 -16.82 -62.43
CA LEU Q 289 -56.60 -15.48 -61.92
C LEU Q 289 -56.24 -14.45 -62.98
N TYR Q 290 -55.11 -14.67 -63.63
CA TYR Q 290 -54.69 -13.85 -64.74
C TYR Q 290 -55.75 -13.84 -65.84
N LEU Q 291 -56.21 -15.03 -66.23
CA LEU Q 291 -57.15 -15.17 -67.35
C LEU Q 291 -58.47 -14.46 -67.09
N SER Q 292 -58.86 -14.40 -65.82
CA SER Q 292 -60.10 -13.69 -65.46
C SER Q 292 -60.02 -12.15 -65.55
N GLU Q 293 -58.92 -11.62 -66.11
CA GLU Q 293 -58.85 -10.24 -66.66
C GLU Q 293 -58.04 -10.22 -67.96
N GLY R 14 -11.57 12.93 8.76
CA GLY R 14 -11.63 11.45 8.61
C GLY R 14 -11.33 10.95 7.21
N LYS R 15 -10.37 11.57 6.54
CA LYS R 15 -9.97 11.17 5.18
C LYS R 15 -8.54 10.60 5.16
N ASP R 16 -8.28 9.60 4.31
CA ASP R 16 -6.94 8.96 4.25
C ASP R 16 -6.26 8.99 2.89
N PHE R 17 -5.32 9.92 2.71
CA PHE R 17 -4.67 10.15 1.43
C PHE R 17 -3.46 9.28 1.24
N ARG R 18 -3.08 8.56 2.29
CA ARG R 18 -1.97 7.62 2.21
C ARG R 18 -0.72 8.26 1.63
N THR R 19 -0.35 9.41 2.21
CA THR R 19 0.76 10.22 1.70
C THR R 19 2.12 9.56 1.82
N ASP R 20 2.18 8.44 2.54
CA ASP R 20 3.40 7.67 2.73
C ASP R 20 3.63 6.66 1.59
N GLN R 21 2.66 6.53 0.70
CA GLN R 21 2.74 5.62 -0.46
C GLN R 21 2.45 6.32 -1.79
N PRO R 22 3.51 6.65 -2.53
CA PRO R 22 3.35 7.47 -3.71
C PRO R 22 2.72 6.69 -4.86
N GLN R 23 1.91 7.38 -5.65
CA GLN R 23 1.24 6.81 -6.81
C GLN R 23 2.27 6.26 -7.82
N LYS R 24 1.95 5.14 -8.45
CA LYS R 24 2.89 4.51 -9.37
C LYS R 24 2.19 3.99 -10.63
N ASN R 25 2.67 4.38 -11.80
CA ASN R 25 2.08 3.92 -13.05
C ASN R 25 2.24 2.43 -13.24
N ILE R 26 1.18 1.77 -13.71
CA ILE R 26 1.23 0.36 -14.01
C ILE R 26 1.58 0.15 -15.48
N PRO R 27 2.73 -0.51 -15.76
CA PRO R 27 3.18 -0.69 -17.15
C PRO R 27 2.21 -1.55 -18.01
N PHE R 28 2.13 -1.21 -19.28
CA PHE R 28 1.39 -1.98 -20.27
C PHE R 28 2.44 -2.79 -21.04
N THR R 29 2.37 -4.13 -20.97
CA THR R 29 3.45 -4.97 -21.49
C THR R 29 3.27 -5.57 -22.91
N LEU R 30 2.06 -5.51 -23.45
CA LEU R 30 1.83 -6.04 -24.80
C LEU R 30 2.89 -5.50 -25.79
N LYS R 31 3.64 -6.42 -26.38
CA LYS R 31 4.75 -6.08 -27.26
C LYS R 31 4.47 -4.88 -28.15
N GLY R 32 5.30 -3.83 -27.98
CA GLY R 32 5.32 -2.65 -28.88
C GLY R 32 4.13 -1.72 -28.83
N CYS R 33 3.29 -1.85 -27.82
CA CYS R 33 2.08 -1.10 -27.71
C CYS R 33 2.10 -0.30 -26.44
N GLY R 34 3.30 -0.07 -25.92
CA GLY R 34 3.46 0.67 -24.66
C GLY R 34 3.35 2.19 -24.75
N ALA R 35 3.24 2.72 -25.96
CA ALA R 35 3.10 4.17 -26.12
C ALA R 35 1.88 4.53 -26.91
N LEU R 36 0.73 3.96 -26.58
CA LEU R 36 -0.53 4.25 -27.29
C LEU R 36 -1.50 4.86 -26.32
N ASP R 37 -2.44 5.64 -26.83
CA ASP R 37 -3.46 6.21 -25.96
C ASP R 37 -4.32 5.16 -25.28
N TRP R 38 -4.93 5.52 -24.15
CA TRP R 38 -5.78 4.62 -23.37
C TRP R 38 -6.75 3.76 -24.26
N GLY R 39 -7.56 4.40 -25.09
CA GLY R 39 -8.62 3.74 -25.83
C GLY R 39 -8.05 2.71 -26.80
N MET R 40 -6.94 3.03 -27.42
CA MET R 40 -6.25 2.06 -28.25
C MET R 40 -5.71 0.88 -27.43
N GLN R 41 -5.12 1.17 -26.28
CA GLN R 41 -4.61 0.08 -25.47
C GLN R 41 -5.77 -0.75 -24.98
N SER R 42 -6.92 -0.11 -24.78
CA SER R 42 -8.07 -0.80 -24.20
C SER R 42 -8.60 -1.80 -25.22
N ARG R 43 -8.82 -1.33 -26.44
CA ARG R 43 -9.17 -2.19 -27.55
C ARG R 43 -8.18 -3.36 -27.71
N LEU R 44 -6.87 -3.12 -27.61
CA LEU R 44 -5.91 -4.20 -27.80
C LEU R 44 -6.02 -5.22 -26.68
N SER R 45 -6.43 -4.75 -25.51
CA SER R 45 -6.57 -5.61 -24.36
C SER R 45 -7.82 -6.48 -24.45
N ARG R 46 -8.72 -6.16 -25.35
CA ARG R 46 -9.89 -7.00 -25.54
C ARG R 46 -9.46 -8.15 -26.42
N ILE R 47 -8.46 -7.90 -27.25
CA ILE R 47 -7.98 -8.89 -28.17
C ILE R 47 -6.97 -9.84 -27.53
N PHE R 48 -5.92 -9.27 -26.95
CA PHE R 48 -4.88 -10.04 -26.31
C PHE R 48 -5.10 -10.00 -24.82
N ASN R 49 -5.42 -11.15 -24.25
CA ASN R 49 -5.60 -11.31 -22.84
C ASN R 49 -4.38 -10.73 -22.10
N PRO R 50 -4.61 -9.81 -21.14
CA PRO R 50 -3.52 -9.10 -20.46
C PRO R 50 -2.65 -10.02 -19.62
N LYS R 51 -3.24 -11.07 -19.05
CA LYS R 51 -2.48 -12.06 -18.25
C LYS R 51 -1.47 -12.81 -19.13
N THR R 52 -1.93 -13.32 -20.26
CA THR R 52 -1.09 -14.18 -21.06
C THR R 52 -0.38 -13.48 -22.19
N GLY R 53 -0.91 -12.32 -22.61
CA GLY R 53 -0.40 -11.58 -23.77
C GLY R 53 -0.72 -12.25 -25.10
N LYS R 54 -1.71 -13.14 -25.08
CA LYS R 54 -2.05 -13.96 -26.27
C LYS R 54 -3.54 -13.98 -26.64
N THR R 55 -3.84 -14.46 -27.84
CA THR R 55 -5.19 -14.45 -28.36
C THR R 55 -5.46 -15.67 -29.21
N VAL R 56 -6.68 -16.20 -29.07
CA VAL R 56 -7.23 -17.20 -29.97
C VAL R 56 -8.35 -16.56 -30.76
N MET R 57 -8.16 -16.48 -32.06
CA MET R 57 -9.05 -15.72 -32.89
C MET R 57 -9.77 -16.67 -33.84
N LEU R 58 -11.07 -16.50 -34.00
CA LEU R 58 -11.82 -17.31 -34.94
C LEU R 58 -12.17 -16.49 -36.18
N ALA R 59 -11.50 -16.82 -37.29
CA ALA R 59 -11.70 -16.09 -38.54
C ALA R 59 -12.69 -16.77 -39.43
N PHE R 60 -13.61 -16.01 -40.01
CA PHE R 60 -14.57 -16.53 -40.97
C PHE R 60 -14.99 -15.44 -41.97
N ASP R 61 -14.02 -14.66 -42.44
CA ASP R 61 -14.28 -13.59 -43.41
C ASP R 61 -14.03 -14.04 -44.85
N HIS R 62 -13.66 -15.30 -45.00
CA HIS R 62 -13.18 -15.83 -46.27
C HIS R 62 -14.16 -15.53 -47.41
N GLY R 63 -15.45 -15.41 -47.08
CA GLY R 63 -16.45 -15.11 -48.08
C GLY R 63 -16.24 -13.82 -48.87
N TYR R 64 -15.37 -12.94 -48.38
CA TYR R 64 -15.35 -11.58 -48.91
C TYR R 64 -14.91 -11.56 -50.37
N PHE R 65 -14.10 -12.53 -50.74
CA PHE R 65 -13.69 -12.64 -52.13
C PHE R 65 -13.90 -14.06 -52.67
N GLN R 66 -14.37 -14.97 -51.81
CA GLN R 66 -14.56 -16.38 -52.22
C GLN R 66 -16.00 -16.86 -52.35
N GLY R 67 -16.99 -16.05 -51.96
CA GLY R 67 -18.36 -16.53 -51.83
C GLY R 67 -18.43 -17.65 -50.80
N PRO R 68 -19.47 -18.50 -50.92
CA PRO R 68 -19.74 -19.50 -49.88
C PRO R 68 -18.73 -20.67 -49.92
N THR R 69 -17.69 -20.55 -49.12
CA THR R 69 -16.60 -21.50 -49.12
C THR R 69 -16.94 -22.67 -48.17
N THR R 70 -16.27 -23.80 -48.33
CA THR R 70 -16.60 -25.00 -47.52
C THR R 70 -16.46 -24.82 -46.03
N GLY R 71 -17.57 -24.98 -45.32
CA GLY R 71 -17.58 -24.80 -43.85
C GLY R 71 -18.30 -23.51 -43.48
N LEU R 72 -18.38 -22.58 -44.45
CA LEU R 72 -18.96 -21.27 -44.21
C LEU R 72 -20.19 -21.02 -44.99
N GLU R 73 -20.76 -22.08 -45.57
CA GLU R 73 -22.04 -21.96 -46.28
C GLU R 73 -23.11 -21.36 -45.37
N ARG R 74 -23.14 -21.79 -44.11
CA ARG R 74 -24.17 -21.34 -43.16
C ARG R 74 -23.51 -20.96 -41.86
N ILE R 75 -23.09 -19.69 -41.74
CA ILE R 75 -22.43 -19.17 -40.54
C ILE R 75 -23.41 -19.26 -39.40
N ASP R 76 -24.67 -18.94 -39.70
CA ASP R 76 -25.72 -18.88 -38.69
C ASP R 76 -25.94 -20.19 -37.96
N ILE R 77 -25.64 -21.32 -38.61
CA ILE R 77 -25.89 -22.63 -38.04
C ILE R 77 -24.60 -23.28 -37.58
N ASN R 78 -23.64 -23.28 -38.48
CA ASN R 78 -22.42 -24.02 -38.32
C ASN R 78 -21.39 -23.34 -37.43
N ILE R 79 -21.29 -22.02 -37.54
CA ILE R 79 -20.25 -21.25 -36.85
C ILE R 79 -20.73 -20.57 -35.57
N ALA R 80 -22.00 -20.18 -35.55
CA ALA R 80 -22.57 -19.55 -34.36
C ALA R 80 -22.30 -20.29 -33.02
N PRO R 81 -22.43 -21.63 -32.99
CA PRO R 81 -22.14 -22.29 -31.71
C PRO R 81 -20.66 -22.20 -31.30
N LEU R 82 -19.80 -21.73 -32.19
CA LEU R 82 -18.37 -21.63 -31.85
C LEU R 82 -17.98 -20.30 -31.20
N PHE R 83 -18.82 -19.27 -31.36
CA PHE R 83 -18.43 -17.91 -30.96
C PHE R 83 -17.96 -17.90 -29.52
N GLU R 84 -18.77 -18.44 -28.63
CA GLU R 84 -18.49 -18.40 -27.20
C GLU R 84 -17.13 -19.00 -26.82
N HIS R 85 -16.58 -19.84 -27.68
CA HIS R 85 -15.30 -20.47 -27.33
C HIS R 85 -14.09 -19.71 -27.82
N ALA R 86 -14.32 -18.61 -28.54
CA ALA R 86 -13.24 -17.84 -29.10
C ALA R 86 -12.94 -16.62 -28.23
N ASP R 87 -11.71 -16.11 -28.30
CA ASP R 87 -11.38 -14.84 -27.66
C ASP R 87 -11.91 -13.66 -28.49
N VAL R 88 -11.79 -13.77 -29.81
CA VAL R 88 -12.13 -12.70 -30.73
C VAL R 88 -12.60 -13.26 -32.07
N LEU R 89 -13.61 -12.62 -32.63
CA LEU R 89 -14.17 -12.99 -33.90
C LEU R 89 -13.55 -12.13 -34.99
N MET R 90 -13.32 -12.68 -36.17
CA MET R 90 -12.95 -11.88 -37.30
C MET R 90 -13.85 -12.15 -38.48
N CYS R 91 -14.48 -11.10 -39.00
CA CYS R 91 -15.38 -11.24 -40.15
C CYS R 91 -15.64 -9.91 -40.87
N THR R 92 -16.50 -9.94 -41.88
CA THR R 92 -16.92 -8.73 -42.55
C THR R 92 -18.13 -8.10 -41.88
N ARG R 93 -18.39 -6.82 -42.19
CA ARG R 93 -19.49 -6.11 -41.59
C ARG R 93 -20.81 -6.71 -42.06
N GLY R 94 -20.81 -7.29 -43.27
CA GLY R 94 -22.04 -7.83 -43.86
C GLY R 94 -22.48 -9.08 -43.13
N ILE R 95 -21.51 -9.93 -42.77
CA ILE R 95 -21.78 -11.10 -41.95
C ILE R 95 -22.11 -10.69 -40.53
N LEU R 96 -21.35 -9.74 -39.99
CA LEU R 96 -21.56 -9.29 -38.62
C LEU R 96 -23.01 -8.81 -38.41
N ARG R 97 -23.48 -7.91 -39.25
CA ARG R 97 -24.80 -7.33 -39.00
C ARG R 97 -25.89 -8.35 -39.25
N SER R 98 -25.64 -9.26 -40.17
CA SER R 98 -26.72 -10.13 -40.60
C SER R 98 -26.85 -11.37 -39.72
N VAL R 99 -25.76 -12.01 -39.34
CA VAL R 99 -25.86 -13.30 -38.65
C VAL R 99 -25.01 -13.51 -37.39
N VAL R 100 -24.17 -12.56 -37.01
CA VAL R 100 -23.54 -12.61 -35.71
C VAL R 100 -24.41 -11.88 -34.70
N PRO R 101 -25.02 -12.61 -33.74
CA PRO R 101 -25.89 -11.94 -32.79
C PRO R 101 -25.08 -10.96 -31.96
N PRO R 102 -25.52 -9.67 -31.86
CA PRO R 102 -24.80 -8.74 -30.98
C PRO R 102 -24.68 -9.23 -29.52
N ALA R 103 -25.62 -10.02 -29.06
CA ALA R 103 -25.53 -10.58 -27.72
C ALA R 103 -24.29 -11.46 -27.51
N THR R 104 -23.68 -11.92 -28.59
CA THR R 104 -22.51 -12.80 -28.50
C THR R 104 -21.48 -12.23 -27.53
N ASN R 105 -21.37 -10.91 -27.45
CA ASN R 105 -20.47 -10.21 -26.50
C ASN R 105 -19.07 -10.69 -26.59
N ARG R 106 -18.52 -10.62 -27.79
CA ARG R 106 -17.16 -11.09 -28.06
C ARG R 106 -16.54 -9.99 -28.94
N PRO R 107 -15.26 -9.62 -28.68
CA PRO R 107 -14.53 -8.61 -29.49
C PRO R 107 -14.51 -8.98 -30.94
N VAL R 108 -14.62 -7.98 -31.84
CA VAL R 108 -14.54 -8.26 -33.30
C VAL R 108 -13.45 -7.49 -34.02
N VAL R 109 -12.76 -8.18 -34.93
CA VAL R 109 -11.82 -7.54 -35.81
C VAL R 109 -12.48 -7.52 -37.20
N LEU R 110 -12.66 -6.35 -37.78
CA LEU R 110 -13.40 -6.28 -39.02
C LEU R 110 -12.52 -6.36 -40.24
N ARG R 111 -12.90 -7.20 -41.18
CA ARG R 111 -12.25 -7.22 -42.46
C ARG R 111 -12.57 -5.90 -43.20
N ALA R 112 -11.53 -5.15 -43.55
CA ALA R 112 -11.76 -3.81 -44.06
C ALA R 112 -11.19 -3.62 -45.47
N SER R 113 -10.89 -4.73 -46.14
CA SER R 113 -10.49 -4.69 -47.53
C SER R 113 -11.35 -5.65 -48.35
N GLY R 114 -11.34 -5.45 -49.66
CA GLY R 114 -12.12 -6.25 -50.59
C GLY R 114 -12.14 -5.70 -51.98
N ALA R 115 -13.22 -5.99 -52.69
CA ALA R 115 -13.39 -5.66 -54.11
C ALA R 115 -12.48 -6.48 -55.06
N ASN R 116 -11.88 -7.54 -54.51
CA ASN R 116 -11.26 -8.58 -55.33
C ASN R 116 -12.20 -9.80 -55.37
N SER R 117 -11.87 -10.80 -56.19
CA SER R 117 -12.53 -12.09 -56.13
C SER R 117 -11.64 -13.15 -56.73
N ILE R 118 -11.97 -14.43 -56.47
CA ILE R 118 -11.25 -15.57 -57.04
C ILE R 118 -11.29 -15.61 -58.57
N LEU R 119 -12.15 -14.83 -59.20
CA LEU R 119 -12.23 -14.79 -60.65
C LEU R 119 -11.31 -13.77 -61.31
N ALA R 120 -10.53 -13.05 -60.50
CA ALA R 120 -9.63 -12.01 -61.02
C ALA R 120 -8.34 -11.91 -60.24
N GLU R 121 -7.56 -10.87 -60.50
CA GLU R 121 -6.29 -10.71 -59.80
C GLU R 121 -6.56 -10.55 -58.31
N LEU R 122 -5.87 -11.38 -57.54
CA LEU R 122 -6.12 -11.51 -56.10
C LEU R 122 -5.77 -10.26 -55.31
N SER R 123 -4.66 -9.65 -55.67
CA SER R 123 -4.14 -8.52 -54.94
C SER R 123 -4.87 -7.21 -55.21
N ASN R 124 -5.83 -7.22 -56.14
CA ASN R 124 -6.58 -6.03 -56.48
C ASN R 124 -7.62 -5.64 -55.43
N GLU R 125 -7.16 -5.24 -54.24
CA GLU R 125 -8.03 -4.90 -53.13
C GLU R 125 -8.15 -3.40 -52.91
N ALA R 126 -9.32 -2.94 -52.48
CA ALA R 126 -9.55 -1.56 -52.03
C ALA R 126 -10.06 -1.59 -50.58
N VAL R 127 -10.11 -0.44 -49.91
CA VAL R 127 -10.61 -0.35 -48.55
C VAL R 127 -12.09 -0.62 -48.64
N ALA R 128 -12.61 -1.49 -47.77
CA ALA R 128 -13.98 -1.94 -47.94
C ALA R 128 -14.95 -1.46 -46.86
N LEU R 129 -14.45 -0.72 -45.89
CA LEU R 129 -15.36 -0.01 -44.99
C LEU R 129 -14.71 1.26 -44.45
N SER R 130 -15.52 2.25 -44.16
CA SER R 130 -14.99 3.51 -43.68
C SER R 130 -14.77 3.36 -42.21
N MET R 131 -13.85 4.14 -41.64
CA MET R 131 -13.56 4.08 -40.20
C MET R 131 -14.76 4.49 -39.40
N ASP R 132 -15.52 5.41 -39.96
CA ASP R 132 -16.86 5.77 -39.51
C ASP R 132 -17.74 4.53 -39.15
N ASP R 133 -17.79 3.57 -40.03
CA ASP R 133 -18.66 2.43 -39.77
C ASP R 133 -18.01 1.43 -38.82
N ALA R 134 -16.67 1.34 -38.83
CA ALA R 134 -15.99 0.43 -37.90
C ALA R 134 -16.28 0.87 -36.47
N VAL R 135 -16.19 2.19 -36.21
CA VAL R 135 -16.56 2.77 -34.90
C VAL R 135 -18.05 2.59 -34.60
N ARG R 136 -18.90 2.78 -35.59
CA ARG R 136 -20.33 2.48 -35.43
C ARG R 136 -20.57 1.05 -35.00
N LEU R 137 -19.76 0.11 -35.51
CA LEU R 137 -19.92 -1.30 -35.15
C LEU R 137 -19.18 -1.70 -33.89
N ASN R 138 -18.54 -0.73 -33.21
CA ASN R 138 -17.77 -1.01 -32.01
C ASN R 138 -16.66 -2.03 -32.20
N SER R 139 -15.92 -1.98 -33.29
CA SER R 139 -14.84 -2.94 -33.54
C SER R 139 -13.71 -2.73 -32.57
N CYS R 140 -12.85 -3.74 -32.47
CA CYS R 140 -11.61 -3.61 -31.74
C CYS R 140 -10.44 -3.33 -32.64
N ALA R 141 -10.57 -3.73 -33.88
CA ALA R 141 -9.52 -3.49 -34.86
C ALA R 141 -10.08 -3.58 -36.26
N VAL R 142 -9.35 -3.07 -37.24
CA VAL R 142 -9.74 -3.25 -38.62
C VAL R 142 -8.60 -3.91 -39.33
N ALA R 143 -8.90 -4.75 -40.33
CA ALA R 143 -7.86 -5.58 -41.00
C ALA R 143 -7.85 -5.37 -42.49
N ALA R 144 -6.66 -5.38 -43.07
CA ALA R 144 -6.50 -5.35 -44.53
C ALA R 144 -5.30 -6.18 -45.00
N GLN R 145 -5.38 -6.69 -46.22
CA GLN R 145 -4.30 -7.44 -46.78
C GLN R 145 -3.26 -6.55 -47.37
N VAL R 146 -2.00 -6.89 -47.09
CA VAL R 146 -0.90 -6.30 -47.82
C VAL R 146 -0.41 -7.43 -48.76
N TYR R 147 -0.01 -7.07 -50.00
CA TYR R 147 0.41 -8.03 -51.01
C TYR R 147 1.77 -7.70 -51.57
N ILE R 148 2.80 -7.74 -50.72
CA ILE R 148 4.16 -7.46 -51.18
C ILE R 148 4.48 -8.45 -52.27
N GLY R 149 5.09 -7.97 -53.33
CA GLY R 149 5.46 -8.85 -54.42
C GLY R 149 4.38 -9.04 -55.46
N SER R 150 3.17 -8.54 -55.24
CA SER R 150 2.09 -8.74 -56.21
C SER R 150 1.84 -7.54 -57.15
N GLU R 151 0.96 -7.74 -58.14
CA GLU R 151 0.73 -6.71 -59.10
C GLU R 151 0.26 -5.39 -58.46
N TYR R 152 -0.57 -5.47 -57.43
CA TYR R 152 -1.14 -4.29 -56.78
C TYR R 152 -0.58 -4.11 -55.40
N GLU R 153 0.69 -4.47 -55.23
CA GLU R 153 1.43 -4.19 -54.00
C GLU R 153 1.26 -2.77 -53.47
N HIS R 154 1.47 -1.80 -54.34
CA HIS R 154 1.40 -0.37 -54.03
C HIS R 154 0.03 0.02 -53.46
N GLN R 155 -1.05 -0.31 -54.17
CA GLN R 155 -2.36 0.03 -53.64
C GLN R 155 -2.57 -0.66 -52.27
N SER R 156 -2.06 -1.88 -52.10
CA SER R 156 -2.35 -2.61 -50.88
C SER R 156 -1.70 -1.92 -49.66
N ILE R 157 -0.48 -1.40 -49.85
CA ILE R 157 0.14 -0.67 -48.77
C ILE R 157 -0.62 0.64 -48.54
N LYS R 158 -1.05 1.32 -49.60
CA LYS R 158 -1.83 2.54 -49.40
C LYS R 158 -3.08 2.26 -48.60
N ASN R 159 -3.68 1.09 -48.81
CA ASN R 159 -4.80 0.69 -47.97
C ASN R 159 -4.44 0.69 -46.49
N ILE R 160 -3.29 0.14 -46.16
CA ILE R 160 -2.87 0.11 -44.75
C ILE R 160 -2.66 1.53 -44.25
N ILE R 161 -2.02 2.34 -45.10
CA ILE R 161 -1.70 3.73 -44.75
C ILE R 161 -2.99 4.44 -44.43
N GLN R 162 -3.99 4.22 -45.27
CA GLN R 162 -5.25 4.91 -45.11
C GLN R 162 -5.89 4.49 -43.80
N LEU R 163 -5.86 3.21 -43.50
CA LEU R 163 -6.53 2.73 -42.28
C LEU R 163 -5.87 3.21 -41.02
N VAL R 164 -4.53 3.13 -40.98
CA VAL R 164 -3.79 3.69 -39.85
C VAL R 164 -4.07 5.18 -39.67
N ASP R 165 -4.00 5.98 -40.74
CA ASP R 165 -4.34 7.44 -40.69
C ASP R 165 -5.71 7.69 -40.07
N ALA R 166 -6.73 7.00 -40.53
CA ALA R 166 -8.08 7.13 -39.95
C ALA R 166 -8.20 6.51 -38.54
N GLY R 167 -7.52 5.39 -38.32
CA GLY R 167 -7.54 4.73 -37.03
C GLY R 167 -6.96 5.55 -35.89
N MET R 168 -5.90 6.33 -36.17
CA MET R 168 -5.24 7.14 -35.13
C MET R 168 -6.11 8.31 -34.66
N LYS R 169 -6.99 8.80 -35.52
CA LYS R 169 -7.93 9.86 -35.10
C LYS R 169 -8.89 9.36 -34.04
N VAL R 170 -9.04 8.05 -33.95
CA VAL R 170 -10.23 7.47 -33.34
C VAL R 170 -9.90 6.37 -32.30
N GLY R 171 -8.64 6.01 -32.19
CA GLY R 171 -8.24 5.02 -31.22
C GLY R 171 -8.44 3.59 -31.72
N MET R 172 -8.59 3.42 -33.02
CA MET R 172 -8.80 2.11 -33.59
C MET R 172 -7.50 1.52 -34.11
N PRO R 173 -7.07 0.36 -33.60
CA PRO R 173 -5.90 -0.37 -34.11
C PRO R 173 -6.11 -0.95 -35.52
N THR R 174 -5.05 -1.00 -36.31
CA THR R 174 -5.11 -1.62 -37.62
C THR R 174 -4.31 -2.92 -37.65
N MET R 175 -4.89 -3.97 -38.22
CA MET R 175 -4.17 -5.20 -38.41
C MET R 175 -3.82 -5.39 -39.88
N ALA R 176 -2.53 -5.51 -40.16
CA ALA R 176 -2.07 -5.83 -41.53
C ALA R 176 -1.90 -7.34 -41.68
N VAL R 177 -2.48 -7.91 -42.75
CA VAL R 177 -2.41 -9.34 -43.05
C VAL R 177 -1.52 -9.54 -44.29
N THR R 178 -0.44 -10.32 -44.15
CA THR R 178 0.44 -10.59 -45.28
C THR R 178 -0.16 -11.63 -46.25
N GLY R 179 -0.79 -11.14 -47.33
CA GLY R 179 -1.33 -12.03 -48.36
C GLY R 179 -0.28 -12.39 -49.40
N VAL R 180 -0.37 -13.59 -49.96
CA VAL R 180 0.67 -14.06 -50.87
C VAL R 180 0.23 -14.14 -52.34
N VAL R 185 7.07 -17.54 -53.44
CA VAL R 185 7.81 -18.31 -52.42
C VAL R 185 7.45 -17.90 -50.98
N ARG R 186 7.02 -18.89 -50.20
CA ARG R 186 6.58 -18.65 -48.82
C ARG R 186 7.67 -18.90 -47.76
N ASP R 187 8.77 -18.14 -47.79
CA ASP R 187 9.87 -18.37 -46.84
C ASP R 187 10.10 -17.23 -45.86
N GLN R 188 11.04 -17.42 -44.93
CA GLN R 188 11.30 -16.45 -43.86
C GLN R 188 11.68 -15.07 -44.39
N ARG R 189 12.53 -15.02 -45.39
CA ARG R 189 13.01 -13.73 -45.85
C ARG R 189 11.86 -12.91 -46.49
N TYR R 190 10.91 -13.61 -47.12
CA TYR R 190 9.78 -12.95 -47.68
C TYR R 190 8.84 -12.39 -46.60
N PHE R 191 8.50 -13.22 -45.62
CA PHE R 191 7.62 -12.76 -44.57
C PHE R 191 8.23 -11.71 -43.68
N SER R 192 9.54 -11.75 -43.46
CA SER R 192 10.24 -10.71 -42.75
C SER R 192 10.04 -9.39 -43.51
N LEU R 193 10.25 -9.41 -44.81
CA LEU R 193 10.06 -8.20 -45.61
C LEU R 193 8.61 -7.67 -45.45
N ALA R 194 7.63 -8.54 -45.70
CA ALA R 194 6.25 -8.11 -45.68
C ALA R 194 5.80 -7.65 -44.30
N THR R 195 6.10 -8.41 -43.25
CA THR R 195 5.70 -8.03 -41.90
C THR R 195 6.34 -6.73 -41.48
N ARG R 196 7.65 -6.60 -41.68
CA ARG R 196 8.31 -5.37 -41.22
C ARG R 196 7.74 -4.11 -41.92
N ILE R 197 7.59 -4.15 -43.23
CA ILE R 197 7.12 -3.00 -43.92
C ILE R 197 5.78 -2.54 -43.34
N ALA R 198 4.90 -3.50 -43.06
CA ALA R 198 3.55 -3.21 -42.58
C ALA R 198 3.65 -2.60 -41.19
N ALA R 199 4.61 -3.07 -40.41
CA ALA R 199 4.71 -2.53 -39.04
C ALA R 199 5.25 -1.11 -39.16
N GLU R 200 6.16 -0.94 -40.11
CA GLU R 200 6.87 0.31 -40.26
C GLU R 200 5.86 1.38 -40.73
N MET R 201 4.88 0.97 -41.52
CA MET R 201 3.86 1.88 -41.95
C MET R 201 2.90 2.24 -40.83
N GLY R 202 2.83 1.42 -39.80
CA GLY R 202 2.05 1.78 -38.62
C GLY R 202 1.03 0.79 -38.11
N ALA R 203 0.86 -0.36 -38.77
CA ALA R 203 -0.10 -1.35 -38.29
C ALA R 203 0.25 -1.80 -36.87
N GLN R 204 -0.75 -1.93 -36.00
CA GLN R 204 -0.46 -2.33 -34.62
C GLN R 204 -0.40 -3.85 -34.45
N ILE R 205 -1.04 -4.58 -35.36
CA ILE R 205 -1.04 -6.02 -35.29
C ILE R 205 -0.66 -6.53 -36.65
N ILE R 206 0.08 -7.63 -36.70
CA ILE R 206 0.41 -8.28 -37.94
C ILE R 206 -0.04 -9.71 -37.94
N LYS R 207 -0.76 -10.10 -38.98
CA LYS R 207 -1.10 -11.49 -39.17
C LYS R 207 -0.28 -12.05 -40.32
N THR R 208 0.35 -13.18 -40.11
CA THR R 208 1.16 -13.80 -41.15
C THR R 208 1.02 -15.34 -41.08
N TYR R 209 1.85 -16.10 -41.79
CA TYR R 209 1.79 -17.57 -41.76
C TYR R 209 2.95 -18.12 -41.02
N TYR R 210 2.77 -19.31 -40.44
CA TYR R 210 3.88 -20.01 -39.80
C TYR R 210 4.80 -20.59 -40.86
N VAL R 211 6.09 -20.65 -40.53
CA VAL R 211 7.08 -21.14 -41.47
C VAL R 211 7.93 -22.23 -40.79
N GLU R 212 8.22 -23.32 -41.54
CA GLU R 212 9.06 -24.45 -41.02
C GLU R 212 10.37 -24.00 -40.36
N LYS R 213 11.03 -23.02 -40.98
CA LYS R 213 12.28 -22.54 -40.41
C LYS R 213 12.43 -21.01 -40.48
N GLY R 214 12.91 -20.45 -39.38
CA GLY R 214 13.21 -19.02 -39.31
C GLY R 214 12.09 -18.20 -38.72
N PHE R 215 10.96 -18.85 -38.40
CA PHE R 215 9.83 -18.12 -37.85
C PHE R 215 10.25 -17.23 -36.65
N GLU R 216 11.19 -17.73 -35.88
CA GLU R 216 11.73 -16.95 -34.78
C GLU R 216 12.18 -15.56 -35.24
N ARG R 217 12.71 -15.49 -36.47
CA ARG R 217 13.32 -14.25 -36.97
C ARG R 217 12.23 -13.27 -37.41
N ILE R 218 11.14 -13.84 -37.92
CA ILE R 218 9.99 -13.09 -38.34
C ILE R 218 9.45 -12.35 -37.13
N VAL R 219 9.28 -13.08 -36.05
CA VAL R 219 8.84 -12.51 -34.78
C VAL R 219 9.79 -11.44 -34.24
N ALA R 220 11.07 -11.79 -34.12
CA ALA R 220 12.08 -10.90 -33.56
C ALA R 220 12.19 -9.58 -34.36
N GLY R 221 12.09 -9.67 -35.68
CA GLY R 221 12.24 -8.52 -36.58
C GLY R 221 11.02 -7.59 -36.65
N CYS R 222 9.93 -8.04 -36.03
CA CYS R 222 8.68 -7.31 -36.07
C CYS R 222 8.38 -6.69 -34.69
N PRO R 223 8.26 -5.33 -34.61
CA PRO R 223 8.18 -4.67 -33.31
C PRO R 223 6.78 -4.67 -32.70
N VAL R 224 5.81 -5.35 -33.33
CA VAL R 224 4.45 -5.42 -32.79
C VAL R 224 3.93 -6.88 -32.79
N PRO R 225 2.81 -7.15 -32.07
CA PRO R 225 2.36 -8.52 -31.92
C PRO R 225 2.09 -9.23 -33.26
N ILE R 226 2.45 -10.50 -33.35
CA ILE R 226 2.19 -11.32 -34.53
C ILE R 226 1.23 -12.45 -34.25
N VAL R 227 0.28 -12.63 -35.13
CA VAL R 227 -0.71 -13.66 -35.01
C VAL R 227 -0.57 -14.49 -36.30
N ILE R 228 -0.71 -15.81 -36.18
CA ILE R 228 -0.57 -16.68 -37.35
C ILE R 228 -1.91 -17.14 -37.90
N ALA R 229 -1.98 -17.23 -39.21
CA ALA R 229 -3.11 -17.83 -39.88
C ALA R 229 -2.96 -19.35 -39.91
N GLY R 230 -4.10 -20.03 -39.93
CA GLY R 230 -4.13 -21.48 -39.93
C GLY R 230 -3.67 -22.15 -41.21
N GLY R 231 -3.95 -21.53 -42.34
CA GLY R 231 -3.72 -22.18 -43.66
C GLY R 231 -4.71 -23.32 -43.92
N LYS R 232 -4.47 -24.08 -45.00
CA LYS R 232 -5.35 -25.21 -45.39
C LYS R 232 -5.49 -26.30 -44.30
N LYS R 233 -6.58 -27.06 -44.41
CA LYS R 233 -6.96 -28.05 -43.40
C LYS R 233 -5.89 -29.10 -43.19
N LEU R 234 -5.47 -29.28 -41.95
CA LEU R 234 -4.53 -30.32 -41.63
C LEU R 234 -5.21 -31.33 -40.68
N PRO R 235 -4.60 -32.51 -40.49
CA PRO R 235 -5.06 -33.37 -39.39
C PRO R 235 -4.86 -32.67 -38.05
N GLU R 236 -5.88 -32.75 -37.20
CA GLU R 236 -5.92 -32.01 -35.95
C GLU R 236 -4.61 -32.01 -35.19
N ARG R 237 -3.91 -33.13 -35.11
CA ARG R 237 -2.69 -33.16 -34.31
C ARG R 237 -1.58 -32.34 -34.94
N GLU R 238 -1.51 -32.32 -36.27
CA GLU R 238 -0.51 -31.52 -36.95
C GLU R 238 -0.81 -30.04 -36.80
N ALA R 239 -2.09 -29.67 -36.89
CA ALA R 239 -2.52 -28.30 -36.65
C ALA R 239 -2.12 -27.82 -35.23
N LEU R 240 -2.32 -28.68 -34.23
CA LEU R 240 -1.89 -28.32 -32.89
C LEU R 240 -0.37 -28.21 -32.76
N GLU R 241 0.38 -29.02 -33.50
CA GLU R 241 1.83 -28.86 -33.53
C GLU R 241 2.24 -27.50 -34.05
N MET R 242 1.64 -27.11 -35.16
CA MET R 242 1.84 -25.79 -35.77
C MET R 242 1.59 -24.68 -34.75
N CYS R 243 0.45 -24.73 -34.04
CA CYS R 243 0.20 -23.73 -33.00
C CYS R 243 1.30 -23.73 -31.98
N TRP R 244 1.63 -24.92 -31.48
CA TRP R 244 2.60 -25.08 -30.42
C TRP R 244 3.91 -24.42 -30.79
N GLN R 245 4.41 -24.74 -31.98
CA GLN R 245 5.64 -24.16 -32.50
C GLN R 245 5.57 -22.63 -32.61
N ALA R 246 4.51 -22.12 -33.24
CA ALA R 246 4.34 -20.65 -33.42
C ALA R 246 4.37 -19.94 -32.07
N ILE R 247 3.61 -20.46 -31.11
CA ILE R 247 3.55 -19.89 -29.78
C ILE R 247 4.92 -19.97 -29.14
N ASP R 248 5.54 -21.15 -29.24
CA ASP R 248 6.83 -21.40 -28.60
C ASP R 248 7.88 -20.49 -29.17
N GLN R 249 7.75 -20.21 -30.45
CA GLN R 249 8.67 -19.31 -31.15
C GLN R 249 8.33 -17.81 -31.06
N GLY R 250 7.33 -17.45 -30.24
CA GLY R 250 7.05 -16.04 -29.94
C GLY R 250 5.81 -15.39 -30.54
N ALA R 251 5.03 -16.11 -31.35
CA ALA R 251 3.75 -15.59 -31.85
C ALA R 251 2.86 -15.12 -30.68
N SER R 252 2.06 -14.08 -30.90
CA SER R 252 1.16 -13.58 -29.84
C SER R 252 -0.24 -14.20 -29.88
N GLY R 253 -0.47 -15.08 -30.84
CA GLY R 253 -1.77 -15.73 -30.96
C GLY R 253 -1.93 -16.46 -32.26
N VAL R 254 -3.06 -17.12 -32.41
CA VAL R 254 -3.33 -17.83 -33.64
C VAL R 254 -4.71 -17.47 -34.05
N ASP R 255 -4.91 -17.54 -35.35
CA ASP R 255 -6.17 -17.17 -35.94
C ASP R 255 -6.53 -18.27 -36.91
N MET R 256 -7.12 -19.32 -36.38
CA MET R 256 -7.58 -20.37 -37.23
C MET R 256 -8.96 -20.15 -37.81
N GLY R 257 -9.11 -20.72 -39.00
CA GLY R 257 -10.41 -20.78 -39.64
C GLY R 257 -10.63 -22.24 -39.97
N ARG R 258 -10.18 -22.62 -41.16
CA ARG R 258 -10.42 -23.94 -41.73
C ARG R 258 -10.09 -25.04 -40.74
N ASN R 259 -8.94 -24.96 -40.08
CA ASN R 259 -8.56 -25.95 -39.09
C ASN R 259 -9.49 -26.11 -37.89
N ILE R 260 -10.44 -25.20 -37.76
CA ILE R 260 -11.46 -25.30 -36.74
C ILE R 260 -12.80 -25.60 -37.36
N PHE R 261 -13.25 -24.79 -38.30
CA PHE R 261 -14.63 -24.97 -38.75
C PHE R 261 -14.79 -26.10 -39.76
N GLN R 262 -13.66 -26.63 -40.25
CA GLN R 262 -13.71 -27.81 -41.12
C GLN R 262 -13.37 -29.12 -40.39
N SER R 263 -13.11 -29.02 -39.09
CA SER R 263 -12.89 -30.19 -38.25
C SER R 263 -14.22 -30.88 -37.98
N ASP R 264 -14.17 -32.17 -37.67
CA ASP R 264 -15.38 -32.90 -37.27
C ASP R 264 -15.82 -32.57 -35.86
N HIS R 265 -14.88 -32.09 -35.04
CA HIS R 265 -15.19 -31.70 -33.67
C HIS R 265 -14.63 -30.31 -33.37
N PRO R 266 -15.26 -29.28 -33.94
CA PRO R 266 -14.78 -27.91 -33.84
C PRO R 266 -14.65 -27.40 -32.40
N VAL R 267 -15.67 -27.61 -31.57
CA VAL R 267 -15.59 -27.14 -30.19
C VAL R 267 -14.39 -27.76 -29.45
N ALA R 268 -14.14 -29.03 -29.71
CA ALA R 268 -13.04 -29.72 -29.04
C ALA R 268 -11.70 -29.17 -29.51
N MET R 269 -11.60 -28.97 -30.83
CA MET R 269 -10.40 -28.35 -31.44
C MET R 269 -10.04 -26.98 -30.79
N MET R 270 -11.07 -26.15 -30.59
CA MET R 270 -10.88 -24.84 -29.97
C MET R 270 -10.35 -24.93 -28.56
N LYS R 271 -10.94 -25.82 -27.76
CA LYS R 271 -10.46 -26.06 -26.39
C LYS R 271 -9.01 -26.50 -26.35
N ALA R 272 -8.65 -27.33 -27.33
CA ALA R 272 -7.27 -27.77 -27.48
C ALA R 272 -6.36 -26.61 -27.81
N VAL R 273 -6.76 -25.83 -28.83
CA VAL R 273 -5.98 -24.66 -29.29
C VAL R 273 -5.79 -23.68 -28.13
N GLN R 274 -6.86 -23.47 -27.37
CA GLN R 274 -6.76 -22.66 -26.15
C GLN R 274 -5.75 -23.12 -25.15
N ALA R 275 -5.67 -24.43 -24.92
CA ALA R 275 -4.70 -24.97 -23.95
C ALA R 275 -3.25 -24.69 -24.41
N VAL R 276 -2.97 -24.89 -25.70
CA VAL R 276 -1.66 -24.59 -26.28
C VAL R 276 -1.34 -23.11 -26.16
N VAL R 277 -2.31 -22.26 -26.51
CA VAL R 277 -2.06 -20.82 -26.64
C VAL R 277 -1.95 -20.10 -25.28
N HIS R 278 -2.91 -20.35 -24.40
CA HIS R 278 -2.94 -19.63 -23.12
C HIS R 278 -2.29 -20.38 -21.96
N HIS R 279 -2.30 -21.70 -22.00
CA HIS R 279 -1.91 -22.51 -20.83
C HIS R 279 -0.65 -23.34 -20.97
N ASN R 280 0.20 -23.06 -21.96
CA ASN R 280 1.49 -23.79 -22.14
C ASN R 280 1.38 -25.31 -22.26
N GLU R 281 0.21 -25.81 -22.66
CA GLU R 281 0.09 -27.22 -22.93
C GLU R 281 1.01 -27.65 -24.05
N THR R 282 1.47 -28.89 -23.98
CA THR R 282 2.28 -29.47 -25.05
C THR R 282 1.35 -29.90 -26.16
N ALA R 283 1.91 -30.09 -27.35
CA ALA R 283 1.15 -30.54 -28.50
C ALA R 283 0.38 -31.80 -28.19
N ASP R 284 1.05 -32.74 -27.52
CA ASP R 284 0.49 -34.06 -27.17
C ASP R 284 -0.66 -33.99 -26.20
N ARG R 285 -0.42 -33.36 -25.06
CA ARG R 285 -1.50 -33.18 -24.07
C ARG R 285 -2.70 -32.54 -24.71
N ALA R 286 -2.47 -31.48 -25.49
CA ALA R 286 -3.50 -30.79 -26.23
C ALA R 286 -4.29 -31.74 -27.13
N TYR R 287 -3.60 -32.63 -27.82
CA TYR R 287 -4.28 -33.63 -28.67
C TYR R 287 -5.14 -34.63 -27.88
N GLU R 288 -4.67 -35.01 -26.69
CA GLU R 288 -5.47 -35.87 -25.80
C GLU R 288 -6.70 -35.14 -25.26
N LEU R 289 -6.53 -33.85 -24.95
CA LEU R 289 -7.61 -32.97 -24.53
C LEU R 289 -8.64 -32.95 -25.64
N TYR R 290 -8.15 -32.83 -26.87
CA TYR R 290 -9.02 -32.84 -28.03
C TYR R 290 -9.80 -34.13 -28.08
N LEU R 291 -9.09 -35.25 -27.92
CA LEU R 291 -9.69 -36.60 -28.01
C LEU R 291 -10.77 -36.86 -26.96
N SER R 292 -10.62 -36.29 -25.79
CA SER R 292 -11.65 -36.40 -24.76
C SER R 292 -12.95 -35.61 -25.04
N GLU R 293 -13.11 -35.03 -26.25
CA GLU R 293 -14.42 -34.65 -26.80
C GLU R 293 -14.51 -35.02 -28.28
N GLY S 14 7.71 53.07 -9.34
CA GLY S 14 8.87 52.14 -9.28
C GLY S 14 8.96 51.13 -10.41
N LYS S 15 8.65 51.59 -11.63
CA LYS S 15 8.76 50.78 -12.85
C LYS S 15 9.85 51.31 -13.81
N ASP S 16 10.55 50.39 -14.50
CA ASP S 16 11.62 50.78 -15.44
C ASP S 16 11.46 50.28 -16.89
N PHE S 17 10.99 51.17 -17.75
CA PHE S 17 10.69 50.86 -19.14
C PHE S 17 11.87 51.02 -20.06
N ARG S 18 12.99 51.52 -19.51
CA ARG S 18 14.24 51.64 -20.26
C ARG S 18 14.02 52.33 -21.62
N THR S 19 13.38 53.48 -21.57
CA THR S 19 12.98 54.21 -22.77
C THR S 19 14.15 54.74 -23.56
N ASP S 20 15.34 54.70 -22.98
CA ASP S 20 16.56 55.11 -23.66
C ASP S 20 17.16 54.00 -24.55
N GLN S 21 16.61 52.78 -24.44
CA GLN S 21 17.10 51.64 -25.23
C GLN S 21 15.97 51.02 -26.02
N PRO S 22 15.92 51.27 -27.33
CA PRO S 22 14.80 50.79 -28.14
C PRO S 22 14.86 49.29 -28.41
N GLN S 23 13.70 48.66 -28.45
CA GLN S 23 13.57 47.24 -28.74
C GLN S 23 14.15 46.91 -30.11
N LYS S 24 14.83 45.77 -30.20
CA LYS S 24 15.45 45.39 -31.46
C LYS S 24 15.19 43.94 -31.83
N ASN S 25 14.78 43.66 -33.07
CA ASN S 25 14.53 42.28 -33.45
C ASN S 25 15.81 41.47 -33.50
N ILE S 26 15.76 40.23 -32.99
CA ILE S 26 16.89 39.33 -33.15
C ILE S 26 16.80 38.49 -34.45
N PRO S 27 17.79 38.64 -35.36
CA PRO S 27 17.70 37.92 -36.64
C PRO S 27 17.76 36.39 -36.50
N PHE S 28 17.05 35.71 -37.40
CA PHE S 28 17.08 34.27 -37.48
C PHE S 28 18.01 33.92 -38.66
N THR S 29 19.08 33.16 -38.39
CA THR S 29 20.11 33.07 -39.38
C THR S 29 20.08 31.82 -40.24
N LEU S 30 19.50 30.74 -39.75
CA LEU S 30 19.43 29.51 -40.52
C LEU S 30 19.09 29.71 -42.00
N LYS S 31 19.94 29.20 -42.87
CA LYS S 31 19.91 29.54 -44.29
C LYS S 31 18.54 29.42 -44.91
N GLY S 32 18.02 30.54 -45.45
CA GLY S 32 16.75 30.56 -46.21
C GLY S 32 15.47 30.35 -45.40
N CYS S 33 15.57 30.46 -44.08
CA CYS S 33 14.41 30.27 -43.22
C CYS S 33 14.10 31.54 -42.45
N GLY S 34 14.49 32.68 -43.03
CA GLY S 34 14.38 33.94 -42.32
C GLY S 34 12.99 34.57 -42.34
N ALA S 35 12.10 33.98 -43.10
CA ALA S 35 10.74 34.54 -43.29
C ALA S 35 9.66 33.46 -43.07
N LEU S 36 9.83 32.69 -42.02
CA LEU S 36 8.85 31.70 -41.61
C LEU S 36 8.21 32.14 -40.28
N ASP S 37 7.04 31.62 -39.99
CA ASP S 37 6.40 31.94 -38.75
C ASP S 37 7.17 31.31 -37.53
N TRP S 38 6.98 31.90 -36.36
CA TRP S 38 7.64 31.45 -35.18
C TRP S 38 7.72 29.92 -35.03
N GLY S 39 6.55 29.25 -35.08
CA GLY S 39 6.47 27.81 -34.84
C GLY S 39 7.34 26.98 -35.76
N MET S 40 7.31 27.30 -37.04
CA MET S 40 8.12 26.62 -38.01
C MET S 40 9.60 26.90 -37.70
N GLN S 41 9.93 28.15 -37.37
CA GLN S 41 11.32 28.47 -37.05
C GLN S 41 11.73 27.75 -35.80
N SER S 42 10.77 27.53 -34.91
CA SER S 42 11.05 26.88 -33.64
C SER S 42 11.33 25.39 -33.90
N ARG S 43 10.50 24.77 -34.76
CA ARG S 43 10.73 23.38 -35.15
C ARG S 43 12.07 23.17 -35.88
N LEU S 44 12.41 24.10 -36.75
CA LEU S 44 13.72 24.04 -37.40
C LEU S 44 14.89 24.19 -36.39
N SER S 45 14.65 24.90 -35.29
CA SER S 45 15.71 25.16 -34.32
C SER S 45 15.91 23.99 -33.42
N ARG S 46 14.97 23.07 -33.40
CA ARG S 46 15.20 21.82 -32.67
C ARG S 46 16.15 20.92 -33.45
N ILE S 47 16.09 21.03 -34.77
CA ILE S 47 16.86 20.20 -35.70
C ILE S 47 18.26 20.73 -35.88
N PHE S 48 18.37 22.00 -36.29
CA PHE S 48 19.67 22.68 -36.50
C PHE S 48 20.02 23.53 -35.29
N ASN S 49 21.02 23.11 -34.56
CA ASN S 49 21.52 23.88 -33.42
C ASN S 49 21.75 25.34 -33.78
N PRO S 50 21.13 26.28 -33.03
CA PRO S 50 21.17 27.68 -33.41
C PRO S 50 22.59 28.27 -33.38
N LYS S 51 23.40 27.85 -32.42
CA LYS S 51 24.79 28.29 -32.33
C LYS S 51 25.57 27.95 -33.60
N THR S 52 25.50 26.70 -34.05
CA THR S 52 26.37 26.24 -35.14
C THR S 52 25.68 26.23 -36.50
N GLY S 53 24.34 26.25 -36.48
CA GLY S 53 23.50 26.09 -37.68
C GLY S 53 23.57 24.73 -38.34
N LYS S 54 24.02 23.72 -37.61
CA LYS S 54 24.21 22.39 -38.17
C LYS S 54 23.49 21.32 -37.36
N THR S 55 23.34 20.13 -37.97
CA THR S 55 22.67 18.98 -37.32
C THR S 55 23.37 17.64 -37.56
N VAL S 56 23.39 16.81 -36.52
CA VAL S 56 23.71 15.41 -36.66
C VAL S 56 22.45 14.54 -36.52
N MET S 57 22.05 13.91 -37.61
CA MET S 57 20.81 13.19 -37.61
C MET S 57 21.07 11.69 -37.69
N LEU S 58 20.41 10.92 -36.82
CA LEU S 58 20.47 9.48 -36.90
C LEU S 58 19.23 8.87 -37.62
N ALA S 59 19.44 8.37 -38.84
CA ALA S 59 18.36 7.81 -39.67
C ALA S 59 18.25 6.30 -39.55
N PHE S 60 17.03 5.80 -39.33
CA PHE S 60 16.80 4.38 -39.28
C PHE S 60 15.41 4.01 -39.82
N ASP S 61 15.00 4.71 -40.88
CA ASP S 61 13.71 4.49 -41.51
C ASP S 61 13.79 3.50 -42.67
N HIS S 62 14.99 2.93 -42.87
CA HIS S 62 15.26 2.06 -44.02
C HIS S 62 14.27 0.90 -44.18
N GLY S 63 13.69 0.47 -43.05
CA GLY S 63 12.68 -0.59 -43.07
C GLY S 63 11.43 -0.30 -43.91
N TYR S 64 11.17 0.96 -44.23
CA TYR S 64 9.88 1.31 -44.78
C TYR S 64 9.59 0.67 -46.13
N PHE S 65 10.66 0.35 -46.87
CA PHE S 65 10.50 -0.36 -48.12
C PHE S 65 11.45 -1.57 -48.22
N GLN S 66 12.26 -1.77 -47.18
CA GLN S 66 13.29 -2.82 -47.22
C GLN S 66 13.09 -3.97 -46.22
N GLY S 67 12.18 -3.81 -45.28
CA GLY S 67 12.03 -4.80 -44.23
C GLY S 67 13.24 -4.73 -43.30
N PRO S 68 13.52 -5.83 -42.58
CA PRO S 68 14.59 -5.84 -41.58
C PRO S 68 15.95 -5.87 -42.26
N THR S 69 16.48 -4.69 -42.49
CA THR S 69 17.78 -4.52 -43.11
C THR S 69 18.92 -4.69 -42.06
N THR S 70 20.13 -4.99 -42.52
CA THR S 70 21.29 -5.30 -41.64
C THR S 70 21.64 -4.19 -40.68
N GLY S 71 21.63 -4.50 -39.38
CA GLY S 71 21.84 -3.51 -38.33
C GLY S 71 20.55 -2.98 -37.69
N LEU S 72 19.44 -3.03 -38.44
CA LEU S 72 18.13 -2.58 -37.98
C LEU S 72 17.15 -3.72 -37.70
N GLU S 73 17.67 -4.93 -37.55
CA GLU S 73 16.84 -6.09 -37.17
C GLU S 73 16.15 -5.84 -35.83
N ARG S 74 16.88 -5.24 -34.89
CA ARG S 74 16.34 -4.98 -33.57
C ARG S 74 16.63 -3.55 -33.14
N ILE S 75 15.76 -2.62 -33.53
CA ILE S 75 15.95 -1.21 -33.20
C ILE S 75 15.95 -1.08 -31.69
N ASP S 76 15.10 -1.85 -31.07
CA ASP S 76 14.93 -1.76 -29.62
C ASP S 76 16.20 -2.08 -28.84
N ILE S 77 17.10 -2.86 -29.42
CA ILE S 77 18.27 -3.32 -28.67
C ILE S 77 19.53 -2.61 -29.17
N ASN S 78 19.64 -2.61 -30.49
CA ASN S 78 20.83 -2.19 -31.18
C ASN S 78 20.92 -0.68 -31.28
N ILE S 79 19.79 -0.03 -31.64
CA ILE S 79 19.78 1.39 -31.96
C ILE S 79 19.38 2.27 -30.77
N ALA S 80 18.57 1.71 -29.87
CA ALA S 80 18.08 2.49 -28.75
C ALA S 80 19.19 3.15 -27.91
N PRO S 81 20.34 2.46 -27.69
CA PRO S 81 21.40 3.13 -26.92
C PRO S 81 22.06 4.31 -27.66
N LEU S 82 21.79 4.44 -28.95
CA LEU S 82 22.39 5.55 -29.74
C LEU S 82 21.61 6.85 -29.67
N PHE S 83 20.33 6.76 -29.30
CA PHE S 83 19.42 7.90 -29.40
C PHE S 83 19.98 9.11 -28.71
N GLU S 84 20.45 8.93 -27.48
CA GLU S 84 20.95 10.07 -26.69
C GLU S 84 22.14 10.79 -27.30
N HIS S 85 22.84 10.16 -28.24
CA HIS S 85 24.01 10.79 -28.84
C HIS S 85 23.70 11.52 -30.12
N ALA S 86 22.45 11.48 -30.56
CA ALA S 86 22.06 12.16 -31.79
C ALA S 86 21.39 13.51 -31.52
N ASP S 87 21.44 14.39 -32.51
CA ASP S 87 20.70 15.64 -32.39
C ASP S 87 19.21 15.37 -32.64
N VAL S 88 18.94 14.59 -33.69
CA VAL S 88 17.60 14.33 -34.15
C VAL S 88 17.51 12.88 -34.63
N LEU S 89 16.37 12.23 -34.37
CA LEU S 89 16.08 10.89 -34.92
C LEU S 89 15.23 10.98 -36.17
N MET S 90 15.45 10.08 -37.11
CA MET S 90 14.60 10.02 -38.29
C MET S 90 14.13 8.61 -38.47
N CYS S 91 12.80 8.41 -38.56
CA CYS S 91 12.23 7.08 -38.72
C CYS S 91 10.79 7.18 -39.09
N THR S 92 10.09 6.03 -39.10
CA THR S 92 8.69 5.96 -39.45
C THR S 92 7.84 6.03 -38.20
N ARG S 93 6.56 6.39 -38.37
CA ARG S 93 5.63 6.40 -37.23
C ARG S 93 5.47 5.01 -36.58
N GLY S 94 5.62 3.95 -37.36
CA GLY S 94 5.45 2.58 -36.87
C GLY S 94 6.58 2.22 -35.90
N ILE S 95 7.80 2.51 -36.31
CA ILE S 95 8.94 2.33 -35.41
C ILE S 95 8.91 3.29 -34.21
N LEU S 96 8.51 4.53 -34.46
CA LEU S 96 8.42 5.52 -33.40
C LEU S 96 7.51 5.08 -32.28
N ARG S 97 6.28 4.73 -32.61
CA ARG S 97 5.30 4.39 -31.56
C ARG S 97 5.62 3.06 -30.86
N SER S 98 6.25 2.16 -31.60
CA SER S 98 6.41 0.83 -31.09
C SER S 98 7.63 0.67 -30.24
N VAL S 99 8.77 1.26 -30.64
CA VAL S 99 10.04 1.01 -29.95
C VAL S 99 10.94 2.18 -29.62
N VAL S 100 10.60 3.39 -30.06
CA VAL S 100 11.33 4.58 -29.61
C VAL S 100 10.61 5.06 -28.33
N PRO S 101 11.26 4.94 -27.15
CA PRO S 101 10.61 5.42 -25.93
C PRO S 101 10.40 6.92 -26.01
N PRO S 102 9.17 7.42 -25.74
CA PRO S 102 8.94 8.86 -25.78
C PRO S 102 9.80 9.63 -24.78
N ALA S 103 10.30 8.97 -23.75
CA ALA S 103 11.22 9.60 -22.79
C ALA S 103 12.59 9.95 -23.40
N THR S 104 12.89 9.43 -24.59
CA THR S 104 14.12 9.75 -25.29
C THR S 104 14.33 11.26 -25.40
N ASN S 105 13.25 12.01 -25.44
CA ASN S 105 13.32 13.47 -25.50
C ASN S 105 14.23 14.04 -26.60
N ARG S 106 14.04 13.55 -27.83
CA ARG S 106 14.89 13.92 -28.95
C ARG S 106 13.99 14.31 -30.14
N PRO S 107 14.31 15.39 -30.84
CA PRO S 107 13.48 15.78 -31.99
C PRO S 107 13.36 14.66 -33.02
N VAL S 108 12.18 14.46 -33.62
CA VAL S 108 12.08 13.48 -34.71
C VAL S 108 11.61 14.07 -36.06
N VAL S 109 12.22 13.58 -37.13
CA VAL S 109 11.77 13.84 -38.48
C VAL S 109 11.11 12.56 -38.96
N LEU S 110 9.84 12.63 -39.36
CA LEU S 110 9.12 11.39 -39.69
C LEU S 110 9.15 11.09 -41.16
N ARG S 111 9.53 9.85 -41.49
CA ARG S 111 9.39 9.40 -42.89
C ARG S 111 7.89 9.44 -43.28
N ALA S 112 7.55 10.16 -44.33
CA ALA S 112 6.14 10.37 -44.64
C ALA S 112 5.81 9.90 -46.03
N SER S 113 6.68 9.05 -46.58
CA SER S 113 6.39 8.42 -47.87
C SER S 113 6.65 6.90 -47.79
N GLY S 114 6.10 6.17 -48.76
CA GLY S 114 6.24 4.71 -48.78
C GLY S 114 5.30 4.09 -49.78
N ALA S 115 4.83 2.89 -49.49
CA ALA S 115 4.04 2.08 -50.41
C ALA S 115 4.83 1.52 -51.59
N ASN S 116 6.15 1.59 -51.49
CA ASN S 116 7.02 0.95 -52.46
C ASN S 116 7.69 -0.16 -51.71
N SER S 117 8.43 -1.02 -52.42
CA SER S 117 9.30 -2.01 -51.78
C SER S 117 10.39 -2.43 -52.73
N ILE S 118 11.38 -3.14 -52.16
CA ILE S 118 12.52 -3.65 -52.95
C ILE S 118 12.11 -4.64 -54.03
N LEU S 119 10.89 -5.22 -53.93
CA LEU S 119 10.37 -6.15 -54.93
C LEU S 119 9.67 -5.50 -56.11
N ALA S 120 9.60 -4.17 -56.17
CA ALA S 120 8.95 -3.50 -57.30
C ALA S 120 9.64 -2.19 -57.65
N GLU S 121 8.99 -1.36 -58.48
CA GLU S 121 9.58 -0.09 -58.90
C GLU S 121 9.82 0.79 -57.68
N LEU S 122 11.05 1.28 -57.58
CA LEU S 122 11.49 1.95 -56.38
C LEU S 122 10.82 3.30 -56.16
N SER S 123 10.56 3.99 -57.27
CA SER S 123 10.05 5.33 -57.23
C SER S 123 8.55 5.39 -57.01
N ASN S 124 7.88 4.23 -56.99
CA ASN S 124 6.42 4.19 -56.85
C ASN S 124 5.98 4.49 -55.42
N GLU S 125 6.16 5.73 -54.97
CA GLU S 125 5.85 6.09 -53.57
C GLU S 125 4.58 6.93 -53.47
N ALA S 126 3.87 6.82 -52.37
CA ALA S 126 2.74 7.69 -52.04
C ALA S 126 2.99 8.32 -50.67
N VAL S 127 2.19 9.32 -50.29
CA VAL S 127 2.32 9.90 -48.95
C VAL S 127 1.91 8.83 -47.93
N ALA S 128 2.70 8.64 -46.91
CA ALA S 128 2.42 7.52 -46.03
C ALA S 128 1.95 7.92 -44.64
N LEU S 129 1.79 9.22 -44.40
CA LEU S 129 1.13 9.68 -43.17
C LEU S 129 0.46 11.03 -43.35
N SER S 130 -0.65 11.22 -42.68
CA SER S 130 -1.39 12.45 -42.78
C SER S 130 -0.69 13.45 -41.89
N MET S 131 -0.83 14.74 -42.20
CA MET S 131 -0.23 15.81 -41.41
C MET S 131 -0.82 15.77 -40.02
N ASP S 132 -2.11 15.45 -39.97
CA ASP S 132 -2.85 15.18 -38.74
C ASP S 132 -2.03 14.32 -37.73
N ASP S 133 -1.49 13.21 -38.20
CA ASP S 133 -0.74 12.31 -37.35
C ASP S 133 0.66 12.80 -37.06
N ALA S 134 1.29 13.48 -38.00
CA ALA S 134 2.60 14.10 -37.78
C ALA S 134 2.56 15.08 -36.62
N VAL S 135 1.56 15.96 -36.61
CA VAL S 135 1.28 16.84 -35.48
C VAL S 135 0.98 16.07 -34.19
N ARG S 136 0.10 15.06 -34.25
CA ARG S 136 -0.22 14.18 -33.12
C ARG S 136 1.06 13.61 -32.48
N LEU S 137 2.04 13.25 -33.32
CA LEU S 137 3.32 12.70 -32.87
C LEU S 137 4.36 13.75 -32.48
N ASN S 138 3.99 15.02 -32.61
CA ASN S 138 4.88 16.07 -32.23
C ASN S 138 6.18 16.08 -33.07
N SER S 139 6.09 15.84 -34.37
CA SER S 139 7.25 15.85 -35.22
C SER S 139 7.85 17.23 -35.30
N CYS S 140 9.10 17.28 -35.73
CA CYS S 140 9.74 18.54 -36.10
C CYS S 140 9.73 18.80 -37.60
N ALA S 141 9.56 17.71 -38.38
CA ALA S 141 9.47 17.79 -39.84
C ALA S 141 8.94 16.49 -40.39
N VAL S 142 8.54 16.52 -41.65
CA VAL S 142 8.13 15.30 -42.30
C VAL S 142 8.98 15.16 -43.53
N ALA S 143 9.30 13.94 -43.94
CA ALA S 143 10.19 13.70 -45.08
C ALA S 143 9.55 12.87 -46.16
N ALA S 144 9.86 13.18 -47.42
CA ALA S 144 9.44 12.36 -48.54
C ALA S 144 10.48 12.38 -49.65
N GLN S 145 10.55 11.30 -50.44
CA GLN S 145 11.51 11.15 -51.52
C GLN S 145 10.99 11.78 -52.75
N VAL S 146 11.88 12.46 -53.44
CA VAL S 146 11.60 12.90 -54.78
C VAL S 146 12.51 12.06 -55.69
N TYR S 147 11.99 11.65 -56.84
CA TYR S 147 12.72 10.77 -57.74
C TYR S 147 12.80 11.38 -59.12
N ILE S 148 13.55 12.46 -59.26
CA ILE S 148 13.67 13.10 -60.57
C ILE S 148 14.33 12.10 -61.52
N GLY S 149 13.81 12.03 -62.75
CA GLY S 149 14.32 11.09 -63.76
C GLY S 149 13.78 9.65 -63.68
N SER S 150 13.06 9.29 -62.60
CA SER S 150 12.47 7.97 -62.51
C SER S 150 11.09 7.88 -63.08
N GLU S 151 10.58 6.66 -63.17
CA GLU S 151 9.27 6.42 -63.80
C GLU S 151 8.13 7.22 -63.13
N TYR S 152 8.09 7.25 -61.79
CA TYR S 152 7.08 7.99 -61.04
C TYR S 152 7.57 9.35 -60.50
N GLU S 153 8.46 9.99 -61.26
CA GLU S 153 8.95 11.32 -60.94
C GLU S 153 7.78 12.25 -60.59
N HIS S 154 6.76 12.24 -61.44
CA HIS S 154 5.61 13.16 -61.33
C HIS S 154 4.91 13.00 -59.98
N GLN S 155 4.55 11.77 -59.65
CA GLN S 155 3.89 11.51 -58.39
C GLN S 155 4.78 11.95 -57.25
N SER S 156 6.09 11.72 -57.38
CA SER S 156 6.96 11.99 -56.25
C SER S 156 7.04 13.49 -55.92
N ILE S 157 7.01 14.32 -56.94
CA ILE S 157 6.93 15.74 -56.70
C ILE S 157 5.55 16.17 -56.12
N LYS S 158 4.46 15.64 -56.68
CA LYS S 158 3.15 15.83 -56.07
C LYS S 158 3.12 15.49 -54.57
N ASN S 159 3.84 14.44 -54.16
CA ASN S 159 3.96 14.14 -52.74
C ASN S 159 4.55 15.29 -51.95
N ILE S 160 5.62 15.90 -52.45
CA ILE S 160 6.21 17.05 -51.79
C ILE S 160 5.22 18.24 -51.77
N ILE S 161 4.61 18.50 -52.91
CA ILE S 161 3.60 19.54 -52.99
C ILE S 161 2.54 19.38 -51.91
N GLN S 162 2.02 18.16 -51.80
CA GLN S 162 0.98 17.84 -50.83
C GLN S 162 1.45 18.10 -49.40
N LEU S 163 2.66 17.70 -49.07
CA LEU S 163 3.14 17.84 -47.71
C LEU S 163 3.41 19.28 -47.36
N VAL S 164 4.00 20.02 -48.27
CA VAL S 164 4.24 21.45 -48.05
C VAL S 164 2.88 22.12 -47.86
N ASP S 165 1.92 21.86 -48.75
CA ASP S 165 0.59 22.44 -48.62
C ASP S 165 0.02 22.22 -47.23
N ALA S 166 0.14 21.02 -46.69
CA ALA S 166 -0.48 20.69 -45.44
C ALA S 166 0.37 21.20 -44.29
N GLY S 167 1.67 21.16 -44.50
CA GLY S 167 2.61 21.65 -43.51
C GLY S 167 2.53 23.13 -43.25
N MET S 168 2.27 23.91 -44.29
CA MET S 168 2.11 25.35 -44.13
C MET S 168 0.91 25.76 -43.28
N LYS S 169 -0.17 24.98 -43.30
CA LYS S 169 -1.31 25.24 -42.40
C LYS S 169 -0.95 25.10 -40.88
N VAL S 170 0.15 24.46 -40.58
CA VAL S 170 0.32 23.86 -39.27
C VAL S 170 1.70 24.17 -38.66
N GLY S 171 2.58 24.81 -39.43
CA GLY S 171 3.90 25.15 -38.97
C GLY S 171 4.92 24.05 -39.18
N MET S 172 4.60 23.05 -40.00
CA MET S 172 5.45 21.87 -40.04
C MET S 172 6.30 21.96 -41.25
N PRO S 173 7.64 21.96 -41.07
CA PRO S 173 8.60 21.95 -42.18
C PRO S 173 8.61 20.63 -42.92
N THR S 174 8.84 20.68 -44.23
CA THR S 174 8.96 19.50 -45.05
C THR S 174 10.41 19.29 -45.48
N MET S 175 10.91 18.06 -45.35
CA MET S 175 12.22 17.68 -45.92
C MET S 175 12.01 16.88 -47.21
N ALA S 176 12.54 17.35 -48.32
CA ALA S 176 12.61 16.51 -49.52
C ALA S 176 13.95 15.74 -49.57
N VAL S 177 13.91 14.44 -49.84
CA VAL S 177 15.10 13.63 -50.01
C VAL S 177 15.25 13.20 -51.46
N THR S 178 16.41 13.49 -52.06
CA THR S 178 16.62 13.18 -53.48
C THR S 178 16.99 11.68 -53.65
N GLY S 179 15.99 10.87 -53.99
CA GLY S 179 16.24 9.45 -54.25
C GLY S 179 16.62 9.20 -55.71
N VAL S 180 17.39 8.14 -55.96
CA VAL S 180 17.97 7.99 -57.29
C VAL S 180 17.39 6.84 -58.12
N VAL S 185 22.85 8.32 -63.23
CA VAL S 185 24.14 8.98 -62.99
C VAL S 185 24.13 9.91 -61.77
N ARG S 186 25.01 9.65 -60.82
CA ARG S 186 25.04 10.40 -59.56
C ARG S 186 26.04 11.57 -59.54
N ASP S 187 25.84 12.54 -60.43
CA ASP S 187 26.77 13.68 -60.52
C ASP S 187 26.18 15.04 -60.10
N GLN S 188 27.00 16.09 -60.11
CA GLN S 188 26.58 17.39 -59.60
C GLN S 188 25.39 17.96 -60.35
N ARG S 189 25.38 17.87 -61.69
CA ARG S 189 24.33 18.52 -62.47
C ARG S 189 22.98 17.89 -62.18
N TYR S 190 23.00 16.58 -61.88
CA TYR S 190 21.78 15.87 -61.54
C TYR S 190 21.23 16.32 -60.19
N PHE S 191 22.07 16.30 -59.18
CA PHE S 191 21.61 16.69 -57.87
C PHE S 191 21.19 18.16 -57.81
N SER S 192 21.91 19.01 -58.53
CA SER S 192 21.55 20.40 -58.68
C SER S 192 20.11 20.47 -59.21
N LEU S 193 19.79 19.72 -60.26
CA LEU S 193 18.46 19.69 -60.78
C LEU S 193 17.43 19.29 -59.73
N ALA S 194 17.67 18.15 -59.09
CA ALA S 194 16.73 17.60 -58.11
C ALA S 194 16.59 18.47 -56.88
N THR S 195 17.69 18.93 -56.28
CA THR S 195 17.59 19.72 -55.04
C THR S 195 16.88 21.03 -55.33
N ARG S 196 17.17 21.63 -56.48
CA ARG S 196 16.60 22.96 -56.76
C ARG S 196 15.10 22.90 -57.03
N ILE S 197 14.65 21.94 -57.85
CA ILE S 197 13.21 21.72 -58.02
C ILE S 197 12.47 21.46 -56.67
N ALA S 198 13.02 20.58 -55.84
CA ALA S 198 12.41 20.38 -54.54
C ALA S 198 12.26 21.70 -53.75
N ALA S 199 13.32 22.50 -53.69
CA ALA S 199 13.29 23.74 -52.89
C ALA S 199 12.27 24.74 -53.53
N GLU S 200 12.29 24.77 -54.84
CA GLU S 200 11.43 25.63 -55.57
C GLU S 200 9.95 25.29 -55.28
N MET S 201 9.65 24.00 -55.08
CA MET S 201 8.29 23.54 -54.74
C MET S 201 7.93 23.86 -53.29
N GLY S 202 8.93 24.06 -52.44
CA GLY S 202 8.68 24.63 -51.15
C GLY S 202 9.19 23.84 -49.97
N ALA S 203 9.94 22.78 -50.22
CA ALA S 203 10.56 22.05 -49.11
C ALA S 203 11.53 22.95 -48.31
N GLN S 204 11.49 22.88 -46.99
CA GLN S 204 12.37 23.71 -46.17
C GLN S 204 13.72 23.09 -45.91
N ILE S 205 13.80 21.77 -45.98
CA ILE S 205 15.08 21.08 -45.82
C ILE S 205 15.29 20.14 -47.00
N ILE S 206 16.52 20.06 -47.50
CA ILE S 206 16.85 19.12 -48.56
C ILE S 206 17.89 18.10 -48.07
N LYS S 207 17.61 16.83 -48.31
CA LYS S 207 18.60 15.82 -48.05
C LYS S 207 19.06 15.26 -49.40
N THR S 208 20.38 15.18 -49.59
CA THR S 208 20.94 14.70 -50.84
C THR S 208 22.23 13.94 -50.54
N TYR S 209 22.95 13.51 -51.58
CA TYR S 209 24.20 12.76 -51.37
C TYR S 209 25.42 13.62 -51.58
N TYR S 210 26.53 13.30 -50.92
CA TYR S 210 27.79 13.98 -51.20
C TYR S 210 28.35 13.54 -52.54
N VAL S 211 29.02 14.46 -53.21
CA VAL S 211 29.59 14.21 -54.53
C VAL S 211 31.07 14.59 -54.55
N GLU S 212 31.91 13.73 -55.15
CA GLU S 212 33.36 13.95 -55.26
C GLU S 212 33.71 15.35 -55.75
N LYS S 213 33.00 15.81 -56.78
CA LYS S 213 33.25 17.12 -57.32
C LYS S 213 31.99 17.92 -57.63
N GLY S 214 32.00 19.18 -57.22
CA GLY S 214 30.91 20.10 -57.54
C GLY S 214 29.92 20.26 -56.41
N PHE S 215 30.13 19.54 -55.33
CA PHE S 215 29.19 19.61 -54.21
C PHE S 215 28.93 21.05 -53.77
N GLU S 216 29.98 21.87 -53.84
CA GLU S 216 29.89 23.31 -53.53
C GLU S 216 28.75 23.98 -54.27
N ARG S 217 28.55 23.58 -55.52
CA ARG S 217 27.59 24.18 -56.43
C ARG S 217 26.18 23.76 -56.07
N ILE S 218 26.05 22.51 -55.64
CA ILE S 218 24.78 21.96 -55.22
C ILE S 218 24.30 22.79 -54.01
N VAL S 219 25.23 23.08 -53.09
CA VAL S 219 24.89 23.86 -51.91
C VAL S 219 24.51 25.29 -52.28
N ALA S 220 25.35 25.89 -53.12
CA ALA S 220 25.20 27.29 -53.49
C ALA S 220 23.90 27.51 -54.24
N GLY S 221 23.51 26.57 -55.10
CA GLY S 221 22.30 26.74 -55.94
C GLY S 221 20.99 26.40 -55.25
N CYS S 222 21.10 25.92 -54.00
CA CYS S 222 19.95 25.53 -53.21
C CYS S 222 19.69 26.53 -52.05
N PRO S 223 18.55 27.26 -52.09
CA PRO S 223 18.30 28.36 -51.13
C PRO S 223 17.92 27.90 -49.71
N VAL S 224 17.99 26.61 -49.40
CA VAL S 224 17.62 26.15 -48.05
C VAL S 224 18.62 25.12 -47.55
N PRO S 225 18.62 24.82 -46.23
CA PRO S 225 19.64 23.94 -45.64
C PRO S 225 19.77 22.60 -46.34
N ILE S 226 21.00 22.11 -46.48
CA ILE S 226 21.22 20.80 -47.10
C ILE S 226 21.81 19.84 -46.11
N VAL S 227 21.26 18.64 -46.06
CA VAL S 227 21.80 17.59 -45.23
C VAL S 227 22.21 16.44 -46.14
N ILE S 228 23.32 15.79 -45.82
CA ILE S 228 23.79 14.68 -46.65
C ILE S 228 23.49 13.33 -46.01
N ALA S 229 23.14 12.39 -46.88
CA ALA S 229 22.99 10.99 -46.49
C ALA S 229 24.35 10.30 -46.47
N GLY S 230 24.47 9.32 -45.58
CA GLY S 230 25.70 8.56 -45.41
C GLY S 230 26.07 7.68 -46.59
N GLY S 231 25.07 7.07 -47.25
CA GLY S 231 25.34 6.08 -48.29
C GLY S 231 25.86 4.79 -47.68
N LYS S 232 26.31 3.85 -48.53
CA LYS S 232 26.78 2.49 -48.09
C LYS S 232 27.96 2.54 -47.10
N LYS S 233 28.11 1.48 -46.32
CA LYS S 233 29.14 1.42 -45.27
C LYS S 233 30.54 1.64 -45.81
N LEU S 234 31.24 2.62 -45.24
CA LEU S 234 32.65 2.85 -45.55
C LEU S 234 33.49 2.58 -44.31
N PRO S 235 34.81 2.35 -44.48
CA PRO S 235 35.71 2.35 -43.31
C PRO S 235 35.60 3.68 -42.58
N GLU S 236 35.52 3.62 -41.25
CA GLU S 236 35.26 4.80 -40.43
C GLU S 236 36.02 6.05 -40.86
N ARG S 237 37.30 5.92 -41.18
CA ARG S 237 38.04 7.14 -41.44
C ARG S 237 37.60 7.80 -42.74
N GLU S 238 37.18 6.99 -43.72
CA GLU S 238 36.71 7.53 -44.99
C GLU S 238 35.36 8.21 -44.86
N ALA S 239 34.54 7.65 -43.98
CA ALA S 239 33.24 8.22 -43.66
C ALA S 239 33.39 9.58 -43.00
N LEU S 240 34.31 9.68 -42.03
CA LEU S 240 34.64 10.98 -41.44
C LEU S 240 35.19 12.01 -42.47
N GLU S 241 35.96 11.53 -43.44
CA GLU S 241 36.42 12.40 -44.52
C GLU S 241 35.26 13.00 -45.29
N MET S 242 34.33 12.12 -45.69
CA MET S 242 33.12 12.51 -46.42
C MET S 242 32.37 13.60 -45.65
N CYS S 243 32.18 13.40 -44.35
CA CYS S 243 31.53 14.40 -43.50
C CYS S 243 32.28 15.69 -43.57
N TRP S 244 33.58 15.60 -43.31
CA TRP S 244 34.40 16.78 -43.23
C TRP S 244 34.23 17.61 -44.51
N GLN S 245 34.32 16.93 -45.66
CA GLN S 245 34.24 17.59 -46.95
C GLN S 245 32.89 18.28 -47.10
N ALA S 246 31.83 17.55 -46.74
CA ALA S 246 30.46 18.03 -46.95
C ALA S 246 30.26 19.28 -46.12
N ILE S 247 30.61 19.18 -44.83
CA ILE S 247 30.55 20.33 -43.94
C ILE S 247 31.38 21.50 -44.45
N ASP S 248 32.64 21.20 -44.80
CA ASP S 248 33.56 22.23 -45.29
C ASP S 248 33.01 22.93 -46.53
N GLN S 249 32.31 22.17 -47.38
CA GLN S 249 31.75 22.72 -48.61
C GLN S 249 30.33 23.31 -48.47
N GLY S 250 29.84 23.46 -47.24
CA GLY S 250 28.60 24.20 -46.99
C GLY S 250 27.36 23.42 -46.56
N ALA S 251 27.42 22.09 -46.45
CA ALA S 251 26.31 21.29 -45.91
C ALA S 251 25.91 21.74 -44.51
N SER S 252 24.62 21.71 -44.19
CA SER S 252 24.13 22.09 -42.85
C SER S 252 24.06 20.92 -41.87
N GLY S 253 24.45 19.75 -42.33
CA GLY S 253 24.49 18.63 -41.43
C GLY S 253 24.58 17.31 -42.16
N VAL S 254 24.67 16.25 -41.38
CA VAL S 254 24.79 14.92 -41.99
C VAL S 254 23.75 14.04 -41.37
N ASP S 255 23.32 13.10 -42.16
CA ASP S 255 22.35 12.16 -41.66
C ASP S 255 22.84 10.77 -41.94
N MET S 256 23.64 10.24 -41.03
CA MET S 256 24.12 8.88 -41.21
C MET S 256 23.21 7.80 -40.68
N GLY S 257 23.22 6.69 -41.40
CA GLY S 257 22.59 5.50 -40.92
C GLY S 257 23.67 4.45 -40.87
N ARG S 258 23.86 3.80 -42.00
CA ARG S 258 24.68 2.60 -42.08
C ARG S 258 26.06 2.85 -41.49
N ASN S 259 26.66 3.99 -41.85
CA ASN S 259 27.97 4.32 -41.33
C ASN S 259 28.08 4.49 -39.84
N ILE S 260 26.93 4.55 -39.17
CA ILE S 260 26.92 4.53 -37.72
C ILE S 260 26.45 3.20 -37.16
N PHE S 261 25.26 2.76 -37.57
CA PHE S 261 24.71 1.57 -36.93
C PHE S 261 25.35 0.27 -37.41
N GLN S 262 26.09 0.33 -38.51
CA GLN S 262 26.82 -0.84 -38.97
C GLN S 262 28.29 -0.86 -38.54
N SER S 263 28.71 0.18 -37.82
CA SER S 263 30.07 0.25 -37.28
C SER S 263 30.18 -0.70 -36.09
N ASP S 264 31.41 -1.12 -35.78
CA ASP S 264 31.64 -1.93 -34.58
C ASP S 264 31.61 -1.10 -33.28
N HIS S 265 31.81 0.21 -33.41
CA HIS S 265 31.78 1.11 -32.25
C HIS S 265 30.92 2.33 -32.56
N PRO S 266 29.59 2.12 -32.62
CA PRO S 266 28.64 3.15 -33.07
C PRO S 266 28.65 4.40 -32.21
N VAL S 267 28.73 4.25 -30.89
CA VAL S 267 28.75 5.41 -30.01
C VAL S 267 29.99 6.28 -30.30
N ALA S 268 31.14 5.64 -30.48
CA ALA S 268 32.38 6.33 -30.78
C ALA S 268 32.27 7.08 -32.07
N MET S 269 31.75 6.40 -33.08
CA MET S 269 31.63 7.00 -34.39
C MET S 269 30.78 8.30 -34.31
N MET S 270 29.74 8.28 -33.47
CA MET S 270 28.83 9.41 -33.40
C MET S 270 29.53 10.58 -32.77
N LYS S 271 30.31 10.30 -31.73
CA LYS S 271 31.08 11.37 -31.09
C LYS S 271 32.01 12.02 -32.10
N ALA S 272 32.63 11.16 -32.91
CA ALA S 272 33.55 11.64 -33.96
C ALA S 272 32.81 12.53 -34.95
N VAL S 273 31.67 12.05 -35.45
CA VAL S 273 30.87 12.78 -36.41
C VAL S 273 30.45 14.13 -35.82
N GLN S 274 30.11 14.14 -34.54
CA GLN S 274 29.78 15.39 -33.88
C GLN S 274 30.90 16.39 -33.84
N ALA S 275 32.10 15.91 -33.53
CA ALA S 275 33.26 16.80 -33.55
C ALA S 275 33.43 17.46 -34.92
N VAL S 276 33.34 16.67 -35.98
CA VAL S 276 33.47 17.21 -37.33
C VAL S 276 32.38 18.23 -37.62
N VAL S 277 31.16 17.91 -37.20
CA VAL S 277 29.99 18.64 -37.65
C VAL S 277 29.79 19.91 -36.87
N HIS S 278 29.87 19.83 -35.55
CA HIS S 278 29.66 21.00 -34.69
C HIS S 278 30.91 21.76 -34.27
N HIS S 279 32.03 21.07 -34.16
CA HIS S 279 33.21 21.66 -33.57
C HIS S 279 34.43 21.93 -34.49
N ASN S 280 34.23 21.87 -35.81
CA ASN S 280 35.31 22.14 -36.76
C ASN S 280 36.53 21.26 -36.63
N GLU S 281 36.38 20.09 -36.03
CA GLU S 281 37.47 19.12 -36.00
C GLU S 281 37.88 18.71 -37.40
N THR S 282 39.18 18.41 -37.56
CA THR S 282 39.70 17.87 -38.81
C THR S 282 39.31 16.40 -38.91
N ALA S 283 39.27 15.89 -40.13
CA ALA S 283 39.07 14.45 -40.35
C ALA S 283 39.96 13.57 -39.44
N ASP S 284 41.25 13.93 -39.34
CA ASP S 284 42.25 13.14 -38.59
C ASP S 284 42.00 13.16 -37.10
N ARG S 285 41.92 14.35 -36.52
CA ARG S 285 41.64 14.47 -35.09
C ARG S 285 40.39 13.68 -34.76
N ALA S 286 39.37 13.83 -35.61
CA ALA S 286 38.10 13.12 -35.45
C ALA S 286 38.34 11.62 -35.39
N TYR S 287 39.14 11.10 -36.32
CA TYR S 287 39.46 9.66 -36.33
C TYR S 287 40.20 9.18 -35.07
N GLU S 288 41.07 10.02 -34.52
CA GLU S 288 41.75 9.70 -33.27
C GLU S 288 40.79 9.75 -32.10
N LEU S 289 39.88 10.73 -32.10
CA LEU S 289 38.78 10.79 -31.13
C LEU S 289 37.97 9.47 -31.15
N TYR S 290 37.65 9.01 -32.37
CA TYR S 290 36.99 7.71 -32.56
C TYR S 290 37.82 6.55 -31.96
N LEU S 291 39.13 6.54 -32.22
CA LEU S 291 39.99 5.45 -31.75
C LEU S 291 40.10 5.39 -30.25
N SER S 292 39.95 6.54 -29.59
CA SER S 292 39.95 6.58 -28.13
C SER S 292 38.67 6.03 -27.46
N GLU S 293 37.74 5.48 -28.26
CA GLU S 293 36.70 4.54 -27.76
C GLU S 293 36.51 3.37 -28.74
N GLY T 14 -24.21 72.70 -39.65
CA GLY T 14 -22.91 72.98 -40.34
C GLY T 14 -22.34 71.80 -41.13
N LYS T 15 -23.22 71.05 -41.78
CA LYS T 15 -22.82 69.92 -42.62
C LYS T 15 -23.10 70.20 -44.12
N ASP T 16 -22.26 69.68 -44.99
CA ASP T 16 -22.46 69.88 -46.43
C ASP T 16 -22.53 68.59 -47.30
N PHE T 17 -23.75 68.22 -47.65
CA PHE T 17 -24.00 67.00 -48.36
C PHE T 17 -23.90 67.15 -49.84
N ARG T 18 -23.73 68.37 -50.30
CA ARG T 18 -23.54 68.66 -51.71
C ARG T 18 -24.62 68.00 -52.56
N THR T 19 -25.86 68.24 -52.17
CA THR T 19 -27.02 67.62 -52.83
C THR T 19 -27.23 68.04 -54.29
N ASP T 20 -26.53 69.08 -54.73
CA ASP T 20 -26.60 69.59 -56.11
C ASP T 20 -25.68 68.79 -57.06
N GLN T 21 -24.83 67.94 -56.48
CA GLN T 21 -23.89 67.12 -57.25
C GLN T 21 -24.05 65.62 -56.95
N PRO T 22 -24.71 64.89 -57.87
CA PRO T 22 -25.02 63.49 -57.61
C PRO T 22 -23.78 62.60 -57.67
N GLN T 23 -23.73 61.60 -56.80
CA GLN T 23 -22.66 60.62 -56.81
C GLN T 23 -22.55 59.92 -58.15
N LYS T 24 -21.32 59.66 -58.58
CA LYS T 24 -21.08 59.02 -59.86
C LYS T 24 -20.01 57.89 -59.78
N ASN T 25 -20.31 56.73 -60.36
CA ASN T 25 -19.35 55.62 -60.32
C ASN T 25 -18.16 55.89 -61.23
N ILE T 26 -16.96 55.59 -60.75
CA ILE T 26 -15.77 55.72 -61.59
C ILE T 26 -15.47 54.41 -62.32
N PRO T 27 -15.48 54.43 -63.66
CA PRO T 27 -15.25 53.19 -64.41
C PRO T 27 -13.87 52.56 -64.21
N PHE T 28 -13.83 51.24 -64.27
CA PHE T 28 -12.61 50.45 -64.25
C PHE T 28 -12.37 50.03 -65.68
N THR T 29 -11.21 50.44 -66.21
CA THR T 29 -10.99 50.34 -67.66
C THR T 29 -10.13 49.14 -68.10
N LEU T 30 -9.39 48.56 -67.17
CA LEU T 30 -8.54 47.41 -67.56
C LEU T 30 -9.32 46.41 -68.40
N LYS T 31 -8.83 46.17 -69.60
CA LYS T 31 -9.51 45.29 -70.58
C LYS T 31 -10.15 44.01 -70.01
N GLY T 32 -11.47 43.94 -70.13
CA GLY T 32 -12.22 42.75 -69.76
C GLY T 32 -12.35 42.44 -68.29
N CYS T 33 -12.02 43.37 -67.41
CA CYS T 33 -12.07 43.19 -65.96
C CYS T 33 -13.00 44.18 -65.30
N GLY T 34 -13.98 44.64 -66.08
CA GLY T 34 -14.91 45.65 -65.59
C GLY T 34 -16.08 45.13 -64.75
N ALA T 35 -16.21 43.81 -64.64
CA ALA T 35 -17.26 43.19 -63.87
C ALA T 35 -16.71 42.17 -62.85
N LEU T 36 -15.69 42.56 -62.09
CA LEU T 36 -15.10 41.74 -61.06
C LEU T 36 -15.28 42.45 -59.77
N ASP T 37 -15.27 41.70 -58.66
CA ASP T 37 -15.37 42.29 -57.36
C ASP T 37 -14.17 43.19 -56.99
N TRP T 38 -14.42 44.13 -56.09
CA TRP T 38 -13.43 45.09 -55.64
C TRP T 38 -12.06 44.47 -55.43
N GLY T 39 -11.97 43.45 -54.57
CA GLY T 39 -10.69 42.81 -54.23
C GLY T 39 -9.95 42.24 -55.42
N MET T 40 -10.63 41.52 -56.28
CA MET T 40 -10.00 41.08 -57.50
C MET T 40 -9.50 42.25 -58.36
N GLN T 41 -10.36 43.25 -58.59
CA GLN T 41 -9.93 44.48 -59.29
C GLN T 41 -8.73 45.12 -58.60
N SER T 42 -8.70 45.07 -57.27
CA SER T 42 -7.63 45.75 -56.55
C SER T 42 -6.32 44.97 -56.75
N ARG T 43 -6.39 43.65 -56.78
CA ARG T 43 -5.19 42.85 -57.05
C ARG T 43 -4.66 43.06 -58.48
N LEU T 44 -5.58 43.18 -59.44
CA LEU T 44 -5.21 43.48 -60.86
C LEU T 44 -4.61 44.87 -61.00
N SER T 45 -5.09 45.82 -60.19
CA SER T 45 -4.50 47.15 -60.18
C SER T 45 -3.09 47.22 -59.55
N ARG T 46 -2.68 46.21 -58.80
CA ARG T 46 -1.32 46.17 -58.33
C ARG T 46 -0.41 45.71 -59.43
N ILE T 47 -0.97 44.94 -60.37
CA ILE T 47 -0.19 44.38 -61.47
C ILE T 47 -0.12 45.34 -62.66
N PHE T 48 -1.28 45.75 -63.15
CA PHE T 48 -1.36 46.71 -64.24
C PHE T 48 -1.58 48.12 -63.69
N ASN T 49 -0.57 48.97 -63.83
CA ASN T 49 -0.69 50.38 -63.48
C ASN T 49 -1.96 51.00 -64.07
N PRO T 50 -2.87 51.49 -63.21
CA PRO T 50 -4.15 52.06 -63.63
C PRO T 50 -4.04 53.24 -64.63
N LYS T 51 -2.99 54.07 -64.51
CA LYS T 51 -2.73 55.16 -65.46
C LYS T 51 -2.48 54.65 -66.87
N THR T 52 -1.62 53.65 -67.01
CA THR T 52 -1.19 53.21 -68.33
C THR T 52 -1.87 51.94 -68.82
N GLY T 53 -2.46 51.21 -67.89
CA GLY T 53 -3.05 49.90 -68.18
C GLY T 53 -2.03 48.82 -68.52
N LYS T 54 -0.78 49.01 -68.11
CA LYS T 54 0.31 48.12 -68.55
C LYS T 54 1.23 47.71 -67.43
N THR T 55 1.98 46.64 -67.66
CA THR T 55 2.86 46.11 -66.63
C THR T 55 4.20 45.67 -67.16
N VAL T 56 5.24 45.83 -66.33
CA VAL T 56 6.54 45.25 -66.58
C VAL T 56 6.78 44.24 -65.49
N MET T 57 6.92 42.99 -65.88
CA MET T 57 6.98 41.91 -64.93
C MET T 57 8.33 41.25 -65.02
N LEU T 58 8.97 41.03 -63.87
CA LEU T 58 10.21 40.27 -63.82
C LEU T 58 9.99 38.80 -63.42
N ALA T 59 10.12 37.90 -64.40
CA ALA T 59 9.88 36.47 -64.14
C ALA T 59 11.19 35.73 -63.83
N PHE T 60 11.21 34.97 -62.76
CA PHE T 60 12.33 34.10 -62.42
C PHE T 60 11.90 32.76 -61.75
N ASP T 61 10.83 32.18 -62.27
CA ASP T 61 10.31 30.91 -61.78
C ASP T 61 10.87 29.71 -62.54
N HIS T 62 11.71 29.97 -63.57
CA HIS T 62 12.23 28.95 -64.49
C HIS T 62 12.70 27.68 -63.79
N GLY T 63 13.19 27.84 -62.55
CA GLY T 63 13.75 26.76 -61.75
C GLY T 63 12.77 25.65 -61.44
N TYR T 64 11.47 25.91 -61.56
CA TYR T 64 10.46 24.98 -61.06
C TYR T 64 10.52 23.63 -61.76
N PHE T 65 10.92 23.64 -63.03
CA PHE T 65 11.14 22.39 -63.76
C PHE T 65 12.54 22.23 -64.38
N GLN T 66 13.41 23.21 -64.18
CA GLN T 66 14.73 23.27 -64.86
C GLN T 66 15.93 23.24 -63.92
N GLY T 67 15.71 23.43 -62.63
CA GLY T 67 16.81 23.54 -61.70
C GLY T 67 17.54 24.85 -61.92
N PRO T 68 18.82 24.94 -61.51
CA PRO T 68 19.53 26.20 -61.52
C PRO T 68 19.93 26.55 -62.93
N THR T 69 19.10 27.35 -63.57
CA THR T 69 19.27 27.71 -64.97
C THR T 69 20.21 28.93 -65.05
N THR T 70 20.84 29.15 -66.21
CA THR T 70 21.81 30.25 -66.39
C THR T 70 21.25 31.65 -66.05
N GLY T 71 21.85 32.30 -65.05
CA GLY T 71 21.39 33.63 -64.63
C GLY T 71 20.65 33.53 -63.32
N LEU T 72 20.09 32.34 -63.03
CA LEU T 72 19.28 32.13 -61.85
C LEU T 72 19.92 31.23 -60.81
N GLU T 73 21.21 30.96 -60.99
CA GLU T 73 21.97 30.15 -60.01
C GLU T 73 21.88 30.74 -58.60
N ARG T 74 21.90 32.07 -58.49
CA ARG T 74 21.89 32.74 -57.18
C ARG T 74 20.91 33.93 -57.23
N ILE T 75 19.63 33.64 -57.02
CA ILE T 75 18.59 34.67 -57.05
C ILE T 75 18.92 35.74 -56.03
N ASP T 76 19.48 35.31 -54.90
CA ASP T 76 19.76 36.19 -53.75
C ASP T 76 20.80 37.26 -54.01
N ILE T 77 21.65 37.03 -55.01
CA ILE T 77 22.76 37.95 -55.30
C ILE T 77 22.52 38.65 -56.64
N ASN T 78 22.21 37.85 -57.63
CA ASN T 78 22.11 38.29 -58.97
C ASN T 78 20.80 39.02 -59.30
N ILE T 79 19.67 38.51 -58.78
CA ILE T 79 18.33 39.01 -59.15
C ILE T 79 17.78 39.98 -58.12
N ALA T 80 18.12 39.78 -56.86
CA ALA T 80 17.67 40.65 -55.78
C ALA T 80 17.81 42.19 -56.05
N PRO T 81 18.94 42.64 -56.64
CA PRO T 81 19.07 44.08 -56.92
C PRO T 81 18.12 44.58 -58.01
N LEU T 82 17.50 43.64 -58.75
CA LEU T 82 16.56 44.01 -59.80
C LEU T 82 15.15 44.27 -59.31
N PHE T 83 14.80 43.73 -58.14
CA PHE T 83 13.40 43.75 -57.69
C PHE T 83 12.80 45.14 -57.77
N GLU T 84 13.49 46.12 -57.20
CA GLU T 84 12.95 47.46 -57.05
C GLU T 84 12.63 48.10 -58.41
N HIS T 85 13.21 47.60 -59.49
CA HIS T 85 12.97 48.18 -60.80
C HIS T 85 11.83 47.54 -61.56
N ALA T 86 11.22 46.51 -60.97
CA ALA T 86 10.12 45.81 -61.64
C ALA T 86 8.77 46.26 -61.10
N ASP T 87 7.73 46.10 -61.91
CA ASP T 87 6.37 46.43 -61.46
C ASP T 87 5.89 45.29 -60.59
N VAL T 88 6.12 44.07 -61.05
CA VAL T 88 5.65 42.87 -60.38
C VAL T 88 6.67 41.76 -60.56
N LEU T 89 6.80 40.92 -59.53
CA LEU T 89 7.71 39.76 -59.51
C LEU T 89 6.95 38.51 -59.83
N MET T 90 7.53 37.60 -60.60
CA MET T 90 6.92 36.30 -60.81
C MET T 90 7.84 35.17 -60.39
N CYS T 91 7.40 34.32 -59.47
CA CYS T 91 8.24 33.21 -59.04
C CYS T 91 7.47 32.12 -58.26
N THR T 92 8.20 31.13 -57.76
CA THR T 92 7.61 30.06 -56.97
C THR T 92 7.60 30.41 -55.48
N ARG T 93 6.71 29.74 -54.72
CA ARG T 93 6.64 29.98 -53.29
C ARG T 93 7.92 29.57 -52.60
N GLY T 94 8.64 28.63 -53.19
CA GLY T 94 9.90 28.17 -52.61
C GLY T 94 10.95 29.28 -52.61
N ILE T 95 11.12 29.91 -53.78
CA ILE T 95 12.03 31.01 -53.94
C ILE T 95 11.56 32.24 -53.13
N LEU T 96 10.25 32.48 -53.15
CA LEU T 96 9.69 33.63 -52.49
C LEU T 96 10.02 33.57 -51.01
N ARG T 97 9.66 32.48 -50.36
CA ARG T 97 9.88 32.43 -48.94
C ARG T 97 11.33 32.45 -48.57
N SER T 98 12.18 31.85 -49.41
CA SER T 98 13.55 31.59 -48.96
C SER T 98 14.48 32.80 -49.24
N VAL T 99 14.32 33.48 -50.40
CA VAL T 99 15.25 34.53 -50.82
C VAL T 99 14.68 35.88 -51.34
N VAL T 100 13.37 36.00 -51.54
CA VAL T 100 12.84 37.30 -51.84
C VAL T 100 12.45 37.96 -50.53
N PRO T 101 13.20 39.02 -50.12
CA PRO T 101 12.91 39.65 -48.83
C PRO T 101 11.49 40.22 -48.85
N PRO T 102 10.68 39.92 -47.83
CA PRO T 102 9.33 40.50 -47.82
C PRO T 102 9.30 42.03 -47.86
N ALA T 103 10.39 42.65 -47.38
CA ALA T 103 10.49 44.10 -47.39
C ALA T 103 10.49 44.68 -48.79
N THR T 104 10.69 43.82 -49.80
CA THR T 104 10.78 44.24 -51.19
C THR T 104 9.58 45.06 -51.59
N ASN T 105 8.42 44.74 -51.02
CA ASN T 105 7.19 45.52 -51.20
C ASN T 105 6.80 45.69 -52.64
N ARG T 106 6.74 44.55 -53.34
CA ARG T 106 6.46 44.49 -54.76
C ARG T 106 5.44 43.38 -54.95
N PRO T 107 4.43 43.61 -55.79
CA PRO T 107 3.40 42.60 -56.05
C PRO T 107 4.02 41.31 -56.57
N VAL T 108 3.49 40.16 -56.16
CA VAL T 108 3.97 38.91 -56.76
C VAL T 108 2.86 38.08 -57.42
N VAL T 109 3.20 37.47 -58.55
CA VAL T 109 2.39 36.49 -59.20
C VAL T 109 3.07 35.15 -58.96
N LEU T 110 2.39 34.24 -58.27
CA LEU T 110 2.99 32.93 -57.95
C LEU T 110 2.86 31.84 -59.02
N ARG T 111 3.97 31.21 -59.31
CA ARG T 111 3.91 30.02 -60.15
C ARG T 111 3.14 28.92 -59.38
N ALA T 112 2.02 28.45 -59.94
CA ALA T 112 1.18 27.48 -59.22
C ALA T 112 1.04 26.13 -59.92
N SER T 113 1.90 25.87 -60.88
CA SER T 113 1.93 24.54 -61.49
C SER T 113 3.35 24.01 -61.44
N GLY T 114 3.49 22.72 -61.67
CA GLY T 114 4.79 22.05 -61.55
C GLY T 114 4.63 20.55 -61.61
N ALA T 115 5.63 19.88 -61.02
CA ALA T 115 5.73 18.42 -60.99
C ALA T 115 6.06 17.85 -62.39
N ASN T 116 6.58 18.70 -63.27
CA ASN T 116 7.26 18.29 -64.48
C ASN T 116 8.76 18.57 -64.33
N SER T 117 9.56 18.08 -65.27
CA SER T 117 10.96 18.47 -65.32
C SER T 117 11.48 18.30 -66.73
N ILE T 118 12.65 18.89 -66.99
CA ILE T 118 13.32 18.77 -68.29
C ILE T 118 13.74 17.33 -68.64
N LEU T 119 13.72 16.42 -67.66
CA LEU T 119 14.03 15.01 -67.92
C LEU T 119 12.81 14.17 -68.35
N ALA T 120 11.63 14.78 -68.45
CA ALA T 120 10.42 14.01 -68.79
C ALA T 120 9.50 14.84 -69.65
N GLU T 121 8.29 14.34 -69.87
CA GLU T 121 7.32 15.02 -70.71
C GLU T 121 7.03 16.36 -70.06
N LEU T 122 7.11 17.40 -70.89
CA LEU T 122 7.08 18.78 -70.44
C LEU T 122 5.69 19.20 -69.95
N SER T 123 4.68 18.72 -70.66
CA SER T 123 3.30 19.09 -70.37
C SER T 123 2.70 18.36 -69.16
N ASN T 124 3.44 17.44 -68.55
CA ASN T 124 2.94 16.71 -67.40
C ASN T 124 2.97 17.52 -66.11
N GLU T 125 2.08 18.49 -66.02
CA GLU T 125 2.07 19.41 -64.88
C GLU T 125 0.85 19.20 -64.01
N ALA T 126 1.05 19.41 -62.71
CA ALA T 126 -0.05 19.42 -61.74
C ALA T 126 -0.11 20.79 -61.05
N VAL T 127 -1.22 21.10 -60.39
CA VAL T 127 -1.25 22.29 -59.52
C VAL T 127 -0.22 22.12 -58.39
N ALA T 128 0.61 23.13 -58.22
CA ALA T 128 1.72 23.03 -57.28
C ALA T 128 1.58 23.85 -56.00
N LEU T 129 0.44 24.48 -55.76
CA LEU T 129 0.21 25.18 -54.49
C LEU T 129 -1.26 25.42 -54.30
N SER T 130 -1.70 25.27 -53.06
CA SER T 130 -3.11 25.46 -52.77
C SER T 130 -3.46 26.95 -52.74
N MET T 131 -4.69 27.32 -53.14
CA MET T 131 -5.13 28.68 -53.01
C MET T 131 -4.94 29.21 -51.61
N ASP T 132 -5.12 28.34 -50.62
CA ASP T 132 -4.91 28.58 -49.21
C ASP T 132 -3.58 29.27 -48.98
N ASP T 133 -2.54 28.71 -49.62
CA ASP T 133 -1.19 29.22 -49.44
C ASP T 133 -0.91 30.49 -50.27
N ALA T 134 -1.52 30.59 -51.45
CA ALA T 134 -1.41 31.81 -52.26
C ALA T 134 -1.91 32.97 -51.42
N VAL T 135 -3.07 32.75 -50.79
CA VAL T 135 -3.65 33.80 -49.93
C VAL T 135 -2.73 34.15 -48.77
N ARG T 136 -2.16 33.12 -48.14
CA ARG T 136 -1.23 33.24 -47.02
C ARG T 136 0.01 34.05 -47.41
N LEU T 137 0.47 33.88 -48.64
CA LEU T 137 1.59 34.67 -49.13
C LEU T 137 1.22 36.06 -49.72
N ASN T 138 -0.04 36.43 -49.68
CA ASN T 138 -0.50 37.70 -50.19
C ASN T 138 -0.25 37.91 -51.68
N SER T 139 -0.48 36.89 -52.50
CA SER T 139 -0.23 37.00 -53.94
C SER T 139 -1.22 37.96 -54.56
N CYS T 140 -0.87 38.44 -55.75
CA CYS T 140 -1.80 39.19 -56.55
C CYS T 140 -2.46 38.34 -57.58
N ALA T 141 -1.81 37.26 -57.95
CA ALA T 141 -2.31 36.32 -58.96
C ALA T 141 -1.58 35.00 -58.85
N VAL T 142 -2.13 33.98 -59.47
CA VAL T 142 -1.49 32.66 -59.49
C VAL T 142 -1.45 32.30 -60.95
N ALA T 143 -0.39 31.58 -61.34
CA ALA T 143 -0.11 31.24 -62.74
C ALA T 143 0.05 29.73 -62.95
N ALA T 144 -0.41 29.27 -64.10
CA ALA T 144 -0.23 27.89 -64.51
C ALA T 144 -0.15 27.81 -66.03
N GLN T 145 0.54 26.77 -66.50
CA GLN T 145 0.69 26.53 -67.94
C GLN T 145 -0.46 25.77 -68.51
N VAL T 146 -0.93 26.21 -69.65
CA VAL T 146 -1.81 25.41 -70.46
C VAL T 146 -0.99 24.93 -71.67
N TYR T 147 -1.15 23.66 -72.05
CA TYR T 147 -0.36 23.05 -73.12
C TYR T 147 -1.25 22.52 -74.20
N ILE T 148 -1.94 23.41 -74.90
CA ILE T 148 -2.81 23.00 -76.02
C ILE T 148 -1.94 22.25 -77.03
N GLY T 149 -2.44 21.12 -77.54
CA GLY T 149 -1.73 20.32 -78.51
C GLY T 149 -0.75 19.31 -77.93
N SER T 150 -0.51 19.34 -76.62
CA SER T 150 0.44 18.40 -76.04
C SER T 150 -0.21 17.14 -75.48
N GLU T 151 0.63 16.19 -75.06
CA GLU T 151 0.13 14.94 -74.49
C GLU T 151 -0.83 15.14 -73.29
N TYR T 152 -0.48 16.05 -72.39
CA TYR T 152 -1.28 16.32 -71.21
C TYR T 152 -2.09 17.61 -71.29
N GLU T 153 -2.52 17.94 -72.51
CA GLU T 153 -3.34 19.10 -72.75
C GLU T 153 -4.49 19.13 -71.76
N HIS T 154 -5.20 17.99 -71.65
CA HIS T 154 -6.45 17.87 -70.87
C HIS T 154 -6.23 18.22 -69.40
N GLN T 155 -5.25 17.57 -68.79
CA GLN T 155 -4.88 17.90 -67.42
C GLN T 155 -4.56 19.40 -67.25
N SER T 156 -3.81 19.96 -68.20
CA SER T 156 -3.33 21.32 -68.02
C SER T 156 -4.48 22.36 -68.03
N ILE T 157 -5.55 22.10 -68.81
CA ILE T 157 -6.74 22.93 -68.75
C ILE T 157 -7.48 22.71 -67.41
N LYS T 158 -7.58 21.46 -66.97
CA LYS T 158 -8.12 21.19 -65.66
C LYS T 158 -7.42 22.00 -64.56
N ASN T 159 -6.11 22.12 -64.66
CA ASN T 159 -5.37 22.93 -63.73
C ASN T 159 -5.85 24.39 -63.72
N ILE T 160 -6.13 24.92 -64.90
CA ILE T 160 -6.64 26.29 -64.98
C ILE T 160 -8.01 26.35 -64.36
N ILE T 161 -8.87 25.38 -64.72
CA ILE T 161 -10.23 25.32 -64.18
C ILE T 161 -10.15 25.33 -62.68
N GLN T 162 -9.26 24.51 -62.13
CA GLN T 162 -9.20 24.37 -60.69
C GLN T 162 -8.81 25.67 -60.01
N LEU T 163 -7.79 26.35 -60.55
CA LEU T 163 -7.33 27.60 -59.97
C LEU T 163 -8.40 28.68 -60.07
N VAL T 164 -9.05 28.83 -61.23
CA VAL T 164 -10.13 29.79 -61.34
C VAL T 164 -11.18 29.53 -60.30
N ASP T 165 -11.68 28.28 -60.23
CA ASP T 165 -12.69 27.86 -59.23
C ASP T 165 -12.31 28.30 -57.80
N ALA T 166 -11.07 28.03 -57.43
CA ALA T 166 -10.62 28.36 -56.09
C ALA T 166 -10.37 29.86 -55.94
N GLY T 167 -9.90 30.50 -57.01
CA GLY T 167 -9.62 31.91 -57.00
C GLY T 167 -10.86 32.77 -56.91
N MET T 168 -11.94 32.32 -57.52
CA MET T 168 -13.16 33.09 -57.43
C MET T 168 -13.70 33.16 -56.01
N LYS T 169 -13.48 32.14 -55.18
CA LYS T 169 -13.98 32.16 -53.80
C LYS T 169 -13.29 33.25 -52.97
N VAL T 170 -12.17 33.75 -53.47
CA VAL T 170 -11.16 34.37 -52.63
C VAL T 170 -10.66 35.70 -53.22
N GLY T 171 -11.10 36.05 -54.44
CA GLY T 171 -10.71 37.29 -55.07
C GLY T 171 -9.38 37.25 -55.81
N MET T 172 -8.84 36.06 -56.04
CA MET T 172 -7.51 35.90 -56.60
C MET T 172 -7.61 35.64 -58.09
N PRO T 173 -7.07 36.55 -58.91
CA PRO T 173 -7.01 36.35 -60.36
C PRO T 173 -6.09 35.17 -60.76
N THR T 174 -6.42 34.55 -61.88
CA THR T 174 -5.57 33.45 -62.39
C THR T 174 -4.95 33.90 -63.70
N MET T 175 -3.67 33.62 -63.85
CA MET T 175 -2.98 33.82 -65.09
C MET T 175 -2.68 32.48 -65.75
N ALA T 176 -3.21 32.32 -66.97
CA ALA T 176 -2.88 31.18 -67.80
C ALA T 176 -1.73 31.50 -68.73
N VAL T 177 -0.75 30.60 -68.80
CA VAL T 177 0.42 30.83 -69.64
C VAL T 177 0.41 29.78 -70.76
N THR T 178 0.45 30.22 -72.01
CA THR T 178 0.40 29.25 -73.11
C THR T 178 1.76 28.59 -73.36
N GLY T 179 1.96 27.39 -72.80
CA GLY T 179 3.20 26.64 -73.02
C GLY T 179 3.16 25.84 -74.31
N VAL T 180 4.32 25.62 -74.92
CA VAL T 180 4.36 24.97 -76.23
C VAL T 180 4.95 23.55 -76.24
N VAL T 185 4.28 24.05 -83.95
CA VAL T 185 4.30 25.32 -84.72
C VAL T 185 3.89 26.54 -83.90
N ARG T 186 4.74 27.55 -83.86
CA ARG T 186 4.47 28.74 -83.07
C ARG T 186 3.88 29.89 -83.90
N ASP T 187 2.69 29.67 -84.46
CA ASP T 187 2.05 30.72 -85.28
C ASP T 187 0.75 31.37 -84.67
N GLN T 188 0.19 32.34 -85.38
CA GLN T 188 -0.93 33.11 -84.86
C GLN T 188 -2.17 32.24 -84.62
N ARG T 189 -2.49 31.36 -85.56
CA ARG T 189 -3.69 30.54 -85.40
C ARG T 189 -3.58 29.58 -84.18
N TYR T 190 -2.37 29.12 -83.87
CA TYR T 190 -2.19 28.33 -82.68
C TYR T 190 -2.37 29.15 -81.42
N PHE T 191 -1.76 30.33 -81.35
CA PHE T 191 -1.83 31.09 -80.12
C PHE T 191 -3.21 31.66 -79.90
N SER T 192 -3.88 31.97 -81.01
CA SER T 192 -5.27 32.38 -80.94
C SER T 192 -6.10 31.29 -80.29
N LEU T 193 -5.86 30.04 -80.70
CA LEU T 193 -6.57 28.91 -80.15
C LEU T 193 -6.31 28.84 -78.64
N ALA T 194 -5.05 28.80 -78.26
CA ALA T 194 -4.67 28.57 -76.87
C ALA T 194 -5.11 29.69 -75.96
N THR T 195 -4.97 30.93 -76.41
CA THR T 195 -5.27 32.07 -75.57
C THR T 195 -6.77 32.17 -75.37
N ARG T 196 -7.51 32.01 -76.45
CA ARG T 196 -8.97 32.08 -76.34
C ARG T 196 -9.55 30.98 -75.46
N ILE T 197 -9.08 29.74 -75.60
CA ILE T 197 -9.57 28.68 -74.70
C ILE T 197 -9.35 29.06 -73.24
N ALA T 198 -8.10 29.43 -72.91
CA ALA T 198 -7.78 29.80 -71.55
C ALA T 198 -8.68 30.93 -71.01
N ALA T 199 -8.96 31.91 -71.83
CA ALA T 199 -9.80 33.01 -71.40
C ALA T 199 -11.23 32.54 -71.18
N GLU T 200 -11.68 31.67 -72.07
CA GLU T 200 -13.05 31.18 -72.07
C GLU T 200 -13.29 30.32 -70.79
N MET T 201 -12.29 29.54 -70.40
CA MET T 201 -12.33 28.83 -69.11
C MET T 201 -12.30 29.76 -67.89
N GLY T 202 -12.01 31.05 -68.09
CA GLY T 202 -12.07 32.03 -66.99
C GLY T 202 -10.79 32.65 -66.43
N ALA T 203 -9.63 32.36 -67.00
CA ALA T 203 -8.38 33.08 -66.61
C ALA T 203 -8.51 34.61 -66.82
N GLN T 204 -8.09 35.39 -65.84
CA GLN T 204 -8.18 36.86 -65.98
C GLN T 204 -7.00 37.50 -66.72
N ILE T 205 -5.84 36.82 -66.72
CA ILE T 205 -4.66 37.28 -67.43
C ILE T 205 -4.15 36.17 -68.30
N ILE T 206 -3.71 36.50 -69.50
CA ILE T 206 -3.10 35.52 -70.38
C ILE T 206 -1.68 35.92 -70.68
N LYS T 207 -0.75 34.99 -70.53
CA LYS T 207 0.63 35.20 -70.93
C LYS T 207 0.93 34.32 -72.11
N THR T 208 1.42 34.94 -73.20
CA THR T 208 1.75 34.23 -74.45
C THR T 208 3.05 34.75 -75.07
N TYR T 209 3.34 34.36 -76.31
CA TYR T 209 4.58 34.77 -76.97
C TYR T 209 4.30 35.76 -78.06
N TYR T 210 5.24 36.66 -78.33
CA TYR T 210 5.08 37.53 -79.49
C TYR T 210 5.24 36.74 -80.81
N VAL T 211 4.55 37.20 -81.84
CA VAL T 211 4.61 36.54 -83.11
C VAL T 211 4.86 37.56 -84.23
N GLU T 212 5.74 37.19 -85.18
CA GLU T 212 6.13 38.08 -86.29
C GLU T 212 4.92 38.65 -86.99
N LYS T 213 3.93 37.81 -87.23
CA LYS T 213 2.76 38.29 -87.91
C LYS T 213 1.47 37.78 -87.31
N GLY T 214 0.51 38.69 -87.21
CA GLY T 214 -0.82 38.34 -86.74
C GLY T 214 -1.03 38.56 -85.25
N PHE T 215 0.02 38.94 -84.53
CA PHE T 215 -0.10 39.22 -83.10
C PHE T 215 -1.31 40.11 -82.78
N GLU T 216 -1.59 41.07 -83.65
CA GLU T 216 -2.76 41.94 -83.50
C GLU T 216 -4.05 41.16 -83.31
N ARG T 217 -4.15 40.03 -84.01
CA ARG T 217 -5.34 39.19 -83.98
C ARG T 217 -5.43 38.38 -82.71
N ILE T 218 -4.30 37.91 -82.22
CA ILE T 218 -4.25 37.23 -80.97
C ILE T 218 -4.85 38.16 -79.91
N VAL T 219 -4.40 39.42 -79.91
CA VAL T 219 -4.87 40.42 -78.92
C VAL T 219 -6.36 40.71 -79.06
N ALA T 220 -6.80 40.96 -80.29
CA ALA T 220 -8.18 41.30 -80.55
C ALA T 220 -9.12 40.17 -80.15
N GLY T 221 -8.72 38.93 -80.40
CA GLY T 221 -9.59 37.76 -80.16
C GLY T 221 -9.61 37.29 -78.71
N CYS T 222 -8.81 37.94 -77.87
CA CYS T 222 -8.69 37.60 -76.46
C CYS T 222 -9.34 38.68 -75.57
N PRO T 223 -10.39 38.33 -74.81
CA PRO T 223 -11.17 39.37 -74.10
C PRO T 223 -10.56 39.86 -72.78
N VAL T 224 -9.34 39.41 -72.47
CA VAL T 224 -8.68 39.84 -71.23
C VAL T 224 -7.22 40.24 -71.50
N PRO T 225 -6.54 40.85 -70.54
CA PRO T 225 -5.22 41.41 -70.81
C PRO T 225 -4.21 40.34 -71.25
N ILE T 226 -3.37 40.68 -72.21
CA ILE T 226 -2.29 39.82 -72.65
C ILE T 226 -0.91 40.35 -72.30
N VAL T 227 -0.08 39.47 -71.78
CA VAL T 227 1.27 39.84 -71.44
C VAL T 227 2.15 38.92 -72.25
N ILE T 228 3.29 39.38 -72.76
CA ILE T 228 4.15 38.52 -73.56
C ILE T 228 5.38 38.08 -72.78
N ALA T 229 5.84 36.89 -73.10
CA ALA T 229 7.06 36.36 -72.50
C ALA T 229 8.21 36.78 -73.39
N GLY T 230 9.37 36.97 -72.76
CA GLY T 230 10.58 37.36 -73.48
C GLY T 230 11.16 36.35 -74.45
N GLY T 231 11.08 35.06 -74.16
CA GLY T 231 11.74 34.03 -74.98
C GLY T 231 13.24 34.01 -74.76
N LYS T 232 13.96 33.24 -75.56
CA LYS T 232 15.44 33.15 -75.49
C LYS T 232 16.17 34.51 -75.64
N LYS T 233 17.38 34.58 -75.08
CA LYS T 233 18.19 35.79 -75.08
C LYS T 233 18.40 36.35 -76.49
N LEU T 234 18.11 37.63 -76.65
CA LEU T 234 18.36 38.34 -77.89
C LEU T 234 19.31 39.47 -77.59
N PRO T 235 19.94 40.04 -78.64
CA PRO T 235 20.65 41.30 -78.45
C PRO T 235 19.67 42.36 -77.95
N GLU T 236 20.11 43.15 -76.97
CA GLU T 236 19.27 44.13 -76.32
C GLU T 236 18.37 44.94 -77.27
N ARG T 237 18.90 45.40 -78.39
CA ARG T 237 18.10 46.24 -79.25
C ARG T 237 16.97 45.46 -79.89
N GLU T 238 17.21 44.19 -80.18
CA GLU T 238 16.19 43.37 -80.82
C GLU T 238 15.09 43.05 -79.83
N ALA T 239 15.49 42.82 -78.59
CA ALA T 239 14.53 42.58 -77.51
C ALA T 239 13.62 43.81 -77.31
N LEU T 240 14.22 45.01 -77.32
CA LEU T 240 13.43 46.23 -77.21
C LEU T 240 12.47 46.43 -78.40
N GLU T 241 12.88 46.00 -79.58
CA GLU T 241 11.97 46.03 -80.75
C GLU T 241 10.75 45.14 -80.52
N MET T 242 11.01 43.90 -80.10
CA MET T 242 9.95 42.97 -79.75
C MET T 242 8.92 43.59 -78.80
N CYS T 243 9.39 44.17 -77.68
CA CYS T 243 8.51 44.86 -76.72
C CYS T 243 7.72 45.92 -77.41
N TRP T 244 8.43 46.80 -78.14
CA TRP T 244 7.79 47.91 -78.82
C TRP T 244 6.67 47.40 -79.69
N GLN T 245 6.95 46.38 -80.51
CA GLN T 245 5.95 45.81 -81.40
C GLN T 245 4.73 45.24 -80.66
N ALA T 246 5.02 44.47 -79.59
CA ALA T 246 3.98 43.84 -78.77
C ALA T 246 3.05 44.92 -78.17
N ILE T 247 3.63 45.90 -77.49
CA ILE T 247 2.88 47.02 -76.92
C ILE T 247 2.10 47.78 -78.00
N ASP T 248 2.77 48.08 -79.10
CA ASP T 248 2.13 48.79 -80.20
C ASP T 248 0.91 48.04 -80.75
N GLN T 249 1.02 46.72 -80.77
CA GLN T 249 -0.06 45.91 -81.32
C GLN T 249 -1.11 45.51 -80.28
N GLY T 250 -0.98 46.03 -79.05
CA GLY T 250 -2.03 45.86 -78.05
C GLY T 250 -1.79 45.02 -76.80
N ALA T 251 -0.64 44.37 -76.69
CA ALA T 251 -0.25 43.73 -75.45
C ALA T 251 -0.37 44.69 -74.24
N SER T 252 -0.67 44.12 -73.06
CA SER T 252 -0.86 44.92 -71.84
C SER T 252 0.39 44.95 -70.98
N GLY T 253 1.44 44.29 -71.43
CA GLY T 253 2.64 44.25 -70.63
C GLY T 253 3.60 43.24 -71.17
N VAL T 254 4.77 43.19 -70.56
CA VAL T 254 5.75 42.23 -70.98
C VAL T 254 6.25 41.62 -69.73
N ASP T 255 6.66 40.37 -69.88
CA ASP T 255 7.24 39.64 -68.78
C ASP T 255 8.55 39.03 -69.24
N MET T 256 9.62 39.80 -69.10
CA MET T 256 10.93 39.30 -69.42
C MET T 256 11.63 38.57 -68.29
N GLY T 257 12.41 37.57 -68.68
CA GLY T 257 13.29 36.89 -67.77
C GLY T 257 14.68 36.97 -68.34
N ARG T 258 14.97 36.04 -69.23
CA ARG T 258 16.30 35.88 -69.80
C ARG T 258 16.82 37.21 -70.37
N ASN T 259 15.98 37.87 -71.19
CA ASN T 259 16.35 39.15 -71.79
C ASN T 259 16.70 40.27 -70.81
N ILE T 260 16.44 40.05 -69.53
CA ILE T 260 16.88 40.96 -68.51
C ILE T 260 17.98 40.36 -67.64
N PHE T 261 17.76 39.19 -67.03
CA PHE T 261 18.75 38.71 -66.08
C PHE T 261 19.99 38.10 -66.73
N GLN T 262 19.90 37.81 -68.03
CA GLN T 262 21.08 37.38 -68.77
C GLN T 262 21.81 38.50 -69.53
N SER T 263 21.31 39.75 -69.44
CA SER T 263 21.98 40.92 -70.05
C SER T 263 23.17 41.29 -69.18
N ASP T 264 24.13 42.01 -69.76
CA ASP T 264 25.30 42.47 -69.02
C ASP T 264 24.98 43.69 -68.17
N HIS T 265 23.91 44.40 -68.54
CA HIS T 265 23.46 45.57 -67.79
C HIS T 265 21.95 45.48 -67.52
N PRO T 266 21.58 44.57 -66.62
CA PRO T 266 20.19 44.26 -66.34
C PRO T 266 19.36 45.47 -65.88
N VAL T 267 19.90 46.28 -64.97
CA VAL T 267 19.19 47.46 -64.49
C VAL T 267 18.88 48.43 -65.63
N ALA T 268 19.83 48.61 -66.51
CA ALA T 268 19.66 49.51 -67.64
C ALA T 268 18.57 48.98 -68.57
N MET T 269 18.65 47.68 -68.86
CA MET T 269 17.66 47.02 -69.72
C MET T 269 16.22 47.19 -69.23
N MET T 270 16.04 47.09 -67.92
CA MET T 270 14.75 47.28 -67.29
C MET T 270 14.25 48.69 -67.47
N LYS T 271 15.13 49.67 -67.25
CA LYS T 271 14.75 51.09 -67.44
C LYS T 271 14.31 51.31 -68.86
N ALA T 272 15.01 50.69 -69.80
CA ALA T 272 14.64 50.74 -71.21
C ALA T 272 13.25 50.16 -71.48
N VAL T 273 13.05 48.93 -71.01
CA VAL T 273 11.78 48.20 -71.15
C VAL T 273 10.60 49.02 -70.56
N GLN T 274 10.83 49.60 -69.39
CA GLN T 274 9.84 50.53 -68.83
C GLN T 274 9.47 51.70 -69.73
N ALA T 275 10.46 52.36 -70.35
CA ALA T 275 10.16 53.47 -71.23
C ALA T 275 9.27 53.00 -72.36
N VAL T 276 9.61 51.86 -72.97
CA VAL T 276 8.81 51.35 -74.06
C VAL T 276 7.40 51.07 -73.60
N VAL T 277 7.29 50.41 -72.45
CA VAL T 277 6.03 49.86 -71.98
C VAL T 277 5.12 50.91 -71.41
N HIS T 278 5.62 51.80 -70.58
CA HIS T 278 4.76 52.78 -69.93
C HIS T 278 4.70 54.14 -70.62
N HIS T 279 5.80 54.54 -71.25
CA HIS T 279 5.99 55.93 -71.70
C HIS T 279 6.01 56.15 -73.19
N ASN T 280 5.58 55.16 -73.96
CA ASN T 280 5.51 55.29 -75.43
C ASN T 280 6.82 55.61 -76.15
N GLU T 281 7.95 55.32 -75.50
CA GLU T 281 9.24 55.48 -76.16
C GLU T 281 9.33 54.60 -77.40
N THR T 282 10.08 55.07 -78.39
CA THR T 282 10.37 54.31 -79.59
C THR T 282 11.46 53.30 -79.22
N ALA T 283 11.58 52.25 -80.05
CA ALA T 283 12.61 51.25 -79.87
C ALA T 283 14.02 51.86 -79.77
N ASP T 284 14.29 52.83 -80.66
CA ASP T 284 15.59 53.51 -80.76
C ASP T 284 15.94 54.34 -79.55
N ARG T 285 15.03 55.25 -79.18
CA ARG T 285 15.24 56.08 -78.00
C ARG T 285 15.53 55.20 -76.80
N ALA T 286 14.74 54.14 -76.67
CA ALA T 286 14.86 53.19 -75.58
C ALA T 286 16.23 52.57 -75.58
N TYR T 287 16.71 52.14 -76.75
CA TYR T 287 18.06 51.60 -76.86
C TYR T 287 19.14 52.60 -76.42
N GLU T 288 18.94 53.89 -76.75
CA GLU T 288 19.86 54.95 -76.34
C GLU T 288 19.81 55.16 -74.85
N LEU T 289 18.59 55.09 -74.30
CA LEU T 289 18.38 55.14 -72.87
C LEU T 289 19.15 54.01 -72.20
N TYR T 290 19.10 52.84 -72.82
CA TYR T 290 19.84 51.67 -72.37
C TYR T 290 21.35 51.92 -72.36
N LEU T 291 21.85 52.48 -73.46
CA LEU T 291 23.27 52.75 -73.63
C LEU T 291 23.81 53.76 -72.64
N SER T 292 22.97 54.70 -72.21
CA SER T 292 23.38 55.67 -71.17
C SER T 292 23.52 55.08 -69.73
N GLU T 293 23.35 53.75 -69.59
CA GLU T 293 23.89 52.97 -68.44
C GLU T 293 24.53 51.65 -68.88
C1 R5P U . -12.50 -33.63 59.96
O1 R5P U . -12.07 -32.45 60.59
C2 R5P U . -12.70 -34.81 60.94
O2 R5P U . -11.98 -34.66 62.14
C3 R5P U . -12.40 -36.20 60.28
O3 R5P U . -11.12 -36.25 59.71
C4 R5P U . -13.41 -36.64 59.20
O4 R5P U . -13.24 -35.87 58.03
C5 R5P U . -14.89 -36.62 59.64
O5 R5P U . -15.12 -37.23 60.90
P R5P U . -15.77 -38.76 61.09
O1P R5P U . -17.18 -38.73 60.73
O2P R5P U . -15.07 -39.68 60.20
O3P R5P U . -15.68 -39.21 62.48
C1 R5P V . 11.73 -24.18 78.68
O1 R5P V . 11.17 -22.97 78.25
C2 R5P V . 12.67 -23.97 79.87
O2 R5P V . 13.12 -22.64 79.97
C3 R5P V . 13.84 -24.99 79.91
O3 R5P V . 14.57 -24.95 78.71
C4 R5P V . 13.45 -26.45 80.20
O4 R5P V . 12.77 -26.98 79.07
C5 R5P V . 12.61 -26.70 81.47
O5 R5P V . 13.09 -26.03 82.61
P R5P V . 13.92 -26.79 83.83
O1P R5P V . 13.00 -27.62 84.58
O2P R5P V . 14.95 -27.65 83.24
O3P R5P V . 14.51 -25.85 84.77
C1 R5P W . 21.48 4.51 68.37
O1 R5P W . 20.12 4.50 68.02
C2 R5P W . 22.11 5.92 68.32
O2 R5P W . 21.39 6.81 67.50
C3 R5P W . 23.61 5.94 67.93
O3 R5P W . 23.84 5.27 66.73
C4 R5P W . 24.56 5.35 68.99
O4 R5P W . 24.38 3.94 69.02
C5 R5P W . 24.44 5.95 70.41
O5 R5P W . 24.36 7.36 70.47
P R5P W . 25.65 8.33 70.93
O1P R5P W . 25.87 8.24 72.36
O2P R5P W . 26.86 7.86 70.25
O3P R5P W . 25.38 9.73 70.61
C1 R5P X . 3.25 12.75 43.24
O1 R5P X . 2.41 11.91 43.98
C2 R5P X . 2.48 13.60 42.21
O2 R5P X . 1.22 13.05 41.89
C3 R5P X . 3.29 13.89 40.92
O3 R5P X . 3.81 12.73 40.35
C4 R5P X . 4.45 14.86 41.13
O4 R5P X . 5.43 14.19 41.87
C5 R5P X . 4.09 16.21 41.78
O5 R5P X . 2.95 16.86 41.24
P R5P X . 3.04 18.16 40.19
O1P R5P X . 3.51 19.35 40.90
O2P R5P X . 4.00 17.87 39.12
O3P R5P X . 1.73 18.47 39.59
C1 R5P Y . -17.67 -10.64 38.13
O1 R5P Y . -17.38 -10.76 39.51
C2 R5P Y . -18.95 -11.41 37.72
O2 R5P Y . -19.28 -12.41 38.64
C3 R5P Y . -18.91 -12.00 36.29
O3 R5P Y . -17.78 -12.81 36.08
C4 R5P Y . -18.92 -10.95 35.17
O4 R5P Y . -17.71 -10.25 35.16
C5 R5P Y . -20.09 -9.94 35.22
O5 R5P Y . -21.34 -10.53 35.43
P R5P Y . -22.46 -10.76 34.22
O1P R5P Y . -23.02 -9.50 33.80
O2P R5P Y . -21.81 -11.37 33.06
O3P R5P Y . -23.55 -11.64 34.68
C1 R5P Z . 16.69 -53.76 29.73
O1 R5P Z . 17.53 -52.97 28.94
C2 R5P Z . 15.69 -54.59 28.89
O2 R5P Z . 15.45 -54.01 27.63
C3 R5P Z . 14.35 -54.84 29.63
O3 R5P Z . 13.80 -53.64 30.11
C4 R5P Z . 14.45 -55.83 30.80
O4 R5P Z . 15.16 -55.22 31.86
C5 R5P Z . 15.09 -57.19 30.46
O5 R5P Z . 14.62 -57.76 29.26
P R5P Z . 13.58 -59.05 29.29
O1P R5P Z . 14.26 -60.23 29.78
O2P R5P Z . 12.46 -58.76 30.19
O3P R5P Z . 13.06 -59.34 27.95
C1 R5P AA . 13.05 -29.78 8.71
O1 R5P AA . 14.40 -29.69 9.07
C2 R5P AA . 12.71 -28.98 7.42
O2 R5P AA . 13.67 -28.00 7.11
C3 R5P AA . 11.27 -28.37 7.42
O3 R5P AA . 11.01 -27.60 8.56
C4 R5P AA . 10.14 -29.41 7.33
O4 R5P AA . 10.06 -30.13 8.53
C5 R5P AA . 10.23 -30.38 6.13
O5 R5P AA . 10.52 -29.75 4.91
P R5P AA . 9.38 -29.45 3.73
O1P R5P AA . 8.98 -30.70 3.09
O2P R5P AA . 8.22 -28.85 4.36
O3P R5P AA . 9.91 -28.59 2.67
C1 R5P BA . 34.69 -7.39 15.52
O1 R5P BA . 35.31 -8.57 15.94
C2 R5P BA . 35.70 -6.23 15.38
O2 R5P BA . 36.84 -6.44 16.16
C3 R5P BA . 35.09 -4.84 15.67
O3 R5P BA . 34.45 -4.83 16.92
C4 R5P BA . 34.08 -4.35 14.60
O4 R5P BA . 32.90 -5.10 14.71
C5 R5P BA . 34.58 -4.35 13.14
O5 R5P BA . 35.86 -3.77 12.99
P R5P BA . 36.10 -2.25 12.35
O1P R5P BA . 35.81 -2.26 10.94
O2P R5P BA . 35.24 -1.30 13.02
O3P R5P BA . 37.48 -1.83 12.52
C1 R5P CA . 51.76 -17.55 40.73
O1 R5P CA . 51.39 -18.74 40.10
C2 R5P CA . 52.92 -17.80 41.72
O2 R5P CA . 52.99 -19.13 42.18
C3 R5P CA . 52.89 -16.80 42.90
O3 R5P CA . 51.65 -16.82 43.53
C4 R5P CA . 53.23 -15.34 42.56
O4 R5P CA . 52.16 -14.79 41.85
C5 R5P CA . 54.56 -15.12 41.81
O5 R5P CA . 55.66 -15.82 42.32
P R5P CA . 56.83 -15.10 43.25
O1P R5P CA . 57.65 -14.28 42.39
O2P R5P CA . 56.20 -14.23 44.26
O3P R5P CA . 57.73 -16.06 43.90
C1 R5P DA . 40.58 -46.21 49.52
O1 R5P DA . 40.27 -46.17 48.15
C2 R5P DA . 40.53 -47.64 50.09
O2 R5P DA . 39.75 -48.50 49.30
C3 R5P DA . 40.05 -47.69 51.57
O3 R5P DA . 38.85 -46.98 51.73
C4 R5P DA . 41.07 -47.16 52.60
O4 R5P DA . 41.16 -45.76 52.46
C5 R5P DA . 42.47 -47.81 52.52
O5 R5P DA . 42.46 -49.22 52.43
P R5P DA . 42.86 -50.21 53.72
O1P R5P DA . 44.28 -50.07 54.05
O2P R5P DA . 42.10 -49.78 54.89
O3P R5P DA . 42.57 -51.61 53.41
C1 R5P EA . -41.29 46.28 -43.39
O1 R5P EA . -41.19 45.74 -42.09
C2 R5P EA . -42.74 46.34 -43.89
O2 R5P EA . -43.59 45.46 -43.20
C3 R5P EA . -42.88 46.15 -45.42
O3 R5P EA . -42.18 45.00 -45.83
C4 R5P EA . -42.38 47.32 -46.29
O4 R5P EA . -40.97 47.33 -46.21
C5 R5P EA . -42.95 48.70 -45.93
O5 R5P EA . -44.35 48.75 -45.75
P R5P EA . -45.38 49.41 -46.89
O1P R5P EA . -45.24 50.85 -46.91
O2P R5P EA . -45.06 48.85 -48.20
O3P R5P EA . -46.77 49.10 -46.58
C1 R5P FA . -11.98 55.00 -34.18
O1 R5P FA . -13.15 54.49 -33.58
C2 R5P FA . -12.21 56.34 -34.92
O2 R5P FA . -13.55 56.55 -35.29
C3 R5P FA . -11.29 56.51 -36.15
O3 R5P FA . -11.40 55.42 -37.02
C4 R5P FA . -9.80 56.73 -35.81
O4 R5P FA . -9.26 55.53 -35.33
C5 R5P FA . -9.49 57.89 -34.84
O5 R5P FA . -10.17 59.11 -35.13
P R5P FA . -9.43 60.44 -35.85
O1P R5P FA . -8.49 61.04 -34.91
O2P R5P FA . -8.69 60.00 -37.02
O3P R5P FA . -10.42 61.44 -36.27
C1 R5P GA . -1.18 33.13 -13.32
O1 R5P GA . -2.35 33.86 -13.59
C2 R5P GA . 0.01 34.09 -13.04
O2 R5P GA . -0.23 35.38 -13.56
C3 R5P GA . 1.36 33.52 -13.51
O3 R5P GA . 1.28 33.11 -14.86
C4 R5P GA . 1.88 32.32 -12.71
O4 R5P GA . 1.05 31.22 -12.99
C5 R5P GA . 2.01 32.54 -11.19
O5 R5P GA . 2.60 33.77 -10.80
P R5P GA . 4.15 33.89 -10.22
O1P R5P GA . 4.24 33.35 -8.87
O2P R5P GA . 5.04 33.13 -11.10
O3P R5P GA . 4.58 35.28 -10.15
C1 R5P HA . -23.77 11.00 -9.53
O1 R5P HA . -23.66 12.39 -9.57
C2 R5P HA . -22.91 10.41 -8.38
O2 R5P HA . -21.90 11.29 -7.96
C3 R5P HA . -22.34 9.03 -8.70
O3 R5P HA . -21.64 9.02 -9.92
C4 R5P HA . -23.40 7.91 -8.75
O4 R5P HA . -24.19 8.07 -9.91
C5 R5P HA . -24.30 7.78 -7.50
O5 R5P HA . -23.58 7.81 -6.27
P R5P HA . -23.32 6.44 -5.36
O1P R5P HA . -24.54 5.95 -4.76
O2P R5P HA . -22.79 5.40 -6.22
O3P R5P HA . -22.38 6.71 -4.26
C1 R5P IA . -48.46 19.13 -28.04
O1 R5P IA . -47.54 19.75 -27.18
C2 R5P IA . -49.26 18.02 -27.33
O2 R5P IA . -48.60 17.52 -26.19
C3 R5P IA . -49.64 16.86 -28.28
O3 R5P IA . -48.49 16.36 -28.91
C4 R5P IA . -50.68 17.22 -29.36
O4 R5P IA . -50.12 18.08 -30.33
C5 R5P IA . -52.02 17.80 -28.84
O5 R5P IA . -52.57 17.12 -27.75
P R5P IA . -53.89 16.10 -27.86
O1P R5P IA . -55.09 16.88 -28.09
O2P R5P IA . -53.69 15.18 -28.97
O3P R5P IA . -54.09 15.35 -26.63
C1 R5P JA . -21.94 22.93 -78.69
O1 R5P JA . -20.71 22.28 -78.44
C2 R5P JA . -21.83 24.06 -79.74
O2 R5P JA . -20.51 24.52 -79.89
C3 R5P JA . -22.78 25.24 -79.48
O3 R5P JA . -22.65 25.70 -78.16
C4 R5P JA . -24.26 24.95 -79.74
O4 R5P JA . -24.74 24.14 -78.70
C5 R5P JA . -24.60 24.34 -81.10
O5 R5P JA . -24.02 25.02 -82.20
P R5P JA . -24.86 26.10 -83.17
O1P R5P JA . -25.75 25.36 -84.04
O2P R5P JA . -25.61 27.01 -82.33
O3P R5P JA . -23.92 26.86 -84.01
C1 R5P KA . -31.08 -4.28 -64.38
O1 R5P KA . -29.95 -3.74 -65.01
C2 R5P KA . -32.30 -4.28 -65.31
O2 R5P KA . -32.19 -3.36 -66.37
C3 R5P KA . -33.64 -4.07 -64.56
O3 R5P KA . -33.57 -2.91 -63.77
C4 R5P KA . -34.07 -5.24 -63.67
O4 R5P KA . -33.23 -5.31 -62.54
C5 R5P KA . -34.12 -6.61 -64.37
O5 R5P KA . -34.77 -6.61 -65.62
P R5P KA . -36.31 -7.19 -65.81
O1P R5P KA . -36.34 -8.65 -65.70
O2P R5P KA . -37.18 -6.63 -64.75
O3P R5P KA . -36.83 -6.84 -67.14
C1 R5P LA . -7.36 -14.08 -45.19
O1 R5P LA . -7.53 -13.55 -46.48
C2 R5P LA . -8.14 -15.40 -45.00
O2 R5P LA . -9.19 -15.55 -45.93
C3 R5P LA . -8.66 -15.58 -43.55
O3 R5P LA . -9.38 -14.47 -43.11
C4 R5P LA . -7.54 -15.84 -42.52
O4 R5P LA . -6.82 -14.65 -42.32
C5 R5P LA . -6.60 -17.01 -42.85
O5 R5P LA . -7.25 -18.19 -43.27
P R5P LA . -7.40 -19.54 -42.30
O1P R5P LA . -6.11 -20.16 -42.08
O2P R5P LA . -7.92 -19.10 -41.01
O3P R5P LA . -8.32 -20.53 -42.89
C1 R5P MA . 16.42 7.02 -47.60
O1 R5P MA . 15.51 6.34 -48.42
C2 R5P MA . 17.30 6.05 -46.79
O2 R5P MA . 16.72 4.76 -46.71
C3 R5P MA . 17.69 6.58 -45.39
O3 R5P MA . 16.58 6.98 -44.66
C4 R5P MA . 18.68 7.76 -45.40
O4 R5P MA . 18.03 8.89 -45.91
C5 R5P MA . 19.98 7.50 -46.18
O5 R5P MA . 20.59 6.24 -45.90
P R5P MA . 21.95 6.10 -44.96
O1P R5P MA . 23.14 6.62 -45.64
O2P R5P MA . 21.76 6.86 -43.71
O3P R5P MA . 22.20 4.70 -44.63
C1 R5P NA . 7.43 29.81 -68.29
O1 R5P NA . 7.37 28.41 -68.13
C2 R5P NA . 8.88 30.35 -68.20
O2 R5P NA . 9.79 29.44 -67.60
C3 R5P NA . 8.98 31.76 -67.56
O3 R5P NA . 8.37 31.78 -66.29
C4 R5P NA . 8.36 32.89 -68.40
O4 R5P NA . 6.96 32.79 -68.40
C5 R5P NA . 8.89 33.04 -69.84
O5 R5P NA . 10.29 32.96 -69.96
P R5P NA . 11.26 34.29 -70.25
O1P R5P NA . 11.06 34.77 -71.60
O2P R5P NA . 10.92 35.33 -69.29
O3P R5P NA . 12.68 33.92 -70.10
#